data_3FI0
#
_entry.id   3FI0
#
_cell.length_a   122.032
_cell.length_b   122.396
_cell.length_c   122.341
_cell.angle_alpha   79.90
_cell.angle_beta   80.52
_cell.angle_gamma   79.81
#
_symmetry.space_group_name_H-M   'P 1'
#
loop_
_entity.id
_entity.type
_entity.pdbx_description
1 polymer 'Tryptophanyl-tRNA synthetase'
2 non-polymer TRYPTOPHAN
3 non-polymer 'PHOSPHATE ION'
4 non-polymer 'ADENOSINE MONOPHOSPHATE'
#
_entity_poly.entity_id   1
_entity_poly.type   'polypeptide(L)'
_entity_poly.pdbx_seq_one_letter_code
;(MSE)KTIFSGIQPSGVITIGNYIGALRQFVELQHEYNCYFCIVDQHAITVWQDPHELRQNIRRLAALYLAVGIDPTQAT
LFIQSEVPAHAQAAW(MSE)LQCIVYIGELER(MSE)TQFKEKSAGKEAVSAGLLTYPPL(MSE)AADILLYNTDIVPVG
EDQKQHIELTRDLAERFNKRYGELFTIPEARIPKVGARI(MSE)SLVDPTKK(MSE)SKSDPNPKAYITLLDDAKTIEKK
IKSAVTDSEGTIRYDKEAKPGISNLLNIYSTLSGQSIEELERQYEGKGYGVFKADLAQVVIETLRPIQERYHHW(MSE)E
SEELDRVLDEGAEKANRVASE(MSE)VRK(MSE)EQA(MSE)GLGR
;
_entity_poly.pdbx_strand_id   A,B,C,D,E,F,G,H,I,J,K,L,M,N,O,P,Q,R
#
loop_
_chem_comp.id
_chem_comp.type
_chem_comp.name
_chem_comp.formula
AMP non-polymer 'ADENOSINE MONOPHOSPHATE' 'C10 H14 N5 O7 P'
PO4 non-polymer 'PHOSPHATE ION' 'O4 P -3'
#
# COMPACT_ATOMS: atom_id res chain seq x y z
N MSE A 1 71.92 -6.12 11.71
CA MSE A 1 72.38 -7.34 11.04
C MSE A 1 71.38 -7.78 9.97
O MSE A 1 70.25 -7.29 9.91
CB MSE A 1 72.58 -8.46 12.05
CG MSE A 1 73.08 -8.04 13.41
SE MSE A 1 72.39 -9.08 14.90
CE MSE A 1 71.42 -7.71 15.80
N LYS A 2 71.80 -8.71 9.11
CA LYS A 2 70.93 -9.23 8.07
C LYS A 2 69.78 -9.99 8.71
N THR A 3 68.61 -9.94 8.09
CA THR A 3 67.43 -10.61 8.62
C THR A 3 67.19 -11.96 7.96
N ILE A 4 66.97 -12.98 8.77
CA ILE A 4 66.68 -14.33 8.28
C ILE A 4 65.27 -14.71 8.71
N PHE A 5 64.46 -15.17 7.76
CA PHE A 5 63.09 -15.56 8.08
C PHE A 5 62.83 -17.02 7.75
N SER A 6 62.33 -17.76 8.73
CA SER A 6 62.03 -19.17 8.54
C SER A 6 60.59 -19.50 8.94
N GLY A 7 59.85 -20.09 8.01
CA GLY A 7 58.47 -20.48 8.27
C GLY A 7 58.41 -21.99 8.48
N ILE A 8 57.96 -22.42 9.65
CA ILE A 8 57.92 -23.84 9.97
C ILE A 8 56.51 -24.33 10.04
N GLN A 9 56.23 -25.43 9.35
CA GLN A 9 54.91 -26.01 9.41
C GLN A 9 54.67 -26.74 10.72
N THR A 15 62.75 -34.39 12.29
CA THR A 15 63.71 -35.47 12.36
C THR A 15 65.12 -34.94 12.60
N ILE A 16 66.10 -35.84 12.65
CA ILE A 16 67.50 -35.46 12.79
C ILE A 16 67.99 -34.96 11.43
N GLY A 17 67.26 -35.32 10.38
CA GLY A 17 67.58 -34.89 9.04
C GLY A 17 67.44 -33.37 9.02
N ASN A 18 66.33 -32.89 9.54
CA ASN A 18 66.10 -31.47 9.71
C ASN A 18 67.15 -30.82 10.56
N TYR A 19 67.36 -31.40 11.73
CA TYR A 19 68.22 -30.79 12.72
C TYR A 19 69.58 -30.58 12.10
N ILE A 20 70.09 -31.62 11.45
CA ILE A 20 71.39 -31.56 10.80
C ILE A 20 71.36 -30.57 9.64
N GLY A 21 70.23 -30.50 8.95
CA GLY A 21 70.13 -29.72 7.73
C GLY A 21 70.11 -28.23 8.00
N ALA A 22 69.11 -27.78 8.75
CA ALA A 22 68.86 -26.35 8.91
C ALA A 22 68.98 -25.93 10.38
N LEU A 23 68.27 -26.63 11.25
CA LEU A 23 67.86 -26.06 12.52
C LEU A 23 69.04 -25.93 13.47
N ARG A 24 70.02 -26.80 13.31
CA ARG A 24 71.13 -26.91 14.25
C ARG A 24 72.06 -25.70 14.14
N GLN A 25 72.40 -25.34 12.92
CA GLN A 25 73.25 -24.17 12.68
C GLN A 25 72.72 -22.90 13.29
N PHE A 26 71.43 -22.71 13.23
CA PHE A 26 70.78 -21.52 13.72
C PHE A 26 71.12 -21.18 15.15
N VAL A 27 71.31 -22.21 15.96
CA VAL A 27 71.67 -22.01 17.34
C VAL A 27 72.89 -21.12 17.51
N GLU A 28 73.89 -21.31 16.67
CA GLU A 28 74.93 -20.32 16.44
C GLU A 28 74.56 -19.01 15.72
N LEU A 29 73.77 -19.12 14.67
CA LEU A 29 73.43 -18.01 13.80
C LEU A 29 72.65 -16.88 14.43
N GLN A 30 71.77 -17.21 15.35
CA GLN A 30 70.87 -16.24 15.93
C GLN A 30 71.64 -15.08 16.55
N HIS A 31 72.89 -15.32 16.87
CA HIS A 31 73.74 -14.32 17.50
C HIS A 31 74.33 -13.36 16.49
N GLU A 32 74.47 -13.84 15.26
CA GLU A 32 75.05 -13.06 14.18
C GLU A 32 74.01 -12.46 13.24
N TYR A 33 72.82 -13.04 13.22
CA TYR A 33 71.74 -12.54 12.37
C TYR A 33 70.48 -12.22 13.17
N ASN A 34 69.56 -11.50 12.53
CA ASN A 34 68.27 -11.20 13.13
C ASN A 34 67.35 -12.28 12.58
N CYS A 35 67.13 -13.33 13.36
CA CYS A 35 66.32 -14.46 12.90
C CYS A 35 64.88 -14.45 13.38
N TYR A 36 63.98 -14.84 12.49
CA TYR A 36 62.56 -14.95 12.79
C TYR A 36 62.16 -16.39 12.52
N PHE A 37 61.52 -17.01 13.50
CA PHE A 37 61.07 -18.39 13.37
C PHE A 37 59.54 -18.43 13.50
N CYS A 38 58.87 -18.42 12.36
CA CYS A 38 57.42 -18.38 12.31
C CYS A 38 56.77 -19.75 12.20
N ILE A 39 55.80 -20.01 13.07
CA ILE A 39 55.04 -21.26 13.03
C ILE A 39 53.81 -20.99 12.15
N VAL A 40 53.91 -21.35 10.88
CA VAL A 40 52.86 -21.08 9.91
C VAL A 40 51.56 -21.88 10.07
N ASP A 41 50.82 -21.58 11.14
CA ASP A 41 49.56 -22.26 11.40
C ASP A 41 48.48 -21.90 10.39
N GLN A 42 48.65 -20.76 9.73
CA GLN A 42 47.70 -20.32 8.71
C GLN A 42 47.91 -21.06 7.40
N HIS A 43 49.14 -21.47 7.15
CA HIS A 43 49.46 -22.23 5.95
C HIS A 43 48.98 -23.66 6.16
N ALA A 44 49.07 -24.13 7.40
CA ALA A 44 48.65 -25.48 7.76
C ALA A 44 47.20 -25.78 7.37
N ILE A 45 46.33 -24.79 7.46
CA ILE A 45 44.92 -25.01 7.17
C ILE A 45 44.56 -25.06 5.68
N THR A 46 45.57 -25.01 4.83
CA THR A 46 45.32 -25.12 3.39
C THR A 46 44.98 -26.58 3.10
N VAL A 47 45.20 -27.41 4.11
CA VAL A 47 44.87 -28.83 4.03
C VAL A 47 44.11 -29.22 5.28
N TRP A 48 43.40 -30.34 5.22
CA TRP A 48 42.59 -30.82 6.33
C TRP A 48 43.40 -31.00 7.60
N GLN A 49 42.98 -30.32 8.67
CA GLN A 49 43.56 -30.51 9.98
C GLN A 49 42.49 -30.90 11.00
N ASP A 50 42.85 -31.78 11.93
CA ASP A 50 42.14 -31.90 13.20
C ASP A 50 42.51 -30.76 14.15
N PRO A 51 41.50 -30.04 14.62
CA PRO A 51 41.73 -28.79 15.38
C PRO A 51 42.58 -29.05 16.62
N HIS A 52 42.38 -30.19 17.25
CA HIS A 52 43.11 -30.53 18.48
C HIS A 52 44.58 -30.83 18.21
N GLU A 53 44.84 -31.72 17.27
CA GLU A 53 46.20 -32.07 16.93
C GLU A 53 46.95 -30.82 16.45
N LEU A 54 46.31 -30.02 15.62
CA LEU A 54 46.92 -28.80 15.12
C LEU A 54 47.39 -27.91 16.28
N ARG A 55 46.41 -27.47 17.07
CA ARG A 55 46.67 -26.64 18.24
C ARG A 55 47.81 -27.25 19.05
N GLN A 56 47.86 -28.58 19.04
CA GLN A 56 48.85 -29.34 19.79
C GLN A 56 50.24 -29.32 19.16
N ASN A 57 50.28 -29.50 17.84
CA ASN A 57 51.54 -29.52 17.10
C ASN A 57 52.21 -28.15 17.08
N ILE A 58 51.39 -27.11 17.19
CA ILE A 58 51.90 -25.74 17.21
C ILE A 58 52.73 -25.57 18.48
N ARG A 59 52.20 -26.14 19.57
CA ARG A 59 52.85 -26.07 20.88
C ARG A 59 54.19 -26.81 20.95
N ARG A 60 54.23 -28.04 20.45
CA ARG A 60 55.45 -28.84 20.48
C ARG A 60 56.52 -28.33 19.52
N LEU A 61 56.10 -27.75 18.42
CA LEU A 61 57.05 -27.23 17.46
C LEU A 61 57.84 -26.14 18.18
N ALA A 62 57.11 -25.26 18.85
CA ALA A 62 57.70 -24.17 19.63
C ALA A 62 58.64 -24.71 20.71
N ALA A 63 58.13 -25.62 21.53
CA ALA A 63 58.91 -26.23 22.60
C ALA A 63 60.16 -26.93 22.07
N LEU A 64 60.04 -27.53 20.90
CA LEU A 64 61.16 -28.23 20.28
C LEU A 64 62.25 -27.25 19.83
N TYR A 65 61.83 -26.14 19.25
CA TYR A 65 62.77 -25.13 18.79
C TYR A 65 63.52 -24.48 19.94
N LEU A 66 62.82 -24.25 21.05
CA LEU A 66 63.44 -23.68 22.23
C LEU A 66 64.33 -24.75 22.83
N ALA A 67 63.82 -25.97 22.86
CA ALA A 67 64.55 -27.09 23.40
C ALA A 67 65.83 -27.35 22.60
N VAL A 68 65.80 -27.04 21.32
CA VAL A 68 66.99 -27.28 20.50
C VAL A 68 68.09 -26.27 20.77
N GLY A 69 67.72 -25.08 21.23
CA GLY A 69 68.70 -24.05 21.53
C GLY A 69 68.29 -22.68 21.03
N ILE A 70 67.13 -22.60 20.37
CA ILE A 70 66.67 -21.31 19.87
C ILE A 70 66.52 -20.33 21.03
N ASP A 71 67.33 -19.30 21.04
CA ASP A 71 67.26 -18.32 22.13
C ASP A 71 66.25 -17.21 21.85
N PRO A 72 65.18 -17.20 22.64
CA PRO A 72 64.10 -16.22 22.52
C PRO A 72 64.54 -14.77 22.83
N THR A 73 65.52 -14.62 23.70
CA THR A 73 66.08 -13.31 24.03
C THR A 73 66.84 -12.85 22.79
N GLN A 74 67.16 -13.83 21.97
CA GLN A 74 67.97 -13.66 20.76
C GLN A 74 67.20 -13.57 19.47
N ALA A 75 66.31 -14.53 19.23
CA ALA A 75 65.55 -14.54 17.99
C ALA A 75 64.07 -14.30 18.26
N THR A 76 63.26 -14.37 17.21
CA THR A 76 61.82 -14.19 17.33
C THR A 76 61.13 -15.47 16.92
N LEU A 77 60.52 -16.12 17.89
CA LEU A 77 59.78 -17.35 17.66
C LEU A 77 58.33 -16.97 17.91
N PHE A 78 57.49 -17.08 16.90
CA PHE A 78 56.09 -16.69 17.04
C PHE A 78 55.15 -17.52 16.19
N ILE A 79 53.87 -17.45 16.54
CA ILE A 79 52.81 -18.12 15.79
C ILE A 79 52.27 -17.11 14.78
N GLN A 80 52.26 -17.51 13.51
CA GLN A 80 51.81 -16.67 12.40
C GLN A 80 50.43 -16.04 12.59
N SER A 81 49.45 -16.85 12.95
CA SER A 81 48.08 -16.37 13.15
C SER A 81 47.96 -15.22 14.15
N GLU A 82 48.90 -15.16 15.08
CA GLU A 82 48.88 -14.17 16.14
C GLU A 82 49.37 -12.80 15.68
N VAL A 83 49.90 -12.76 14.46
CA VAL A 83 50.33 -11.51 13.84
C VAL A 83 49.38 -11.34 12.65
N PRO A 84 48.37 -10.48 12.84
CA PRO A 84 47.34 -10.23 11.83
C PRO A 84 47.90 -9.60 10.57
N ALA A 85 48.97 -8.84 10.72
CA ALA A 85 49.62 -8.18 9.58
C ALA A 85 49.93 -9.13 8.44
N HIS A 86 50.01 -10.41 8.79
CA HIS A 86 50.32 -11.47 7.83
C HIS A 86 49.23 -11.66 6.78
N ALA A 87 47.98 -11.72 7.24
CA ALA A 87 46.83 -11.90 6.34
C ALA A 87 46.46 -10.60 5.62
N GLN A 88 46.86 -9.48 6.20
CA GLN A 88 46.61 -8.17 5.62
C GLN A 88 47.54 -7.92 4.43
N ALA A 89 48.83 -8.17 4.64
CA ALA A 89 49.81 -7.99 3.58
C ALA A 89 49.53 -8.99 2.46
N ALA A 90 49.15 -10.20 2.87
CA ALA A 90 48.82 -11.27 1.94
C ALA A 90 47.72 -10.90 0.95
N TRP A 91 46.73 -10.15 1.42
CA TRP A 91 45.62 -9.71 0.58
C TRP A 91 46.09 -8.69 -0.45
N MSE A 92 46.87 -7.73 0.03
CA MSE A 92 47.41 -6.68 -0.80
C MSE A 92 48.28 -7.29 -1.91
O MSE A 92 48.32 -6.81 -3.04
CB MSE A 92 48.21 -5.72 0.07
CG MSE A 92 47.38 -4.85 0.96
SE MSE A 92 48.35 -3.32 1.65
CE MSE A 92 48.92 -4.08 3.33
N LEU A 93 48.99 -8.36 -1.56
CA LEU A 93 49.88 -9.03 -2.50
C LEU A 93 49.13 -10.01 -3.38
N GLN A 94 47.93 -10.40 -2.93
CA GLN A 94 47.06 -11.26 -3.73
C GLN A 94 46.34 -10.46 -4.80
N CYS A 95 46.56 -9.16 -4.82
CA CYS A 95 45.94 -8.28 -5.81
C CYS A 95 46.96 -7.84 -6.87
N ILE A 96 48.23 -8.00 -6.56
CA ILE A 96 49.30 -7.68 -7.52
C ILE A 96 49.84 -8.92 -8.22
N VAL A 97 49.75 -10.07 -7.57
CA VAL A 97 50.09 -11.32 -8.19
C VAL A 97 49.11 -11.62 -9.31
N TYR A 98 49.54 -12.44 -10.26
CA TYR A 98 48.65 -12.89 -11.32
C TYR A 98 48.20 -14.30 -11.07
N ILE A 99 47.04 -14.65 -11.60
CA ILE A 99 46.53 -15.99 -11.42
C ILE A 99 47.41 -16.97 -12.16
N GLY A 100 47.79 -16.61 -13.37
CA GLY A 100 48.80 -17.34 -14.11
C GLY A 100 50.04 -17.67 -13.32
N GLU A 101 50.65 -16.65 -12.73
CA GLU A 101 51.74 -16.87 -11.81
C GLU A 101 51.39 -17.96 -10.82
N LEU A 102 50.20 -17.89 -10.28
CA LEU A 102 49.80 -18.80 -9.23
C LEU A 102 49.67 -20.19 -9.78
N GLU A 103 49.12 -20.29 -10.98
CA GLU A 103 48.78 -21.57 -11.56
C GLU A 103 49.98 -22.36 -12.04
N ARG A 104 51.05 -21.65 -12.37
CA ARG A 104 52.30 -22.30 -12.75
C ARG A 104 53.06 -22.81 -11.53
N MSE A 105 52.73 -22.27 -10.37
CA MSE A 105 53.19 -22.82 -9.10
C MSE A 105 53.28 -24.34 -9.17
O MSE A 105 52.28 -25.03 -9.34
CB MSE A 105 52.27 -22.41 -7.96
CG MSE A 105 52.98 -22.08 -6.66
SE MSE A 105 54.62 -21.06 -6.94
CE MSE A 105 54.13 -20.17 -8.61
N THR A 106 54.50 -24.86 -9.02
CA THR A 106 54.78 -26.25 -9.35
C THR A 106 53.95 -27.20 -8.49
N GLN A 107 53.75 -26.83 -7.22
CA GLN A 107 52.95 -27.62 -6.31
C GLN A 107 51.52 -27.76 -6.81
N VAL A 118 38.83 -28.83 -5.09
CA VAL A 118 40.03 -28.38 -4.40
C VAL A 118 39.78 -27.06 -3.66
N SER A 119 40.47 -26.88 -2.55
CA SER A 119 40.33 -25.67 -1.74
C SER A 119 41.29 -24.57 -2.22
N ALA A 120 40.75 -23.38 -2.41
CA ALA A 120 41.51 -22.29 -3.03
C ALA A 120 42.77 -21.97 -2.23
N GLY A 121 42.79 -22.39 -0.98
CA GLY A 121 43.95 -22.19 -0.12
C GLY A 121 45.18 -22.81 -0.78
N LEU A 122 44.96 -23.87 -1.53
CA LEU A 122 46.03 -24.60 -2.22
C LEU A 122 46.59 -23.86 -3.42
N LEU A 123 45.94 -22.77 -3.80
CA LEU A 123 46.38 -21.99 -4.96
C LEU A 123 46.84 -20.59 -4.58
N THR A 124 46.27 -20.07 -3.49
CA THR A 124 46.51 -18.71 -3.03
C THR A 124 47.52 -18.52 -1.90
N TYR A 125 47.99 -19.60 -1.31
CA TYR A 125 48.94 -19.50 -0.20
C TYR A 125 50.31 -18.90 -0.55
N PRO A 126 50.65 -18.81 -1.83
CA PRO A 126 51.93 -18.24 -2.20
C PRO A 126 52.08 -16.76 -1.87
N PRO A 127 51.01 -15.99 -2.07
CA PRO A 127 51.03 -14.56 -1.74
C PRO A 127 51.13 -14.38 -0.22
N LEU A 128 50.66 -15.36 0.53
CA LEU A 128 50.73 -15.34 1.98
C LEU A 128 52.15 -15.66 2.46
N MSE A 129 52.83 -16.55 1.73
CA MSE A 129 54.18 -16.95 2.05
C MSE A 129 55.19 -15.86 1.69
O MSE A 129 56.27 -15.76 2.27
CB MSE A 129 54.54 -18.25 1.36
CG MSE A 129 56.01 -18.57 1.36
SE MSE A 129 56.37 -20.34 0.60
CE MSE A 129 58.29 -20.35 0.74
N ALA A 130 54.82 -15.03 0.72
CA ALA A 130 55.67 -13.93 0.30
C ALA A 130 55.56 -12.79 1.31
N ALA A 131 54.36 -12.62 1.85
CA ALA A 131 54.13 -11.61 2.88
C ALA A 131 54.89 -11.99 4.14
N ASP A 132 54.81 -13.28 4.49
CA ASP A 132 55.52 -13.85 5.65
C ASP A 132 56.94 -13.29 5.61
N ILE A 133 57.57 -13.48 4.45
CA ILE A 133 58.93 -13.03 4.18
C ILE A 133 59.03 -11.50 4.08
N LEU A 134 58.37 -10.90 3.09
CA LEU A 134 58.47 -9.46 2.91
C LEU A 134 58.19 -8.52 4.08
N LEU A 135 57.29 -8.91 4.98
CA LEU A 135 56.93 -8.07 6.11
C LEU A 135 58.10 -7.65 7.00
N TYR A 136 59.12 -8.50 7.06
CA TYR A 136 60.27 -8.29 7.93
C TYR A 136 61.54 -7.79 7.25
N ASN A 137 61.43 -7.39 5.99
CA ASN A 137 62.60 -6.91 5.27
C ASN A 137 63.68 -7.97 5.35
N THR A 138 63.27 -9.23 5.21
CA THR A 138 64.22 -10.33 5.29
C THR A 138 65.16 -10.40 4.10
N ASP A 139 66.42 -10.63 4.41
CA ASP A 139 67.48 -10.74 3.43
C ASP A 139 67.60 -12.17 2.95
N ILE A 140 67.69 -13.11 3.89
CA ILE A 140 67.82 -14.53 3.56
C ILE A 140 66.65 -15.38 4.00
N VAL A 141 66.35 -16.41 3.22
CA VAL A 141 65.31 -17.39 3.55
C VAL A 141 66.01 -18.74 3.42
N PRO A 142 66.11 -19.45 4.53
CA PRO A 142 66.79 -20.75 4.57
C PRO A 142 65.88 -21.88 4.14
N VAL A 143 65.64 -22.01 2.84
CA VAL A 143 64.78 -23.06 2.30
C VAL A 143 65.49 -23.87 1.24
N GLY A 144 64.93 -25.03 0.89
CA GLY A 144 65.53 -25.90 -0.12
C GLY A 144 65.16 -25.52 -1.55
N GLU A 145 65.44 -26.43 -2.47
CA GLU A 145 65.19 -26.25 -3.90
C GLU A 145 63.70 -26.31 -4.23
N ASP A 146 62.99 -27.15 -3.49
CA ASP A 146 61.55 -27.35 -3.65
C ASP A 146 60.77 -26.05 -3.47
N GLN A 147 61.43 -25.06 -2.87
CA GLN A 147 60.82 -23.75 -2.61
C GLN A 147 61.38 -22.67 -3.52
N LYS A 148 62.27 -23.07 -4.41
CA LYS A 148 62.90 -22.13 -5.33
C LYS A 148 61.93 -21.39 -6.23
N GLN A 149 60.83 -22.03 -6.60
CA GLN A 149 59.83 -21.40 -7.44
C GLN A 149 59.06 -20.41 -6.58
N HIS A 150 58.92 -20.76 -5.31
CA HIS A 150 58.22 -19.94 -4.35
C HIS A 150 58.94 -18.63 -4.07
N ILE A 151 60.26 -18.69 -4.01
CA ILE A 151 61.10 -17.53 -3.71
C ILE A 151 61.24 -16.58 -4.88
N GLU A 152 61.29 -17.13 -6.08
CA GLU A 152 61.43 -16.33 -7.29
C GLU A 152 60.17 -15.51 -7.50
N LEU A 153 59.05 -16.05 -7.01
CA LEU A 153 57.77 -15.37 -7.12
C LEU A 153 57.69 -14.22 -6.12
N THR A 154 58.18 -14.45 -4.89
CA THR A 154 58.17 -13.39 -3.88
C THR A 154 59.18 -12.29 -4.20
N ARG A 155 60.23 -12.66 -4.92
CA ARG A 155 61.24 -11.69 -5.34
C ARG A 155 60.63 -10.85 -6.47
N ASP A 156 59.69 -11.46 -7.19
CA ASP A 156 59.00 -10.83 -8.31
C ASP A 156 57.92 -9.86 -7.83
N LEU A 157 57.18 -10.28 -6.80
CA LEU A 157 56.13 -9.46 -6.22
C LEU A 157 56.70 -8.21 -5.56
N ALA A 158 57.81 -8.40 -4.85
CA ALA A 158 58.50 -7.31 -4.18
C ALA A 158 58.98 -6.31 -5.22
N GLU A 159 59.54 -6.84 -6.30
CA GLU A 159 60.06 -6.06 -7.42
C GLU A 159 58.99 -5.19 -8.09
N ARG A 160 57.86 -5.82 -8.39
CA ARG A 160 56.75 -5.18 -9.06
C ARG A 160 56.18 -4.06 -8.20
N PHE A 161 56.17 -4.31 -6.89
CA PHE A 161 55.65 -3.37 -5.91
C PHE A 161 56.55 -2.14 -5.79
N ASN A 162 57.83 -2.38 -5.56
CA ASN A 162 58.81 -1.29 -5.46
C ASN A 162 58.77 -0.37 -6.68
N LYS A 163 58.66 -0.98 -7.86
CA LYS A 163 58.76 -0.24 -9.11
C LYS A 163 57.51 0.60 -9.35
N ARG A 164 56.38 0.15 -8.81
CA ARG A 164 55.13 0.90 -8.89
C ARG A 164 55.08 1.99 -7.83
N TYR A 165 55.46 1.65 -6.60
CA TYR A 165 55.18 2.49 -5.44
C TYR A 165 56.45 3.09 -4.87
N GLY A 166 57.54 2.33 -4.95
CA GLY A 166 58.81 2.76 -4.37
C GLY A 166 59.40 1.73 -3.43
N GLU A 167 60.61 2.00 -2.95
CA GLU A 167 61.50 0.95 -2.49
C GLU A 167 61.21 0.59 -1.03
N LEU A 168 60.51 -0.52 -0.83
CA LEU A 168 59.86 -0.80 0.45
C LEU A 168 60.21 -2.21 0.94
N PHE A 169 60.65 -3.06 0.03
CA PHE A 169 61.04 -4.42 0.37
C PHE A 169 62.49 -4.70 -0.01
N THR A 170 63.22 -5.35 0.89
CA THR A 170 64.44 -6.04 0.52
C THR A 170 64.15 -7.29 -0.30
N ILE A 171 64.69 -7.35 -1.51
CA ILE A 171 64.66 -8.56 -2.32
C ILE A 171 65.39 -9.70 -1.61
N PRO A 172 64.64 -10.75 -1.28
CA PRO A 172 65.17 -11.85 -0.48
C PRO A 172 65.94 -12.86 -1.30
N GLU A 173 66.94 -13.45 -0.67
CA GLU A 173 67.77 -14.49 -1.26
C GLU A 173 67.32 -15.77 -0.60
N ALA A 174 67.39 -16.88 -1.34
CA ALA A 174 67.03 -18.18 -0.81
C ALA A 174 68.33 -18.92 -0.62
N ARG A 175 68.84 -18.87 0.61
CA ARG A 175 70.09 -19.53 0.95
C ARG A 175 70.03 -20.01 2.39
N ILE A 176 70.62 -21.16 2.65
CA ILE A 176 70.65 -21.76 3.97
C ILE A 176 72.07 -21.67 4.49
N PRO A 177 72.34 -20.66 5.31
CA PRO A 177 73.69 -20.44 5.85
C PRO A 177 74.27 -21.71 6.47
N ARG A 182 73.08 -33.78 3.47
CA ARG A 182 71.73 -34.12 3.09
C ARG A 182 71.57 -35.53 3.60
N ILE A 183 70.64 -35.71 4.54
CA ILE A 183 70.42 -37.00 5.17
C ILE A 183 69.35 -37.81 4.46
N MSE A 184 69.63 -39.09 4.21
CA MSE A 184 68.70 -39.96 3.52
C MSE A 184 67.96 -40.87 4.48
O MSE A 184 68.31 -41.00 5.65
CB MSE A 184 69.42 -40.82 2.51
CG MSE A 184 70.51 -40.17 1.70
SE MSE A 184 69.84 -38.72 0.58
CE MSE A 184 71.43 -37.63 0.54
N SER A 185 66.92 -41.53 3.98
CA SER A 185 66.14 -42.45 4.77
C SER A 185 67.09 -43.55 5.21
N LEU A 186 66.78 -44.16 6.35
CA LEU A 186 67.59 -45.25 6.87
C LEU A 186 67.20 -46.56 6.18
N VAL A 187 66.03 -46.55 5.54
CA VAL A 187 65.52 -47.75 4.88
C VAL A 187 65.72 -47.67 3.37
N ASP A 188 66.03 -46.48 2.88
CA ASP A 188 66.25 -46.25 1.46
C ASP A 188 67.23 -45.12 1.21
N PRO A 189 68.51 -45.45 1.10
CA PRO A 189 69.58 -44.46 1.13
C PRO A 189 69.64 -43.65 -0.15
N THR A 190 68.76 -43.98 -1.10
CA THR A 190 68.58 -43.15 -2.29
C THR A 190 67.44 -42.16 -2.09
N LYS A 191 66.65 -42.36 -1.03
CA LYS A 191 65.58 -41.43 -0.69
C LYS A 191 66.00 -40.53 0.47
N LYS A 192 65.39 -39.35 0.54
CA LYS A 192 65.73 -38.38 1.57
C LYS A 192 64.90 -38.63 2.82
N MSE A 193 65.51 -38.40 3.98
CA MSE A 193 64.82 -38.59 5.25
C MSE A 193 63.62 -37.65 5.36
O MSE A 193 63.73 -36.45 5.10
CB MSE A 193 65.78 -38.36 6.42
CG MSE A 193 65.16 -38.59 7.79
SE MSE A 193 66.48 -38.55 9.23
CE MSE A 193 67.19 -40.35 9.03
N SER A 194 62.48 -38.20 5.76
CA SER A 194 61.24 -37.42 5.85
C SER A 194 60.28 -38.04 6.85
N LYS A 195 59.88 -37.25 7.84
CA LYS A 195 58.87 -37.68 8.81
C LYS A 195 57.64 -38.22 8.10
N SER A 196 57.41 -37.76 6.86
CA SER A 196 56.20 -38.12 6.13
C SER A 196 56.31 -39.52 5.54
N ASP A 197 57.44 -40.17 5.77
CA ASP A 197 57.63 -41.55 5.37
C ASP A 197 56.58 -42.46 5.96
N PRO A 198 55.89 -43.19 5.11
CA PRO A 198 55.04 -44.28 5.57
C PRO A 198 55.78 -45.16 6.53
N ASN A 199 57.10 -45.17 6.44
CA ASN A 199 57.90 -46.08 7.22
C ASN A 199 58.66 -45.38 8.33
N PRO A 200 58.13 -45.44 9.54
CA PRO A 200 58.70 -44.74 10.69
C PRO A 200 60.18 -45.06 10.96
N LYS A 201 60.71 -46.10 10.33
CA LYS A 201 62.10 -46.47 10.52
C LYS A 201 63.00 -45.78 9.51
N ALA A 202 62.38 -45.00 8.63
CA ALA A 202 63.11 -44.25 7.63
C ALA A 202 63.77 -43.05 8.30
N TYR A 203 63.15 -42.61 9.39
CA TYR A 203 63.61 -41.43 10.12
C TYR A 203 63.80 -41.63 11.62
N ILE A 204 64.57 -40.71 12.19
CA ILE A 204 64.75 -40.64 13.63
C ILE A 204 64.22 -39.25 14.03
N THR A 205 63.18 -39.26 14.85
CA THR A 205 62.56 -38.04 15.34
C THR A 205 63.43 -37.50 16.46
N LEU A 206 63.30 -36.21 16.73
CA LEU A 206 64.08 -35.57 17.79
C LEU A 206 63.58 -36.07 19.14
N LEU A 207 62.34 -36.55 19.17
CA LEU A 207 61.73 -37.06 20.38
C LEU A 207 61.80 -38.57 20.50
N ASP A 208 62.42 -39.22 19.54
CA ASP A 208 62.53 -40.67 19.59
C ASP A 208 63.33 -41.04 20.85
N ASP A 209 62.87 -42.04 21.59
CA ASP A 209 63.55 -42.47 22.82
C ASP A 209 64.80 -43.25 22.46
N ALA A 210 65.66 -43.45 23.46
CA ALA A 210 66.92 -44.19 23.28
C ALA A 210 66.75 -45.58 22.68
N LYS A 211 65.67 -46.26 23.03
CA LYS A 211 65.43 -47.61 22.50
C LYS A 211 65.14 -47.56 21.00
N THR A 212 64.26 -46.64 20.63
CA THR A 212 63.86 -46.44 19.24
C THR A 212 65.04 -46.00 18.37
N ILE A 213 65.88 -45.13 18.93
CA ILE A 213 67.07 -44.64 18.24
C ILE A 213 67.98 -45.80 17.88
N GLU A 214 68.25 -46.64 18.87
CA GLU A 214 69.12 -47.79 18.70
C GLU A 214 68.59 -48.76 17.65
N LYS A 215 67.38 -49.23 17.88
CA LYS A 215 66.73 -50.16 16.98
C LYS A 215 66.80 -49.64 15.55
N LYS A 216 66.24 -48.45 15.35
CA LYS A 216 66.20 -47.81 14.04
C LYS A 216 67.57 -47.73 13.38
N ILE A 217 68.62 -47.63 14.19
CA ILE A 217 69.98 -47.53 13.68
C ILE A 217 70.62 -48.87 13.37
N LYS A 218 70.16 -49.91 14.05
CA LYS A 218 70.66 -51.26 13.83
C LYS A 218 70.03 -51.83 12.56
N SER A 219 68.82 -51.37 12.27
CA SER A 219 68.09 -51.78 11.07
C SER A 219 68.52 -50.96 9.86
N SER A 224 77.27 -54.86 1.75
CA SER A 224 77.70 -56.24 1.89
C SER A 224 79.21 -56.26 1.76
N GLU A 225 79.76 -55.09 1.51
CA GLU A 225 81.20 -54.87 1.46
C GLU A 225 81.82 -54.91 2.86
N GLY A 226 81.04 -54.51 3.85
CA GLY A 226 81.48 -54.53 5.24
C GLY A 226 82.68 -53.64 5.50
N THR A 227 82.75 -52.51 4.82
CA THR A 227 83.85 -51.56 5.01
C THR A 227 83.39 -50.11 5.14
N ILE A 228 83.93 -49.41 6.15
CA ILE A 228 83.53 -48.04 6.45
C ILE A 228 84.25 -47.01 5.59
N ARG A 229 83.69 -46.77 4.41
CA ARG A 229 84.25 -45.83 3.44
C ARG A 229 83.11 -45.04 2.81
N TYR A 230 83.40 -43.82 2.38
CA TYR A 230 82.39 -42.96 1.83
C TYR A 230 82.31 -43.10 0.33
N GLY A 237 74.07 -46.00 1.77
CA GLY A 237 73.46 -46.08 3.08
C GLY A 237 74.49 -46.07 4.20
N ILE A 238 75.71 -46.46 3.88
CA ILE A 238 76.81 -46.35 4.81
C ILE A 238 77.47 -44.99 4.73
N SER A 239 77.44 -44.40 3.55
CA SER A 239 77.91 -43.02 3.35
C SER A 239 77.00 -42.08 4.13
N ASN A 240 75.75 -42.49 4.29
CA ASN A 240 74.76 -41.69 5.01
C ASN A 240 75.00 -41.71 6.53
N LEU A 241 75.28 -42.90 7.06
CA LEU A 241 75.56 -43.06 8.48
C LEU A 241 76.78 -42.24 8.88
N LEU A 242 77.78 -42.26 8.00
CA LEU A 242 79.01 -41.50 8.23
C LEU A 242 78.67 -40.02 8.37
N ASN A 243 77.83 -39.54 7.45
CA ASN A 243 77.41 -38.14 7.46
C ASN A 243 76.61 -37.80 8.70
N ILE A 244 75.84 -38.76 9.21
CA ILE A 244 75.08 -38.51 10.43
C ILE A 244 76.06 -38.45 11.60
N TYR A 245 76.91 -39.47 11.65
CA TYR A 245 77.95 -39.62 12.66
C TYR A 245 78.89 -38.40 12.61
N SER A 246 79.59 -38.29 11.50
CA SER A 246 80.55 -37.23 11.27
C SER A 246 80.20 -35.82 11.74
N THR A 247 78.90 -35.52 11.85
CA THR A 247 78.49 -34.17 12.22
C THR A 247 77.84 -34.03 13.59
N LEU A 248 77.37 -35.13 14.14
CA LEU A 248 76.77 -35.13 15.46
C LEU A 248 77.92 -35.28 16.45
N SER A 249 79.04 -35.77 15.92
CA SER A 249 80.24 -36.02 16.70
C SER A 249 81.30 -34.94 16.58
N GLY A 250 81.29 -34.20 15.48
CA GLY A 250 82.29 -33.16 15.28
C GLY A 250 83.54 -33.71 14.59
N GLN A 251 83.64 -35.03 14.49
CA GLN A 251 84.78 -35.63 13.82
C GLN A 251 84.57 -35.47 12.31
N SER A 252 85.54 -35.91 11.53
CA SER A 252 85.42 -35.83 10.08
C SER A 252 85.35 -37.21 9.44
N ILE A 253 84.83 -37.26 8.22
CA ILE A 253 84.68 -38.51 7.51
C ILE A 253 86.04 -39.16 7.24
N GLU A 254 87.01 -38.36 6.80
CA GLU A 254 88.36 -38.87 6.56
C GLU A 254 88.84 -39.45 7.89
N GLU A 255 88.50 -38.77 8.97
CA GLU A 255 89.00 -39.13 10.29
C GLU A 255 88.21 -40.30 10.89
N LEU A 256 87.01 -40.52 10.36
CA LEU A 256 86.16 -41.60 10.83
C LEU A 256 86.43 -42.90 10.06
N GLU A 257 86.65 -42.77 8.76
CA GLU A 257 87.20 -43.86 7.96
C GLU A 257 88.46 -44.44 8.61
N ARG A 258 89.46 -43.59 8.81
CA ARG A 258 90.62 -43.95 9.61
C ARG A 258 90.22 -44.71 10.86
N GLN A 259 89.51 -44.04 11.76
CA GLN A 259 89.10 -44.64 13.03
C GLN A 259 88.58 -46.06 12.82
N TYR A 260 87.77 -46.24 11.79
CA TYR A 260 87.04 -47.50 11.60
C TYR A 260 87.69 -48.35 10.52
N GLU A 261 88.99 -48.13 10.29
CA GLU A 261 89.79 -49.04 9.48
C GLU A 261 89.73 -50.46 10.03
N GLY A 262 89.14 -51.36 9.26
CA GLY A 262 89.28 -52.79 9.49
C GLY A 262 88.27 -53.31 10.49
N LYS A 263 87.25 -52.50 10.78
CA LYS A 263 86.09 -52.98 11.51
C LYS A 263 84.84 -52.97 10.61
N GLY A 264 83.76 -53.53 11.12
CA GLY A 264 82.52 -53.63 10.35
C GLY A 264 81.41 -52.78 10.95
N TYR A 265 80.18 -53.06 10.53
CA TYR A 265 79.10 -52.09 10.67
C TYR A 265 78.46 -52.17 12.05
N GLY A 266 78.62 -53.32 12.71
CA GLY A 266 77.97 -53.56 13.99
C GLY A 266 78.47 -52.63 15.08
N VAL A 267 79.79 -52.54 15.21
CA VAL A 267 80.40 -51.59 16.14
C VAL A 267 80.15 -50.14 15.70
N PHE A 268 80.38 -49.88 14.42
CA PHE A 268 80.14 -48.54 13.87
C PHE A 268 78.73 -48.08 14.19
N LYS A 269 77.79 -49.01 14.04
CA LYS A 269 76.37 -48.78 14.29
C LYS A 269 76.05 -48.58 15.77
N ALA A 270 76.86 -49.21 16.63
CA ALA A 270 76.63 -49.15 18.07
C ALA A 270 77.19 -47.87 18.67
N ASP A 271 78.39 -47.49 18.22
CA ASP A 271 78.96 -46.20 18.57
C ASP A 271 78.08 -45.06 18.08
N LEU A 272 77.49 -45.23 16.89
CA LEU A 272 76.73 -44.18 16.26
C LEU A 272 75.37 -43.99 16.93
N ALA A 273 74.83 -45.08 17.47
CA ALA A 273 73.56 -45.02 18.21
C ALA A 273 73.74 -44.31 19.55
N GLN A 274 74.98 -44.25 20.00
CA GLN A 274 75.30 -43.58 21.25
C GLN A 274 75.58 -42.08 21.07
N VAL A 275 76.09 -41.69 19.90
CA VAL A 275 76.31 -40.27 19.63
C VAL A 275 74.96 -39.62 19.32
N VAL A 276 74.03 -40.43 18.81
CA VAL A 276 72.70 -39.94 18.48
C VAL A 276 71.83 -39.86 19.74
N ILE A 277 72.03 -40.79 20.67
CA ILE A 277 71.29 -40.79 21.91
C ILE A 277 71.83 -39.66 22.81
N GLU A 278 73.15 -39.48 22.76
CA GLU A 278 73.81 -38.44 23.53
C GLU A 278 73.42 -37.04 23.03
N THR A 279 73.26 -36.90 21.72
CA THR A 279 72.86 -35.64 21.10
C THR A 279 71.43 -35.23 21.44
N LEU A 280 70.53 -36.20 21.28
CA LEU A 280 69.09 -36.00 21.48
C LEU A 280 68.61 -35.98 22.92
N ARG A 281 69.42 -36.52 23.82
CA ARG A 281 69.04 -36.65 25.22
C ARG A 281 68.83 -35.36 26.01
N PRO A 282 69.70 -34.38 25.79
CA PRO A 282 69.60 -33.10 26.47
C PRO A 282 68.54 -32.23 25.81
N ILE A 283 68.24 -32.58 24.56
CA ILE A 283 67.23 -31.89 23.77
C ILE A 283 65.85 -32.32 24.26
N GLN A 284 65.75 -33.60 24.63
CA GLN A 284 64.50 -34.18 25.11
C GLN A 284 64.21 -33.77 26.54
N GLU A 285 65.27 -33.51 27.30
CA GLU A 285 65.12 -33.09 28.68
C GLU A 285 64.51 -31.68 28.69
N ARG A 286 65.14 -30.80 27.94
CA ARG A 286 64.71 -29.40 27.81
C ARG A 286 63.33 -29.29 27.19
N TYR A 287 63.06 -30.14 26.20
CA TYR A 287 61.76 -30.13 25.54
C TYR A 287 60.65 -30.39 26.55
N HIS A 288 60.83 -31.41 27.38
CA HIS A 288 59.84 -31.77 28.39
C HIS A 288 59.63 -30.69 29.43
N HIS A 289 60.71 -29.99 29.78
CA HIS A 289 60.60 -28.91 30.74
C HIS A 289 59.78 -27.76 30.17
N TRP A 290 60.00 -27.49 28.88
CA TRP A 290 59.29 -26.42 28.18
C TRP A 290 57.82 -26.76 28.01
N MSE A 291 57.53 -28.04 27.86
CA MSE A 291 56.16 -28.51 27.63
C MSE A 291 55.21 -28.37 28.81
O MSE A 291 53.99 -28.34 28.63
CB MSE A 291 56.11 -29.86 26.94
CG MSE A 291 56.45 -29.83 25.48
SE MSE A 291 55.06 -29.07 24.35
CE MSE A 291 53.72 -30.43 24.57
N GLU A 292 55.76 -28.24 30.01
CA GLU A 292 54.93 -28.06 31.20
C GLU A 292 55.23 -26.73 31.87
N SER A 293 56.22 -26.03 31.32
CA SER A 293 56.59 -24.71 31.80
C SER A 293 55.60 -23.73 31.19
N GLU A 294 55.29 -22.66 31.91
CA GLU A 294 54.37 -21.67 31.36
C GLU A 294 55.18 -20.50 30.83
N GLU A 295 56.50 -20.71 30.74
CA GLU A 295 57.42 -19.74 30.18
C GLU A 295 57.25 -19.87 28.68
N LEU A 296 56.73 -21.02 28.26
CA LEU A 296 56.49 -21.33 26.86
C LEU A 296 55.52 -20.33 26.24
N ASP A 297 54.34 -20.22 26.87
CA ASP A 297 53.32 -19.28 26.41
C ASP A 297 53.84 -17.84 26.48
N ARG A 298 54.78 -17.60 27.38
CA ARG A 298 55.36 -16.28 27.57
C ARG A 298 56.40 -15.92 26.50
N VAL A 299 57.13 -16.92 26.03
CA VAL A 299 58.13 -16.72 25.00
C VAL A 299 57.40 -16.39 23.70
N LEU A 300 56.26 -17.05 23.51
CA LEU A 300 55.43 -16.87 22.33
C LEU A 300 54.69 -15.54 22.32
N ASP A 301 54.31 -15.08 23.51
CA ASP A 301 53.62 -13.79 23.65
C ASP A 301 54.61 -12.69 23.26
N GLU A 302 55.79 -12.74 23.86
CA GLU A 302 56.86 -11.78 23.58
C GLU A 302 57.22 -11.83 22.10
N GLY A 303 57.18 -13.03 21.52
CA GLY A 303 57.51 -13.24 20.11
C GLY A 303 56.52 -12.60 19.13
N ALA A 304 55.22 -12.79 19.39
CA ALA A 304 54.19 -12.20 18.55
C ALA A 304 54.18 -10.69 18.66
N GLU A 305 54.43 -10.22 19.89
CA GLU A 305 54.48 -8.79 20.20
C GLU A 305 55.55 -8.10 19.34
N LYS A 306 56.73 -8.71 19.30
CA LYS A 306 57.85 -8.18 18.54
C LYS A 306 57.57 -8.20 17.04
N ALA A 307 57.00 -9.31 16.58
CA ALA A 307 56.65 -9.45 15.17
C ALA A 307 55.59 -8.43 14.78
N ASN A 308 54.54 -8.35 15.58
CA ASN A 308 53.44 -7.41 15.35
C ASN A 308 53.98 -5.99 15.16
N ARG A 309 55.01 -5.65 15.92
CA ARG A 309 55.60 -4.31 15.83
C ARG A 309 56.20 -4.04 14.45
N VAL A 310 57.13 -4.90 14.03
CA VAL A 310 57.79 -4.79 12.74
C VAL A 310 56.81 -4.91 11.57
N ALA A 311 56.04 -6.00 11.58
CA ALA A 311 55.07 -6.26 10.53
C ALA A 311 53.99 -5.18 10.39
N SER A 312 53.41 -4.77 11.52
CA SER A 312 52.38 -3.73 11.55
C SER A 312 52.82 -2.46 10.83
N GLU A 313 54.08 -2.10 11.03
CA GLU A 313 54.65 -0.90 10.45
C GLU A 313 54.82 -1.06 8.94
N MSE A 314 55.22 -2.27 8.53
CA MSE A 314 55.38 -2.59 7.12
C MSE A 314 54.01 -2.47 6.43
O MSE A 314 53.88 -1.95 5.32
CB MSE A 314 55.89 -4.01 6.96
CG MSE A 314 56.23 -4.41 5.56
SE MSE A 314 57.03 -2.96 4.54
CE MSE A 314 58.82 -3.64 4.49
N VAL A 315 53.00 -2.98 7.12
CA VAL A 315 51.63 -3.00 6.62
C VAL A 315 51.08 -1.60 6.39
N ARG A 316 51.26 -0.70 7.36
CA ARG A 316 50.76 0.67 7.19
C ARG A 316 51.57 1.45 6.18
N LYS A 317 52.77 0.95 5.90
CA LYS A 317 53.63 1.57 4.90
C LYS A 317 53.11 1.11 3.54
N MSE A 318 52.57 -0.11 3.51
CA MSE A 318 52.02 -0.68 2.29
C MSE A 318 50.71 -0.03 1.90
O MSE A 318 50.47 0.29 0.73
CB MSE A 318 51.82 -2.18 2.46
CG MSE A 318 53.04 -3.04 2.36
SE MSE A 318 52.65 -4.89 2.80
CE MSE A 318 51.88 -5.49 1.14
N GLU A 319 49.85 0.17 2.89
CA GLU A 319 48.55 0.81 2.66
C GLU A 319 48.78 2.27 2.28
N GLN A 320 49.89 2.81 2.76
CA GLN A 320 50.25 4.20 2.48
C GLN A 320 50.51 4.35 0.98
N ALA A 321 51.23 3.39 0.43
CA ALA A 321 51.57 3.39 -0.99
C ALA A 321 50.37 3.08 -1.89
N MSE A 322 49.49 2.22 -1.41
CA MSE A 322 48.31 1.83 -2.16
C MSE A 322 47.14 2.81 -2.00
O MSE A 322 46.31 2.94 -2.90
CB MSE A 322 47.92 0.40 -1.83
CG MSE A 322 49.09 -0.52 -1.78
SE MSE A 322 48.69 -2.41 -1.98
CE MSE A 322 47.72 -2.34 -3.64
N GLY A 323 47.11 3.51 -0.88
CA GLY A 323 46.06 4.50 -0.62
C GLY A 323 44.95 3.98 0.30
N LEU A 324 45.19 2.84 0.94
CA LEU A 324 44.19 2.24 1.82
C LEU A 324 43.94 3.02 3.10
N GLY A 325 42.67 3.13 3.48
CA GLY A 325 42.29 3.84 4.70
C GLY A 325 42.79 5.28 4.77
N ARG A 326 43.41 5.62 5.89
CA ARG A 326 43.92 6.96 6.12
C ARG A 326 45.31 6.93 6.76
N MSE B 1 52.41 34.59 24.77
CA MSE B 1 52.79 34.92 26.14
C MSE B 1 51.64 34.72 27.12
O MSE B 1 50.47 34.84 26.77
CB MSE B 1 53.29 36.35 26.24
CG MSE B 1 52.19 37.36 26.47
SE MSE B 1 52.73 39.23 26.37
CE MSE B 1 51.11 39.92 25.63
N LYS B 2 52.00 34.45 28.38
CA LYS B 2 51.04 34.16 29.41
C LYS B 2 50.13 35.26 29.94
N THR B 3 48.89 34.87 30.23
CA THR B 3 47.85 35.78 30.74
C THR B 3 47.73 35.77 32.27
N ILE B 4 47.64 36.96 32.86
CA ILE B 4 47.54 37.09 34.31
C ILE B 4 46.32 37.92 34.69
N PHE B 5 45.55 37.43 35.65
CA PHE B 5 44.39 38.16 36.17
C PHE B 5 44.57 38.50 37.64
N SER B 6 44.49 39.78 37.96
CA SER B 6 44.43 40.23 39.35
C SER B 6 43.09 40.89 39.68
N GLY B 7 42.25 40.16 40.40
CA GLY B 7 41.08 40.75 41.03
C GLY B 7 41.44 41.61 42.23
N ILE B 8 40.71 42.70 42.42
CA ILE B 8 41.17 43.79 43.27
C ILE B 8 39.99 44.56 43.86
N GLN B 9 39.93 44.59 45.20
CA GLN B 9 38.92 45.38 45.89
C GLN B 9 38.98 46.84 45.47
N THR B 15 48.75 49.97 50.73
CA THR B 15 49.91 50.30 51.55
C THR B 15 51.22 49.98 50.81
N ILE B 16 52.33 50.38 51.40
CA ILE B 16 53.65 50.09 50.83
C ILE B 16 54.01 48.63 51.01
N GLY B 17 53.31 47.96 51.92
CA GLY B 17 53.37 46.51 52.01
C GLY B 17 52.82 45.83 50.77
N ASN B 18 51.77 46.42 50.20
CA ASN B 18 51.23 45.95 48.93
C ASN B 18 52.07 46.39 47.74
N TYR B 19 52.52 47.64 47.77
CA TYR B 19 53.41 48.17 46.75
C TYR B 19 54.65 47.30 46.60
N ILE B 20 55.09 46.71 47.71
CA ILE B 20 56.32 45.93 47.73
C ILE B 20 56.04 44.44 47.53
N GLY B 21 54.77 44.06 47.69
CA GLY B 21 54.37 42.68 47.51
C GLY B 21 54.02 42.37 46.06
N ALA B 22 52.89 42.90 45.60
CA ALA B 22 52.34 42.51 44.30
C ALA B 22 52.38 43.68 43.31
N LEU B 23 51.89 44.83 43.75
CA LEU B 23 51.50 45.88 42.84
C LEU B 23 52.69 46.40 42.02
N ARG B 24 53.82 46.55 42.69
CA ARG B 24 54.97 47.22 42.10
C ARG B 24 55.90 46.24 41.40
N GLN B 25 55.61 44.95 41.57
CA GLN B 25 56.28 43.91 40.80
C GLN B 25 55.57 43.66 39.48
N PHE B 26 54.53 44.45 39.21
CA PHE B 26 53.65 44.21 38.07
C PHE B 26 53.77 45.31 37.04
N VAL B 27 54.31 46.45 37.45
CA VAL B 27 54.78 47.46 36.51
C VAL B 27 55.73 46.86 35.48
N GLU B 28 56.42 45.79 35.87
CA GLU B 28 57.49 45.23 35.05
C GLU B 28 57.07 43.92 34.42
N LEU B 29 56.04 43.30 34.98
CA LEU B 29 55.53 42.03 34.47
C LEU B 29 54.46 42.25 33.40
N GLN B 30 53.94 43.46 33.34
CA GLN B 30 52.97 43.82 32.31
C GLN B 30 53.60 43.87 30.93
N HIS B 31 54.93 43.80 30.90
CA HIS B 31 55.66 43.78 29.64
C HIS B 31 55.79 42.36 29.10
N GLU B 32 55.77 41.39 30.02
CA GLU B 32 56.22 40.04 29.70
C GLU B 32 55.07 39.05 29.77
N TYR B 33 54.09 39.34 30.61
CA TYR B 33 52.81 38.64 30.58
C TYR B 33 51.71 39.54 30.03
N ASN B 34 50.57 38.94 29.69
CA ASN B 34 49.40 39.69 29.30
C ASN B 34 48.60 39.86 30.60
N CYS B 35 48.46 41.11 31.07
CA CYS B 35 47.84 41.40 32.36
C CYS B 35 46.47 42.06 32.43
N TYR B 36 45.68 41.56 33.37
CA TYR B 36 44.37 42.11 33.67
C TYR B 36 44.35 42.59 35.11
N PHE B 37 43.83 43.79 35.29
CA PHE B 37 43.69 44.38 36.59
C PHE B 37 42.23 44.75 36.72
N CYS B 38 41.46 43.82 37.26
CA CYS B 38 40.02 43.98 37.40
C CYS B 38 39.67 44.52 38.78
N ILE B 39 38.98 45.66 38.80
CA ILE B 39 38.53 46.25 40.04
C ILE B 39 37.21 45.59 40.37
N VAL B 40 37.27 44.60 41.24
CA VAL B 40 36.11 43.79 41.62
C VAL B 40 35.12 44.50 42.54
N ASP B 41 34.30 45.38 41.95
CA ASP B 41 33.28 46.14 42.68
C ASP B 41 32.01 45.30 42.95
N GLN B 42 31.85 44.22 42.21
CA GLN B 42 30.69 43.34 42.39
C GLN B 42 30.91 42.39 43.57
N HIS B 43 32.18 42.22 43.92
CA HIS B 43 32.57 41.38 45.05
C HIS B 43 32.46 42.19 46.34
N ALA B 44 32.67 43.50 46.21
CA ALA B 44 32.61 44.42 47.34
C ALA B 44 31.24 44.57 48.00
N ILE B 45 30.18 44.31 47.24
CA ILE B 45 28.83 44.44 47.78
C ILE B 45 28.32 43.17 48.47
N THR B 46 29.25 42.26 48.77
CA THR B 46 28.91 41.03 49.48
C THR B 46 28.91 41.43 50.95
N VAL B 47 29.40 42.64 51.19
CA VAL B 47 29.42 43.26 52.50
C VAL B 47 28.78 44.63 52.35
N TRP B 48 28.41 45.20 53.50
CA TRP B 48 27.81 46.51 53.53
C TRP B 48 28.76 47.53 52.91
N GLN B 49 28.24 48.32 51.99
CA GLN B 49 29.03 49.36 51.35
C GLN B 49 28.22 50.64 51.41
N ASP B 50 28.91 51.76 51.46
CA ASP B 50 28.26 53.05 51.40
C ASP B 50 28.45 53.44 49.95
N PRO B 51 27.36 53.56 49.21
CA PRO B 51 27.41 53.85 47.78
C PRO B 51 28.42 54.93 47.42
N HIS B 52 28.28 56.10 48.04
CA HIS B 52 29.18 57.21 47.78
C HIS B 52 30.64 56.80 47.93
N GLU B 53 30.95 56.20 49.08
CA GLU B 53 32.30 55.77 49.38
C GLU B 53 32.80 54.71 48.41
N LEU B 54 31.90 53.81 48.03
CA LEU B 54 32.26 52.75 47.10
C LEU B 54 32.61 53.35 45.74
N ARG B 55 31.74 54.24 45.26
CA ARG B 55 31.93 54.88 43.97
C ARG B 55 33.18 55.76 43.94
N GLN B 56 33.69 56.10 45.12
CA GLN B 56 34.89 56.95 45.24
C GLN B 56 36.14 56.09 45.38
N ASN B 57 35.96 54.91 45.97
CA ASN B 57 37.06 53.96 46.20
C ASN B 57 37.45 53.22 44.92
N ILE B 58 36.50 53.07 44.00
CA ILE B 58 36.76 52.41 42.73
C ILE B 58 37.66 53.33 41.91
N ARG B 59 37.38 54.62 42.02
CA ARG B 59 38.13 55.66 41.31
C ARG B 59 39.55 55.78 41.85
N ARG B 60 39.63 56.15 43.12
CA ARG B 60 40.89 56.29 43.85
C ARG B 60 41.84 55.15 43.50
N LEU B 61 41.27 53.95 43.48
CA LEU B 61 42.01 52.73 43.17
C LEU B 61 42.59 52.68 41.76
N ALA B 62 41.75 52.90 40.75
CA ALA B 62 42.25 52.89 39.38
C ALA B 62 43.38 53.89 39.23
N ALA B 63 43.14 55.11 39.71
CA ALA B 63 44.12 56.19 39.68
C ALA B 63 45.45 55.83 40.32
N LEU B 64 45.40 55.02 41.38
CA LEU B 64 46.61 54.59 42.09
C LEU B 64 47.36 53.55 41.28
N TYR B 65 46.60 52.73 40.57
CA TYR B 65 47.19 51.70 39.73
C TYR B 65 47.94 52.30 38.55
N LEU B 66 47.34 53.31 37.94
CA LEU B 66 47.96 54.03 36.83
C LEU B 66 49.16 54.82 37.34
N ALA B 67 48.93 55.58 38.40
CA ALA B 67 49.95 56.40 39.03
C ALA B 67 51.17 55.59 39.52
N VAL B 68 51.01 54.28 39.62
CA VAL B 68 52.11 53.42 40.06
C VAL B 68 52.97 52.98 38.88
N GLY B 69 52.37 52.93 37.70
CA GLY B 69 53.08 52.51 36.50
C GLY B 69 52.27 51.57 35.61
N ILE B 70 51.05 51.23 36.04
CA ILE B 70 50.23 50.34 35.21
C ILE B 70 49.97 51.00 33.87
N ASP B 71 50.24 50.27 32.80
CA ASP B 71 50.12 50.77 31.43
C ASP B 71 48.80 50.41 30.73
N PRO B 72 47.89 51.38 30.64
CA PRO B 72 46.61 51.18 29.96
C PRO B 72 46.76 50.59 28.55
N THR B 73 47.83 50.97 27.86
CA THR B 73 48.11 50.48 26.51
C THR B 73 48.63 49.05 26.57
N GLN B 74 49.42 48.78 27.61
CA GLN B 74 50.04 47.48 27.81
C GLN B 74 49.21 46.51 28.65
N ALA B 75 48.33 47.04 29.48
CA ALA B 75 47.50 46.19 30.33
C ALA B 75 46.04 46.62 30.34
N THR B 76 45.17 45.72 30.77
CA THR B 76 43.75 46.03 30.88
C THR B 76 43.39 46.26 32.34
N LEU B 77 42.97 47.49 32.62
CA LEU B 77 42.55 47.88 33.96
C LEU B 77 41.10 48.28 33.79
N PHE B 78 40.20 47.61 34.49
CA PHE B 78 38.79 47.88 34.34
C PHE B 78 37.99 47.59 35.59
N ILE B 79 36.74 48.05 35.58
CA ILE B 79 35.80 47.79 36.66
C ILE B 79 34.99 46.57 36.23
N GLN B 80 35.02 45.54 37.07
CA GLN B 80 34.32 44.29 36.79
C GLN B 80 32.84 44.43 36.45
N SER B 81 32.14 45.31 37.16
CA SER B 81 30.71 45.53 36.90
C SER B 81 30.41 46.12 35.53
N GLU B 82 31.43 46.70 34.92
CA GLU B 82 31.29 47.31 33.60
C GLU B 82 31.34 46.25 32.51
N VAL B 83 31.63 45.03 32.93
CA VAL B 83 31.67 43.86 32.06
C VAL B 83 30.62 42.87 32.56
N PRO B 84 29.46 42.88 31.91
CA PRO B 84 28.33 42.02 32.27
C PRO B 84 28.58 40.53 32.06
N ALA B 85 29.68 40.18 31.41
CA ALA B 85 30.02 38.77 31.17
C ALA B 85 30.44 38.04 32.45
N HIS B 86 30.85 38.82 33.45
CA HIS B 86 31.26 38.26 34.73
C HIS B 86 30.05 37.71 35.48
N ALA B 87 28.96 38.48 35.47
CA ALA B 87 27.72 38.09 36.12
C ALA B 87 27.05 36.92 35.39
N GLN B 88 27.08 36.96 34.07
CA GLN B 88 26.51 35.90 33.23
C GLN B 88 27.29 34.60 33.43
N ALA B 89 28.61 34.69 33.26
CA ALA B 89 29.50 33.54 33.43
C ALA B 89 29.42 32.96 34.84
N ALA B 90 29.33 33.85 35.84
CA ALA B 90 29.26 33.46 37.24
C ALA B 90 28.01 32.63 37.58
N TRP B 91 26.93 32.89 36.86
CA TRP B 91 25.68 32.17 37.07
C TRP B 91 25.77 30.76 36.52
N MSE B 92 26.34 30.65 35.32
CA MSE B 92 26.51 29.35 34.68
C MSE B 92 27.38 28.46 35.55
O MSE B 92 27.11 27.26 35.69
CB MSE B 92 27.13 29.53 33.31
CG MSE B 92 26.19 30.01 32.24
SE MSE B 92 26.96 30.03 30.46
CE MSE B 92 27.64 31.82 30.46
N LEU B 93 28.40 29.05 36.16
CA LEU B 93 29.34 28.34 37.01
C LEU B 93 28.72 27.93 38.35
N GLN B 94 27.71 28.68 38.77
CA GLN B 94 27.03 28.40 40.03
C GLN B 94 25.97 27.31 39.85
N CYS B 95 25.72 26.97 38.59
CA CYS B 95 24.85 25.86 38.26
C CYS B 95 25.63 24.55 38.25
N ILE B 96 26.93 24.65 38.00
CA ILE B 96 27.79 23.47 38.00
C ILE B 96 28.48 23.20 39.34
N VAL B 97 28.59 24.23 40.17
CA VAL B 97 29.23 24.09 41.48
C VAL B 97 28.30 23.39 42.46
N TYR B 98 28.89 22.78 43.50
CA TYR B 98 28.11 22.12 44.53
C TYR B 98 28.03 23.01 45.76
N ILE B 99 26.99 22.79 46.56
CA ILE B 99 26.79 23.54 47.80
C ILE B 99 27.83 23.15 48.85
N GLY B 100 28.06 21.85 48.99
CA GLY B 100 29.05 21.36 49.95
C GLY B 100 30.38 22.03 49.68
N GLU B 101 30.69 22.21 48.39
CA GLU B 101 31.93 22.85 48.00
C GLU B 101 32.01 24.31 48.48
N LEU B 102 30.90 25.03 48.37
CA LEU B 102 30.84 26.42 48.82
C LEU B 102 30.81 26.51 50.33
N GLU B 103 30.02 25.61 50.93
CA GLU B 103 29.87 25.56 52.38
C GLU B 103 31.16 25.30 53.14
N ARG B 104 32.09 24.58 52.51
CA ARG B 104 33.33 24.19 53.16
C ARG B 104 34.50 25.05 52.68
N MSE B 105 34.20 26.01 51.81
CA MSE B 105 35.07 27.16 51.60
C MSE B 105 35.37 27.85 52.93
O MSE B 105 34.47 28.33 53.61
CB MSE B 105 34.43 28.15 50.62
CG MSE B 105 35.43 28.96 49.82
SE MSE B 105 36.42 27.87 48.55
CE MSE B 105 35.23 26.34 48.45
N THR B 106 36.65 27.91 53.27
CA THR B 106 37.06 28.07 54.66
C THR B 106 36.44 29.32 55.28
N GLN B 107 36.24 30.34 54.46
CA GLN B 107 35.92 31.68 54.96
C GLN B 107 34.52 31.71 55.57
N VAL B 118 22.85 35.98 57.48
CA VAL B 118 23.98 35.94 56.57
C VAL B 118 23.52 36.09 55.12
N SER B 119 23.85 37.23 54.52
CA SER B 119 23.63 37.43 53.09
C SER B 119 24.16 36.23 52.29
N ALA B 120 23.50 35.94 51.17
CA ALA B 120 23.85 34.80 50.35
C ALA B 120 25.11 35.04 49.53
N GLY B 121 25.37 36.30 49.21
CA GLY B 121 26.55 36.68 48.43
C GLY B 121 27.86 36.35 49.13
N LEU B 122 27.80 36.18 50.45
CA LEU B 122 28.97 35.84 51.26
C LEU B 122 29.28 34.36 51.13
N LEU B 123 28.40 33.65 50.43
CA LEU B 123 28.53 32.20 50.27
C LEU B 123 28.80 31.82 48.81
N THR B 124 28.23 32.61 47.91
CA THR B 124 28.27 32.33 46.48
C THR B 124 29.15 33.23 45.61
N TYR B 125 30.06 33.97 46.23
CA TYR B 125 31.00 34.79 45.48
C TYR B 125 32.15 33.97 44.89
N PRO B 126 32.41 32.77 45.40
CA PRO B 126 33.51 31.99 44.84
C PRO B 126 33.41 31.74 43.33
N PRO B 127 32.18 31.54 42.84
CA PRO B 127 31.99 31.32 41.40
C PRO B 127 32.14 32.62 40.61
N LEU B 128 31.77 33.75 41.24
CA LEU B 128 31.94 35.04 40.58
C LEU B 128 33.44 35.27 40.39
N MSE B 129 34.19 34.76 41.35
CA MSE B 129 35.65 34.85 41.32
C MSE B 129 36.25 33.88 40.30
O MSE B 129 37.24 34.19 39.64
CB MSE B 129 36.24 34.59 42.69
CG MSE B 129 37.69 34.97 42.86
SE MSE B 129 38.45 34.45 44.56
CE MSE B 129 40.30 34.50 44.09
N ALA B 130 35.64 32.71 40.15
CA ALA B 130 36.08 31.74 39.16
C ALA B 130 35.88 32.38 37.80
N ALA B 131 34.64 32.81 37.56
CA ALA B 131 34.27 33.48 36.32
C ALA B 131 35.31 34.53 35.96
N ASP B 132 35.51 35.46 36.88
CA ASP B 132 36.51 36.53 36.80
C ASP B 132 37.77 36.00 36.11
N ILE B 133 38.29 34.91 36.68
CA ILE B 133 39.49 34.24 36.21
C ILE B 133 39.29 33.52 34.87
N LEU B 134 38.44 32.49 34.86
CA LEU B 134 38.19 31.74 33.63
C LEU B 134 37.88 32.54 32.37
N LEU B 135 37.12 33.62 32.54
CA LEU B 135 36.72 34.49 31.43
C LEU B 135 37.84 34.88 30.49
N TYR B 136 39.03 35.11 31.05
CA TYR B 136 40.16 35.57 30.27
C TYR B 136 41.17 34.49 29.91
N ASN B 137 40.80 33.23 30.09
CA ASN B 137 41.68 32.11 29.79
C ASN B 137 43.03 32.41 30.45
N THR B 138 43.01 32.63 31.76
CA THR B 138 44.23 32.99 32.47
C THR B 138 45.05 31.81 32.95
N ASP B 139 46.36 32.01 32.92
CA ASP B 139 47.33 31.00 33.32
C ASP B 139 47.82 31.22 34.75
N ILE B 140 47.99 32.49 35.11
CA ILE B 140 48.53 32.83 36.43
C ILE B 140 47.60 33.78 37.18
N VAL B 141 47.39 33.51 38.46
CA VAL B 141 46.69 34.43 39.34
C VAL B 141 47.51 34.71 40.60
N PRO B 142 47.95 35.96 40.74
CA PRO B 142 48.86 36.34 41.82
C PRO B 142 48.14 36.49 43.15
N VAL B 143 47.97 35.38 43.87
CA VAL B 143 47.24 35.39 45.13
C VAL B 143 48.05 34.74 46.24
N GLY B 144 47.94 35.26 47.45
CA GLY B 144 48.60 34.67 48.61
C GLY B 144 48.18 33.22 48.82
N GLU B 145 48.35 32.75 50.05
CA GLU B 145 48.00 31.38 50.41
C GLU B 145 46.58 31.38 50.96
N ASP B 146 46.15 32.56 51.38
CA ASP B 146 44.82 32.79 51.94
C ASP B 146 43.76 32.50 50.88
N GLN B 147 44.18 32.65 49.62
CA GLN B 147 43.31 32.48 48.46
C GLN B 147 43.50 31.15 47.73
N LYS B 148 44.19 30.22 48.37
CA LYS B 148 44.46 28.92 47.78
C LYS B 148 43.20 28.05 47.56
N GLN B 149 42.46 27.80 48.63
CA GLN B 149 41.22 27.02 48.58
C GLN B 149 40.35 27.54 47.45
N HIS B 150 40.42 28.85 47.24
CA HIS B 150 39.66 29.53 46.21
C HIS B 150 40.09 29.14 44.80
N ILE B 151 41.39 28.89 44.62
CA ILE B 151 41.91 28.51 43.31
C ILE B 151 41.72 27.02 43.05
N GLU B 152 41.91 26.23 44.10
CA GLU B 152 41.72 24.79 44.03
C GLU B 152 40.31 24.60 43.47
N LEU B 153 39.39 25.45 43.96
CA LEU B 153 38.02 25.44 43.52
C LEU B 153 37.82 25.90 42.06
N THR B 154 38.32 27.08 41.72
CA THR B 154 38.17 27.58 40.34
C THR B 154 38.82 26.66 39.31
N ARG B 155 39.67 25.75 39.79
CA ARG B 155 40.35 24.79 38.92
C ARG B 155 39.51 23.51 38.79
N ASP B 156 38.89 23.11 39.90
CA ASP B 156 38.05 21.91 39.92
C ASP B 156 36.83 22.18 39.04
N LEU B 157 36.43 23.45 39.03
CA LEU B 157 35.28 23.92 38.25
C LEU B 157 35.64 23.93 36.77
N ALA B 158 36.72 24.61 36.44
CA ALA B 158 37.15 24.71 35.05
C ALA B 158 37.32 23.30 34.49
N GLU B 159 37.86 22.42 35.32
CA GLU B 159 38.07 21.02 34.96
C GLU B 159 36.74 20.33 34.70
N ARG B 160 35.78 20.57 35.59
CA ARG B 160 34.47 19.95 35.47
C ARG B 160 33.73 20.33 34.20
N PHE B 161 33.86 21.60 33.81
CA PHE B 161 33.23 22.10 32.61
C PHE B 161 33.88 21.48 31.39
N ASN B 162 35.21 21.59 31.32
CA ASN B 162 35.95 21.10 30.17
C ASN B 162 35.76 19.61 29.94
N LYS B 163 35.20 18.93 30.93
CA LYS B 163 35.07 17.48 30.89
C LYS B 163 33.70 17.05 30.39
N ARG B 164 32.69 17.88 30.67
CA ARG B 164 31.35 17.67 30.13
C ARG B 164 31.24 18.22 28.73
N TYR B 165 31.73 19.45 28.53
CA TYR B 165 31.96 19.98 27.19
C TYR B 165 33.45 20.20 26.94
N LEU B 168 38.07 24.07 26.49
CA LEU B 168 37.60 25.46 26.51
C LEU B 168 38.29 26.35 27.54
N PHE B 169 38.33 25.90 28.78
CA PHE B 169 38.89 26.70 29.86
C PHE B 169 40.33 26.35 30.08
N THR B 170 41.15 27.35 30.27
CA THR B 170 42.52 27.12 30.65
C THR B 170 42.62 26.97 32.15
N ILE B 171 43.16 25.84 32.59
CA ILE B 171 43.22 25.52 34.01
C ILE B 171 44.27 26.36 34.73
N PRO B 172 43.88 27.28 35.59
CA PRO B 172 44.80 28.33 36.01
C PRO B 172 45.64 27.98 37.21
N GLU B 173 46.65 28.82 37.48
CA GLU B 173 47.67 28.49 38.46
C GLU B 173 47.94 29.67 39.39
N ALA B 174 48.28 29.37 40.64
CA ALA B 174 48.23 30.37 41.71
C ALA B 174 49.63 30.67 42.23
N ARG B 175 50.14 31.85 41.88
CA ARG B 175 51.56 32.16 42.09
C ARG B 175 51.82 33.66 41.94
N ILE B 176 53.09 34.04 41.97
CA ILE B 176 53.48 35.44 41.88
C ILE B 176 54.89 35.59 41.32
N PRO B 177 54.98 35.84 40.03
CA PRO B 177 56.22 36.36 39.43
C PRO B 177 56.86 37.42 40.31
N ARG B 182 57.83 40.12 52.89
CA ARG B 182 56.62 40.27 53.67
C ARG B 182 56.78 41.41 54.65
N ILE B 183 56.03 42.47 54.43
CA ILE B 183 56.15 43.70 55.20
C ILE B 183 55.30 43.63 56.45
N MSE B 184 55.92 43.82 57.61
CA MSE B 184 55.21 43.76 58.88
C MSE B 184 54.69 45.13 59.31
O MSE B 184 55.02 46.14 58.72
CB MSE B 184 56.12 43.15 59.93
CG MSE B 184 56.89 41.93 59.47
SE MSE B 184 55.74 40.42 59.07
CE MSE B 184 55.49 39.84 60.89
N SER B 185 53.86 45.13 60.35
CA SER B 185 53.29 46.36 60.86
C SER B 185 54.32 47.15 61.66
N LEU B 186 54.22 48.48 61.59
CA LEU B 186 55.20 49.34 62.25
C LEU B 186 54.96 49.40 63.75
N VAL B 187 53.76 49.02 64.17
CA VAL B 187 53.41 48.98 65.58
C VAL B 187 53.58 47.58 66.15
N ASP B 188 53.31 46.58 65.33
CA ASP B 188 53.59 45.19 65.68
C ASP B 188 54.41 44.50 64.59
N PRO B 189 55.72 44.46 64.78
CA PRO B 189 56.61 43.77 63.84
C PRO B 189 56.27 42.29 63.73
N THR B 190 55.38 41.81 64.59
CA THR B 190 54.97 40.41 64.57
C THR B 190 53.84 40.18 63.57
N LYS B 191 53.29 41.27 63.05
CA LYS B 191 52.02 41.21 62.33
C LYS B 191 52.15 41.83 60.94
N LYS B 192 51.69 41.10 59.93
CA LYS B 192 51.74 41.59 58.56
C LYS B 192 51.05 42.93 58.41
N MSE B 193 51.68 43.84 57.66
CA MSE B 193 51.09 45.13 57.38
C MSE B 193 49.75 44.97 56.68
O MSE B 193 49.64 44.26 55.68
CB MSE B 193 52.00 46.00 56.52
CG MSE B 193 51.90 47.49 56.75
SE MSE B 193 52.96 48.59 55.54
CE MSE B 193 54.28 49.23 56.77
N SER B 194 48.74 45.63 57.22
CA SER B 194 47.40 45.59 56.65
C SER B 194 46.72 46.94 56.80
N LYS B 195 46.15 47.42 55.70
CA LYS B 195 45.44 48.70 55.67
C LYS B 195 44.20 48.57 56.55
N SER B 196 43.92 47.34 56.97
CA SER B 196 42.73 47.06 57.79
C SER B 196 43.07 47.11 59.28
N ASP B 197 44.21 47.69 59.60
CA ASP B 197 44.66 47.80 60.99
C ASP B 197 43.94 48.91 61.74
N PRO B 198 43.45 48.59 62.93
CA PRO B 198 42.79 49.57 63.78
C PRO B 198 43.74 50.74 64.00
N ASN B 199 44.99 50.42 64.30
CA ASN B 199 46.02 51.43 64.50
C ASN B 199 46.64 51.83 63.16
N PRO B 200 46.20 52.99 62.66
CA PRO B 200 46.65 53.51 61.37
C PRO B 200 48.14 53.86 61.35
N LYS B 201 48.79 53.72 62.50
CA LYS B 201 50.22 54.01 62.62
C LYS B 201 51.02 52.75 62.28
N ALA B 202 50.31 51.65 62.08
CA ALA B 202 50.92 50.36 61.79
C ALA B 202 51.30 50.20 60.32
N TYR B 203 50.65 50.96 59.44
CA TYR B 203 50.93 50.86 58.02
C TYR B 203 51.25 52.21 57.43
N ILE B 204 51.80 52.20 56.22
CA ILE B 204 52.05 53.42 55.48
C ILE B 204 51.29 53.28 54.17
N THR B 205 50.58 54.34 53.82
CA THR B 205 49.72 54.36 52.65
C THR B 205 50.44 54.98 51.47
N LEU B 206 50.07 54.55 50.27
CA LEU B 206 50.66 55.07 49.04
C LEU B 206 50.35 56.54 48.89
N LEU B 207 49.34 57.00 49.62
CA LEU B 207 48.90 58.39 49.58
C LEU B 207 49.31 59.16 50.82
N ASP B 208 50.02 58.50 51.73
CA ASP B 208 50.44 59.19 52.94
C ASP B 208 51.37 60.35 52.59
N ASP B 209 51.13 61.52 53.17
CA ASP B 209 51.95 62.70 52.91
C ASP B 209 53.26 62.58 53.66
N ALA B 210 54.24 63.39 53.26
CA ALA B 210 55.57 63.39 53.88
C ALA B 210 55.59 63.53 55.41
N LYS B 211 54.72 64.37 55.96
CA LYS B 211 54.67 64.57 57.40
C LYS B 211 54.26 63.29 58.12
N THR B 212 53.31 62.57 57.51
CA THR B 212 52.75 61.34 58.03
C THR B 212 53.72 60.15 57.97
N ILE B 213 54.38 59.99 56.82
CA ILE B 213 55.35 58.91 56.64
C ILE B 213 56.39 59.06 57.74
N GLU B 214 56.81 60.31 57.93
CA GLU B 214 57.84 60.65 58.90
C GLU B 214 57.46 60.35 60.34
N LYS B 215 56.29 60.80 60.77
CA LYS B 215 55.86 60.55 62.14
C LYS B 215 55.60 59.06 62.36
N LYS B 216 55.34 58.35 61.27
CA LYS B 216 55.07 56.92 61.32
C LYS B 216 56.35 56.10 61.43
N ILE B 217 57.38 56.51 60.69
CA ILE B 217 58.68 55.82 60.72
C ILE B 217 59.39 56.14 62.03
N LYS B 218 59.08 57.31 62.57
CA LYS B 218 59.70 57.77 63.80
C LYS B 218 59.16 57.00 65.01
N SER B 219 57.91 56.57 64.91
CA SER B 219 57.29 55.79 65.98
C SER B 219 57.40 54.29 65.73
N SER B 224 65.70 47.64 72.07
CA SER B 224 66.52 48.23 73.13
C SER B 224 67.99 47.90 72.92
N GLU B 225 68.28 47.12 71.89
CA GLU B 225 69.65 46.72 71.60
C GLU B 225 70.46 47.90 71.06
N GLY B 226 69.88 48.66 70.13
CA GLY B 226 70.55 49.83 69.57
C GLY B 226 71.41 49.56 68.34
N THR B 227 71.53 48.30 67.95
CA THR B 227 72.34 47.95 66.78
C THR B 227 71.49 47.59 65.58
N ILE B 228 71.91 48.06 64.40
CA ILE B 228 71.19 47.80 63.17
C ILE B 228 71.66 46.51 62.49
N ARG B 229 71.19 45.37 63.00
CA ARG B 229 71.33 44.11 62.29
C ARG B 229 69.99 43.38 62.23
N TYR B 230 69.95 42.31 61.43
CA TYR B 230 68.69 41.82 60.87
C TYR B 230 68.35 40.44 61.41
N GLY B 237 61.36 44.08 64.80
CA GLY B 237 61.27 45.50 64.54
C GLY B 237 62.34 45.99 63.57
N ILE B 238 63.59 45.75 63.91
CA ILE B 238 64.72 46.35 63.19
C ILE B 238 64.94 45.65 61.86
N SER B 239 64.49 44.40 61.75
CA SER B 239 64.63 43.63 60.53
C SER B 239 63.64 44.10 59.47
N ASN B 240 62.46 44.52 59.92
CA ASN B 240 61.41 44.96 59.00
C ASN B 240 61.73 46.30 58.37
N LEU B 241 62.30 47.21 59.14
CA LEU B 241 62.67 48.52 58.63
C LEU B 241 63.80 48.39 57.61
N LEU B 242 64.63 47.36 57.79
CA LEU B 242 65.73 47.09 56.88
C LEU B 242 65.19 46.53 55.58
N ASN B 243 64.13 45.74 55.69
CA ASN B 243 63.49 45.13 54.53
C ASN B 243 62.77 46.19 53.68
N ILE B 244 62.27 47.23 54.33
CA ILE B 244 61.58 48.32 53.63
C ILE B 244 62.61 49.25 53.01
N TYR B 245 63.68 49.48 53.77
CA TYR B 245 64.77 50.36 53.38
C TYR B 245 65.52 49.81 52.16
N SER B 246 65.67 48.49 52.09
CA SER B 246 66.37 47.85 50.99
C SER B 246 65.57 47.74 49.69
N THR B 247 64.34 47.20 49.78
CA THR B 247 63.47 47.03 48.62
C THR B 247 63.18 48.35 47.91
N LEU B 248 63.05 49.41 48.70
CA LEU B 248 62.74 50.76 48.22
C LEU B 248 63.96 51.52 47.71
N SER B 249 65.14 51.13 48.20
CA SER B 249 66.38 51.79 47.80
C SER B 249 67.28 50.98 46.90
N GLY B 250 67.11 49.66 46.90
CA GLY B 250 67.88 48.78 46.04
C GLY B 250 69.25 48.45 46.60
N GLN B 251 69.37 48.53 47.92
CA GLN B 251 70.62 48.18 48.60
C GLN B 251 70.49 46.87 49.36
N SER B 252 71.51 46.03 49.27
CA SER B 252 71.58 44.81 50.07
C SER B 252 71.77 45.14 51.55
N ILE B 253 71.49 44.16 52.40
CA ILE B 253 71.20 44.43 53.81
C ILE B 253 72.48 44.48 54.63
N GLU B 254 73.44 43.63 54.28
CA GLU B 254 74.81 43.78 54.75
C GLU B 254 75.45 45.07 54.20
N GLU B 255 74.94 45.53 53.07
CA GLU B 255 75.17 46.90 52.63
C GLU B 255 74.82 47.90 53.74
N LEU B 256 73.59 47.82 54.23
CA LEU B 256 73.06 48.82 55.16
C LEU B 256 73.55 48.55 56.58
N GLU B 257 73.79 47.28 56.89
CA GLU B 257 74.40 46.91 58.16
C GLU B 257 75.85 47.39 58.24
N ARG B 258 76.58 47.24 57.15
CA ARG B 258 77.84 47.94 56.97
C ARG B 258 77.67 49.44 57.13
N GLN B 259 76.74 50.01 56.36
CA GLN B 259 76.68 51.45 56.16
C GLN B 259 76.25 52.18 57.43
N TYR B 260 75.30 51.59 58.15
CA TYR B 260 74.83 52.15 59.41
C TYR B 260 75.52 51.50 60.60
N GLU B 261 76.66 50.86 60.33
CA GLU B 261 77.46 50.24 61.39
C GLU B 261 77.90 51.27 62.42
N GLY B 262 77.55 51.03 63.68
CA GLY B 262 77.93 51.92 64.76
C GLY B 262 76.92 53.03 64.99
N LYS B 263 75.81 52.96 64.26
CA LYS B 263 74.79 54.02 64.31
C LYS B 263 73.60 53.59 65.16
N GLY B 264 72.89 54.56 65.70
CA GLY B 264 71.64 54.31 66.40
C GLY B 264 70.45 54.29 65.45
N TYR B 265 69.26 54.15 66.02
CA TYR B 265 68.03 54.08 65.22
C TYR B 265 67.55 55.42 64.68
N GLY B 266 67.81 56.49 65.42
CA GLY B 266 67.38 57.83 65.03
C GLY B 266 67.79 58.26 63.62
N VAL B 267 69.04 58.01 63.27
CA VAL B 267 69.57 58.41 61.97
C VAL B 267 69.13 57.43 60.87
N PHE B 268 68.96 56.17 61.24
CA PHE B 268 68.36 55.18 60.35
C PHE B 268 66.95 55.61 59.95
N LYS B 269 66.13 55.95 60.94
CA LYS B 269 64.74 56.31 60.69
C LYS B 269 64.63 57.58 59.86
N ALA B 270 65.39 58.60 60.24
CA ALA B 270 65.57 59.78 59.41
C ALA B 270 65.93 59.40 57.98
N ASP B 271 66.84 58.44 57.84
CA ASP B 271 67.36 58.06 56.53
C ASP B 271 66.31 57.32 55.71
N LEU B 272 65.57 56.43 56.36
CA LEU B 272 64.59 55.60 55.68
C LEU B 272 63.28 56.37 55.45
N ALA B 273 63.01 57.34 56.32
CA ALA B 273 61.86 58.20 56.16
C ALA B 273 61.95 58.96 54.85
N GLN B 274 63.18 59.20 54.40
CA GLN B 274 63.43 59.93 53.16
C GLN B 274 63.43 59.06 51.90
N VAL B 275 63.74 57.77 52.06
CA VAL B 275 63.71 56.85 50.91
C VAL B 275 62.24 56.55 50.60
N VAL B 276 61.41 56.56 51.63
CA VAL B 276 59.99 56.33 51.48
C VAL B 276 59.37 57.54 50.78
N ILE B 277 59.46 58.69 51.44
CA ILE B 277 58.92 59.95 50.92
C ILE B 277 59.37 60.14 49.47
N GLU B 278 60.63 59.82 49.20
CA GLU B 278 61.19 59.92 47.86
C GLU B 278 60.43 59.02 46.89
N THR B 279 60.24 57.77 47.29
CA THR B 279 59.56 56.75 46.49
C THR B 279 58.10 57.05 46.13
N LEU B 280 57.36 57.66 47.07
CA LEU B 280 55.94 57.97 46.87
C LEU B 280 55.67 59.32 46.25
N ARG B 281 56.70 60.17 46.26
CA ARG B 281 56.58 61.52 45.73
C ARG B 281 56.06 61.54 44.29
N PRO B 282 56.75 60.84 43.40
CA PRO B 282 56.33 60.76 42.02
C PRO B 282 54.94 60.14 41.92
N ILE B 283 54.76 59.04 42.65
CA ILE B 283 53.49 58.32 42.69
C ILE B 283 52.32 59.23 43.10
N GLN B 284 52.46 59.86 44.26
CA GLN B 284 51.46 60.78 44.80
C GLN B 284 51.19 61.92 43.83
N GLU B 285 52.21 62.24 43.03
CA GLU B 285 52.12 63.34 42.08
C GLU B 285 51.20 63.10 40.89
N ARG B 286 51.31 61.93 40.27
CA ARG B 286 50.47 61.63 39.11
C ARG B 286 49.10 61.18 39.55
N TYR B 287 49.04 60.60 40.74
CA TYR B 287 47.79 60.12 41.32
C TYR B 287 46.83 61.28 41.16
N HIS B 288 47.24 62.43 41.68
CA HIS B 288 46.47 63.65 41.58
C HIS B 288 46.28 64.07 40.13
N HIS B 289 47.32 63.90 39.32
CA HIS B 289 47.21 64.26 37.90
C HIS B 289 46.01 63.51 37.31
N TRP B 290 45.96 62.22 37.60
CA TRP B 290 44.89 61.35 37.14
C TRP B 290 43.55 61.75 37.73
N MSE B 291 43.56 62.00 39.03
CA MSE B 291 42.35 62.34 39.77
C MSE B 291 41.63 63.62 39.36
O MSE B 291 40.55 63.92 39.87
CB MSE B 291 42.53 62.19 41.27
CG MSE B 291 42.61 60.77 41.77
SE MSE B 291 40.91 59.84 41.82
CE MSE B 291 40.15 60.72 43.35
N GLU B 292 42.23 64.37 38.44
CA GLU B 292 41.68 65.65 38.02
C GLU B 292 41.79 65.82 36.50
N SER B 293 42.04 64.71 35.80
CA SER B 293 41.80 64.64 34.36
C SER B 293 40.56 63.81 34.05
N GLU B 294 39.98 64.06 32.88
CA GLU B 294 38.97 63.16 32.32
C GLU B 294 39.61 62.15 31.38
N GLU B 295 40.94 62.15 31.31
CA GLU B 295 41.68 61.10 30.64
C GLU B 295 41.52 59.76 31.36
N LEU B 296 40.99 59.82 32.58
CA LEU B 296 40.96 58.64 33.45
C LEU B 296 39.66 57.87 33.26
N ASP B 297 38.55 58.58 33.21
CA ASP B 297 37.29 58.00 32.75
C ASP B 297 37.43 57.41 31.36
N ARG B 298 38.54 57.73 30.69
CA ARG B 298 38.74 57.32 29.30
C ARG B 298 39.56 56.04 29.23
N VAL B 299 40.59 55.95 30.07
CA VAL B 299 41.35 54.71 30.21
C VAL B 299 40.48 53.57 30.71
N LEU B 300 39.50 53.90 31.55
CA LEU B 300 38.62 52.90 32.12
C LEU B 300 37.66 52.33 31.08
N ASP B 301 37.14 53.20 30.23
CA ASP B 301 36.32 52.78 29.10
C ASP B 301 37.12 51.88 28.15
N GLU B 302 38.29 52.35 27.75
CA GLU B 302 39.21 51.54 26.96
C GLU B 302 39.37 50.15 27.55
N GLY B 303 39.44 50.07 28.88
CA GLY B 303 39.65 48.81 29.58
C GLY B 303 38.42 47.89 29.62
N ALA B 304 37.24 48.45 29.84
CA ALA B 304 36.03 47.64 29.88
C ALA B 304 35.70 47.13 28.47
N GLU B 305 35.96 47.97 27.47
CA GLU B 305 35.72 47.59 26.09
C GLU B 305 36.72 46.50 25.71
N LYS B 306 38.00 46.78 25.95
CA LYS B 306 39.09 45.84 25.71
C LYS B 306 38.76 44.49 26.36
N ALA B 307 38.16 44.56 27.54
CA ALA B 307 37.78 43.37 28.31
C ALA B 307 36.41 42.81 27.93
N ASN B 308 35.40 43.68 27.84
CA ASN B 308 34.05 43.25 27.47
C ASN B 308 34.14 42.53 26.14
N ARG B 309 35.18 42.87 25.37
CA ARG B 309 35.41 42.27 24.06
C ARG B 309 35.84 40.81 24.19
N VAL B 310 36.91 40.57 24.95
CA VAL B 310 37.43 39.20 25.19
C VAL B 310 36.45 38.33 25.97
N ALA B 311 35.86 38.91 27.02
CA ALA B 311 34.93 38.19 27.90
C ALA B 311 33.59 37.86 27.26
N SER B 312 33.16 38.69 26.31
CA SER B 312 31.87 38.46 25.65
C SER B 312 31.95 37.22 24.75
N GLU B 313 33.12 36.99 24.17
CA GLU B 313 33.31 35.83 23.31
C GLU B 313 33.30 34.55 24.12
N MSE B 314 33.92 34.57 25.30
CA MSE B 314 33.96 33.40 26.17
C MSE B 314 32.54 32.98 26.56
O MSE B 314 32.16 31.81 26.44
CB MSE B 314 34.78 33.60 27.44
CG MSE B 314 34.75 32.42 28.36
SE MSE B 314 35.45 30.79 27.54
CE MSE B 314 37.31 31.09 27.86
N VAL B 315 31.76 33.94 27.04
CA VAL B 315 30.37 33.68 27.42
C VAL B 315 29.66 33.04 26.24
N ARG B 316 29.92 33.55 25.04
CA ARG B 316 29.32 33.04 23.81
C ARG B 316 29.60 31.56 23.65
N LYS B 317 30.87 31.19 23.84
CA LYS B 317 31.31 29.81 23.72
C LYS B 317 30.74 28.95 24.86
N MSE B 318 30.61 29.56 26.03
CA MSE B 318 30.10 28.88 27.21
C MSE B 318 28.66 28.41 27.06
O MSE B 318 28.33 27.28 27.42
CB MSE B 318 30.23 29.77 28.43
CG MSE B 318 31.52 29.66 29.17
SE MSE B 318 31.67 30.94 30.62
CE MSE B 318 30.90 29.88 32.02
N GLU B 319 27.80 29.28 26.55
CA GLU B 319 26.39 28.93 26.35
C GLU B 319 26.23 27.97 25.19
N GLN B 320 27.00 28.24 24.14
CA GLN B 320 26.99 27.42 22.93
C GLN B 320 27.17 25.98 23.43
N ALA B 321 28.10 25.83 24.36
CA ALA B 321 28.41 24.56 24.98
C ALA B 321 27.26 24.04 25.87
N MSE B 322 26.72 24.92 26.71
CA MSE B 322 25.62 24.54 27.60
C MSE B 322 24.28 24.45 26.86
O MSE B 322 23.36 23.73 27.28
CB MSE B 322 25.54 25.44 28.81
CG MSE B 322 26.77 25.44 29.69
SE MSE B 322 26.56 26.44 31.34
CE MSE B 322 25.68 25.12 32.41
N GLY B 323 24.18 25.17 25.75
CA GLY B 323 22.96 25.18 24.95
C GLY B 323 22.03 26.35 25.30
N LEU B 324 22.59 27.49 25.64
CA LEU B 324 21.80 28.67 26.01
C LEU B 324 21.48 29.59 24.83
N GLY B 325 20.20 29.93 24.68
CA GLY B 325 19.75 30.85 23.64
C GLY B 325 19.86 30.34 22.20
N ARG B 326 20.74 30.98 21.43
CA ARG B 326 20.93 30.65 20.02
C ARG B 326 22.34 31.02 19.55
N MSE C 1 20.52 29.17 -12.27
CA MSE C 1 21.57 30.10 -12.66
C MSE C 1 21.04 31.53 -12.61
O MSE C 1 19.93 31.79 -12.15
CB MSE C 1 22.06 29.78 -14.06
CG MSE C 1 22.14 28.30 -14.37
SE MSE C 1 21.66 27.78 -16.19
CE MSE C 1 20.13 26.69 -15.82
N LYS C 2 21.83 32.47 -13.11
CA LYS C 2 21.38 33.85 -13.15
C LYS C 2 20.29 33.96 -14.23
N THR C 3 19.37 34.90 -14.04
CA THR C 3 18.28 35.07 -14.98
C THR C 3 18.41 36.32 -15.83
N ILE C 4 18.20 36.14 -17.13
CA ILE C 4 18.22 37.23 -18.09
C ILE C 4 16.86 37.34 -18.72
N PHE C 5 16.28 38.53 -18.66
CA PHE C 5 14.97 38.78 -19.27
C PHE C 5 15.10 39.82 -20.36
N SER C 6 14.62 39.47 -21.55
CA SER C 6 14.66 40.37 -22.69
C SER C 6 13.27 40.54 -23.29
N GLY C 7 12.86 41.79 -23.45
CA GLY C 7 11.56 42.11 -24.03
C GLY C 7 11.75 42.64 -25.45
N ILE C 8 11.14 41.99 -26.42
CA ILE C 8 11.25 42.41 -27.80
C ILE C 8 9.96 42.98 -28.32
N GLN C 9 10.04 44.16 -28.94
CA GLN C 9 8.94 44.69 -29.75
C GLN C 9 8.75 43.85 -31.01
N THR C 15 17.51 44.51 -37.70
CA THR C 15 18.70 44.67 -38.52
C THR C 15 19.86 43.87 -37.95
N ILE C 16 21.00 43.92 -38.64
CA ILE C 16 22.16 43.12 -38.27
C ILE C 16 23.04 43.80 -37.24
N GLY C 17 22.78 45.08 -37.00
CA GLY C 17 23.35 45.76 -35.85
C GLY C 17 22.75 45.19 -34.59
N ASN C 18 21.45 44.90 -34.62
CA ASN C 18 20.86 43.94 -33.71
C ASN C 18 21.59 42.60 -33.70
N TYR C 19 21.91 42.11 -34.90
CA TYR C 19 22.49 40.77 -35.03
C TYR C 19 23.84 40.69 -34.33
N ILE C 20 24.53 41.82 -34.25
CA ILE C 20 25.91 41.84 -33.78
C ILE C 20 26.02 42.32 -32.34
N GLY C 21 25.03 43.11 -31.93
CA GLY C 21 24.97 43.60 -30.56
C GLY C 21 24.49 42.54 -29.59
N ALA C 22 23.21 42.17 -29.70
CA ALA C 22 22.44 41.71 -28.57
C ALA C 22 21.92 40.30 -28.80
N LEU C 23 21.57 39.99 -30.05
CA LEU C 23 20.97 38.70 -30.39
C LEU C 23 22.03 37.61 -30.45
N ARG C 24 23.27 38.00 -30.75
CA ARG C 24 24.31 37.03 -31.05
C ARG C 24 24.77 36.30 -29.79
N GLN C 25 24.98 37.06 -28.72
CA GLN C 25 25.54 36.52 -27.49
C GLN C 25 24.79 35.27 -27.04
N PHE C 26 23.49 35.26 -27.28
CA PHE C 26 22.57 34.49 -26.43
C PHE C 26 22.43 33.06 -26.93
N VAL C 27 22.81 32.83 -28.19
CA VAL C 27 22.88 31.48 -28.73
C VAL C 27 23.67 30.56 -27.81
N GLU C 28 24.61 31.13 -27.07
CA GLU C 28 25.42 30.36 -26.14
C GLU C 28 25.36 30.93 -24.73
N LEU C 29 24.78 32.12 -24.61
CA LEU C 29 24.38 32.65 -23.31
C LEU C 29 23.20 31.88 -22.73
N GLN C 30 22.36 31.36 -23.61
CA GLN C 30 21.20 30.58 -23.20
C GLN C 30 21.63 29.29 -22.50
N HIS C 31 22.91 28.95 -22.62
CA HIS C 31 23.42 27.69 -22.09
C HIS C 31 23.95 27.87 -20.68
N GLU C 32 24.31 29.10 -20.33
CA GLU C 32 24.95 29.39 -19.05
C GLU C 32 24.08 30.26 -18.17
N TYR C 33 22.95 30.70 -18.72
CA TYR C 33 22.01 31.53 -17.98
C TYR C 33 20.60 31.01 -18.17
N ASN C 34 19.68 31.53 -17.36
CA ASN C 34 18.28 31.24 -17.56
C ASN C 34 17.76 32.47 -18.29
N CYS C 35 17.52 32.32 -19.60
CA CYS C 35 17.10 33.43 -20.43
C CYS C 35 15.64 33.41 -20.83
N TYR C 36 15.02 34.58 -20.83
CA TYR C 36 13.63 34.76 -21.20
C TYR C 36 13.54 35.73 -22.36
N PHE C 37 12.83 35.32 -23.40
CA PHE C 37 12.61 36.17 -24.56
C PHE C 37 11.13 36.46 -24.70
N CYS C 38 10.74 37.62 -24.20
CA CYS C 38 9.36 38.04 -24.23
C CYS C 38 9.05 38.88 -25.45
N ILE C 39 8.08 38.44 -26.25
CA ILE C 39 7.59 39.22 -27.38
C ILE C 39 6.51 40.09 -26.76
N VAL C 40 6.87 41.35 -26.48
CA VAL C 40 5.98 42.26 -25.78
C VAL C 40 4.87 42.88 -26.65
N ASP C 41 3.89 42.07 -27.02
CA ASP C 41 2.77 42.51 -27.85
C ASP C 41 1.85 43.49 -27.12
N GLN C 42 1.90 43.48 -25.80
CA GLN C 42 1.05 44.38 -25.02
C GLN C 42 1.64 45.79 -24.97
N HIS C 43 2.95 45.88 -25.09
CA HIS C 43 3.63 47.16 -25.13
C HIS C 43 3.40 47.79 -26.51
N ALA C 44 3.31 46.92 -27.51
CA ALA C 44 3.08 47.34 -28.89
C ALA C 44 1.80 48.15 -29.11
N ILE C 45 0.74 47.83 -28.36
CA ILE C 45 -0.54 48.53 -28.49
C ILE C 45 -0.61 49.88 -27.78
N THR C 46 0.52 50.36 -27.27
CA THR C 46 0.58 51.66 -26.61
C THR C 46 0.46 52.67 -27.74
N VAL C 47 0.77 52.21 -28.94
CA VAL C 47 0.65 52.99 -30.15
C VAL C 47 -0.25 52.26 -31.12
N TRP C 48 -0.75 52.99 -32.13
CA TRP C 48 -1.59 52.40 -33.16
C TRP C 48 -0.92 51.18 -33.79
N GLN C 49 -1.63 50.06 -33.79
CA GLN C 49 -1.25 48.92 -34.61
C GLN C 49 -2.39 48.48 -35.53
N ASP C 50 -2.05 48.16 -36.77
CA ASP C 50 -2.92 47.35 -37.62
C ASP C 50 -2.92 45.89 -37.16
N PRO C 51 -4.11 45.37 -36.87
CA PRO C 51 -4.24 44.11 -36.14
C PRO C 51 -3.61 42.94 -36.91
N HIS C 52 -3.73 42.96 -38.22
CA HIS C 52 -3.17 41.90 -39.06
C HIS C 52 -1.65 41.94 -39.08
N GLU C 53 -1.11 43.14 -39.21
CA GLU C 53 0.33 43.32 -39.23
C GLU C 53 0.93 42.89 -37.90
N LEU C 54 0.35 43.41 -36.82
CA LEU C 54 0.80 43.09 -35.47
C LEU C 54 0.88 41.56 -35.32
N ARG C 55 -0.28 40.93 -35.44
CA ARG C 55 -0.41 39.48 -35.35
C ARG C 55 0.66 38.78 -36.16
N GLN C 56 0.91 39.32 -37.35
CA GLN C 56 1.87 38.77 -38.29
C GLN C 56 3.32 38.94 -37.84
N ASN C 57 3.65 40.12 -37.33
CA ASN C 57 5.01 40.44 -36.86
C ASN C 57 5.41 39.68 -35.60
N ILE C 58 4.41 39.28 -34.81
CA ILE C 58 4.65 38.53 -33.58
C ILE C 58 5.24 37.18 -33.95
N ARG C 59 4.72 36.63 -35.04
CA ARG C 59 5.12 35.33 -35.55
C ARG C 59 6.49 35.36 -36.21
N ARG C 60 6.75 36.39 -37.00
CA ARG C 60 8.02 36.53 -37.71
C ARG C 60 9.14 36.74 -36.72
N LEU C 61 8.87 37.51 -35.67
CA LEU C 61 9.86 37.76 -34.64
C LEU C 61 10.24 36.45 -33.96
N ALA C 62 9.22 35.70 -33.57
CA ALA C 62 9.42 34.42 -32.91
C ALA C 62 10.26 33.47 -33.77
N ALA C 63 9.89 33.35 -35.04
CA ALA C 63 10.61 32.49 -35.99
C ALA C 63 12.04 32.97 -36.30
N LEU C 64 12.27 34.26 -36.13
CA LEU C 64 13.59 34.85 -36.39
C LEU C 64 14.54 34.57 -35.24
N TYR C 65 13.99 34.62 -34.04
CA TYR C 65 14.76 34.36 -32.82
C TYR C 65 15.17 32.90 -32.78
N LEU C 66 14.28 32.04 -33.26
CA LEU C 66 14.54 30.61 -33.34
C LEU C 66 15.52 30.30 -34.46
N ALA C 67 15.36 31.00 -35.57
CA ALA C 67 16.23 30.82 -36.73
C ALA C 67 17.63 31.30 -36.42
N VAL C 68 17.73 32.36 -35.62
CA VAL C 68 19.03 32.91 -35.21
C VAL C 68 19.81 31.88 -34.36
N GLY C 69 19.08 31.04 -33.64
CA GLY C 69 19.71 30.02 -32.81
C GLY C 69 19.15 29.94 -31.38
N ILE C 70 18.21 30.80 -31.03
CA ILE C 70 17.63 30.73 -29.69
C ILE C 70 17.06 29.32 -29.54
N ASP C 71 17.54 28.59 -28.54
CA ASP C 71 17.09 27.20 -28.34
C ASP C 71 15.98 27.05 -27.29
N PRO C 72 14.81 26.63 -27.76
CA PRO C 72 13.62 26.44 -26.93
C PRO C 72 13.79 25.47 -25.76
N THR C 73 14.73 24.54 -25.90
CA THR C 73 15.03 23.57 -24.85
C THR C 73 15.96 24.21 -23.83
N GLN C 74 16.49 25.38 -24.20
CA GLN C 74 17.43 26.12 -23.37
C GLN C 74 16.77 27.37 -22.79
N ALA C 75 16.07 28.11 -23.64
CA ALA C 75 15.43 29.34 -23.21
C ALA C 75 13.92 29.28 -23.29
N THR C 76 13.29 30.32 -22.75
CA THR C 76 11.84 30.47 -22.78
C THR C 76 11.54 31.59 -23.76
N LEU C 77 10.90 31.25 -24.86
CA LEU C 77 10.52 32.24 -25.84
C LEU C 77 9.00 32.22 -25.82
N PHE C 78 8.40 33.31 -25.36
CA PHE C 78 6.95 33.38 -25.25
C PHE C 78 6.39 34.71 -25.69
N ILE C 79 5.06 34.76 -25.79
CA ILE C 79 4.34 35.97 -26.15
C ILE C 79 3.74 36.55 -24.87
N GLN C 80 4.13 37.78 -24.56
CA GLN C 80 3.68 38.47 -23.34
C GLN C 80 2.20 38.38 -23.00
N SER C 81 1.34 38.63 -23.98
CA SER C 81 -0.10 38.61 -23.74
C SER C 81 -0.66 37.28 -23.27
N GLU C 82 0.09 36.22 -23.53
CA GLU C 82 -0.31 34.87 -23.18
C GLU C 82 -0.02 34.50 -21.73
N VAL C 83 0.63 35.42 -21.02
CA VAL C 83 0.93 35.27 -19.60
C VAL C 83 0.21 36.43 -18.91
N PRO C 84 -0.95 36.14 -18.34
CA PRO C 84 -1.77 37.14 -17.69
C PRO C 84 -1.11 37.72 -16.45
N ALA C 85 -0.23 36.93 -15.83
CA ALA C 85 0.48 37.36 -14.63
C ALA C 85 1.13 38.72 -14.84
N HIS C 86 1.35 39.03 -16.11
CA HIS C 86 1.97 40.28 -16.54
C HIS C 86 1.09 41.51 -16.32
N ALA C 87 -0.16 41.44 -16.76
CA ALA C 87 -1.08 42.55 -16.58
C ALA C 87 -1.56 42.65 -15.14
N GLN C 88 -1.40 41.55 -14.42
CA GLN C 88 -1.77 41.48 -13.01
C GLN C 88 -0.72 42.16 -12.14
N ALA C 89 0.53 41.74 -12.28
CA ALA C 89 1.63 42.33 -11.51
C ALA C 89 1.79 43.79 -11.89
N ALA C 90 1.53 44.10 -13.16
CA ALA C 90 1.62 45.46 -13.69
C ALA C 90 0.62 46.40 -13.03
N TRP C 91 -0.54 45.89 -12.66
CA TRP C 91 -1.57 46.68 -12.01
C TRP C 91 -1.15 47.06 -10.60
N MSE C 92 -0.67 46.07 -9.86
CA MSE C 92 -0.21 46.26 -8.48
C MSE C 92 0.93 47.26 -8.44
O MSE C 92 1.01 48.11 -7.55
CB MSE C 92 0.28 44.94 -7.92
CG MSE C 92 -0.70 43.81 -8.02
SE MSE C 92 -0.28 42.33 -6.83
CE MSE C 92 -0.16 40.96 -8.19
N LEU C 93 1.83 47.16 -9.43
CA LEU C 93 2.99 48.05 -9.51
C LEU C 93 2.57 49.47 -9.81
N GLN C 94 1.48 49.60 -10.59
CA GLN C 94 0.92 50.88 -10.94
C GLN C 94 0.38 51.52 -9.68
N CYS C 95 0.10 50.69 -8.69
CA CYS C 95 -0.44 51.14 -7.43
C CYS C 95 0.62 51.63 -6.44
N ILE C 96 1.88 51.27 -6.70
CA ILE C 96 2.98 51.70 -5.83
C ILE C 96 3.85 52.77 -6.49
N VAL C 97 3.76 52.88 -7.81
CA VAL C 97 4.52 53.89 -8.54
C VAL C 97 3.81 55.23 -8.36
N TYR C 98 4.54 56.32 -8.56
CA TYR C 98 3.96 57.66 -8.44
C TYR C 98 3.80 58.25 -9.82
N ILE C 99 2.82 59.12 -9.98
CA ILE C 99 2.58 59.78 -11.25
C ILE C 99 3.78 60.62 -11.67
N GLY C 100 4.46 61.22 -10.69
CA GLY C 100 5.64 62.03 -10.97
C GLY C 100 6.73 61.17 -11.60
N GLU C 101 6.96 60.00 -11.03
CA GLU C 101 7.96 59.09 -11.57
C GLU C 101 7.69 58.85 -13.05
N LEU C 102 6.44 58.51 -13.36
CA LEU C 102 6.03 58.27 -14.74
C LEU C 102 6.19 59.47 -15.66
N GLU C 103 5.80 60.64 -15.18
CA GLU C 103 5.89 61.86 -15.98
C GLU C 103 7.35 62.22 -16.27
N ARG C 104 8.17 62.15 -15.23
CA ARG C 104 9.57 62.45 -15.34
C ARG C 104 10.23 61.53 -16.36
N MSE C 105 9.56 60.42 -16.68
CA MSE C 105 10.08 59.51 -17.69
C MSE C 105 10.30 60.34 -18.96
O MSE C 105 9.35 60.91 -19.50
CB MSE C 105 9.13 58.38 -18.01
CG MSE C 105 9.74 57.05 -18.38
SE MSE C 105 10.80 56.36 -16.90
CE MSE C 105 9.81 57.25 -15.55
N THR C 106 11.54 60.40 -19.42
CA THR C 106 11.90 61.26 -20.54
C THR C 106 10.97 61.04 -21.73
N GLN C 107 10.94 59.82 -22.24
CA GLN C 107 10.29 59.53 -23.52
C GLN C 107 8.91 60.16 -23.58
N VAL C 118 -3.37 62.02 -25.68
CA VAL C 118 -2.35 60.99 -25.67
C VAL C 118 -2.92 59.75 -25.00
N SER C 119 -2.64 58.58 -25.57
CA SER C 119 -3.12 57.34 -25.00
C SER C 119 -2.47 57.20 -23.64
N ALA C 120 -3.25 56.85 -22.63
CA ALA C 120 -2.73 56.70 -21.28
C ALA C 120 -1.65 55.61 -21.20
N GLY C 121 -1.66 54.71 -22.18
CA GLY C 121 -0.69 53.63 -22.24
C GLY C 121 0.72 54.16 -22.47
N LEU C 122 0.83 55.35 -23.04
CA LEU C 122 2.12 55.98 -23.33
C LEU C 122 2.76 56.52 -22.05
N LEU C 123 1.98 56.57 -21.00
CA LEU C 123 2.43 57.10 -19.72
C LEU C 123 2.58 56.00 -18.68
N THR C 124 1.80 54.94 -18.84
CA THR C 124 1.72 53.85 -17.87
C THR C 124 2.41 52.53 -18.20
N TYR C 125 3.02 52.44 -19.38
CA TYR C 125 3.71 51.22 -19.79
C TYR C 125 4.98 50.86 -18.99
N PRO C 126 5.56 51.83 -18.28
CA PRO C 126 6.76 51.53 -17.51
C PRO C 126 6.60 50.49 -16.40
N PRO C 127 5.44 50.46 -15.75
CA PRO C 127 5.19 49.49 -14.68
C PRO C 127 4.89 48.11 -15.24
N LEU C 128 4.56 48.07 -16.52
CA LEU C 128 4.29 46.82 -17.21
C LEU C 128 5.65 46.21 -17.59
N MSE C 129 6.57 47.10 -17.94
CA MSE C 129 7.93 46.72 -18.30
C MSE C 129 8.69 46.30 -17.04
O MSE C 129 9.59 45.46 -17.08
CB MSE C 129 8.65 47.88 -18.97
CG MSE C 129 10.15 47.80 -18.91
SE MSE C 129 11.05 48.95 -20.22
CE MSE C 129 12.77 48.09 -20.25
N ALA C 130 8.33 46.90 -15.91
CA ALA C 130 8.93 46.55 -14.63
C ALA C 130 8.41 45.17 -14.25
N ALA C 131 7.09 45.02 -14.34
CA ALA C 131 6.43 43.74 -14.06
C ALA C 131 7.01 42.62 -14.93
N ASP C 132 7.20 42.93 -16.21
CA ASP C 132 7.80 42.02 -17.18
C ASP C 132 9.09 41.42 -16.59
N ILE C 133 9.94 42.30 -16.08
CA ILE C 133 11.22 41.93 -15.50
C ILE C 133 11.11 41.23 -14.14
N LEU C 134 10.66 41.97 -13.12
CA LEU C 134 10.54 41.43 -11.78
C LEU C 134 9.86 40.08 -11.60
N LEU C 135 8.89 39.76 -12.45
CA LEU C 135 8.13 38.51 -12.33
C LEU C 135 8.99 37.26 -12.32
N TYR C 136 10.13 37.33 -13.00
CA TYR C 136 11.00 36.18 -13.18
C TYR C 136 12.28 36.23 -12.35
N ASN C 137 12.30 37.12 -11.36
CA ASN C 137 13.48 37.24 -10.51
C ASN C 137 14.73 37.41 -11.38
N THR C 138 14.64 38.29 -12.38
CA THR C 138 15.78 38.50 -13.26
C THR C 138 16.89 39.31 -12.63
N ASP C 139 18.11 38.92 -12.98
CA ASP C 139 19.32 39.54 -12.48
C ASP C 139 19.84 40.55 -13.50
N ILE C 140 19.83 40.17 -14.76
CA ILE C 140 20.30 41.03 -15.84
C ILE C 140 19.23 41.33 -16.88
N VAL C 141 19.25 42.57 -17.38
CA VAL C 141 18.37 42.98 -18.46
C VAL C 141 19.30 43.57 -19.52
N PRO C 142 19.34 42.92 -20.68
CA PRO C 142 20.21 43.35 -21.77
C PRO C 142 19.59 44.49 -22.56
N VAL C 143 19.75 45.71 -22.06
CA VAL C 143 19.18 46.88 -22.73
C VAL C 143 20.16 48.02 -22.93
N GLY C 144 19.93 48.82 -23.97
CA GLY C 144 20.79 49.95 -24.27
C GLY C 144 20.72 50.96 -23.13
N GLU C 145 21.24 52.15 -23.38
CA GLU C 145 21.28 53.22 -22.38
C GLU C 145 20.04 54.11 -22.47
N ASP C 146 19.26 53.91 -23.53
CA ASP C 146 18.02 54.64 -23.73
C ASP C 146 16.98 54.05 -22.78
N GLN C 147 17.34 52.95 -22.14
CA GLN C 147 16.47 52.25 -21.20
C GLN C 147 16.98 52.43 -19.78
N LYS C 148 18.13 53.07 -19.66
CA LYS C 148 18.77 53.34 -18.37
C LYS C 148 17.73 53.77 -17.34
N GLN C 149 16.97 54.78 -17.75
CA GLN C 149 15.92 55.35 -16.92
C GLN C 149 14.79 54.38 -16.58
N HIS C 150 14.46 53.48 -17.51
CA HIS C 150 13.40 52.52 -17.25
C HIS C 150 13.83 51.53 -16.17
N ILE C 151 15.09 51.11 -16.25
CA ILE C 151 15.65 50.16 -15.29
C ILE C 151 15.81 50.77 -13.89
N GLU C 152 16.30 51.99 -13.83
CA GLU C 152 16.47 52.65 -12.54
C GLU C 152 15.10 52.71 -11.86
N LEU C 153 14.06 52.82 -12.67
CA LEU C 153 12.70 52.86 -12.16
C LEU C 153 12.13 51.52 -11.70
N THR C 154 12.52 50.43 -12.36
CA THR C 154 12.06 49.09 -11.94
C THR C 154 12.88 48.61 -10.74
N ARG C 155 14.03 49.26 -10.54
CA ARG C 155 14.90 48.96 -9.41
C ARG C 155 14.37 49.69 -8.18
N ASP C 156 13.79 50.87 -8.43
CA ASP C 156 13.19 51.69 -7.37
C ASP C 156 11.89 51.05 -6.89
N LEU C 157 11.13 50.52 -7.84
CA LEU C 157 9.84 49.87 -7.54
C LEU C 157 10.01 48.58 -6.74
N ALA C 158 10.96 47.75 -7.14
CA ALA C 158 11.23 46.51 -6.44
C ALA C 158 11.60 46.88 -5.01
N GLU C 159 12.62 47.72 -4.92
CA GLU C 159 13.17 48.26 -3.69
C GLU C 159 12.08 48.66 -2.72
N ARG C 160 11.20 49.50 -3.23
CA ARG C 160 10.08 50.04 -2.47
C ARG C 160 9.12 48.95 -2.04
N PHE C 161 8.93 47.96 -2.90
CA PHE C 161 8.03 46.85 -2.59
C PHE C 161 8.65 45.96 -1.51
N ASN C 162 9.94 45.72 -1.66
CA ASN C 162 10.70 44.90 -0.74
C ASN C 162 10.76 45.50 0.66
N LYS C 163 11.01 46.81 0.72
CA LYS C 163 11.06 47.52 2.01
C LYS C 163 9.72 47.46 2.72
N ARG C 164 8.65 47.53 1.96
CA ARG C 164 7.31 47.52 2.51
C ARG C 164 6.81 46.15 2.94
N TYR C 165 6.74 45.22 1.99
CA TYR C 165 6.19 43.90 2.27
C TYR C 165 7.22 42.85 2.66
N GLY C 166 8.50 43.16 2.46
CA GLY C 166 9.56 42.22 2.74
C GLY C 166 10.22 41.82 1.43
N GLU C 167 11.46 41.34 1.50
CA GLU C 167 12.20 40.96 0.31
C GLU C 167 11.70 39.81 -0.56
N LEU C 168 11.16 40.16 -1.72
CA LEU C 168 10.58 39.19 -2.64
C LEU C 168 11.11 39.35 -4.06
N PHE C 169 11.42 40.59 -4.41
CA PHE C 169 11.92 40.90 -5.74
C PHE C 169 13.45 40.91 -5.74
N THR C 170 14.03 40.59 -6.89
CA THR C 170 15.45 40.65 -7.09
C THR C 170 15.68 42.00 -7.74
N ILE C 171 16.69 42.75 -7.29
CA ILE C 171 16.98 44.02 -7.92
C ILE C 171 17.84 43.71 -9.14
N PRO C 172 17.37 44.10 -10.31
CA PRO C 172 18.04 43.81 -11.56
C PRO C 172 18.95 44.93 -12.01
N GLU C 173 19.87 44.60 -12.91
CA GLU C 173 20.80 45.57 -13.46
C GLU C 173 20.84 45.45 -14.98
N ALA C 174 20.98 46.60 -15.64
CA ALA C 174 21.05 46.63 -17.09
C ALA C 174 22.49 46.49 -17.52
N ARG C 175 22.76 45.41 -18.23
CA ARG C 175 24.09 45.11 -18.71
C ARG C 175 23.88 44.12 -19.84
N ILE C 176 24.62 44.32 -20.92
CA ILE C 176 24.58 43.40 -22.02
C ILE C 176 25.85 42.61 -21.97
N PRO C 177 25.71 41.32 -21.73
CA PRO C 177 26.87 40.48 -21.46
C PRO C 177 27.59 40.19 -22.75
N ARG C 182 29.08 48.67 -31.58
CA ARG C 182 27.89 49.44 -31.90
C ARG C 182 27.81 49.76 -33.36
N ILE C 183 26.80 49.25 -34.02
CA ILE C 183 26.65 49.40 -35.46
C ILE C 183 25.96 50.69 -35.86
N MSE C 184 26.60 51.45 -36.73
CA MSE C 184 26.05 52.72 -37.20
C MSE C 184 25.32 52.54 -38.53
O MSE C 184 25.47 51.52 -39.21
CB MSE C 184 27.16 53.74 -37.40
CG MSE C 184 28.11 53.90 -36.24
SE MSE C 184 27.18 54.41 -34.60
CE MSE C 184 28.60 53.99 -33.37
N SER C 185 24.56 53.55 -38.90
CA SER C 185 23.82 53.54 -40.14
C SER C 185 24.81 53.53 -41.29
N LEU C 186 24.38 53.00 -42.44
CA LEU C 186 25.24 52.90 -43.60
C LEU C 186 25.19 54.18 -44.43
N VAL C 187 24.22 55.04 -44.14
CA VAL C 187 24.11 56.33 -44.80
C VAL C 187 24.52 57.47 -43.88
N ASP C 188 24.27 57.30 -42.59
CA ASP C 188 24.93 58.10 -41.57
C ASP C 188 25.88 57.24 -40.73
N PRO C 189 27.18 57.39 -40.97
CA PRO C 189 28.20 56.77 -40.12
C PRO C 189 28.04 57.17 -38.66
N THR C 190 27.27 58.22 -38.41
CA THR C 190 27.27 58.87 -37.10
C THR C 190 25.98 58.57 -36.36
N LYS C 191 24.92 58.26 -37.10
CA LYS C 191 23.72 57.67 -36.52
C LYS C 191 23.92 56.20 -36.20
N LYS C 192 23.25 55.72 -35.15
CA LYS C 192 23.09 54.29 -34.92
C LYS C 192 22.21 53.65 -35.98
N MSE C 193 22.45 52.39 -36.27
CA MSE C 193 21.63 51.64 -37.22
C MSE C 193 20.29 51.36 -36.55
O MSE C 193 20.25 50.83 -35.44
CB MSE C 193 22.27 50.34 -37.64
CG MSE C 193 21.53 49.59 -38.72
SE MSE C 193 22.35 47.90 -39.25
CE MSE C 193 23.59 48.55 -40.57
N SER C 194 19.21 51.72 -37.23
CA SER C 194 17.88 51.53 -36.69
C SER C 194 16.89 51.12 -37.78
N LYS C 195 16.25 49.97 -37.59
CA LYS C 195 15.19 49.53 -38.47
C LYS C 195 14.13 50.62 -38.66
N SER C 196 13.96 51.45 -37.64
CA SER C 196 12.99 52.53 -37.68
C SER C 196 13.46 53.68 -38.56
N ASP C 197 14.60 53.48 -39.21
CA ASP C 197 15.17 54.51 -40.08
C ASP C 197 14.30 54.67 -41.33
N PRO C 198 14.01 55.92 -41.65
CA PRO C 198 13.18 56.29 -42.80
C PRO C 198 13.83 55.89 -44.12
N ASN C 199 15.15 55.93 -44.17
CA ASN C 199 15.92 55.51 -45.36
C ASN C 199 16.26 54.04 -45.13
N PRO C 200 15.71 53.16 -45.95
CA PRO C 200 15.94 51.72 -45.81
C PRO C 200 17.34 51.30 -46.24
N LYS C 201 18.12 52.27 -46.71
CA LYS C 201 19.50 52.00 -47.13
C LYS C 201 20.45 52.14 -45.92
N ALA C 202 19.91 52.61 -44.80
CA ALA C 202 20.68 52.84 -43.59
C ALA C 202 20.92 51.58 -42.75
N TYR C 203 20.13 50.54 -43.00
CA TYR C 203 20.25 49.32 -42.22
C TYR C 203 20.15 48.07 -43.08
N ILE C 204 20.65 46.97 -42.56
CA ILE C 204 20.53 45.68 -43.22
C ILE C 204 19.71 44.81 -42.28
N THR C 205 18.67 44.22 -42.83
CA THR C 205 17.77 43.36 -42.08
C THR C 205 18.26 41.92 -42.18
N LEU C 206 17.88 41.12 -41.20
CA LEU C 206 18.26 39.72 -41.16
C LEU C 206 17.55 38.97 -42.28
N LEU C 207 16.53 39.60 -42.85
CA LEU C 207 15.73 39.00 -43.91
C LEU C 207 15.99 39.60 -45.29
N ASP C 208 16.95 40.50 -45.38
CA ASP C 208 17.28 41.10 -46.67
C ASP C 208 17.87 40.02 -47.59
N ASP C 209 17.55 40.10 -48.88
CA ASP C 209 18.07 39.13 -49.86
C ASP C 209 19.44 39.55 -50.36
N ALA C 210 20.21 38.56 -50.81
CA ALA C 210 21.57 38.77 -51.31
C ALA C 210 21.79 40.02 -52.16
N LYS C 211 20.75 40.41 -52.91
CA LYS C 211 20.83 41.58 -53.78
C LYS C 211 20.71 42.91 -53.05
N THR C 212 19.89 42.94 -52.00
CA THR C 212 19.70 44.15 -51.19
C THR C 212 20.94 44.35 -50.32
N ILE C 213 21.40 43.26 -49.71
CA ILE C 213 22.59 43.29 -48.87
C ILE C 213 23.74 43.87 -49.66
N GLU C 214 23.96 43.31 -50.84
CA GLU C 214 25.03 43.72 -51.74
C GLU C 214 24.90 45.18 -52.17
N LYS C 215 23.71 45.55 -52.64
CA LYS C 215 23.48 46.91 -53.13
C LYS C 215 23.62 47.93 -52.01
N LYS C 216 23.10 47.56 -50.84
CA LYS C 216 23.22 48.37 -49.64
C LYS C 216 24.64 48.57 -49.12
N ILE C 217 25.51 47.59 -49.31
CA ILE C 217 26.88 47.68 -48.84
C ILE C 217 27.74 48.58 -49.72
N LYS C 218 27.50 48.50 -51.02
CA LYS C 218 28.23 49.27 -52.03
C LYS C 218 27.89 50.75 -51.95
N SER C 219 26.72 51.04 -51.41
CA SER C 219 26.23 52.40 -51.28
C SER C 219 26.62 52.97 -49.92
N SER C 224 37.47 60.14 -48.63
CA SER C 224 38.28 60.45 -49.81
C SER C 224 39.69 59.89 -49.68
N GLU C 225 40.03 59.45 -48.47
CA GLU C 225 41.42 59.17 -48.13
C GLU C 225 41.88 57.85 -48.73
N GLY C 226 40.99 56.86 -48.75
CA GLY C 226 41.15 55.69 -49.58
C GLY C 226 41.69 54.50 -48.82
N THR C 227 41.70 54.61 -47.49
CA THR C 227 42.60 53.81 -46.67
C THR C 227 41.83 53.00 -45.63
N ILE C 228 42.16 51.72 -45.50
CA ILE C 228 41.38 50.80 -44.70
C ILE C 228 41.94 50.71 -43.27
N ARG C 229 41.45 51.59 -42.40
CA ARG C 229 41.87 51.58 -41.01
C ARG C 229 40.79 52.16 -40.10
N TYR C 230 40.86 51.83 -38.81
CA TYR C 230 39.72 51.96 -37.92
C TYR C 230 39.77 53.26 -37.13
N GLY C 237 32.90 55.84 -41.17
CA GLY C 237 32.03 54.96 -41.92
C GLY C 237 32.71 53.66 -42.30
N ILE C 238 33.93 53.75 -42.80
CA ILE C 238 34.75 52.58 -43.05
C ILE C 238 34.88 51.72 -41.80
N SER C 239 34.80 52.35 -40.64
CA SER C 239 35.16 51.71 -39.38
C SER C 239 33.95 51.05 -38.74
N ASN C 240 32.75 51.53 -39.09
CA ASN C 240 31.56 50.71 -39.08
C ASN C 240 31.74 49.42 -39.86
N LEU C 241 32.26 49.54 -41.08
CA LEU C 241 32.39 48.40 -41.98
C LEU C 241 33.34 47.35 -41.41
N LEU C 242 34.43 47.81 -40.81
CA LEU C 242 35.39 46.92 -40.16
C LEU C 242 34.76 46.20 -38.97
N ASN C 243 34.06 46.97 -38.14
CA ASN C 243 33.27 46.38 -37.06
C ASN C 243 32.34 45.28 -37.55
N ILE C 244 31.57 45.57 -38.58
CA ILE C 244 30.63 44.61 -39.14
C ILE C 244 31.37 43.40 -39.71
N TYR C 245 32.37 43.69 -40.51
CA TYR C 245 33.21 42.70 -41.16
C TYR C 245 33.88 41.77 -40.14
N SER C 246 34.58 42.40 -39.20
CA SER C 246 35.35 41.71 -38.17
C SER C 246 34.59 40.81 -37.19
N THR C 247 33.37 41.20 -36.83
CA THR C 247 32.57 40.42 -35.89
C THR C 247 31.89 39.26 -36.60
N LEU C 248 31.43 39.54 -37.81
CA LEU C 248 30.73 38.59 -38.65
C LEU C 248 31.65 37.51 -39.18
N SER C 249 32.90 37.87 -39.44
CA SER C 249 33.89 36.94 -39.96
C SER C 249 34.75 36.32 -38.86
N GLY C 250 34.78 36.98 -37.71
CA GLY C 250 35.56 36.48 -36.59
C GLY C 250 37.03 36.89 -36.63
N GLN C 251 37.42 37.62 -37.66
CA GLN C 251 38.80 38.10 -37.72
C GLN C 251 38.90 39.37 -36.91
N SER C 252 40.12 39.83 -36.63
CA SER C 252 40.28 41.06 -35.88
C SER C 252 40.54 42.25 -36.79
N ILE C 253 40.18 43.44 -36.31
CA ILE C 253 40.37 44.68 -37.05
C ILE C 253 41.83 44.86 -37.47
N GLU C 254 42.76 44.58 -36.55
CA GLU C 254 44.18 44.69 -36.85
C GLU C 254 44.50 43.73 -37.99
N GLU C 255 43.90 42.54 -37.92
CA GLU C 255 44.08 41.52 -38.94
C GLU C 255 43.44 41.93 -40.27
N LEU C 256 42.35 42.70 -40.19
CA LEU C 256 41.64 43.16 -41.39
C LEU C 256 42.35 44.33 -42.06
N GLU C 257 42.99 45.16 -41.25
CA GLU C 257 43.80 46.25 -41.76
C GLU C 257 45.07 45.73 -42.43
N ARG C 258 45.80 44.86 -41.73
CA ARG C 258 46.81 44.04 -42.36
C ARG C 258 46.35 43.55 -43.74
N GLN C 259 45.15 43.03 -43.81
CA GLN C 259 44.72 42.22 -44.94
C GLN C 259 44.44 43.08 -46.15
N TYR C 260 44.13 44.35 -45.91
CA TYR C 260 43.65 45.24 -46.96
C TYR C 260 44.54 46.46 -47.12
N GLU C 261 45.85 46.22 -47.19
CA GLU C 261 46.83 47.32 -47.23
C GLU C 261 47.08 47.75 -48.67
N GLY C 262 46.71 48.99 -48.97
CA GLY C 262 46.75 49.48 -50.34
C GLY C 262 45.58 48.99 -51.17
N LYS C 263 44.75 48.14 -50.56
CA LYS C 263 43.42 47.88 -51.08
C LYS C 263 42.52 49.10 -50.94
N GLY C 264 41.58 49.25 -51.87
CA GLY C 264 40.56 50.28 -51.76
C GLY C 264 39.25 49.74 -51.23
N TYR C 265 38.22 50.58 -51.26
CA TYR C 265 36.92 50.21 -50.72
C TYR C 265 36.15 49.23 -51.59
N GLY C 266 36.38 49.32 -52.90
CA GLY C 266 35.70 48.46 -53.87
C GLY C 266 35.72 47.00 -53.45
N VAL C 267 36.93 46.44 -53.36
CA VAL C 267 37.14 45.03 -52.99
C VAL C 267 36.71 44.76 -51.57
N PHE C 268 37.01 45.68 -50.67
CA PHE C 268 36.66 45.52 -49.26
C PHE C 268 35.15 45.34 -49.13
N LYS C 269 34.42 46.23 -49.83
CA LYS C 269 32.97 46.21 -49.85
C LYS C 269 32.42 44.94 -50.51
N ALA C 270 33.12 44.48 -51.54
CA ALA C 270 32.71 43.28 -52.24
C ALA C 270 32.92 42.03 -51.37
N ASP C 271 33.96 42.08 -50.54
CA ASP C 271 34.30 40.98 -49.63
C ASP C 271 33.29 40.94 -48.48
N LEU C 272 33.02 42.13 -47.95
CA LEU C 272 32.10 42.31 -46.84
C LEU C 272 30.67 41.94 -47.21
N ALA C 273 30.29 42.23 -48.45
CA ALA C 273 28.96 41.91 -48.93
C ALA C 273 28.74 40.40 -48.93
N GLN C 274 29.83 39.66 -49.07
CA GLN C 274 29.77 38.21 -49.10
C GLN C 274 29.79 37.57 -47.71
N VAL C 275 30.41 38.26 -46.74
CA VAL C 275 30.41 37.73 -45.37
C VAL C 275 29.05 37.96 -44.72
N VAL C 276 28.38 39.04 -45.13
CA VAL C 276 27.04 39.32 -44.64
C VAL C 276 26.08 38.29 -45.23
N ILE C 277 26.15 38.13 -46.55
CA ILE C 277 25.30 37.17 -47.25
C ILE C 277 25.52 35.77 -46.68
N GLU C 278 26.79 35.41 -46.51
CA GLU C 278 27.18 34.12 -45.95
C GLU C 278 26.49 33.86 -44.60
N THR C 279 26.44 34.92 -43.81
CA THR C 279 25.90 34.92 -42.44
C THR C 279 24.38 34.83 -42.34
N LEU C 280 23.70 35.67 -43.12
CA LEU C 280 22.24 35.76 -43.12
C LEU C 280 21.52 34.64 -43.85
N ARG C 281 22.27 33.94 -44.69
CA ARG C 281 21.73 32.89 -45.52
C ARG C 281 21.21 31.66 -44.80
N PRO C 282 22.02 31.11 -43.89
CA PRO C 282 21.60 29.95 -43.11
C PRO C 282 20.43 30.36 -42.21
N ILE C 283 20.53 31.58 -41.70
CA ILE C 283 19.50 32.16 -40.85
C ILE C 283 18.15 32.22 -41.58
N GLN C 284 18.18 32.65 -42.84
CA GLN C 284 16.96 32.76 -43.63
C GLN C 284 16.36 31.39 -43.98
N GLU C 285 17.23 30.43 -44.22
CA GLU C 285 16.79 29.07 -44.54
C GLU C 285 15.91 28.56 -43.40
N ARG C 286 16.44 28.69 -42.18
CA ARG C 286 15.75 28.25 -40.97
C ARG C 286 14.51 29.08 -40.68
N TYR C 287 14.62 30.38 -40.95
CA TYR C 287 13.49 31.28 -40.73
C TYR C 287 12.27 30.75 -41.48
N HIS C 288 12.49 30.31 -42.71
CA HIS C 288 11.41 29.78 -43.55
C HIS C 288 10.81 28.45 -43.10
N HIS C 289 11.66 27.56 -42.61
CA HIS C 289 11.20 26.26 -42.12
C HIS C 289 10.34 26.45 -40.87
N TRP C 290 10.71 27.44 -40.06
CA TRP C 290 9.98 27.77 -38.84
C TRP C 290 8.64 28.41 -39.17
N MSE C 291 8.67 29.31 -40.15
CA MSE C 291 7.49 30.04 -40.59
C MSE C 291 6.39 29.19 -41.22
O MSE C 291 5.25 29.61 -41.33
CB MSE C 291 7.86 31.18 -41.52
CG MSE C 291 8.27 32.47 -40.87
SE MSE C 291 6.94 33.16 -39.64
CE MSE C 291 6.21 34.56 -40.73
N GLU C 292 6.75 27.99 -41.66
CA GLU C 292 5.77 27.10 -42.27
C GLU C 292 5.57 25.82 -41.47
N SER C 293 6.32 25.70 -40.37
CA SER C 293 6.20 24.55 -39.50
C SER C 293 5.22 24.90 -38.39
N GLU C 294 4.62 23.87 -37.80
CA GLU C 294 3.70 24.08 -36.70
C GLU C 294 4.43 23.75 -35.42
N GLU C 295 5.73 23.54 -35.54
CA GLU C 295 6.57 23.28 -34.39
C GLU C 295 6.75 24.64 -33.72
N LEU C 296 6.57 25.67 -34.53
CA LEU C 296 6.67 27.05 -34.11
C LEU C 296 5.62 27.38 -33.04
N ASP C 297 4.35 27.14 -33.38
CA ASP C 297 3.24 27.38 -32.46
C ASP C 297 3.43 26.56 -31.18
N ARG C 298 4.10 25.42 -31.34
CA ARG C 298 4.37 24.51 -30.23
C ARG C 298 5.46 25.01 -29.29
N VAL C 299 6.45 25.69 -29.85
CA VAL C 299 7.56 26.23 -29.07
C VAL C 299 7.05 27.36 -28.15
N LEU C 300 6.14 28.15 -28.69
CA LEU C 300 5.55 29.28 -27.97
C LEU C 300 4.55 28.84 -26.91
N ASP C 301 3.91 27.69 -27.15
CA ASP C 301 2.96 27.14 -26.19
C ASP C 301 3.75 26.75 -24.95
N GLU C 302 4.84 26.01 -25.21
CA GLU C 302 5.76 25.57 -24.17
C GLU C 302 6.27 26.79 -23.40
N GLY C 303 6.68 27.80 -24.15
CA GLY C 303 7.20 29.04 -23.58
C GLY C 303 6.22 29.76 -22.65
N ALA C 304 4.96 29.85 -23.06
CA ALA C 304 3.93 30.51 -22.24
C ALA C 304 3.56 29.69 -21.01
N GLU C 305 3.76 28.38 -21.12
CA GLU C 305 3.47 27.43 -20.06
C GLU C 305 4.53 27.52 -18.96
N LYS C 306 5.79 27.53 -19.40
CA LYS C 306 6.92 27.63 -18.50
C LYS C 306 6.90 29.01 -17.82
N ALA C 307 6.54 30.02 -18.59
CA ALA C 307 6.47 31.38 -18.09
C ALA C 307 5.31 31.60 -17.14
N ASN C 308 4.15 31.04 -17.46
CA ASN C 308 2.98 31.19 -16.61
C ASN C 308 3.22 30.55 -15.24
N ARG C 309 3.95 29.44 -15.25
CA ARG C 309 4.28 28.74 -14.02
C ARG C 309 5.05 29.65 -13.06
N VAL C 310 6.21 30.13 -13.52
CA VAL C 310 7.07 31.03 -12.75
C VAL C 310 6.34 32.32 -12.34
N ALA C 311 5.80 33.02 -13.33
CA ALA C 311 5.12 34.30 -13.11
C ALA C 311 3.86 34.22 -12.24
N SER C 312 3.09 33.15 -12.41
CA SER C 312 1.86 32.93 -11.63
C SER C 312 2.17 32.80 -10.14
N GLU C 313 3.34 32.23 -9.85
CA GLU C 313 3.75 32.03 -8.46
C GLU C 313 4.19 33.35 -7.85
N MSE C 314 4.84 34.18 -8.65
CA MSE C 314 5.28 35.50 -8.20
C MSE C 314 4.06 36.36 -7.87
O MSE C 314 4.03 37.07 -6.87
CB MSE C 314 6.11 36.18 -9.26
CG MSE C 314 6.69 37.53 -8.90
SE MSE C 314 7.50 37.56 -7.13
CE MSE C 314 9.35 37.43 -7.65
N VAL C 315 3.06 36.32 -8.75
CA VAL C 315 1.83 37.06 -8.57
C VAL C 315 1.14 36.58 -7.30
N ARG C 316 1.21 35.28 -7.05
CA ARG C 316 0.66 34.64 -5.84
C ARG C 316 1.24 35.32 -4.60
N LYS C 317 2.56 35.33 -4.57
CA LYS C 317 3.34 35.92 -3.48
C LYS C 317 3.14 37.43 -3.35
N MSE C 318 2.96 38.09 -4.48
CA MSE C 318 2.76 39.54 -4.50
C MSE C 318 1.39 39.93 -3.94
O MSE C 318 1.24 40.99 -3.32
CB MSE C 318 2.82 40.07 -5.92
CG MSE C 318 4.19 40.39 -6.46
SE MSE C 318 4.07 40.94 -8.32
CE MSE C 318 3.48 42.75 -8.05
N GLU C 319 0.41 39.07 -4.19
CA GLU C 319 -0.96 39.30 -3.73
C GLU C 319 -1.04 38.97 -2.25
N GLN C 320 -0.24 37.99 -1.87
CA GLN C 320 -0.19 37.50 -0.50
C GLN C 320 0.39 38.57 0.42
N ALA C 321 1.33 39.34 -0.10
CA ALA C 321 1.96 40.42 0.67
C ALA C 321 1.07 41.65 0.70
N MSE C 322 0.35 41.88 -0.38
CA MSE C 322 -0.54 43.02 -0.47
C MSE C 322 -1.89 42.75 0.18
O MSE C 322 -2.61 43.69 0.56
CB MSE C 322 -0.67 43.51 -1.91
CG MSE C 322 0.61 44.09 -2.44
SE MSE C 322 0.47 44.97 -4.17
CE MSE C 322 -0.17 46.69 -3.58
N GLY C 323 -2.24 41.48 0.34
CA GLY C 323 -3.50 41.11 0.99
C GLY C 323 -4.66 40.89 0.01
N LEU C 324 -4.33 40.65 -1.25
CA LEU C 324 -5.33 40.43 -2.28
C LEU C 324 -5.92 39.02 -2.26
N GLY C 325 -7.23 38.92 -2.47
CA GLY C 325 -7.92 37.64 -2.51
C GLY C 325 -7.83 36.81 -1.23
N ARG C 326 -7.35 35.57 -1.36
CA ARG C 326 -7.24 34.66 -0.23
C ARG C 326 -5.92 33.89 -0.27
N MSE D 1 18.01 -7.21 18.19
CA MSE D 1 17.78 -6.54 16.92
C MSE D 1 18.47 -7.28 15.78
O MSE D 1 19.53 -7.89 15.98
CB MSE D 1 18.30 -5.12 16.94
CG MSE D 1 17.40 -4.05 16.38
SE MSE D 1 18.04 -2.28 16.86
CE MSE D 1 19.42 -2.77 18.08
N LYS D 2 17.89 -7.21 14.59
CA LYS D 2 18.49 -7.83 13.42
C LYS D 2 19.70 -7.06 12.92
N THR D 3 20.62 -7.77 12.27
CA THR D 3 21.85 -7.17 11.79
C THR D 3 21.89 -6.99 10.28
N ILE D 4 22.26 -5.78 9.87
CA ILE D 4 22.38 -5.44 8.45
C ILE D 4 23.81 -5.03 8.11
N PHE D 5 24.32 -5.59 7.02
CA PHE D 5 25.67 -5.26 6.57
C PHE D 5 25.67 -4.79 5.13
N SER D 6 26.24 -3.62 4.91
CA SER D 6 26.35 -3.05 3.59
C SER D 6 27.78 -2.63 3.33
N GLY D 7 28.38 -3.21 2.29
CA GLY D 7 29.74 -2.89 1.89
C GLY D 7 29.68 -1.92 0.72
N ILE D 8 30.29 -0.76 0.88
CA ILE D 8 30.29 0.26 -0.17
C ILE D 8 31.67 0.47 -0.76
N GLN D 9 31.78 0.29 -2.06
CA GLN D 9 33.04 0.51 -2.76
C GLN D 9 33.31 2.00 -2.93
N THR D 15 25.17 8.61 -6.83
CA THR D 15 24.10 9.14 -7.66
C THR D 15 22.78 9.16 -6.89
N ILE D 16 21.81 9.92 -7.40
CA ILE D 16 20.48 9.95 -6.83
C ILE D 16 19.76 8.62 -7.03
N GLY D 17 20.35 7.76 -7.85
CA GLY D 17 19.85 6.40 -8.03
C GLY D 17 20.24 5.49 -6.87
N ASN D 18 21.46 5.67 -6.36
CA ASN D 18 21.87 5.04 -5.12
C ASN D 18 21.18 5.51 -3.85
N TYR D 19 21.06 6.83 -3.70
CA TYR D 19 20.29 7.41 -2.62
C TYR D 19 18.89 6.82 -2.57
N ILE D 20 18.29 6.61 -3.75
CA ILE D 20 16.86 6.38 -3.85
C ILE D 20 16.58 4.89 -3.75
N GLY D 21 17.55 4.08 -4.17
CA GLY D 21 17.41 2.64 -4.14
C GLY D 21 17.96 2.01 -2.87
N ALA D 22 19.17 2.41 -2.50
CA ALA D 22 19.95 1.67 -1.52
C ALA D 22 20.12 2.46 -0.24
N LEU D 23 20.28 3.77 -0.38
CA LEU D 23 20.97 4.57 0.64
C LEU D 23 19.97 5.34 1.50
N ARG D 24 18.77 5.55 0.96
CA ARG D 24 17.81 6.47 1.55
C ARG D 24 17.10 5.85 2.74
N GLN D 25 16.58 4.65 2.55
CA GLN D 25 15.79 3.97 3.58
C GLN D 25 16.67 3.58 4.77
N PHE D 26 17.97 3.86 4.66
CA PHE D 26 18.92 3.49 5.71
C PHE D 26 18.92 4.53 6.83
N VAL D 27 18.54 5.75 6.50
CA VAL D 27 18.55 6.85 7.47
C VAL D 27 17.54 6.59 8.58
N GLU D 28 16.60 5.68 8.33
CA GLU D 28 15.56 5.36 9.30
C GLU D 28 15.59 3.88 9.66
N LEU D 29 15.92 3.04 8.68
CA LEU D 29 16.09 1.60 8.92
C LEU D 29 17.14 1.37 10.01
N GLN D 30 18.10 2.28 10.04
CA GLN D 30 19.21 2.23 10.98
C GLN D 30 18.73 2.36 12.42
N HIS D 31 17.45 2.68 12.57
CA HIS D 31 16.86 2.87 13.90
C HIS D 31 16.19 1.59 14.37
N GLU D 32 15.83 0.76 13.42
CA GLU D 32 15.13 -0.48 13.68
C GLU D 32 16.04 -1.69 13.50
N TYR D 33 17.23 -1.44 12.98
CA TYR D 33 18.19 -2.51 12.73
C TYR D 33 19.59 -2.20 13.27
N ASN D 34 20.39 -3.24 13.45
CA ASN D 34 21.77 -3.06 13.84
C ASN D 34 22.48 -2.98 12.49
N CYS D 35 22.85 -1.76 12.08
CA CYS D 35 23.46 -1.52 10.77
C CYS D 35 24.96 -1.27 10.74
N TYR D 36 25.59 -1.80 9.69
CA TYR D 36 27.01 -1.63 9.43
C TYR D 36 27.22 -1.10 8.02
N PHE D 37 27.93 0.01 7.92
CA PHE D 37 28.25 0.56 6.62
C PHE D 37 29.77 0.50 6.46
N CYS D 38 30.21 -0.50 5.73
CA CYS D 38 31.63 -0.74 5.51
C CYS D 38 32.11 -0.18 4.18
N ILE D 39 33.16 0.65 4.25
CA ILE D 39 33.78 1.19 3.07
C ILE D 39 34.86 0.18 2.70
N VAL D 40 34.54 -0.67 1.73
CA VAL D 40 35.43 -1.76 1.33
C VAL D 40 36.59 -1.32 0.46
N ASP D 41 37.60 -0.71 1.08
CA ASP D 41 38.79 -0.23 0.37
C ASP D 41 39.74 -1.38 0.01
N GLN D 42 39.55 -2.54 0.64
CA GLN D 42 40.40 -3.69 0.35
C GLN D 42 39.87 -4.41 -0.88
N HIS D 43 38.59 -4.19 -1.15
CA HIS D 43 37.93 -4.76 -2.33
C HIS D 43 38.27 -3.89 -3.54
N ALA D 44 38.50 -2.61 -3.28
CA ALA D 44 38.81 -1.63 -4.31
C ALA D 44 40.17 -1.78 -5.01
N ILE D 45 41.12 -2.43 -4.34
CA ILE D 45 42.45 -2.59 -4.93
C ILE D 45 42.58 -3.82 -5.81
N THR D 46 41.46 -4.51 -6.01
CA THR D 46 41.44 -5.68 -6.88
C THR D 46 41.62 -5.14 -8.28
N VAL D 47 41.33 -3.84 -8.43
CA VAL D 47 41.53 -3.10 -9.67
C VAL D 47 42.49 -1.95 -9.43
N TRP D 48 43.08 -1.47 -10.51
CA TRP D 48 44.03 -0.37 -10.45
C TRP D 48 43.43 0.85 -9.77
N GLN D 49 44.17 1.39 -8.80
CA GLN D 49 43.79 2.63 -8.15
C GLN D 49 44.97 3.61 -8.09
N ASP D 50 44.66 4.90 -8.24
CA ASP D 50 45.59 5.94 -7.81
C ASP D 50 45.50 6.18 -6.31
N PRO D 51 46.58 5.91 -5.60
CA PRO D 51 46.59 5.98 -4.14
C PRO D 51 45.94 7.26 -3.63
N HIS D 52 46.19 8.37 -4.31
CA HIS D 52 45.65 9.66 -3.90
C HIS D 52 44.13 9.77 -4.03
N GLU D 53 43.60 9.30 -5.15
CA GLU D 53 42.16 9.32 -5.39
C GLU D 53 41.45 8.33 -4.49
N LEU D 54 42.05 7.15 -4.31
CA LEU D 54 41.47 6.13 -3.45
C LEU D 54 41.26 6.74 -2.07
N ARG D 55 42.37 7.11 -1.44
CA ARG D 55 42.36 7.71 -0.11
C ARG D 55 41.33 8.82 0.02
N GLN D 56 41.25 9.63 -1.03
CA GLN D 56 40.33 10.76 -1.06
C GLN D 56 38.89 10.36 -1.34
N ASN D 57 38.72 9.23 -2.00
CA ASN D 57 37.39 8.71 -2.32
C ASN D 57 36.76 8.02 -1.12
N ILE D 58 37.60 7.51 -0.22
CA ILE D 58 37.13 6.86 1.00
C ILE D 58 36.48 7.94 1.87
N ARG D 59 37.18 9.07 1.97
CA ARG D 59 36.76 10.23 2.76
C ARG D 59 35.39 10.78 2.35
N ARG D 60 35.27 11.13 1.08
CA ARG D 60 34.02 11.69 0.54
C ARG D 60 32.87 10.76 0.81
N LEU D 61 33.10 9.47 0.56
CA LEU D 61 32.06 8.48 0.78
C LEU D 61 31.56 8.52 2.21
N ALA D 62 32.49 8.47 3.15
CA ALA D 62 32.14 8.49 4.57
C ALA D 62 31.33 9.76 4.89
N ALA D 63 31.88 10.90 4.49
CA ALA D 63 31.23 12.20 4.67
C ALA D 63 29.86 12.28 4.03
N LEU D 64 29.69 11.54 2.93
CA LEU D 64 28.43 11.53 2.17
C LEU D 64 27.35 10.72 2.87
N TYR D 65 27.76 9.60 3.46
CA TYR D 65 26.84 8.71 4.18
C TYR D 65 26.35 9.44 5.42
N LEU D 66 27.23 10.27 5.98
CA LEU D 66 26.90 11.06 7.16
C LEU D 66 26.04 12.25 6.77
N ALA D 67 26.42 12.88 5.66
CA ALA D 67 25.67 14.02 5.16
C ALA D 67 24.27 13.60 4.76
N VAL D 68 24.09 12.34 4.40
CA VAL D 68 22.77 11.83 4.01
C VAL D 68 21.84 11.60 5.20
N GLY D 69 22.40 11.34 6.37
CA GLY D 69 21.59 11.09 7.56
C GLY D 69 22.00 9.81 8.30
N ILE D 70 23.06 9.15 7.84
CA ILE D 70 23.52 7.97 8.53
C ILE D 70 24.02 8.42 9.90
N ASP D 71 23.45 7.86 10.96
CA ASP D 71 23.83 8.27 12.31
C ASP D 71 24.83 7.33 12.98
N PRO D 72 26.05 7.85 13.20
CA PRO D 72 27.15 7.11 13.82
C PRO D 72 26.90 6.63 15.25
N THR D 73 25.95 7.27 15.93
CA THR D 73 25.57 6.88 17.28
C THR D 73 24.65 5.68 17.08
N GLN D 74 24.01 5.67 15.92
CA GLN D 74 23.06 4.64 15.53
C GLN D 74 23.70 3.47 14.79
N ALA D 75 24.45 3.76 13.73
CA ALA D 75 25.07 2.72 12.94
C ALA D 75 26.59 2.70 13.04
N THR D 76 27.19 1.63 12.51
CA THR D 76 28.64 1.49 12.50
C THR D 76 29.10 1.77 11.07
N LEU D 77 29.81 2.87 10.92
CA LEU D 77 30.35 3.28 9.63
C LEU D 77 31.85 3.21 9.80
N PHE D 78 32.48 2.28 9.10
CA PHE D 78 33.91 2.09 9.23
C PHE D 78 34.57 1.81 7.89
N ILE D 79 35.89 1.79 7.92
CA ILE D 79 36.71 1.48 6.76
C ILE D 79 37.23 0.06 6.98
N GLN D 80 36.97 -0.78 6.00
CA GLN D 80 37.32 -2.20 6.02
C GLN D 80 38.75 -2.57 6.42
N SER D 81 39.73 -1.82 5.91
CA SER D 81 41.14 -2.10 6.21
C SER D 81 41.57 -1.78 7.64
N GLU D 82 40.74 -1.03 8.35
CA GLU D 82 41.04 -0.63 9.70
C GLU D 82 40.63 -1.69 10.71
N VAL D 83 39.94 -2.70 10.20
CA VAL D 83 39.55 -3.88 10.97
C VAL D 83 40.24 -5.05 10.27
N PRO D 84 41.35 -5.51 10.84
CA PRO D 84 42.12 -6.61 10.27
C PRO D 84 41.39 -7.94 10.30
N ALA D 85 40.42 -8.09 11.19
CA ALA D 85 39.65 -9.34 11.28
C ALA D 85 39.10 -9.76 9.91
N HIS D 86 38.94 -8.76 9.05
CA HIS D 86 38.43 -8.95 7.71
C HIS D 86 39.36 -9.78 6.83
N ALA D 87 40.63 -9.40 6.80
CA ALA D 87 41.62 -10.12 6.02
C ALA D 87 41.96 -11.46 6.67
N GLN D 88 41.73 -11.55 7.97
CA GLN D 88 41.99 -12.76 8.73
C GLN D 88 40.92 -13.82 8.46
N ALA D 89 39.66 -13.47 8.71
CA ALA D 89 38.56 -14.38 8.47
C ALA D 89 38.56 -14.79 7.00
N ALA D 90 38.87 -13.82 6.13
CA ALA D 90 38.96 -14.03 4.69
C ALA D 90 39.92 -15.14 4.27
N TRP D 91 41.03 -15.26 4.99
CA TRP D 91 42.02 -16.29 4.66
C TRP D 91 41.49 -17.68 5.01
N MSE D 92 40.88 -17.78 6.18
CA MSE D 92 40.30 -19.01 6.69
C MSE D 92 39.18 -19.52 5.77
O MSE D 92 38.96 -20.72 5.65
CB MSE D 92 39.77 -18.77 8.08
CG MSE D 92 40.82 -18.49 9.10
SE MSE D 92 40.19 -18.74 10.92
CE MSE D 92 39.83 -16.90 11.36
N LEU D 93 38.47 -18.58 5.15
CA LEU D 93 37.35 -18.91 4.29
C LEU D 93 37.81 -19.32 2.89
N GLN D 94 38.93 -18.75 2.46
CA GLN D 94 39.55 -19.15 1.21
C GLN D 94 40.18 -20.54 1.32
N CYS D 95 40.22 -21.07 2.54
CA CYS D 95 40.74 -22.41 2.77
C CYS D 95 39.64 -23.45 2.75
N ILE D 96 38.39 -22.99 2.90
CA ILE D 96 37.24 -23.89 2.87
C ILE D 96 36.45 -23.76 1.56
N VAL D 97 36.72 -22.70 0.82
CA VAL D 97 36.10 -22.48 -0.48
C VAL D 97 36.84 -23.33 -1.50
N TYR D 98 36.14 -23.65 -2.59
CA TYR D 98 36.75 -24.44 -3.66
C TYR D 98 37.02 -23.51 -4.84
N ILE D 99 38.10 -23.80 -5.56
CA ILE D 99 38.43 -23.02 -6.75
C ILE D 99 37.26 -23.07 -7.73
N GLY D 100 36.71 -24.27 -7.92
CA GLY D 100 35.57 -24.47 -8.82
C GLY D 100 34.51 -23.43 -8.51
N GLU D 101 34.19 -23.29 -7.24
CA GLU D 101 33.22 -22.31 -6.81
C GLU D 101 33.66 -20.90 -7.27
N LEU D 102 34.92 -20.56 -7.02
CA LEU D 102 35.46 -19.25 -7.40
C LEU D 102 35.48 -18.93 -8.89
N GLU D 103 35.81 -19.93 -9.71
CA GLU D 103 35.87 -19.72 -11.16
C GLU D 103 34.49 -19.66 -11.79
N ARG D 104 33.54 -20.35 -11.17
CA ARG D 104 32.16 -20.38 -11.62
C ARG D 104 31.52 -19.03 -11.37
N MSE D 105 32.22 -18.16 -10.64
CA MSE D 105 31.69 -16.83 -10.36
C MSE D 105 31.59 -16.05 -11.67
O MSE D 105 32.60 -15.61 -12.23
CB MSE D 105 32.53 -16.08 -9.33
CG MSE D 105 31.80 -15.23 -8.33
SE MSE D 105 30.56 -16.22 -7.21
CE MSE D 105 31.48 -17.89 -7.21
N THR D 106 30.37 -15.92 -12.18
CA THR D 106 30.08 -15.20 -13.43
C THR D 106 30.93 -13.94 -13.63
N GLN D 107 30.98 -13.14 -12.58
CA GLN D 107 31.53 -11.82 -12.65
C GLN D 107 32.96 -11.97 -13.07
N VAL D 118 45.78 -11.62 -15.26
CA VAL D 118 44.77 -11.20 -14.30
C VAL D 118 45.27 -11.39 -12.87
N SER D 119 44.97 -10.42 -12.01
CA SER D 119 45.42 -10.44 -10.66
C SER D 119 44.53 -11.38 -9.92
N ALA D 120 45.08 -12.07 -8.93
CA ALA D 120 44.36 -13.12 -8.22
C ALA D 120 43.24 -12.52 -7.38
N GLY D 121 43.29 -11.22 -7.16
CA GLY D 121 42.30 -10.54 -6.34
C GLY D 121 40.93 -10.55 -7.03
N LEU D 122 40.93 -10.55 -8.35
CA LEU D 122 39.70 -10.57 -9.16
C LEU D 122 39.01 -11.93 -9.02
N LEU D 123 39.78 -12.92 -8.59
CA LEU D 123 39.28 -14.28 -8.46
C LEU D 123 38.95 -14.63 -7.00
N THR D 124 39.81 -14.20 -6.08
CA THR D 124 39.72 -14.51 -4.66
C THR D 124 39.06 -13.49 -3.74
N TYR D 125 38.39 -12.49 -4.31
CA TYR D 125 37.72 -11.48 -3.51
C TYR D 125 36.37 -11.94 -2.94
N PRO D 126 35.79 -12.99 -3.50
CA PRO D 126 34.52 -13.46 -2.97
C PRO D 126 34.57 -13.88 -1.50
N PRO D 127 35.67 -14.50 -1.08
CA PRO D 127 35.82 -14.92 0.31
C PRO D 127 36.02 -13.76 1.28
N LEU D 128 36.47 -12.62 0.75
CA LEU D 128 36.66 -11.41 1.54
C LEU D 128 35.30 -10.73 1.76
N MSE D 129 34.45 -10.83 0.75
CA MSE D 129 33.11 -10.28 0.82
C MSE D 129 32.25 -11.12 1.76
O MSE D 129 31.34 -10.62 2.41
CB MSE D 129 32.48 -10.28 -0.56
CG MSE D 129 31.03 -9.85 -0.60
SE MSE D 129 30.38 -9.57 -2.41
CE MSE D 129 28.53 -9.33 -1.97
N ALA D 130 32.56 -12.40 1.86
CA ALA D 130 31.83 -13.31 2.75
C ALA D 130 32.27 -13.06 4.18
N ALA D 131 33.57 -12.88 4.36
CA ALA D 131 34.12 -12.54 5.67
C ALA D 131 33.47 -11.24 6.17
N ASP D 132 33.41 -10.26 5.28
CA ASP D 132 32.77 -8.96 5.58
C ASP D 132 31.41 -9.20 6.24
N ILE D 133 30.59 -10.01 5.57
CA ILE D 133 29.24 -10.35 6.04
C ILE D 133 29.21 -11.26 7.27
N LEU D 134 29.81 -12.44 7.18
CA LEU D 134 29.79 -13.37 8.31
C LEU D 134 30.38 -12.91 9.64
N LEU D 135 31.39 -12.04 9.57
CA LEU D 135 32.04 -11.55 10.79
C LEU D 135 31.08 -10.91 11.79
N TYR D 136 30.05 -10.24 11.29
CA TYR D 136 29.10 -9.51 12.13
C TYR D 136 27.81 -10.25 12.42
N ASN D 137 27.78 -11.54 12.10
CA ASN D 137 26.59 -12.35 12.33
C ASN D 137 25.40 -11.63 11.71
N THR D 138 25.58 -11.16 10.47
CA THR D 138 24.52 -10.43 9.80
C THR D 138 23.38 -11.29 9.30
N ASP D 139 22.18 -10.72 9.36
CA ASP D 139 20.96 -11.36 8.95
C ASP D 139 20.56 -10.93 7.54
N ILE D 140 20.63 -9.64 7.28
CA ILE D 140 20.27 -9.11 5.97
C ILE D 140 21.44 -8.44 5.25
N VAL D 141 21.49 -8.63 3.94
CA VAL D 141 22.48 -7.99 3.08
C VAL D 141 21.70 -7.28 1.97
N PRO D 142 21.73 -5.95 2.02
CA PRO D 142 20.99 -5.12 1.07
C PRO D 142 21.69 -5.02 -0.28
N VAL D 143 21.62 -6.09 -1.06
CA VAL D 143 22.25 -6.12 -2.37
C VAL D 143 21.29 -6.48 -3.51
N GLY D 144 21.66 -6.12 -4.74
CA GLY D 144 20.84 -6.41 -5.90
C GLY D 144 21.03 -7.83 -6.40
N GLU D 145 20.41 -8.13 -7.53
CA GLU D 145 20.47 -9.45 -8.16
C GLU D 145 21.86 -9.75 -8.70
N ASP D 146 22.66 -8.70 -8.89
CA ASP D 146 24.02 -8.81 -9.41
C ASP D 146 24.95 -9.46 -8.40
N GLN D 147 24.54 -9.43 -7.13
CA GLN D 147 25.31 -9.99 -6.02
C GLN D 147 24.66 -11.26 -5.46
N LYS D 148 23.57 -11.67 -6.09
CA LYS D 148 22.84 -12.85 -5.64
C LYS D 148 23.74 -14.09 -5.57
N GLN D 149 24.65 -14.19 -6.53
CA GLN D 149 25.55 -15.32 -6.60
C GLN D 149 26.61 -15.27 -5.49
N HIS D 150 27.01 -14.05 -5.15
CA HIS D 150 27.99 -13.85 -4.10
C HIS D 150 27.39 -14.25 -2.76
N ILE D 151 26.10 -13.96 -2.59
CA ILE D 151 25.38 -14.28 -1.36
C ILE D 151 25.12 -15.77 -1.23
N GLU D 152 24.72 -16.39 -2.34
CA GLU D 152 24.46 -17.83 -2.37
C GLU D 152 25.71 -18.52 -1.87
N LEU D 153 26.84 -18.02 -2.35
CA LEU D 153 28.14 -18.57 -1.98
C LEU D 153 28.57 -18.32 -0.53
N THR D 154 28.31 -17.13 0.01
CA THR D 154 28.65 -16.89 1.41
C THR D 154 27.71 -17.66 2.33
N ARG D 155 26.54 -18.01 1.78
CA ARG D 155 25.54 -18.78 2.51
C ARG D 155 25.96 -20.25 2.54
N ASP D 156 26.63 -20.69 1.47
CA ASP D 156 27.11 -22.07 1.35
C ASP D 156 28.35 -22.22 2.22
N LEU D 157 29.18 -21.18 2.22
CA LEU D 157 30.40 -21.17 3.01
C LEU D 157 30.08 -21.22 4.50
N ALA D 158 29.07 -20.46 4.90
CA ALA D 158 28.64 -20.45 6.30
C ALA D 158 28.12 -21.82 6.71
N GLU D 159 27.27 -22.40 5.86
CA GLU D 159 26.71 -23.73 6.10
C GLU D 159 27.79 -24.78 6.19
N ARG D 160 28.74 -24.70 5.26
CA ARG D 160 29.85 -25.64 5.17
C ARG D 160 30.70 -25.62 6.44
N PHE D 161 30.87 -24.43 6.99
CA PHE D 161 31.67 -24.23 8.20
C PHE D 161 30.90 -24.62 9.46
N ASN D 162 29.62 -24.24 9.50
CA ASN D 162 28.75 -24.53 10.64
C ASN D 162 28.56 -26.02 10.82
N LYS D 163 28.55 -26.75 9.70
CA LYS D 163 28.34 -28.19 9.73
C LYS D 163 29.58 -28.94 10.20
N ARG D 164 30.74 -28.43 9.79
CA ARG D 164 32.02 -29.02 10.15
C ARG D 164 32.39 -28.74 11.60
N TYR D 165 32.43 -27.46 11.97
CA TYR D 165 32.95 -27.05 13.26
C TYR D 165 31.83 -26.84 14.27
N GLY D 166 30.60 -26.75 13.76
CA GLY D 166 29.45 -26.45 14.59
C GLY D 166 29.09 -24.98 14.56
N GLU D 167 27.83 -24.68 14.79
CA GLU D 167 27.22 -23.47 14.25
C GLU D 167 27.84 -22.21 14.85
N LEU D 168 28.49 -21.42 14.02
CA LEU D 168 29.05 -20.14 14.44
C LEU D 168 28.37 -18.97 13.74
N PHE D 169 27.91 -19.22 12.52
CA PHE D 169 27.40 -18.14 11.66
C PHE D 169 25.87 -18.14 11.63
N THR D 170 25.28 -16.96 11.61
CA THR D 170 23.98 -16.76 10.98
C THR D 170 24.10 -16.82 9.46
N ILE D 171 23.25 -17.64 8.85
CA ILE D 171 23.15 -17.68 7.39
C ILE D 171 22.42 -16.47 6.84
N PRO D 172 23.14 -15.63 6.10
CA PRO D 172 22.64 -14.31 5.71
C PRO D 172 21.63 -14.40 4.57
N GLU D 173 20.77 -13.39 4.45
CA GLU D 173 19.77 -13.35 3.39
C GLU D 173 19.94 -12.09 2.54
N ALA D 174 19.68 -12.22 1.24
CA ALA D 174 19.80 -11.09 0.32
C ALA D 174 18.50 -10.30 0.27
N ARG D 175 18.50 -9.12 0.88
CA ARG D 175 17.30 -8.30 0.96
C ARG D 175 17.65 -6.82 0.96
N ILE D 176 16.97 -6.04 0.13
CA ILE D 176 16.86 -4.60 0.31
C ILE D 176 15.54 -4.23 0.98
N PRO D 177 15.52 -4.29 2.31
CA PRO D 177 14.30 -4.03 3.07
C PRO D 177 13.73 -2.65 2.79
N LYS D 178 12.44 -2.60 2.45
CA LYS D 178 11.80 -1.33 2.10
C LYS D 178 12.38 -0.76 0.81
N VAL D 179 12.65 -1.63 -0.15
CA VAL D 179 13.35 -1.24 -1.36
C VAL D 179 12.52 -0.25 -2.19
N GLY D 180 13.19 0.48 -3.08
CA GLY D 180 12.58 1.62 -3.73
C GLY D 180 12.73 1.58 -5.23
N ALA D 181 12.15 2.56 -5.91
CA ALA D 181 12.03 2.53 -7.37
C ALA D 181 13.39 2.47 -8.04
N ARG D 182 13.47 1.73 -9.13
CA ARG D 182 14.70 1.66 -9.93
C ARG D 182 14.89 2.88 -10.79
N ILE D 183 16.06 3.51 -10.68
CA ILE D 183 16.32 4.77 -11.35
C ILE D 183 17.12 4.53 -12.62
N MSE D 184 16.56 4.97 -13.74
CA MSE D 184 17.16 4.79 -15.05
C MSE D 184 18.03 5.96 -15.48
O MSE D 184 18.05 7.01 -14.84
CB MSE D 184 16.08 4.58 -16.11
CG MSE D 184 15.05 3.53 -15.81
SE MSE D 184 15.80 1.77 -15.52
CE MSE D 184 14.60 1.15 -14.15
N SER D 185 18.76 5.77 -16.57
CA SER D 185 19.64 6.78 -17.11
C SER D 185 18.82 7.89 -17.75
N LEU D 186 19.35 9.10 -17.69
CA LEU D 186 18.69 10.26 -18.27
C LEU D 186 18.90 10.33 -19.79
N VAL D 187 19.94 9.67 -20.27
CA VAL D 187 20.21 9.61 -21.71
C VAL D 187 19.59 8.35 -22.34
N ASP D 188 19.65 7.25 -21.61
CA ASP D 188 19.06 5.99 -22.07
C ASP D 188 18.14 5.36 -21.04
N PRO D 189 16.86 5.65 -21.12
CA PRO D 189 15.91 5.29 -20.08
C PRO D 189 15.65 3.81 -20.03
N THR D 190 16.41 3.06 -20.81
CA THR D 190 16.29 1.62 -20.81
C THR D 190 17.48 1.08 -20.08
N LYS D 191 18.32 1.99 -19.62
CA LYS D 191 19.51 1.61 -18.88
C LYS D 191 19.47 2.17 -17.46
N LYS D 192 19.90 1.35 -16.50
CA LYS D 192 19.94 1.73 -15.10
C LYS D 192 20.91 2.89 -14.95
N MSE D 193 20.65 3.77 -13.99
CA MSE D 193 21.53 4.91 -13.73
C MSE D 193 22.80 4.43 -13.05
O MSE D 193 22.74 3.82 -11.98
CB MSE D 193 20.87 5.99 -12.90
CG MSE D 193 21.64 7.28 -12.74
SE MSE D 193 20.78 8.63 -11.63
CE MSE D 193 19.71 9.46 -13.00
N SER D 194 23.95 4.71 -13.65
CA SER D 194 25.24 4.30 -13.09
C SER D 194 26.28 5.42 -13.12
N LYS D 195 26.91 5.62 -11.98
CA LYS D 195 27.97 6.63 -11.82
C LYS D 195 29.17 6.28 -12.70
N SER D 196 29.20 5.03 -13.16
CA SER D 196 30.27 4.55 -14.00
C SER D 196 29.95 4.79 -15.48
N ASP D 197 28.92 5.60 -15.74
CA ASP D 197 28.51 5.89 -17.12
C ASP D 197 29.44 6.92 -17.79
N PRO D 198 29.81 6.63 -19.03
CA PRO D 198 30.68 7.48 -19.85
C PRO D 198 30.08 8.83 -20.19
N ASN D 199 28.76 8.95 -20.05
CA ASN D 199 28.06 10.21 -20.32
C ASN D 199 27.57 10.79 -19.00
N PRO D 200 28.28 11.80 -18.50
CA PRO D 200 27.95 12.44 -17.22
C PRO D 200 26.49 12.91 -17.16
N LYS D 201 25.88 13.08 -18.32
CA LYS D 201 24.50 13.52 -18.41
C LYS D 201 23.51 12.39 -18.07
N ALA D 202 24.03 11.17 -17.95
CA ALA D 202 23.19 10.02 -17.67
C ALA D 202 22.71 9.92 -16.23
N TYR D 203 23.52 10.43 -15.31
CA TYR D 203 23.22 10.37 -13.90
C TYR D 203 23.24 11.75 -13.27
N ILE D 204 22.69 11.83 -12.07
CA ILE D 204 22.78 13.03 -11.26
C ILE D 204 23.48 12.59 -9.99
N THR D 205 24.54 13.30 -9.64
CA THR D 205 25.37 12.98 -8.50
C THR D 205 24.87 13.75 -7.29
N LEU D 206 25.00 13.16 -6.11
CA LEU D 206 24.57 13.80 -4.87
C LEU D 206 25.31 15.09 -4.63
N LEU D 207 26.42 15.28 -5.34
CA LEU D 207 27.24 16.47 -5.21
C LEU D 207 27.10 17.41 -6.38
N ASP D 208 26.18 17.09 -7.29
CA ASP D 208 25.92 17.93 -8.46
C ASP D 208 25.33 19.28 -8.04
N ASP D 209 25.87 20.36 -8.59
CA ASP D 209 25.45 21.71 -8.22
C ASP D 209 24.12 22.06 -8.89
N ALA D 210 23.38 22.96 -8.27
CA ALA D 210 22.01 23.25 -8.68
C ALA D 210 21.91 23.39 -10.19
N LYS D 211 22.98 23.84 -10.82
CA LYS D 211 22.96 24.23 -12.22
C LYS D 211 23.10 23.01 -13.13
N THR D 212 23.98 22.09 -12.74
CA THR D 212 24.13 20.82 -13.45
C THR D 212 22.85 20.01 -13.40
N ILE D 213 22.23 19.96 -12.22
CA ILE D 213 20.98 19.24 -12.03
C ILE D 213 19.98 19.77 -13.05
N GLU D 214 19.78 21.08 -13.02
CA GLU D 214 18.86 21.77 -13.92
C GLU D 214 19.13 21.40 -15.37
N LYS D 215 20.38 21.55 -15.79
CA LYS D 215 20.77 21.24 -17.15
C LYS D 215 20.56 19.77 -17.48
N LYS D 216 20.94 18.91 -16.54
CA LYS D 216 20.78 17.47 -16.73
C LYS D 216 19.30 17.07 -16.85
N ILE D 217 18.46 17.70 -16.05
CA ILE D 217 17.02 17.41 -16.07
C ILE D 217 16.36 17.92 -17.35
N LYS D 218 16.90 19.00 -17.89
CA LYS D 218 16.36 19.62 -19.10
C LYS D 218 16.66 18.82 -20.35
N SER D 219 17.76 18.07 -20.33
CA SER D 219 18.17 17.28 -21.48
C SER D 219 17.81 15.81 -21.30
N SER D 224 7.82 11.94 -28.05
CA SER D 224 7.29 12.83 -29.06
C SER D 224 5.85 13.06 -28.71
N GLU D 225 5.43 12.30 -27.72
CA GLU D 225 4.00 12.14 -27.43
C GLU D 225 3.46 13.34 -26.66
N GLY D 226 4.21 13.80 -25.67
CA GLY D 226 3.88 15.03 -24.95
C GLY D 226 3.04 14.94 -23.67
N THR D 227 2.66 13.75 -23.24
CA THR D 227 1.83 13.61 -22.05
C THR D 227 2.55 13.05 -20.83
N ILE D 228 2.33 13.66 -19.66
CA ILE D 228 2.94 13.20 -18.42
C ILE D 228 2.14 12.04 -17.90
N ARG D 229 2.45 10.85 -18.40
CA ARG D 229 1.73 9.64 -18.00
C ARG D 229 2.68 8.45 -17.91
N TYR D 230 2.46 7.60 -16.90
CA TYR D 230 3.43 6.58 -16.53
C TYR D 230 3.24 5.31 -17.35
N GLY D 237 11.27 7.21 -20.50
CA GLY D 237 12.01 8.32 -19.94
C GLY D 237 11.14 9.22 -19.08
N ILE D 238 9.93 9.49 -19.55
CA ILE D 238 8.92 10.16 -18.74
C ILE D 238 8.59 9.35 -17.49
N SER D 239 8.57 8.03 -17.64
CA SER D 239 8.24 7.14 -16.54
C SER D 239 9.35 7.15 -15.48
N ASN D 240 10.56 7.50 -15.89
CA ASN D 240 11.68 7.62 -14.98
C ASN D 240 11.67 8.96 -14.24
N LEU D 241 11.37 10.03 -14.96
CA LEU D 241 11.25 11.35 -14.36
C LEU D 241 10.15 11.37 -13.31
N LEU D 242 9.14 10.54 -13.49
CA LEU D 242 8.02 10.47 -12.55
C LEU D 242 8.44 9.74 -11.29
N ASN D 243 9.18 8.66 -11.46
CA ASN D 243 9.67 7.87 -10.33
C ASN D 243 10.59 8.74 -9.47
N ILE D 244 11.40 9.54 -10.14
CA ILE D 244 12.34 10.43 -9.45
C ILE D 244 11.56 11.52 -8.72
N TYR D 245 10.60 12.10 -9.43
CA TYR D 245 9.75 13.16 -8.91
C TYR D 245 9.00 12.76 -7.64
N SER D 246 8.30 11.64 -7.72
CA SER D 246 7.48 11.14 -6.62
C SER D 246 8.21 10.65 -5.37
N THR D 247 9.34 9.96 -5.53
CA THR D 247 10.09 9.49 -4.36
C THR D 247 10.67 10.70 -3.64
N LEU D 248 11.15 11.66 -4.41
CA LEU D 248 11.75 12.88 -3.87
C LEU D 248 10.75 13.90 -3.30
N SER D 249 9.54 13.91 -3.85
CA SER D 249 8.52 14.86 -3.38
C SER D 249 7.48 14.29 -2.42
N GLY D 250 7.37 12.96 -2.38
CA GLY D 250 6.44 12.30 -1.47
C GLY D 250 5.07 12.05 -2.09
N GLN D 251 4.84 12.63 -3.27
CA GLN D 251 3.56 12.46 -3.95
C GLN D 251 3.53 11.16 -4.73
N SER D 252 2.33 10.67 -5.01
CA SER D 252 2.13 9.43 -5.74
C SER D 252 2.11 9.73 -7.24
N ILE D 253 2.54 8.77 -8.06
CA ILE D 253 2.60 8.95 -9.51
C ILE D 253 1.27 9.40 -10.12
N GLU D 254 0.17 9.10 -9.42
CA GLU D 254 -1.16 9.46 -9.88
C GLU D 254 -1.47 10.91 -9.48
N GLU D 255 -1.00 11.30 -8.31
CA GLU D 255 -0.98 12.71 -7.91
C GLU D 255 -0.40 13.58 -9.03
N LEU D 256 0.76 13.18 -9.54
CA LEU D 256 1.49 14.00 -10.50
C LEU D 256 0.87 13.90 -11.89
N GLU D 257 0.35 12.73 -12.22
CA GLU D 257 -0.41 12.54 -13.45
C GLU D 257 -1.64 13.44 -13.47
N ARG D 258 -2.30 13.57 -12.32
CA ARG D 258 -3.37 14.54 -12.15
C ARG D 258 -2.84 15.97 -12.18
N GLN D 259 -1.68 16.17 -11.56
CA GLN D 259 -1.10 17.51 -11.43
C GLN D 259 -0.76 18.10 -12.79
N TYR D 260 -0.39 17.25 -13.73
CA TYR D 260 0.12 17.70 -15.01
C TYR D 260 -0.75 17.21 -16.16
N GLU D 261 -2.07 17.17 -15.92
CA GLU D 261 -2.98 16.46 -16.80
C GLU D 261 -2.87 16.95 -18.24
N GLY D 262 -2.67 18.27 -18.39
CA GLY D 262 -2.62 18.88 -19.70
C GLY D 262 -1.31 19.61 -19.95
N LYS D 263 -0.31 19.31 -19.13
CA LYS D 263 0.91 20.11 -19.08
C LYS D 263 2.00 19.51 -19.94
N GLY D 264 2.98 20.33 -20.30
CA GLY D 264 4.06 19.89 -21.17
C GLY D 264 5.27 19.39 -20.38
N TYR D 265 6.23 18.81 -21.08
CA TYR D 265 7.46 18.33 -20.46
C TYR D 265 8.32 19.47 -19.89
N GLY D 266 8.21 20.63 -20.51
CA GLY D 266 9.00 21.80 -20.11
C GLY D 266 8.83 22.24 -18.65
N VAL D 267 7.57 22.45 -18.24
CA VAL D 267 7.23 22.89 -16.88
C VAL D 267 7.38 21.77 -15.88
N PHE D 268 7.17 20.54 -16.35
CA PHE D 268 7.29 19.35 -15.53
C PHE D 268 8.77 19.23 -15.13
N LYS D 269 9.62 19.42 -16.12
CA LYS D 269 11.06 19.37 -15.93
C LYS D 269 11.53 20.53 -15.07
N ALA D 270 10.96 21.71 -15.31
CA ALA D 270 11.30 22.90 -14.53
C ALA D 270 10.98 22.65 -13.06
N ASP D 271 9.85 21.99 -12.84
CA ASP D 271 9.39 21.64 -11.49
C ASP D 271 10.25 20.55 -10.86
N LEU D 272 10.56 19.53 -11.66
CA LEU D 272 11.36 18.40 -11.21
C LEU D 272 12.78 18.80 -10.82
N ALA D 273 13.34 19.75 -11.55
CA ALA D 273 14.70 20.22 -11.29
C ALA D 273 14.79 20.96 -9.97
N GLN D 274 13.67 21.56 -9.56
CA GLN D 274 13.62 22.29 -8.29
C GLN D 274 13.53 21.36 -7.09
N VAL D 275 12.77 20.27 -7.24
CA VAL D 275 12.64 19.29 -6.16
C VAL D 275 13.92 18.48 -5.96
N VAL D 276 14.73 18.37 -7.00
CA VAL D 276 16.01 17.66 -6.93
C VAL D 276 17.04 18.54 -6.22
N ILE D 277 17.06 19.82 -6.59
CA ILE D 277 17.98 20.80 -6.00
C ILE D 277 17.64 21.01 -4.53
N GLU D 278 16.35 20.98 -4.23
CA GLU D 278 15.88 21.16 -2.86
C GLU D 278 16.32 19.98 -1.99
N THR D 279 16.30 18.79 -2.58
CA THR D 279 16.69 17.56 -1.89
C THR D 279 18.18 17.54 -1.56
N LEU D 280 19.00 17.85 -2.57
CA LEU D 280 20.46 17.83 -2.46
C LEU D 280 21.11 19.00 -1.74
N ARG D 281 20.36 20.08 -1.57
CA ARG D 281 20.90 21.28 -0.93
C ARG D 281 21.37 21.09 0.50
N PRO D 282 20.51 20.52 1.34
CA PRO D 282 20.85 20.29 2.73
C PRO D 282 21.96 19.25 2.79
N ILE D 283 21.82 18.23 1.94
CA ILE D 283 22.80 17.15 1.85
C ILE D 283 24.18 17.70 1.52
N GLN D 284 24.24 18.53 0.49
CA GLN D 284 25.50 19.13 0.05
C GLN D 284 26.08 20.08 1.10
N GLU D 285 25.19 20.72 1.85
CA GLU D 285 25.62 21.65 2.88
C GLU D 285 26.28 20.92 4.04
N ARG D 286 25.80 19.71 4.33
CA ARG D 286 26.34 18.89 5.42
C ARG D 286 27.62 18.18 4.99
N TYR D 287 27.63 17.72 3.75
CA TYR D 287 28.79 17.04 3.21
C TYR D 287 30.02 17.92 3.39
N HIS D 288 29.83 19.22 3.23
CA HIS D 288 30.92 20.18 3.34
C HIS D 288 31.37 20.45 4.77
N HIS D 289 30.43 20.41 5.71
CA HIS D 289 30.77 20.61 7.11
C HIS D 289 31.62 19.43 7.57
N TRP D 290 31.17 18.23 7.22
CA TRP D 290 31.87 16.98 7.54
C TRP D 290 33.28 16.95 6.98
N MSE D 291 33.39 17.26 5.69
CA MSE D 291 34.68 17.27 5.01
C MSE D 291 35.66 18.25 5.68
O MSE D 291 36.88 18.11 5.56
CB MSE D 291 34.50 17.64 3.55
CG MSE D 291 34.04 16.54 2.62
SE MSE D 291 35.15 14.94 2.67
CE MSE D 291 36.24 15.23 1.12
N GLU D 292 35.10 19.23 6.38
CA GLU D 292 35.90 20.23 7.08
C GLU D 292 36.03 19.94 8.57
N SER D 293 35.21 19.03 9.07
CA SER D 293 35.21 18.69 10.48
C SER D 293 36.24 17.64 10.87
N GLU D 294 36.88 17.85 12.01
CA GLU D 294 37.85 16.89 12.51
C GLU D 294 37.05 15.76 13.15
N GLU D 295 35.73 15.95 13.16
CA GLU D 295 34.78 14.98 13.71
C GLU D 295 34.59 13.80 12.75
N LEU D 296 34.95 13.99 11.48
CA LEU D 296 34.83 12.93 10.49
C LEU D 296 35.77 11.78 10.85
N ASP D 297 37.04 12.13 11.06
CA ASP D 297 38.07 11.17 11.46
C ASP D 297 37.70 10.48 12.77
N ARG D 298 37.00 11.20 13.63
CA ARG D 298 36.62 10.70 14.95
C ARG D 298 35.47 9.71 14.86
N VAL D 299 34.62 9.89 13.85
CA VAL D 299 33.46 9.04 13.64
C VAL D 299 33.88 7.69 13.06
N LEU D 300 34.93 7.72 12.24
CA LEU D 300 35.47 6.53 11.61
C LEU D 300 36.36 5.75 12.57
N ASP D 301 36.87 6.46 13.58
CA ASP D 301 37.72 5.83 14.60
C ASP D 301 36.82 4.99 15.51
N GLU D 302 35.68 5.58 15.88
CA GLU D 302 34.68 4.94 16.72
C GLU D 302 34.12 3.70 16.02
N GLY D 303 33.79 3.86 14.75
CA GLY D 303 33.22 2.78 13.94
C GLY D 303 34.12 1.57 13.74
N ALA D 304 35.43 1.79 13.69
CA ALA D 304 36.39 0.70 13.55
C ALA D 304 36.67 0.03 14.89
N GLU D 305 36.52 0.80 15.97
CA GLU D 305 36.71 0.28 17.31
C GLU D 305 35.55 -0.69 17.59
N LYS D 306 34.34 -0.19 17.35
CA LYS D 306 33.13 -0.98 17.52
C LYS D 306 33.20 -2.26 16.69
N ALA D 307 33.58 -2.09 15.43
CA ALA D 307 33.68 -3.19 14.48
C ALA D 307 34.80 -4.18 14.80
N ASN D 308 35.99 -3.65 15.11
CA ASN D 308 37.12 -4.52 15.44
C ASN D 308 36.74 -5.43 16.60
N ARG D 309 35.97 -4.87 17.53
CA ARG D 309 35.51 -5.58 18.71
C ARG D 309 34.63 -6.77 18.36
N VAL D 310 33.52 -6.50 17.69
CA VAL D 310 32.58 -7.54 17.27
C VAL D 310 33.29 -8.53 16.34
N ALA D 311 34.09 -8.01 15.42
CA ALA D 311 34.82 -8.83 14.44
C ALA D 311 35.97 -9.66 15.02
N SER D 312 36.77 -9.04 15.89
CA SER D 312 37.90 -9.72 16.55
C SER D 312 37.43 -10.94 17.33
N GLU D 313 36.24 -10.82 17.91
CA GLU D 313 35.65 -11.89 18.70
C GLU D 313 35.27 -13.08 17.81
N MSE D 314 34.74 -12.77 16.64
CA MSE D 314 34.35 -13.79 15.66
C MSE D 314 35.59 -14.56 15.19
O MSE D 314 35.61 -15.79 15.15
CB MSE D 314 33.66 -13.11 14.49
CG MSE D 314 32.86 -13.96 13.53
SE MSE D 314 32.19 -15.65 14.24
CE MSE D 314 30.31 -15.31 14.06
N VAL D 315 36.60 -13.79 14.81
CA VAL D 315 37.84 -14.35 14.32
C VAL D 315 38.44 -15.37 15.27
N ARG D 316 38.41 -15.08 16.56
CA ARG D 316 38.98 -16.02 17.53
C ARG D 316 38.09 -17.20 17.85
N LYS D 317 36.79 -17.05 17.60
CA LYS D 317 35.84 -18.14 17.79
C LYS D 317 36.05 -19.08 16.60
N MSE D 318 36.42 -18.48 15.47
CA MSE D 318 36.68 -19.18 14.23
C MSE D 318 38.00 -19.97 14.31
O MSE D 318 38.08 -21.11 13.85
CB MSE D 318 36.83 -18.19 13.09
CG MSE D 318 35.64 -17.99 12.20
SE MSE D 318 35.82 -16.40 11.08
CE MSE D 318 36.27 -17.28 9.43
N GLU D 319 39.01 -19.35 14.89
CA GLU D 319 40.31 -19.99 15.04
C GLU D 319 40.21 -21.07 16.09
N GLN D 320 39.48 -20.76 17.16
CA GLN D 320 39.27 -21.71 18.24
C GLN D 320 38.73 -23.00 17.64
N ALA D 321 37.84 -22.85 16.68
CA ALA D 321 37.19 -23.96 16.01
C ALA D 321 38.06 -24.71 15.00
N MSE D 322 39.04 -24.03 14.43
CA MSE D 322 39.91 -24.64 13.44
C MSE D 322 41.22 -25.16 14.05
O MSE D 322 41.91 -25.99 13.45
CB MSE D 322 40.19 -23.69 12.28
CG MSE D 322 38.98 -23.34 11.44
SE MSE D 322 39.37 -22.20 9.91
CE MSE D 322 40.06 -23.54 8.72
N GLY D 323 41.53 -24.68 15.25
CA GLY D 323 42.74 -25.10 15.95
C GLY D 323 43.92 -24.15 15.72
N LEU D 324 43.62 -22.93 15.28
CA LEU D 324 44.67 -21.94 15.01
C LEU D 324 45.20 -21.31 16.29
N GLY D 325 46.50 -21.07 16.33
CA GLY D 325 47.15 -20.44 17.47
C GLY D 325 46.88 -21.14 18.80
N ARG D 326 46.44 -20.36 19.79
CA ARG D 326 46.16 -20.87 21.13
C ARG D 326 44.88 -20.24 21.70
N MSE E 1 0.56 51.00 30.94
CA MSE E 1 -0.38 50.08 31.58
C MSE E 1 0.32 49.31 32.69
O MSE E 1 1.47 49.58 33.04
CB MSE E 1 -0.94 49.10 30.57
CG MSE E 1 -1.55 49.72 29.33
SE MSE E 1 -1.23 48.75 27.68
CE MSE E 1 0.48 49.48 27.21
N LYS E 2 -0.38 48.33 33.25
CA LYS E 2 0.22 47.50 34.29
C LYS E 2 1.09 46.48 33.59
N THR E 3 2.22 46.16 34.19
CA THR E 3 3.14 45.20 33.61
C THR E 3 2.88 43.80 34.13
N ILE E 4 2.85 42.84 33.21
CA ILE E 4 2.70 41.45 33.57
C ILE E 4 3.97 40.76 33.11
N PHE E 5 4.47 39.84 33.94
CA PHE E 5 5.68 39.13 33.59
C PHE E 5 5.50 37.63 33.76
N SER E 6 5.76 36.90 32.69
CA SER E 6 5.68 35.46 32.74
C SER E 6 7.01 34.87 32.32
N GLY E 7 7.56 34.03 33.18
CA GLY E 7 8.81 33.34 32.90
C GLY E 7 8.41 31.92 32.54
N ILE E 8 8.89 31.44 31.40
CA ILE E 8 8.48 30.14 30.89
C ILE E 8 9.67 29.18 30.79
N GLN E 9 9.49 27.99 31.34
CA GLN E 9 10.48 26.92 31.18
C GLN E 9 10.52 26.41 29.75
N GLY E 17 -4.22 22.01 29.71
CA GLY E 17 -4.14 22.65 31.01
C GLY E 17 -3.59 24.06 30.92
N ASN E 18 -2.34 24.18 30.49
CA ASN E 18 -1.73 25.48 30.25
C ASN E 18 -2.63 26.39 29.43
N TYR E 19 -2.91 25.98 28.19
CA TYR E 19 -3.54 26.86 27.21
C TYR E 19 -4.88 27.38 27.72
N ILE E 20 -5.63 26.51 28.41
CA ILE E 20 -6.86 26.91 29.07
C ILE E 20 -6.60 27.71 30.34
N GLY E 21 -5.46 27.41 30.98
CA GLY E 21 -5.17 27.98 32.29
C GLY E 21 -4.57 29.36 32.20
N ALA E 22 -3.53 29.50 31.38
CA ALA E 22 -2.64 30.66 31.45
C ALA E 22 -2.47 31.29 30.08
N LEU E 23 -2.16 30.47 29.08
CA LEU E 23 -1.68 30.96 27.79
C LEU E 23 -2.80 31.67 27.02
N ARG E 24 -3.96 31.02 26.95
CA ARG E 24 -5.01 31.42 26.03
C ARG E 24 -5.55 32.81 26.38
N GLN E 25 -5.43 33.19 27.65
CA GLN E 25 -5.89 34.49 28.10
C GLN E 25 -4.98 35.60 27.59
N PHE E 26 -3.68 35.35 27.61
CA PHE E 26 -2.69 36.37 27.26
C PHE E 26 -2.96 36.86 25.83
N VAL E 27 -3.44 35.96 24.99
CA VAL E 27 -3.72 36.30 23.59
C VAL E 27 -4.54 37.57 23.43
N GLU E 28 -5.26 37.94 24.48
CA GLU E 28 -6.12 39.12 24.45
C GLU E 28 -5.81 40.06 25.61
N LEU E 29 -5.19 39.51 26.65
CA LEU E 29 -4.79 40.31 27.81
C LEU E 29 -3.64 41.26 27.44
N GLN E 30 -2.88 40.82 26.45
CA GLN E 30 -1.72 41.55 25.95
C GLN E 30 -2.11 42.88 25.32
N HIS E 31 -3.40 43.09 25.05
CA HIS E 31 -3.88 44.35 24.46
C HIS E 31 -4.15 45.35 25.55
N GLU E 32 -4.58 44.83 26.69
CA GLU E 32 -4.95 45.62 27.86
C GLU E 32 -3.75 45.85 28.75
N TYR E 33 -2.74 45.00 28.59
CA TYR E 33 -1.56 45.06 29.43
C TYR E 33 -0.23 45.18 28.71
N ASN E 34 0.81 45.45 29.51
CA ASN E 34 2.18 45.48 29.05
C ASN E 34 2.72 44.12 29.46
N CYS E 35 2.77 43.17 28.53
CA CYS E 35 3.18 41.80 28.83
C CYS E 35 4.57 41.37 28.40
N TYR E 36 5.20 40.57 29.27
CA TYR E 36 6.51 40.01 29.04
C TYR E 36 6.43 38.50 29.18
N PHE E 37 7.02 37.81 28.20
CA PHE E 37 7.07 36.36 28.21
C PHE E 37 8.54 35.97 28.07
N CYS E 38 9.17 35.72 29.21
CA CYS E 38 10.57 35.36 29.23
C CYS E 38 10.76 33.86 29.18
N ILE E 39 11.59 33.42 28.24
CA ILE E 39 11.95 32.02 28.11
C ILE E 39 13.19 31.90 28.99
N VAL E 40 13.00 31.32 30.18
CA VAL E 40 14.06 31.22 31.18
C VAL E 40 15.06 30.09 30.95
N ASP E 41 15.95 30.27 29.97
CA ASP E 41 16.97 29.28 29.66
C ASP E 41 18.01 29.18 30.78
N GLN E 42 18.23 30.31 31.46
CA GLN E 42 19.19 30.34 32.56
C GLN E 42 18.71 29.60 33.80
N HIS E 43 17.39 29.56 33.97
CA HIS E 43 16.76 28.85 35.09
C HIS E 43 16.78 27.35 34.77
N ALA E 44 16.76 27.06 33.48
CA ALA E 44 16.75 25.69 33.00
C ALA E 44 18.00 24.88 33.33
N ILE E 45 19.15 25.56 33.39
CA ILE E 45 20.42 24.89 33.66
C ILE E 45 20.72 24.58 35.14
N THR E 46 19.70 24.70 35.99
CA THR E 46 19.84 24.39 37.41
C THR E 46 19.66 22.88 37.51
N VAL E 47 19.32 22.29 36.38
CA VAL E 47 19.12 20.86 36.26
C VAL E 47 19.82 20.37 35.01
N TRP E 48 20.13 19.07 34.97
CA TRP E 48 20.81 18.50 33.83
C TRP E 48 20.04 18.76 32.54
N GLN E 49 20.74 19.32 31.56
CA GLN E 49 20.15 19.63 30.27
C GLN E 49 21.10 19.19 29.16
N ASP E 50 20.55 18.60 28.11
CA ASP E 50 21.34 18.28 26.95
C ASP E 50 21.28 19.57 26.12
N PRO E 51 22.44 20.16 25.87
CA PRO E 51 22.56 21.44 25.14
C PRO E 51 21.73 21.58 23.87
N HIS E 52 21.43 20.45 23.24
CA HIS E 52 20.70 20.43 21.97
C HIS E 52 19.20 20.37 22.17
N GLU E 53 18.76 19.62 23.18
CA GLU E 53 17.35 19.51 23.52
C GLU E 53 16.91 20.88 24.00
N LEU E 54 17.74 21.46 24.86
CA LEU E 54 17.53 22.80 25.40
C LEU E 54 17.35 23.93 24.39
N ARG E 55 18.39 24.12 23.58
CA ARG E 55 18.45 25.10 22.49
C ARG E 55 17.27 24.91 21.55
N GLN E 56 16.86 23.66 21.41
CA GLN E 56 15.76 23.28 20.53
C GLN E 56 14.42 23.56 21.22
N ASN E 57 14.37 23.26 22.51
CA ASN E 57 13.17 23.47 23.34
C ASN E 57 12.85 24.96 23.44
N ILE E 58 13.89 25.78 23.30
CA ILE E 58 13.76 27.24 23.38
C ILE E 58 13.02 27.78 22.16
N ARG E 59 13.34 27.21 21.01
CA ARG E 59 12.74 27.60 19.74
C ARG E 59 11.27 27.15 19.69
N ARG E 60 11.08 25.87 20.00
CA ARG E 60 9.76 25.26 20.01
C ARG E 60 8.77 26.04 20.87
N LEU E 61 9.26 26.59 21.98
CA LEU E 61 8.43 27.35 22.90
C LEU E 61 8.07 28.72 22.36
N ALA E 62 9.03 29.40 21.74
CA ALA E 62 8.79 30.72 21.19
C ALA E 62 7.72 30.60 20.10
N ALA E 63 7.94 29.68 19.16
CA ALA E 63 7.01 29.41 18.08
C ALA E 63 5.61 28.98 18.54
N LEU E 64 5.55 28.36 19.72
CA LEU E 64 4.27 27.91 20.28
C LEU E 64 3.47 29.07 20.84
N TYR E 65 4.18 30.01 21.48
CA TYR E 65 3.54 31.18 22.07
C TYR E 65 3.09 32.12 20.96
N LEU E 66 3.88 32.16 19.89
CA LEU E 66 3.54 32.98 18.72
C LEU E 66 2.40 32.30 18.00
N ALA E 67 2.49 30.99 17.89
CA ALA E 67 1.47 30.19 17.23
C ALA E 67 0.14 30.23 17.97
N VAL E 68 0.18 30.37 19.29
CA VAL E 68 -1.05 30.45 20.07
C VAL E 68 -1.72 31.81 19.83
N GLY E 69 -0.93 32.80 19.46
CA GLY E 69 -1.45 34.13 19.20
C GLY E 69 -0.77 35.23 20.01
N ILE E 70 0.44 34.96 20.51
CA ILE E 70 1.13 36.01 21.25
C ILE E 70 1.64 36.98 20.19
N ASP E 71 1.42 38.26 20.40
CA ASP E 71 1.73 39.30 19.42
C ASP E 71 2.97 40.14 19.75
N PRO E 72 4.06 39.91 19.01
CA PRO E 72 5.33 40.60 19.20
C PRO E 72 5.32 42.12 18.98
N THR E 73 4.21 42.61 18.47
CA THR E 73 4.01 44.04 18.26
C THR E 73 3.50 44.51 19.60
N GLN E 74 2.51 43.76 20.07
CA GLN E 74 1.79 43.95 21.32
C GLN E 74 2.68 43.72 22.54
N ALA E 75 3.29 42.54 22.55
CA ALA E 75 4.06 42.06 23.68
C ALA E 75 5.54 41.82 23.44
N THR E 76 6.22 41.57 24.55
CA THR E 76 7.65 41.30 24.57
C THR E 76 7.88 39.81 24.84
N LEU E 77 8.50 39.15 23.88
CA LEU E 77 8.83 37.73 23.99
C LEU E 77 10.31 37.55 23.70
N PHE E 78 11.06 37.11 24.70
CA PHE E 78 12.50 36.98 24.55
C PHE E 78 13.09 35.83 25.35
N ILE E 79 14.35 35.55 25.06
CA ILE E 79 15.12 34.54 25.77
C ILE E 79 15.92 35.24 26.87
N GLN E 80 15.65 34.83 28.11
CA GLN E 80 16.28 35.37 29.31
C GLN E 80 17.79 35.65 29.22
N SER E 81 18.55 34.71 28.69
CA SER E 81 20.00 34.83 28.58
C SER E 81 20.45 35.90 27.60
N GLU E 82 19.52 36.37 26.78
CA GLU E 82 19.84 37.38 25.79
C GLU E 82 19.76 38.78 26.38
N VAL E 83 19.39 38.82 27.66
CA VAL E 83 19.38 40.05 28.44
C VAL E 83 20.32 39.80 29.62
N PRO E 84 21.55 40.29 29.49
CA PRO E 84 22.60 40.13 30.49
C PRO E 84 22.23 40.85 31.80
N ALA E 85 21.25 41.74 31.70
CA ALA E 85 20.77 42.50 32.85
C ALA E 85 20.08 41.63 33.90
N HIS E 86 19.80 40.38 33.51
CA HIS E 86 19.13 39.42 34.38
C HIS E 86 20.05 38.84 35.44
N ALA E 87 21.27 38.50 35.01
CA ALA E 87 22.28 37.92 35.89
C ALA E 87 23.07 38.96 36.66
N GLN E 88 23.07 40.20 36.16
CA GLN E 88 23.74 41.29 36.85
C GLN E 88 22.88 41.65 38.05
N ALA E 89 21.57 41.70 37.81
CA ALA E 89 20.60 42.02 38.85
C ALA E 89 20.41 40.83 39.79
N ALA E 90 20.51 39.62 39.24
CA ALA E 90 20.41 38.42 40.05
C ALA E 90 21.50 38.42 41.12
N TRP E 91 22.69 38.90 40.74
CA TRP E 91 23.82 38.99 41.65
C TRP E 91 23.62 40.01 42.77
N MSE E 92 23.24 41.23 42.39
CA MSE E 92 23.01 42.30 43.36
C MSE E 92 21.96 41.89 44.39
O MSE E 92 22.06 42.22 45.57
CB MSE E 92 22.54 43.55 42.65
CG MSE E 92 23.59 44.22 41.78
SE MSE E 92 23.01 45.97 41.21
CE MSE E 92 22.63 45.59 39.37
N LEU E 93 20.97 41.14 43.92
CA LEU E 93 19.88 40.67 44.77
C LEU E 93 20.28 39.48 45.62
N GLN E 94 21.38 38.84 45.27
CA GLN E 94 21.89 37.69 46.00
C GLN E 94 22.63 38.20 47.22
N CYS E 95 23.22 39.37 47.06
CA CYS E 95 23.98 40.02 48.11
C CYS E 95 23.09 40.53 49.23
N ILE E 96 21.81 40.73 48.94
CA ILE E 96 20.86 41.24 49.93
C ILE E 96 19.89 40.20 50.48
N VAL E 97 19.73 39.09 49.76
CA VAL E 97 18.88 38.03 50.25
C VAL E 97 19.67 37.37 51.36
N TYR E 98 19.01 36.59 52.20
CA TYR E 98 19.69 35.90 53.28
C TYR E 98 19.75 34.41 52.97
N ILE E 99 20.84 33.77 53.35
CA ILE E 99 21.00 32.35 53.11
C ILE E 99 19.85 31.55 53.72
N GLY E 100 19.40 31.98 54.89
CA GLY E 100 18.31 31.30 55.59
C GLY E 100 16.99 31.35 54.81
N GLU E 101 16.74 32.47 54.14
CA GLU E 101 15.53 32.64 53.36
C GLU E 101 15.54 31.73 52.13
N LEU E 102 16.74 31.44 51.64
CA LEU E 102 16.91 30.56 50.48
C LEU E 102 16.63 29.12 50.90
N GLU E 103 17.09 28.78 52.10
CA GLU E 103 16.92 27.43 52.65
C GLU E 103 15.48 27.15 53.08
N ARG E 104 14.87 28.14 53.71
CA ARG E 104 13.50 28.05 54.15
C ARG E 104 12.65 27.71 52.94
N MSE E 105 13.13 28.09 51.76
CA MSE E 105 12.40 27.84 50.53
C MSE E 105 11.93 26.39 50.43
O MSE E 105 12.74 25.48 50.31
CB MSE E 105 13.27 28.19 49.32
CG MSE E 105 12.48 28.63 48.09
SE MSE E 105 11.79 30.45 48.25
CE MSE E 105 12.25 30.78 50.12
N THR E 106 10.62 26.20 50.49
CA THR E 106 10.04 24.86 50.61
C THR E 106 10.62 23.92 49.56
N GLN E 107 10.82 24.44 48.36
CA GLN E 107 11.30 23.64 47.25
C GLN E 107 12.60 22.92 47.61
N VAL E 118 24.77 18.68 45.70
CA VAL E 118 23.67 19.39 45.06
C VAL E 118 24.15 20.66 44.38
N SER E 119 23.52 21.00 43.26
CA SER E 119 23.94 22.13 42.46
C SER E 119 23.50 23.43 43.10
N ALA E 120 24.43 24.36 43.23
CA ALA E 120 24.17 25.58 43.97
C ALA E 120 23.00 26.32 43.35
N GLY E 121 22.96 26.33 42.03
CA GLY E 121 21.86 26.97 41.32
C GLY E 121 20.51 26.47 41.78
N LEU E 122 20.50 25.31 42.44
CA LEU E 122 19.27 24.75 42.99
C LEU E 122 18.81 25.51 44.22
N LEU E 123 19.69 26.36 44.74
CA LEU E 123 19.40 27.09 45.98
C LEU E 123 19.45 28.59 45.75
N THR E 124 20.20 29.00 44.72
CA THR E 124 20.41 30.40 44.40
C THR E 124 19.60 30.98 43.25
N TYR E 125 18.64 30.21 42.73
CA TYR E 125 17.84 30.69 41.62
C TYR E 125 16.66 31.57 42.05
N PRO E 126 16.18 31.40 43.28
CA PRO E 126 15.06 32.23 43.73
C PRO E 126 15.35 33.72 43.53
N PRO E 127 16.62 34.09 43.66
CA PRO E 127 17.04 35.47 43.45
C PRO E 127 17.09 35.87 41.97
N LEU E 128 17.31 34.90 41.10
CA LEU E 128 17.35 35.15 39.66
C LEU E 128 15.91 35.35 39.15
N MSE E 129 15.01 34.59 39.74
CA MSE E 129 13.58 34.67 39.42
C MSE E 129 13.00 35.99 39.91
O MSE E 129 12.04 36.52 39.34
CB MSE E 129 12.87 33.50 40.07
CG MSE E 129 11.45 33.73 40.47
SE MSE E 129 10.40 32.09 40.55
CE MSE E 129 8.66 32.84 40.21
N ALA E 130 13.61 36.55 40.95
CA ALA E 130 13.17 37.83 41.50
C ALA E 130 13.65 39.01 40.63
N ALA E 131 14.84 38.85 40.06
CA ALA E 131 15.40 39.87 39.17
C ALA E 131 14.63 39.87 37.85
N ASP E 132 14.17 38.69 37.44
CA ASP E 132 13.35 38.55 36.24
C ASP E 132 12.17 39.52 36.40
N ILE E 133 11.33 39.24 37.39
CA ILE E 133 10.21 40.12 37.71
C ILE E 133 10.66 41.56 37.88
N LEU E 134 11.45 41.81 38.92
CA LEU E 134 11.64 43.17 39.43
C LEU E 134 12.20 44.09 38.35
N LEU E 135 12.90 43.50 37.39
CA LEU E 135 13.68 44.28 36.43
C LEU E 135 12.78 45.16 35.57
N TYR E 136 11.51 44.80 35.50
CA TYR E 136 10.59 45.41 34.54
C TYR E 136 9.42 46.09 35.25
N ASN E 137 9.64 46.48 36.50
CA ASN E 137 8.61 47.16 37.28
C ASN E 137 7.26 46.47 37.16
N THR E 138 7.27 45.15 37.03
CA THR E 138 6.06 44.39 36.75
C THR E 138 5.10 44.45 37.93
N ASP E 139 3.81 44.64 37.64
CA ASP E 139 2.79 44.72 38.67
C ASP E 139 2.23 43.34 39.00
N ILE E 140 2.24 42.45 38.02
CA ILE E 140 1.49 41.20 38.10
C ILE E 140 2.34 40.01 37.66
N VAL E 141 2.26 38.93 38.42
CA VAL E 141 2.97 37.70 38.08
C VAL E 141 1.94 36.57 38.08
N PRO E 142 1.61 36.08 36.89
CA PRO E 142 0.62 35.03 36.71
C PRO E 142 1.17 33.65 37.10
N VAL E 143 1.12 33.34 38.38
CA VAL E 143 1.64 32.08 38.89
C VAL E 143 0.64 31.37 39.78
N GLY E 144 0.84 30.08 40.00
CA GLY E 144 -0.02 29.29 40.87
C GLY E 144 0.49 29.23 42.29
N GLU E 145 -0.22 28.49 43.14
CA GLU E 145 0.01 28.53 44.57
C GLU E 145 1.29 27.80 44.94
N ASP E 146 1.87 27.09 43.98
CA ASP E 146 3.15 26.41 44.17
C ASP E 146 4.31 27.40 44.14
N GLN E 147 3.99 28.68 44.06
CA GLN E 147 4.98 29.70 43.79
C GLN E 147 4.82 30.87 44.74
N LYS E 148 3.82 30.77 45.59
CA LYS E 148 3.51 31.81 46.57
C LYS E 148 4.78 32.20 47.33
N GLN E 149 5.48 31.17 47.81
CA GLN E 149 6.73 31.36 48.53
C GLN E 149 7.70 32.13 47.66
N HIS E 150 7.76 31.78 46.38
CA HIS E 150 8.65 32.43 45.45
C HIS E 150 8.39 33.90 45.29
N ILE E 151 7.12 34.29 45.31
CA ILE E 151 6.74 35.69 45.14
C ILE E 151 6.90 36.44 46.46
N GLU E 152 6.62 35.73 47.56
CA GLU E 152 6.71 36.26 48.91
C GLU E 152 8.07 36.90 49.05
N LEU E 153 9.06 36.05 48.81
CA LEU E 153 10.46 36.40 48.88
C LEU E 153 10.87 37.55 47.97
N THR E 154 10.35 37.56 46.74
CA THR E 154 10.68 38.65 45.81
C THR E 154 10.00 39.94 46.22
N ARG E 155 8.93 39.81 46.99
CA ARG E 155 8.21 40.96 47.50
C ARG E 155 9.02 41.46 48.69
N ASP E 156 9.61 40.51 49.40
CA ASP E 156 10.44 40.81 50.57
C ASP E 156 11.75 41.47 50.11
N LEU E 157 12.35 40.90 49.07
CA LEU E 157 13.60 41.41 48.49
C LEU E 157 13.42 42.83 47.94
N ALA E 158 12.35 43.01 47.18
CA ALA E 158 12.04 44.30 46.58
C ALA E 158 11.80 45.35 47.66
N GLU E 159 11.10 44.92 48.71
CA GLU E 159 10.81 45.79 49.85
C GLU E 159 12.08 46.21 50.56
N ARG E 160 12.89 45.21 50.90
CA ARG E 160 14.14 45.39 51.60
C ARG E 160 15.10 46.33 50.85
N PHE E 161 15.11 46.22 49.53
CA PHE E 161 15.97 47.06 48.69
C PHE E 161 15.46 48.50 48.65
N ASN E 162 14.15 48.65 48.57
CA ASN E 162 13.53 49.97 48.48
C ASN E 162 13.75 50.79 49.75
N LYS E 163 13.79 50.12 50.89
CA LYS E 163 13.91 50.79 52.18
C LYS E 163 15.32 51.35 52.37
N ARG E 164 16.32 50.59 51.94
CA ARG E 164 17.71 51.02 52.05
C ARG E 164 18.02 52.12 51.05
N TYR E 165 17.70 51.87 49.78
CA TYR E 165 18.24 52.65 48.67
C TYR E 165 17.22 53.64 48.13
N GLY E 166 15.95 53.36 48.40
CA GLY E 166 14.87 54.26 47.99
C GLY E 166 13.98 53.65 46.93
N GLU E 167 12.72 54.09 46.89
CA GLU E 167 11.69 53.36 46.22
C GLU E 167 11.95 53.25 44.74
N LEU E 168 12.35 52.07 44.30
CA LEU E 168 12.78 51.87 42.94
C LEU E 168 12.01 50.73 42.29
N PHE E 169 11.71 49.71 43.08
CA PHE E 169 11.03 48.54 42.56
C PHE E 169 9.55 48.65 42.78
N THR E 170 8.79 47.82 42.10
CA THR E 170 7.35 47.74 42.23
C THR E 170 7.07 46.45 42.97
N ILE E 171 6.22 46.51 43.99
CA ILE E 171 5.88 45.30 44.73
C ILE E 171 4.89 44.51 43.89
N PRO E 172 5.39 43.42 43.32
CA PRO E 172 4.58 42.59 42.45
C PRO E 172 3.54 41.85 43.27
N GLU E 173 2.59 41.23 42.58
CA GLU E 173 1.58 40.40 43.23
C GLU E 173 1.16 39.24 42.35
N ALA E 174 1.21 38.03 42.90
CA ALA E 174 0.82 36.83 42.18
C ALA E 174 -0.67 36.85 41.84
N ARG E 175 -0.98 36.96 40.56
CA ARG E 175 -2.34 36.74 40.07
C ARG E 175 -2.35 36.40 38.58
N ILE E 176 -3.15 35.41 38.22
CA ILE E 176 -3.46 35.17 36.82
C ILE E 176 -4.84 35.74 36.44
N PRO E 177 -4.84 36.87 35.75
CA PRO E 177 -6.08 37.54 35.36
C PRO E 177 -6.97 36.63 34.52
N LYS E 178 -8.23 36.49 34.92
CA LYS E 178 -9.11 35.47 34.35
C LYS E 178 -8.41 34.13 34.25
N VAL E 179 -8.02 33.58 35.40
CA VAL E 179 -7.74 32.16 35.52
C VAL E 179 -8.79 31.32 34.82
N GLY E 180 -8.36 30.43 33.94
CA GLY E 180 -9.23 29.40 33.40
C GLY E 180 -9.68 28.41 34.45
N ALA E 181 -10.62 27.55 34.09
CA ALA E 181 -10.97 26.40 34.92
C ALA E 181 -9.81 25.43 35.06
N ARG E 182 -9.50 25.06 36.29
CA ARG E 182 -8.38 24.17 36.57
C ARG E 182 -8.55 22.83 35.86
N ILE E 183 -7.59 22.49 35.01
CA ILE E 183 -7.65 21.25 34.25
C ILE E 183 -6.86 20.13 34.94
N MSE E 184 -7.31 18.90 34.76
CA MSE E 184 -6.91 17.80 35.64
C MSE E 184 -6.53 16.56 34.83
O MSE E 184 -6.74 16.51 33.61
CB MSE E 184 -8.04 17.47 36.61
CG MSE E 184 -8.34 18.57 37.61
SE MSE E 184 -6.82 18.99 38.75
CE MSE E 184 -6.77 17.36 39.81
N SER E 185 -5.98 15.57 35.51
CA SER E 185 -5.36 14.44 34.84
C SER E 185 -6.44 13.51 34.32
N LEU E 186 -6.31 13.09 33.08
CA LEU E 186 -7.28 12.19 32.45
C LEU E 186 -7.28 10.79 33.06
N VAL E 187 -6.10 10.32 33.44
CA VAL E 187 -5.98 9.00 34.05
C VAL E 187 -6.50 9.05 35.49
N ASP E 188 -6.43 10.25 36.08
CA ASP E 188 -6.89 10.50 37.44
C ASP E 188 -7.27 11.98 37.57
N PRO E 189 -8.57 12.25 37.51
CA PRO E 189 -9.09 13.62 37.62
C PRO E 189 -9.03 14.24 39.03
N THR E 190 -8.46 13.52 40.00
CA THR E 190 -8.29 14.09 41.34
C THR E 190 -6.99 14.86 41.29
N LYS E 191 -6.31 14.79 40.15
CA LYS E 191 -4.96 15.31 40.01
C LYS E 191 -4.83 16.19 38.78
N LYS E 192 -3.92 17.15 38.83
CA LYS E 192 -3.85 18.21 37.83
C LYS E 192 -3.12 17.74 36.58
N MSE E 193 -3.53 18.26 35.42
CA MSE E 193 -2.89 17.91 34.16
C MSE E 193 -1.56 18.63 34.00
O MSE E 193 -1.38 19.75 34.48
CB MSE E 193 -3.81 18.27 32.99
CG MSE E 193 -3.34 17.73 31.65
SE MSE E 193 -4.05 18.74 30.14
CE MSE E 193 -5.74 17.80 29.91
N SER E 194 -0.62 17.96 33.34
CA SER E 194 0.79 18.37 33.39
C SER E 194 1.58 17.76 32.25
N LYS E 195 2.71 18.37 31.92
CA LYS E 195 3.52 17.92 30.79
C LYS E 195 4.72 17.10 31.26
N SER E 196 4.70 16.72 32.53
CA SER E 196 5.78 15.91 33.11
C SER E 196 5.23 14.72 33.89
N ASP E 197 3.97 14.40 33.64
CA ASP E 197 3.37 13.19 34.20
C ASP E 197 3.93 11.94 33.52
N PRO E 198 4.07 10.86 34.29
CA PRO E 198 4.71 9.65 33.80
C PRO E 198 3.86 8.92 32.78
N ASN E 199 2.54 8.92 32.99
CA ASN E 199 1.59 8.63 31.92
C ASN E 199 1.44 9.79 30.94
N PRO E 200 1.96 9.62 29.74
CA PRO E 200 1.84 10.64 28.70
C PRO E 200 0.39 10.83 28.25
N LYS E 201 -0.51 10.03 28.80
CA LYS E 201 -1.94 10.28 28.64
C LYS E 201 -2.48 11.14 29.78
N ALA E 202 -1.66 11.37 30.78
CA ALA E 202 -1.99 12.33 31.84
C ALA E 202 -2.39 13.68 31.26
N TYR E 203 -2.06 13.90 29.99
CA TYR E 203 -2.27 15.19 29.36
C TYR E 203 -2.53 15.04 27.87
N ILE E 204 -3.03 16.10 27.24
CA ILE E 204 -2.84 16.31 25.81
C ILE E 204 -1.92 17.51 25.56
N THR E 205 -1.01 17.35 24.60
CA THR E 205 -0.07 18.40 24.27
C THR E 205 -0.62 19.22 23.11
N LEU E 206 -0.29 20.50 23.09
CA LEU E 206 -0.74 21.40 22.04
C LEU E 206 -0.29 20.86 20.69
N LEU E 207 0.80 20.10 20.71
CA LEU E 207 1.36 19.50 19.51
C LEU E 207 0.95 18.04 19.35
N ASP E 208 -0.12 17.64 20.03
CA ASP E 208 -0.59 16.27 19.87
C ASP E 208 -1.31 16.23 18.51
N ASP E 209 -1.39 15.05 17.90
CA ASP E 209 -2.02 14.91 16.59
C ASP E 209 -3.48 14.49 16.78
N ALA E 210 -4.21 14.49 15.66
CA ALA E 210 -5.62 14.10 15.60
C ALA E 210 -5.84 12.76 16.31
N LYS E 211 -4.99 11.78 16.01
CA LYS E 211 -5.14 10.42 16.54
C LYS E 211 -4.83 10.25 18.04
N THR E 212 -3.74 10.87 18.47
CA THR E 212 -3.35 10.85 19.87
C THR E 212 -4.49 11.42 20.71
N ILE E 213 -4.95 12.61 20.33
CA ILE E 213 -6.07 13.27 20.98
C ILE E 213 -7.18 12.23 21.15
N GLU E 214 -7.69 11.78 20.01
CA GLU E 214 -8.73 10.77 19.90
C GLU E 214 -8.57 9.65 20.91
N LYS E 215 -7.48 8.89 20.77
CA LYS E 215 -7.20 7.79 21.69
C LYS E 215 -7.17 8.26 23.13
N LYS E 216 -6.31 9.24 23.41
CA LYS E 216 -6.25 9.86 24.73
C LYS E 216 -7.65 10.13 25.28
N ILE E 217 -8.44 10.89 24.53
CA ILE E 217 -9.79 11.24 24.95
C ILE E 217 -10.65 9.98 25.13
N LYS E 218 -10.47 9.02 24.24
CA LYS E 218 -11.19 7.76 24.33
C LYS E 218 -10.88 7.03 25.63
N SER E 219 -9.60 7.01 25.99
CA SER E 219 -9.17 6.39 27.24
C SER E 219 -9.58 7.23 28.44
N SER E 224 -19.00 4.72 36.27
CA SER E 224 -19.73 3.52 35.87
C SER E 224 -21.19 3.86 35.54
N GLU E 225 -21.62 5.06 35.91
CA GLU E 225 -23.03 5.40 35.94
C GLU E 225 -23.45 6.12 34.65
N GLY E 226 -22.45 6.57 33.89
CA GLY E 226 -22.68 6.98 32.51
C GLY E 226 -23.71 8.08 32.40
N THR E 227 -23.38 9.25 32.93
CA THR E 227 -24.21 10.44 32.76
C THR E 227 -23.35 11.68 32.53
N ILE E 228 -23.82 12.55 31.65
CA ILE E 228 -23.08 13.77 31.32
C ILE E 228 -23.53 14.94 32.18
N ARG E 229 -22.68 15.33 33.12
CA ARG E 229 -23.05 16.31 34.14
C ARG E 229 -21.84 16.79 34.92
N TYR E 230 -22.03 17.83 35.72
CA TYR E 230 -20.93 18.46 36.43
C TYR E 230 -21.14 18.40 37.94
N ASP E 231 -20.47 17.47 38.60
CA ASP E 231 -20.59 17.30 40.05
C ASP E 231 -19.23 17.39 40.73
N GLY E 237 -14.96 12.90 37.26
CA GLY E 237 -14.72 12.18 36.02
C GLY E 237 -15.01 13.01 34.79
N ILE E 238 -16.13 13.71 34.82
CA ILE E 238 -16.62 14.42 33.63
C ILE E 238 -16.37 15.91 33.75
N SER E 239 -16.52 16.45 34.96
CA SER E 239 -16.39 17.88 35.20
C SER E 239 -15.26 18.47 34.36
N ASN E 240 -14.04 17.98 34.58
CA ASN E 240 -12.91 18.29 33.71
C ASN E 240 -13.32 18.41 32.25
N LEU E 241 -13.99 17.38 31.75
CA LEU E 241 -14.23 17.24 30.31
C LEU E 241 -15.24 18.27 29.82
N LEU E 242 -16.39 18.33 30.48
CA LEU E 242 -17.23 19.52 30.46
C LEU E 242 -16.39 20.79 30.49
N ASN E 243 -15.53 20.89 31.49
CA ASN E 243 -14.59 22.01 31.57
C ASN E 243 -13.82 22.20 30.28
N ILE E 244 -13.47 21.11 29.62
CA ILE E 244 -12.63 21.15 28.44
C ILE E 244 -13.43 21.56 27.20
N TYR E 245 -14.45 20.77 26.88
CA TYR E 245 -15.29 21.04 25.72
C TYR E 245 -15.76 22.50 25.71
N SER E 246 -16.21 22.97 26.87
CA SER E 246 -16.98 24.20 26.94
C SER E 246 -16.14 25.42 26.57
N THR E 247 -15.14 25.70 27.41
CA THR E 247 -14.25 26.83 27.17
C THR E 247 -13.53 26.70 25.83
N LEU E 248 -12.96 25.53 25.59
CA LEU E 248 -12.30 25.25 24.31
C LEU E 248 -13.26 25.48 23.14
N SER E 249 -14.55 25.41 23.41
CA SER E 249 -15.56 25.34 22.36
C SER E 249 -16.31 26.66 22.23
N GLY E 250 -16.17 27.52 23.23
CA GLY E 250 -16.89 28.77 23.28
C GLY E 250 -18.35 28.56 23.63
N GLN E 251 -18.62 27.76 24.65
CA GLN E 251 -19.97 27.37 25.01
C GLN E 251 -20.20 27.45 26.52
N SER E 252 -21.45 27.59 26.91
CA SER E 252 -21.90 27.11 28.22
C SER E 252 -21.73 25.60 28.34
N ILE E 253 -21.53 25.14 29.57
CA ILE E 253 -21.70 23.73 29.89
C ILE E 253 -23.15 23.43 30.30
N GLU E 254 -23.97 24.48 30.33
CA GLU E 254 -25.42 24.31 30.32
C GLU E 254 -25.94 24.08 28.90
N GLU E 255 -25.48 24.89 27.97
CA GLU E 255 -25.67 24.62 26.55
C GLU E 255 -25.17 23.23 26.19
N LEU E 256 -24.21 22.72 26.97
CA LEU E 256 -23.55 21.46 26.66
C LEU E 256 -24.09 20.32 27.50
N GLU E 257 -24.35 20.59 28.77
CA GLU E 257 -25.04 19.65 29.64
C GLU E 257 -26.15 18.92 28.89
N ARG E 258 -27.03 19.69 28.25
CA ARG E 258 -28.27 19.15 27.71
C ARG E 258 -27.99 18.22 26.53
N GLY E 266 -19.23 8.37 25.11
CA GLY E 266 -18.93 7.88 23.78
C GLY E 266 -19.29 8.87 22.70
N VAL E 267 -20.50 9.41 22.78
CA VAL E 267 -20.95 10.43 21.83
C VAL E 267 -20.37 11.79 22.18
N PHE E 268 -20.55 12.21 23.44
CA PHE E 268 -19.74 13.27 24.01
C PHE E 268 -18.32 13.23 23.48
N LYS E 269 -17.70 12.05 23.54
CA LYS E 269 -16.25 11.94 23.50
C LYS E 269 -15.71 12.19 22.10
N ALA E 270 -16.17 11.38 21.14
CA ALA E 270 -15.87 11.62 19.73
C ALA E 270 -16.19 13.05 19.33
N ASP E 271 -16.98 13.73 20.16
CA ASP E 271 -17.39 15.10 19.89
C ASP E 271 -16.37 16.11 20.42
N LEU E 272 -15.91 15.88 21.64
CA LEU E 272 -14.85 16.69 22.22
C LEU E 272 -13.48 16.21 21.76
N ALA E 273 -13.38 14.94 21.41
CA ALA E 273 -12.28 14.45 20.59
C ALA E 273 -12.02 15.38 19.41
N GLN E 274 -13.06 16.05 18.94
CA GLN E 274 -12.98 16.85 17.73
C GLN E 274 -12.51 18.27 18.04
N VAL E 275 -13.23 18.95 18.93
CA VAL E 275 -12.96 20.35 19.23
C VAL E 275 -11.47 20.58 19.47
N VAL E 276 -10.80 19.55 20.01
CA VAL E 276 -9.40 19.68 20.39
C VAL E 276 -8.48 19.59 19.17
N ILE E 277 -8.69 18.59 18.34
CA ILE E 277 -8.13 18.56 16.99
C ILE E 277 -8.32 19.91 16.31
N GLU E 278 -9.46 20.54 16.54
CA GLU E 278 -9.92 21.63 15.69
C GLU E 278 -9.36 22.98 16.18
N THR E 279 -9.13 23.08 17.48
CA THR E 279 -8.34 24.17 18.04
C THR E 279 -6.88 24.07 17.61
N LEU E 280 -6.33 22.86 17.66
CA LEU E 280 -4.90 22.67 17.46
C LEU E 280 -4.54 22.72 15.98
N ARG E 281 -5.46 22.29 15.13
CA ARG E 281 -5.23 22.28 13.68
C ARG E 281 -4.59 23.57 13.22
N PRO E 282 -5.15 24.70 13.64
CA PRO E 282 -4.62 26.00 13.27
C PRO E 282 -3.36 26.40 14.04
N ILE E 283 -3.38 26.25 15.36
CA ILE E 283 -2.21 26.57 16.19
C ILE E 283 -1.07 25.75 15.60
N GLN E 284 -1.32 24.45 15.52
CA GLN E 284 -0.39 23.48 14.95
C GLN E 284 0.11 23.94 13.58
N GLU E 285 -0.72 24.72 12.87
CA GLU E 285 -0.38 25.19 11.54
C GLU E 285 0.69 26.29 11.48
N ARG E 286 0.61 27.24 12.41
CA ARG E 286 1.54 28.37 12.42
C ARG E 286 2.84 28.00 13.13
N TYR E 287 2.74 27.17 14.15
CA TYR E 287 3.91 26.48 14.70
C TYR E 287 4.88 26.09 13.59
N HIS E 288 4.39 25.38 12.58
CA HIS E 288 5.22 24.92 11.49
C HIS E 288 5.66 26.07 10.60
N HIS E 289 5.40 27.30 11.05
CA HIS E 289 5.36 28.45 10.17
C HIS E 289 6.32 29.55 10.64
N TRP E 290 6.32 29.79 11.95
CA TRP E 290 7.46 30.42 12.60
C TRP E 290 8.66 29.47 12.63
N MSE E 291 8.45 28.25 13.08
CA MSE E 291 9.52 27.27 13.18
C MSE E 291 10.23 27.09 11.85
O MSE E 291 11.40 26.70 11.82
CB MSE E 291 8.98 25.93 13.68
CG MSE E 291 8.53 25.94 15.14
SE MSE E 291 9.97 26.46 16.35
CE MSE E 291 11.07 24.85 16.24
N GLU E 292 9.52 27.37 10.77
CA GLU E 292 10.11 27.27 9.43
C GLU E 292 10.41 28.64 8.86
N SER E 293 9.90 29.68 9.51
CA SER E 293 10.20 31.06 9.12
C SER E 293 11.39 31.61 9.92
N GLU E 294 12.22 32.40 9.25
CA GLU E 294 13.37 33.02 9.89
C GLU E 294 12.95 34.33 10.53
N GLU E 295 11.65 34.63 10.47
CA GLU E 295 11.08 35.83 11.08
C GLU E 295 11.05 35.59 12.59
N LEU E 296 11.19 34.31 12.95
CA LEU E 296 11.18 33.88 14.33
C LEU E 296 12.40 34.38 15.06
N ASP E 297 13.56 34.18 14.45
CA ASP E 297 14.84 34.64 15.02
C ASP E 297 14.80 36.16 15.11
N ARG E 298 13.96 36.77 14.26
CA ARG E 298 13.84 38.23 14.22
C ARG E 298 12.88 38.77 15.26
N VAL E 299 11.76 38.09 15.45
CA VAL E 299 10.76 38.46 16.45
C VAL E 299 11.46 38.45 17.81
N LEU E 300 12.38 37.50 17.95
CA LEU E 300 13.13 37.27 19.17
C LEU E 300 14.22 38.27 19.46
N ASP E 301 14.80 38.85 18.40
CA ASP E 301 15.87 39.83 18.56
C ASP E 301 15.24 41.15 19.00
N GLU E 302 14.03 41.38 18.49
CA GLU E 302 13.24 42.56 18.81
C GLU E 302 12.83 42.49 20.28
N GLY E 303 12.53 41.29 20.74
CA GLY E 303 12.12 41.08 22.13
C GLY E 303 13.31 41.23 23.08
N ALA E 304 14.46 40.70 22.68
CA ALA E 304 15.68 40.81 23.49
C ALA E 304 16.08 42.27 23.58
N GLU E 305 15.94 42.95 22.45
CA GLU E 305 16.26 44.36 22.29
C GLU E 305 15.37 45.29 23.13
N LYS E 306 14.08 44.96 23.20
CA LYS E 306 13.11 45.77 23.95
C LYS E 306 13.28 45.59 25.46
N ALA E 307 13.62 44.37 25.87
CA ALA E 307 13.81 44.03 27.26
C ALA E 307 15.15 44.53 27.79
N ASN E 308 16.16 44.53 26.93
CA ASN E 308 17.49 44.99 27.31
C ASN E 308 17.47 46.48 27.61
N ARG E 309 16.67 47.20 26.83
CA ARG E 309 16.53 48.64 26.98
C ARG E 309 15.94 48.98 28.34
N VAL E 310 14.84 48.32 28.70
CA VAL E 310 14.15 48.52 29.98
C VAL E 310 14.97 47.94 31.14
N ALA E 311 15.30 46.66 31.00
CA ALA E 311 16.06 45.91 31.99
C ALA E 311 17.43 46.54 32.33
N SER E 312 18.19 46.91 31.30
CA SER E 312 19.51 47.51 31.49
C SER E 312 19.54 48.91 32.11
N GLU E 313 18.39 49.60 32.09
CA GLU E 313 18.31 50.94 32.69
C GLU E 313 18.05 50.76 34.18
N MSE E 314 17.28 49.72 34.50
CA MSE E 314 16.95 49.37 35.86
C MSE E 314 18.26 49.01 36.59
O MSE E 314 18.51 49.45 37.72
CB MSE E 314 16.03 48.15 35.86
CG MSE E 314 15.56 47.70 37.21
SE MSE E 314 15.04 49.16 38.37
CE MSE E 314 13.15 48.81 38.53
N VAL E 315 19.08 48.21 35.92
CA VAL E 315 20.36 47.78 36.46
C VAL E 315 21.24 48.99 36.68
N ARG E 316 21.21 49.91 35.72
CA ARG E 316 21.97 51.15 35.80
C ARG E 316 21.52 51.95 37.02
N LYS E 317 20.25 51.73 37.39
CA LYS E 317 19.67 52.42 38.53
C LYS E 317 19.89 51.68 39.84
N MSE E 318 20.14 50.38 39.76
CA MSE E 318 20.40 49.58 40.95
C MSE E 318 21.87 49.80 41.31
O MSE E 318 22.24 50.07 42.45
CB MSE E 318 20.12 48.11 40.69
CG MSE E 318 18.79 47.78 40.03
SE MSE E 318 18.52 45.86 39.93
CE MSE E 318 19.26 45.37 41.64
N GLU E 319 22.69 49.71 40.27
CA GLU E 319 24.11 49.90 40.37
C GLU E 319 24.42 51.30 40.90
N GLN E 320 23.57 52.26 40.53
CA GLN E 320 23.73 53.65 40.97
C GLN E 320 23.32 53.85 42.41
N ALA E 321 22.35 53.06 42.87
CA ALA E 321 21.89 53.14 44.25
C ALA E 321 22.90 52.47 45.18
N MSE E 322 23.44 51.35 44.73
CA MSE E 322 24.42 50.59 45.49
C MSE E 322 25.84 51.17 45.44
O MSE E 322 26.63 51.00 46.37
CB MSE E 322 24.38 49.13 45.07
CG MSE E 322 23.02 48.50 45.14
SE MSE E 322 23.03 46.57 44.96
CE MSE E 322 24.11 46.14 46.50
N GLY E 323 26.17 51.85 44.35
CA GLY E 323 27.49 52.47 44.18
C GLY E 323 28.44 51.75 43.22
N LEU E 324 27.89 50.90 42.35
CA LEU E 324 28.69 50.14 41.39
C LEU E 324 29.17 50.93 40.17
N GLY E 325 30.47 50.87 39.89
CA GLY E 325 31.04 51.52 38.71
C GLY E 325 31.07 53.05 38.75
N ARG E 326 30.52 53.70 37.73
CA ARG E 326 30.52 55.16 37.67
C ARG E 326 29.15 55.81 37.38
N MSE F 1 -31.44 37.29 -19.98
CA MSE F 1 -31.95 38.50 -19.34
C MSE F 1 -30.93 39.63 -19.40
O MSE F 1 -29.82 39.45 -19.91
CB MSE F 1 -32.30 38.25 -17.88
CG MSE F 1 -32.97 36.93 -17.56
SE MSE F 1 -32.31 36.05 -15.95
CE MSE F 1 -31.54 34.50 -16.75
N LYS F 2 -31.29 40.78 -18.85
CA LYS F 2 -30.36 41.90 -18.79
C LYS F 2 -29.30 41.63 -17.73
N THR F 3 -28.08 42.09 -17.98
CA THR F 3 -26.96 41.86 -17.08
C THR F 3 -26.66 43.07 -16.18
N ILE F 4 -26.56 42.81 -14.88
CA ILE F 4 -26.24 43.86 -13.90
C ILE F 4 -24.90 43.60 -13.24
N PHE F 5 -24.00 44.57 -13.29
CA PHE F 5 -22.69 44.44 -12.67
C PHE F 5 -22.50 45.39 -11.49
N SER F 6 -22.17 44.82 -10.34
CA SER F 6 -21.95 45.61 -9.13
C SER F 6 -20.56 45.40 -8.56
N GLY F 7 -19.77 46.46 -8.54
CA GLY F 7 -18.42 46.41 -8.00
C GLY F 7 -18.48 46.87 -6.55
N ILE F 8 -18.13 45.98 -5.63
CA ILE F 8 -18.19 46.29 -4.21
C ILE F 8 -16.80 46.41 -3.61
N GLN F 9 -16.41 47.63 -3.26
CA GLN F 9 -15.23 47.86 -2.44
C GLN F 9 -15.20 46.94 -1.22
N ILE F 16 -27.25 50.37 7.11
CA ILE F 16 -28.64 50.05 6.80
C ILE F 16 -29.17 50.98 5.73
N GLY F 17 -28.46 52.08 5.50
CA GLY F 17 -28.81 53.01 4.45
C GLY F 17 -28.49 52.36 3.11
N ASN F 18 -27.37 51.63 3.08
CA ASN F 18 -26.93 50.89 1.90
C ASN F 18 -27.82 49.67 1.69
N TYR F 19 -28.22 49.04 2.78
CA TYR F 19 -29.09 47.88 2.72
C TYR F 19 -30.44 48.23 2.12
N ILE F 20 -31.14 49.17 2.74
CA ILE F 20 -32.40 49.67 2.21
C ILE F 20 -32.21 50.29 0.82
N GLY F 21 -31.08 50.96 0.63
CA GLY F 21 -30.79 51.62 -0.63
C GLY F 21 -30.84 50.68 -1.81
N ALA F 22 -29.90 49.74 -1.85
CA ALA F 22 -29.51 49.10 -3.10
C ALA F 22 -29.58 47.58 -2.99
N LEU F 23 -29.19 47.06 -1.83
CA LEU F 23 -28.92 45.63 -1.69
C LEU F 23 -30.22 44.85 -1.45
N ARG F 24 -31.21 45.54 -0.90
CA ARG F 24 -32.46 44.89 -0.50
C ARG F 24 -33.28 44.49 -1.73
N GLN F 25 -33.26 45.33 -2.75
CA GLN F 25 -34.03 45.09 -3.96
C GLN F 25 -33.36 44.04 -4.84
N PHE F 26 -32.12 43.71 -4.52
CA PHE F 26 -31.33 42.77 -5.31
C PHE F 26 -31.69 41.33 -4.97
N VAL F 27 -32.16 41.11 -3.74
CA VAL F 27 -32.55 39.78 -3.30
C VAL F 27 -33.77 39.28 -4.05
N GLU F 28 -34.32 40.14 -4.91
CA GLU F 28 -35.30 39.71 -5.90
C GLU F 28 -34.75 39.81 -7.32
N LEU F 29 -34.05 40.91 -7.60
CA LEU F 29 -33.64 41.24 -8.96
C LEU F 29 -32.62 40.24 -9.49
N GLN F 30 -31.94 39.56 -8.57
CA GLN F 30 -31.07 38.45 -8.94
C GLN F 30 -31.85 37.36 -9.69
N HIS F 31 -33.17 37.46 -9.66
CA HIS F 31 -34.04 36.49 -10.32
C HIS F 31 -34.50 37.01 -11.67
N GLU F 32 -34.59 38.33 -11.81
CA GLU F 32 -35.01 38.94 -13.06
C GLU F 32 -33.82 39.33 -13.92
N TYR F 33 -32.63 39.21 -13.35
CA TYR F 33 -31.40 39.66 -14.01
C TYR F 33 -30.29 38.64 -13.88
N ASN F 34 -29.34 38.68 -14.81
CA ASN F 34 -28.00 38.15 -14.56
C ASN F 34 -27.15 39.13 -13.76
N CYS F 35 -26.96 38.82 -12.48
CA CYS F 35 -26.24 39.72 -11.58
C CYS F 35 -24.85 39.29 -11.16
N TYR F 36 -23.91 40.21 -11.27
CA TYR F 36 -22.54 40.00 -10.84
C TYR F 36 -22.28 40.94 -9.67
N PHE F 37 -21.74 40.38 -8.60
CA PHE F 37 -21.36 41.15 -7.44
C PHE F 37 -19.86 40.96 -7.29
N CYS F 38 -19.11 41.96 -7.73
CA CYS F 38 -17.66 41.89 -7.72
C CYS F 38 -17.04 42.64 -6.54
N ILE F 39 -16.26 41.90 -5.76
CA ILE F 39 -15.51 42.46 -4.65
C ILE F 39 -14.23 42.98 -5.31
N VAL F 40 -14.12 44.30 -5.39
CA VAL F 40 -13.01 44.94 -6.08
C VAL F 40 -11.77 45.18 -5.22
N ASP F 41 -11.10 44.10 -4.85
CA ASP F 41 -9.88 44.15 -4.04
C ASP F 41 -8.74 44.84 -4.79
N GLN F 42 -8.81 44.81 -6.12
CA GLN F 42 -7.77 45.45 -6.92
C GLN F 42 -7.90 46.97 -6.92
N HIS F 43 -9.12 47.46 -6.80
CA HIS F 43 -9.37 48.90 -6.73
C HIS F 43 -8.99 49.39 -5.34
N ALA F 44 -9.15 48.52 -4.36
CA ALA F 44 -8.86 48.81 -2.96
C ALA F 44 -7.39 49.12 -2.67
N ILE F 45 -6.49 48.55 -3.46
CA ILE F 45 -5.06 48.79 -3.26
C ILE F 45 -4.58 50.09 -3.90
N THR F 46 -5.51 50.86 -4.45
CA THR F 46 -5.17 52.15 -5.05
C THR F 46 -4.86 53.12 -3.93
N VAL F 47 -5.26 52.73 -2.72
CA VAL F 47 -4.96 53.47 -1.50
C VAL F 47 -4.25 52.50 -0.57
N TRP F 48 -3.71 53.02 0.52
CA TRP F 48 -2.98 52.23 1.48
C TRP F 48 -3.87 51.21 2.18
N GLN F 49 -3.46 49.96 2.19
CA GLN F 49 -4.18 48.90 2.87
C GLN F 49 -3.28 48.13 3.83
N ASP F 50 -3.84 47.67 4.94
CA ASP F 50 -3.22 46.59 5.71
C ASP F 50 -3.62 45.22 5.16
N PRO F 51 -2.63 44.50 4.66
CA PRO F 51 -2.87 43.22 3.98
C PRO F 51 -3.87 42.35 4.75
N HIS F 52 -3.73 42.34 6.08
CA HIS F 52 -4.54 41.46 6.92
C HIS F 52 -5.99 41.92 6.97
N GLU F 53 -6.20 43.22 7.13
CA GLU F 53 -7.52 43.79 7.18
C GLU F 53 -8.18 43.66 5.81
N LEU F 54 -7.37 43.81 4.77
CA LEU F 54 -7.84 43.70 3.40
C LEU F 54 -8.43 42.30 3.20
N ARG F 55 -7.61 41.30 3.48
CA ARG F 55 -8.00 39.90 3.36
C ARG F 55 -9.24 39.62 4.19
N GLN F 56 -9.22 40.10 5.42
CA GLN F 56 -10.32 39.89 6.35
C GLN F 56 -11.62 40.53 5.83
N ASN F 57 -11.51 41.78 5.35
CA ASN F 57 -12.65 42.52 4.83
C ASN F 57 -13.26 41.99 3.53
N ILE F 58 -12.48 41.24 2.77
CA ILE F 58 -12.95 40.67 1.51
C ILE F 58 -13.90 39.54 1.87
N ARG F 59 -13.51 38.79 2.90
CA ARG F 59 -14.27 37.67 3.42
C ARG F 59 -15.62 38.12 3.97
N ARG F 60 -15.59 39.07 4.91
CA ARG F 60 -16.79 39.60 5.54
C ARG F 60 -17.80 40.17 4.55
N LEU F 61 -17.30 40.83 3.51
CA LEU F 61 -18.16 41.41 2.49
C LEU F 61 -18.93 40.31 1.77
N ALA F 62 -18.22 39.22 1.46
CA ALA F 62 -18.81 38.07 0.80
C ALA F 62 -19.86 37.39 1.67
N ALA F 63 -19.51 37.17 2.94
CA ALA F 63 -20.44 36.55 3.89
C ALA F 63 -21.69 37.41 4.10
N LEU F 64 -21.49 38.71 4.16
CA LEU F 64 -22.59 39.67 4.36
C LEU F 64 -23.56 39.68 3.19
N TYR F 65 -23.03 39.58 1.99
CA TYR F 65 -23.86 39.56 0.79
C TYR F 65 -24.63 38.26 0.73
N LEU F 66 -24.01 37.19 1.21
CA LEU F 66 -24.65 35.89 1.25
C LEU F 66 -25.70 35.93 2.36
N ALA F 67 -25.29 36.41 3.52
CA ALA F 67 -26.16 36.53 4.68
C ALA F 67 -27.40 37.41 4.42
N VAL F 68 -27.24 38.42 3.57
CA VAL F 68 -28.34 39.34 3.26
C VAL F 68 -29.44 38.78 2.35
N GLY F 69 -29.11 37.80 1.52
CA GLY F 69 -30.07 37.22 0.60
C GLY F 69 -29.48 36.85 -0.75
N ILE F 70 -28.28 37.36 -1.02
CA ILE F 70 -27.62 37.03 -2.28
C ILE F 70 -27.54 35.52 -2.47
N ASP F 71 -28.00 35.06 -3.63
CA ASP F 71 -28.03 33.64 -3.94
C ASP F 71 -26.99 33.28 -4.99
N PRO F 72 -25.99 32.49 -4.57
CA PRO F 72 -24.88 32.07 -5.43
C PRO F 72 -25.26 31.15 -6.59
N THR F 73 -26.30 30.34 -6.39
CA THR F 73 -26.82 29.46 -7.44
C THR F 73 -27.49 30.35 -8.47
N GLN F 74 -27.73 31.60 -8.06
CA GLN F 74 -28.46 32.60 -8.83
C GLN F 74 -27.62 33.69 -9.46
N ALA F 75 -26.76 34.30 -8.66
CA ALA F 75 -25.92 35.40 -9.12
C ALA F 75 -24.45 34.98 -9.07
N THR F 76 -23.56 35.83 -9.57
CA THR F 76 -22.13 35.56 -9.51
C THR F 76 -21.51 36.53 -8.53
N LEU F 77 -20.99 35.99 -7.44
CA LEU F 77 -20.34 36.78 -6.41
C LEU F 77 -18.90 36.28 -6.41
N PHE F 78 -17.97 37.14 -6.81
CA PHE F 78 -16.57 36.74 -6.90
C PHE F 78 -15.63 37.85 -6.49
N ILE F 79 -14.36 37.48 -6.31
CA ILE F 79 -13.32 38.44 -6.00
C ILE F 79 -12.63 38.83 -7.29
N GLN F 80 -12.58 40.13 -7.53
CA GLN F 80 -11.98 40.71 -8.74
C GLN F 80 -10.61 40.14 -9.13
N SER F 81 -9.69 40.09 -8.18
CA SER F 81 -8.33 39.60 -8.41
C SER F 81 -8.21 38.16 -8.88
N GLU F 82 -9.26 37.38 -8.67
CA GLU F 82 -9.25 35.97 -9.03
C GLU F 82 -9.69 35.71 -10.46
N VAL F 83 -10.06 36.79 -11.14
CA VAL F 83 -10.40 36.77 -12.55
C VAL F 83 -9.36 37.69 -13.16
N PRO F 84 -8.24 37.10 -13.61
CA PRO F 84 -7.12 37.86 -14.18
C PRO F 84 -7.48 38.62 -15.46
N ALA F 85 -8.58 38.19 -16.08
CA ALA F 85 -9.06 38.84 -17.31
C ALA F 85 -9.46 40.29 -17.09
N HIS F 86 -9.43 40.72 -15.83
CA HIS F 86 -9.77 42.08 -15.42
C HIS F 86 -8.59 43.01 -15.62
N ALA F 87 -7.40 42.50 -15.33
CA ALA F 87 -6.17 43.26 -15.47
C ALA F 87 -5.79 43.35 -16.94
N GLN F 88 -6.08 42.28 -17.67
CA GLN F 88 -5.81 42.22 -19.09
C GLN F 88 -6.67 43.23 -19.86
N ALA F 89 -7.98 43.15 -19.67
CA ALA F 89 -8.90 44.08 -20.32
C ALA F 89 -8.54 45.51 -19.93
N ALA F 90 -8.21 45.70 -18.65
CA ALA F 90 -7.84 47.02 -18.13
C ALA F 90 -6.62 47.63 -18.82
N TRP F 91 -5.69 46.79 -19.23
CA TRP F 91 -4.51 47.26 -19.95
C TRP F 91 -4.88 47.82 -21.32
N MSE F 92 -5.64 47.05 -22.09
CA MSE F 92 -6.00 47.45 -23.45
C MSE F 92 -6.83 48.73 -23.45
O MSE F 92 -6.88 49.47 -24.43
CB MSE F 92 -6.78 46.34 -24.14
CG MSE F 92 -6.08 44.98 -24.12
SE MSE F 92 -6.98 43.64 -25.19
CE MSE F 92 -7.70 42.52 -23.75
N LEU F 93 -7.50 49.00 -22.32
CA LEU F 93 -8.36 50.17 -22.20
C LEU F 93 -7.55 51.43 -21.89
N GLN F 94 -6.55 51.28 -21.03
CA GLN F 94 -5.60 52.35 -20.77
C GLN F 94 -4.97 52.85 -22.07
N CYS F 95 -4.93 51.98 -23.07
CA CYS F 95 -4.20 52.26 -24.31
C CYS F 95 -5.08 53.00 -25.31
N ILE F 96 -6.37 53.10 -25.01
CA ILE F 96 -7.31 53.79 -25.87
C ILE F 96 -8.00 54.94 -25.15
N VAL F 97 -7.95 54.90 -23.81
CA VAL F 97 -8.26 56.08 -23.02
C VAL F 97 -7.19 57.15 -23.17
N TYR F 98 -7.61 58.41 -23.15
CA TYR F 98 -6.70 59.53 -23.29
C TYR F 98 -6.26 59.98 -21.91
N ILE F 99 -5.02 60.40 -21.79
CA ILE F 99 -4.50 60.87 -20.51
C ILE F 99 -5.39 62.02 -20.01
N GLY F 100 -5.83 62.86 -20.94
CA GLY F 100 -6.67 64.01 -20.59
C GLY F 100 -8.02 63.59 -20.00
N GLU F 101 -8.57 62.49 -20.49
CA GLU F 101 -9.86 62.01 -19.98
C GLU F 101 -9.73 61.55 -18.54
N LEU F 102 -8.58 60.98 -18.19
CA LEU F 102 -8.34 60.50 -16.83
C LEU F 102 -8.13 61.65 -15.86
N GLU F 103 -7.51 62.72 -16.35
CA GLU F 103 -7.24 63.90 -15.53
C GLU F 103 -8.51 64.69 -15.24
N ARG F 104 -9.43 64.69 -16.20
CA ARG F 104 -10.72 65.36 -16.05
C ARG F 104 -11.50 64.66 -14.95
N MSE F 105 -11.16 63.41 -14.69
CA MSE F 105 -11.86 62.65 -13.65
C MSE F 105 -11.83 63.46 -12.35
O MSE F 105 -10.75 63.82 -11.88
CB MSE F 105 -11.33 61.25 -13.46
CG MSE F 105 -12.37 60.19 -13.27
SE MSE F 105 -13.56 59.98 -14.80
CE MSE F 105 -12.71 61.14 -16.04
N THR F 106 -13.00 63.74 -11.80
CA THR F 106 -13.12 64.63 -10.66
C THR F 106 -12.13 64.25 -9.55
N GLN F 107 -12.35 63.09 -8.95
CA GLN F 107 -11.53 62.64 -7.84
C GLN F 107 -10.09 63.12 -7.99
N VAL F 118 1.72 61.00 -5.66
CA VAL F 118 0.45 60.32 -5.84
C VAL F 118 0.62 59.02 -6.60
N SER F 119 0.08 57.94 -6.04
CA SER F 119 0.18 56.63 -6.68
C SER F 119 -0.59 56.70 -8.00
N ALA F 120 0.00 56.15 -9.05
CA ALA F 120 -0.60 56.17 -10.39
C ALA F 120 -1.96 55.48 -10.50
N GLY F 121 -2.23 54.54 -9.60
CA GLY F 121 -3.50 53.82 -9.59
C GLY F 121 -4.66 54.80 -9.37
N LEU F 122 -4.39 55.86 -8.63
CA LEU F 122 -5.37 56.90 -8.31
C LEU F 122 -5.85 57.64 -9.55
N LEU F 123 -5.10 57.48 -10.64
CA LEU F 123 -5.39 58.17 -11.88
C LEU F 123 -5.85 57.20 -12.97
N THR F 124 -5.38 55.95 -12.86
CA THR F 124 -5.65 54.91 -13.85
C THR F 124 -6.67 53.84 -13.47
N TYR F 125 -7.40 54.05 -12.39
CA TYR F 125 -8.41 53.09 -11.96
C TYR F 125 -9.70 53.04 -12.80
N PRO F 126 -10.07 54.15 -13.41
CA PRO F 126 -11.31 54.15 -14.21
C PRO F 126 -11.33 53.17 -15.36
N PRO F 127 -10.16 52.90 -15.96
CA PRO F 127 -10.09 51.94 -17.04
C PRO F 127 -10.24 50.52 -16.51
N LEU F 128 -9.85 50.34 -15.24
CA LEU F 128 -9.99 49.06 -14.59
C LEU F 128 -11.49 48.83 -14.33
N MSE F 129 -12.13 49.90 -13.85
CA MSE F 129 -13.56 49.88 -13.55
C MSE F 129 -14.42 49.72 -14.80
O MSE F 129 -15.52 49.16 -14.75
CB MSE F 129 -13.93 51.16 -12.82
CG MSE F 129 -15.41 51.42 -12.69
SE MSE F 129 -15.80 52.94 -11.55
CE MSE F 129 -17.71 52.78 -11.46
N ALA F 130 -13.91 50.21 -15.91
CA ALA F 130 -14.62 50.10 -17.19
C ALA F 130 -14.58 48.65 -17.65
N ALA F 131 -13.43 48.01 -17.44
CA ALA F 131 -13.26 46.61 -17.78
C ALA F 131 -14.14 45.72 -16.93
N ASP F 132 -14.17 46.01 -15.63
CA ASP F 132 -15.00 45.29 -14.66
C ASP F 132 -16.37 45.12 -15.29
N ILE F 133 -16.91 46.24 -15.73
CA ILE F 133 -18.21 46.34 -16.39
C ILE F 133 -18.23 45.68 -17.77
N LEU F 134 -17.54 46.26 -18.74
CA LEU F 134 -17.55 45.73 -20.10
C LEU F 134 -17.30 44.24 -20.32
N LEU F 135 -16.50 43.63 -19.46
CA LEU F 135 -16.17 42.21 -19.58
C LEU F 135 -17.39 41.29 -19.66
N TYR F 136 -18.48 41.73 -19.05
CA TYR F 136 -19.67 40.92 -18.94
C TYR F 136 -20.85 41.35 -19.80
N ASN F 137 -20.61 42.28 -20.73
CA ASN F 137 -21.68 42.76 -21.58
C ASN F 137 -22.83 43.23 -20.69
N THR F 138 -22.50 43.91 -19.60
CA THR F 138 -23.52 44.36 -18.68
C THR F 138 -24.32 45.51 -19.27
N ASP F 139 -25.62 45.49 -19.00
CA ASP F 139 -26.55 46.49 -19.48
C ASP F 139 -26.75 47.58 -18.44
N ILE F 140 -26.82 47.19 -17.18
CA ILE F 140 -27.03 48.15 -16.09
C ILE F 140 -25.93 48.12 -15.04
N VAL F 141 -25.59 49.30 -14.52
CA VAL F 141 -24.63 49.43 -13.44
C VAL F 141 -25.36 50.18 -12.32
N PRO F 142 -25.66 49.48 -11.24
CA PRO F 142 -26.38 50.07 -10.11
C PRO F 142 -25.52 51.03 -9.31
N VAL F 143 -25.27 52.23 -9.84
CA VAL F 143 -24.45 53.20 -9.13
C VAL F 143 -25.14 54.56 -8.94
N GLY F 144 -24.63 55.35 -8.00
CA GLY F 144 -25.21 56.65 -7.70
C GLY F 144 -24.72 57.72 -8.66
N GLU F 145 -24.89 58.97 -8.25
CA GLU F 145 -24.50 60.13 -9.03
C GLU F 145 -22.99 60.36 -8.91
N ASP F 146 -22.42 59.87 -7.81
CA ASP F 146 -20.99 59.99 -7.54
C ASP F 146 -20.16 59.25 -8.59
N GLN F 147 -20.73 58.18 -9.14
CA GLN F 147 -20.07 57.34 -10.15
C GLN F 147 -20.52 57.66 -11.58
N LYS F 148 -21.20 58.78 -11.74
CA LYS F 148 -21.72 59.19 -13.04
C LYS F 148 -20.67 59.58 -14.07
N GLN F 149 -19.57 60.20 -13.63
CA GLN F 149 -18.49 60.59 -14.53
C GLN F 149 -17.84 59.32 -15.07
N HIS F 150 -17.74 58.34 -14.19
CA HIS F 150 -17.14 57.05 -14.51
C HIS F 150 -17.93 56.31 -15.59
N ILE F 151 -19.24 56.20 -15.41
CA ILE F 151 -20.08 55.51 -16.39
C ILE F 151 -19.99 56.18 -17.75
N GLU F 152 -20.02 57.50 -17.75
CA GLU F 152 -19.93 58.26 -18.99
C GLU F 152 -18.64 57.89 -19.71
N LEU F 153 -17.57 57.69 -18.93
CA LEU F 153 -16.28 57.33 -19.50
C LEU F 153 -16.25 55.91 -20.08
N THR F 154 -16.78 54.94 -19.32
CA THR F 154 -16.83 53.56 -19.80
C THR F 154 -17.78 53.42 -20.98
N ARG F 155 -18.69 54.38 -21.11
CA ARG F 155 -19.63 54.37 -22.22
C ARG F 155 -18.93 54.91 -23.46
N ASP F 156 -18.00 55.85 -23.24
CA ASP F 156 -17.20 56.46 -24.30
C ASP F 156 -16.17 55.47 -24.85
N LEU F 157 -15.47 54.80 -23.94
CA LEU F 157 -14.47 53.81 -24.32
C LEU F 157 -15.11 52.69 -25.11
N ALA F 158 -16.26 52.22 -24.64
CA ALA F 158 -16.96 51.14 -25.30
C ALA F 158 -17.21 51.53 -26.75
N GLU F 159 -17.88 52.67 -26.93
CA GLU F 159 -18.17 53.20 -28.26
C GLU F 159 -16.90 53.39 -29.09
N ARG F 160 -15.90 54.01 -28.48
CA ARG F 160 -14.63 54.25 -29.17
C ARG F 160 -14.04 52.92 -29.65
N PHE F 161 -14.17 51.89 -28.83
CA PHE F 161 -13.65 50.57 -29.17
C PHE F 161 -14.44 49.92 -30.28
N ASN F 162 -15.76 49.95 -30.14
CA ASN F 162 -16.68 49.34 -31.12
C ASN F 162 -16.55 49.96 -32.50
N LYS F 163 -16.32 51.27 -32.54
CA LYS F 163 -16.20 51.99 -33.80
C LYS F 163 -14.87 51.67 -34.48
N ARG F 164 -13.81 51.56 -33.68
CA ARG F 164 -12.48 51.29 -34.21
C ARG F 164 -12.35 49.86 -34.69
N PHE F 169 -18.86 45.50 -27.56
CA PHE F 169 -19.12 46.12 -26.27
C PHE F 169 -20.55 46.66 -26.20
N THR F 170 -21.33 46.14 -25.27
CA THR F 170 -22.58 46.78 -24.87
C THR F 170 -22.33 48.08 -24.13
N ILE F 171 -22.97 49.15 -24.58
CA ILE F 171 -22.92 50.43 -23.88
C ILE F 171 -23.75 50.38 -22.60
N PRO F 172 -23.07 50.50 -21.47
CA PRO F 172 -23.73 50.35 -20.16
C PRO F 172 -24.71 51.49 -19.88
N GLU F 173 -25.61 51.29 -18.93
CA GLU F 173 -26.35 52.39 -18.34
C GLU F 173 -26.20 52.39 -16.82
N ALA F 174 -26.38 53.56 -16.21
CA ALA F 174 -26.40 53.68 -14.75
C ALA F 174 -27.82 53.87 -14.23
N ARG F 175 -28.39 52.82 -13.64
CA ARG F 175 -29.61 52.96 -12.86
C ARG F 175 -29.65 51.95 -11.73
N ILE F 176 -29.99 52.42 -10.54
CA ILE F 176 -30.23 51.54 -9.41
C ILE F 176 -31.66 50.97 -9.44
N PRO F 177 -31.76 49.69 -9.75
CA PRO F 177 -32.94 49.16 -10.45
C PRO F 177 -34.21 49.39 -9.64
N LYS F 178 -34.12 49.25 -8.32
CA LYS F 178 -35.23 49.63 -7.43
C LYS F 178 -34.72 50.43 -6.24
N VAL F 179 -35.06 51.72 -6.22
CA VAL F 179 -34.41 52.67 -5.33
C VAL F 179 -34.99 52.59 -3.92
N GLY F 180 -34.11 52.58 -2.93
CA GLY F 180 -34.45 53.04 -1.60
C GLY F 180 -34.56 54.55 -1.53
N ALA F 181 -35.55 55.03 -0.77
CA ALA F 181 -35.54 56.41 -0.29
C ALA F 181 -34.27 56.70 0.50
N ARG F 182 -33.64 57.84 0.21
CA ARG F 182 -32.27 58.09 0.64
C ARG F 182 -32.17 58.09 2.16
N ILE F 183 -31.30 57.23 2.68
CA ILE F 183 -31.09 57.13 4.12
C ILE F 183 -30.03 58.13 4.59
N MSE F 184 -30.34 58.88 5.64
CA MSE F 184 -29.56 60.04 6.02
C MSE F 184 -28.95 59.88 7.41
O MSE F 184 -29.37 59.02 8.19
CB MSE F 184 -30.43 61.31 5.98
CG MSE F 184 -31.26 61.44 4.71
SE MSE F 184 -30.23 62.20 3.23
CE MSE F 184 -29.55 63.80 4.12
N SER F 185 -27.96 60.70 7.72
CA SER F 185 -27.25 60.60 8.99
C SER F 185 -28.19 60.81 10.17
N LEU F 186 -27.73 60.42 11.35
CA LEU F 186 -28.59 60.39 12.53
C LEU F 186 -28.26 61.54 13.48
N VAL F 187 -26.97 61.72 13.75
CA VAL F 187 -26.46 63.00 14.20
C VAL F 187 -26.73 64.10 13.18
N ASP F 188 -26.82 63.71 11.91
CA ASP F 188 -26.96 64.67 10.82
C ASP F 188 -28.10 64.29 9.90
N PRO F 189 -29.05 65.21 9.72
CA PRO F 189 -30.15 65.02 8.77
C PRO F 189 -29.73 65.31 7.34
N THR F 190 -28.63 66.04 7.18
CA THR F 190 -28.25 66.59 5.88
C THR F 190 -27.20 65.71 5.19
N LYS F 191 -26.44 64.97 6.00
CA LYS F 191 -25.40 64.10 5.49
C LYS F 191 -25.92 62.68 5.27
N LYS F 192 -25.77 62.16 4.06
CA LYS F 192 -26.06 60.77 3.77
C LYS F 192 -25.33 59.84 4.76
N MSE F 193 -26.05 58.83 5.24
CA MSE F 193 -25.46 57.83 6.10
C MSE F 193 -24.29 57.20 5.33
O MSE F 193 -24.45 56.74 4.21
CB MSE F 193 -26.45 56.75 6.48
CG MSE F 193 -26.09 55.97 7.73
SE MSE F 193 -27.30 54.49 8.09
CE MSE F 193 -28.60 55.45 9.14
N SER F 194 -23.12 57.22 5.95
CA SER F 194 -21.92 56.66 5.35
C SER F 194 -21.10 55.95 6.42
N LYS F 195 -20.70 54.72 6.13
CA LYS F 195 -19.90 53.92 7.04
C LYS F 195 -18.58 54.63 7.32
N SER F 196 -18.27 55.62 6.48
CA SER F 196 -17.03 56.37 6.61
C SER F 196 -17.19 57.61 7.48
N ASP F 197 -18.38 57.84 8.01
CA ASP F 197 -18.61 58.97 8.90
C ASP F 197 -17.63 58.80 10.06
N PRO F 198 -17.00 59.89 10.48
CA PRO F 198 -16.03 59.84 11.56
C PRO F 198 -16.71 59.62 12.90
N ASN F 199 -18.05 59.74 12.91
CA ASN F 199 -18.86 59.53 14.10
C ASN F 199 -19.72 58.28 13.87
N PRO F 200 -19.36 57.19 14.54
CA PRO F 200 -20.07 55.91 14.40
C PRO F 200 -21.52 55.96 14.86
N LYS F 201 -21.88 57.03 15.57
CA LYS F 201 -23.25 57.21 16.03
C LYS F 201 -24.10 57.75 14.87
N ALA F 202 -23.42 57.97 13.74
CA ALA F 202 -24.05 58.51 12.54
C ALA F 202 -24.77 57.46 11.71
N TYR F 203 -24.38 56.21 11.88
CA TYR F 203 -24.95 55.13 11.08
C TYR F 203 -25.12 53.88 11.91
N ILE F 204 -25.91 52.95 11.38
CA ILE F 204 -26.06 51.65 12.00
C ILE F 204 -25.50 50.67 11.01
N THR F 205 -24.70 49.75 11.52
CA THR F 205 -24.07 48.74 10.72
C THR F 205 -24.98 47.51 10.69
N LEU F 206 -24.87 46.71 9.64
CA LEU F 206 -25.66 45.48 9.51
C LEU F 206 -25.27 44.50 10.61
N LEU F 207 -24.02 44.64 11.08
CA LEU F 207 -23.45 43.82 12.13
C LEU F 207 -23.52 44.47 13.50
N ASP F 208 -24.39 45.48 13.65
CA ASP F 208 -24.52 46.15 14.93
C ASP F 208 -25.41 45.36 15.90
N ASP F 209 -24.99 45.26 17.16
CA ASP F 209 -25.72 44.52 18.19
C ASP F 209 -26.89 45.32 18.76
N ALA F 210 -27.82 44.60 19.39
CA ALA F 210 -29.00 45.20 20.01
C ALA F 210 -28.63 46.41 20.88
N LYS F 211 -27.62 46.24 21.71
CA LYS F 211 -27.17 47.33 22.58
C LYS F 211 -26.90 48.58 21.75
N THR F 212 -25.96 48.45 20.81
CA THR F 212 -25.57 49.53 19.92
C THR F 212 -26.74 50.12 19.12
N ILE F 213 -27.55 49.25 18.53
CA ILE F 213 -28.71 49.70 17.76
C ILE F 213 -29.58 50.63 18.60
N GLU F 214 -29.78 50.23 19.85
CA GLU F 214 -30.60 51.00 20.76
C GLU F 214 -30.00 52.36 21.12
N LYS F 215 -28.74 52.36 21.55
CA LYS F 215 -28.05 53.60 21.90
C LYS F 215 -28.12 54.60 20.75
N LYS F 216 -27.80 54.13 19.55
CA LYS F 216 -27.78 54.96 18.36
C LYS F 216 -29.14 55.54 17.93
N ILE F 217 -30.20 54.77 18.10
CA ILE F 217 -31.55 55.22 17.73
C ILE F 217 -32.07 56.19 18.78
N LYS F 218 -31.75 55.91 20.02
CA LYS F 218 -32.17 56.74 21.14
C LYS F 218 -31.52 58.12 21.05
N SER F 219 -30.41 58.20 20.33
CA SER F 219 -29.70 59.45 20.18
C SER F 219 -29.96 60.14 18.84
N SER F 224 -37.87 69.93 18.30
CA SER F 224 -38.53 70.33 19.52
C SER F 224 -40.02 70.29 19.30
N GLU F 225 -40.42 70.05 18.06
CA GLU F 225 -41.84 69.98 17.72
C GLU F 225 -42.59 68.79 18.34
N GLY F 226 -41.88 67.69 18.58
CA GLY F 226 -42.38 66.63 19.42
C GLY F 226 -43.46 65.80 18.73
N THR F 227 -43.70 66.09 17.46
CA THR F 227 -44.76 65.44 16.71
C THR F 227 -44.20 64.55 15.60
N ILE F 228 -44.56 63.28 15.64
CA ILE F 228 -44.25 62.36 14.54
C ILE F 228 -45.00 62.75 13.27
N ARG F 229 -44.32 63.43 12.36
CA ARG F 229 -44.81 63.62 11.00
C ARG F 229 -43.69 63.99 10.04
N TYR F 230 -43.96 63.87 8.76
CA TYR F 230 -42.90 63.85 7.75
C TYR F 230 -42.74 65.22 7.10
N GLY F 237 -34.70 65.20 10.79
CA GLY F 237 -34.19 64.11 11.62
C GLY F 237 -35.24 63.03 11.86
N ILE F 238 -36.48 63.46 12.05
CA ILE F 238 -37.60 62.55 12.30
C ILE F 238 -38.14 61.92 11.02
N SER F 239 -38.22 62.69 9.94
CA SER F 239 -38.69 62.18 8.66
C SER F 239 -37.78 61.06 8.20
N ASN F 240 -36.55 61.08 8.70
CA ASN F 240 -35.57 60.05 8.38
C ASN F 240 -35.91 58.76 9.10
N LEU F 241 -36.11 58.86 10.42
CA LEU F 241 -36.47 57.69 11.22
C LEU F 241 -37.74 57.05 10.66
N LEU F 242 -38.61 57.91 10.15
CA LEU F 242 -39.87 57.49 9.56
C LEU F 242 -39.63 56.66 8.30
N ASN F 243 -38.58 57.01 7.56
CA ASN F 243 -38.22 56.30 6.34
C ASN F 243 -37.54 54.96 6.60
N ILE F 244 -36.79 54.89 7.70
CA ILE F 244 -36.11 53.67 8.10
C ILE F 244 -37.12 52.69 8.70
N TYR F 245 -38.04 53.26 9.48
CA TYR F 245 -39.10 52.52 10.14
C TYR F 245 -40.08 51.99 9.09
N SER F 246 -40.40 52.85 8.13
CA SER F 246 -41.34 52.54 7.06
C SER F 246 -40.88 51.45 6.09
N THR F 247 -39.59 51.44 5.77
CA THR F 247 -39.03 50.47 4.82
C THR F 247 -38.81 49.10 5.47
N LEU F 248 -38.33 49.12 6.70
CA LEU F 248 -38.01 47.91 7.47
C LEU F 248 -39.24 47.19 8.01
N SER F 249 -40.37 47.88 8.06
CA SER F 249 -41.59 47.30 8.60
C SER F 249 -42.62 46.95 7.52
N GLY F 250 -42.67 47.78 6.48
CA GLY F 250 -43.63 47.56 5.40
C GLY F 250 -44.81 48.51 5.51
N GLN F 251 -45.10 48.98 6.72
CA GLN F 251 -46.18 49.93 6.89
C GLN F 251 -45.69 51.25 6.31
N SER F 252 -46.57 51.97 5.63
CA SER F 252 -46.20 53.23 4.98
C SER F 252 -46.13 54.40 5.95
N ILE F 253 -45.62 55.53 5.47
CA ILE F 253 -45.47 56.73 6.30
C ILE F 253 -46.78 57.30 6.81
N GLU F 254 -47.80 57.35 5.96
CA GLU F 254 -49.10 57.85 6.40
C GLU F 254 -49.54 56.96 7.56
N GLU F 255 -49.40 55.65 7.35
CA GLU F 255 -49.77 54.65 8.36
C GLU F 255 -49.10 54.91 9.70
N LEU F 256 -47.78 55.01 9.69
CA LEU F 256 -47.01 55.22 10.92
C LEU F 256 -47.37 56.56 11.56
N GLU F 257 -47.87 57.49 10.75
CA GLU F 257 -48.24 58.81 11.24
C GLU F 257 -49.54 58.75 12.04
N ARG F 258 -50.50 57.97 11.55
CA ARG F 258 -51.70 57.66 12.31
C ARG F 258 -51.37 56.87 13.56
N GLN F 259 -50.70 55.72 13.39
CA GLN F 259 -50.32 54.88 14.51
C GLN F 259 -49.78 55.70 15.67
N TYR F 260 -49.00 56.73 15.34
CA TYR F 260 -48.25 57.47 16.34
C TYR F 260 -48.82 58.88 16.54
N GLU F 261 -50.14 58.97 16.59
CA GLU F 261 -50.82 60.26 16.50
C GLU F 261 -50.51 61.14 17.70
N GLY F 262 -50.68 60.57 18.90
CA GLY F 262 -50.68 61.36 20.11
C GLY F 262 -49.32 61.37 20.79
N LYS F 263 -48.36 60.69 20.18
CA LYS F 263 -47.24 60.10 20.94
C LYS F 263 -45.99 60.96 20.81
N GLY F 264 -44.96 60.62 21.58
CA GLY F 264 -43.73 61.37 21.58
C GLY F 264 -42.71 60.59 20.77
N TYR F 265 -41.45 61.02 20.88
CA TYR F 265 -40.36 60.39 20.16
C TYR F 265 -39.87 59.15 20.90
N GLY F 266 -39.89 59.25 22.23
CA GLY F 266 -39.44 58.17 23.08
C GLY F 266 -39.93 56.79 22.63
N VAL F 267 -41.26 56.66 22.55
CA VAL F 267 -41.91 55.40 22.19
C VAL F 267 -41.64 55.06 20.75
N PHE F 268 -41.72 56.08 19.88
CA PHE F 268 -41.47 55.89 18.45
C PHE F 268 -40.09 55.29 18.23
N LYS F 269 -39.11 55.87 18.93
CA LYS F 269 -37.73 55.43 18.88
C LYS F 269 -37.58 54.04 19.47
N ALA F 270 -38.06 53.87 20.69
CA ALA F 270 -37.99 52.58 21.38
C ALA F 270 -38.61 51.47 20.54
N ASP F 271 -39.63 51.83 19.77
CA ASP F 271 -40.33 50.89 18.89
C ASP F 271 -39.52 50.68 17.62
N LEU F 272 -38.93 51.78 17.13
CA LEU F 272 -38.12 51.75 15.92
C LEU F 272 -36.89 50.87 16.12
N ALA F 273 -36.26 50.99 17.28
CA ALA F 273 -35.07 50.21 17.59
C ALA F 273 -35.36 48.71 17.54
N GLN F 274 -36.57 48.33 17.93
CA GLN F 274 -36.99 46.92 17.95
C GLN F 274 -37.16 46.34 16.55
N VAL F 275 -37.55 47.17 15.61
CA VAL F 275 -37.75 46.73 14.22
C VAL F 275 -36.43 46.62 13.45
N VAL F 276 -35.41 47.38 13.89
CA VAL F 276 -34.09 47.32 13.27
C VAL F 276 -33.42 46.04 13.77
N ILE F 277 -33.52 45.79 15.07
CA ILE F 277 -32.94 44.60 15.69
C ILE F 277 -33.60 43.34 15.11
N GLU F 278 -34.92 43.40 14.97
CA GLU F 278 -35.69 42.29 14.42
C GLU F 278 -35.15 41.93 13.05
N THR F 279 -34.89 42.98 12.27
CA THR F 279 -34.40 42.90 10.89
C THR F 279 -32.97 42.39 10.74
N LEU F 280 -32.09 42.82 11.63
CA LEU F 280 -30.67 42.47 11.57
C LEU F 280 -30.33 41.12 12.20
N ARG F 281 -31.15 40.71 13.16
CA ARG F 281 -30.92 39.48 13.90
C ARG F 281 -30.74 38.22 13.03
N PRO F 282 -31.66 37.98 12.09
CA PRO F 282 -31.55 36.82 11.21
C PRO F 282 -30.34 36.95 10.28
N ILE F 283 -30.12 38.16 9.80
CA ILE F 283 -29.00 38.46 8.91
C ILE F 283 -27.67 38.24 9.64
N GLN F 284 -27.65 38.56 10.93
CA GLN F 284 -26.46 38.40 11.75
C GLN F 284 -26.23 36.93 12.07
N GLU F 285 -27.32 36.21 12.28
CA GLU F 285 -27.25 34.79 12.58
C GLU F 285 -26.61 34.04 11.40
N ARG F 286 -26.99 34.43 10.19
CA ARG F 286 -26.49 33.81 8.96
C ARG F 286 -25.07 34.24 8.62
N TYR F 287 -24.79 35.52 8.81
CA TYR F 287 -23.46 36.04 8.52
C TYR F 287 -22.44 35.23 9.29
N HIS F 288 -22.82 34.80 10.48
CA HIS F 288 -21.94 34.02 11.35
C HIS F 288 -21.85 32.56 10.92
N HIS F 289 -22.88 32.06 10.26
CA HIS F 289 -22.87 30.68 9.76
C HIS F 289 -21.90 30.63 8.58
N TRP F 290 -21.97 31.66 7.74
CA TRP F 290 -21.09 31.78 6.58
C TRP F 290 -19.65 31.97 7.01
N MSE F 291 -19.42 32.96 7.87
CA MSE F 291 -18.10 33.28 8.37
C MSE F 291 -17.33 32.12 8.99
O MSE F 291 -16.10 32.14 9.07
CB MSE F 291 -18.18 34.43 9.35
CG MSE F 291 -18.20 35.81 8.77
SE MSE F 291 -16.73 36.17 7.55
CE MSE F 291 -15.45 36.77 8.85
N GLU F 292 -18.06 31.13 9.48
CA GLU F 292 -17.44 29.97 10.11
C GLU F 292 -17.65 28.66 9.33
N SER F 293 -18.38 28.75 8.22
CA SER F 293 -18.63 27.58 7.37
C SER F 293 -17.61 27.58 6.22
N GLU F 294 -17.09 26.39 5.92
CA GLU F 294 -16.10 26.26 4.84
C GLU F 294 -16.77 26.23 3.47
N GLU F 295 -18.03 26.66 3.44
CA GLU F 295 -18.82 26.70 2.21
C GLU F 295 -18.73 28.08 1.55
N LEU F 296 -18.07 29.01 2.25
CA LEU F 296 -17.90 30.38 1.78
C LEU F 296 -16.80 30.42 0.72
N ASP F 297 -15.73 29.66 0.95
CA ASP F 297 -14.62 29.56 0.01
C ASP F 297 -15.09 28.77 -1.20
N ARG F 298 -16.11 27.95 -0.98
CA ARG F 298 -16.68 27.11 -2.03
C ARG F 298 -17.53 27.95 -2.98
N VAL F 299 -18.26 28.91 -2.42
CA VAL F 299 -19.14 29.80 -3.19
C VAL F 299 -18.34 30.82 -4.00
N LEU F 300 -17.20 31.23 -3.47
CA LEU F 300 -16.36 32.22 -4.14
C LEU F 300 -15.57 31.61 -5.29
N ASP F 301 -15.40 30.30 -5.25
CA ASP F 301 -14.68 29.58 -6.31
C ASP F 301 -15.66 29.35 -7.46
N GLU F 302 -16.86 28.92 -7.07
CA GLU F 302 -17.99 28.73 -7.96
C GLU F 302 -18.06 30.01 -8.79
N GLY F 303 -18.16 31.13 -8.08
CA GLY F 303 -18.27 32.45 -8.68
C GLY F 303 -17.09 32.92 -9.55
N ALA F 304 -15.86 32.67 -9.14
CA ALA F 304 -14.71 33.10 -9.95
C ALA F 304 -14.61 32.28 -11.24
N GLU F 305 -14.86 30.99 -11.09
CA GLU F 305 -14.89 30.02 -12.19
C GLU F 305 -15.86 30.49 -13.28
N LYS F 306 -17.02 30.97 -12.85
CA LYS F 306 -18.03 31.47 -13.78
C LYS F 306 -17.58 32.77 -14.43
N ALA F 307 -17.23 33.76 -13.59
CA ALA F 307 -16.82 35.06 -14.08
C ALA F 307 -15.60 34.95 -14.99
N ASN F 308 -14.63 34.14 -14.58
CA ASN F 308 -13.41 33.93 -15.37
C ASN F 308 -13.73 33.51 -16.80
N ARG F 309 -14.87 32.86 -16.98
CA ARG F 309 -15.20 32.22 -18.25
C ARG F 309 -15.88 33.21 -19.20
N VAL F 310 -16.91 33.89 -18.69
CA VAL F 310 -17.50 35.03 -19.40
C VAL F 310 -16.44 36.07 -19.73
N ALA F 311 -15.54 36.31 -18.79
CA ALA F 311 -14.53 37.35 -18.94
C ALA F 311 -13.41 36.90 -19.88
N SER F 312 -12.95 35.66 -19.70
CA SER F 312 -11.87 35.12 -20.50
C SER F 312 -12.22 35.16 -21.99
N GLU F 313 -13.47 34.86 -22.31
CA GLU F 313 -13.95 34.88 -23.69
C GLU F 313 -13.90 36.29 -24.26
N MSE F 314 -14.28 37.27 -23.45
CA MSE F 314 -14.29 38.67 -23.89
C MSE F 314 -12.87 39.09 -24.23
O MSE F 314 -12.59 39.57 -25.34
CB MSE F 314 -14.85 39.59 -22.82
CG MSE F 314 -15.00 41.04 -23.24
SE MSE F 314 -15.88 41.26 -24.96
CE MSE F 314 -17.64 41.77 -24.38
N VAL F 315 -11.97 38.94 -23.26
CA VAL F 315 -10.55 39.28 -23.43
C VAL F 315 -10.04 38.67 -24.73
N ARG F 316 -10.46 37.44 -24.99
CA ARG F 316 -10.07 36.72 -26.19
C ARG F 316 -10.52 37.45 -27.46
N LYS F 317 -11.74 37.97 -27.41
CA LYS F 317 -12.31 38.69 -28.55
C LYS F 317 -11.65 40.05 -28.73
N MSE F 318 -11.28 40.66 -27.61
CA MSE F 318 -10.63 41.96 -27.63
C MSE F 318 -9.24 41.86 -28.25
O MSE F 318 -8.83 42.68 -29.06
CB MSE F 318 -10.47 42.46 -26.21
CG MSE F 318 -11.66 43.20 -25.65
SE MSE F 318 -11.51 43.35 -23.72
CE MSE F 318 -10.62 45.07 -23.62
N GLU F 319 -8.52 40.81 -27.84
CA GLU F 319 -7.17 40.55 -28.34
C GLU F 319 -7.23 40.23 -29.83
N GLN F 320 -8.32 39.59 -30.24
CA GLN F 320 -8.52 39.23 -31.63
C GLN F 320 -8.69 40.46 -32.51
N ALA F 321 -9.51 41.40 -32.05
CA ALA F 321 -9.76 42.63 -32.77
C ALA F 321 -8.54 43.55 -32.81
N MSE F 322 -7.72 43.44 -31.77
CA MSE F 322 -6.53 44.26 -31.64
C MSE F 322 -5.25 43.66 -32.24
O MSE F 322 -4.30 44.38 -32.53
CB MSE F 322 -6.29 44.65 -30.21
CG MSE F 322 -7.18 45.77 -29.70
SE MSE F 322 -6.90 46.20 -27.83
CE MSE F 322 -6.15 47.96 -28.02
N GLY F 323 -5.22 42.34 -32.41
CA GLY F 323 -4.04 41.67 -32.97
C GLY F 323 -3.07 41.05 -31.96
N LEU F 324 -3.51 40.90 -30.71
CA LEU F 324 -2.66 40.36 -29.66
C LEU F 324 -2.52 38.84 -29.69
N GLY F 325 -1.30 38.36 -29.53
CA GLY F 325 -1.02 36.93 -29.51
C GLY F 325 -1.43 36.26 -30.82
N ARG F 326 -2.21 35.18 -30.70
CA ARG F 326 -2.65 34.42 -31.87
C ARG F 326 -4.11 33.96 -31.76
N MSE G 1 -8.87 4.23 16.48
CA MSE G 1 -8.47 3.10 15.67
C MSE G 1 -9.40 2.93 14.47
O MSE G 1 -10.24 3.78 14.19
CB MSE G 1 -8.54 1.79 16.45
CG MSE G 1 -7.93 1.75 17.82
SE MSE G 1 -9.23 1.58 19.27
CE MSE G 1 -10.52 2.87 18.70
N LYS G 2 -9.24 1.80 13.78
CA LYS G 2 -10.13 1.48 12.68
C LYS G 2 -11.31 0.73 13.29
N THR G 3 -12.43 0.67 12.59
CA THR G 3 -13.60 -0.01 13.11
C THR G 3 -13.87 -1.34 12.43
N ILE G 4 -14.14 -2.35 13.25
CA ILE G 4 -14.46 -3.69 12.77
C ILE G 4 -15.88 -4.05 13.14
N PHE G 5 -16.67 -4.44 12.16
CA PHE G 5 -18.04 -4.86 12.41
C PHE G 5 -18.24 -6.30 12.01
N SER G 6 -18.85 -7.07 12.89
CA SER G 6 -19.16 -8.45 12.61
C SER G 6 -20.55 -8.85 13.08
N GLY G 7 -21.33 -9.39 12.15
CA GLY G 7 -22.69 -9.84 12.43
C GLY G 7 -22.70 -11.36 12.52
N ILE G 8 -23.13 -11.86 13.67
CA ILE G 8 -23.20 -13.29 13.92
C ILE G 8 -24.63 -13.79 13.91
N GLN G 9 -24.88 -14.81 13.10
CA GLN G 9 -26.16 -15.51 13.11
C GLN G 9 -26.30 -16.36 14.37
N ILE G 14 -21.19 -22.81 17.75
CA ILE G 14 -20.13 -22.61 16.77
C ILE G 14 -19.01 -23.63 16.95
N THR G 15 -18.41 -24.04 15.84
CA THR G 15 -17.37 -25.06 15.87
C THR G 15 -15.99 -24.45 16.11
N ILE G 16 -15.01 -25.31 16.35
CA ILE G 16 -13.64 -24.85 16.58
C ILE G 16 -13.13 -24.25 15.27
N GLY G 17 -13.60 -24.79 14.16
CA GLY G 17 -13.25 -24.28 12.85
C GLY G 17 -13.55 -22.78 12.82
N ASN G 18 -14.64 -22.39 13.47
CA ASN G 18 -14.96 -20.97 13.64
C ASN G 18 -14.02 -20.28 14.61
N TYR G 19 -13.98 -20.79 15.84
CA TYR G 19 -13.04 -20.27 16.85
C TYR G 19 -11.64 -20.14 16.27
N ILE G 20 -11.23 -21.11 15.47
CA ILE G 20 -9.90 -21.10 14.87
C ILE G 20 -9.83 -20.12 13.71
N GLY G 21 -10.92 -20.02 12.95
CA GLY G 21 -10.96 -19.17 11.78
C GLY G 21 -10.91 -17.70 12.12
N ALA G 22 -11.91 -17.24 12.87
CA ALA G 22 -12.25 -15.82 12.89
C ALA G 22 -12.44 -15.33 14.32
N LEU G 23 -12.82 -16.24 15.21
CA LEU G 23 -13.24 -15.86 16.57
C LEU G 23 -12.02 -15.61 17.45
N ARG G 24 -11.04 -16.50 17.37
CA ARG G 24 -10.01 -16.59 18.40
C ARG G 24 -9.06 -15.39 18.33
N GLN G 25 -8.82 -14.88 17.12
CA GLN G 25 -7.84 -13.83 16.92
C GLN G 25 -8.45 -12.45 17.14
N PHE G 26 -9.77 -12.36 16.97
CA PHE G 26 -10.54 -11.24 17.50
C PHE G 26 -10.09 -10.87 18.91
N VAL G 27 -9.81 -11.89 19.72
CA VAL G 27 -9.64 -11.70 21.15
C VAL G 27 -8.42 -10.83 21.44
N GLU G 28 -7.54 -10.71 20.45
CA GLU G 28 -6.37 -9.82 20.56
C GLU G 28 -6.54 -8.58 19.68
N LEU G 29 -7.39 -8.71 18.67
CA LEU G 29 -7.70 -7.62 17.74
C LEU G 29 -8.53 -6.54 18.42
N GLN G 30 -9.35 -6.96 19.39
CA GLN G 30 -10.23 -6.02 20.08
C GLN G 30 -9.54 -4.85 20.78
N HIS G 31 -8.24 -4.99 21.05
CA HIS G 31 -7.45 -3.93 21.69
C HIS G 31 -6.95 -2.99 20.61
N GLU G 32 -6.58 -3.59 19.48
CA GLU G 32 -6.06 -2.89 18.32
C GLU G 32 -7.14 -2.11 17.61
N TYR G 33 -8.35 -2.66 17.60
CA TYR G 33 -9.45 -2.06 16.87
C TYR G 33 -10.68 -1.77 17.72
N ASN G 34 -11.58 -0.96 17.16
CA ASN G 34 -12.86 -0.68 17.77
C ASN G 34 -13.75 -1.76 17.16
N CYS G 35 -14.19 -2.71 17.98
CA CYS G 35 -14.96 -3.83 17.47
C CYS G 35 -16.41 -3.97 17.89
N TYR G 36 -17.23 -4.37 16.91
CA TYR G 36 -18.65 -4.59 17.09
C TYR G 36 -18.97 -6.04 16.80
N PHE G 37 -19.73 -6.65 17.69
CA PHE G 37 -20.12 -8.04 17.53
C PHE G 37 -21.64 -8.07 17.64
N CYS G 38 -22.28 -7.91 16.49
CA CYS G 38 -23.73 -7.86 16.40
C CYS G 38 -24.36 -9.23 16.21
N ILE G 39 -25.33 -9.54 17.05
CA ILE G 39 -26.09 -10.77 16.92
C ILE G 39 -27.30 -10.44 16.05
N VAL G 40 -27.18 -10.77 14.78
CA VAL G 40 -28.19 -10.43 13.79
C VAL G 40 -29.44 -11.33 13.83
N ASP G 41 -30.29 -11.07 14.83
CA ASP G 41 -31.53 -11.83 15.01
C ASP G 41 -32.59 -11.41 14.01
N GLN G 42 -32.39 -10.26 13.39
CA GLN G 42 -33.35 -9.76 12.40
C GLN G 42 -33.14 -10.41 11.03
N HIS G 43 -31.92 -10.90 10.81
CA HIS G 43 -31.57 -11.61 9.58
C HIS G 43 -32.02 -13.06 9.71
N ALA G 44 -32.02 -13.56 10.95
CA ALA G 44 -32.41 -14.92 11.24
C ALA G 44 -33.86 -15.26 10.92
N ILE G 45 -34.73 -14.26 10.90
CA ILE G 45 -36.14 -14.48 10.59
C ILE G 45 -36.45 -14.41 9.10
N THR G 46 -35.40 -14.38 8.27
CA THR G 46 -35.57 -14.40 6.82
C THR G 46 -35.94 -15.85 6.51
N VAL G 47 -35.63 -16.71 7.46
CA VAL G 47 -35.94 -18.14 7.38
C VAL G 47 -36.76 -18.56 8.61
N TRP G 48 -37.50 -19.65 8.46
CA TRP G 48 -38.35 -20.16 9.52
C TRP G 48 -37.57 -20.39 10.82
N GLN G 49 -38.09 -19.83 11.91
CA GLN G 49 -37.47 -19.94 13.22
C GLN G 49 -38.50 -20.35 14.27
N ASP G 50 -38.04 -21.09 15.26
CA ASP G 50 -38.90 -21.43 16.38
C ASP G 50 -38.61 -20.36 17.41
N PRO G 51 -39.62 -19.57 17.74
CA PRO G 51 -39.47 -18.46 18.68
C PRO G 51 -38.66 -18.81 19.93
N HIS G 52 -38.93 -19.98 20.49
CA HIS G 52 -38.23 -20.43 21.68
C HIS G 52 -36.74 -20.70 21.49
N GLU G 53 -36.40 -21.42 20.42
CA GLU G 53 -35.01 -21.74 20.14
C GLU G 53 -34.23 -20.51 19.71
N LEU G 54 -34.84 -19.68 18.88
CA LEU G 54 -34.20 -18.46 18.42
C LEU G 54 -33.78 -17.63 19.63
N ARG G 55 -34.69 -17.50 20.59
CA ARG G 55 -34.42 -16.75 21.81
C ARG G 55 -33.27 -17.33 22.62
N GLN G 56 -33.23 -18.66 22.71
CA GLN G 56 -32.18 -19.37 23.44
C GLN G 56 -30.83 -19.31 22.71
N ASN G 57 -30.89 -19.43 21.39
CA ASN G 57 -29.70 -19.38 20.54
C ASN G 57 -28.98 -18.04 20.66
N ILE G 58 -29.76 -16.98 20.84
CA ILE G 58 -29.22 -15.63 20.97
C ILE G 58 -28.37 -15.51 22.22
N ARG G 59 -28.89 -16.00 23.33
CA ARG G 59 -28.19 -15.98 24.62
C ARG G 59 -26.90 -16.79 24.51
N ARG G 60 -27.09 -18.09 24.25
CA ARG G 60 -26.01 -19.05 24.09
C ARG G 60 -24.85 -18.44 23.32
N LEU G 61 -25.20 -17.77 22.22
CA LEU G 61 -24.24 -17.13 21.35
C LEU G 61 -23.44 -16.02 22.04
N ALA G 62 -24.15 -15.15 22.75
CA ALA G 62 -23.50 -14.06 23.49
C ALA G 62 -22.65 -14.60 24.62
N ALA G 63 -23.19 -15.57 25.36
CA ALA G 63 -22.46 -16.17 26.46
C ALA G 63 -21.16 -16.77 25.93
N LEU G 64 -21.22 -17.28 24.71
CA LEU G 64 -20.09 -17.89 24.03
C LEU G 64 -19.02 -16.89 23.60
N TYR G 65 -19.45 -15.78 23.01
CA TYR G 65 -18.50 -14.76 22.57
C TYR G 65 -17.75 -14.19 23.77
N LEU G 66 -18.42 -14.22 24.93
CA LEU G 66 -17.83 -13.75 26.17
C LEU G 66 -16.92 -14.83 26.74
N ALA G 67 -17.42 -16.05 26.80
CA ALA G 67 -16.65 -17.17 27.31
C ALA G 67 -15.34 -17.26 26.53
N VAL G 68 -15.42 -17.15 25.21
CA VAL G 68 -14.23 -17.19 24.36
C VAL G 68 -13.25 -16.09 24.73
N GLY G 69 -13.77 -14.99 25.26
CA GLY G 69 -12.90 -13.88 25.66
C GLY G 69 -13.24 -12.53 25.01
N ILE G 70 -14.46 -12.38 24.50
CA ILE G 70 -14.84 -11.10 23.92
C ILE G 70 -15.02 -10.15 25.08
N ASP G 71 -14.40 -8.99 24.99
CA ASP G 71 -14.45 -8.04 26.08
C ASP G 71 -15.42 -6.88 25.89
N PRO G 72 -16.41 -6.83 26.77
CA PRO G 72 -17.43 -5.77 26.75
C PRO G 72 -16.86 -4.40 27.08
N THR G 73 -15.94 -4.37 28.04
CA THR G 73 -15.28 -3.12 28.43
C THR G 73 -14.67 -2.55 27.16
N GLN G 74 -14.09 -3.45 26.38
CA GLN G 74 -13.37 -3.12 25.17
C GLN G 74 -14.14 -3.27 23.86
N ALA G 75 -15.16 -4.10 23.83
CA ALA G 75 -15.93 -4.29 22.60
C ALA G 75 -17.44 -4.10 22.77
N THR G 76 -18.11 -3.84 21.65
CA THR G 76 -19.56 -3.67 21.66
C THR G 76 -20.21 -4.94 21.13
N LEU G 77 -20.90 -5.64 22.01
CA LEU G 77 -21.58 -6.89 21.68
C LEU G 77 -23.03 -6.68 22.08
N PHE G 78 -23.88 -6.60 21.07
CA PHE G 78 -25.30 -6.31 21.26
C PHE G 78 -26.16 -7.17 20.35
N ILE G 79 -27.46 -7.11 20.59
CA ILE G 79 -28.44 -7.81 19.80
C ILE G 79 -29.02 -6.82 18.80
N GLN G 80 -28.93 -7.16 17.52
CA GLN G 80 -29.41 -6.33 16.43
C GLN G 80 -30.82 -5.76 16.66
N SER G 81 -31.80 -6.64 16.83
CA SER G 81 -33.18 -6.23 17.05
C SER G 81 -33.34 -5.12 18.06
N GLU G 82 -32.37 -5.02 18.96
CA GLU G 82 -32.42 -4.06 20.04
C GLU G 82 -31.92 -2.67 19.71
N VAL G 83 -31.55 -2.47 18.44
CA VAL G 83 -31.10 -1.16 17.97
C VAL G 83 -31.94 -0.84 16.74
N PRO G 84 -33.08 -0.17 16.96
CA PRO G 84 -34.00 0.17 15.86
C PRO G 84 -33.30 0.82 14.67
N ALA G 85 -32.28 1.62 14.96
CA ALA G 85 -31.52 2.32 13.94
C ALA G 85 -31.14 1.44 12.74
N HIS G 86 -31.13 0.13 12.98
CA HIS G 86 -30.79 -0.86 11.97
C HIS G 86 -31.88 -1.00 10.91
N ALA G 87 -33.12 -1.14 11.37
CA ALA G 87 -34.26 -1.29 10.47
C ALA G 87 -34.59 0.03 9.78
N GLN G 88 -34.24 1.13 10.42
CA GLN G 88 -34.47 2.45 9.87
C GLN G 88 -33.49 2.70 8.72
N ALA G 89 -32.21 2.49 9.00
CA ALA G 89 -31.19 2.64 7.97
C ALA G 89 -31.47 1.68 6.83
N ALA G 90 -31.86 0.46 7.19
CA ALA G 90 -32.21 -0.57 6.21
C ALA G 90 -33.28 -0.10 5.22
N TRP G 91 -34.26 0.65 5.71
CA TRP G 91 -35.34 1.16 4.86
C TRP G 91 -34.86 2.21 3.86
N MSE G 92 -34.11 3.19 4.35
CA MSE G 92 -33.58 4.25 3.50
C MSE G 92 -32.70 3.67 2.40
O MSE G 92 -32.69 4.14 1.25
CB MSE G 92 -32.78 5.26 4.31
CG MSE G 92 -33.57 6.09 5.28
SE MSE G 92 -32.52 7.47 6.17
CE MSE G 92 -32.17 6.57 7.84
N LEU G 93 -31.96 2.62 2.75
CA LEU G 93 -31.05 1.95 1.82
C LEU G 93 -31.75 1.11 0.77
N GLN G 94 -32.97 0.68 1.07
CA GLN G 94 -33.76 -0.11 0.12
C GLN G 94 -34.32 0.84 -0.92
N CYS G 95 -34.41 2.11 -0.55
CA CYS G 95 -34.94 3.15 -1.41
C CYS G 95 -33.89 3.59 -2.42
N ILE G 96 -32.63 3.32 -2.12
CA ILE G 96 -31.57 3.67 -3.05
C ILE G 96 -31.03 2.46 -3.81
N VAL G 97 -31.27 1.27 -3.28
CA VAL G 97 -30.83 0.04 -3.93
C VAL G 97 -31.75 -0.25 -5.13
N TYR G 98 -31.22 -0.97 -6.11
CA TYR G 98 -32.01 -1.36 -7.26
C TYR G 98 -32.48 -2.78 -7.09
N ILE G 99 -33.61 -3.11 -7.69
CA ILE G 99 -34.14 -4.47 -7.64
C ILE G 99 -33.16 -5.38 -8.35
N GLY G 100 -32.58 -4.87 -9.43
CA GLY G 100 -31.62 -5.61 -10.22
C GLY G 100 -30.51 -6.11 -9.30
N GLU G 101 -29.78 -5.16 -8.69
CA GLU G 101 -28.71 -5.51 -7.76
C GLU G 101 -29.14 -6.58 -6.77
N LEU G 102 -30.39 -6.51 -6.31
CA LEU G 102 -30.90 -7.50 -5.37
C LEU G 102 -31.07 -8.87 -6.01
N GLU G 103 -31.72 -8.89 -7.18
CA GLU G 103 -31.96 -10.14 -7.89
C GLU G 103 -30.67 -10.86 -8.32
N ARG G 104 -29.62 -10.10 -8.59
CA ARG G 104 -28.35 -10.71 -8.99
C ARG G 104 -27.63 -11.33 -7.80
N MSE G 105 -28.01 -10.91 -6.59
CA MSE G 105 -27.38 -11.44 -5.39
C MSE G 105 -27.45 -12.94 -5.60
O MSE G 105 -28.50 -13.47 -5.96
CB MSE G 105 -28.05 -11.03 -4.09
CG MSE G 105 -27.15 -10.74 -2.92
SE MSE G 105 -25.79 -9.40 -3.22
CE MSE G 105 -26.47 -8.61 -4.82
N THR G 106 -26.34 -13.63 -5.36
CA THR G 106 -26.07 -14.91 -6.02
C THR G 106 -26.85 -16.04 -5.35
N GLN G 107 -27.37 -15.76 -4.16
CA GLN G 107 -28.14 -16.76 -3.41
C GLN G 107 -29.63 -16.69 -3.77
N VAL G 118 -41.83 -17.47 -1.83
CA VAL G 118 -40.58 -17.04 -1.22
C VAL G 118 -40.77 -15.81 -0.35
N SER G 119 -40.30 -15.88 0.88
CA SER G 119 -40.39 -14.76 1.81
C SER G 119 -39.56 -13.66 1.16
N ALA G 120 -40.10 -12.44 1.14
CA ALA G 120 -39.39 -11.32 0.53
C ALA G 120 -38.17 -10.94 1.35
N GLY G 121 -38.07 -11.50 2.54
CA GLY G 121 -36.95 -11.24 3.44
C GLY G 121 -35.68 -11.89 2.91
N LEU G 122 -35.85 -12.87 2.03
CA LEU G 122 -34.72 -13.59 1.43
C LEU G 122 -34.12 -12.81 0.26
N LEU G 123 -34.86 -11.80 -0.20
CA LEU G 123 -34.42 -10.98 -1.33
C LEU G 123 -33.87 -9.62 -0.87
N THR G 124 -34.46 -9.12 0.21
CA THR G 124 -34.18 -7.79 0.74
C THR G 124 -33.31 -7.63 1.97
N TYR G 125 -32.64 -8.68 2.41
CA TYR G 125 -31.77 -8.57 3.56
C TYR G 125 -30.43 -7.90 3.25
N PRO G 126 -30.00 -7.90 1.99
CA PRO G 126 -28.72 -7.27 1.69
C PRO G 126 -28.67 -5.82 2.18
N PRO G 127 -29.71 -5.05 1.88
CA PRO G 127 -29.78 -3.66 2.31
C PRO G 127 -29.73 -3.53 3.84
N LEU G 128 -30.27 -4.53 4.53
CA LEU G 128 -30.25 -4.53 6.00
C LEU G 128 -28.85 -4.86 6.51
N MSE G 129 -28.13 -5.63 5.72
CA MSE G 129 -26.76 -6.01 6.04
C MSE G 129 -25.80 -4.83 5.88
O MSE G 129 -24.86 -4.66 6.65
CB MSE G 129 -26.30 -7.15 5.14
CG MSE G 129 -25.34 -8.12 5.77
SE MSE G 129 -24.49 -9.33 4.50
CE MSE G 129 -22.71 -9.28 5.21
N ALA G 130 -26.07 -4.01 4.87
CA ALA G 130 -25.29 -2.80 4.63
C ALA G 130 -25.48 -1.84 5.78
N ALA G 131 -26.73 -1.67 6.19
CA ALA G 131 -27.05 -0.80 7.31
C ALA G 131 -26.17 -1.22 8.48
N ASP G 132 -26.33 -2.48 8.87
CA ASP G 132 -25.54 -3.14 9.92
C ASP G 132 -24.11 -2.57 9.90
N ILE G 133 -23.49 -2.68 8.73
CA ILE G 133 -22.14 -2.22 8.48
C ILE G 133 -22.00 -0.69 8.46
N LEU G 134 -22.72 -0.03 7.57
CA LEU G 134 -22.59 1.43 7.44
C LEU G 134 -22.87 2.25 8.70
N LEU G 135 -23.88 1.84 9.45
CA LEU G 135 -24.27 2.53 10.65
C LEU G 135 -23.10 2.94 11.53
N TYR G 136 -22.08 2.10 11.56
CA TYR G 136 -20.93 2.32 12.44
C TYR G 136 -19.67 2.88 11.82
N ASN G 137 -19.77 3.39 10.58
CA ASN G 137 -18.61 3.94 9.90
C ASN G 137 -17.51 2.89 9.96
N THR G 138 -17.89 1.64 9.77
CA THR G 138 -16.90 0.57 9.85
C THR G 138 -15.93 0.56 8.68
N ASP G 139 -14.70 0.20 9.00
CA ASP G 139 -13.60 0.16 8.04
C ASP G 139 -13.40 -1.22 7.46
N ILE G 140 -13.42 -2.23 8.33
CA ILE G 140 -13.19 -3.61 7.91
C ILE G 140 -14.35 -4.53 8.28
N VAL G 141 -14.69 -5.44 7.38
CA VAL G 141 -15.70 -6.46 7.65
C VAL G 141 -15.02 -7.80 7.41
N PRO G 142 -14.79 -8.54 8.49
CA PRO G 142 -14.11 -9.84 8.44
C PRO G 142 -15.09 -10.91 7.99
N VAL G 143 -15.12 -11.21 6.70
CA VAL G 143 -16.03 -12.23 6.19
C VAL G 143 -15.45 -13.03 5.03
N GLY G 144 -15.86 -14.29 4.92
CA GLY G 144 -15.41 -15.15 3.85
C GLY G 144 -15.70 -14.52 2.49
N GLU G 145 -15.48 -15.28 1.43
CA GLU G 145 -15.71 -14.77 0.10
C GLU G 145 -17.10 -15.08 -0.42
N ASP G 146 -17.86 -15.82 0.37
CA ASP G 146 -19.25 -16.14 0.06
C ASP G 146 -20.03 -14.84 0.30
N GLN G 147 -19.43 -14.01 1.15
CA GLN G 147 -19.98 -12.72 1.57
C GLN G 147 -19.37 -11.52 0.84
N LYS G 148 -18.63 -11.78 -0.24
CA LYS G 148 -17.98 -10.70 -1.00
C LYS G 148 -18.91 -9.88 -1.89
N GLN G 149 -19.84 -10.57 -2.56
CA GLN G 149 -20.80 -9.90 -3.43
C GLN G 149 -21.67 -9.03 -2.55
N HIS G 150 -21.83 -9.46 -1.31
CA HIS G 150 -22.60 -8.73 -0.34
C HIS G 150 -21.89 -7.45 0.03
N ILE G 151 -20.56 -7.44 -0.07
CA ILE G 151 -19.76 -6.26 0.28
C ILE G 151 -19.59 -5.30 -0.89
N GLU G 152 -19.39 -5.87 -2.08
CA GLU G 152 -19.25 -5.09 -3.30
C GLU G 152 -20.46 -4.16 -3.38
N LEU G 153 -21.59 -4.70 -2.97
CA LEU G 153 -22.86 -3.98 -2.97
C LEU G 153 -23.01 -2.90 -1.89
N THR G 154 -22.74 -3.26 -0.62
CA THR G 154 -22.83 -2.27 0.46
C THR G 154 -21.79 -1.18 0.30
N ARG G 155 -20.86 -1.44 -0.61
CA ARG G 155 -19.78 -0.50 -0.90
C ARG G 155 -20.29 0.45 -1.97
N ASP G 156 -21.16 -0.07 -2.83
CA ASP G 156 -21.76 0.70 -3.92
C ASP G 156 -22.84 1.61 -3.36
N LEU G 157 -23.63 1.06 -2.46
CA LEU G 157 -24.71 1.78 -1.79
C LEU G 157 -24.14 2.99 -1.08
N ALA G 158 -23.01 2.79 -0.40
CA ALA G 158 -22.33 3.85 0.32
C ALA G 158 -21.76 4.89 -0.64
N GLU G 159 -21.18 4.42 -1.74
CA GLU G 159 -20.64 5.30 -2.76
C GLU G 159 -21.78 6.13 -3.33
N ARG G 160 -22.87 5.45 -3.64
CA ARG G 160 -24.04 6.08 -4.22
C ARG G 160 -24.65 7.15 -3.33
N PHE G 161 -24.64 6.89 -2.02
CA PHE G 161 -25.18 7.84 -1.06
C PHE G 161 -24.25 9.04 -0.95
N ASN G 162 -22.99 8.75 -0.62
CA ASN G 162 -21.96 9.76 -0.46
C ASN G 162 -21.93 10.76 -1.62
N LYS G 163 -22.09 10.25 -2.83
CA LYS G 163 -22.11 11.09 -4.04
C LYS G 163 -23.31 12.02 -4.05
N ARG G 164 -24.48 11.45 -3.79
CA ARG G 164 -25.73 12.21 -3.80
C ARG G 164 -25.83 13.26 -2.69
N TYR G 165 -25.80 12.81 -1.44
CA TYR G 165 -26.12 13.67 -0.31
C TYR G 165 -24.86 14.27 0.30
N GLY G 166 -23.70 13.79 -0.16
CA GLY G 166 -22.44 14.10 0.50
C GLY G 166 -21.85 12.90 1.20
N GLU G 167 -20.51 12.84 1.25
CA GLU G 167 -19.82 11.80 1.98
C GLU G 167 -20.35 11.67 3.39
N LEU G 168 -21.02 10.55 3.67
CA LEU G 168 -21.47 10.24 5.03
C LEU G 168 -20.85 8.92 5.52
N PHE G 169 -20.63 8.00 4.58
CA PHE G 169 -20.28 6.63 4.94
C PHE G 169 -18.80 6.36 4.67
N THR G 170 -18.18 5.59 5.56
CA THR G 170 -16.97 4.86 5.22
C THR G 170 -17.29 3.71 4.25
N ILE G 171 -16.75 3.80 3.05
CA ILE G 171 -16.48 2.65 2.23
C ILE G 171 -15.65 1.61 2.96
N PRO G 172 -16.19 0.40 3.08
CA PRO G 172 -15.62 -0.62 3.96
C PRO G 172 -14.90 -1.71 3.17
N GLU G 173 -14.20 -2.59 3.87
CA GLU G 173 -13.33 -3.56 3.23
C GLU G 173 -13.62 -4.98 3.73
N ALA G 174 -13.62 -5.94 2.81
CA ALA G 174 -13.96 -7.32 3.15
C ALA G 174 -12.72 -8.14 3.43
N ARG G 175 -12.20 -8.06 4.65
CA ARG G 175 -10.89 -8.59 4.97
C ARG G 175 -10.85 -9.16 6.39
N ILE G 176 -10.60 -10.46 6.50
CA ILE G 176 -10.20 -11.05 7.77
C ILE G 176 -8.74 -10.76 8.07
N PRO G 177 -8.50 -9.98 9.12
CA PRO G 177 -7.16 -9.80 9.67
C PRO G 177 -6.61 -11.11 10.24
N LYS G 178 -5.35 -11.42 9.94
CA LYS G 178 -4.68 -12.58 10.51
C LYS G 178 -5.52 -13.84 10.31
N VAL G 179 -6.10 -13.98 9.12
CA VAL G 179 -6.92 -15.13 8.80
C VAL G 179 -6.30 -16.42 9.31
N GLY G 180 -7.11 -17.27 9.91
CA GLY G 180 -6.66 -18.57 10.36
C GLY G 180 -6.89 -19.66 9.33
N ALA G 181 -6.32 -20.83 9.58
CA ALA G 181 -6.43 -21.95 8.64
C ALA G 181 -7.88 -22.31 8.37
N ARG G 182 -8.16 -22.74 7.14
CA ARG G 182 -9.48 -23.26 6.80
C ARG G 182 -9.65 -24.68 7.33
N ILE G 183 -10.60 -24.85 8.25
CA ILE G 183 -10.82 -26.15 8.89
C ILE G 183 -11.85 -27.00 8.15
N MSE G 184 -11.51 -28.26 7.92
CA MSE G 184 -12.37 -29.19 7.20
C MSE G 184 -13.10 -30.17 8.11
O MSE G 184 -12.72 -30.34 9.27
CB MSE G 184 -11.55 -29.96 6.19
CG MSE G 184 -10.52 -29.18 5.45
SE MSE G 184 -11.33 -27.94 4.20
CE MSE G 184 -10.10 -26.48 4.29
N SER G 185 -14.11 -30.81 7.57
CA SER G 185 -14.90 -31.78 8.30
C SER G 185 -13.97 -32.90 8.74
N LEU G 186 -14.28 -33.50 9.88
CA LEU G 186 -13.49 -34.60 10.41
C LEU G 186 -13.85 -35.89 9.68
N VAL G 187 -14.99 -35.88 9.00
CA VAL G 187 -15.48 -37.07 8.31
C VAL G 187 -15.28 -36.97 6.80
N ASP G 188 -15.24 -35.73 6.30
CA ASP G 188 -14.88 -35.47 4.91
C ASP G 188 -13.90 -34.32 4.80
N PRO G 189 -12.61 -34.64 4.78
CA PRO G 189 -11.56 -33.62 4.89
C PRO G 189 -11.46 -32.77 3.63
N THR G 190 -12.42 -32.95 2.71
CA THR G 190 -12.50 -32.11 1.52
C THR G 190 -13.69 -31.15 1.61
N LYS G 191 -14.58 -31.41 2.55
CA LYS G 191 -15.61 -30.44 2.91
C LYS G 191 -15.16 -29.57 4.08
N LYS G 192 -15.64 -28.33 4.10
CA LYS G 192 -15.34 -27.41 5.18
C LYS G 192 -16.16 -27.80 6.40
N MSE G 193 -15.58 -27.60 7.58
CA MSE G 193 -16.27 -27.93 8.82
C MSE G 193 -17.44 -26.97 9.03
O MSE G 193 -17.24 -25.76 9.12
CB MSE G 193 -15.36 -27.88 10.02
CG MSE G 193 -15.99 -28.28 11.33
SE MSE G 193 -14.84 -28.06 12.90
CE MSE G 193 -14.09 -29.82 12.98
N SER G 194 -18.64 -27.52 9.12
CA SER G 194 -19.83 -26.73 9.37
C SER G 194 -20.68 -27.40 10.43
N LYS G 195 -21.37 -26.58 11.22
CA LYS G 195 -22.22 -27.06 12.31
C LYS G 195 -23.57 -27.51 11.77
N SER G 196 -23.73 -27.39 10.46
CA SER G 196 -24.98 -27.81 9.82
C SER G 196 -24.71 -29.12 9.12
N ASP G 197 -23.57 -29.72 9.43
CA ASP G 197 -23.26 -31.02 8.87
C ASP G 197 -24.26 -31.99 9.45
N PRO G 198 -25.01 -32.61 8.56
CA PRO G 198 -26.01 -33.61 8.91
C PRO G 198 -25.37 -34.66 9.81
N ASN G 199 -24.04 -34.64 9.86
CA ASN G 199 -23.23 -35.56 10.64
C ASN G 199 -22.50 -34.84 11.80
N PRO G 200 -22.99 -35.04 13.01
CA PRO G 200 -22.42 -34.44 14.22
C PRO G 200 -20.93 -34.74 14.40
N LYS G 201 -20.46 -35.78 13.70
CA LYS G 201 -19.05 -36.19 13.78
C LYS G 201 -18.13 -35.31 12.94
N ALA G 202 -18.71 -34.56 12.01
CA ALA G 202 -17.94 -33.71 11.11
C ALA G 202 -17.35 -32.47 11.77
N TYR G 203 -17.94 -32.05 12.89
CA TYR G 203 -17.48 -30.84 13.56
C TYR G 203 -17.30 -31.04 15.06
N ILE G 204 -16.52 -30.16 15.67
CA ILE G 204 -16.36 -30.12 17.10
C ILE G 204 -16.95 -28.79 17.54
N THR G 205 -17.87 -28.86 18.49
CA THR G 205 -18.56 -27.69 19.01
C THR G 205 -17.78 -27.12 20.17
N LEU G 206 -17.86 -25.81 20.35
CA LEU G 206 -17.15 -25.14 21.43
C LEU G 206 -17.66 -25.64 22.77
N LEU G 207 -18.85 -26.24 22.76
CA LEU G 207 -19.47 -26.76 23.97
C LEU G 207 -19.44 -28.28 24.01
N ASP G 208 -18.72 -28.89 23.11
CA ASP G 208 -18.64 -30.34 23.12
C ASP G 208 -17.86 -30.77 24.37
N ASP G 209 -18.29 -31.86 25.02
CA ASP G 209 -17.63 -32.32 26.25
C ASP G 209 -16.39 -33.13 25.94
N ALA G 210 -15.50 -33.21 26.92
CA ALA G 210 -14.24 -33.94 26.81
C ALA G 210 -14.40 -35.33 26.19
N LYS G 211 -15.49 -36.00 26.54
CA LYS G 211 -15.77 -37.34 26.03
C LYS G 211 -16.11 -37.35 24.54
N THR G 212 -16.76 -36.29 24.10
CA THR G 212 -17.16 -36.15 22.71
C THR G 212 -15.99 -35.70 21.85
N ILE G 213 -15.15 -34.84 22.40
CA ILE G 213 -13.97 -34.36 21.68
C ILE G 213 -13.09 -35.58 21.39
N GLU G 214 -12.95 -36.43 22.40
CA GLU G 214 -12.15 -37.64 22.25
C GLU G 214 -12.73 -38.57 21.19
N LYS G 215 -13.95 -39.03 21.41
CA LYS G 215 -14.61 -39.93 20.47
C LYS G 215 -14.55 -39.38 19.04
N LYS G 216 -14.65 -38.06 18.93
CA LYS G 216 -14.62 -37.40 17.62
C LYS G 216 -13.24 -37.25 16.99
N ILE G 217 -12.22 -37.03 17.81
CA ILE G 217 -10.85 -36.90 17.30
C ILE G 217 -10.33 -38.27 16.85
N LYS G 218 -10.80 -39.29 17.55
CA LYS G 218 -10.40 -40.66 17.28
C LYS G 218 -11.07 -41.21 16.02
N SER G 219 -12.23 -40.65 15.68
CA SER G 219 -12.94 -41.06 14.47
C SER G 219 -12.49 -40.24 13.27
N SER G 224 -4.25 -44.61 4.78
CA SER G 224 -3.60 -45.91 4.92
C SER G 224 -2.08 -45.77 4.84
N GLU G 225 -1.58 -44.61 5.24
CA GLU G 225 -0.18 -44.27 5.03
C GLU G 225 0.60 -44.27 6.35
N GLY G 226 -0.03 -43.74 7.40
CA GLY G 226 0.50 -43.86 8.74
C GLY G 226 1.66 -42.91 8.98
N THR G 227 1.74 -41.86 8.18
CA THR G 227 2.85 -40.91 8.25
C THR G 227 2.36 -39.49 8.47
N ILE G 228 2.85 -38.86 9.53
CA ILE G 228 2.37 -37.54 9.92
C ILE G 228 3.08 -36.44 9.13
N ARG G 229 2.48 -36.05 8.01
CA ARG G 229 3.06 -35.03 7.15
C ARG G 229 1.99 -34.21 6.44
N TYR G 230 2.29 -32.95 6.17
CA TYR G 230 1.35 -32.06 5.52
C TYR G 230 1.34 -32.18 4.02
N GLY G 237 -7.00 -35.44 5.37
CA GLY G 237 -7.44 -35.60 6.77
C GLY G 237 -6.33 -35.30 7.78
N ILE G 238 -5.13 -35.80 7.50
CA ILE G 238 -4.00 -35.57 8.38
C ILE G 238 -3.56 -34.10 8.43
N SER G 239 -3.63 -33.42 7.28
CA SER G 239 -3.26 -32.02 7.18
C SER G 239 -4.23 -31.12 7.96
N ASN G 240 -5.50 -31.53 8.01
CA ASN G 240 -6.50 -30.77 8.75
C ASN G 240 -6.17 -30.87 10.23
N LEU G 241 -5.94 -32.11 10.68
CA LEU G 241 -5.60 -32.42 12.05
C LEU G 241 -4.34 -31.67 12.51
N LEU G 242 -3.44 -31.46 11.56
CA LEU G 242 -2.18 -30.75 11.84
C LEU G 242 -2.43 -29.26 11.97
N ASN G 243 -3.49 -28.79 11.33
CA ASN G 243 -3.85 -27.37 11.37
C ASN G 243 -4.54 -27.02 12.68
N ILE G 244 -5.47 -27.88 13.09
CA ILE G 244 -6.18 -27.70 14.35
C ILE G 244 -5.14 -27.74 15.47
N TYR G 245 -4.30 -28.77 15.42
CA TYR G 245 -3.22 -28.97 16.38
C TYR G 245 -2.29 -27.75 16.38
N SER G 246 -1.73 -27.47 15.23
CA SER G 246 -0.80 -26.37 15.04
C SER G 246 -1.27 -25.05 15.65
N THR G 247 -2.52 -24.69 15.39
CA THR G 247 -3.10 -23.43 15.84
C THR G 247 -3.55 -23.41 17.30
N LEU G 248 -4.12 -24.52 17.76
CA LEU G 248 -4.56 -24.67 19.13
C LEU G 248 -3.37 -24.82 20.06
N SER G 249 -2.24 -25.21 19.47
CA SER G 249 -1.03 -25.43 20.25
C SER G 249 0.01 -24.32 20.20
N GLY G 250 0.19 -23.68 19.06
CA GLY G 250 1.19 -22.62 18.93
C GLY G 250 2.48 -23.10 18.26
N GLN G 251 2.50 -24.37 17.88
CA GLN G 251 3.66 -24.92 17.20
C GLN G 251 3.47 -24.81 15.70
N SER G 252 4.57 -24.68 14.98
CA SER G 252 4.53 -24.62 13.53
C SER G 252 4.11 -26.02 13.10
N ILE G 253 3.86 -26.20 11.80
CA ILE G 253 3.49 -27.51 11.30
C ILE G 253 4.73 -28.36 11.08
N GLU G 254 5.82 -27.72 10.69
CA GLU G 254 7.07 -28.44 10.51
C GLU G 254 7.57 -28.89 11.88
N GLU G 255 7.31 -28.07 12.89
CA GLU G 255 7.68 -28.38 14.26
C GLU G 255 6.98 -29.67 14.68
N LEU G 256 5.70 -29.76 14.32
CA LEU G 256 4.86 -30.91 14.63
C LEU G 256 5.21 -32.15 13.81
N GLU G 257 5.66 -31.93 12.58
CA GLU G 257 6.03 -33.03 11.69
C GLU G 257 7.25 -33.77 12.25
N ARG G 258 8.15 -33.01 12.86
CA ARG G 258 9.36 -33.55 13.46
C ARG G 258 9.00 -34.38 14.68
N GLN G 259 8.37 -33.70 15.64
CA GLN G 259 7.94 -34.26 16.91
C GLN G 259 7.28 -35.62 16.75
N TYR G 260 6.58 -35.78 15.64
CA TYR G 260 5.86 -37.02 15.34
C TYR G 260 6.46 -37.76 14.16
N GLU G 261 7.78 -37.73 14.08
CA GLU G 261 8.52 -38.38 12.99
C GLU G 261 8.22 -39.87 12.72
N GLY G 262 8.56 -40.74 13.65
CA GLY G 262 8.33 -42.18 13.47
C GLY G 262 7.06 -42.64 14.18
N LYS G 263 6.18 -41.68 14.45
CA LYS G 263 4.96 -41.95 15.18
C LYS G 263 3.74 -42.19 14.29
N GLY G 264 2.77 -42.92 14.83
CA GLY G 264 1.53 -43.23 14.12
C GLY G 264 0.43 -42.24 14.46
N TYR G 265 -0.75 -42.48 13.89
CA TYR G 265 -1.91 -41.60 14.10
C TYR G 265 -2.52 -41.72 15.48
N GLY G 266 -2.36 -42.88 16.10
CA GLY G 266 -2.93 -43.16 17.42
C GLY G 266 -2.48 -42.17 18.51
N VAL G 267 -1.16 -42.03 18.66
CA VAL G 267 -0.58 -41.14 19.67
C VAL G 267 -0.82 -39.69 19.28
N PHE G 268 -0.79 -39.43 17.98
CA PHE G 268 -1.03 -38.09 17.45
C PHE G 268 -2.44 -37.66 17.81
N LYS G 269 -3.40 -38.54 17.54
CA LYS G 269 -4.81 -38.29 17.84
C LYS G 269 -5.05 -38.11 19.34
N ALA G 270 -4.32 -38.88 20.15
CA ALA G 270 -4.43 -38.80 21.60
C ALA G 270 -3.87 -37.46 22.11
N ASP G 271 -2.76 -37.05 21.53
CA ASP G 271 -2.11 -35.78 21.87
C ASP G 271 -2.98 -34.57 21.47
N LEU G 272 -3.68 -34.73 20.37
CA LEU G 272 -4.54 -33.68 19.83
C LEU G 272 -5.86 -33.58 20.59
N ALA G 273 -6.42 -34.71 20.99
CA ALA G 273 -7.68 -34.72 21.73
C ALA G 273 -7.48 -33.98 23.06
N GLN G 274 -6.24 -33.97 23.54
CA GLN G 274 -5.90 -33.30 24.78
C GLN G 274 -5.74 -31.78 24.65
N VAL G 275 -5.14 -31.33 23.56
CA VAL G 275 -4.98 -29.89 23.34
C VAL G 275 -6.32 -29.23 23.03
N VAL G 276 -7.21 -29.98 22.39
CA VAL G 276 -8.55 -29.47 22.09
C VAL G 276 -9.33 -29.35 23.40
N ILE G 277 -9.33 -30.45 24.18
CA ILE G 277 -10.00 -30.49 25.46
C ILE G 277 -9.47 -29.38 26.37
N GLU G 278 -8.15 -29.23 26.35
CA GLU G 278 -7.45 -28.23 27.17
C GLU G 278 -7.81 -26.81 26.78
N THR G 279 -8.16 -26.64 25.51
CA THR G 279 -8.50 -25.34 24.95
C THR G 279 -9.93 -24.93 25.24
N LEU G 280 -10.82 -25.92 25.26
CA LEU G 280 -12.24 -25.68 25.50
C LEU G 280 -12.66 -25.84 26.96
N ARG G 281 -11.77 -26.37 27.79
CA ARG G 281 -12.12 -26.58 29.19
C ARG G 281 -12.43 -25.30 29.95
N PRO G 282 -11.57 -24.29 29.79
CA PRO G 282 -11.77 -23.01 30.45
C PRO G 282 -13.00 -22.34 29.83
N ILE G 283 -13.00 -22.29 28.50
CA ILE G 283 -14.09 -21.69 27.73
C ILE G 283 -15.47 -22.18 28.14
N GLN G 284 -15.61 -23.49 28.31
CA GLN G 284 -16.90 -24.09 28.69
C GLN G 284 -17.26 -23.77 30.14
N GLU G 285 -16.26 -23.43 30.93
CA GLU G 285 -16.50 -23.11 32.32
C GLU G 285 -17.07 -21.70 32.46
N ARG G 286 -16.49 -20.76 31.74
CA ARG G 286 -16.98 -19.38 31.77
C ARG G 286 -18.36 -19.33 31.12
N TYR G 287 -18.51 -20.07 30.03
CA TYR G 287 -19.77 -20.14 29.30
C TYR G 287 -20.89 -20.40 30.30
N HIS G 288 -20.69 -21.42 31.12
CA HIS G 288 -21.66 -21.81 32.13
C HIS G 288 -21.85 -20.75 33.22
N HIS G 289 -20.76 -20.06 33.55
CA HIS G 289 -20.84 -19.02 34.58
C HIS G 289 -21.66 -17.84 34.06
N TRP G 290 -21.55 -17.60 32.75
CA TRP G 290 -22.26 -16.53 32.07
C TRP G 290 -23.74 -16.85 31.97
N MSE G 291 -24.05 -18.10 31.66
CA MSE G 291 -25.42 -18.51 31.38
C MSE G 291 -26.26 -18.53 32.65
O MSE G 291 -27.49 -18.67 32.60
CB MSE G 291 -25.44 -19.90 30.73
CG MSE G 291 -24.96 -19.90 29.28
SE MSE G 291 -26.21 -19.00 28.07
CE MSE G 291 -27.79 -20.09 28.41
N GLU G 292 -25.60 -18.36 33.79
CA GLU G 292 -26.29 -18.37 35.08
C GLU G 292 -25.92 -17.15 35.91
N SER G 293 -25.08 -16.28 35.35
CA SER G 293 -24.91 -14.94 35.87
C SER G 293 -26.15 -14.09 35.66
N GLU G 294 -26.44 -13.22 36.62
CA GLU G 294 -27.39 -12.13 36.41
C GLU G 294 -26.85 -11.14 35.39
N GLU G 295 -25.55 -11.19 35.14
CA GLU G 295 -24.85 -10.09 34.49
C GLU G 295 -24.73 -10.32 32.99
N LEU G 296 -25.37 -11.38 32.50
CA LEU G 296 -25.39 -11.68 31.08
C LEU G 296 -26.35 -10.77 30.33
N ASP G 297 -27.60 -10.71 30.80
CA ASP G 297 -28.54 -9.70 30.35
C ASP G 297 -27.97 -8.30 30.54
N ARG G 298 -27.06 -8.15 31.48
CA ARG G 298 -26.58 -6.84 31.89
C ARG G 298 -25.53 -6.31 30.92
N VAL G 299 -24.79 -7.23 30.30
CA VAL G 299 -23.69 -6.85 29.43
C VAL G 299 -24.16 -6.55 28.01
N LEU G 300 -25.32 -7.08 27.67
CA LEU G 300 -25.93 -6.79 26.37
C LEU G 300 -26.64 -5.46 26.44
N ASP G 301 -27.24 -5.19 27.60
CA ASP G 301 -27.94 -3.93 27.84
C ASP G 301 -26.89 -2.83 27.64
N GLU G 302 -25.75 -2.99 28.31
CA GLU G 302 -24.66 -2.03 28.17
C GLU G 302 -24.19 -1.99 26.72
N GLY G 303 -24.37 -3.07 25.99
CA GLY G 303 -23.95 -3.14 24.60
C GLY G 303 -24.95 -2.52 23.62
N ALA G 304 -26.23 -2.66 23.91
CA ALA G 304 -27.27 -2.09 23.05
C ALA G 304 -27.21 -0.57 23.16
N GLU G 305 -27.05 -0.10 24.39
CA GLU G 305 -26.94 1.32 24.69
C GLU G 305 -25.84 2.00 23.88
N LYS G 306 -24.64 1.41 23.92
CA LYS G 306 -23.50 1.95 23.17
C LYS G 306 -23.81 2.03 21.68
N ALA G 307 -24.29 0.92 21.14
CA ALA G 307 -24.64 0.83 19.73
C ALA G 307 -25.71 1.84 19.35
N ASN G 308 -26.80 1.86 20.12
CA ASN G 308 -27.90 2.80 19.85
C ASN G 308 -27.35 4.22 19.74
N ARG G 309 -26.51 4.56 20.71
CA ARG G 309 -25.84 5.87 20.75
C ARG G 309 -25.25 6.21 19.37
N VAL G 310 -24.22 5.46 18.99
CA VAL G 310 -23.53 5.63 17.72
C VAL G 310 -24.47 5.55 16.51
N ALA G 311 -25.28 4.49 16.46
CA ALA G 311 -26.18 4.25 15.34
C ALA G 311 -27.29 5.29 15.17
N SER G 312 -27.89 5.70 16.29
CA SER G 312 -28.98 6.69 16.29
C SER G 312 -28.53 8.00 15.64
N GLU G 313 -27.27 8.34 15.90
CA GLU G 313 -26.65 9.56 15.41
C GLU G 313 -26.45 9.52 13.89
N MSE G 314 -26.10 8.35 13.39
CA MSE G 314 -25.89 8.13 11.96
C MSE G 314 -27.22 8.23 11.22
O MSE G 314 -27.31 8.84 10.16
CB MSE G 314 -25.32 6.74 11.72
CG MSE G 314 -25.16 6.32 10.29
SE MSE G 314 -24.14 7.60 9.26
CE MSE G 314 -22.41 7.30 10.05
N VAL G 315 -28.25 7.62 11.80
CA VAL G 315 -29.59 7.64 11.23
C VAL G 315 -30.00 9.10 11.11
N ARG G 316 -29.89 9.82 12.23
CA ARG G 316 -30.23 11.24 12.30
C ARG G 316 -29.49 12.03 11.22
N LYS G 317 -28.22 11.68 11.03
CA LYS G 317 -27.39 12.33 10.02
C LYS G 317 -27.84 11.93 8.62
N MSE G 318 -28.42 10.73 8.52
CA MSE G 318 -28.90 10.20 7.25
C MSE G 318 -30.21 10.83 6.81
O MSE G 318 -30.40 11.16 5.64
CB MSE G 318 -29.11 8.70 7.37
CG MSE G 318 -27.95 7.82 7.00
SE MSE G 318 -28.31 5.93 7.36
CE MSE G 318 -28.73 5.37 5.57
N GLU G 319 -31.13 10.96 7.76
CA GLU G 319 -32.44 11.55 7.51
C GLU G 319 -32.24 13.01 7.14
N GLN G 320 -31.22 13.60 7.74
CA GLN G 320 -30.87 14.98 7.51
C GLN G 320 -30.53 15.17 6.03
N ALA G 321 -29.69 14.28 5.54
CA ALA G 321 -29.24 14.28 4.15
C ALA G 321 -30.40 14.03 3.18
N MSE G 322 -31.30 13.15 3.58
CA MSE G 322 -32.44 12.80 2.76
C MSE G 322 -33.62 13.76 2.87
O MSE G 322 -34.37 13.94 1.91
CB MSE G 322 -32.84 11.36 3.00
CG MSE G 322 -31.78 10.34 2.68
SE MSE G 322 -32.39 8.51 2.60
CE MSE G 322 -33.01 8.46 0.78
N GLY G 323 -33.79 14.36 4.05
CA GLY G 323 -34.89 15.32 4.25
C GLY G 323 -36.08 14.76 5.04
N LEU G 324 -35.84 13.73 5.86
CA LEU G 324 -36.89 13.12 6.67
C LEU G 324 -37.11 13.83 7.99
N GLY G 325 -38.38 13.98 8.38
CA GLY G 325 -38.71 14.60 9.66
C GLY G 325 -38.29 16.06 9.74
N ARG G 326 -37.57 16.40 10.81
CA ARG G 326 -37.13 17.76 11.06
C ARG G 326 -35.73 17.79 11.69
N MSE H 1 38.47 -56.70 23.49
CA MSE H 1 38.99 -56.73 24.86
C MSE H 1 37.99 -57.39 25.79
O MSE H 1 36.86 -57.71 25.40
CB MSE H 1 39.22 -55.33 25.40
CG MSE H 1 40.19 -54.44 24.66
SE MSE H 1 39.69 -52.56 24.71
CE MSE H 1 38.33 -52.55 23.36
N LYS H 2 38.39 -57.56 27.05
CA LYS H 2 37.49 -58.08 28.05
C LYS H 2 36.65 -56.89 28.53
N THR H 3 35.42 -57.16 28.94
CA THR H 3 34.49 -56.12 29.35
C THR H 3 34.40 -55.97 30.87
N ILE H 4 34.35 -54.73 31.35
CA ILE H 4 34.20 -54.47 32.78
C ILE H 4 32.92 -53.71 33.10
N PHE H 5 32.26 -54.14 34.16
CA PHE H 5 31.05 -53.48 34.63
C PHE H 5 31.16 -53.03 36.08
N SER H 6 31.00 -51.74 36.29
CA SER H 6 31.03 -51.19 37.63
C SER H 6 29.73 -50.48 37.93
N GLY H 7 29.08 -50.90 39.01
CA GLY H 7 27.84 -50.26 39.44
C GLY H 7 28.02 -49.44 40.70
N ILE H 8 27.93 -48.12 40.56
CA ILE H 8 28.22 -47.20 41.65
C ILE H 8 26.94 -46.67 42.28
N GLN H 9 26.82 -46.78 43.59
CA GLN H 9 25.74 -46.14 44.30
C GLN H 9 25.98 -44.66 44.37
N THR H 15 35.97 -41.32 48.87
CA THR H 15 37.07 -40.83 49.69
C THR H 15 38.42 -41.20 49.07
N ILE H 16 39.50 -40.91 49.80
CA ILE H 16 40.84 -41.24 49.34
C ILE H 16 41.13 -42.72 49.50
N GLY H 17 40.23 -43.42 50.19
CA GLY H 17 40.19 -44.87 50.13
C GLY H 17 39.56 -45.47 48.89
N ASN H 18 38.41 -44.92 48.51
CA ASN H 18 37.70 -45.38 47.31
C ASN H 18 38.39 -45.01 46.00
N TYR H 19 38.90 -43.79 45.92
CA TYR H 19 39.71 -43.37 44.79
C TYR H 19 41.03 -44.13 44.65
N ILE H 20 41.61 -44.51 45.78
CA ILE H 20 42.96 -45.04 45.81
C ILE H 20 42.81 -46.55 45.64
N GLY H 21 41.64 -47.06 46.00
CA GLY H 21 41.44 -48.50 46.11
C GLY H 21 40.95 -49.12 44.82
N ALA H 22 39.96 -48.47 44.20
CA ALA H 22 39.17 -49.11 43.16
C ALA H 22 39.14 -48.27 41.88
N LEU H 23 39.32 -46.96 42.05
CA LEU H 23 38.91 -46.00 41.03
C LEU H 23 40.08 -45.61 40.14
N ARG H 24 41.29 -45.62 40.70
CA ARG H 24 42.38 -44.78 40.21
C ARG H 24 43.19 -45.52 39.14
N GLN H 25 43.19 -46.84 39.21
CA GLN H 25 43.64 -47.67 38.10
C GLN H 25 42.71 -47.53 36.89
N PHE H 26 41.54 -46.95 37.13
CA PHE H 26 40.42 -47.10 36.21
C PHE H 26 40.46 -46.05 35.09
N VAL H 27 41.21 -44.98 35.34
CA VAL H 27 41.70 -44.13 34.26
C VAL H 27 42.61 -44.91 33.31
N GLU H 28 43.32 -45.89 33.86
CA GLU H 28 44.37 -46.59 33.12
C GLU H 28 43.83 -47.84 32.45
N LEU H 29 43.02 -48.60 33.17
CA LEU H 29 42.50 -49.86 32.67
C LEU H 29 41.39 -49.62 31.64
N GLN H 30 40.75 -48.45 31.73
CA GLN H 30 39.73 -48.07 30.77
C GLN H 30 40.25 -48.12 29.34
N HIS H 31 41.57 -48.26 29.20
CA HIS H 31 42.22 -48.25 27.90
C HIS H 31 42.46 -49.66 27.40
N GLU H 32 42.59 -50.61 28.33
CA GLU H 32 42.92 -51.98 27.99
C GLU H 32 41.75 -52.92 28.30
N TYR H 33 40.65 -52.34 28.77
CA TYR H 33 39.40 -53.09 28.92
C TYR H 33 38.25 -52.24 28.37
N ASN H 34 37.14 -52.89 28.06
CA ASN H 34 35.96 -52.16 27.65
C ASN H 34 35.19 -51.92 28.95
N CYS H 35 35.18 -50.67 29.42
CA CYS H 35 34.56 -50.33 30.70
C CYS H 35 33.18 -49.70 30.70
N TYR H 36 32.40 -50.12 31.70
CA TYR H 36 31.05 -49.61 31.92
C TYR H 36 30.96 -49.08 33.35
N PHE H 37 30.56 -47.83 33.48
CA PHE H 37 30.38 -47.21 34.79
C PHE H 37 28.93 -46.81 34.94
N CYS H 38 28.18 -47.65 35.66
CA CYS H 38 26.76 -47.46 35.85
C CYS H 38 26.41 -46.85 37.20
N ILE H 39 25.72 -45.71 37.19
CA ILE H 39 25.24 -45.10 38.41
C ILE H 39 23.90 -45.77 38.68
N VAL H 40 23.91 -46.69 39.65
CA VAL H 40 22.74 -47.50 39.97
C VAL H 40 21.72 -46.77 40.83
N ASP H 41 21.05 -45.78 40.24
CA ASP H 41 20.01 -45.02 40.93
C ASP H 41 18.83 -45.94 41.30
N GLN H 42 18.63 -46.99 40.52
CA GLN H 42 17.50 -47.89 40.76
C GLN H 42 17.71 -48.78 41.98
N HIS H 43 18.97 -49.10 42.27
CA HIS H 43 19.32 -49.90 43.44
C HIS H 43 19.22 -49.03 44.69
N ALA H 44 19.36 -47.72 44.48
CA ALA H 44 19.32 -46.76 45.58
C ALA H 44 17.96 -46.58 46.25
N ILE H 45 16.88 -46.71 45.48
CA ILE H 45 15.55 -46.54 46.04
C ILE H 45 15.08 -47.76 46.84
N THR H 46 15.98 -48.73 47.00
CA THR H 46 15.65 -49.92 47.78
C THR H 46 15.53 -49.49 49.24
N VAL H 47 16.09 -48.32 49.52
CA VAL H 47 16.01 -47.72 50.85
C VAL H 47 15.45 -46.33 50.73
N TRP H 48 14.99 -45.78 51.85
CA TRP H 48 14.52 -44.41 51.90
C TRP H 48 15.51 -43.45 51.25
N GLN H 49 15.02 -42.67 50.27
CA GLN H 49 15.79 -41.56 49.74
C GLN H 49 14.96 -40.28 49.74
N ASP H 50 15.60 -39.16 50.09
CA ASP H 50 15.12 -37.84 49.69
C ASP H 50 15.30 -37.62 48.20
N PRO H 51 14.19 -37.43 47.49
CA PRO H 51 14.21 -37.40 46.02
C PRO H 51 15.18 -36.36 45.49
N HIS H 52 15.28 -35.22 46.17
CA HIS H 52 16.15 -34.14 45.73
C HIS H 52 17.62 -34.46 45.98
N GLU H 53 17.90 -35.05 47.14
CA GLU H 53 19.27 -35.42 47.48
C GLU H 53 19.74 -36.49 46.51
N LEU H 54 18.81 -37.33 46.08
CA LEU H 54 19.09 -38.41 45.15
C LEU H 54 19.52 -37.87 43.79
N ARG H 55 18.61 -37.11 43.19
CA ARG H 55 18.83 -36.49 41.89
C ARG H 55 20.15 -35.73 41.88
N GLN H 56 20.55 -35.30 43.07
CA GLN H 56 21.77 -34.52 43.25
C GLN H 56 23.01 -35.39 43.34
N ASN H 57 22.94 -36.41 44.17
CA ASN H 57 24.07 -37.33 44.37
C ASN H 57 24.39 -38.09 43.10
N ILE H 58 23.41 -38.13 42.19
CA ILE H 58 23.58 -38.80 40.90
C ILE H 58 24.52 -37.98 40.02
N ARG H 59 24.26 -36.67 39.98
CA ARG H 59 25.04 -35.73 39.18
C ARG H 59 26.49 -35.61 39.66
N ARG H 60 26.64 -35.37 40.95
CA ARG H 60 27.96 -35.22 41.56
C ARG H 60 28.80 -36.47 41.37
N LEU H 61 28.16 -37.62 41.46
CA LEU H 61 28.85 -38.89 41.28
C LEU H 61 29.38 -38.99 39.85
N ALA H 62 28.56 -38.54 38.90
CA ALA H 62 28.93 -38.57 37.50
C ALA H 62 30.10 -37.63 37.22
N ALA H 63 30.04 -36.42 37.77
CA ALA H 63 31.09 -35.42 37.61
C ALA H 63 32.41 -35.84 38.27
N LEU H 64 32.31 -36.51 39.41
CA LEU H 64 33.50 -36.96 40.12
C LEU H 64 34.25 -38.00 39.30
N TYR H 65 33.50 -38.84 38.61
CA TYR H 65 34.07 -39.87 37.76
C TYR H 65 34.76 -39.24 36.56
N LEU H 66 34.14 -38.20 36.02
CA LEU H 66 34.70 -37.47 34.90
C LEU H 66 35.95 -36.73 35.36
N ALA H 67 35.84 -36.14 36.54
CA ALA H 67 36.93 -35.39 37.14
C ALA H 67 38.13 -36.25 37.51
N VAL H 68 37.87 -37.42 38.10
CA VAL H 68 38.97 -38.30 38.46
C VAL H 68 39.81 -38.74 37.25
N GLY H 69 39.21 -38.70 36.06
CA GLY H 69 39.93 -39.08 34.85
C GLY H 69 39.16 -40.05 33.93
N ILE H 70 37.93 -40.39 34.27
CA ILE H 70 37.16 -41.30 33.44
C ILE H 70 36.76 -40.64 32.12
N ASP H 71 37.35 -41.11 31.02
CA ASP H 71 37.10 -40.58 29.66
C ASP H 71 35.83 -41.22 29.10
N PRO H 72 34.83 -40.37 28.86
CA PRO H 72 33.54 -40.80 28.31
C PRO H 72 33.61 -41.36 26.90
N THR H 73 34.72 -41.13 26.22
CA THR H 73 34.90 -41.61 24.85
C THR H 73 35.55 -42.99 24.84
N GLN H 74 36.22 -43.31 25.94
CA GLN H 74 36.91 -44.57 26.14
C GLN H 74 36.06 -45.57 26.92
N ALA H 75 35.10 -45.05 27.68
CA ALA H 75 34.24 -45.90 28.48
C ALA H 75 32.80 -45.39 28.48
N THR H 76 31.90 -46.23 28.99
CA THR H 76 30.50 -45.87 29.07
C THR H 76 30.13 -45.55 30.51
N LEU H 77 29.76 -44.29 30.71
CA LEU H 77 29.34 -43.80 32.01
C LEU H 77 27.88 -43.41 31.81
N PHE H 78 26.99 -44.07 32.53
CA PHE H 78 25.56 -43.80 32.39
C PHE H 78 24.82 -43.98 33.69
N ILE H 79 23.56 -43.54 33.69
CA ILE H 79 22.65 -43.67 34.82
C ILE H 79 21.76 -44.88 34.55
N GLN H 80 21.77 -45.82 35.48
CA GLN H 80 20.99 -47.05 35.37
C GLN H 80 19.55 -46.88 34.84
N SER H 81 18.74 -46.13 35.58
CA SER H 81 17.35 -45.88 35.21
C SER H 81 17.13 -45.39 33.78
N GLU H 82 18.18 -44.89 33.16
CA GLU H 82 18.06 -44.34 31.82
C GLU H 82 18.15 -45.40 30.74
N VAL H 83 18.43 -46.62 31.15
CA VAL H 83 18.48 -47.76 30.26
C VAL H 83 17.39 -48.71 30.76
N PRO H 84 16.20 -48.62 30.18
CA PRO H 84 15.07 -49.45 30.59
C PRO H 84 15.34 -50.95 30.49
N ALA H 85 16.35 -51.32 29.73
CA ALA H 85 16.71 -52.73 29.55
C ALA H 85 17.12 -53.41 30.85
N HIS H 86 17.47 -52.60 31.84
CA HIS H 86 17.89 -53.13 33.15
C HIS H 86 16.71 -53.70 33.93
N ALA H 87 15.61 -52.96 33.93
CA ALA H 87 14.39 -53.40 34.60
C ALA H 87 13.68 -54.52 33.85
N GLN H 88 13.77 -54.48 32.53
CA GLN H 88 13.16 -55.51 31.67
C GLN H 88 13.84 -56.87 31.91
N ALA H 89 15.17 -56.87 31.87
CA ALA H 89 15.97 -58.06 32.07
C ALA H 89 15.92 -58.59 33.50
N ALA H 90 15.79 -57.69 34.46
CA ALA H 90 15.71 -58.07 35.87
C ALA H 90 14.45 -58.89 36.16
N TRP H 91 13.38 -58.57 35.43
CA TRP H 91 12.11 -59.28 35.60
C TRP H 91 12.26 -60.72 35.13
N MSE H 92 12.81 -60.88 33.93
CA MSE H 92 13.02 -62.20 33.35
C MSE H 92 13.93 -63.02 34.23
O MSE H 92 13.75 -64.23 34.38
CB MSE H 92 13.63 -62.04 31.97
CG MSE H 92 12.66 -61.54 30.93
SE MSE H 92 13.41 -61.60 29.14
CE MSE H 92 14.21 -59.86 29.04
N LEU H 93 14.92 -62.37 34.83
CA LEU H 93 15.88 -63.02 35.71
C LEU H 93 15.25 -63.41 37.05
N GLN H 94 14.21 -62.66 37.42
CA GLN H 94 13.51 -62.91 38.68
C GLN H 94 12.54 -64.07 38.52
N CYS H 95 12.34 -64.50 37.28
CA CYS H 95 11.51 -65.65 36.97
C CYS H 95 12.38 -66.90 36.90
N ILE H 96 13.69 -66.70 36.77
CA ILE H 96 14.66 -67.80 36.70
C ILE H 96 15.14 -68.15 38.11
N VAL H 97 15.20 -67.14 38.96
CA VAL H 97 15.72 -67.26 40.31
C VAL H 97 14.73 -67.85 41.32
N TYR H 98 15.27 -68.54 42.31
CA TYR H 98 14.49 -69.14 43.38
C TYR H 98 14.44 -68.24 44.61
N ILE H 99 13.33 -68.29 45.32
CA ILE H 99 13.15 -67.50 46.54
C ILE H 99 14.27 -67.86 47.52
N GLY H 100 14.53 -69.17 47.61
CA GLY H 100 15.55 -69.71 48.52
C GLY H 100 16.91 -69.06 48.29
N GLU H 101 17.25 -68.80 47.04
CA GLU H 101 18.53 -68.19 46.73
C GLU H 101 18.57 -66.75 47.24
N LEU H 102 17.46 -66.04 47.10
CA LEU H 102 17.37 -64.65 47.55
C LEU H 102 17.44 -64.49 49.07
N GLU H 103 16.86 -65.43 49.80
CA GLU H 103 16.85 -65.39 51.26
C GLU H 103 18.16 -65.88 51.87
N ARG H 104 18.93 -66.61 51.07
CA ARG H 104 20.23 -67.12 51.45
C ARG H 104 21.20 -65.95 51.33
N MSE H 105 20.74 -64.88 50.70
CA MSE H 105 21.56 -63.69 50.53
C MSE H 105 21.75 -63.00 51.88
O MSE H 105 20.81 -62.40 52.41
CB MSE H 105 20.97 -62.74 49.51
CG MSE H 105 21.94 -62.02 48.61
SE MSE H 105 22.92 -63.20 47.42
CE MSE H 105 21.58 -64.51 47.11
N THR H 106 22.95 -63.08 52.44
CA THR H 106 23.14 -63.03 53.88
C THR H 106 22.75 -61.66 54.44
N GLN H 107 22.73 -60.66 53.58
CA GLN H 107 22.28 -59.32 53.95
C GLN H 107 20.78 -59.32 54.26
N VAL H 118 9.52 -54.74 55.76
CA VAL H 118 10.72 -54.77 54.91
C VAL H 118 10.33 -54.70 53.43
N SER H 119 10.68 -53.59 52.79
CA SER H 119 10.30 -53.36 51.41
C SER H 119 10.89 -54.53 50.61
N ALA H 120 10.13 -55.01 49.63
CA ALA H 120 10.55 -56.15 48.82
C ALA H 120 11.83 -55.93 48.00
N GLY H 121 12.16 -54.68 47.72
CA GLY H 121 13.36 -54.36 46.95
C GLY H 121 14.65 -54.88 47.60
N LEU H 122 14.67 -54.90 48.93
CA LEU H 122 15.83 -55.37 49.71
C LEU H 122 16.07 -56.86 49.52
N LEU H 123 15.03 -57.54 49.06
CA LEU H 123 15.07 -58.98 48.87
C LEU H 123 15.33 -59.34 47.40
N THR H 124 14.78 -58.51 46.53
CA THR H 124 14.78 -58.73 45.10
C THR H 124 15.73 -57.90 44.24
N TYR H 125 16.61 -57.13 44.86
CA TYR H 125 17.59 -56.34 44.12
C TYR H 125 18.69 -57.21 43.47
N PRO H 126 18.93 -58.42 43.97
CA PRO H 126 19.97 -59.24 43.40
C PRO H 126 19.83 -59.55 41.90
N PRO H 127 18.61 -59.87 41.46
CA PRO H 127 18.38 -60.16 40.05
C PRO H 127 18.57 -58.92 39.18
N LEU H 128 18.53 -57.75 39.81
CA LEU H 128 18.72 -56.48 39.11
C LEU H 128 20.22 -56.26 38.88
N MSE H 129 21.00 -56.58 39.92
CA MSE H 129 22.45 -56.45 39.88
C MSE H 129 23.04 -57.46 38.90
O MSE H 129 24.10 -57.24 38.31
CB MSE H 129 23.02 -56.70 41.26
CG MSE H 129 24.51 -56.64 41.37
SE MSE H 129 25.11 -56.91 43.20
CE MSE H 129 26.93 -57.39 42.84
N ALA H 130 22.33 -58.57 38.73
CA ALA H 130 22.75 -59.62 37.80
C ALA H 130 22.46 -59.13 36.40
N ALA H 131 21.28 -58.57 36.20
CA ALA H 131 20.89 -58.03 34.91
C ALA H 131 21.86 -56.92 34.50
N ASP H 132 22.13 -56.03 35.45
CA ASP H 132 23.10 -54.94 35.27
C ASP H 132 24.34 -55.49 34.58
N ILE H 133 24.94 -56.48 35.24
CA ILE H 133 26.13 -57.17 34.78
C ILE H 133 25.92 -57.96 33.49
N LEU H 134 25.01 -58.92 33.51
CA LEU H 134 24.78 -59.76 32.34
C LEU H 134 24.44 -59.07 31.02
N LEU H 135 23.74 -57.95 31.10
CA LEU H 135 23.34 -57.22 29.90
C LEU H 135 24.49 -56.90 28.94
N TYR H 136 25.68 -56.70 29.50
CA TYR H 136 26.82 -56.30 28.69
C TYR H 136 27.88 -57.37 28.41
N ASN H 137 27.56 -58.63 28.66
CA ASN H 137 28.52 -59.70 28.41
C ASN H 137 29.82 -59.38 29.12
N THR H 138 29.71 -58.83 30.32
CA THR H 138 30.90 -58.46 31.07
C THR H 138 31.69 -59.68 31.53
N ASP H 139 32.99 -59.54 31.49
CA ASP H 139 33.91 -60.61 31.87
C ASP H 139 34.39 -60.39 33.31
N ILE H 140 34.59 -59.13 33.68
CA ILE H 140 35.05 -58.81 35.03
C ILE H 140 34.16 -57.83 35.79
N VAL H 141 34.01 -58.07 37.08
CA VAL H 141 33.26 -57.20 37.98
C VAL H 141 34.19 -56.85 39.15
N PRO H 142 34.57 -55.57 39.23
CA PRO H 142 35.48 -55.10 40.26
C PRO H 142 34.78 -54.94 41.61
N VAL H 143 34.73 -56.01 42.40
CA VAL H 143 34.05 -55.93 43.70
C VAL H 143 34.74 -56.61 44.88
N GLY H 144 34.47 -56.09 46.07
CA GLY H 144 35.05 -56.63 47.28
C GLY H 144 34.66 -58.09 47.49
N GLU H 145 34.96 -58.58 48.69
CA GLU H 145 34.69 -59.97 49.08
C GLU H 145 33.27 -60.09 49.60
N ASP H 146 32.66 -58.95 49.93
CA ASP H 146 31.31 -58.90 50.45
C ASP H 146 30.28 -58.93 49.33
N GLN H 147 30.76 -59.02 48.09
CA GLN H 147 29.90 -59.04 46.91
C GLN H 147 29.95 -60.39 46.19
N LYS H 148 30.95 -61.19 46.53
CA LYS H 148 31.12 -62.50 45.90
C LYS H 148 29.86 -63.34 45.95
N GLN H 149 29.06 -63.18 47.01
CA GLN H 149 27.81 -63.92 47.13
C GLN H 149 26.86 -63.45 46.03
N HIS H 150 26.96 -62.17 45.69
CA HIS H 150 26.15 -61.59 44.63
C HIS H 150 26.66 -61.98 43.26
N ILE H 151 27.93 -62.37 43.20
CA ILE H 151 28.57 -62.75 41.94
C ILE H 151 28.30 -64.21 41.63
N GLU H 152 28.40 -65.05 42.66
CA GLU H 152 28.14 -66.47 42.51
C GLU H 152 26.69 -66.65 42.03
N LEU H 153 25.81 -65.80 42.53
CA LEU H 153 24.41 -65.84 42.13
C LEU H 153 24.20 -65.44 40.66
N THR H 154 24.82 -64.34 40.23
CA THR H 154 24.69 -63.94 38.83
C THR H 154 25.40 -64.94 37.92
N ARG H 155 26.43 -65.59 38.46
CA ARG H 155 27.16 -66.61 37.72
C ARG H 155 26.25 -67.83 37.55
N ASP H 156 25.53 -68.15 38.62
CA ASP H 156 24.59 -69.27 38.66
C ASP H 156 23.41 -69.00 37.73
N LEU H 157 22.90 -67.77 37.80
CA LEU H 157 21.77 -67.34 36.99
C LEU H 157 22.08 -67.38 35.50
N ALA H 158 23.28 -66.95 35.15
CA ALA H 158 23.71 -66.96 33.75
C ALA H 158 23.79 -68.40 33.26
N GLU H 159 24.44 -69.25 34.03
CA GLU H 159 24.58 -70.67 33.70
C GLU H 159 23.22 -71.31 33.48
N ARG H 160 22.30 -71.03 34.39
CA ARG H 160 20.96 -71.61 34.33
C ARG H 160 20.20 -71.25 33.06
N PHE H 161 20.36 -70.02 32.62
CA PHE H 161 19.73 -69.56 31.40
C PHE H 161 20.41 -70.20 30.21
N ASN H 162 21.73 -70.21 30.25
CA ASN H 162 22.51 -70.72 29.14
C ASN H 162 22.20 -72.17 28.86
N LYS H 163 21.80 -72.90 29.90
CA LYS H 163 21.46 -74.31 29.78
C LYS H 163 20.05 -74.49 29.22
N ARG H 164 19.15 -73.62 29.64
CA ARG H 164 17.74 -73.73 29.26
C ARG H 164 17.54 -73.42 27.79
N TYR H 165 18.00 -72.24 27.36
CA TYR H 165 17.64 -71.69 26.07
C TYR H 165 18.78 -71.84 25.07
N GLY H 166 20.00 -71.60 25.53
CA GLY H 166 21.15 -71.50 24.64
C GLY H 166 22.13 -70.43 25.08
N GLU H 167 23.27 -70.37 24.40
CA GLU H 167 24.45 -69.71 24.95
C GLU H 167 24.37 -68.19 24.72
N LEU H 168 23.85 -67.47 25.70
CA LEU H 168 23.62 -66.05 25.56
C LEU H 168 24.65 -65.24 26.33
N PHE H 169 24.93 -65.66 27.57
CA PHE H 169 25.64 -64.82 28.52
C PHE H 169 27.07 -65.31 28.72
N THR H 170 28.01 -64.36 28.79
CA THR H 170 29.41 -64.69 29.03
C THR H 170 29.73 -64.67 30.52
N ILE H 171 29.89 -65.86 31.10
CA ILE H 171 29.78 -66.02 32.54
C ILE H 171 30.80 -65.15 33.28
N PRO H 172 30.31 -64.37 34.23
CA PRO H 172 31.06 -63.20 34.73
C PRO H 172 32.05 -63.59 35.81
N GLU H 173 32.99 -62.68 36.11
CA GLU H 173 34.07 -63.00 37.03
C GLU H 173 34.43 -61.77 37.89
N ALA H 174 34.89 -62.04 39.11
CA ALA H 174 34.83 -61.06 40.18
C ALA H 174 36.22 -60.72 40.71
N ARG H 175 36.79 -59.63 40.21
CA ARG H 175 38.12 -59.20 40.65
C ARG H 175 38.34 -57.73 40.32
N ILE H 176 38.98 -57.01 41.24
CA ILE H 176 39.45 -55.66 40.97
C ILE H 176 40.87 -55.67 40.41
N PRO H 177 41.03 -55.14 39.20
CA PRO H 177 42.31 -55.20 38.49
C PRO H 177 43.27 -54.13 38.97
N LYS H 178 44.56 -54.44 38.97
CA LYS H 178 45.58 -53.54 39.51
C LYS H 178 45.14 -52.98 40.86
N VAL H 179 44.70 -53.86 41.74
CA VAL H 179 44.03 -53.45 42.97
C VAL H 179 44.92 -52.55 43.81
N GLY H 180 44.38 -51.41 44.24
CA GLY H 180 45.09 -50.52 45.13
C GLY H 180 44.89 -50.88 46.60
N ALA H 181 45.24 -49.96 47.48
CA ALA H 181 45.65 -50.31 48.83
C ALA H 181 44.46 -50.29 49.79
N ARG H 182 44.66 -50.82 50.99
CA ARG H 182 43.59 -50.92 51.99
C ARG H 182 43.59 -49.74 52.97
N ILE H 183 42.84 -48.68 52.65
CA ILE H 183 42.83 -47.49 53.49
C ILE H 183 41.95 -47.56 54.73
N MSE H 184 42.55 -47.28 55.89
CA MSE H 184 41.85 -47.39 57.16
C MSE H 184 41.37 -46.03 57.65
O MSE H 184 41.90 -44.99 57.24
CB MSE H 184 42.74 -48.04 58.21
CG MSE H 184 43.53 -49.23 57.70
SE MSE H 184 42.41 -50.78 57.32
CE MSE H 184 43.12 -52.01 58.65
N SER H 185 40.37 -46.03 58.52
CA SER H 185 39.78 -44.79 59.02
C SER H 185 40.79 -44.00 59.84
N LEU H 186 40.80 -42.68 59.63
CA LEU H 186 41.82 -41.82 60.22
C LEU H 186 41.83 -41.93 61.74
N VAL H 187 40.65 -42.20 62.31
CA VAL H 187 40.46 -42.12 63.75
C VAL H 187 40.55 -43.51 64.40
N ASP H 188 40.09 -44.52 63.68
CA ASP H 188 40.28 -45.91 64.10
C ASP H 188 41.21 -46.64 63.14
N PRO H 189 42.40 -46.98 63.62
CA PRO H 189 43.39 -47.70 62.80
C PRO H 189 42.82 -49.00 62.24
N THR H 190 41.83 -49.56 62.92
CA THR H 190 41.42 -50.94 62.69
C THR H 190 40.29 -51.02 61.67
N LYS H 191 39.63 -49.88 61.44
CA LYS H 191 38.47 -49.83 60.56
C LYS H 191 38.88 -49.57 59.12
N LYS H 192 38.00 -49.93 58.18
CA LYS H 192 38.19 -49.59 56.78
C LYS H 192 37.56 -48.23 56.46
N MSE H 193 38.38 -47.31 55.97
CA MSE H 193 37.90 -45.98 55.61
C MSE H 193 36.50 -46.04 55.00
O MSE H 193 36.35 -46.30 53.81
CB MSE H 193 38.86 -45.31 54.63
CG MSE H 193 38.62 -43.82 54.43
SE MSE H 193 40.19 -42.88 53.78
CE MSE H 193 41.06 -42.51 55.49
N SER H 194 35.49 -45.81 55.83
CA SER H 194 34.11 -45.80 55.36
C SER H 194 33.63 -44.39 55.09
N LYS H 195 33.10 -44.17 53.89
CA LYS H 195 32.35 -42.95 53.59
C LYS H 195 31.00 -42.93 54.28
N SER H 196 30.55 -44.12 54.70
CA SER H 196 29.49 -44.22 55.71
C SER H 196 30.08 -44.27 57.11
N ASP H 197 30.58 -43.13 57.58
CA ASP H 197 31.23 -43.05 58.88
C ASP H 197 30.73 -41.85 59.68
N PRO H 198 30.52 -42.05 60.98
CA PRO H 198 29.73 -41.10 61.77
C PRO H 198 30.61 -40.03 62.40
N ASN H 199 31.88 -40.36 62.65
CA ASN H 199 32.91 -39.35 62.81
C ASN H 199 33.58 -39.00 61.49
N PRO H 200 33.41 -37.76 61.04
CA PRO H 200 33.88 -37.33 59.73
C PRO H 200 35.40 -37.17 59.71
N LYS H 201 36.01 -37.14 60.89
CA LYS H 201 37.46 -37.09 61.00
C LYS H 201 38.09 -38.40 60.54
N ALA H 202 37.27 -39.44 60.40
CA ALA H 202 37.75 -40.76 60.03
C ALA H 202 38.08 -40.92 58.55
N TYR H 203 37.40 -40.18 57.69
CA TYR H 203 37.62 -40.28 56.26
C TYR H 203 37.98 -38.95 55.63
N ILE H 204 38.41 -39.00 54.38
CA ILE H 204 38.69 -37.80 53.61
C ILE H 204 37.95 -37.94 52.29
N THR H 205 37.32 -36.85 51.87
CA THR H 205 36.54 -36.83 50.67
C THR H 205 37.32 -36.18 49.54
N LEU H 206 37.01 -36.57 48.31
CA LEU H 206 37.66 -36.02 47.15
C LEU H 206 37.30 -34.55 46.98
N LEU H 207 36.23 -34.15 47.67
CA LEU H 207 35.76 -32.77 47.60
C LEU H 207 36.12 -31.99 48.85
N ASP H 208 36.72 -32.65 49.84
CA ASP H 208 37.13 -31.97 51.05
C ASP H 208 38.04 -30.79 50.64
N ASP H 209 37.94 -29.67 51.33
CA ASP H 209 38.76 -28.51 51.00
C ASP H 209 40.10 -28.64 51.71
N ALA H 210 41.09 -27.88 51.24
CA ALA H 210 42.44 -27.92 51.79
C ALA H 210 42.51 -27.78 53.31
N LYS H 211 41.71 -26.89 53.87
CA LYS H 211 41.70 -26.69 55.32
C LYS H 211 41.27 -27.96 56.03
N THR H 212 40.23 -28.61 55.52
CA THR H 212 39.69 -29.84 56.09
C THR H 212 40.69 -31.00 56.06
N ILE H 213 41.31 -31.21 54.90
CA ILE H 213 42.30 -32.27 54.72
C ILE H 213 43.39 -32.12 55.77
N GLU H 214 43.94 -30.92 55.82
CA GLU H 214 45.02 -30.58 56.73
C GLU H 214 44.68 -30.94 58.17
N LYS H 215 43.47 -30.61 58.60
CA LYS H 215 43.07 -30.90 59.96
C LYS H 215 42.77 -32.38 60.17
N LYS H 216 42.20 -33.04 59.16
CA LYS H 216 41.93 -34.46 59.31
C LYS H 216 43.24 -35.23 59.44
N ILE H 217 44.26 -34.79 58.72
CA ILE H 217 45.60 -35.39 58.77
C ILE H 217 46.31 -35.04 60.07
N LYS H 218 46.19 -33.78 60.45
CA LYS H 218 46.81 -33.28 61.69
C LYS H 218 46.26 -34.06 62.88
N SER H 219 44.98 -34.42 62.80
CA SER H 219 44.31 -35.12 63.88
C SER H 219 44.38 -36.63 63.71
N SER H 224 52.64 -43.68 70.08
CA SER H 224 53.55 -43.05 71.03
C SER H 224 55.01 -43.42 70.73
N GLU H 225 55.19 -44.32 69.76
CA GLU H 225 56.53 -44.71 69.34
C GLU H 225 57.30 -43.53 68.76
N GLY H 226 56.63 -42.75 67.91
CA GLY H 226 57.19 -41.50 67.44
C GLY H 226 58.21 -41.69 66.32
N THR H 227 58.33 -42.94 65.86
CA THR H 227 59.24 -43.25 64.77
C THR H 227 58.46 -43.68 63.52
N ILE H 228 58.79 -43.06 62.39
CA ILE H 228 58.09 -43.33 61.14
C ILE H 228 58.52 -44.65 60.49
N ARG H 229 57.99 -45.74 61.02
CA ARG H 229 58.30 -47.08 60.50
C ARG H 229 57.00 -47.79 60.15
N TYR H 230 57.04 -48.58 59.07
CA TYR H 230 55.87 -49.35 58.65
C TYR H 230 55.68 -50.74 59.24
N GLY H 237 48.26 -47.01 62.81
CA GLY H 237 48.00 -45.63 62.42
C GLY H 237 49.07 -45.08 61.49
N ILE H 238 50.33 -45.25 61.87
CA ILE H 238 51.44 -44.78 61.04
C ILE H 238 51.51 -45.55 59.72
N SER H 239 51.46 -46.88 59.82
CA SER H 239 51.49 -47.74 58.63
C SER H 239 50.47 -47.28 57.59
N ASN H 240 49.31 -46.86 58.09
CA ASN H 240 48.22 -46.40 57.24
C ASN H 240 48.56 -45.05 56.63
N LEU H 241 49.08 -44.15 57.46
CA LEU H 241 49.47 -42.82 57.00
C LEU H 241 50.49 -42.99 55.89
N LEU H 242 51.38 -43.96 56.11
CA LEU H 242 52.45 -44.29 55.18
C LEU H 242 51.91 -44.86 53.87
N ASN H 243 50.76 -45.52 53.94
CA ASN H 243 50.15 -46.11 52.76
C ASN H 243 49.45 -45.07 51.88
N ILE H 244 48.79 -44.11 52.53
CA ILE H 244 48.12 -43.04 51.79
C ILE H 244 49.18 -42.22 51.08
N TYR H 245 50.20 -41.84 51.85
CA TYR H 245 51.34 -41.08 51.36
C TYR H 245 51.95 -41.77 50.14
N SER H 246 52.54 -42.93 50.39
CA SER H 246 53.19 -43.73 49.37
C SER H 246 52.45 -43.87 48.03
N THR H 247 51.19 -44.31 48.08
CA THR H 247 50.39 -44.51 46.88
C THR H 247 50.04 -43.20 46.17
N LEU H 248 49.81 -42.17 46.96
CA LEU H 248 49.42 -40.86 46.46
C LEU H 248 50.59 -40.10 45.86
N SER H 249 51.76 -40.26 46.45
CA SER H 249 52.95 -39.51 46.04
C SER H 249 53.70 -40.24 44.94
N GLY H 250 53.86 -41.55 45.11
CA GLY H 250 54.52 -42.37 44.11
C GLY H 250 55.80 -42.99 44.62
N GLN H 251 56.25 -42.54 45.79
CA GLN H 251 57.38 -43.15 46.47
C GLN H 251 57.00 -44.52 47.05
N SER H 252 57.99 -45.22 47.58
CA SER H 252 57.75 -46.47 48.29
C SER H 252 57.89 -46.29 49.80
N ILE H 253 57.49 -47.30 50.55
CA ILE H 253 57.37 -47.18 52.00
C ILE H 253 58.74 -47.28 52.68
N GLU H 254 59.76 -47.62 51.89
CA GLU H 254 61.14 -47.57 52.36
C GLU H 254 61.90 -46.41 51.73
N GLU H 255 61.45 -45.99 50.54
CA GLU H 255 61.71 -44.64 50.07
C GLU H 255 61.33 -43.60 51.11
N LEU H 256 60.30 -43.90 51.89
CA LEU H 256 59.69 -42.91 52.77
C LEU H 256 60.11 -43.09 54.22
N GLU H 257 60.52 -44.32 54.56
CA GLU H 257 61.20 -44.57 55.81
C GLU H 257 62.63 -44.03 55.79
N ARG H 258 63.20 -43.94 54.60
CA ARG H 258 64.53 -43.37 54.43
C ARG H 258 64.49 -41.84 54.52
N GLN H 259 63.39 -41.26 54.03
CA GLN H 259 63.24 -39.81 54.03
C GLN H 259 63.13 -39.26 55.45
N TYR H 260 62.66 -40.11 56.37
CA TYR H 260 62.23 -39.65 57.68
C TYR H 260 62.94 -40.41 58.79
N GLU H 261 64.15 -39.95 59.13
CA GLU H 261 65.04 -40.72 59.99
C GLU H 261 65.23 -40.04 61.35
N GLY H 262 65.14 -38.71 61.35
CA GLY H 262 65.22 -37.95 62.58
C GLY H 262 63.88 -37.34 62.96
N LYS H 263 62.86 -37.57 62.13
CA LYS H 263 61.69 -36.71 62.09
C LYS H 263 60.76 -36.99 63.26
N GLY H 264 59.64 -36.28 63.31
CA GLY H 264 58.48 -36.72 64.08
C GLY H 264 57.20 -36.66 63.28
N TYR H 265 56.12 -37.17 63.86
CA TYR H 265 54.86 -37.29 63.16
C TYR H 265 54.42 -35.95 62.56
N GLY H 266 54.81 -34.86 63.23
CA GLY H 266 54.38 -33.53 62.84
C GLY H 266 54.75 -33.09 61.42
N VAL H 267 55.98 -33.36 61.01
CA VAL H 267 56.48 -32.99 59.68
C VAL H 267 55.99 -33.98 58.64
N PHE H 268 55.90 -35.23 59.05
CA PHE H 268 55.41 -36.29 58.18
C PHE H 268 53.97 -35.94 57.80
N LYS H 269 53.22 -35.60 58.84
CA LYS H 269 51.81 -35.22 58.70
C LYS H 269 51.62 -33.97 57.84
N ALA H 270 52.50 -33.00 58.01
CA ALA H 270 52.43 -31.75 57.24
C ALA H 270 52.79 -31.99 55.79
N ASP H 271 53.72 -32.91 55.56
CA ASP H 271 54.15 -33.26 54.21
C ASP H 271 53.03 -34.01 53.50
N LEU H 272 52.49 -35.01 54.18
CA LEU H 272 51.40 -35.83 53.66
C LEU H 272 50.20 -34.94 53.34
N ALA H 273 49.81 -34.11 54.30
CA ALA H 273 48.70 -33.19 54.14
C ALA H 273 48.85 -32.40 52.84
N GLN H 274 50.09 -32.13 52.46
CA GLN H 274 50.41 -31.37 51.25
C GLN H 274 50.26 -32.18 49.96
N VAL H 275 50.59 -33.47 50.04
CA VAL H 275 50.48 -34.35 48.88
C VAL H 275 49.03 -34.70 48.60
N VAL H 276 48.20 -34.71 49.65
CA VAL H 276 46.78 -35.00 49.51
C VAL H 276 46.04 -33.83 48.88
N ILE H 277 46.39 -32.62 49.29
CA ILE H 277 45.89 -31.41 48.66
C ILE H 277 46.39 -31.28 47.23
N GLU H 278 47.65 -31.65 47.01
CA GLU H 278 48.22 -31.71 45.68
C GLU H 278 47.35 -32.56 44.76
N THR H 279 46.95 -33.73 45.24
CA THR H 279 46.31 -34.74 44.40
C THR H 279 44.85 -34.38 44.12
N LEU H 280 44.16 -33.91 45.15
CA LEU H 280 42.74 -33.56 45.02
C LEU H 280 42.49 -32.24 44.31
N ARG H 281 43.50 -31.39 44.37
CA ARG H 281 43.44 -30.05 43.78
C ARG H 281 43.00 -29.97 42.32
N PRO H 282 43.79 -30.56 41.42
CA PRO H 282 43.48 -30.55 40.00
C PRO H 282 42.13 -31.22 39.72
N ILE H 283 41.76 -32.11 40.64
CA ILE H 283 40.52 -32.88 40.57
C ILE H 283 39.28 -32.06 40.86
N GLN H 284 39.27 -31.35 41.99
CA GLN H 284 38.12 -30.51 42.36
C GLN H 284 37.96 -29.43 41.30
N GLU H 285 39.08 -29.11 40.66
CA GLU H 285 39.10 -28.12 39.60
C GLU H 285 38.15 -28.53 38.48
N ARG H 286 38.44 -29.69 37.88
CA ARG H 286 37.61 -30.22 36.80
C ARG H 286 36.22 -30.62 37.27
N TYR H 287 36.11 -31.00 38.54
CA TYR H 287 34.82 -31.39 39.10
C TYR H 287 33.86 -30.21 39.01
N HIS H 288 34.36 -29.04 39.40
CA HIS H 288 33.58 -27.81 39.40
C HIS H 288 33.25 -27.33 37.98
N HIS H 289 34.11 -27.68 37.03
CA HIS H 289 33.89 -27.29 35.64
C HIS H 289 32.81 -28.14 34.99
N TRP H 290 32.66 -29.37 35.47
CA TRP H 290 31.64 -30.29 34.97
C TRP H 290 30.30 -29.91 35.59
N MSE H 291 30.32 -29.73 36.90
CA MSE H 291 29.13 -29.40 37.67
C MSE H 291 28.41 -28.15 37.15
O MSE H 291 27.22 -27.98 37.38
CB MSE H 291 29.43 -29.29 39.14
CG MSE H 291 29.46 -30.58 39.93
SE MSE H 291 27.88 -31.68 39.65
CE MSE H 291 26.84 -31.09 41.15
N GLU H 292 29.14 -27.29 36.45
CA GLU H 292 28.52 -26.08 35.89
C GLU H 292 28.44 -25.99 34.37
N SER H 293 28.84 -27.06 33.68
CA SER H 293 28.76 -27.11 32.24
C SER H 293 27.54 -27.96 31.87
N GLU H 294 27.24 -28.03 30.59
CA GLU H 294 26.10 -28.79 30.10
C GLU H 294 26.71 -30.01 29.43
N GLU H 295 28.04 -30.05 29.41
CA GLU H 295 28.78 -31.15 28.82
C GLU H 295 28.25 -32.37 29.55
N LEU H 296 28.33 -32.25 30.87
CA LEU H 296 27.89 -33.25 31.83
C LEU H 296 26.64 -33.98 31.35
N ASP H 297 25.62 -33.21 30.99
CA ASP H 297 24.36 -33.77 30.51
C ASP H 297 24.47 -34.39 29.11
N ARG H 298 25.55 -34.08 28.38
CA ARG H 298 25.74 -34.62 27.05
C ARG H 298 26.55 -35.91 27.07
N VAL H 299 27.49 -35.98 28.01
CA VAL H 299 28.35 -37.15 28.19
C VAL H 299 27.51 -38.28 28.79
N LEU H 300 26.45 -37.88 29.50
CA LEU H 300 25.54 -38.82 30.14
C LEU H 300 24.47 -39.29 29.17
N ASP H 301 24.13 -38.42 28.23
CA ASP H 301 23.13 -38.74 27.21
C ASP H 301 23.76 -39.77 26.28
N GLU H 302 25.03 -39.57 25.99
CA GLU H 302 25.77 -40.45 25.10
C GLU H 302 26.17 -41.76 25.76
N GLY H 303 26.27 -41.76 27.08
CA GLY H 303 26.59 -42.96 27.83
C GLY H 303 25.39 -43.91 27.85
N ALA H 304 24.23 -43.34 28.13
CA ALA H 304 22.98 -44.11 28.16
C ALA H 304 22.58 -44.58 26.76
N GLU H 305 23.01 -43.84 25.75
CA GLU H 305 22.72 -44.20 24.36
C GLU H 305 23.55 -45.42 23.95
N LYS H 306 24.85 -45.31 24.17
CA LYS H 306 25.81 -46.39 23.91
C LYS H 306 25.32 -47.65 24.60
N ALA H 307 24.88 -47.47 25.85
CA ALA H 307 24.41 -48.56 26.70
C ALA H 307 23.08 -49.15 26.29
N ASN H 308 22.12 -48.29 25.93
CA ASN H 308 20.81 -48.78 25.52
C ASN H 308 20.99 -49.64 24.28
N ARG H 309 22.09 -49.39 23.57
CA ARG H 309 22.38 -50.12 22.34
C ARG H 309 22.81 -51.57 22.60
N VAL H 310 23.79 -51.76 23.47
CA VAL H 310 24.28 -53.09 23.83
C VAL H 310 23.20 -53.83 24.60
N ALA H 311 22.61 -53.12 25.57
CA ALA H 311 21.55 -53.65 26.41
C ALA H 311 20.25 -53.96 25.66
N SER H 312 19.85 -53.08 24.75
CA SER H 312 18.62 -53.30 23.96
C SER H 312 18.71 -54.63 23.23
N GLU H 313 19.85 -54.83 22.58
CA GLU H 313 20.09 -56.03 21.79
C GLU H 313 19.99 -57.29 22.64
N MSE H 314 20.64 -57.27 23.80
CA MSE H 314 20.61 -58.43 24.70
C MSE H 314 19.19 -58.78 25.17
O MSE H 314 18.83 -59.96 25.25
CB MSE H 314 21.49 -58.23 25.91
CG MSE H 314 21.40 -59.34 26.92
SE MSE H 314 22.09 -61.01 26.20
CE MSE H 314 23.95 -60.70 26.57
N VAL H 315 18.41 -57.76 25.52
CA VAL H 315 17.04 -57.96 25.98
C VAL H 315 16.20 -58.63 24.90
N ARG H 316 16.42 -58.19 23.66
CA ARG H 316 15.71 -58.71 22.51
C ARG H 316 16.03 -60.17 22.30
N LYS H 317 17.30 -60.52 22.50
CA LYS H 317 17.76 -61.89 22.35
C LYS H 317 17.19 -62.76 23.47
N MSE H 318 17.11 -62.16 24.66
CA MSE H 318 16.60 -62.83 25.85
C MSE H 318 15.12 -63.17 25.72
O MSE H 318 14.68 -64.24 26.13
CB MSE H 318 16.78 -61.94 27.05
CG MSE H 318 18.11 -62.02 27.75
SE MSE H 318 18.21 -60.80 29.26
CE MSE H 318 17.27 -61.83 30.56
N GLU H 319 14.36 -62.24 25.16
CA GLU H 319 12.92 -62.43 24.96
C GLU H 319 12.70 -63.44 23.86
N GLN H 320 13.55 -63.36 22.84
CA GLN H 320 13.49 -64.26 21.71
C GLN H 320 13.69 -65.70 22.17
N ALA H 321 14.45 -65.85 23.26
CA ALA H 321 14.73 -67.16 23.83
C ALA H 321 13.58 -67.68 24.67
N MSE H 322 12.99 -66.80 25.48
CA MSE H 322 11.87 -67.16 26.33
C MSE H 322 10.54 -67.16 25.59
O MSE H 322 9.55 -67.76 26.02
CB MSE H 322 11.86 -66.25 27.54
CG MSE H 322 13.20 -66.06 28.20
SE MSE H 322 13.11 -65.22 29.95
CE MSE H 322 11.88 -66.40 30.81
N GLY H 323 10.52 -66.50 24.43
CA GLY H 323 9.33 -66.41 23.59
C GLY H 323 8.40 -65.24 23.96
N LEU H 324 8.98 -64.12 24.35
CA LEU H 324 8.21 -62.92 24.75
C LEU H 324 7.99 -61.96 23.59
N GLY H 325 6.74 -61.58 23.35
CA GLY H 325 6.42 -60.61 22.31
C GLY H 325 6.40 -61.22 20.92
N ARG H 326 7.13 -60.57 20.00
CA ARG H 326 7.22 -61.01 18.60
C ARG H 326 8.65 -60.84 18.08
N MSE I 1 7.82 -61.37 -12.98
CA MSE I 1 8.76 -60.40 -13.53
C MSE I 1 8.11 -59.03 -13.61
O MSE I 1 6.98 -58.84 -13.13
CB MSE I 1 9.16 -60.83 -14.93
CG MSE I 1 8.45 -62.08 -15.35
SE MSE I 1 8.97 -62.82 -17.06
CE MSE I 1 7.40 -63.86 -17.40
N LYS I 2 8.80 -58.07 -14.21
CA LYS I 2 8.26 -56.73 -14.35
C LYS I 2 7.22 -56.69 -15.46
N THR I 3 6.15 -55.93 -15.22
CA THR I 3 5.08 -55.79 -16.19
C THR I 3 5.33 -54.58 -17.06
N ILE I 4 5.15 -54.75 -18.37
CA ILE I 4 5.25 -53.65 -19.32
C ILE I 4 3.90 -53.52 -19.98
N PHE I 5 3.39 -52.29 -20.01
CA PHE I 5 2.10 -52.04 -20.64
C PHE I 5 2.21 -51.03 -21.76
N SER I 6 1.75 -51.46 -22.94
CA SER I 6 1.74 -50.62 -24.11
C SER I 6 0.33 -50.53 -24.65
N GLY I 7 -0.13 -49.30 -24.87
CA GLY I 7 -1.45 -49.05 -25.43
C GLY I 7 -1.22 -48.50 -26.82
N ILE I 8 -1.75 -49.18 -27.82
CA ILE I 8 -1.58 -48.78 -29.22
C ILE I 8 -2.87 -48.27 -29.83
N GLN I 9 -2.80 -47.10 -30.44
CA GLN I 9 -3.97 -46.50 -31.09
C GLN I 9 -4.22 -47.21 -32.42
N THR I 15 4.58 -47.19 -39.10
CA THR I 15 5.77 -46.94 -39.89
C THR I 15 6.98 -47.70 -39.38
N ILE I 16 8.09 -47.60 -40.12
CA ILE I 16 9.34 -48.27 -39.75
C ILE I 16 10.04 -47.44 -38.69
N GLY I 17 9.42 -46.32 -38.33
CA GLY I 17 9.94 -45.46 -37.28
C GLY I 17 9.60 -46.08 -35.93
N ASN I 18 8.45 -46.73 -35.87
CA ASN I 18 7.98 -47.40 -34.64
C ASN I 18 8.71 -48.72 -34.51
N TYR I 19 8.80 -49.47 -35.60
CA TYR I 19 9.48 -50.75 -35.61
C TYR I 19 10.86 -50.65 -34.99
N ILE I 20 11.65 -49.69 -35.46
CA ILE I 20 12.93 -49.38 -34.85
C ILE I 20 12.75 -48.81 -33.44
N GLY I 21 11.79 -47.90 -33.30
CA GLY I 21 11.61 -47.18 -32.04
C GLY I 21 11.14 -48.08 -30.93
N ALA I 22 9.90 -48.56 -31.04
CA ALA I 22 9.17 -49.07 -29.89
C ALA I 22 8.92 -50.57 -30.01
N LEU I 23 8.77 -51.04 -31.24
CA LEU I 23 8.08 -52.30 -31.50
C LEU I 23 9.08 -53.45 -31.65
N ARG I 24 10.18 -53.18 -32.34
CA ARG I 24 11.07 -54.24 -32.81
C ARG I 24 11.71 -54.99 -31.65
N GLN I 25 11.98 -54.26 -30.57
CA GLN I 25 12.77 -54.79 -29.46
C GLN I 25 11.93 -55.69 -28.56
N PHE I 26 10.61 -55.46 -28.57
CA PHE I 26 9.71 -56.21 -27.71
C PHE I 26 9.62 -57.67 -28.13
N VAL I 27 9.94 -57.94 -29.40
CA VAL I 27 10.11 -59.30 -29.87
C VAL I 27 11.08 -60.08 -28.98
N GLU I 28 11.83 -59.35 -28.15
CA GLU I 28 12.83 -59.96 -27.28
C GLU I 28 12.53 -59.67 -25.82
N LEU I 29 11.99 -58.49 -25.54
CA LEU I 29 11.68 -58.09 -24.18
C LEU I 29 10.53 -58.91 -23.61
N GLN I 30 9.71 -59.47 -24.50
CA GLN I 30 8.52 -60.21 -24.09
C GLN I 30 8.85 -61.51 -23.36
N HIS I 31 10.07 -62.00 -23.53
CA HIS I 31 10.54 -63.17 -22.81
C HIS I 31 11.11 -62.80 -21.45
N GLU I 32 11.65 -61.59 -21.36
CA GLU I 32 12.23 -61.10 -20.11
C GLU I 32 11.22 -60.30 -19.30
N TYR I 33 10.07 -60.02 -19.91
CA TYR I 33 9.08 -59.12 -19.31
C TYR I 33 7.68 -59.70 -19.44
N ASN I 34 6.79 -59.27 -18.53
CA ASN I 34 5.39 -59.63 -18.63
C ASN I 34 4.78 -58.45 -19.37
N CYS I 35 4.63 -58.57 -20.68
CA CYS I 35 4.16 -57.47 -21.53
C CYS I 35 2.69 -57.50 -21.94
N TYR I 36 2.10 -56.31 -22.03
CA TYR I 36 0.71 -56.13 -22.44
C TYR I 36 0.67 -55.21 -23.64
N PHE I 37 -0.06 -55.62 -24.66
CA PHE I 37 -0.23 -54.83 -25.86
C PHE I 37 -1.71 -54.56 -26.03
N CYS I 38 -2.12 -53.37 -25.61
CA CYS I 38 -3.51 -52.97 -25.67
C CYS I 38 -3.84 -52.15 -26.91
N ILE I 39 -4.79 -52.64 -27.70
CA ILE I 39 -5.29 -51.89 -28.84
C ILE I 39 -6.36 -51.02 -28.20
N VAL I 40 -6.03 -49.75 -27.96
CA VAL I 40 -6.94 -48.86 -27.27
C VAL I 40 -8.02 -48.26 -28.18
N ASP I 41 -9.04 -49.07 -28.48
CA ASP I 41 -10.14 -48.65 -29.34
C ASP I 41 -11.12 -47.73 -28.63
N GLN I 42 -10.98 -47.61 -27.31
CA GLN I 42 -11.88 -46.73 -26.56
C GLN I 42 -11.36 -45.30 -26.53
N HIS I 43 -10.04 -45.15 -26.58
CA HIS I 43 -9.39 -43.86 -26.63
C HIS I 43 -9.61 -43.30 -28.04
N ALA I 44 -9.71 -44.22 -28.99
CA ALA I 44 -9.90 -43.88 -30.39
C ALA I 44 -11.15 -43.07 -30.70
N ILE I 45 -12.26 -43.38 -30.03
CA ILE I 45 -13.51 -42.67 -30.27
C ILE I 45 -13.60 -41.27 -29.65
N THR I 46 -12.49 -40.78 -29.13
CA THR I 46 -12.43 -39.44 -28.55
C THR I 46 -12.38 -38.46 -29.71
N VAL I 47 -12.13 -39.01 -30.90
CA VAL I 47 -12.08 -38.27 -32.14
C VAL I 47 -13.05 -38.96 -33.09
N TRP I 48 -13.46 -38.26 -34.14
CA TRP I 48 -14.39 -38.80 -35.10
C TRP I 48 -13.78 -40.04 -35.75
N GLN I 49 -14.55 -41.11 -35.79
CA GLN I 49 -14.13 -42.36 -36.40
C GLN I 49 -15.23 -42.88 -37.29
N ASP I 50 -14.86 -43.56 -38.37
CA ASP I 50 -15.83 -44.21 -39.23
C ASP I 50 -15.80 -45.66 -38.75
N PRO I 51 -16.95 -46.15 -38.31
CA PRO I 51 -17.08 -47.50 -37.77
C PRO I 51 -16.40 -48.64 -38.53
N HIS I 52 -16.54 -48.65 -39.86
CA HIS I 52 -15.94 -49.70 -40.67
C HIS I 52 -14.41 -49.63 -40.68
N GLU I 53 -13.90 -48.41 -40.81
CA GLU I 53 -12.46 -48.20 -40.81
C GLU I 53 -11.88 -48.56 -39.46
N LEU I 54 -12.58 -48.15 -38.39
CA LEU I 54 -12.12 -48.45 -37.03
C LEU I 54 -12.03 -49.97 -36.84
N ARG I 55 -13.16 -50.64 -36.98
CA ARG I 55 -13.25 -52.08 -36.83
C ARG I 55 -12.15 -52.79 -37.62
N GLN I 56 -11.79 -52.23 -38.77
CA GLN I 56 -10.79 -52.83 -39.64
C GLN I 56 -9.35 -52.44 -39.27
N ASN I 57 -9.18 -51.28 -38.65
CA ASN I 57 -7.85 -50.82 -38.23
C ASN I 57 -7.42 -51.57 -36.97
N ILE I 58 -8.40 -52.10 -36.26
CA ILE I 58 -8.16 -52.87 -35.02
C ILE I 58 -7.57 -54.24 -35.36
N ARG I 59 -8.08 -54.83 -36.43
CA ARG I 59 -7.65 -56.15 -36.89
C ARG I 59 -6.27 -56.07 -37.50
N ARG I 60 -6.11 -55.09 -38.39
CA ARG I 60 -4.85 -54.81 -39.06
C ARG I 60 -3.73 -54.73 -38.05
N LEU I 61 -3.95 -53.89 -37.05
CA LEU I 61 -2.99 -53.64 -35.99
C LEU I 61 -2.62 -54.90 -35.21
N ALA I 62 -3.63 -55.68 -34.84
CA ALA I 62 -3.38 -56.92 -34.11
C ALA I 62 -2.54 -57.86 -34.96
N ALA I 63 -2.89 -57.97 -36.23
CA ALA I 63 -2.17 -58.82 -37.18
C ALA I 63 -0.74 -58.37 -37.46
N LEU I 64 -0.49 -57.07 -37.34
CA LEU I 64 0.83 -56.49 -37.59
C LEU I 64 1.78 -56.75 -36.41
N TYR I 65 1.21 -56.80 -35.22
CA TYR I 65 1.99 -57.05 -34.01
C TYR I 65 2.44 -58.51 -33.97
N LEU I 66 1.56 -59.39 -34.43
CA LEU I 66 1.87 -60.82 -34.50
C LEU I 66 2.86 -61.03 -35.63
N ALA I 67 2.59 -60.39 -36.75
CA ALA I 67 3.44 -60.46 -37.92
C ALA I 67 4.85 -59.94 -37.63
N VAL I 68 4.96 -59.06 -36.65
CA VAL I 68 6.26 -58.52 -36.27
C VAL I 68 7.01 -59.45 -35.33
N GLY I 69 6.28 -60.33 -34.66
CA GLY I 69 6.90 -61.27 -33.73
C GLY I 69 6.33 -61.21 -32.32
N ILE I 70 5.28 -60.44 -32.09
CA ILE I 70 4.70 -60.43 -30.76
C ILE I 70 4.15 -61.83 -30.58
N ASP I 71 4.53 -62.46 -29.48
CA ASP I 71 4.18 -63.86 -29.22
C ASP I 71 3.08 -64.03 -28.16
N PRO I 72 1.87 -64.33 -28.61
CA PRO I 72 0.71 -64.51 -27.73
C PRO I 72 0.88 -65.49 -26.57
N THR I 73 1.88 -66.36 -26.67
CA THR I 73 2.18 -67.34 -25.62
C THR I 73 3.14 -66.69 -24.63
N GLN I 74 3.61 -65.50 -24.98
CA GLN I 74 4.57 -64.75 -24.17
C GLN I 74 3.96 -63.45 -23.65
N ALA I 75 3.20 -62.77 -24.50
CA ALA I 75 2.59 -61.50 -24.12
C ALA I 75 1.08 -61.59 -24.20
N THR I 76 0.40 -60.57 -23.66
CA THR I 76 -1.04 -60.48 -23.73
C THR I 76 -1.34 -59.43 -24.80
N LEU I 77 -2.06 -59.85 -25.82
CA LEU I 77 -2.43 -58.95 -26.91
C LEU I 77 -3.95 -58.97 -26.93
N PHE I 78 -4.56 -57.85 -26.54
CA PHE I 78 -6.01 -57.77 -26.47
C PHE I 78 -6.52 -56.42 -26.94
N ILE I 79 -7.83 -56.35 -27.11
CA ILE I 79 -8.53 -55.13 -27.49
C ILE I 79 -9.14 -54.56 -26.22
N GLN I 80 -8.82 -53.30 -25.95
CA GLN I 80 -9.28 -52.61 -24.74
C GLN I 80 -10.79 -52.69 -24.44
N SER I 81 -11.61 -52.58 -25.47
CA SER I 81 -13.06 -52.62 -25.30
C SER I 81 -13.62 -53.95 -24.77
N GLU I 82 -12.86 -55.01 -24.97
CA GLU I 82 -13.27 -56.34 -24.59
C GLU I 82 -12.99 -56.67 -23.13
N VAL I 83 -12.33 -55.74 -22.45
CA VAL I 83 -12.04 -55.84 -21.02
C VAL I 83 -12.76 -54.67 -20.37
N PRO I 84 -13.98 -54.93 -19.88
CA PRO I 84 -14.79 -53.90 -19.25
C PRO I 84 -14.08 -53.26 -18.06
N ALA I 85 -13.22 -54.04 -17.41
CA ALA I 85 -12.46 -53.57 -16.24
C ALA I 85 -11.87 -52.19 -16.44
N HIS I 86 -11.56 -51.88 -17.70
CA HIS I 86 -10.98 -50.60 -18.09
C HIS I 86 -11.91 -49.42 -17.89
N ALA I 87 -13.16 -49.56 -18.34
CA ALA I 87 -14.14 -48.49 -18.20
C ALA I 87 -14.65 -48.35 -16.76
N GLN I 88 -14.51 -49.41 -15.99
CA GLN I 88 -14.92 -49.44 -14.59
C GLN I 88 -13.87 -48.74 -13.72
N ALA I 89 -12.62 -49.13 -13.91
CA ALA I 89 -11.51 -48.55 -13.16
C ALA I 89 -11.31 -47.10 -13.56
N ALA I 90 -11.67 -46.79 -14.81
CA ALA I 90 -11.57 -45.44 -15.36
C ALA I 90 -12.56 -44.49 -14.70
N TRP I 91 -13.76 -45.00 -14.40
CA TRP I 91 -14.77 -44.22 -13.70
C TRP I 91 -14.31 -43.87 -12.29
N MSE I 92 -13.81 -44.87 -11.57
CA MSE I 92 -13.39 -44.69 -10.19
C MSE I 92 -12.28 -43.65 -10.10
O MSE I 92 -12.17 -42.94 -9.09
CB MSE I 92 -12.92 -46.02 -9.59
CG MSE I 92 -13.98 -47.11 -9.60
SE MSE I 92 -13.57 -48.55 -8.36
CE MSE I 92 -12.95 -49.89 -9.64
N LEU I 93 -11.47 -43.56 -11.14
CA LEU I 93 -10.30 -42.68 -11.13
C LEU I 93 -10.70 -41.25 -11.51
N GLN I 94 -11.70 -41.14 -12.37
CA GLN I 94 -12.33 -39.85 -12.63
C GLN I 94 -12.83 -39.20 -11.34
N CYS I 95 -13.25 -40.04 -10.38
CA CYS I 95 -13.83 -39.56 -9.15
C CYS I 95 -12.76 -39.06 -8.18
N ILE I 96 -11.51 -39.45 -8.44
CA ILE I 96 -10.39 -39.04 -7.61
C ILE I 96 -9.46 -38.03 -8.26
N VAL I 97 -9.48 -37.97 -9.59
CA VAL I 97 -8.68 -37.00 -10.31
C VAL I 97 -9.38 -35.67 -10.12
N TYR I 98 -8.63 -34.58 -10.25
CA TYR I 98 -9.21 -33.25 -10.11
C TYR I 98 -9.46 -32.68 -11.50
N ILE I 99 -10.44 -31.79 -11.59
CA ILE I 99 -10.77 -31.14 -12.86
C ILE I 99 -9.61 -30.30 -13.37
N GLY I 100 -8.89 -29.67 -12.45
CA GLY I 100 -7.76 -28.81 -12.79
C GLY I 100 -6.58 -29.59 -13.36
N GLU I 101 -6.39 -30.82 -12.90
CA GLU I 101 -5.30 -31.66 -13.40
C GLU I 101 -5.57 -32.01 -14.86
N LEU I 102 -6.84 -32.26 -15.17
CA LEU I 102 -7.27 -32.61 -16.51
C LEU I 102 -7.18 -31.40 -17.44
N GLU I 103 -7.60 -30.25 -16.94
CA GLU I 103 -7.57 -29.00 -17.71
C GLU I 103 -6.15 -28.50 -17.98
N ARG I 104 -5.27 -28.77 -17.02
CA ARG I 104 -3.87 -28.40 -17.10
C ARG I 104 -3.20 -29.25 -18.17
N MSE I 105 -3.82 -30.36 -18.51
CA MSE I 105 -3.23 -31.25 -19.52
C MSE I 105 -3.02 -30.53 -20.83
O MSE I 105 -3.97 -30.03 -21.44
CB MSE I 105 -3.97 -32.54 -19.77
CG MSE I 105 -3.07 -33.72 -20.01
SE MSE I 105 -2.54 -34.59 -18.35
CE MSE I 105 -4.14 -34.22 -17.37
N THR I 106 -1.77 -30.45 -21.27
CA THR I 106 -1.40 -29.61 -22.41
C THR I 106 -2.36 -29.80 -23.58
N GLN I 107 -2.46 -31.04 -24.05
CA GLN I 107 -3.15 -31.33 -25.30
C GLN I 107 -4.42 -30.50 -25.43
N VAL I 118 -16.80 -29.30 -27.83
CA VAL I 118 -15.63 -30.16 -27.71
C VAL I 118 -16.04 -31.45 -27.00
N SER I 119 -15.76 -32.60 -27.60
CA SER I 119 -16.09 -33.88 -27.00
C SER I 119 -15.45 -33.92 -25.61
N ALA I 120 -16.22 -34.32 -24.62
CA ALA I 120 -15.73 -34.39 -23.24
C ALA I 120 -14.67 -35.48 -23.08
N GLY I 121 -14.67 -36.44 -24.01
CA GLY I 121 -13.70 -37.51 -24.01
C GLY I 121 -12.31 -36.95 -24.30
N LEU I 122 -12.28 -35.73 -24.83
CA LEU I 122 -11.02 -35.06 -25.14
C LEU I 122 -10.38 -34.54 -23.85
N LEU I 123 -11.19 -34.46 -22.80
CA LEU I 123 -10.74 -33.95 -21.52
C LEU I 123 -10.62 -35.04 -20.44
N THR I 124 -11.42 -36.09 -20.59
CA THR I 124 -11.51 -37.17 -19.60
C THR I 124 -10.79 -38.48 -19.90
N TYR I 125 -10.11 -38.55 -21.04
CA TYR I 125 -9.41 -39.79 -21.40
C TYR I 125 -8.16 -40.12 -20.59
N PRO I 126 -7.60 -39.15 -19.86
CA PRO I 126 -6.42 -39.44 -19.07
C PRO I 126 -6.64 -40.48 -17.98
N PRO I 127 -7.80 -40.43 -17.32
CA PRO I 127 -8.13 -41.40 -16.28
C PRO I 127 -8.32 -42.81 -16.86
N LEU I 128 -8.66 -42.85 -18.14
CA LEU I 128 -8.85 -44.12 -18.85
C LEU I 128 -7.47 -44.70 -19.19
N MSE I 129 -6.56 -43.81 -19.59
CA MSE I 129 -5.20 -44.18 -19.95
C MSE I 129 -4.39 -44.61 -18.72
O MSE I 129 -3.44 -45.38 -18.83
CB MSE I 129 -4.50 -43.04 -20.63
CG MSE I 129 -3.00 -43.04 -20.47
SE MSE I 129 -2.06 -42.01 -21.84
CE MSE I 129 -0.30 -42.76 -21.55
N ALA I 130 -4.79 -44.11 -17.56
CA ALA I 130 -4.14 -44.47 -16.30
C ALA I 130 -4.70 -45.80 -15.80
N ALA I 131 -6.01 -45.98 -15.98
CA ALA I 131 -6.66 -47.22 -15.60
C ALA I 131 -6.04 -48.37 -16.42
N ASP I 132 -5.84 -48.10 -17.71
CA ASP I 132 -5.21 -49.04 -18.63
C ASP I 132 -3.93 -49.58 -17.97
N ILE I 133 -3.08 -48.64 -17.56
CA ILE I 133 -1.81 -48.93 -16.93
C ILE I 133 -1.93 -49.55 -15.53
N LEU I 134 -2.63 -48.86 -14.64
CA LEU I 134 -2.77 -49.35 -13.27
C LEU I 134 -3.43 -50.70 -13.04
N LEU I 135 -4.37 -51.07 -13.91
CA LEU I 135 -5.08 -52.34 -13.77
C LEU I 135 -4.14 -53.54 -13.75
N TYR I 136 -3.00 -53.40 -14.43
CA TYR I 136 -2.06 -54.49 -14.58
C TYR I 136 -0.82 -54.44 -13.69
N ASN I 137 -0.83 -53.56 -12.70
CA ASN I 137 0.30 -53.43 -11.80
C ASN I 137 1.57 -53.26 -12.62
N THR I 138 1.47 -52.54 -13.73
CA THR I 138 2.62 -52.36 -14.61
C THR I 138 3.70 -51.52 -13.96
N ASP I 139 4.93 -51.91 -14.23
CA ASP I 139 6.13 -51.26 -13.70
C ASP I 139 6.67 -50.24 -14.69
N ILE I 140 6.69 -50.62 -15.97
CA ILE I 140 7.22 -49.79 -17.03
C ILE I 140 6.19 -49.46 -18.11
N VAL I 141 6.23 -48.23 -18.62
CA VAL I 141 5.37 -47.80 -19.72
C VAL I 141 6.27 -47.22 -20.81
N PRO I 142 6.40 -47.95 -21.91
CA PRO I 142 7.26 -47.55 -23.03
C PRO I 142 6.65 -46.44 -23.87
N VAL I 143 6.70 -45.21 -23.37
CA VAL I 143 6.15 -44.06 -24.09
C VAL I 143 7.16 -42.93 -24.19
N GLY I 144 6.92 -41.99 -25.10
CA GLY I 144 7.85 -40.88 -25.31
C GLY I 144 7.64 -39.70 -24.36
N GLU I 145 8.36 -38.62 -24.66
CA GLU I 145 8.37 -37.38 -23.89
C GLU I 145 7.05 -36.61 -23.98
N ASP I 146 6.24 -36.92 -24.98
CA ASP I 146 4.97 -36.26 -25.21
C ASP I 146 3.87 -36.85 -24.33
N GLN I 147 4.18 -38.02 -23.75
CA GLN I 147 3.25 -38.76 -22.90
C GLN I 147 3.63 -38.73 -21.42
N LYS I 148 4.69 -38.00 -21.11
CA LYS I 148 5.20 -37.90 -19.74
C LYS I 148 4.28 -37.16 -18.76
N GLN I 149 3.51 -36.20 -19.26
CA GLN I 149 2.59 -35.46 -18.41
C GLN I 149 1.51 -36.46 -18.03
N HIS I 150 1.16 -37.29 -19.02
CA HIS I 150 0.18 -38.33 -18.87
C HIS I 150 0.65 -39.35 -17.82
N ILE I 151 1.94 -39.62 -17.80
CA ILE I 151 2.50 -40.58 -16.84
C ILE I 151 2.60 -40.03 -15.42
N GLU I 152 2.98 -38.76 -15.30
CA GLU I 152 3.11 -38.13 -14.00
C GLU I 152 1.74 -38.05 -13.32
N LEU I 153 0.70 -38.00 -14.14
CA LEU I 153 -0.67 -37.94 -13.63
C LEU I 153 -1.16 -39.31 -13.15
N THR I 154 -0.81 -40.36 -13.88
CA THR I 154 -1.20 -41.70 -13.47
C THR I 154 -0.35 -42.13 -12.27
N ARG I 155 0.86 -41.58 -12.19
CA ARG I 155 1.74 -41.83 -11.05
C ARG I 155 1.14 -41.10 -9.85
N ASP I 156 0.51 -39.96 -10.13
CA ASP I 156 -0.13 -39.16 -9.09
C ASP I 156 -1.43 -39.80 -8.59
N LEU I 157 -2.24 -40.28 -9.52
CA LEU I 157 -3.50 -40.93 -9.16
C LEU I 157 -3.28 -42.19 -8.35
N ALA I 158 -2.20 -42.91 -8.65
CA ALA I 158 -1.87 -44.13 -7.95
C ALA I 158 -1.47 -43.86 -6.50
N GLU I 159 -0.55 -42.92 -6.30
CA GLU I 159 -0.12 -42.58 -4.94
C GLU I 159 -1.29 -42.01 -4.15
N ARG I 160 -2.03 -41.09 -4.78
CA ARG I 160 -3.20 -40.49 -4.15
C ARG I 160 -4.15 -41.57 -3.65
N PHE I 161 -4.41 -42.54 -4.52
CA PHE I 161 -5.30 -43.66 -4.20
C PHE I 161 -4.69 -44.59 -3.16
N ASN I 162 -3.40 -44.85 -3.29
CA ASN I 162 -2.67 -45.75 -2.39
C ASN I 162 -2.64 -45.23 -0.95
N LYS I 163 -2.59 -43.91 -0.81
CA LYS I 163 -2.54 -43.28 0.50
C LYS I 163 -3.88 -43.33 1.21
N ARG I 164 -4.95 -43.04 0.47
CA ARG I 164 -6.30 -43.12 1.01
C ARG I 164 -6.62 -44.55 1.47
N TYR I 165 -6.47 -45.51 0.57
CA TYR I 165 -7.11 -46.81 0.71
C TYR I 165 -6.09 -47.89 1.07
N GLY I 166 -4.84 -47.47 1.25
CA GLY I 166 -3.75 -48.41 1.46
C GLY I 166 -3.17 -48.92 0.15
N GLU I 167 -2.34 -49.95 0.24
CA GLU I 167 -1.34 -50.21 -0.79
C GLU I 167 -1.89 -51.16 -1.86
N LEU I 168 -2.33 -50.59 -2.98
CA LEU I 168 -2.96 -51.37 -4.03
C LEU I 168 -2.18 -51.29 -5.33
N PHE I 169 -1.71 -50.10 -5.66
CA PHE I 169 -1.17 -49.84 -6.99
C PHE I 169 0.36 -49.85 -6.97
N THR I 170 0.96 -50.23 -8.10
CA THR I 170 2.35 -49.90 -8.39
C THR I 170 2.45 -48.56 -9.10
N ILE I 171 3.52 -47.82 -8.82
CA ILE I 171 3.74 -46.53 -9.44
C ILE I 171 4.66 -46.82 -10.61
N PRO I 172 4.15 -46.67 -11.82
CA PRO I 172 4.90 -47.00 -13.02
C PRO I 172 5.83 -45.87 -13.38
N GLU I 173 6.71 -46.14 -14.34
CA GLU I 173 7.64 -45.15 -14.86
C GLU I 173 7.68 -45.21 -16.38
N ALA I 174 7.78 -44.05 -17.01
CA ALA I 174 7.86 -43.96 -18.46
C ALA I 174 9.29 -44.32 -18.84
N ARG I 175 9.42 -45.43 -19.55
CA ARG I 175 10.73 -45.94 -19.93
C ARG I 175 10.56 -46.88 -21.13
N ILE I 176 11.27 -46.61 -22.21
CA ILE I 176 11.22 -47.49 -23.37
C ILE I 176 12.54 -48.22 -23.44
N PRO I 177 12.52 -49.49 -23.05
CA PRO I 177 13.72 -50.33 -22.99
C PRO I 177 14.34 -50.51 -24.37
N LYS I 178 15.66 -50.44 -24.42
CA LYS I 178 16.40 -50.60 -25.67
C LYS I 178 15.83 -49.71 -26.78
N VAL I 179 15.71 -48.41 -26.48
CA VAL I 179 15.18 -47.45 -27.44
C VAL I 179 15.95 -47.54 -28.75
N GLY I 180 15.23 -47.47 -29.85
CA GLY I 180 15.86 -47.48 -31.16
C GLY I 180 16.24 -46.03 -31.41
N ALA I 181 16.90 -45.76 -32.54
CA ALA I 181 17.25 -44.39 -32.86
C ALA I 181 15.96 -43.65 -33.19
N ARG I 182 16.03 -42.33 -33.29
CA ARG I 182 14.85 -41.53 -33.60
C ARG I 182 14.76 -41.23 -35.10
N ILE I 183 13.79 -41.86 -35.76
CA ILE I 183 13.63 -41.74 -37.21
C ILE I 183 12.93 -40.47 -37.68
N MSE I 184 13.58 -39.75 -38.60
CA MSE I 184 13.07 -38.49 -39.12
C MSE I 184 12.31 -38.72 -40.43
O MSE I 184 12.35 -39.80 -41.00
CB MSE I 184 14.22 -37.53 -39.36
CG MSE I 184 15.14 -37.35 -38.19
SE MSE I 184 14.18 -36.95 -36.55
CE MSE I 184 14.11 -35.04 -36.72
N SER I 185 11.62 -37.67 -40.89
CA SER I 185 10.84 -37.73 -42.11
C SER I 185 11.80 -37.83 -43.29
N LEU I 186 11.35 -38.51 -44.34
CA LEU I 186 12.13 -38.68 -45.55
C LEU I 186 12.05 -37.45 -46.46
N VAL I 187 11.08 -36.58 -46.21
CA VAL I 187 10.92 -35.35 -46.99
C VAL I 187 11.49 -34.15 -46.22
N ASP I 188 11.31 -34.15 -44.90
CA ASP I 188 11.88 -33.15 -44.00
C ASP I 188 12.56 -33.91 -42.86
N PRO I 189 13.87 -34.03 -42.95
CA PRO I 189 14.70 -34.74 -41.97
C PRO I 189 14.85 -34.03 -40.63
N THR I 190 14.18 -32.88 -40.48
CA THR I 190 14.22 -32.15 -39.21
C THR I 190 12.95 -32.50 -38.44
N LYS I 191 12.00 -33.06 -39.18
CA LYS I 191 10.72 -33.48 -38.64
C LYS I 191 10.77 -34.98 -38.37
N LYS I 192 10.01 -35.42 -37.38
CA LYS I 192 9.99 -36.83 -37.02
C LYS I 192 9.06 -37.56 -37.98
N MSE I 193 9.36 -38.83 -38.26
CA MSE I 193 8.56 -39.64 -39.16
C MSE I 193 7.26 -40.05 -38.48
O MSE I 193 7.26 -40.76 -37.48
CB MSE I 193 9.29 -40.89 -39.60
CG MSE I 193 8.51 -41.82 -40.51
SE MSE I 193 9.34 -43.54 -40.92
CE MSE I 193 10.41 -42.99 -42.42
N SER I 194 6.14 -39.62 -39.05
CA SER I 194 4.82 -39.95 -38.51
C SER I 194 3.86 -40.38 -39.61
N LYS I 195 3.03 -41.37 -39.29
CA LYS I 195 2.04 -41.90 -40.24
C LYS I 195 0.95 -40.88 -40.55
N SER I 196 0.83 -39.86 -39.72
CA SER I 196 -0.18 -38.85 -39.93
C SER I 196 0.35 -37.68 -40.72
N ASP I 197 1.53 -37.86 -41.33
CA ASP I 197 2.07 -36.87 -42.24
C ASP I 197 1.07 -36.51 -43.33
N PRO I 198 0.89 -35.20 -43.55
CA PRO I 198 0.07 -34.72 -44.67
C PRO I 198 0.62 -35.18 -46.02
N ASN I 199 1.83 -35.73 -46.01
CA ASN I 199 2.48 -36.19 -47.23
C ASN I 199 2.93 -37.64 -47.13
N PRO I 200 2.59 -38.43 -48.14
CA PRO I 200 2.74 -39.89 -48.06
C PRO I 200 4.17 -40.33 -48.32
N LYS I 201 5.06 -39.37 -48.54
CA LYS I 201 6.42 -39.66 -48.97
C LYS I 201 7.41 -39.53 -47.81
N ALA I 202 6.89 -39.20 -46.63
CA ALA I 202 7.72 -38.88 -45.50
C ALA I 202 7.95 -40.09 -44.62
N TYR I 203 7.07 -41.07 -44.76
CA TYR I 203 7.15 -42.26 -43.94
C TYR I 203 7.16 -43.51 -44.78
N ILE I 204 7.59 -44.61 -44.18
CA ILE I 204 7.50 -45.92 -44.80
C ILE I 204 6.66 -46.78 -43.87
N THR I 205 5.62 -47.40 -44.42
CA THR I 205 4.73 -48.25 -43.67
C THR I 205 5.29 -49.66 -43.70
N LEU I 206 4.88 -50.48 -42.75
CA LEU I 206 5.32 -51.87 -42.65
C LEU I 206 4.62 -52.66 -43.74
N LEU I 207 3.61 -52.05 -44.32
CA LEU I 207 2.80 -52.68 -45.36
C LEU I 207 3.01 -52.08 -46.74
N ASP I 208 4.04 -51.26 -46.88
CA ASP I 208 4.33 -50.65 -48.17
C ASP I 208 4.99 -51.70 -49.08
N ASP I 209 4.59 -51.72 -50.36
CA ASP I 209 5.14 -52.69 -51.30
C ASP I 209 6.53 -52.32 -51.80
N ALA I 210 7.27 -53.33 -52.24
CA ALA I 210 8.63 -53.17 -52.75
C ALA I 210 8.82 -51.98 -53.68
N LYS I 211 7.80 -51.70 -54.48
CA LYS I 211 7.85 -50.59 -55.42
C LYS I 211 7.80 -49.27 -54.65
N THR I 212 6.83 -49.17 -53.75
CA THR I 212 6.63 -47.99 -52.92
C THR I 212 7.86 -47.70 -52.07
N ILE I 213 8.34 -48.71 -51.34
CA ILE I 213 9.52 -48.55 -50.49
C ILE I 213 10.67 -47.97 -51.32
N GLU I 214 10.82 -48.50 -52.52
CA GLU I 214 11.88 -48.09 -53.43
C GLU I 214 11.79 -46.65 -53.90
N LYS I 215 10.63 -46.26 -54.42
CA LYS I 215 10.44 -44.90 -54.90
C LYS I 215 10.66 -43.93 -53.75
N LYS I 216 10.17 -44.32 -52.58
CA LYS I 216 10.29 -43.50 -51.37
C LYS I 216 11.72 -43.29 -50.90
N ILE I 217 12.55 -44.32 -51.02
CA ILE I 217 13.94 -44.22 -50.62
C ILE I 217 14.73 -43.30 -51.55
N LYS I 218 14.48 -43.45 -52.85
CA LYS I 218 15.15 -42.67 -53.89
C LYS I 218 14.84 -41.18 -53.88
N SER I 219 13.65 -40.83 -53.41
CA SER I 219 13.24 -39.44 -53.32
C SER I 219 13.63 -38.89 -51.96
N SER I 224 24.00 -31.62 -50.96
CA SER I 224 24.97 -31.45 -52.04
C SER I 224 26.33 -32.10 -51.78
N GLU I 225 26.69 -32.21 -50.50
CA GLU I 225 27.96 -32.79 -50.09
C GLU I 225 28.29 -34.09 -50.82
N GLY I 226 27.27 -34.93 -51.01
CA GLY I 226 27.42 -36.20 -51.70
C GLY I 226 28.46 -37.08 -50.99
N THR I 227 28.39 -37.08 -49.67
CA THR I 227 29.31 -37.88 -48.85
C THR I 227 28.59 -38.59 -47.69
N GLY I 237 19.29 -35.32 -43.67
CA GLY I 237 18.68 -36.33 -44.54
C GLY I 237 19.53 -37.59 -44.63
N ILE I 238 20.85 -37.41 -44.77
CA ILE I 238 21.76 -38.54 -44.88
C ILE I 238 22.03 -39.29 -43.58
N SER I 239 22.13 -38.56 -42.47
CA SER I 239 22.33 -39.18 -41.16
C SER I 239 21.12 -40.04 -40.83
N ASN I 240 19.95 -39.59 -41.26
CA ASN I 240 18.72 -40.33 -41.04
C ASN I 240 18.75 -41.66 -41.79
N LEU I 241 19.14 -41.60 -43.06
CA LEU I 241 19.23 -42.81 -43.89
C LEU I 241 20.20 -43.80 -43.26
N LEU I 242 21.29 -43.29 -42.70
CA LEU I 242 22.30 -44.13 -42.05
C LEU I 242 21.73 -44.88 -40.84
N ASN I 243 20.86 -44.19 -40.11
CA ASN I 243 20.22 -44.79 -38.93
C ASN I 243 19.27 -45.92 -39.31
N ILE I 244 18.48 -45.69 -40.35
CA ILE I 244 17.56 -46.71 -40.86
C ILE I 244 18.32 -47.89 -41.44
N TYR I 245 19.34 -47.60 -42.23
CA TYR I 245 20.30 -48.63 -42.65
C TYR I 245 21.04 -49.38 -41.55
N SER I 246 21.37 -48.68 -40.47
CA SER I 246 22.27 -49.21 -39.46
C SER I 246 21.47 -50.23 -38.67
N THR I 247 20.29 -49.83 -38.22
CA THR I 247 19.49 -50.64 -37.31
C THR I 247 18.92 -51.86 -38.01
N LEU I 248 18.58 -51.71 -39.28
CA LEU I 248 17.91 -52.76 -40.04
C LEU I 248 18.90 -53.78 -40.59
N SER I 249 20.09 -53.30 -40.93
CA SER I 249 21.20 -54.19 -41.27
C SER I 249 21.83 -54.79 -40.02
N GLY I 250 21.72 -54.08 -38.91
CA GLY I 250 22.49 -54.40 -37.72
C GLY I 250 23.98 -54.21 -37.94
N GLN I 251 24.34 -53.52 -39.01
CA GLN I 251 25.68 -52.97 -39.16
C GLN I 251 25.91 -51.81 -38.19
N SER I 252 27.05 -51.14 -38.34
CA SER I 252 27.33 -49.94 -37.56
C SER I 252 27.35 -48.70 -38.45
N ILE I 253 27.07 -47.55 -37.86
CA ILE I 253 27.18 -46.28 -38.57
C ILE I 253 28.57 -46.07 -39.15
N GLU I 254 29.54 -46.81 -38.62
CA GLU I 254 30.94 -46.55 -38.89
C GLU I 254 31.49 -47.50 -39.94
N GLU I 255 31.11 -48.76 -39.85
CA GLU I 255 31.15 -49.67 -40.98
C GLU I 255 30.60 -49.00 -42.24
N LEU I 256 29.40 -48.44 -42.14
CA LEU I 256 28.68 -47.96 -43.30
C LEU I 256 29.32 -46.69 -43.86
N GLU I 257 30.01 -45.95 -43.00
CA GLU I 257 30.81 -44.81 -43.44
C GLU I 257 32.06 -45.26 -44.18
N ARG I 258 32.64 -46.38 -43.75
CA ARG I 258 33.71 -47.03 -44.47
C ARG I 258 33.21 -47.64 -45.77
N GLN I 259 32.09 -48.36 -45.68
CA GLN I 259 31.66 -49.25 -46.75
C GLN I 259 31.17 -48.46 -47.96
N TYR I 260 31.07 -47.15 -47.80
CA TYR I 260 30.65 -46.26 -48.89
C TYR I 260 31.65 -45.16 -49.13
N GLU I 261 32.94 -45.52 -49.18
CA GLU I 261 34.02 -44.58 -48.91
C GLU I 261 34.03 -43.45 -49.95
N GLY I 262 34.11 -43.83 -51.22
CA GLY I 262 34.08 -42.86 -52.30
C GLY I 262 32.68 -42.66 -52.85
N LYS I 263 31.70 -43.33 -52.24
CA LYS I 263 30.46 -43.67 -52.91
C LYS I 263 29.47 -42.51 -52.84
N GLY I 264 28.46 -42.54 -53.71
CA GLY I 264 27.43 -41.51 -53.72
C GLY I 264 26.15 -41.98 -53.06
N TYR I 265 25.12 -41.13 -53.12
CA TYR I 265 23.82 -41.47 -52.54
C TYR I 265 23.04 -42.50 -53.35
N GLY I 266 23.09 -42.37 -54.66
CA GLY I 266 22.34 -43.27 -55.53
C GLY I 266 22.53 -44.75 -55.19
N VAL I 267 23.78 -45.15 -55.03
CA VAL I 267 24.16 -46.52 -54.71
C VAL I 267 23.78 -46.85 -53.27
N PHE I 268 23.98 -45.89 -52.39
CA PHE I 268 23.67 -46.04 -50.97
C PHE I 268 22.18 -46.34 -50.83
N LYS I 269 21.39 -45.48 -51.47
CA LYS I 269 19.93 -45.59 -51.49
C LYS I 269 19.45 -46.92 -52.07
N ALA I 270 20.04 -47.32 -53.18
CA ALA I 270 19.68 -48.59 -53.81
C ALA I 270 19.99 -49.75 -52.87
N ASP I 271 21.06 -49.58 -52.11
CA ASP I 271 21.50 -50.58 -51.14
C ASP I 271 20.55 -50.64 -49.95
N LEU I 272 20.15 -49.46 -49.47
CA LEU I 272 19.25 -49.31 -48.35
C LEU I 272 17.80 -49.68 -48.67
N ALA I 273 17.43 -49.63 -49.94
CA ALA I 273 16.09 -49.98 -50.37
C ALA I 273 15.87 -51.49 -50.30
N GLN I 274 16.95 -52.24 -50.46
CA GLN I 274 16.88 -53.70 -50.42
C GLN I 274 16.90 -54.27 -49.00
N VAL I 275 17.48 -53.53 -48.07
CA VAL I 275 17.49 -53.95 -46.67
C VAL I 275 16.12 -53.68 -46.06
N VAL I 276 15.48 -52.60 -46.52
CA VAL I 276 14.14 -52.25 -46.08
C VAL I 276 13.16 -53.29 -46.60
N ILE I 277 13.20 -53.54 -47.90
CA ILE I 277 12.33 -54.55 -48.53
C ILE I 277 12.62 -55.90 -47.87
N GLU I 278 13.90 -56.17 -47.66
CA GLU I 278 14.39 -57.41 -47.05
C GLU I 278 13.65 -57.64 -45.72
N THR I 279 13.61 -56.56 -44.93
CA THR I 279 13.01 -56.54 -43.61
C THR I 279 11.50 -56.62 -43.64
N LEU I 280 10.87 -55.80 -44.49
CA LEU I 280 9.42 -55.74 -44.62
C LEU I 280 8.80 -56.97 -45.25
N ARG I 281 9.60 -57.64 -46.08
CA ARG I 281 9.14 -58.81 -46.81
C ARG I 281 8.50 -59.93 -45.99
N PRO I 282 9.23 -60.46 -45.01
CA PRO I 282 8.70 -61.55 -44.18
C PRO I 282 7.60 -61.12 -43.23
N ILE I 283 7.62 -59.85 -42.84
CA ILE I 283 6.59 -59.29 -41.97
C ILE I 283 5.28 -59.23 -42.75
N GLN I 284 5.38 -58.83 -44.02
CA GLN I 284 4.23 -58.72 -44.90
C GLN I 284 3.58 -60.08 -45.17
N GLU I 285 4.42 -61.11 -45.31
CA GLU I 285 3.94 -62.47 -45.56
C GLU I 285 3.12 -63.00 -44.40
N ARG I 286 3.68 -62.86 -43.20
CA ARG I 286 3.03 -63.35 -41.98
C ARG I 286 1.78 -62.54 -41.69
N TYR I 287 1.81 -61.27 -42.08
CA TYR I 287 0.68 -60.37 -41.90
C TYR I 287 -0.57 -60.92 -42.57
N HIS I 288 -0.44 -61.22 -43.87
CA HIS I 288 -1.54 -61.74 -44.67
C HIS I 288 -2.02 -63.09 -44.17
N HIS I 289 -1.09 -63.90 -43.70
CA HIS I 289 -1.44 -65.22 -43.17
C HIS I 289 -2.29 -65.10 -41.91
N TRP I 290 -2.13 -64.01 -41.18
CA TRP I 290 -2.90 -63.74 -39.96
C TRP I 290 -4.25 -63.17 -40.35
N MSE I 291 -4.23 -62.32 -41.36
CA MSE I 291 -5.43 -61.66 -41.85
C MSE I 291 -6.50 -62.61 -42.40
O MSE I 291 -7.68 -62.29 -42.39
CB MSE I 291 -5.13 -60.47 -42.74
CG MSE I 291 -4.57 -59.25 -42.06
SE MSE I 291 -5.82 -58.34 -40.88
CE MSE I 291 -6.94 -57.56 -42.22
N GLU I 292 -6.08 -63.79 -42.85
CA GLU I 292 -7.03 -64.79 -43.34
C GLU I 292 -7.18 -65.95 -42.38
N SER I 293 -6.43 -65.91 -41.29
CA SER I 293 -6.50 -66.95 -40.29
C SER I 293 -7.70 -66.77 -39.37
N GLU I 294 -8.07 -67.85 -38.68
CA GLU I 294 -9.17 -67.82 -37.73
C GLU I 294 -8.49 -67.71 -36.38
N GLU I 295 -7.18 -67.96 -36.39
CA GLU I 295 -6.37 -67.90 -35.18
C GLU I 295 -6.19 -66.46 -34.71
N LEU I 296 -6.41 -65.51 -35.60
CA LEU I 296 -6.32 -64.11 -35.24
C LEU I 296 -7.31 -63.86 -34.10
N ASP I 297 -8.58 -64.09 -34.40
CA ASP I 297 -9.66 -63.93 -33.43
C ASP I 297 -9.42 -64.78 -32.18
N ARG I 298 -8.79 -65.94 -32.35
CA ARG I 298 -8.50 -66.86 -31.26
C ARG I 298 -7.46 -66.31 -30.27
N VAL I 299 -6.44 -65.65 -30.84
CA VAL I 299 -5.36 -65.06 -30.07
C VAL I 299 -5.84 -63.84 -29.26
N LEU I 300 -6.84 -63.15 -29.82
CA LEU I 300 -7.42 -61.97 -29.20
C LEU I 300 -8.39 -62.35 -28.11
N ASP I 301 -9.03 -63.51 -28.27
CA ASP I 301 -9.97 -64.01 -27.28
C ASP I 301 -9.16 -64.39 -26.04
N GLU I 302 -8.03 -65.05 -26.28
CA GLU I 302 -7.12 -65.47 -25.24
C GLU I 302 -6.56 -64.23 -24.53
N GLY I 303 -6.17 -63.23 -25.33
CA GLY I 303 -5.65 -61.97 -24.80
C GLY I 303 -6.64 -61.27 -23.87
N ALA I 304 -7.87 -61.09 -24.35
CA ALA I 304 -8.93 -60.45 -23.57
C ALA I 304 -9.32 -61.23 -22.32
N GLU I 305 -8.97 -62.51 -22.31
CA GLU I 305 -9.28 -63.41 -21.19
C GLU I 305 -8.25 -63.30 -20.08
N LYS I 306 -6.98 -63.31 -20.48
CA LYS I 306 -5.88 -63.19 -19.52
C LYS I 306 -5.94 -61.79 -18.96
N ALA I 307 -6.25 -60.84 -19.83
CA ALA I 307 -6.39 -59.45 -19.45
C ALA I 307 -7.55 -59.28 -18.46
N ASN I 308 -8.71 -59.82 -18.81
CA ASN I 308 -9.87 -59.73 -17.93
C ASN I 308 -9.61 -60.31 -16.54
N ARG I 309 -8.89 -61.43 -16.49
CA ARG I 309 -8.55 -62.06 -15.22
C ARG I 309 -7.82 -61.10 -14.27
N VAL I 310 -6.63 -60.66 -14.68
CA VAL I 310 -5.82 -59.72 -13.92
C VAL I 310 -6.59 -58.45 -13.56
N ALA I 311 -7.18 -57.81 -14.57
CA ALA I 311 -7.92 -56.56 -14.39
C ALA I 311 -9.20 -56.67 -13.57
N SER I 312 -9.93 -57.76 -13.75
CA SER I 312 -11.15 -58.02 -13.00
C SER I 312 -10.87 -58.09 -11.50
N GLU I 313 -9.68 -58.61 -11.17
CA GLU I 313 -9.27 -58.73 -9.77
C GLU I 313 -8.91 -57.36 -9.20
N MSE I 314 -8.19 -56.56 -9.98
CA MSE I 314 -7.82 -55.21 -9.56
C MSE I 314 -9.08 -54.42 -9.23
O MSE I 314 -9.19 -53.79 -8.17
CB MSE I 314 -7.07 -54.50 -10.68
CG MSE I 314 -6.30 -53.25 -10.34
SE MSE I 314 -5.65 -53.17 -8.51
CE MSE I 314 -3.77 -53.33 -8.83
N VAL I 315 -10.03 -54.46 -10.16
CA VAL I 315 -11.30 -53.76 -10.02
C VAL I 315 -12.01 -54.18 -8.74
N ARG I 316 -11.99 -55.48 -8.47
CA ARG I 316 -12.62 -56.01 -7.26
C ARG I 316 -11.95 -55.45 -6.02
N LYS I 317 -10.62 -55.47 -6.03
CA LYS I 317 -9.83 -54.94 -4.93
C LYS I 317 -10.08 -53.44 -4.81
N MSE I 318 -10.19 -52.77 -5.95
CA MSE I 318 -10.43 -51.33 -6.01
C MSE I 318 -11.82 -50.99 -5.47
O MSE I 318 -12.01 -50.01 -4.76
CB MSE I 318 -10.38 -50.85 -7.45
CG MSE I 318 -9.03 -50.53 -8.01
SE MSE I 318 -9.18 -49.92 -9.84
CE MSE I 318 -9.57 -48.08 -9.50
N GLU I 319 -12.78 -51.83 -5.86
CA GLU I 319 -14.17 -51.63 -5.45
C GLU I 319 -14.33 -51.88 -3.98
N GLN I 320 -13.54 -52.83 -3.47
CA GLN I 320 -13.59 -53.20 -2.08
C GLN I 320 -12.88 -52.20 -1.19
N ALA I 321 -12.03 -51.38 -1.78
CA ALA I 321 -11.32 -50.35 -1.05
C ALA I 321 -12.17 -49.09 -0.95
N MSE I 322 -12.98 -48.87 -1.99
CA MSE I 322 -13.87 -47.73 -2.04
C MSE I 322 -15.24 -48.02 -1.42
O MSE I 322 -15.96 -47.10 -1.03
CB MSE I 322 -14.00 -47.26 -3.47
CG MSE I 322 -12.69 -46.92 -4.12
SE MSE I 322 -12.88 -45.88 -5.74
CE MSE I 322 -13.86 -44.38 -5.04
N GLY I 323 -15.59 -49.30 -1.31
CA GLY I 323 -16.87 -49.71 -0.71
C GLY I 323 -18.00 -49.92 -1.72
N LEU I 324 -17.62 -50.27 -2.94
CA LEU I 324 -18.57 -50.49 -4.06
C LEU I 324 -19.15 -51.89 -4.11
N GLY I 325 -20.47 -52.00 -4.14
CA GLY I 325 -21.14 -53.29 -4.25
C GLY I 325 -21.13 -54.11 -2.98
N ARG I 326 -20.69 -55.36 -3.11
CA ARG I 326 -20.63 -56.31 -1.98
C ARG I 326 -19.31 -57.10 -2.02
N MSE J 1 -62.39 3.38 21.55
CA MSE J 1 -63.27 3.37 20.40
C MSE J 1 -62.57 2.73 19.20
O MSE J 1 -61.45 2.23 19.34
CB MSE J 1 -63.62 4.81 20.02
CG MSE J 1 -62.77 5.82 20.75
SE MSE J 1 -63.43 7.65 20.78
CE MSE J 1 -61.81 8.50 21.34
N LYS J 2 -63.23 2.73 18.06
CA LYS J 2 -62.62 2.15 16.87
C LYS J 2 -61.47 3.06 16.43
N THR J 3 -60.39 2.44 15.97
CA THR J 3 -59.22 3.17 15.55
C THR J 3 -59.21 3.40 14.05
N ILE J 4 -58.83 4.60 13.64
CA ILE J 4 -58.72 4.96 12.24
C ILE J 4 -57.29 5.37 11.95
N PHE J 5 -56.75 4.87 10.86
CA PHE J 5 -55.40 5.21 10.47
C PHE J 5 -55.38 5.77 9.06
N SER J 6 -54.85 6.97 8.94
CA SER J 6 -54.71 7.60 7.65
C SER J 6 -53.25 7.94 7.40
N GLY J 7 -52.73 7.46 6.28
CA GLY J 7 -51.35 7.73 5.88
C GLY J 7 -51.45 8.78 4.79
N ILE J 8 -50.70 9.86 4.96
CA ILE J 8 -50.74 10.96 4.01
C ILE J 8 -49.37 11.28 3.45
N GLN J 9 -49.24 11.20 2.12
CA GLN J 9 -48.00 11.54 1.45
C GLN J 9 -47.78 13.06 1.44
N THR J 15 -56.05 19.54 -2.25
CA THR J 15 -57.07 20.12 -3.11
C THR J 15 -58.44 20.07 -2.45
N ILE J 16 -59.42 20.72 -3.07
CA ILE J 16 -60.78 20.74 -2.55
C ILE J 16 -61.48 19.40 -2.76
N GLY J 17 -60.82 18.51 -3.49
CA GLY J 17 -61.22 17.11 -3.52
C GLY J 17 -60.75 16.35 -2.30
N ASN J 18 -59.53 16.66 -1.84
CA ASN J 18 -59.04 16.17 -0.57
C ASN J 18 -59.81 16.75 0.61
N TYR J 19 -60.26 17.99 0.47
CA TYR J 19 -61.16 18.59 1.44
C TYR J 19 -62.51 17.89 1.45
N ILE J 20 -63.01 17.56 0.27
CA ILE J 20 -64.43 17.25 0.11
C ILE J 20 -64.68 15.75 0.19
N GLY J 21 -63.85 14.97 -0.51
CA GLY J 21 -63.88 13.53 -0.40
C GLY J 21 -63.71 13.06 1.04
N ALA J 22 -62.58 13.42 1.64
CA ALA J 22 -62.16 12.83 2.90
C ALA J 22 -62.11 13.87 4.01
N LEU J 23 -61.37 14.95 3.77
CA LEU J 23 -60.74 15.69 4.85
C LEU J 23 -61.78 16.44 5.69
N ARG J 24 -62.75 17.04 5.01
CA ARG J 24 -63.58 18.08 5.63
C ARG J 24 -64.48 17.51 6.72
N GLN J 25 -64.53 16.18 6.79
CA GLN J 25 -65.46 15.51 7.69
C GLN J 25 -64.74 15.01 8.95
N PHE J 26 -63.44 14.78 8.84
CA PHE J 26 -62.64 14.30 9.96
C PHE J 26 -62.57 15.35 11.07
N VAL J 27 -63.01 16.56 10.75
CA VAL J 27 -63.24 17.59 11.77
C VAL J 27 -64.33 17.16 12.75
N GLU J 28 -65.04 16.09 12.40
CA GLU J 28 -66.17 15.63 13.20
C GLU J 28 -65.95 14.20 13.69
N LEU J 29 -65.34 13.37 12.86
CA LEU J 29 -65.10 11.98 13.20
C LEU J 29 -64.08 11.85 14.34
N GLN J 30 -63.10 12.75 14.34
CA GLN J 30 -62.04 12.70 15.35
C GLN J 30 -62.56 12.68 16.78
N HIS J 31 -63.85 12.92 16.94
CA HIS J 31 -64.46 12.95 18.27
C HIS J 31 -65.14 11.65 18.68
N GLU J 32 -65.33 10.73 17.74
CA GLU J 32 -65.99 9.48 18.07
C GLU J 32 -65.09 8.31 17.73
N TYR J 33 -63.91 8.64 17.25
CA TYR J 33 -62.95 7.63 16.86
C TYR J 33 -61.56 7.95 17.35
N ASN J 34 -60.73 6.92 17.45
CA ASN J 34 -59.34 7.12 17.76
C ASN J 34 -58.67 7.23 16.39
N CYS J 35 -58.29 8.45 16.01
CA CYS J 35 -57.71 8.72 14.69
C CYS J 35 -56.22 9.01 14.66
N TYR J 36 -55.54 8.42 13.68
CA TYR J 36 -54.12 8.63 13.46
C TYR J 36 -53.91 9.24 12.08
N PHE J 37 -53.20 10.36 12.06
CA PHE J 37 -52.87 11.02 10.82
C PHE J 37 -51.36 10.97 10.66
N CYS J 38 -50.90 9.99 9.93
CA CYS J 38 -49.48 9.78 9.73
C CYS J 38 -48.94 10.44 8.46
N ILE J 39 -47.96 11.32 8.63
CA ILE J 39 -47.28 11.95 7.51
C ILE J 39 -46.18 10.96 7.14
N VAL J 40 -46.44 10.20 6.09
CA VAL J 40 -45.53 9.13 5.66
C VAL J 40 -44.34 9.58 4.85
N ASP J 41 -43.36 10.18 5.52
CA ASP J 41 -42.14 10.67 4.87
C ASP J 41 -41.25 9.53 4.39
N GLN J 42 -41.45 8.34 4.95
CA GLN J 42 -40.63 7.19 4.56
C GLN J 42 -41.10 6.54 3.27
N HIS J 43 -42.39 6.65 3.00
CA HIS J 43 -42.95 6.11 1.76
C HIS J 43 -42.55 7.06 0.64
N ALA J 44 -42.47 8.33 0.99
CA ALA J 44 -42.12 9.39 0.05
C ALA J 44 -40.75 9.23 -0.62
N ILE J 45 -39.77 8.67 0.10
CA ILE J 45 -38.44 8.48 -0.47
C ILE J 45 -38.35 7.26 -1.38
N THR J 46 -39.48 6.61 -1.63
CA THR J 46 -39.51 5.45 -2.53
C THR J 46 -39.29 6.01 -3.93
N VAL J 47 -39.58 7.30 -4.06
CA VAL J 47 -39.34 8.03 -5.30
C VAL J 47 -38.40 9.19 -4.98
N TRP J 48 -37.86 9.80 -6.03
CA TRP J 48 -36.84 10.83 -5.86
C TRP J 48 -37.40 12.05 -5.13
N GLN J 49 -36.68 12.50 -4.11
CA GLN J 49 -37.03 13.72 -3.39
C GLN J 49 -35.84 14.67 -3.31
N ASP J 50 -36.12 15.97 -3.44
CA ASP J 50 -35.20 17.00 -2.96
C ASP J 50 -35.37 17.21 -1.46
N PRO J 51 -34.26 17.11 -0.72
CA PRO J 51 -34.30 17.00 0.74
C PRO J 51 -34.99 18.21 1.37
N HIS J 52 -34.81 19.38 0.75
CA HIS J 52 -35.34 20.63 1.31
C HIS J 52 -36.84 20.72 1.11
N GLU J 53 -37.29 20.52 -0.12
CA GLU J 53 -38.71 20.55 -0.44
C GLU J 53 -39.48 19.51 0.37
N LEU J 54 -38.83 18.36 0.61
CA LEU J 54 -39.45 17.29 1.38
C LEU J 54 -39.71 17.76 2.82
N ARG J 55 -38.65 18.17 3.50
CA ARG J 55 -38.74 18.67 4.87
C ARG J 55 -39.75 19.81 4.94
N GLN J 56 -39.85 20.55 3.84
CA GLN J 56 -40.73 21.69 3.72
C GLN J 56 -42.19 21.29 3.54
N ASN J 57 -42.43 20.23 2.78
CA ASN J 57 -43.78 19.72 2.51
C ASN J 57 -44.38 19.00 3.72
N ILE J 58 -43.51 18.45 4.55
CA ILE J 58 -43.93 17.73 5.76
C ILE J 58 -44.59 18.70 6.73
N ARG J 59 -43.86 19.76 7.05
CA ARG J 59 -44.31 20.83 7.93
C ARG J 59 -45.63 21.41 7.41
N ARG J 60 -45.60 21.73 6.12
CA ARG J 60 -46.72 22.33 5.41
C ARG J 60 -48.00 21.50 5.49
N LEU J 61 -47.84 20.18 5.36
CA LEU J 61 -48.97 19.25 5.38
C LEU J 61 -49.61 19.22 6.77
N ALA J 62 -48.76 19.21 7.79
CA ALA J 62 -49.22 19.20 9.17
C ALA J 62 -49.97 20.47 9.50
N ALA J 63 -49.40 21.61 9.14
CA ALA J 63 -50.03 22.91 9.39
C ALA J 63 -51.42 22.99 8.73
N LEU J 64 -51.57 22.24 7.64
CA LEU J 64 -52.80 22.20 6.86
C LEU J 64 -53.87 21.31 7.47
N TYR J 65 -53.44 20.20 8.08
CA TYR J 65 -54.34 19.28 8.74
C TYR J 65 -54.84 19.95 10.01
N LEU J 66 -53.95 20.71 10.63
CA LEU J 66 -54.27 21.44 11.85
C LEU J 66 -55.17 22.62 11.48
N ALA J 67 -54.83 23.27 10.38
CA ALA J 67 -55.59 24.41 9.89
C ALA J 67 -57.00 24.02 9.45
N VAL J 68 -57.15 22.81 8.91
CA VAL J 68 -58.45 22.32 8.46
C VAL J 68 -59.42 22.04 9.61
N GLY J 69 -58.88 21.74 10.79
CA GLY J 69 -59.71 21.43 11.95
C GLY J 69 -59.27 20.18 12.70
N ILE J 70 -58.14 19.61 12.30
CA ILE J 70 -57.64 18.44 13.01
C ILE J 70 -57.17 18.90 14.38
N ASP J 71 -57.65 18.22 15.42
CA ASP J 71 -57.35 18.58 16.80
C ASP J 71 -56.34 17.65 17.48
N PRO J 72 -55.16 18.19 17.76
CA PRO J 72 -54.07 17.45 18.40
C PRO J 72 -54.42 16.89 19.78
N THR J 73 -55.46 17.45 20.41
CA THR J 73 -55.92 16.98 21.70
C THR J 73 -56.88 15.82 21.49
N GLN J 74 -57.43 15.75 20.28
CA GLN J 74 -58.39 14.72 19.89
C GLN J 74 -57.71 13.58 19.15
N ALA J 75 -56.96 13.92 18.10
CA ALA J 75 -56.30 12.92 17.27
C ALA J 75 -54.78 12.91 17.44
N THR J 76 -54.14 11.95 16.78
CA THR J 76 -52.69 11.82 16.79
C THR J 76 -52.16 12.17 15.42
N LEU J 77 -51.39 13.25 15.36
CA LEU J 77 -50.80 13.72 14.12
C LEU J 77 -49.30 13.66 14.31
N PHE J 78 -48.65 12.78 13.55
CA PHE J 78 -47.21 12.60 13.67
C PHE J 78 -46.56 12.32 12.34
N ILE J 79 -45.22 12.34 12.36
CA ILE J 79 -44.42 12.03 11.18
C ILE J 79 -43.92 10.59 11.32
N GLN J 80 -44.22 9.79 10.31
CA GLN J 80 -43.86 8.38 10.26
C GLN J 80 -42.41 8.05 10.68
N SER J 81 -41.45 8.78 10.14
CA SER J 81 -40.05 8.56 10.44
C SER J 81 -39.68 8.74 11.92
N GLU J 82 -40.48 9.52 12.62
CA GLU J 82 -40.21 9.81 14.02
C GLU J 82 -40.62 8.69 14.97
N VAL J 83 -41.31 7.69 14.44
CA VAL J 83 -41.70 6.50 15.18
C VAL J 83 -40.97 5.35 14.51
N PRO J 84 -39.84 4.94 15.11
CA PRO J 84 -38.99 3.88 14.57
C PRO J 84 -39.68 2.53 14.45
N ALA J 85 -40.66 2.28 15.31
CA ALA J 85 -41.43 1.03 15.30
C ALA J 85 -42.04 0.70 13.95
N HIS J 86 -42.08 1.69 13.08
CA HIS J 86 -42.64 1.56 11.74
C HIS J 86 -41.75 0.74 10.82
N ALA J 87 -40.46 1.06 10.83
CA ALA J 87 -39.48 0.37 10.00
C ALA J 87 -39.08 -0.99 10.58
N GLN J 88 -39.32 -1.15 11.87
CA GLN J 88 -39.01 -2.41 12.55
C GLN J 88 -40.09 -3.43 12.20
N ALA J 89 -41.34 -3.04 12.42
CA ALA J 89 -42.48 -3.91 12.12
C ALA J 89 -42.54 -4.22 10.63
N ALA J 90 -42.11 -3.24 9.83
CA ALA J 90 -42.07 -3.38 8.38
C ALA J 90 -41.07 -4.44 7.93
N TRP J 91 -39.96 -4.56 8.66
CA TRP J 91 -38.94 -5.55 8.33
C TRP J 91 -39.44 -6.96 8.64
N MSE J 92 -40.13 -7.08 9.77
CA MSE J 92 -40.69 -8.35 10.23
C MSE J 92 -41.81 -8.83 9.31
O MSE J 92 -42.05 -10.03 9.20
CB MSE J 92 -41.25 -8.18 11.64
CG MSE J 92 -40.22 -8.11 12.73
SE MSE J 92 -40.99 -8.28 14.50
CE MSE J 92 -41.42 -6.43 14.80
N LEU J 93 -42.48 -7.88 8.65
CA LEU J 93 -43.58 -8.21 7.74
C LEU J 93 -43.07 -8.55 6.34
N GLN J 94 -41.89 -8.03 6.02
CA GLN J 94 -41.25 -8.32 4.73
C GLN J 94 -40.84 -9.78 4.76
N CYS J 95 -40.53 -10.24 5.96
CA CYS J 95 -40.08 -11.61 6.17
C CYS J 95 -41.20 -12.64 6.04
N ILE J 96 -42.43 -12.18 6.07
CA ILE J 96 -43.58 -13.08 5.98
C ILE J 96 -44.39 -12.90 4.71
N VAL J 97 -44.17 -11.78 4.02
CA VAL J 97 -44.86 -11.56 2.78
C VAL J 97 -44.09 -12.35 1.74
N TYR J 98 -44.75 -12.67 0.64
CA TYR J 98 -44.12 -13.43 -0.44
C TYR J 98 -43.75 -12.48 -1.56
N ILE J 99 -42.65 -12.78 -2.24
CA ILE J 99 -42.24 -11.98 -3.39
C ILE J 99 -43.38 -12.00 -4.39
N GLY J 100 -44.03 -13.15 -4.51
CA GLY J 100 -45.16 -13.31 -5.42
C GLY J 100 -46.19 -12.21 -5.17
N GLU J 101 -46.60 -12.07 -3.92
CA GLU J 101 -47.57 -11.07 -3.53
C GLU J 101 -47.13 -9.63 -3.82
N LEU J 102 -45.85 -9.36 -3.63
CA LEU J 102 -45.30 -8.04 -3.87
C LEU J 102 -45.26 -7.73 -5.37
N GLU J 103 -44.75 -8.67 -6.14
CA GLU J 103 -44.70 -8.53 -7.59
C GLU J 103 -46.09 -8.34 -8.18
N ARG J 104 -47.10 -8.86 -7.49
CA ARG J 104 -48.45 -8.96 -8.05
C ARG J 104 -49.19 -7.64 -7.90
N MSE J 105 -48.58 -6.69 -7.19
CA MSE J 105 -49.19 -5.38 -6.97
C MSE J 105 -49.25 -4.58 -8.26
O MSE J 105 -48.41 -4.76 -9.16
CB MSE J 105 -48.43 -4.61 -5.91
CG MSE J 105 -49.32 -4.00 -4.83
SE MSE J 105 -49.92 -5.31 -3.52
CE MSE J 105 -48.55 -6.68 -3.79
N THR J 106 -50.24 -3.70 -8.37
CA THR J 106 -50.76 -3.27 -9.66
C THR J 106 -50.41 -1.82 -9.95
N GLN J 107 -49.76 -1.16 -8.98
CA GLN J 107 -48.92 -0.01 -9.28
C GLN J 107 -47.49 -0.44 -9.59
N VAL J 118 -34.55 0.24 -10.83
CA VAL J 118 -35.79 0.45 -10.10
C VAL J 118 -35.46 0.38 -8.63
N SER J 119 -35.88 1.39 -7.89
CA SER J 119 -35.67 1.40 -6.46
C SER J 119 -36.40 0.19 -5.90
N ALA J 120 -35.73 -0.59 -5.06
CA ALA J 120 -36.36 -1.75 -4.46
C ALA J 120 -37.59 -1.30 -3.67
N GLY J 121 -37.46 -0.13 -3.05
CA GLY J 121 -38.53 0.51 -2.27
C GLY J 121 -39.86 0.61 -3.01
N LEU J 122 -39.82 0.63 -4.35
CA LEU J 122 -41.03 0.71 -5.17
C LEU J 122 -41.79 -0.61 -5.22
N LEU J 123 -41.12 -1.67 -4.77
CA LEU J 123 -41.69 -3.02 -4.78
C LEU J 123 -41.98 -3.51 -3.35
N THR J 124 -41.25 -2.95 -2.41
CA THR J 124 -41.24 -3.35 -1.01
C THR J 124 -41.86 -2.40 0.02
N TYR J 125 -42.53 -1.36 -0.46
CA TYR J 125 -43.17 -0.42 0.44
C TYR J 125 -44.52 -0.94 0.98
N PRO J 126 -45.13 -1.91 0.32
CA PRO J 126 -46.41 -2.40 0.81
C PRO J 126 -46.35 -2.96 2.22
N PRO J 127 -45.23 -3.59 2.59
CA PRO J 127 -45.08 -4.12 3.94
C PRO J 127 -44.94 -2.99 4.95
N LEU J 128 -44.48 -1.83 4.48
CA LEU J 128 -44.33 -0.66 5.33
C LEU J 128 -45.71 -0.01 5.53
N MSE J 129 -46.48 0.05 4.45
CA MSE J 129 -47.82 0.60 4.49
C MSE J 129 -48.73 -0.27 5.36
O MSE J 129 -49.75 0.19 5.90
CB MSE J 129 -48.41 0.68 3.09
CG MSE J 129 -49.91 0.75 3.09
SE MSE J 129 -50.67 1.31 1.39
CE MSE J 129 -52.37 1.96 2.04
N ALA J 130 -48.36 -1.54 5.52
CA ALA J 130 -49.11 -2.49 6.34
C ALA J 130 -48.75 -2.42 7.82
N ALA J 131 -47.46 -2.26 8.10
CA ALA J 131 -47.01 -2.07 9.48
C ALA J 131 -47.60 -0.77 10.00
N ASP J 132 -47.66 0.23 9.12
CA ASP J 132 -48.23 1.55 9.44
C ASP J 132 -49.59 1.30 10.09
N ILE J 133 -50.43 0.56 9.37
CA ILE J 133 -51.78 0.21 9.81
C ILE J 133 -51.81 -0.71 11.04
N LEU J 134 -51.32 -1.93 10.91
CA LEU J 134 -51.36 -2.87 12.03
C LEU J 134 -50.78 -2.45 13.39
N LEU J 135 -49.74 -1.63 13.37
CA LEU J 135 -49.11 -1.20 14.62
C LEU J 135 -50.08 -0.55 15.61
N TYR J 136 -51.15 0.01 15.08
CA TYR J 136 -52.11 0.72 15.91
C TYR J 136 -53.43 0.00 16.11
N ASN J 137 -53.46 -1.29 15.76
CA ASN J 137 -54.67 -2.10 15.91
C ASN J 137 -55.85 -1.34 15.33
N THR J 138 -55.65 -0.76 14.14
CA THR J 138 -56.68 0.03 13.52
C THR J 138 -57.78 -0.83 12.92
N ASP J 139 -59.00 -0.32 13.04
CA ASP J 139 -60.20 -1.00 12.53
C ASP J 139 -60.56 -0.49 11.14
N ILE J 140 -60.35 0.80 10.91
CA ILE J 140 -60.75 1.43 9.66
C ILE J 140 -59.57 2.13 9.00
N VAL J 141 -59.34 1.83 7.73
CA VAL J 141 -58.46 2.64 6.89
C VAL J 141 -59.26 3.42 5.86
N PRO J 142 -59.26 4.74 6.00
CA PRO J 142 -59.96 5.61 5.04
C PRO J 142 -59.16 5.78 3.74
N VAL J 143 -59.36 4.87 2.80
CA VAL J 143 -58.67 4.92 1.52
C VAL J 143 -59.60 4.54 0.37
N GLY J 144 -59.29 5.05 -0.82
CA GLY J 144 -60.09 4.76 -2.00
C GLY J 144 -59.95 3.31 -2.44
N GLU J 145 -60.16 3.07 -3.73
CA GLU J 145 -60.01 1.73 -4.29
C GLU J 145 -58.65 1.57 -4.97
N ASP J 146 -58.05 2.69 -5.36
CA ASP J 146 -56.71 2.67 -5.96
C ASP J 146 -55.83 1.94 -4.96
N GLN J 147 -56.36 1.88 -3.73
CA GLN J 147 -55.74 1.31 -2.55
C GLN J 147 -56.31 -0.02 -2.06
N LYS J 148 -57.32 -0.56 -2.75
CA LYS J 148 -57.92 -1.82 -2.32
C LYS J 148 -56.97 -3.02 -2.25
N GLN J 149 -56.13 -3.16 -3.28
CA GLN J 149 -55.16 -4.25 -3.35
C GLN J 149 -54.20 -4.18 -2.17
N HIS J 150 -53.85 -2.96 -1.79
CA HIS J 150 -52.94 -2.74 -0.68
C HIS J 150 -53.52 -3.24 0.63
N ILE J 151 -54.81 -3.03 0.84
CA ILE J 151 -55.48 -3.46 2.07
C ILE J 151 -55.73 -4.97 2.10
N GLU J 152 -56.13 -5.50 0.96
CA GLU J 152 -56.40 -6.93 0.82
C GLU J 152 -55.16 -7.66 1.32
N LEU J 153 -54.02 -7.07 1.01
CA LEU J 153 -52.72 -7.61 1.39
C LEU J 153 -52.33 -7.39 2.85
N THR J 154 -52.58 -6.20 3.39
CA THR J 154 -52.26 -5.97 4.80
C THR J 154 -53.21 -6.79 5.67
N ARG J 155 -54.34 -7.18 5.07
CA ARG J 155 -55.33 -8.00 5.75
C ARG J 155 -54.87 -9.46 5.70
N ASP J 156 -54.17 -9.80 4.62
CA ASP J 156 -53.64 -11.16 4.42
C ASP J 156 -52.43 -11.40 5.33
N LEU J 157 -51.64 -10.35 5.54
CA LEU J 157 -50.47 -10.44 6.41
C LEU J 157 -50.88 -10.56 7.86
N ALA J 158 -51.94 -9.84 8.22
CA ALA J 158 -52.44 -9.87 9.59
C ALA J 158 -52.97 -11.27 9.87
N GLU J 159 -53.86 -11.73 9.00
CA GLU J 159 -54.46 -13.07 9.12
C GLU J 159 -53.40 -14.17 9.24
N ARG J 160 -52.41 -14.10 8.35
CA ARG J 160 -51.35 -15.11 8.31
C ARG J 160 -50.37 -15.05 9.49
N PHE J 161 -50.19 -13.87 10.07
CA PHE J 161 -49.31 -13.72 11.23
C PHE J 161 -50.06 -14.22 12.45
N ASN J 162 -51.34 -13.87 12.52
CA ASN J 162 -52.21 -14.26 13.63
C ASN J 162 -52.34 -15.77 13.77
N LYS J 163 -52.47 -16.45 12.63
CA LYS J 163 -52.59 -17.91 12.61
C LYS J 163 -51.31 -18.59 13.07
N ARG J 164 -50.19 -17.99 12.72
CA ARG J 164 -48.88 -18.54 13.07
C ARG J 164 -48.54 -18.31 14.54
N TYR J 165 -48.55 -17.06 14.97
CA TYR J 165 -48.14 -16.71 16.32
C TYR J 165 -49.34 -16.46 17.22
N GLY J 166 -50.52 -16.45 16.62
CA GLY J 166 -51.76 -16.25 17.36
C GLY J 166 -52.20 -14.79 17.36
N GLU J 167 -53.26 -14.50 18.12
CA GLU J 167 -54.06 -13.31 17.88
C GLU J 167 -53.36 -12.06 18.41
N LEU J 168 -52.82 -11.27 17.49
CA LEU J 168 -52.06 -10.08 17.87
C LEU J 168 -52.57 -8.85 17.11
N PHE J 169 -53.27 -9.08 16.01
CA PHE J 169 -53.61 -8.01 15.09
C PHE J 169 -55.13 -7.92 14.89
N THR J 170 -55.64 -6.69 14.82
CA THR J 170 -56.96 -6.45 14.25
C THR J 170 -56.88 -6.41 12.73
N ILE J 171 -57.82 -7.10 12.08
CA ILE J 171 -57.89 -7.12 10.63
C ILE J 171 -58.56 -5.83 10.23
N PRO J 172 -57.84 -4.99 9.50
CA PRO J 172 -58.38 -3.70 9.11
C PRO J 172 -59.41 -3.85 8.02
N GLU J 173 -60.21 -2.80 7.85
CA GLU J 173 -61.26 -2.74 6.84
C GLU J 173 -61.11 -1.41 6.12
N ALA J 174 -61.19 -1.45 4.79
CA ALA J 174 -61.07 -0.21 3.99
C ALA J 174 -62.36 0.49 3.72
N ARG J 175 -62.52 1.66 4.32
CA ARG J 175 -63.73 2.49 4.16
C ARG J 175 -63.57 3.87 4.66
N ILE J 176 -64.01 4.84 3.85
CA ILE J 176 -63.98 6.25 4.26
C ILE J 176 -65.33 6.52 4.88
N PRO J 177 -65.36 6.67 6.21
CA PRO J 177 -66.64 6.96 6.85
C PRO J 177 -67.18 8.26 6.28
N LYS J 178 -68.38 8.21 5.71
CA LYS J 178 -69.06 9.40 5.17
C LYS J 178 -68.39 10.05 3.94
N VAL J 179 -67.96 9.21 3.01
CA VAL J 179 -67.33 9.66 1.76
C VAL J 179 -68.08 10.86 1.21
N GLY J 180 -67.36 11.81 0.63
CA GLY J 180 -68.00 12.97 0.03
C GLY J 180 -68.14 12.65 -1.45
N ALA J 181 -68.61 13.62 -2.21
CA ALA J 181 -68.78 13.41 -3.64
C ALA J 181 -67.42 13.20 -4.28
N ARG J 182 -67.39 12.58 -5.45
CA ARG J 182 -66.14 12.39 -6.16
C ARG J 182 -65.92 13.64 -7.01
N ILE J 183 -64.80 14.31 -6.77
CA ILE J 183 -64.49 15.58 -7.43
C ILE J 183 -63.67 15.39 -8.71
N MSE J 184 -64.23 15.79 -9.84
CA MSE J 184 -63.56 15.65 -11.12
C MSE J 184 -62.72 16.88 -11.47
O MSE J 184 -62.87 17.94 -10.87
CB MSE J 184 -64.55 15.37 -12.23
CG MSE J 184 -65.65 14.38 -11.90
SE MSE J 184 -64.98 12.60 -11.50
CE MSE J 184 -66.27 12.10 -10.18
N SER J 185 -61.83 16.73 -12.45
CA SER J 185 -60.99 17.82 -12.89
C SER J 185 -61.80 18.93 -13.55
N LEU J 186 -61.28 20.15 -13.49
CA LEU J 186 -61.97 21.30 -14.09
C LEU J 186 -61.59 21.46 -15.56
N VAL J 187 -60.35 21.10 -15.89
CA VAL J 187 -59.90 21.09 -17.28
C VAL J 187 -60.36 19.82 -18.00
N ASP J 188 -60.27 18.70 -17.31
CA ASP J 188 -61.16 17.57 -17.59
C ASP J 188 -62.12 17.32 -16.43
N PRO J 189 -63.41 17.47 -16.71
CA PRO J 189 -64.45 17.07 -15.76
C PRO J 189 -64.50 15.55 -15.58
N THR J 190 -63.93 14.83 -16.53
CA THR J 190 -64.09 13.38 -16.58
C THR J 190 -62.95 12.67 -15.84
N LYS J 191 -61.82 13.35 -15.72
CA LYS J 191 -60.76 12.93 -14.80
C LYS J 191 -61.13 13.26 -13.36
N LYS J 192 -60.65 12.44 -12.43
CA LYS J 192 -60.71 12.78 -11.01
C LYS J 192 -59.72 13.90 -10.74
N MSE J 193 -60.09 14.82 -9.85
CA MSE J 193 -59.21 15.94 -9.52
C MSE J 193 -57.96 15.39 -8.84
O MSE J 193 -58.05 14.58 -7.92
CB MSE J 193 -59.91 16.96 -8.65
CG MSE J 193 -59.20 18.28 -8.47
SE MSE J 193 -60.09 19.48 -7.22
CE MSE J 193 -61.06 20.54 -8.50
N SER J 194 -56.80 15.83 -9.30
CA SER J 194 -55.54 15.36 -8.75
C SER J 194 -54.50 16.48 -8.66
N LYS J 195 -53.86 16.60 -7.51
CA LYS J 195 -52.83 17.61 -7.31
C LYS J 195 -51.64 17.30 -8.23
N SER J 196 -51.66 16.11 -8.81
CA SER J 196 -50.60 15.67 -9.71
C SER J 196 -50.92 16.00 -11.16
N ASP J 197 -52.03 16.70 -11.38
CA ASP J 197 -52.41 17.08 -12.74
C ASP J 197 -51.34 18.02 -13.30
N PRO J 198 -50.99 17.81 -14.56
CA PRO J 198 -49.99 18.64 -15.22
C PRO J 198 -50.60 20.01 -15.48
N ASN J 199 -51.93 20.03 -15.63
CA ASN J 199 -52.68 21.27 -15.83
C ASN J 199 -53.11 21.83 -14.49
N PRO J 200 -52.36 22.83 -14.00
CA PRO J 200 -52.67 23.43 -12.71
C PRO J 200 -54.04 24.09 -12.65
N LYS J 201 -54.76 24.04 -13.78
CA LYS J 201 -56.12 24.58 -13.85
C LYS J 201 -57.14 23.50 -13.51
N ALA J 202 -56.66 22.26 -13.39
CA ALA J 202 -57.52 21.11 -13.13
C ALA J 202 -57.98 20.95 -11.68
N TYR J 203 -57.28 21.60 -10.76
CA TYR J 203 -57.60 21.46 -9.34
C TYR J 203 -57.54 22.79 -8.62
N ILE J 204 -58.10 22.81 -7.42
CA ILE J 204 -58.00 23.99 -6.57
C ILE J 204 -57.36 23.52 -5.29
N THR J 205 -56.22 24.13 -4.96
CA THR J 205 -55.45 23.81 -3.77
C THR J 205 -56.03 24.60 -2.61
N LEU J 206 -56.14 23.95 -1.46
CA LEU J 206 -56.65 24.60 -0.26
C LEU J 206 -55.91 25.90 0.00
N LEU J 207 -54.78 26.06 -0.67
CA LEU J 207 -53.93 27.25 -0.50
C LEU J 207 -53.94 28.19 -1.68
N ASP J 208 -54.81 27.94 -2.65
CA ASP J 208 -54.90 28.83 -3.80
C ASP J 208 -55.48 30.15 -3.30
N ASP J 209 -55.03 31.28 -3.87
CA ASP J 209 -55.51 32.60 -3.48
C ASP J 209 -56.81 32.89 -4.21
N ALA J 210 -57.53 33.89 -3.73
CA ALA J 210 -58.81 34.31 -4.30
C ALA J 210 -58.80 34.56 -5.80
N LYS J 211 -57.74 35.19 -6.29
CA LYS J 211 -57.64 35.49 -7.72
C LYS J 211 -57.61 34.20 -8.53
N THR J 212 -56.81 33.24 -8.06
CA THR J 212 -56.66 31.94 -8.70
C THR J 212 -57.94 31.11 -8.65
N ILE J 213 -58.51 30.99 -7.46
CA ILE J 213 -59.75 30.22 -7.27
C ILE J 213 -60.79 30.67 -8.28
N GLU J 214 -60.88 31.99 -8.41
CA GLU J 214 -61.83 32.61 -9.32
C GLU J 214 -61.58 32.30 -10.79
N LYS J 215 -60.33 32.47 -11.22
CA LYS J 215 -60.00 32.23 -12.62
C LYS J 215 -60.27 30.77 -12.94
N LYS J 216 -59.66 29.91 -12.14
CA LYS J 216 -59.82 28.47 -12.28
C LYS J 216 -61.29 28.07 -12.36
N ILE J 217 -62.15 28.80 -11.65
CA ILE J 217 -63.58 28.51 -11.67
C ILE J 217 -64.31 29.08 -12.88
N LYS J 218 -63.83 30.22 -13.35
CA LYS J 218 -64.42 30.87 -14.53
C LYS J 218 -64.11 30.04 -15.76
N SER J 219 -62.95 29.40 -15.72
CA SER J 219 -62.47 28.58 -16.83
C SER J 219 -62.93 27.12 -16.75
N SER J 224 -72.79 23.54 -23.72
CA SER J 224 -73.56 24.52 -24.49
C SER J 224 -75.06 24.55 -24.19
N GLU J 225 -75.48 23.81 -23.18
CA GLU J 225 -76.91 23.78 -22.83
C GLU J 225 -77.39 25.00 -22.04
N GLY J 226 -76.51 25.53 -21.18
CA GLY J 226 -76.85 26.70 -20.38
C GLY J 226 -77.83 26.44 -19.26
N THR J 227 -78.15 25.16 -19.01
CA THR J 227 -79.07 24.81 -17.93
C THR J 227 -78.32 24.11 -16.78
N ILE J 228 -78.64 24.54 -15.56
CA ILE J 228 -77.98 24.00 -14.37
C ILE J 228 -78.75 22.88 -13.74
N ARG J 229 -78.39 21.66 -14.13
CA ARG J 229 -79.04 20.46 -13.62
C ARG J 229 -78.02 19.33 -13.54
N TYR J 230 -78.20 18.43 -12.57
CA TYR J 230 -77.28 17.32 -12.37
C TYR J 230 -77.61 16.17 -13.31
N GLY J 237 -69.29 18.35 -16.55
CA GLY J 237 -68.65 19.52 -15.93
C GLY J 237 -69.58 20.27 -14.97
N ILE J 238 -70.82 20.46 -15.39
CA ILE J 238 -71.81 21.17 -14.58
C ILE J 238 -72.17 20.42 -13.30
N SER J 239 -72.37 19.11 -13.40
CA SER J 239 -72.71 18.30 -12.22
C SER J 239 -71.55 18.22 -11.24
N ASN J 240 -70.33 18.43 -11.71
CA ASN J 240 -69.17 18.44 -10.84
C ASN J 240 -69.21 19.75 -10.09
N LEU J 241 -69.49 20.83 -10.83
CA LEU J 241 -69.60 22.17 -10.24
C LEU J 241 -70.67 22.19 -9.15
N LEU J 242 -71.71 21.40 -9.36
CA LEU J 242 -72.82 21.30 -8.40
C LEU J 242 -72.42 20.58 -7.12
N ASN J 243 -71.57 19.56 -7.26
CA ASN J 243 -71.11 18.80 -6.10
C ASN J 243 -70.24 19.70 -5.23
N ILE J 244 -69.31 20.39 -5.88
CA ILE J 244 -68.41 21.30 -5.18
C ILE J 244 -69.22 22.34 -4.41
N TYR J 245 -70.18 22.91 -5.11
CA TYR J 245 -71.05 23.95 -4.55
C TYR J 245 -71.87 23.38 -3.38
N SER J 246 -72.57 22.30 -3.64
CA SER J 246 -73.44 21.66 -2.65
C SER J 246 -72.76 21.33 -1.33
N THR J 247 -71.63 20.62 -1.39
CA THR J 247 -70.91 20.23 -0.19
C THR J 247 -70.33 21.43 0.56
N LEU J 248 -69.80 22.39 -0.17
CA LEU J 248 -69.20 23.59 0.41
C LEU J 248 -70.19 24.56 1.04
N SER J 249 -71.37 24.67 0.43
CA SER J 249 -72.41 25.58 0.90
C SER J 249 -73.38 24.97 1.90
N GLY J 250 -73.56 23.66 1.84
CA GLY J 250 -74.48 22.98 2.73
C GLY J 250 -75.87 22.82 2.11
N GLN J 251 -76.13 23.56 1.04
CA GLN J 251 -77.40 23.45 0.35
C GLN J 251 -77.39 22.13 -0.41
N SER J 252 -78.56 21.62 -0.73
CA SER J 252 -78.65 20.37 -1.47
C SER J 252 -78.61 20.71 -2.95
N ILE J 253 -78.42 19.69 -3.78
CA ILE J 253 -78.33 19.87 -5.23
C ILE J 253 -79.66 20.28 -5.86
N GLU J 254 -80.76 19.82 -5.29
CA GLU J 254 -82.09 20.17 -5.80
C GLU J 254 -82.35 21.62 -5.46
N GLU J 255 -81.94 22.03 -4.27
CA GLU J 255 -82.15 23.39 -3.80
C GLU J 255 -81.35 24.39 -4.63
N LEU J 256 -80.29 23.92 -5.27
CA LEU J 256 -79.49 24.75 -6.16
C LEU J 256 -80.01 24.68 -7.59
N GLU J 257 -80.72 23.61 -7.91
CA GLU J 257 -81.40 23.49 -9.19
C GLU J 257 -82.65 24.37 -9.22
N ARG J 258 -83.35 24.44 -8.10
CA ARG J 258 -84.47 25.37 -7.94
C ARG J 258 -83.97 26.79 -7.68
N GLN J 259 -82.88 26.90 -6.93
CA GLN J 259 -82.23 28.19 -6.69
C GLN J 259 -81.80 28.84 -8.00
N TYR J 260 -81.70 28.02 -9.05
CA TYR J 260 -81.27 28.51 -10.36
C TYR J 260 -82.23 28.05 -11.45
N GLU J 261 -83.41 28.67 -11.50
CA GLU J 261 -84.48 28.23 -12.38
C GLU J 261 -84.19 28.61 -13.83
N GLY J 262 -83.94 29.89 -14.06
CA GLY J 262 -83.86 30.42 -15.41
C GLY J 262 -82.44 30.75 -15.82
N LYS J 263 -81.48 30.20 -15.09
CA LYS J 263 -80.18 30.84 -14.92
C LYS J 263 -79.08 30.08 -15.66
N GLY J 264 -78.00 30.78 -15.99
CA GLY J 264 -76.92 30.19 -16.75
C GLY J 264 -75.64 30.11 -15.94
N TYR J 265 -74.54 29.77 -16.62
CA TYR J 265 -73.31 29.37 -15.94
C TYR J 265 -72.46 30.50 -15.36
N GLY J 266 -72.44 31.64 -16.04
CA GLY J 266 -71.62 32.76 -15.61
C GLY J 266 -71.89 33.17 -14.15
N VAL J 267 -73.17 33.29 -13.81
CA VAL J 267 -73.60 33.69 -12.46
C VAL J 267 -73.47 32.51 -11.50
N PHE J 268 -73.53 31.30 -12.03
CA PHE J 268 -73.39 30.10 -11.22
C PHE J 268 -71.92 30.01 -10.80
N LYS J 269 -71.04 30.18 -11.77
CA LYS J 269 -69.60 30.17 -11.54
C LYS J 269 -69.20 31.33 -10.62
N ALA J 270 -69.84 32.47 -10.82
CA ALA J 270 -69.55 33.66 -10.02
C ALA J 270 -69.83 33.42 -8.53
N ASP J 271 -70.98 32.83 -8.25
CA ASP J 271 -71.38 32.52 -6.88
C ASP J 271 -70.54 31.40 -6.28
N LEU J 272 -70.23 30.40 -7.10
CA LEU J 272 -69.43 29.26 -6.66
C LEU J 272 -68.01 29.66 -6.23
N ALA J 273 -67.39 30.54 -7.01
CA ALA J 273 -66.05 31.02 -6.68
C ALA J 273 -66.05 31.76 -5.35
N GLN J 274 -67.20 32.31 -4.99
CA GLN J 274 -67.34 33.04 -3.74
C GLN J 274 -67.47 32.11 -2.52
N VAL J 275 -68.14 30.98 -2.69
CA VAL J 275 -68.30 30.03 -1.59
C VAL J 275 -66.99 29.26 -1.36
N VAL J 276 -66.17 29.19 -2.41
CA VAL J 276 -64.87 28.52 -2.34
C VAL J 276 -63.85 29.46 -1.70
N ILE J 277 -63.88 30.73 -2.11
CA ILE J 277 -62.97 31.72 -1.54
C ILE J 277 -63.33 31.83 -0.06
N GLU J 278 -64.62 31.86 0.22
CA GLU J 278 -65.11 31.97 1.58
C GLU J 278 -64.82 30.73 2.44
N THR J 279 -64.75 29.57 1.79
CA THR J 279 -64.45 28.32 2.50
C THR J 279 -62.97 28.20 2.85
N LEU J 280 -62.11 28.65 1.93
CA LEU J 280 -60.66 28.58 2.09
C LEU J 280 -60.04 29.69 2.91
N ARG J 281 -60.74 30.81 2.99
CA ARG J 281 -60.27 31.98 3.73
C ARG J 281 -59.77 31.68 5.14
N PRO J 282 -60.67 31.21 6.01
CA PRO J 282 -60.32 30.90 7.39
C PRO J 282 -59.24 29.83 7.50
N ILE J 283 -59.31 28.85 6.61
CA ILE J 283 -58.36 27.75 6.57
C ILE J 283 -56.93 28.25 6.30
N GLN J 284 -56.82 29.21 5.39
CA GLN J 284 -55.51 29.78 5.06
C GLN J 284 -55.04 30.69 6.18
N GLU J 285 -56.00 31.30 6.86
CA GLU J 285 -55.71 32.19 7.98
C GLU J 285 -54.99 31.38 9.05
N ARG J 286 -55.62 30.29 9.46
CA ARG J 286 -55.09 29.40 10.49
C ARG J 286 -53.80 28.68 10.08
N TYR J 287 -53.68 28.40 8.79
CA TYR J 287 -52.52 27.71 8.26
C TYR J 287 -51.27 28.55 8.49
N HIS J 288 -51.37 29.84 8.20
CA HIS J 288 -50.24 30.74 8.37
C HIS J 288 -49.85 30.88 9.83
N HIS J 289 -50.83 30.92 10.71
CA HIS J 289 -50.55 31.02 12.14
C HIS J 289 -49.77 29.81 12.62
N TRP J 290 -50.10 28.64 12.07
CA TRP J 290 -49.43 27.39 12.40
C TRP J 290 -48.00 27.39 11.83
N MSE J 291 -47.90 27.82 10.58
CA MSE J 291 -46.62 27.89 9.88
C MSE J 291 -45.59 28.77 10.60
O MSE J 291 -44.41 28.42 10.67
CB MSE J 291 -46.76 28.29 8.43
CG MSE J 291 -47.13 27.21 7.45
SE MSE J 291 -46.06 25.60 7.52
CE MSE J 291 -44.92 25.90 6.01
N GLU J 292 -46.04 29.90 11.13
CA GLU J 292 -45.12 30.79 11.84
C GLU J 292 -45.17 30.57 13.35
N SER J 293 -46.03 29.65 13.79
CA SER J 293 -46.06 29.23 15.19
C SER J 293 -44.95 28.22 15.48
N GLU J 294 -44.63 28.05 16.76
CA GLU J 294 -43.80 26.94 17.20
C GLU J 294 -44.57 25.81 17.86
N GLU J 295 -45.79 26.12 18.29
CA GLU J 295 -46.67 25.11 18.88
C GLU J 295 -46.86 24.00 17.86
N LEU J 296 -46.49 24.28 16.61
CA LEU J 296 -46.56 23.28 15.55
C LEU J 296 -45.66 22.08 15.86
N ASP J 297 -44.40 22.37 16.15
CA ASP J 297 -43.41 21.33 16.48
C ASP J 297 -43.84 20.56 17.72
N ARG J 298 -44.46 21.27 18.66
CA ARG J 298 -44.91 20.64 19.89
C ARG J 298 -46.08 19.69 19.69
N VAL J 299 -46.94 20.02 18.73
CA VAL J 299 -48.09 19.19 18.39
C VAL J 299 -47.59 17.88 17.74
N LEU J 300 -46.50 18.02 16.99
CA LEU J 300 -45.89 16.89 16.29
C LEU J 300 -45.02 16.07 17.23
N ASP J 301 -44.53 16.71 18.29
CA ASP J 301 -43.69 16.03 19.27
C ASP J 301 -44.56 15.11 20.14
N GLU J 302 -45.73 15.61 20.52
CA GLU J 302 -46.65 14.82 21.32
C GLU J 302 -47.24 13.71 20.46
N GLY J 303 -47.39 13.99 19.17
CA GLY J 303 -47.90 13.01 18.22
C GLY J 303 -46.97 11.81 18.16
N ALA J 304 -45.69 12.07 17.91
CA ALA J 304 -44.68 11.01 17.85
C ALA J 304 -44.60 10.22 19.16
N GLU J 305 -44.71 10.96 20.26
CA GLU J 305 -44.68 10.39 21.61
C GLU J 305 -45.86 9.42 21.83
N LYS J 306 -47.05 9.91 21.50
CA LYS J 306 -48.27 9.12 21.64
C LYS J 306 -48.22 7.90 20.73
N ALA J 307 -47.80 8.12 19.49
CA ALA J 307 -47.68 7.05 18.52
C ALA J 307 -46.64 6.01 18.98
N ASN J 308 -45.46 6.51 19.32
CA ASN J 308 -44.34 5.66 19.78
C ASN J 308 -44.77 4.68 20.86
N ARG J 309 -45.47 5.21 21.86
CA ARG J 309 -45.93 4.41 22.99
C ARG J 309 -46.77 3.23 22.55
N VAL J 310 -47.67 3.46 21.61
CA VAL J 310 -48.53 2.40 21.09
C VAL J 310 -47.74 1.46 20.16
N ALA J 311 -47.12 2.06 19.15
CA ALA J 311 -46.33 1.32 18.17
C ALA J 311 -45.22 0.49 18.80
N SER J 312 -44.52 1.08 19.75
CA SER J 312 -43.43 0.40 20.46
C SER J 312 -43.91 -0.82 21.26
N GLU J 313 -45.13 -0.75 21.78
CA GLU J 313 -45.69 -1.84 22.55
C GLU J 313 -46.04 -3.01 21.63
N MSE J 314 -46.63 -2.68 20.48
CA MSE J 314 -47.00 -3.68 19.49
C MSE J 314 -45.77 -4.38 18.91
O MSE J 314 -45.78 -5.58 18.64
CB MSE J 314 -47.80 -3.05 18.36
CG MSE J 314 -48.11 -3.95 17.20
SE MSE J 314 -49.13 -5.52 17.71
CE MSE J 314 -50.90 -4.82 17.43
N VAL J 315 -44.70 -3.60 18.72
CA VAL J 315 -43.44 -4.12 18.21
C VAL J 315 -42.92 -5.18 19.18
N ARG J 316 -42.87 -4.79 20.46
CA ARG J 316 -42.38 -5.67 21.52
C ARG J 316 -43.17 -6.98 21.56
N LYS J 317 -44.45 -6.88 21.23
CA LYS J 317 -45.35 -8.02 21.21
C LYS J 317 -45.08 -8.92 20.00
N MSE J 318 -44.68 -8.29 18.91
CA MSE J 318 -44.39 -8.99 17.66
C MSE J 318 -43.05 -9.72 17.78
O MSE J 318 -42.88 -10.85 17.30
CB MSE J 318 -44.26 -8.01 16.53
CG MSE J 318 -45.53 -7.55 15.87
SE MSE J 318 -45.23 -6.03 14.69
CE MSE J 318 -44.92 -6.98 13.05
N GLU J 319 -42.09 -9.05 18.40
CA GLU J 319 -40.76 -9.61 18.59
C GLU J 319 -40.83 -10.82 19.50
N GLN J 320 -41.59 -10.66 20.59
CA GLN J 320 -41.76 -11.71 21.58
C GLN J 320 -42.39 -12.96 20.96
N ALA J 321 -43.24 -12.76 19.97
CA ALA J 321 -43.91 -13.85 19.28
C ALA J 321 -42.97 -14.53 18.29
N MSE J 322 -42.13 -13.73 17.65
CA MSE J 322 -41.19 -14.24 16.67
C MSE J 322 -39.94 -14.82 17.32
O MSE J 322 -39.29 -15.71 16.78
CB MSE J 322 -40.87 -13.17 15.65
CG MSE J 322 -42.08 -12.62 14.94
SE MSE J 322 -41.72 -11.78 13.22
CE MSE J 322 -40.82 -13.22 12.33
N GLY J 323 -39.61 -14.31 18.51
CA GLY J 323 -38.44 -14.79 19.25
C GLY J 323 -37.26 -13.83 19.13
N LEU J 324 -37.54 -12.56 18.86
CA LEU J 324 -36.49 -11.55 18.71
C LEU J 324 -36.03 -11.00 20.05
N GLY J 325 -34.72 -10.87 20.21
CA GLY J 325 -34.13 -10.34 21.43
C GLY J 325 -34.49 -11.15 22.68
N ARG J 326 -35.00 -10.45 23.70
CA ARG J 326 -35.35 -11.09 24.97
C ARG J 326 -36.67 -10.56 25.51
N MSE K 1 -13.22 -39.79 29.64
CA MSE K 1 -13.84 -41.08 29.90
C MSE K 1 -13.10 -41.84 30.99
O MSE K 1 -11.93 -41.56 31.25
CB MSE K 1 -13.85 -41.94 28.65
CG MSE K 1 -14.99 -41.78 27.69
SE MSE K 1 -14.61 -42.51 25.92
CE MSE K 1 -12.87 -41.74 25.67
N LYS K 2 -13.76 -42.80 31.61
CA LYS K 2 -13.13 -43.61 32.64
C LYS K 2 -12.24 -44.64 31.95
N THR K 3 -11.10 -44.95 32.57
CA THR K 3 -10.19 -45.92 32.02
C THR K 3 -10.48 -47.31 32.57
N ILE K 4 -10.49 -48.29 31.68
CA ILE K 4 -10.68 -49.68 32.08
C ILE K 4 -9.41 -50.41 31.64
N PHE K 5 -8.84 -51.19 32.55
CA PHE K 5 -7.64 -51.95 32.23
C PHE K 5 -7.88 -53.44 32.40
N SER K 6 -7.53 -54.20 31.37
CA SER K 6 -7.68 -55.64 31.39
C SER K 6 -6.41 -56.34 30.91
N GLY K 7 -5.90 -57.22 31.75
CA GLY K 7 -4.71 -57.99 31.41
C GLY K 7 -5.13 -59.43 31.16
N ILE K 8 -4.75 -59.93 29.99
CA ILE K 8 -5.06 -61.30 29.61
C ILE K 8 -3.82 -62.19 29.52
N GLN K 9 -3.92 -63.36 30.13
CA GLN K 9 -2.84 -64.32 30.06
C GLN K 9 -2.87 -64.86 28.64
N THR K 15 -12.91 -70.14 26.22
CA THR K 15 -14.21 -70.78 26.34
C THR K 15 -15.34 -69.78 26.12
N ILE K 16 -16.48 -70.28 25.64
CA ILE K 16 -17.67 -69.45 25.49
C ILE K 16 -18.07 -68.83 26.83
N GLY K 17 -17.65 -69.44 27.92
CA GLY K 17 -17.91 -68.91 29.24
C GLY K 17 -17.32 -67.52 29.44
N ASN K 18 -16.20 -67.27 28.79
CA ASN K 18 -15.61 -65.93 28.78
C ASN K 18 -16.35 -64.98 27.86
N TYR K 19 -16.77 -65.49 26.70
CA TYR K 19 -17.42 -64.67 25.69
C TYR K 19 -18.84 -64.30 26.12
N ILE K 20 -19.37 -65.04 27.08
CA ILE K 20 -20.59 -64.62 27.79
C ILE K 20 -20.26 -63.71 28.97
N GLY K 21 -19.17 -64.03 29.67
CA GLY K 21 -18.92 -63.47 30.98
C GLY K 21 -18.47 -62.03 30.93
N ALA K 22 -17.24 -61.81 30.49
CA ALA K 22 -16.59 -60.52 30.65
C ALA K 22 -16.27 -59.88 29.30
N LEU K 23 -15.95 -60.72 28.32
CA LEU K 23 -15.25 -60.28 27.13
C LEU K 23 -16.17 -59.48 26.21
N ARG K 24 -17.34 -60.04 25.92
CA ARG K 24 -18.12 -59.62 24.76
C ARG K 24 -18.74 -58.25 24.99
N GLN K 25 -19.01 -57.92 26.25
CA GLN K 25 -19.66 -56.66 26.60
C GLN K 25 -18.67 -55.50 26.56
N PHE K 26 -17.40 -55.83 26.36
CA PHE K 26 -16.40 -54.81 26.05
C PHE K 26 -16.47 -54.39 24.59
N VAL K 27 -17.11 -55.21 23.78
CA VAL K 27 -17.42 -54.84 22.41
C VAL K 27 -18.15 -53.51 22.35
N GLU K 28 -19.12 -53.33 23.24
CA GLU K 28 -19.93 -52.12 23.26
C GLU K 28 -19.61 -51.26 24.50
N LEU K 29 -18.86 -51.84 25.43
CA LEU K 29 -18.28 -51.09 26.52
C LEU K 29 -17.12 -50.21 26.03
N GLN K 30 -16.49 -50.64 24.95
CA GLN K 30 -15.30 -49.97 24.45
C GLN K 30 -15.63 -48.63 23.82
N HIS K 31 -16.93 -48.36 23.67
CA HIS K 31 -17.39 -47.13 23.03
C HIS K 31 -17.57 -46.02 24.06
N GLU K 32 -17.84 -46.41 25.30
CA GLU K 32 -18.11 -45.45 26.36
C GLU K 32 -17.03 -45.35 27.43
N TYR K 33 -15.97 -46.15 27.26
CA TYR K 33 -14.82 -46.11 28.16
C TYR K 33 -13.52 -46.11 27.39
N ASN K 34 -12.44 -45.80 28.08
CA ASN K 34 -11.11 -45.86 27.52
C ASN K 34 -10.55 -47.22 27.98
N CYS K 35 -10.55 -48.19 27.07
CA CYS K 35 -10.12 -49.55 27.41
C CYS K 35 -8.75 -49.98 26.91
N TYR K 36 -8.01 -50.64 27.80
CA TYR K 36 -6.72 -51.22 27.48
C TYR K 36 -6.87 -52.73 27.62
N PHE K 37 -6.36 -53.45 26.64
CA PHE K 37 -6.39 -54.91 26.65
C PHE K 37 -4.95 -55.35 26.51
N CYS K 38 -4.34 -55.67 27.64
CA CYS K 38 -2.93 -56.01 27.72
C CYS K 38 -2.68 -57.52 27.76
N ILE K 39 -1.90 -58.01 26.80
CA ILE K 39 -1.52 -59.42 26.78
C ILE K 39 -0.27 -59.49 27.65
N VAL K 40 -0.47 -60.00 28.86
CA VAL K 40 0.58 -60.05 29.87
C VAL K 40 1.52 -61.25 29.72
N ASP K 41 2.41 -61.18 28.73
CA ASP K 41 3.37 -62.25 28.44
C ASP K 41 4.49 -62.29 29.49
N GLN K 42 4.67 -61.19 30.20
CA GLN K 42 5.70 -61.12 31.23
C GLN K 42 5.23 -61.78 32.51
N HIS K 43 3.92 -61.79 32.69
CA HIS K 43 3.30 -62.45 33.83
C HIS K 43 3.31 -63.95 33.53
N ALA K 44 3.20 -64.25 32.24
CA ALA K 44 3.18 -65.62 31.75
C ALA K 44 4.42 -66.43 32.09
N ILE K 45 5.59 -65.78 32.08
CA ILE K 45 6.84 -66.45 32.37
C ILE K 45 7.16 -66.70 33.85
N THR K 46 6.18 -66.50 34.72
CA THR K 46 6.35 -66.77 36.15
C THR K 46 6.23 -68.28 36.30
N VAL K 47 5.86 -68.93 35.21
CA VAL K 47 5.73 -70.39 35.16
C VAL K 47 6.39 -70.90 33.88
N TRP K 48 6.67 -72.19 33.88
CA TRP K 48 7.29 -72.82 32.72
C TRP K 48 6.50 -72.53 31.46
N GLN K 49 7.20 -72.10 30.42
CA GLN K 49 6.60 -71.82 29.13
C GLN K 49 7.50 -72.39 28.06
N ASP K 50 6.89 -72.82 26.96
CA ASP K 50 7.65 -73.26 25.81
C ASP K 50 7.63 -72.03 24.92
N PRO K 51 8.81 -71.47 24.66
CA PRO K 51 8.96 -70.25 23.86
C PRO K 51 8.09 -70.19 22.61
N HIS K 52 8.00 -71.31 21.90
CA HIS K 52 7.22 -71.38 20.66
C HIS K 52 5.73 -71.28 20.90
N GLU K 53 5.24 -72.08 21.84
CA GLU K 53 3.82 -72.07 22.17
C GLU K 53 3.43 -70.72 22.78
N LEU K 54 4.33 -70.15 23.58
CA LEU K 54 4.07 -68.84 24.19
C LEU K 54 3.90 -67.80 23.09
N ARG K 55 4.91 -67.70 22.23
CA ARG K 55 4.92 -66.76 21.12
C ARG K 55 3.67 -66.92 20.27
N GLN K 56 3.24 -68.17 20.10
CA GLN K 56 2.04 -68.46 19.31
C GLN K 56 0.77 -68.04 20.03
N ASN K 57 0.69 -68.38 21.31
CA ASN K 57 -0.47 -68.04 22.13
C ASN K 57 -0.72 -66.53 22.20
N ILE K 58 0.36 -65.76 22.12
CA ILE K 58 0.24 -64.30 22.15
C ILE K 58 -0.55 -63.81 20.95
N ARG K 59 -0.14 -64.28 19.78
CA ARG K 59 -0.78 -63.91 18.51
C ARG K 59 -2.24 -64.32 18.44
N ARG K 60 -2.50 -65.59 18.74
CA ARG K 60 -3.86 -66.14 18.71
C ARG K 60 -4.81 -65.31 19.55
N LEU K 61 -4.35 -64.94 20.75
CA LEU K 61 -5.16 -64.14 21.65
C LEU K 61 -5.49 -62.78 21.06
N ALA K 62 -4.49 -62.13 20.48
CA ALA K 62 -4.69 -60.82 19.87
C ALA K 62 -5.77 -60.93 18.80
N ALA K 63 -5.54 -61.80 17.83
CA ALA K 63 -6.48 -62.04 16.73
C ALA K 63 -7.85 -62.51 17.23
N LEU K 64 -7.87 -63.07 18.43
CA LEU K 64 -9.09 -63.57 19.04
C LEU K 64 -9.94 -62.44 19.62
N TYR K 65 -9.26 -61.45 20.18
CA TYR K 65 -9.91 -60.29 20.77
C TYR K 65 -10.39 -59.37 19.67
N LEU K 66 -9.66 -59.36 18.56
CA LEU K 66 -10.01 -58.57 17.40
C LEU K 66 -11.16 -59.27 16.70
N ALA K 67 -11.01 -60.59 16.59
CA ALA K 67 -12.02 -61.42 15.97
C ALA K 67 -13.34 -61.34 16.73
N VAL K 68 -13.29 -60.94 18.00
CA VAL K 68 -14.51 -60.85 18.77
C VAL K 68 -15.27 -59.54 18.54
N GLY K 69 -14.56 -58.53 18.06
CA GLY K 69 -15.17 -57.23 17.78
C GLY K 69 -14.38 -56.10 18.45
N ILE K 70 -13.27 -56.45 19.11
CA ILE K 70 -12.47 -55.45 19.79
C ILE K 70 -11.90 -54.51 18.73
N ASP K 71 -12.13 -53.22 18.95
CA ASP K 71 -11.78 -52.20 17.98
C ASP K 71 -10.58 -51.29 18.35
N PRO K 72 -9.49 -51.48 17.63
CA PRO K 72 -8.26 -50.70 17.82
C PRO K 72 -8.41 -49.20 17.54
N THR K 73 -9.44 -48.84 16.78
CA THR K 73 -9.74 -47.44 16.52
C THR K 73 -10.20 -46.93 17.88
N GLN K 74 -10.98 -47.81 18.50
CA GLN K 74 -11.63 -47.59 19.79
C GLN K 74 -10.76 -47.90 21.00
N ALA K 75 -10.23 -49.11 21.07
CA ALA K 75 -9.44 -49.53 22.24
C ALA K 75 -7.94 -49.64 21.99
N THR K 76 -7.21 -49.92 23.06
CA THR K 76 -5.76 -50.11 23.01
C THR K 76 -5.45 -51.56 23.29
N LEU K 77 -4.96 -52.27 22.29
CA LEU K 77 -4.61 -53.68 22.42
C LEU K 77 -3.13 -53.85 22.15
N PHE K 78 -2.40 -54.28 23.17
CA PHE K 78 -0.96 -54.44 23.04
C PHE K 78 -0.40 -55.59 23.86
N ILE K 79 0.89 -55.81 23.67
CA ILE K 79 1.65 -56.85 24.34
C ILE K 79 2.53 -56.22 25.43
N GLN K 80 2.22 -56.53 26.68
CA GLN K 80 2.93 -56.06 27.86
C GLN K 80 4.44 -55.78 27.70
N SER K 81 5.16 -56.77 27.20
CA SER K 81 6.61 -56.67 27.00
C SER K 81 7.07 -55.57 26.05
N GLU K 82 6.16 -55.10 25.20
CA GLU K 82 6.49 -54.07 24.23
C GLU K 82 6.43 -52.67 24.84
N VAL K 83 6.02 -52.62 26.10
CA VAL K 83 5.96 -51.40 26.88
C VAL K 83 6.88 -51.60 28.09
N PRO K 84 8.11 -51.09 27.97
CA PRO K 84 9.12 -51.23 29.01
C PRO K 84 8.74 -50.57 30.34
N ALA K 85 7.86 -49.58 30.26
CA ALA K 85 7.39 -48.85 31.44
C ALA K 85 6.81 -49.77 32.52
N HIS K 86 6.38 -50.96 32.09
CA HIS K 86 5.80 -51.96 32.98
C HIS K 86 6.80 -52.55 33.96
N ALA K 87 7.98 -52.91 33.46
CA ALA K 87 9.03 -53.47 34.31
C ALA K 87 9.74 -52.36 35.07
N GLN K 88 9.73 -51.17 34.50
CA GLN K 88 10.31 -49.99 35.12
C GLN K 88 9.46 -49.59 36.33
N ALA K 89 8.15 -49.47 36.11
CA ALA K 89 7.22 -49.13 37.18
C ALA K 89 7.19 -50.22 38.24
N ALA K 90 7.06 -51.47 37.78
CA ALA K 90 7.03 -52.63 38.67
C ALA K 90 8.17 -52.64 39.68
N TRP K 91 9.36 -52.23 39.24
CA TRP K 91 10.53 -52.21 40.11
C TRP K 91 10.44 -51.13 41.20
N MSE K 92 9.98 -49.95 40.82
CA MSE K 92 9.83 -48.85 41.78
C MSE K 92 8.82 -49.26 42.85
O MSE K 92 8.99 -48.99 44.05
CB MSE K 92 9.32 -47.61 41.07
CG MSE K 92 10.34 -46.98 40.15
SE MSE K 92 9.88 -45.18 39.57
CE MSE K 92 9.39 -45.61 37.76
N LEU K 93 7.78 -49.97 42.41
CA LEU K 93 6.72 -50.45 43.28
C LEU K 93 7.14 -51.58 44.21
N GLN K 94 8.15 -52.33 43.79
CA GLN K 94 8.66 -53.44 44.59
C GLN K 94 9.42 -52.85 45.77
N CYS K 95 9.94 -51.66 45.56
CA CYS K 95 10.72 -50.98 46.58
C CYS K 95 9.87 -50.43 47.72
N ILE K 96 8.57 -50.25 47.46
CA ILE K 96 7.65 -49.74 48.46
C ILE K 96 6.64 -50.76 49.00
N VAL K 97 6.58 -51.92 48.36
CA VAL K 97 5.71 -52.99 48.83
C VAL K 97 6.52 -53.69 49.92
N TYR K 98 5.83 -54.31 50.87
CA TYR K 98 6.52 -55.03 51.93
C TYR K 98 6.55 -56.50 51.60
N ILE K 99 7.63 -57.17 52.03
CA ILE K 99 7.76 -58.61 51.85
C ILE K 99 6.60 -59.35 52.50
N GLY K 100 6.21 -58.92 53.69
CA GLY K 100 5.04 -59.46 54.35
C GLY K 100 3.82 -59.49 53.45
N GLU K 101 3.54 -58.36 52.81
CA GLU K 101 2.35 -58.24 51.97
C GLU K 101 2.38 -59.26 50.84
N LEU K 102 3.53 -59.43 50.22
CA LEU K 102 3.68 -60.37 49.12
C LEU K 102 3.44 -61.80 49.58
N GLU K 103 3.89 -62.12 50.78
CA GLU K 103 3.69 -63.43 51.37
C GLU K 103 2.25 -63.59 51.85
N ARG K 104 1.66 -62.49 52.33
CA ARG K 104 0.26 -62.48 52.72
C ARG K 104 -0.65 -62.81 51.53
N MSE K 105 -0.12 -62.64 50.33
CA MSE K 105 -0.86 -62.95 49.11
C MSE K 105 -1.28 -64.42 49.09
O MSE K 105 -0.47 -65.31 49.30
CB MSE K 105 -0.04 -62.62 47.88
CG MSE K 105 0.39 -61.17 47.78
SE MSE K 105 -1.12 -59.94 47.63
CE MSE K 105 -1.73 -60.44 45.84
N THR K 106 -2.57 -64.66 48.82
CA THR K 106 -3.15 -65.98 49.04
C THR K 106 -2.42 -67.05 48.25
N VAL K 118 11.21 -72.52 44.31
CA VAL K 118 10.13 -71.60 43.93
C VAL K 118 10.67 -70.38 43.19
N SER K 119 10.21 -70.19 41.97
CA SER K 119 10.61 -69.02 41.18
C SER K 119 10.15 -67.73 41.85
N ALA K 120 11.07 -66.78 41.98
CA ALA K 120 10.80 -65.55 42.72
C ALA K 120 9.62 -64.79 42.11
N GLY K 121 9.39 -65.00 40.82
CA GLY K 121 8.41 -64.22 40.09
C GLY K 121 6.98 -64.58 40.46
N LEU K 122 6.81 -65.77 41.03
CA LEU K 122 5.51 -66.19 41.54
C LEU K 122 5.10 -65.37 42.77
N LEU K 123 6.07 -64.63 43.31
CA LEU K 123 5.84 -63.88 44.55
C LEU K 123 5.75 -62.38 44.27
N THR K 124 6.28 -61.96 43.12
CA THR K 124 6.58 -60.56 42.88
C THR K 124 5.71 -60.00 41.75
N TYR K 125 5.04 -60.89 41.04
CA TYR K 125 4.23 -60.49 39.88
C TYR K 125 3.21 -59.44 40.28
N PRO K 126 2.88 -59.38 41.56
CA PRO K 126 1.70 -58.64 42.02
C PRO K 126 1.91 -57.13 41.94
N PRO K 127 3.11 -56.67 42.26
CA PRO K 127 3.49 -55.27 42.06
C PRO K 127 3.61 -54.91 40.59
N LEU K 128 4.00 -55.89 39.77
CA LEU K 128 3.97 -55.74 38.33
C LEU K 128 2.52 -55.62 37.82
N MSE K 129 1.67 -56.53 38.28
CA MSE K 129 0.23 -56.40 38.06
C MSE K 129 -0.26 -55.02 38.45
O MSE K 129 -1.05 -54.41 37.72
CB MSE K 129 -0.53 -57.48 38.84
CG MSE K 129 -2.01 -57.21 38.98
SE MSE K 129 -3.07 -58.85 38.98
CE MSE K 129 -4.84 -58.05 39.18
N ALA K 130 0.17 -54.54 39.60
CA ALA K 130 -0.20 -53.21 40.08
C ALA K 130 0.28 -52.13 39.12
N ALA K 131 1.53 -52.25 38.68
CA ALA K 131 2.08 -51.33 37.70
C ALA K 131 1.30 -51.37 36.39
N ASP K 132 0.91 -52.57 35.98
CA ASP K 132 0.12 -52.76 34.76
C ASP K 132 -1.09 -51.81 34.84
N ILE K 133 -1.79 -51.90 35.96
CA ILE K 133 -2.97 -51.09 36.24
C ILE K 133 -2.63 -49.61 36.44
N LEU K 134 -1.95 -49.29 37.54
CA LEU K 134 -1.60 -47.92 37.85
C LEU K 134 -0.99 -47.05 36.76
N LEU K 135 -0.35 -47.66 35.78
CA LEU K 135 0.29 -46.91 34.70
C LEU K 135 -0.64 -46.06 33.85
N TYR K 136 -1.86 -46.53 33.65
CA TYR K 136 -2.82 -45.84 32.79
C TYR K 136 -3.90 -45.03 33.51
N ASN K 137 -3.70 -44.80 34.80
CA ASN K 137 -4.67 -44.04 35.58
C ASN K 137 -6.04 -44.67 35.40
N THR K 138 -6.08 -45.99 35.51
CA THR K 138 -7.30 -46.74 35.33
C THR K 138 -8.23 -46.62 36.51
N ASP K 139 -9.52 -46.59 36.21
CA ASP K 139 -10.58 -46.46 37.20
C ASP K 139 -11.17 -47.81 37.53
N ILE K 140 -11.28 -48.65 36.50
CA ILE K 140 -11.88 -49.98 36.66
C ILE K 140 -11.01 -51.12 36.18
N VAL K 141 -11.16 -52.27 36.83
CA VAL K 141 -10.45 -53.50 36.47
C VAL K 141 -11.49 -54.61 36.50
N PRO K 142 -11.87 -55.11 35.33
CA PRO K 142 -12.86 -56.17 35.25
C PRO K 142 -12.24 -57.50 35.67
N VAL K 143 -12.14 -57.72 36.98
CA VAL K 143 -11.57 -58.96 37.50
C VAL K 143 -12.57 -59.71 38.38
N GLY K 144 -12.41 -61.02 38.47
CA GLY K 144 -13.30 -61.83 39.30
C GLY K 144 -13.01 -61.54 40.76
N GLU K 145 -13.54 -62.40 41.63
CA GLU K 145 -13.37 -62.27 43.07
C GLU K 145 -12.01 -62.81 43.51
N ASP K 146 -11.44 -63.67 42.68
CA ASP K 146 -10.15 -64.31 42.93
C ASP K 146 -8.99 -63.33 42.78
N GLN K 147 -9.32 -62.10 42.39
CA GLN K 147 -8.34 -61.04 42.20
C GLN K 147 -8.63 -59.96 43.23
N LYS K 148 -9.47 -60.30 44.20
CA LYS K 148 -9.83 -59.39 45.27
C LYS K 148 -8.57 -58.94 45.99
N GLN K 149 -7.74 -59.90 46.38
CA GLN K 149 -6.50 -59.63 47.10
C GLN K 149 -5.52 -58.82 46.26
N HIS K 150 -5.47 -59.11 44.97
CA HIS K 150 -4.54 -58.42 44.08
C HIS K 150 -4.85 -56.94 43.97
N ILE K 151 -6.14 -56.62 43.84
CA ILE K 151 -6.62 -55.24 43.73
C ILE K 151 -6.54 -54.42 45.01
N GLU K 152 -6.67 -55.08 46.16
CA GLU K 152 -6.61 -54.40 47.46
C GLU K 152 -5.20 -53.90 47.66
N LEU K 153 -4.25 -54.69 47.17
CA LEU K 153 -2.84 -54.37 47.29
C LEU K 153 -2.42 -53.27 46.32
N THR K 154 -2.89 -53.36 45.07
CA THR K 154 -2.56 -52.31 44.10
C THR K 154 -3.17 -51.01 44.58
N ARG K 155 -4.32 -51.11 45.25
CA ARG K 155 -5.02 -49.95 45.80
C ARG K 155 -4.23 -49.38 46.97
N ASP K 156 -3.55 -50.26 47.70
CA ASP K 156 -2.74 -49.86 48.85
C ASP K 156 -1.41 -49.23 48.43
N LEU K 157 -0.88 -49.70 47.31
CA LEU K 157 0.38 -49.16 46.78
C LEU K 157 0.21 -47.75 46.21
N ALA K 158 -0.91 -47.53 45.53
CA ALA K 158 -1.25 -46.22 45.00
C ALA K 158 -1.43 -45.20 46.12
N GLU K 159 -2.08 -45.62 47.20
CA GLU K 159 -2.25 -44.78 48.37
C GLU K 159 -0.90 -44.49 49.04
N ARG K 160 -0.15 -45.53 49.34
CA ARG K 160 1.15 -45.38 50.00
C ARG K 160 2.08 -44.50 49.19
N PHE K 161 2.00 -44.61 47.86
CA PHE K 161 2.74 -43.73 46.97
C PHE K 161 2.17 -42.30 47.03
N ASN K 162 0.86 -42.19 46.94
CA ASN K 162 0.20 -40.89 46.93
C ASN K 162 0.40 -40.14 48.24
N LYS K 163 0.98 -40.82 49.23
CA LYS K 163 1.10 -40.27 50.57
C LYS K 163 2.56 -40.04 50.94
N ARG K 164 3.43 -40.93 50.49
CA ARG K 164 4.86 -40.68 50.47
C ARG K 164 5.22 -39.62 49.43
N TYR K 165 4.68 -39.77 48.23
CA TYR K 165 4.93 -38.81 47.15
C TYR K 165 3.70 -37.97 46.87
N GLY K 166 3.84 -37.01 45.96
CA GLY K 166 2.69 -36.42 45.29
C GLY K 166 1.72 -37.47 44.78
N GLU K 167 0.43 -37.15 44.87
CA GLU K 167 -0.61 -38.00 44.29
C GLU K 167 -0.43 -38.13 42.78
N LEU K 168 0.04 -39.30 42.35
CA LEU K 168 0.24 -39.58 40.93
C LEU K 168 -0.85 -40.51 40.39
N PHE K 169 -1.46 -41.27 41.28
CA PHE K 169 -2.19 -42.47 40.89
C PHE K 169 -3.70 -42.29 41.08
N THR K 170 -4.48 -42.83 40.16
CA THR K 170 -5.88 -43.14 40.43
C THR K 170 -6.01 -44.43 41.25
N ILE K 171 -6.96 -44.43 42.17
CA ILE K 171 -7.31 -45.65 42.90
C ILE K 171 -8.39 -46.43 42.16
N PRO K 172 -8.02 -47.61 41.68
CA PRO K 172 -8.93 -48.43 40.90
C PRO K 172 -9.91 -49.18 41.78
N GLU K 173 -10.98 -49.66 41.16
CA GLU K 173 -11.98 -50.47 41.83
C GLU K 173 -12.16 -51.68 40.92
N ALA K 174 -12.53 -52.80 41.50
CA ALA K 174 -12.76 -54.00 40.71
C ALA K 174 -14.25 -54.15 40.47
N ARG K 175 -14.63 -54.15 39.19
CA ARG K 175 -16.02 -54.29 38.80
C ARG K 175 -16.04 -54.74 37.35
N ILE K 176 -17.02 -55.56 37.00
CA ILE K 176 -17.18 -56.00 35.62
C ILE K 176 -18.48 -55.41 35.09
N PRO K 177 -18.37 -54.30 34.36
CA PRO K 177 -19.55 -53.67 33.80
C PRO K 177 -20.33 -54.69 32.98
N LYS K 178 -21.63 -54.83 33.28
CA LYS K 178 -22.49 -55.73 32.55
C LYS K 178 -22.14 -57.22 32.67
N VAL K 179 -21.89 -57.67 33.89
CA VAL K 179 -21.56 -59.06 34.16
C VAL K 179 -22.59 -60.01 33.55
N GLY K 180 -22.12 -60.92 32.69
CA GLY K 180 -23.02 -61.90 32.08
C GLY K 180 -23.21 -63.07 33.05
N ALA K 181 -24.05 -64.02 32.68
CA ALA K 181 -24.32 -65.17 33.55
C ALA K 181 -23.07 -66.00 33.76
N ARG K 182 -22.97 -66.63 34.92
CA ARG K 182 -21.83 -67.48 35.21
C ARG K 182 -22.03 -68.87 34.59
N ILE K 183 -21.28 -69.14 33.53
CA ILE K 183 -21.38 -70.43 32.85
C ILE K 183 -20.73 -71.51 33.69
N MSE K 184 -21.40 -72.66 33.75
CA MSE K 184 -20.90 -73.78 34.52
C MSE K 184 -20.33 -74.82 33.58
O MSE K 184 -20.51 -74.73 32.36
CB MSE K 184 -22.08 -74.34 35.29
CG MSE K 184 -22.74 -73.33 36.21
SE MSE K 184 -21.46 -72.56 37.45
CE MSE K 184 -22.70 -71.83 38.72
N SER K 185 -19.62 -75.79 34.13
CA SER K 185 -19.01 -76.84 33.33
C SER K 185 -20.11 -77.67 32.71
N LEU K 186 -19.82 -78.29 31.59
CA LEU K 186 -20.79 -79.07 30.87
C LEU K 186 -20.96 -80.45 31.45
N VAL K 187 -19.96 -80.89 32.21
CA VAL K 187 -19.99 -82.23 32.81
C VAL K 187 -20.03 -82.13 34.33
N ASP K 188 -19.61 -81.00 34.87
CA ASP K 188 -20.08 -80.55 36.18
C ASP K 188 -20.80 -79.21 36.08
N PRO K 189 -22.12 -79.26 36.05
CA PRO K 189 -22.95 -78.05 36.20
C PRO K 189 -22.66 -77.32 37.50
N THR K 190 -21.95 -77.98 38.41
CA THR K 190 -21.65 -77.40 39.72
C THR K 190 -20.42 -76.51 39.66
N LYS K 191 -19.71 -76.57 38.54
CA LYS K 191 -18.43 -75.91 38.42
C LYS K 191 -18.38 -74.92 37.28
N LYS K 192 -17.58 -73.88 37.48
CA LYS K 192 -17.40 -72.84 36.50
C LYS K 192 -16.69 -73.45 35.31
N MSE K 193 -17.08 -73.05 34.12
CA MSE K 193 -16.45 -73.55 32.91
C MSE K 193 -15.07 -72.92 32.80
O MSE K 193 -14.93 -71.70 32.78
CB MSE K 193 -17.26 -73.15 31.69
CG MSE K 193 -16.67 -73.59 30.38
SE MSE K 193 -17.67 -73.05 28.81
CE MSE K 193 -19.13 -74.29 28.94
N SER K 194 -14.04 -73.76 32.77
CA SER K 194 -12.68 -73.29 32.65
C SER K 194 -11.98 -73.96 31.47
N LYS K 195 -11.12 -73.21 30.81
CA LYS K 195 -10.36 -73.71 29.67
C LYS K 195 -9.26 -74.61 30.20
N SER K 196 -9.14 -74.67 31.53
CA SER K 196 -8.12 -75.50 32.16
C SER K 196 -8.75 -76.71 32.84
N ASP K 197 -9.91 -77.13 32.35
CA ASP K 197 -10.54 -78.36 32.79
C ASP K 197 -9.93 -79.58 32.12
N PRO K 198 -9.43 -80.51 32.93
CA PRO K 198 -8.80 -81.73 32.40
C PRO K 198 -9.67 -82.40 31.34
N ASN K 199 -10.98 -82.39 31.55
CA ASN K 199 -11.92 -82.75 30.50
C ASN K 199 -12.04 -81.66 29.43
N PRO K 200 -11.53 -81.94 28.25
CA PRO K 200 -11.80 -81.10 27.07
C PRO K 200 -13.30 -80.95 26.82
N LYS K 201 -14.10 -81.77 27.49
CA LYS K 201 -15.53 -81.85 27.20
C LYS K 201 -16.33 -80.87 28.04
N ALA K 202 -15.69 -80.33 29.07
CA ALA K 202 -16.39 -79.54 30.07
C ALA K 202 -16.66 -78.12 29.56
N TYR K 203 -16.06 -77.78 28.43
CA TYR K 203 -15.93 -76.39 28.02
C TYR K 203 -15.92 -76.25 26.51
N ILE K 204 -16.44 -75.13 26.01
CA ILE K 204 -16.47 -74.87 24.59
C ILE K 204 -15.53 -73.70 24.33
N THR K 205 -14.74 -73.82 23.26
CA THR K 205 -13.76 -72.85 22.88
C THR K 205 -14.24 -72.07 21.67
N LEU K 206 -13.93 -70.79 21.63
CA LEU K 206 -14.31 -69.91 20.51
C LEU K 206 -13.83 -70.49 19.19
N LEU K 207 -12.88 -71.41 19.28
CA LEU K 207 -12.30 -72.01 18.08
C LEU K 207 -12.74 -73.45 17.83
N ASP K 208 -13.69 -73.94 18.61
CA ASP K 208 -14.18 -75.29 18.40
C ASP K 208 -14.92 -75.33 17.05
N ASP K 209 -14.95 -76.52 16.44
CA ASP K 209 -15.67 -76.69 15.17
C ASP K 209 -17.03 -77.30 15.53
N ALA K 210 -18.01 -77.16 14.64
CA ALA K 210 -19.35 -77.68 14.91
C ALA K 210 -19.44 -79.15 15.34
N LYS K 211 -18.65 -80.02 14.71
CA LYS K 211 -18.64 -81.46 15.04
C LYS K 211 -18.44 -81.59 16.55
N THR K 212 -17.58 -80.71 17.04
CA THR K 212 -17.16 -80.63 18.42
C THR K 212 -18.15 -79.94 19.35
N ILE K 213 -18.83 -78.91 18.86
CA ILE K 213 -19.81 -78.20 19.69
C ILE K 213 -20.95 -79.16 19.99
N GLU K 214 -21.43 -79.83 18.95
CA GLU K 214 -22.49 -80.80 19.06
C GLU K 214 -22.10 -81.90 20.04
N LYS K 215 -21.03 -82.61 19.68
CA LYS K 215 -20.46 -83.69 20.49
C LYS K 215 -20.57 -83.24 21.93
N LYS K 216 -19.86 -82.15 22.22
CA LYS K 216 -19.86 -81.54 23.54
C LYS K 216 -21.25 -81.23 24.13
N ILE K 217 -22.23 -80.91 23.29
CA ILE K 217 -23.58 -80.63 23.81
C ILE K 217 -24.35 -81.92 24.04
N LYS K 218 -24.22 -82.87 23.12
CA LYS K 218 -24.87 -84.17 23.25
C LYS K 218 -24.58 -84.79 24.62
N SER K 219 -23.32 -85.11 24.86
CA SER K 219 -22.88 -85.55 26.18
C SER K 219 -23.24 -84.52 27.25
N SER K 224 -32.45 -86.02 34.80
CA SER K 224 -33.37 -87.11 34.50
C SER K 224 -34.83 -86.65 34.57
N GLU K 225 -35.08 -85.64 35.39
CA GLU K 225 -36.44 -85.15 35.59
C GLU K 225 -37.12 -84.83 34.27
N GLY K 226 -36.35 -84.27 33.33
CA GLY K 226 -36.74 -84.24 31.94
C GLY K 226 -37.77 -83.17 31.65
N THR K 227 -37.86 -82.19 32.54
CA THR K 227 -38.46 -80.90 32.20
C THR K 227 -37.39 -79.90 31.78
N ILE K 228 -37.59 -79.29 30.61
CA ILE K 228 -36.78 -78.15 30.20
C ILE K 228 -37.15 -76.90 30.99
N ARG K 229 -36.70 -76.83 32.23
CA ARG K 229 -36.99 -75.69 33.09
C ARG K 229 -35.79 -75.35 33.97
N TYR K 230 -35.95 -74.33 34.81
CA TYR K 230 -34.81 -73.64 35.40
C TYR K 230 -34.73 -73.89 36.89
N GLY K 237 -27.62 -79.04 35.77
CA GLY K 237 -27.37 -79.31 34.38
C GLY K 237 -28.08 -78.34 33.46
N ILE K 238 -29.40 -78.23 33.63
CA ILE K 238 -30.28 -77.87 32.53
C ILE K 238 -30.43 -76.35 32.40
N SER K 239 -30.47 -75.67 33.53
CA SER K 239 -30.45 -74.22 33.55
C SER K 239 -29.18 -73.68 32.90
N ASN K 240 -28.03 -74.09 33.42
CA ASN K 240 -26.75 -73.69 32.86
C ASN K 240 -26.81 -73.48 31.36
N LEU K 241 -27.28 -74.48 30.63
CA LEU K 241 -27.33 -74.44 29.18
C LEU K 241 -28.54 -73.64 28.69
N LEU K 242 -29.38 -73.22 29.62
CA LEU K 242 -30.49 -72.34 29.32
C LEU K 242 -29.81 -70.99 29.15
N ASN K 243 -29.05 -70.62 30.18
CA ASN K 243 -28.30 -69.36 30.20
C ASN K 243 -27.52 -69.24 28.89
N ILE K 244 -26.69 -70.25 28.62
CA ILE K 244 -25.92 -70.30 27.39
C ILE K 244 -26.75 -69.81 26.20
N TYR K 245 -28.01 -70.20 26.17
CA TYR K 245 -28.83 -70.08 24.96
C TYR K 245 -29.35 -68.67 24.78
N SER K 246 -30.06 -68.17 25.79
CA SER K 246 -30.77 -66.91 25.67
C SER K 246 -29.83 -65.76 25.28
N THR K 247 -28.61 -65.81 25.82
CA THR K 247 -27.61 -64.79 25.54
C THR K 247 -27.03 -64.97 24.14
N LEU K 248 -26.95 -66.21 23.70
CA LEU K 248 -26.43 -66.52 22.36
C LEU K 248 -27.57 -66.71 21.36
N SER K 249 -28.80 -66.45 21.81
CA SER K 249 -29.96 -66.56 20.94
C SER K 249 -30.66 -65.22 20.80
N GLY K 250 -30.44 -64.33 21.77
CA GLY K 250 -31.14 -63.07 21.81
C GLY K 250 -32.58 -63.20 22.26
N GLU K 255 -38.94 -67.07 28.34
CA GLU K 255 -39.38 -66.96 26.95
C GLU K 255 -38.62 -67.93 26.05
N LEU K 256 -37.76 -68.75 26.66
CA LEU K 256 -37.44 -70.06 26.12
C LEU K 256 -37.82 -71.17 27.09
N GLU K 257 -38.05 -70.80 28.35
CA GLU K 257 -38.34 -71.77 29.39
C GLU K 257 -39.66 -72.40 28.96
N ARG K 258 -40.59 -71.56 28.50
CA ARG K 258 -41.90 -72.02 28.07
C ARG K 258 -41.98 -72.78 26.75
N GLN K 259 -41.27 -72.27 25.74
CA GLN K 259 -41.50 -72.70 24.36
C GLN K 259 -41.19 -74.20 24.33
N TYR K 260 -40.09 -74.58 24.95
CA TYR K 260 -39.92 -75.94 25.44
C TYR K 260 -40.70 -76.17 26.73
N GLU K 261 -42.01 -76.30 26.61
CA GLU K 261 -42.81 -76.96 27.64
C GLU K 261 -43.43 -78.25 27.11
N GLY K 262 -43.71 -79.18 28.02
CA GLY K 262 -44.03 -80.54 27.64
C GLY K 262 -42.95 -81.18 26.80
N LYS K 263 -41.72 -81.10 27.27
CA LYS K 263 -40.55 -81.39 26.43
C LYS K 263 -39.41 -81.94 27.26
N GLY K 264 -38.70 -82.93 26.71
CA GLY K 264 -37.48 -83.44 27.33
C GLY K 264 -36.24 -82.83 26.72
N TYR K 265 -35.09 -83.43 27.01
CA TYR K 265 -33.81 -82.88 26.58
C TYR K 265 -33.38 -83.52 25.27
N GLY K 266 -34.25 -84.35 24.71
CA GLY K 266 -34.15 -84.74 23.32
C GLY K 266 -33.88 -83.53 22.44
N VAL K 267 -34.74 -82.53 22.54
CA VAL K 267 -34.83 -81.49 21.53
C VAL K 267 -34.44 -80.13 22.08
N PHE K 268 -33.71 -80.13 23.20
CA PHE K 268 -33.15 -78.91 23.75
C PHE K 268 -31.77 -78.63 23.17
N LYS K 269 -31.09 -79.68 22.74
CA LYS K 269 -29.63 -79.67 22.67
C LYS K 269 -29.15 -79.66 21.22
N ALA K 270 -30.06 -80.00 20.30
CA ALA K 270 -29.84 -79.74 18.89
C ALA K 270 -30.07 -78.26 18.56
N ASP K 271 -31.10 -77.68 19.17
CA ASP K 271 -31.39 -76.26 19.00
C ASP K 271 -30.25 -75.40 19.55
N LEU K 272 -29.71 -75.80 20.70
CA LEU K 272 -28.64 -75.05 21.35
C LEU K 272 -27.33 -75.18 20.59
N ALA K 273 -27.02 -76.40 20.15
CA ALA K 273 -25.83 -76.65 19.35
C ALA K 273 -25.78 -75.73 18.13
N GLN K 274 -26.94 -75.42 17.58
CA GLN K 274 -27.03 -74.63 16.36
C GLN K 274 -26.79 -73.15 16.63
N VAL K 275 -27.33 -72.67 17.75
CA VAL K 275 -27.15 -71.27 18.15
C VAL K 275 -25.71 -70.97 18.53
N VAL K 276 -25.05 -71.96 19.14
CA VAL K 276 -23.64 -71.83 19.49
C VAL K 276 -22.77 -71.83 18.24
N ILE K 277 -23.03 -72.76 17.33
CA ILE K 277 -22.30 -72.84 16.08
C ILE K 277 -22.55 -71.56 15.28
N GLU K 278 -23.78 -71.07 15.37
CA GLU K 278 -24.14 -69.81 14.69
C GLU K 278 -23.29 -68.66 15.20
N THR K 279 -23.07 -68.62 16.51
CA THR K 279 -22.38 -67.50 17.13
C THR K 279 -20.89 -67.50 16.79
N LEU K 280 -20.33 -68.70 16.66
CA LEU K 280 -18.88 -68.88 16.75
C LEU K 280 -18.23 -68.77 15.38
N ARG K 281 -19.02 -68.95 14.33
CA ARG K 281 -18.50 -69.18 12.99
C ARG K 281 -17.90 -67.90 12.42
N PRO K 282 -18.63 -66.79 12.54
CA PRO K 282 -18.18 -65.50 12.03
C PRO K 282 -17.07 -64.91 12.87
N ILE K 283 -16.92 -65.41 14.10
CA ILE K 283 -15.75 -65.11 14.92
C ILE K 283 -14.56 -65.99 14.54
N GLN K 284 -14.83 -67.28 14.35
CA GLN K 284 -13.86 -68.18 13.73
C GLN K 284 -13.35 -67.62 12.41
N GLU K 285 -14.20 -66.87 11.73
CA GLU K 285 -13.93 -66.46 10.35
C GLU K 285 -12.91 -65.32 10.31
N ARG K 286 -13.23 -64.22 10.99
CA ARG K 286 -12.33 -63.09 11.06
C ARG K 286 -11.03 -63.45 11.78
N TYR K 287 -11.13 -64.37 12.73
CA TYR K 287 -9.95 -64.92 13.40
C TYR K 287 -8.86 -65.28 12.40
N HIS K 288 -9.29 -65.81 11.25
CA HIS K 288 -8.36 -66.42 10.31
C HIS K 288 -7.76 -65.38 9.37
N HIS K 289 -8.60 -64.47 8.91
CA HIS K 289 -8.12 -63.26 8.24
C HIS K 289 -7.14 -62.49 9.14
N TRP K 290 -7.51 -62.33 10.40
CA TRP K 290 -6.62 -61.70 11.38
C TRP K 290 -5.33 -62.50 11.55
N MSE K 291 -5.48 -63.81 11.78
CA MSE K 291 -4.33 -64.67 12.01
C MSE K 291 -3.29 -64.52 10.90
O MSE K 291 -2.12 -64.82 11.11
CB MSE K 291 -4.77 -66.14 12.10
CG MSE K 291 -3.72 -67.07 12.68
SE MSE K 291 -2.97 -66.42 14.36
CE MSE K 291 -4.40 -66.95 15.56
N GLU K 292 -3.73 -64.04 9.75
CA GLU K 292 -2.93 -64.14 8.53
C GLU K 292 -2.98 -62.84 7.74
N SER K 293 -3.50 -61.79 8.37
CA SER K 293 -3.26 -60.43 7.90
C SER K 293 -1.94 -59.87 8.44
N GLU K 294 -1.25 -59.10 7.62
CA GLU K 294 -0.13 -58.30 8.09
C GLU K 294 -0.59 -57.22 9.06
N GLU K 295 -1.90 -56.99 9.10
CA GLU K 295 -2.46 -55.87 9.83
C GLU K 295 -2.58 -56.19 11.32
N LEU K 296 -2.42 -57.46 11.67
CA LEU K 296 -2.45 -57.89 13.05
C LEU K 296 -1.22 -57.26 13.72
N ASP K 297 -0.07 -57.63 13.17
CA ASP K 297 1.23 -57.14 13.60
C ASP K 297 1.30 -55.61 13.62
N ARG K 298 0.30 -54.96 13.06
CA ARG K 298 0.31 -53.50 13.01
C ARG K 298 -0.68 -52.88 13.97
N VAL K 299 -1.77 -53.61 14.21
CA VAL K 299 -2.79 -53.17 15.15
C VAL K 299 -2.09 -53.14 16.49
N LEU K 300 -1.08 -54.02 16.60
CA LEU K 300 -0.30 -54.17 17.82
C LEU K 300 0.83 -53.18 17.98
N ASP K 301 1.31 -52.60 16.89
CA ASP K 301 2.40 -51.61 16.97
C ASP K 301 1.80 -50.28 17.42
N GLU K 302 0.57 -50.04 16.97
CA GLU K 302 -0.15 -48.83 17.31
C GLU K 302 -0.67 -48.98 18.75
N GLY K 303 -0.88 -50.22 19.18
CA GLY K 303 -1.32 -50.51 20.54
C GLY K 303 -0.18 -50.22 21.52
N ALA K 304 1.00 -50.78 21.21
CA ALA K 304 2.20 -50.60 22.03
C ALA K 304 2.69 -49.14 21.97
N GLU K 305 2.45 -48.50 20.83
CA GLU K 305 2.85 -47.11 20.61
C GLU K 305 1.98 -46.17 21.44
N LYS K 306 0.68 -46.44 21.44
CA LYS K 306 -0.31 -45.67 22.18
C LYS K 306 -0.06 -45.81 23.69
N ALA K 307 0.24 -47.02 24.11
CA ALA K 307 0.49 -47.33 25.52
C ALA K 307 1.84 -46.82 26.03
N ASN K 308 2.87 -46.91 25.21
CA ASN K 308 4.19 -46.44 25.61
C ASN K 308 4.13 -44.96 25.91
N ARG K 309 3.31 -44.24 25.15
CA ARG K 309 3.13 -42.81 25.32
C ARG K 309 2.60 -42.47 26.71
N VAL K 310 1.46 -43.06 27.05
CA VAL K 310 0.81 -42.84 28.35
C VAL K 310 1.67 -43.40 29.49
N ALA K 311 2.19 -44.61 29.30
CA ALA K 311 3.03 -45.25 30.31
C ALA K 311 4.39 -44.55 30.50
N SER K 312 5.04 -44.21 29.39
CA SER K 312 6.34 -43.52 29.43
C SER K 312 6.25 -42.29 30.34
N GLU K 313 5.21 -41.50 30.12
CA GLU K 313 4.97 -40.28 30.87
C GLU K 313 4.75 -40.53 32.36
N MSE K 314 4.07 -41.61 32.69
CA MSE K 314 3.81 -41.95 34.09
C MSE K 314 5.10 -42.31 34.82
O MSE K 314 5.32 -41.91 35.96
CB MSE K 314 2.80 -43.07 34.23
CG MSE K 314 2.48 -43.50 35.63
SE MSE K 314 1.88 -42.06 36.78
CE MSE K 314 -0.01 -42.28 36.53
N VAL K 315 5.95 -43.09 34.14
CA VAL K 315 7.23 -43.50 34.71
C VAL K 315 8.05 -42.25 34.95
N ARG K 316 7.99 -41.35 33.96
CA ARG K 316 8.71 -40.07 34.03
C ARG K 316 8.31 -39.35 35.31
N LYS K 317 7.04 -39.42 35.63
CA LYS K 317 6.49 -38.77 36.82
C LYS K 317 6.86 -39.47 38.13
N MSE K 318 6.96 -40.79 38.09
CA MSE K 318 7.34 -41.55 39.28
C MSE K 318 8.83 -41.39 39.56
O MSE K 318 9.26 -41.29 40.72
CB MSE K 318 6.97 -43.01 39.15
CG MSE K 318 5.62 -43.31 38.59
SE MSE K 318 5.37 -45.20 38.23
CE MSE K 318 6.19 -45.91 39.82
N GLU K 319 9.63 -41.36 38.50
CA GLU K 319 11.07 -41.18 38.61
C GLU K 319 11.30 -39.77 39.16
N GLN K 320 10.42 -38.85 38.76
CA GLN K 320 10.48 -37.47 39.20
C GLN K 320 10.18 -37.37 40.70
N ALA K 321 9.18 -38.12 41.14
CA ALA K 321 8.79 -38.14 42.55
C ALA K 321 9.83 -38.83 43.43
N MSE K 322 10.35 -39.95 42.96
CA MSE K 322 11.35 -40.70 43.72
C MSE K 322 12.75 -40.09 43.61
O MSE K 322 13.59 -40.27 44.51
CB MSE K 322 11.35 -42.16 43.29
CG MSE K 322 9.99 -42.73 42.98
SE MSE K 322 9.81 -44.62 43.37
CE MSE K 322 11.23 -44.77 44.65
N GLY K 323 13.00 -39.36 42.53
CA GLY K 323 14.29 -38.70 42.31
C GLY K 323 15.23 -39.45 41.37
N LEU K 324 14.67 -40.30 40.51
CA LEU K 324 15.46 -41.10 39.58
C LEU K 324 16.06 -40.31 38.41
N GLY K 325 17.32 -40.61 38.08
CA GLY K 325 18.00 -39.98 36.95
C GLY K 325 17.96 -38.45 36.92
N ARG K 326 17.41 -37.90 35.85
CA ARG K 326 17.33 -36.44 35.67
C ARG K 326 15.97 -36.01 35.12
N MSE L 1 -44.40 -54.19 -22.30
CA MSE L 1 -44.76 -53.09 -21.39
C MSE L 1 -43.80 -51.92 -21.52
O MSE L 1 -42.69 -52.06 -22.04
CB MSE L 1 -44.65 -53.54 -19.94
CG MSE L 1 -45.85 -54.20 -19.31
SE MSE L 1 -45.34 -55.46 -17.93
CE MSE L 1 -44.11 -56.53 -18.92
N LYS L 2 -44.21 -50.77 -21.00
CA LYS L 2 -43.35 -49.60 -20.96
C LYS L 2 -42.25 -49.92 -19.93
N THR L 3 -41.07 -49.35 -20.11
CA THR L 3 -39.99 -49.58 -19.16
C THR L 3 -39.74 -48.36 -18.30
N ILE L 4 -39.55 -48.59 -17.01
CA ILE L 4 -39.25 -47.52 -16.07
C ILE L 4 -37.90 -47.73 -15.40
N PHE L 5 -37.09 -46.69 -15.38
CA PHE L 5 -35.79 -46.78 -14.73
C PHE L 5 -35.67 -45.79 -13.59
N SER L 6 -35.35 -46.30 -12.41
CA SER L 6 -35.16 -45.45 -11.23
C SER L 6 -33.77 -45.61 -10.64
N GLY L 7 -33.00 -44.53 -10.64
CA GLY L 7 -31.63 -44.56 -10.15
C GLY L 7 -31.52 -44.04 -8.74
N ILE L 8 -31.28 -44.95 -7.79
CA ILE L 8 -31.50 -44.67 -6.38
C ILE L 8 -30.15 -44.74 -5.66
N GLN L 9 -29.85 -43.72 -4.88
CA GLN L 9 -28.50 -43.53 -4.35
C GLN L 9 -28.40 -44.24 -3.01
N THR L 15 -37.02 -41.39 3.78
CA THR L 15 -38.04 -40.81 4.63
C THR L 15 -39.42 -41.25 4.19
N ILE L 16 -40.43 -40.89 4.95
CA ILE L 16 -41.82 -41.19 4.54
C ILE L 16 -42.21 -40.24 3.44
N GLY L 17 -41.28 -39.34 3.12
CA GLY L 17 -41.46 -38.45 1.99
C GLY L 17 -41.05 -39.08 0.67
N ASN L 18 -40.10 -40.01 0.73
CA ASN L 18 -39.80 -40.87 -0.39
C ASN L 18 -40.91 -41.89 -0.65
N TYR L 19 -41.56 -42.32 0.42
CA TYR L 19 -42.43 -43.50 0.36
C TYR L 19 -43.82 -43.13 -0.14
N ILE L 20 -44.28 -41.93 0.21
CA ILE L 20 -45.42 -41.32 -0.46
C ILE L 20 -45.09 -40.96 -1.90
N GLY L 21 -43.84 -40.58 -2.14
CA GLY L 21 -43.47 -39.91 -3.37
C GLY L 21 -43.49 -40.83 -4.57
N ALA L 22 -42.57 -41.78 -4.59
CA ALA L 22 -42.28 -42.54 -5.81
C ALA L 22 -42.29 -44.04 -5.53
N LEU L 23 -41.94 -44.42 -4.31
CA LEU L 23 -41.59 -45.79 -4.00
C LEU L 23 -42.81 -46.67 -3.85
N ARG L 24 -43.82 -46.16 -3.15
CA ARG L 24 -44.95 -46.97 -2.71
C ARG L 24 -45.92 -47.22 -3.86
N GLN L 25 -46.09 -46.22 -4.72
CA GLN L 25 -46.85 -46.40 -5.96
C GLN L 25 -46.13 -47.36 -6.90
N PHE L 26 -44.86 -47.62 -6.63
CA PHE L 26 -44.09 -48.59 -7.40
C PHE L 26 -44.50 -50.02 -7.06
N VAL L 27 -45.07 -50.20 -5.86
CA VAL L 27 -45.46 -51.52 -5.39
C VAL L 27 -46.66 -52.05 -6.18
N GLU L 28 -47.32 -51.15 -6.91
CA GLU L 28 -48.44 -51.54 -7.77
C GLU L 28 -48.07 -51.41 -9.26
N LEU L 29 -47.35 -50.34 -9.58
CA LEU L 29 -46.91 -50.03 -10.93
C LEU L 29 -45.99 -51.09 -11.52
N GLN L 30 -45.39 -51.89 -10.65
CA GLN L 30 -44.45 -52.91 -11.07
C GLN L 30 -45.12 -54.08 -11.77
N HIS L 31 -46.45 -54.11 -11.73
CA HIS L 31 -47.22 -55.17 -12.36
C HIS L 31 -47.63 -54.81 -13.78
N GLU L 32 -47.71 -53.52 -14.06
CA GLU L 32 -48.09 -53.03 -15.38
C GLU L 32 -46.94 -52.35 -16.10
N TYR L 33 -45.76 -52.40 -15.50
CA TYR L 33 -44.57 -51.80 -16.10
C TYR L 33 -43.38 -52.71 -15.94
N ASN L 34 -42.39 -52.53 -16.81
CA ASN L 34 -41.13 -53.25 -16.68
C ASN L 34 -40.27 -52.26 -15.89
N CYS L 35 -40.11 -52.50 -14.59
CA CYS L 35 -39.40 -51.58 -13.70
C CYS L 35 -37.98 -51.95 -13.30
N TYR L 36 -37.10 -50.96 -13.37
CA TYR L 36 -35.70 -51.11 -12.96
C TYR L 36 -35.41 -50.25 -11.75
N PHE L 37 -34.87 -50.87 -10.72
CA PHE L 37 -34.48 -50.18 -9.50
C PHE L 37 -32.98 -50.34 -9.34
N CYS L 38 -32.26 -49.28 -9.66
CA CYS L 38 -30.80 -49.29 -9.62
C CYS L 38 -30.20 -48.55 -8.44
N ILE L 39 -29.45 -49.27 -7.62
CA ILE L 39 -28.71 -48.68 -6.51
C ILE L 39 -27.44 -48.16 -7.14
N VAL L 40 -27.40 -46.85 -7.34
CA VAL L 40 -26.29 -46.20 -8.02
C VAL L 40 -25.08 -45.94 -7.13
N ASP L 41 -24.39 -47.02 -6.77
CA ASP L 41 -23.19 -46.95 -5.91
C ASP L 41 -22.03 -46.26 -6.60
N GLN L 42 -22.09 -46.14 -7.92
CA GLN L 42 -21.01 -45.50 -8.67
C GLN L 42 -21.14 -43.99 -8.71
N HIS L 43 -22.36 -43.49 -8.62
CA HIS L 43 -22.61 -42.07 -8.60
C HIS L 43 -22.27 -41.57 -7.20
N ALA L 44 -22.41 -42.47 -6.23
CA ALA L 44 -22.15 -42.18 -4.83
C ALA L 44 -20.70 -41.83 -4.53
N ILE L 45 -19.77 -42.34 -5.34
CA ILE L 45 -18.35 -42.06 -5.16
C ILE L 45 -17.87 -40.76 -5.80
N THR L 46 -18.82 -39.97 -6.31
CA THR L 46 -18.49 -38.68 -6.90
C THR L 46 -18.18 -37.79 -5.71
N VAL L 47 -18.54 -38.28 -4.53
CA VAL L 47 -18.30 -37.59 -3.26
C VAL L 47 -17.60 -38.51 -2.27
N TRP L 48 -17.10 -37.93 -1.19
CA TRP L 48 -16.42 -38.70 -0.15
C TRP L 48 -17.35 -39.74 0.43
N GLN L 49 -16.85 -40.97 0.50
CA GLN L 49 -17.62 -42.07 1.06
C GLN L 49 -16.73 -42.83 2.02
N ASP L 50 -17.29 -43.25 3.14
CA ASP L 50 -16.54 -44.10 4.05
C ASP L 50 -16.88 -45.49 3.50
N PRO L 51 -15.87 -46.21 3.05
CA PRO L 51 -16.09 -47.53 2.45
C PRO L 51 -17.06 -48.45 3.20
N HIS L 52 -16.90 -48.54 4.52
CA HIS L 52 -17.75 -49.39 5.33
C HIS L 52 -19.23 -49.02 5.30
N GLU L 53 -19.51 -47.73 5.21
CA GLU L 53 -20.89 -47.24 5.20
C GLU L 53 -21.56 -47.37 3.84
N LEU L 54 -20.79 -47.18 2.78
CA LEU L 54 -21.33 -47.29 1.44
C LEU L 54 -21.85 -48.72 1.32
N ARG L 55 -20.96 -49.67 1.61
CA ARG L 55 -21.28 -51.08 1.56
C ARG L 55 -22.54 -51.39 2.36
N GLN L 56 -22.62 -50.75 3.52
CA GLN L 56 -23.70 -50.94 4.48
C GLN L 56 -25.02 -50.31 4.00
N ASN L 57 -24.93 -49.09 3.46
CA ASN L 57 -26.08 -48.35 2.96
C ASN L 57 -26.73 -49.00 1.74
N ILE L 58 -25.91 -49.68 0.94
CA ILE L 58 -26.34 -50.36 -0.27
C ILE L 58 -27.29 -51.51 0.09
N ARG L 59 -26.81 -52.37 0.98
CA ARG L 59 -27.57 -53.52 1.49
C ARG L 59 -28.87 -53.03 2.13
N ARG L 60 -28.71 -52.08 3.04
CA ARG L 60 -29.80 -51.47 3.78
C ARG L 60 -30.90 -50.95 2.87
N LEU L 61 -30.50 -50.29 1.79
CA LEU L 61 -31.45 -49.72 0.83
C LEU L 61 -32.20 -50.81 0.07
N ALA L 62 -31.44 -51.80 -0.41
CA ALA L 62 -32.02 -52.91 -1.16
C ALA L 62 -33.06 -53.66 -0.34
N ALA L 63 -32.76 -53.87 0.94
CA ALA L 63 -33.69 -54.54 1.85
C ALA L 63 -34.94 -53.71 2.10
N LEU L 64 -34.78 -52.39 2.07
CA LEU L 64 -35.88 -51.47 2.28
C LEU L 64 -36.85 -51.48 1.11
N TYR L 65 -36.31 -51.64 -0.08
CA TYR L 65 -37.13 -51.68 -1.29
C TYR L 65 -37.93 -52.97 -1.35
N LEU L 66 -37.33 -54.05 -0.87
CA LEU L 66 -37.99 -55.33 -0.79
C LEU L 66 -39.02 -55.24 0.32
N ALA L 67 -38.54 -54.85 1.49
CA ALA L 67 -39.41 -54.67 2.69
C ALA L 67 -40.60 -53.85 2.21
N VAL L 68 -40.37 -52.75 1.49
CA VAL L 68 -41.51 -51.94 1.10
C VAL L 68 -42.54 -52.62 0.15
N GLY L 69 -42.12 -53.67 -0.54
CA GLY L 69 -43.01 -54.40 -1.44
C GLY L 69 -42.49 -54.51 -2.86
N ILE L 70 -41.24 -54.11 -3.10
CA ILE L 70 -40.70 -54.23 -4.45
C ILE L 70 -40.56 -55.73 -4.69
N ASP L 71 -41.10 -56.20 -5.78
CA ASP L 71 -41.12 -57.63 -6.05
C ASP L 71 -40.12 -58.09 -7.09
N PRO L 72 -39.08 -58.78 -6.64
CA PRO L 72 -38.03 -59.28 -7.52
C PRO L 72 -38.48 -60.21 -8.64
N THR L 73 -39.64 -60.84 -8.46
CA THR L 73 -40.23 -61.69 -9.50
C THR L 73 -40.73 -60.72 -10.56
N GLN L 74 -41.22 -59.59 -10.08
CA GLN L 74 -41.83 -58.53 -10.89
C GLN L 74 -40.86 -57.49 -11.43
N ALA L 75 -39.98 -56.98 -10.58
CA ALA L 75 -39.05 -55.93 -10.98
C ALA L 75 -37.59 -56.38 -10.95
N THR L 76 -36.71 -55.52 -11.47
CA THR L 76 -35.29 -55.79 -11.48
C THR L 76 -34.63 -54.81 -10.52
N LEU L 77 -34.12 -55.33 -9.41
CA LEU L 77 -33.49 -54.52 -8.38
C LEU L 77 -32.04 -54.97 -8.30
N PHE L 78 -31.12 -54.07 -8.64
CA PHE L 78 -29.70 -54.41 -8.68
C PHE L 78 -28.80 -53.25 -8.30
N ILE L 79 -27.52 -53.57 -8.10
CA ILE L 79 -26.49 -52.59 -7.79
C ILE L 79 -25.75 -52.26 -9.08
N GLN L 80 -25.67 -50.96 -9.37
CA GLN L 80 -25.03 -50.44 -10.58
C GLN L 80 -23.65 -51.05 -10.90
N SER L 81 -22.74 -51.00 -9.93
CA SER L 81 -21.38 -51.49 -10.09
C SER L 81 -21.26 -52.95 -10.52
N GLU L 82 -22.36 -53.68 -10.35
CA GLU L 82 -22.37 -55.10 -10.69
C GLU L 82 -22.79 -55.37 -12.12
N VAL L 83 -23.04 -54.29 -12.86
CA VAL L 83 -23.37 -54.35 -14.26
C VAL L 83 -22.36 -53.41 -14.93
N PRO L 84 -21.23 -53.98 -15.34
CA PRO L 84 -20.15 -53.20 -15.97
C PRO L 84 -20.60 -52.44 -17.23
N ALA L 85 -21.68 -52.92 -17.83
CA ALA L 85 -22.24 -52.28 -19.03
C ALA L 85 -22.50 -50.79 -18.81
N HIS L 86 -22.61 -50.42 -17.54
CA HIS L 86 -22.87 -49.04 -17.14
C HIS L 86 -21.67 -48.11 -17.34
N ALA L 87 -20.49 -48.57 -16.95
CA ALA L 87 -19.27 -47.78 -17.10
C ALA L 87 -18.85 -47.76 -18.57
N GLN L 88 -19.22 -48.82 -19.28
CA GLN L 88 -18.91 -48.96 -20.69
C GLN L 88 -19.73 -48.00 -21.54
N ALA L 89 -21.06 -48.06 -21.39
CA ALA L 89 -21.95 -47.16 -22.12
C ALA L 89 -21.66 -45.71 -21.80
N ALA L 90 -21.32 -45.45 -20.54
CA ALA L 90 -21.02 -44.11 -20.06
C ALA L 90 -19.78 -43.47 -20.70
N TRP L 91 -18.82 -44.30 -21.07
CA TRP L 91 -17.59 -43.83 -21.70
C TRP L 91 -17.85 -43.45 -23.15
N MSE L 92 -18.70 -44.23 -23.81
CA MSE L 92 -19.07 -44.00 -25.20
C MSE L 92 -19.92 -42.73 -25.29
O MSE L 92 -19.84 -41.98 -26.27
CB MSE L 92 -19.86 -45.18 -25.74
CG MSE L 92 -19.07 -46.45 -25.87
SE MSE L 92 -19.97 -47.80 -26.93
CE MSE L 92 -20.59 -48.93 -25.50
N LEU L 93 -20.74 -42.50 -24.27
CA LEU L 93 -21.61 -41.34 -24.22
C LEU L 93 -20.84 -40.07 -23.89
N GLN L 94 -19.76 -40.24 -23.14
CA GLN L 94 -18.91 -39.13 -22.75
C GLN L 94 -18.15 -38.60 -23.95
N CYS L 95 -17.97 -39.47 -24.94
CA CYS L 95 -17.27 -39.11 -26.16
C CYS L 95 -18.17 -38.35 -27.12
N ILE L 96 -19.47 -38.46 -26.90
CA ILE L 96 -20.44 -37.77 -27.74
C ILE L 96 -21.02 -36.52 -27.07
N VAL L 97 -20.84 -36.43 -25.75
CA VAL L 97 -21.30 -35.28 -25.00
C VAL L 97 -20.28 -34.16 -25.18
N TYR L 98 -20.74 -32.92 -25.10
CA TYR L 98 -19.88 -31.75 -25.22
C TYR L 98 -19.50 -31.22 -23.85
N ILE L 99 -18.28 -30.77 -23.71
CA ILE L 99 -17.82 -30.18 -22.45
C ILE L 99 -18.75 -29.05 -22.02
N GLY L 100 -19.21 -28.26 -22.98
CA GLY L 100 -20.10 -27.15 -22.70
C GLY L 100 -21.40 -27.61 -22.02
N GLU L 101 -21.97 -28.68 -22.55
CA GLU L 101 -23.22 -29.23 -22.01
C GLU L 101 -23.06 -29.67 -20.55
N LEU L 102 -21.87 -30.17 -20.22
CA LEU L 102 -21.60 -30.63 -18.86
C LEU L 102 -21.42 -29.45 -17.92
N GLU L 103 -20.72 -28.43 -18.40
CA GLU L 103 -20.47 -27.23 -17.59
C GLU L 103 -21.76 -26.44 -17.36
N ARG L 104 -22.64 -26.46 -18.36
CA ARG L 104 -23.88 -25.71 -18.29
C ARG L 104 -24.82 -26.28 -17.23
N MSE L 105 -24.55 -27.51 -16.81
CA MSE L 105 -25.31 -28.13 -15.73
C MSE L 105 -25.33 -27.25 -14.48
O MSE L 105 -24.30 -26.71 -14.08
CB MSE L 105 -24.72 -29.50 -15.39
CG MSE L 105 -24.81 -30.52 -16.52
SE MSE L 105 -26.63 -30.75 -17.18
CE MSE L 105 -27.35 -31.81 -15.71
N THR L 106 -26.50 -27.10 -13.88
CA THR L 106 -26.68 -26.22 -12.74
C THR L 106 -25.66 -26.52 -11.65
N GLN L 107 -25.39 -27.81 -11.43
CA GLN L 107 -24.56 -28.24 -10.31
C GLN L 107 -23.13 -27.74 -10.47
N VAL L 118 -12.03 -29.88 -7.40
CA VAL L 118 -13.29 -30.48 -7.78
C VAL L 118 -13.08 -31.78 -8.55
N SER L 119 -13.44 -32.90 -7.93
CA SER L 119 -13.30 -34.20 -8.56
C SER L 119 -14.03 -34.14 -9.91
N ALA L 120 -13.40 -34.69 -10.94
CA ALA L 120 -13.98 -34.67 -12.29
C ALA L 120 -15.30 -35.44 -12.36
N GLY L 121 -15.48 -36.37 -11.43
CA GLY L 121 -16.72 -37.16 -11.39
C GLY L 121 -17.92 -36.28 -11.05
N LEU L 122 -17.65 -35.09 -10.55
CA LEU L 122 -18.70 -34.12 -10.20
C LEU L 122 -19.19 -33.42 -11.47
N LEU L 123 -18.34 -33.44 -12.49
CA LEU L 123 -18.65 -32.79 -13.75
C LEU L 123 -19.09 -33.80 -14.80
N THR L 124 -18.57 -35.02 -14.69
CA THR L 124 -18.81 -36.08 -15.65
C THR L 124 -19.81 -37.18 -15.29
N TYR L 125 -20.44 -37.06 -14.14
CA TYR L 125 -21.44 -38.05 -13.70
C TYR L 125 -22.69 -38.10 -14.60
N PRO L 126 -23.00 -37.02 -15.30
CA PRO L 126 -24.21 -37.04 -16.13
C PRO L 126 -24.29 -38.09 -17.24
N PRO L 127 -23.18 -38.33 -17.95
CA PRO L 127 -23.20 -39.33 -19.01
C PRO L 127 -23.35 -40.71 -18.42
N LEU L 128 -22.96 -40.85 -17.16
CA LEU L 128 -23.11 -42.11 -16.45
C LEU L 128 -24.59 -42.33 -16.13
N MSE L 129 -25.26 -41.24 -15.79
CA MSE L 129 -26.68 -41.26 -15.48
C MSE L 129 -27.52 -41.47 -16.72
O MSE L 129 -28.60 -42.06 -16.68
CB MSE L 129 -27.08 -39.99 -14.76
CG MSE L 129 -28.56 -39.84 -14.56
SE MSE L 129 -29.07 -38.17 -13.70
CE MSE L 129 -30.96 -38.55 -13.58
N ALA L 130 -27.03 -41.00 -17.87
CA ALA L 130 -27.73 -41.19 -19.14
C ALA L 130 -27.62 -42.65 -19.56
N ALA L 131 -26.42 -43.20 -19.44
CA ALA L 131 -26.19 -44.60 -19.76
C ALA L 131 -27.15 -45.46 -18.95
N ASP L 132 -27.20 -45.18 -17.65
CA ASP L 132 -28.10 -45.86 -16.71
C ASP L 132 -29.47 -46.04 -17.37
N ILE L 133 -30.04 -44.93 -17.83
CA ILE L 133 -31.34 -44.88 -18.48
C ILE L 133 -31.35 -45.58 -19.84
N LEU L 134 -30.68 -44.99 -20.82
CA LEU L 134 -30.64 -45.54 -22.17
C LEU L 134 -30.34 -47.03 -22.31
N LEU L 135 -29.50 -47.55 -21.42
CA LEU L 135 -29.13 -48.97 -21.46
C LEU L 135 -30.31 -49.93 -21.52
N TYR L 136 -31.39 -49.57 -20.85
CA TYR L 136 -32.56 -50.44 -20.74
C TYR L 136 -33.73 -50.03 -21.63
N ASN L 137 -33.46 -49.14 -22.58
CA ASN L 137 -34.50 -48.68 -23.48
C ASN L 137 -35.67 -48.19 -22.63
N THR L 138 -35.38 -47.32 -21.67
CA THR L 138 -36.44 -46.82 -20.81
C THR L 138 -37.31 -45.75 -21.43
N ASP L 139 -38.59 -45.82 -21.09
CA ASP L 139 -39.61 -44.90 -21.59
C ASP L 139 -39.86 -43.80 -20.57
N ILE L 140 -39.91 -44.17 -19.30
CA ILE L 140 -40.18 -43.22 -18.23
C ILE L 140 -39.12 -43.19 -17.14
N VAL L 141 -38.78 -41.99 -16.68
CA VAL L 141 -37.86 -41.81 -15.58
C VAL L 141 -38.62 -41.02 -14.52
N PRO L 142 -38.88 -41.68 -13.40
CA PRO L 142 -39.65 -41.08 -12.30
C PRO L 142 -38.76 -40.15 -11.50
N VAL L 143 -38.51 -38.95 -12.02
CA VAL L 143 -37.67 -37.98 -11.31
C VAL L 143 -38.36 -36.63 -11.17
N GLY L 144 -37.91 -35.82 -10.23
CA GLY L 144 -38.47 -34.51 -10.01
C GLY L 144 -38.00 -33.53 -11.07
N GLU L 145 -38.31 -32.25 -10.84
CA GLU L 145 -38.00 -31.15 -11.75
C GLU L 145 -36.57 -30.65 -11.61
N ASP L 146 -35.77 -31.40 -10.86
CA ASP L 146 -34.39 -31.03 -10.56
C ASP L 146 -33.40 -31.86 -11.36
N GLN L 147 -33.91 -32.95 -11.94
CA GLN L 147 -33.15 -33.83 -12.81
C GLN L 147 -33.61 -33.46 -14.22
N LYS L 148 -34.53 -32.50 -14.27
CA LYS L 148 -35.12 -32.02 -15.51
C LYS L 148 -34.05 -31.71 -16.55
N GLN L 149 -33.01 -30.99 -16.12
CA GLN L 149 -31.91 -30.64 -17.02
C GLN L 149 -31.14 -31.92 -17.34
N HIS L 150 -31.12 -32.81 -16.36
CA HIS L 150 -30.46 -34.10 -16.51
C HIS L 150 -31.16 -34.95 -17.55
N ILE L 151 -32.49 -34.84 -17.63
CA ILE L 151 -33.25 -35.64 -18.61
C ILE L 151 -33.18 -35.03 -20.00
N GLU L 152 -33.32 -33.71 -20.06
CA GLU L 152 -33.24 -32.98 -21.32
C GLU L 152 -31.96 -33.39 -22.02
N LEU L 153 -30.92 -33.57 -21.22
CA LEU L 153 -29.61 -33.95 -21.72
C LEU L 153 -29.47 -35.40 -22.19
N THR L 154 -30.04 -36.34 -21.44
CA THR L 154 -29.97 -37.75 -21.88
C THR L 154 -30.86 -37.96 -23.09
N ARG L 155 -31.79 -37.04 -23.29
CA ARG L 155 -32.71 -37.08 -24.41
C ARG L 155 -32.02 -36.50 -25.64
N ASP L 156 -31.14 -35.54 -25.41
CA ASP L 156 -30.37 -34.89 -26.48
C ASP L 156 -29.31 -35.86 -26.99
N LEU L 157 -28.64 -36.51 -26.04
CA LEU L 157 -27.59 -37.47 -26.33
C LEU L 157 -28.11 -38.66 -27.11
N ALA L 158 -29.32 -39.10 -26.79
CA ALA L 158 -29.94 -40.23 -27.48
C ALA L 158 -30.37 -39.85 -28.89
N GLU L 159 -30.95 -38.65 -29.02
CA GLU L 159 -31.39 -38.11 -30.30
C GLU L 159 -30.17 -38.01 -31.21
N ARG L 160 -29.07 -37.56 -30.62
CA ARG L 160 -27.82 -37.36 -31.33
C ARG L 160 -27.18 -38.67 -31.79
N PHE L 161 -27.18 -39.66 -30.91
CA PHE L 161 -26.59 -40.96 -31.25
C PHE L 161 -27.46 -41.64 -32.29
N ASN L 162 -28.77 -41.49 -32.11
CA ASN L 162 -29.77 -42.07 -32.98
C ASN L 162 -29.73 -41.49 -34.39
N LYS L 163 -29.26 -40.25 -34.51
CA LYS L 163 -29.16 -39.59 -35.80
C LYS L 163 -27.87 -39.96 -36.52
N ARG L 164 -26.83 -40.24 -35.75
CA ARG L 164 -25.53 -40.61 -36.30
C ARG L 164 -25.53 -42.06 -36.79
N TYR L 165 -26.05 -42.95 -35.95
CA TYR L 165 -25.73 -44.37 -36.08
C TYR L 165 -26.97 -45.18 -36.43
N GLY L 166 -28.12 -44.53 -36.40
CA GLY L 166 -29.40 -45.23 -36.48
C GLY L 166 -30.20 -45.12 -35.21
N GLU L 167 -31.39 -45.73 -35.20
CA GLU L 167 -32.29 -45.65 -34.06
C GLU L 167 -32.04 -46.79 -33.08
N LEU L 168 -31.14 -46.56 -32.12
CA LEU L 168 -30.79 -47.57 -31.13
C LEU L 168 -31.55 -47.33 -29.83
N PHE L 169 -31.74 -46.05 -29.49
CA PHE L 169 -32.23 -45.68 -28.16
C PHE L 169 -33.70 -45.32 -28.18
N THR L 170 -34.41 -45.65 -27.11
CA THR L 170 -35.65 -44.97 -26.77
C THR L 170 -35.38 -43.58 -26.19
N ILE L 171 -36.18 -42.61 -26.61
CA ILE L 171 -36.09 -41.25 -26.08
C ILE L 171 -36.91 -41.09 -24.80
N PRO L 172 -36.23 -40.94 -23.68
CA PRO L 172 -36.85 -41.21 -22.36
C PRO L 172 -37.69 -40.04 -21.89
N GLU L 173 -38.41 -40.23 -20.79
CA GLU L 173 -39.34 -39.22 -20.29
C GLU L 173 -39.16 -39.00 -18.79
N ALA L 174 -39.43 -37.78 -18.35
CA ALA L 174 -39.30 -37.44 -16.93
C ALA L 174 -40.67 -37.18 -16.31
N ARG L 175 -41.22 -38.19 -15.64
CA ARG L 175 -42.54 -38.11 -15.06
C ARG L 175 -42.75 -39.15 -13.97
N ILE L 176 -43.16 -38.70 -12.79
CA ILE L 176 -43.53 -39.60 -11.70
C ILE L 176 -44.99 -40.05 -11.83
N PRO L 177 -45.19 -41.28 -12.28
CA PRO L 177 -46.53 -41.74 -12.66
C PRO L 177 -47.44 -41.94 -11.45
N LYS L 178 -48.58 -41.28 -11.45
CA LYS L 178 -49.38 -41.14 -10.24
C LYS L 178 -48.53 -40.65 -9.08
N VAL L 179 -47.89 -39.50 -9.24
CA VAL L 179 -47.14 -38.89 -8.17
C VAL L 179 -48.02 -38.59 -6.97
N GLY L 180 -47.53 -38.90 -5.77
CA GLY L 180 -48.19 -38.52 -4.54
C GLY L 180 -47.79 -37.13 -4.08
N ALA L 181 -48.32 -36.71 -2.94
CA ALA L 181 -48.17 -35.33 -2.47
C ALA L 181 -46.72 -35.04 -2.10
N ARG L 182 -46.45 -33.77 -1.80
CA ARG L 182 -45.10 -33.35 -1.42
C ARG L 182 -45.00 -33.11 0.07
N ILE L 183 -44.04 -33.78 0.71
CA ILE L 183 -43.98 -33.83 2.17
C ILE L 183 -42.94 -32.85 2.69
N MSE L 184 -43.36 -31.99 3.62
CA MSE L 184 -42.50 -30.92 4.13
C MSE L 184 -41.85 -31.32 5.45
O MSE L 184 -42.30 -32.24 6.13
CB MSE L 184 -43.30 -29.63 4.32
CG MSE L 184 -44.17 -29.26 3.12
SE MSE L 184 -43.11 -28.92 1.52
CE MSE L 184 -44.40 -29.53 0.18
N SER L 185 -40.77 -30.62 5.80
CA SER L 185 -40.14 -30.80 7.10
C SER L 185 -41.13 -30.56 8.24
N LEU L 186 -41.01 -31.34 9.30
CA LEU L 186 -41.87 -31.20 10.46
C LEU L 186 -41.44 -30.03 11.33
N VAL L 187 -40.20 -29.57 11.13
CA VAL L 187 -39.69 -28.41 11.83
C VAL L 187 -39.95 -27.13 11.04
N ASP L 188 -39.91 -27.24 9.70
CA ASP L 188 -39.96 -26.08 8.83
C ASP L 188 -40.89 -26.33 7.65
N PRO L 189 -42.17 -26.02 7.83
CA PRO L 189 -43.20 -26.44 6.88
C PRO L 189 -43.04 -25.78 5.52
N THR L 190 -42.06 -24.89 5.41
CA THR L 190 -41.76 -24.24 4.13
C THR L 190 -40.60 -24.94 3.42
N LYS L 191 -40.01 -25.93 4.09
CA LYS L 191 -38.90 -26.68 3.53
C LYS L 191 -39.28 -28.14 3.32
N LYS L 192 -38.84 -28.71 2.20
CA LYS L 192 -39.15 -30.10 1.87
C LYS L 192 -38.46 -31.06 2.83
N MSE L 193 -39.10 -32.20 3.09
CA MSE L 193 -38.51 -33.24 3.92
C MSE L 193 -37.33 -33.91 3.21
O MSE L 193 -37.47 -34.39 2.08
CB MSE L 193 -39.56 -34.28 4.30
CG MSE L 193 -39.15 -35.19 5.44
SE MSE L 193 -40.41 -36.65 5.73
CE MSE L 193 -41.58 -35.78 7.02
N SER L 194 -36.19 -33.94 3.88
CA SER L 194 -34.99 -34.55 3.31
C SER L 194 -34.17 -35.28 4.39
N LYS L 195 -33.80 -36.52 4.09
CA LYS L 195 -33.02 -37.33 5.01
C LYS L 195 -31.70 -36.64 5.38
N SER L 196 -31.37 -35.60 4.63
CA SER L 196 -30.13 -34.86 4.86
C SER L 196 -30.28 -33.68 5.81
N ASP L 197 -31.51 -33.43 6.27
CA ASP L 197 -31.75 -32.35 7.21
C ASP L 197 -30.84 -32.54 8.42
N PRO L 198 -30.18 -31.47 8.85
CA PRO L 198 -29.28 -31.53 9.99
C PRO L 198 -30.05 -31.83 11.27
N ASN L 199 -31.34 -31.47 11.28
CA ASN L 199 -32.22 -31.75 12.40
C ASN L 199 -32.99 -33.03 12.09
N PRO L 200 -32.77 -34.07 12.89
CA PRO L 200 -33.42 -35.36 12.67
C PRO L 200 -34.90 -35.34 13.03
N LYS L 201 -35.36 -34.19 13.53
CA LYS L 201 -36.78 -34.03 13.89
C LYS L 201 -37.58 -33.55 12.69
N ALA L 202 -36.88 -33.29 11.58
CA ALA L 202 -37.51 -32.77 10.37
C ALA L 202 -38.10 -33.85 9.47
N TYR L 203 -37.74 -35.10 9.70
CA TYR L 203 -38.20 -36.19 8.87
C TYR L 203 -38.48 -37.43 9.68
N ILE L 204 -39.29 -38.32 9.11
CA ILE L 204 -39.52 -39.61 9.71
C ILE L 204 -38.95 -40.65 8.75
N THR L 205 -38.11 -41.51 9.29
CA THR L 205 -37.43 -42.53 8.51
C THR L 205 -38.28 -43.80 8.54
N LEU L 206 -38.10 -44.66 7.54
CA LEU L 206 -38.85 -45.91 7.48
C LEU L 206 -38.44 -46.84 8.62
N LEU L 207 -37.20 -46.71 9.07
CA LEU L 207 -36.69 -47.53 10.16
C LEU L 207 -36.82 -46.84 11.51
N ASP L 208 -37.49 -45.71 11.52
CA ASP L 208 -37.71 -44.96 12.76
C ASP L 208 -38.64 -45.77 13.67
N ASP L 209 -38.27 -45.93 14.93
CA ASP L 209 -39.09 -46.70 15.87
C ASP L 209 -40.36 -45.98 16.26
N ALA L 210 -41.31 -46.74 16.81
CA ALA L 210 -42.61 -46.25 17.23
C ALA L 210 -42.52 -45.09 18.22
N LYS L 211 -41.51 -45.14 19.08
CA LYS L 211 -41.29 -44.09 20.06
C LYS L 211 -40.83 -42.82 19.39
N THR L 212 -39.90 -42.96 18.45
CA THR L 212 -39.34 -41.85 17.71
C THR L 212 -40.37 -41.22 16.77
N ILE L 213 -41.08 -42.06 16.03
CA ILE L 213 -42.12 -41.58 15.11
C ILE L 213 -43.05 -40.65 15.86
N GLU L 214 -43.52 -41.15 16.99
CA GLU L 214 -44.47 -40.45 17.83
C GLU L 214 -43.89 -39.21 18.49
N LYS L 215 -42.64 -39.30 18.94
CA LYS L 215 -41.99 -38.15 19.55
C LYS L 215 -41.80 -37.07 18.51
N LYS L 216 -41.61 -37.52 17.27
CA LYS L 216 -41.39 -36.63 16.15
C LYS L 216 -42.67 -35.96 15.66
N ILE L 217 -43.77 -36.71 15.68
CA ILE L 217 -45.07 -36.21 15.23
C ILE L 217 -45.62 -35.18 16.22
N LYS L 218 -45.42 -35.46 17.50
CA LYS L 218 -45.87 -34.58 18.58
C LYS L 218 -45.11 -33.26 18.55
N SER L 219 -44.00 -33.24 17.83
CA SER L 219 -43.16 -32.05 17.75
C SER L 219 -43.45 -31.26 16.47
N SER L 224 -51.00 -21.37 16.06
CA SER L 224 -51.80 -21.00 17.23
C SER L 224 -53.30 -20.90 16.93
N GLU L 225 -53.69 -21.30 15.73
CA GLU L 225 -55.10 -21.25 15.32
C GLU L 225 -55.94 -22.43 15.81
N GLY L 226 -55.29 -23.57 16.02
CA GLY L 226 -55.96 -24.76 16.54
C GLY L 226 -57.14 -25.31 15.74
N THR L 227 -57.13 -25.09 14.43
CA THR L 227 -58.19 -25.59 13.56
C THR L 227 -57.63 -26.42 12.41
N ILE L 228 -58.20 -27.61 12.22
CA ILE L 228 -57.73 -28.56 11.23
C ILE L 228 -58.33 -28.36 9.85
N ARG L 229 -57.76 -27.39 9.12
CA ARG L 229 -58.21 -27.06 7.78
C ARG L 229 -56.97 -26.96 6.88
N TYR L 230 -57.11 -27.41 5.63
CA TYR L 230 -56.00 -27.38 4.69
C TYR L 230 -55.72 -26.08 3.94
N GLY L 237 -47.90 -25.98 8.28
CA GLY L 237 -47.60 -27.13 9.15
C GLY L 237 -48.75 -28.13 9.26
N ILE L 238 -49.96 -27.64 9.52
CA ILE L 238 -51.11 -28.53 9.64
C ILE L 238 -51.41 -29.18 8.28
N SER L 239 -51.41 -28.35 7.24
CA SER L 239 -51.65 -28.81 5.87
C SER L 239 -50.75 -30.00 5.49
N ASN L 240 -49.52 -29.99 6.02
CA ASN L 240 -48.59 -31.07 5.73
C ASN L 240 -48.96 -32.34 6.47
N LEU L 241 -49.23 -32.21 7.77
CA LEU L 241 -49.64 -33.35 8.60
C LEU L 241 -50.89 -33.95 7.98
N LEU L 242 -51.70 -33.07 7.42
CA LEU L 242 -52.95 -33.45 6.77
C LEU L 242 -52.68 -34.27 5.51
N ASN L 243 -51.61 -33.94 4.80
CA ASN L 243 -51.22 -34.66 3.60
C ASN L 243 -50.65 -36.04 3.95
N ILE L 244 -49.91 -36.12 5.05
CA ILE L 244 -49.30 -37.36 5.49
C ILE L 244 -50.35 -38.37 5.95
N TYR L 245 -51.32 -37.87 6.69
CA TYR L 245 -52.43 -38.65 7.23
C TYR L 245 -53.29 -39.17 6.08
N SER L 246 -53.80 -38.22 5.30
CA SER L 246 -54.65 -38.51 4.17
C SER L 246 -54.12 -39.59 3.23
N THR L 247 -52.82 -39.56 2.95
CA THR L 247 -52.22 -40.52 2.02
C THR L 247 -51.86 -41.89 2.61
N LEU L 248 -51.58 -41.92 3.91
CA LEU L 248 -51.23 -43.17 4.61
C LEU L 248 -52.49 -43.88 5.06
N SER L 249 -53.55 -43.09 5.26
CA SER L 249 -54.81 -43.63 5.73
C SER L 249 -55.81 -43.94 4.63
N GLY L 250 -55.62 -43.36 3.46
CA GLY L 250 -56.53 -43.62 2.35
C GLY L 250 -57.76 -42.72 2.37
N GLN L 251 -57.90 -41.90 3.40
CA GLN L 251 -59.04 -41.00 3.48
C GLN L 251 -58.71 -39.75 2.67
N SER L 252 -59.70 -38.88 2.52
CA SER L 252 -59.53 -37.64 1.77
C SER L 252 -59.24 -36.46 2.70
N ILE L 253 -58.45 -35.51 2.22
CA ILE L 253 -58.11 -34.33 3.01
C ILE L 253 -59.37 -33.56 3.42
N GLU L 254 -60.31 -33.43 2.48
CA GLU L 254 -61.57 -32.76 2.76
C GLU L 254 -62.40 -33.51 3.79
N GLU L 255 -62.01 -34.77 4.04
CA GLU L 255 -62.80 -35.65 4.89
C GLU L 255 -62.14 -35.84 6.25
N LEU L 256 -60.82 -35.97 6.24
CA LEU L 256 -60.03 -35.75 7.45
C LEU L 256 -60.33 -34.38 8.06
N GLU L 257 -60.67 -33.42 7.22
CA GLU L 257 -61.13 -32.12 7.69
C GLU L 257 -62.43 -32.25 8.50
N ARG L 258 -63.37 -33.03 7.96
CA ARG L 258 -64.63 -33.26 8.65
C ARG L 258 -64.42 -33.93 10.00
N GLN L 259 -63.90 -35.16 9.97
CA GLN L 259 -63.66 -35.92 11.19
C GLN L 259 -63.33 -34.99 12.35
N TYR L 260 -62.29 -34.18 12.18
CA TYR L 260 -61.63 -33.52 13.31
C TYR L 260 -62.22 -32.14 13.54
N GLU L 261 -63.46 -32.10 14.02
CA GLU L 261 -64.36 -30.98 13.74
C GLU L 261 -64.59 -30.15 15.00
N GLY L 262 -63.74 -29.15 15.21
CA GLY L 262 -63.51 -28.61 16.54
C GLY L 262 -62.69 -29.53 17.41
N LYS L 263 -62.05 -30.51 16.79
CA LYS L 263 -60.89 -31.17 17.38
C LYS L 263 -59.66 -30.28 17.33
N GLY L 264 -58.79 -30.40 18.34
CA GLY L 264 -57.54 -29.67 18.36
C GLY L 264 -56.43 -30.55 17.78
N TYR L 265 -55.21 -30.03 17.87
CA TYR L 265 -54.03 -30.70 17.32
C TYR L 265 -53.56 -31.95 18.06
N GLY L 266 -53.63 -31.90 19.39
CA GLY L 266 -53.19 -33.01 20.23
C GLY L 266 -53.67 -34.41 19.78
N VAL L 267 -54.98 -34.53 19.59
CA VAL L 267 -55.63 -35.79 19.19
C VAL L 267 -55.29 -36.13 17.75
N PHE L 268 -55.25 -35.10 16.92
CA PHE L 268 -54.92 -35.24 15.50
C PHE L 268 -53.54 -35.87 15.38
N LYS L 269 -52.62 -35.32 16.14
CA LYS L 269 -51.23 -35.76 16.18
C LYS L 269 -51.09 -37.18 16.75
N ALA L 270 -51.97 -37.51 17.70
CA ALA L 270 -51.96 -38.83 18.30
C ALA L 270 -52.51 -39.87 17.32
N ASP L 271 -53.55 -39.47 16.61
CA ASP L 271 -54.15 -40.34 15.60
C ASP L 271 -53.13 -40.54 14.47
N LEU L 272 -52.57 -39.43 14.01
CA LEU L 272 -51.56 -39.43 12.96
C LEU L 272 -50.41 -40.36 13.32
N ALA L 273 -49.88 -40.19 14.54
CA ALA L 273 -48.77 -41.01 15.02
C ALA L 273 -49.05 -42.51 14.94
N GLN L 274 -50.30 -42.91 15.16
CA GLN L 274 -50.66 -44.32 15.10
C GLN L 274 -50.77 -44.87 13.68
N VAL L 275 -51.19 -44.04 12.72
CA VAL L 275 -51.28 -44.49 11.33
C VAL L 275 -49.90 -44.63 10.69
N VAL L 276 -48.96 -43.78 11.10
CA VAL L 276 -47.59 -43.86 10.59
C VAL L 276 -46.93 -45.10 11.18
N ILE L 277 -47.09 -45.26 12.50
CA ILE L 277 -46.53 -46.38 13.23
C ILE L 277 -47.10 -47.69 12.68
N GLU L 278 -48.38 -47.65 12.34
CA GLU L 278 -49.09 -48.82 11.80
C GLU L 278 -48.63 -49.13 10.37
N THR L 279 -48.20 -48.10 9.66
CA THR L 279 -47.73 -48.22 8.28
C THR L 279 -46.32 -48.78 8.17
N LEU L 280 -45.44 -48.28 9.05
CA LEU L 280 -44.03 -48.65 9.07
C LEU L 280 -43.71 -49.96 9.78
N ARG L 281 -44.59 -50.37 10.68
CA ARG L 281 -44.38 -51.56 11.47
C ARG L 281 -44.14 -52.86 10.69
N PRO L 282 -44.98 -53.14 9.71
CA PRO L 282 -44.83 -54.34 8.90
C PRO L 282 -43.65 -54.20 7.95
N ILE L 283 -43.43 -52.98 7.49
CA ILE L 283 -42.31 -52.67 6.61
C ILE L 283 -41.01 -52.96 7.37
N GLN L 284 -40.97 -52.48 8.61
CA GLN L 284 -39.81 -52.68 9.49
C GLN L 284 -39.67 -54.17 9.83
N GLU L 285 -40.81 -54.84 9.93
CA GLU L 285 -40.80 -56.27 10.22
C GLU L 285 -40.06 -57.08 9.15
N ARG L 286 -40.38 -56.83 7.90
CA ARG L 286 -39.74 -57.52 6.78
C ARG L 286 -38.31 -57.02 6.56
N TYR L 287 -38.10 -55.74 6.81
CA TYR L 287 -36.80 -55.13 6.58
C TYR L 287 -35.79 -56.01 7.30
N HIS L 288 -36.19 -56.46 8.49
CA HIS L 288 -35.36 -57.31 9.33
C HIS L 288 -35.25 -58.76 8.90
N HIS L 289 -36.31 -59.30 8.29
CA HIS L 289 -36.25 -60.67 7.79
C HIS L 289 -35.24 -60.71 6.64
N TRP L 290 -35.27 -59.64 5.84
CA TRP L 290 -34.33 -59.48 4.72
C TRP L 290 -32.91 -59.28 5.21
N MSE L 291 -32.74 -58.29 6.08
CA MSE L 291 -31.42 -57.94 6.63
C MSE L 291 -30.71 -59.14 7.26
O MSE L 291 -29.48 -59.17 7.37
CB MSE L 291 -31.52 -56.79 7.60
CG MSE L 291 -31.45 -55.41 7.02
SE MSE L 291 -30.05 -55.20 5.69
CE MSE L 291 -28.81 -54.14 6.71
N GLU L 292 -31.49 -60.12 7.67
CA GLU L 292 -30.95 -61.33 8.30
C GLU L 292 -30.96 -62.52 7.35
N SER L 293 -31.70 -62.42 6.26
CA SER L 293 -31.84 -63.52 5.31
C SER L 293 -30.77 -63.60 4.23
N GLU L 294 -30.49 -64.83 3.79
CA GLU L 294 -29.50 -65.13 2.77
C GLU L 294 -30.11 -64.94 1.39
N GLU L 295 -31.42 -64.74 1.37
CA GLU L 295 -32.20 -64.57 0.15
C GLU L 295 -32.03 -63.18 -0.46
N LEU L 296 -31.53 -62.24 0.34
CA LEU L 296 -31.32 -60.87 -0.11
C LEU L 296 -30.20 -60.79 -1.13
N ASP L 297 -29.15 -61.57 -0.92
CA ASP L 297 -27.99 -61.59 -1.81
C ASP L 297 -28.30 -62.31 -3.13
N ARG L 298 -29.30 -63.18 -3.09
CA ARG L 298 -29.71 -63.94 -4.28
C ARG L 298 -30.66 -63.11 -5.13
N VAL L 299 -31.46 -62.28 -4.47
CA VAL L 299 -32.38 -61.39 -5.16
C VAL L 299 -31.54 -60.42 -5.99
N LEU L 300 -30.46 -59.92 -5.38
CA LEU L 300 -29.55 -58.98 -6.04
C LEU L 300 -28.65 -59.64 -7.08
N ASP L 301 -28.22 -60.86 -6.79
CA ASP L 301 -27.39 -61.63 -7.70
C ASP L 301 -28.21 -61.82 -8.97
N GLU L 302 -29.50 -62.05 -8.74
CA GLU L 302 -30.49 -62.29 -9.79
C GLU L 302 -30.90 -61.03 -10.52
N GLY L 303 -30.88 -59.90 -9.82
CA GLY L 303 -31.27 -58.62 -10.41
C GLY L 303 -30.17 -58.14 -11.37
N ALA L 304 -28.93 -58.40 -10.98
CA ALA L 304 -27.77 -58.01 -11.80
C ALA L 304 -27.67 -58.91 -13.04
N GLU L 305 -27.96 -60.19 -12.85
CA GLU L 305 -27.96 -61.17 -13.94
C GLU L 305 -28.92 -60.74 -15.03
N LYS L 306 -30.10 -60.29 -14.61
CA LYS L 306 -31.13 -59.84 -15.54
C LYS L 306 -30.77 -58.53 -16.21
N ALA L 307 -30.24 -57.59 -15.42
CA ALA L 307 -29.83 -56.30 -15.95
C ALA L 307 -28.63 -56.43 -16.90
N ASN L 308 -27.69 -57.29 -16.54
CA ASN L 308 -26.51 -57.52 -17.38
C ASN L 308 -26.94 -58.05 -18.75
N ARG L 309 -27.94 -58.92 -18.74
CA ARG L 309 -28.49 -59.50 -19.95
C ARG L 309 -28.92 -58.39 -20.91
N VAL L 310 -29.83 -57.53 -20.45
CA VAL L 310 -30.34 -56.41 -21.23
C VAL L 310 -29.26 -55.38 -21.58
N ALA L 311 -28.53 -54.93 -20.57
CA ALA L 311 -27.50 -53.91 -20.74
C ALA L 311 -26.29 -54.33 -21.58
N SER L 312 -25.95 -55.62 -21.51
CA SER L 312 -24.83 -56.15 -22.27
C SER L 312 -25.14 -56.16 -23.78
N GLU L 313 -26.37 -56.53 -24.11
CA GLU L 313 -26.82 -56.58 -25.49
C GLU L 313 -26.80 -55.17 -26.08
N MSE L 314 -27.23 -54.21 -25.27
CA MSE L 314 -27.26 -52.80 -25.70
C MSE L 314 -25.84 -52.30 -26.01
O MSE L 314 -25.59 -51.70 -27.05
CB MSE L 314 -27.90 -51.91 -24.65
CG MSE L 314 -28.00 -50.44 -24.97
SE MSE L 314 -28.72 -50.06 -26.74
CE MSE L 314 -30.53 -49.60 -26.28
N VAL L 315 -24.93 -52.54 -25.07
CA VAL L 315 -23.54 -52.14 -25.24
C VAL L 315 -23.02 -52.72 -26.56
N ARG L 316 -23.42 -53.96 -26.83
CA ARG L 316 -23.06 -54.66 -28.06
C ARG L 316 -23.49 -53.88 -29.29
N LYS L 317 -24.76 -53.49 -29.33
CA LYS L 317 -25.29 -52.74 -30.46
C LYS L 317 -24.61 -51.38 -30.57
N MSE L 318 -24.28 -50.81 -29.42
CA MSE L 318 -23.62 -49.52 -29.33
C MSE L 318 -22.22 -49.52 -29.92
O MSE L 318 -21.82 -48.55 -30.58
CB MSE L 318 -23.54 -49.09 -27.89
CG MSE L 318 -24.67 -48.22 -27.41
SE MSE L 318 -24.52 -47.85 -25.51
CE MSE L 318 -23.48 -46.24 -25.65
N GLU L 319 -21.48 -50.59 -29.70
CA GLU L 319 -20.12 -50.73 -30.23
C GLU L 319 -20.20 -51.10 -31.69
N GLN L 320 -21.26 -51.81 -32.04
CA GLN L 320 -21.50 -52.25 -33.40
C GLN L 320 -21.63 -50.99 -34.25
N ALA L 321 -22.40 -50.04 -33.73
CA ALA L 321 -22.63 -48.77 -34.40
C ALA L 321 -21.38 -47.91 -34.47
N MSE L 322 -20.58 -47.94 -33.41
CA MSE L 322 -19.36 -47.15 -33.35
C MSE L 322 -18.12 -47.81 -33.95
O MSE L 322 -17.14 -47.14 -34.30
CB MSE L 322 -19.12 -46.64 -31.94
CG MSE L 322 -20.30 -45.96 -31.30
SE MSE L 322 -19.91 -45.11 -29.59
CE MSE L 322 -18.91 -43.59 -30.21
N GLY L 323 -18.15 -49.14 -34.07
CA GLY L 323 -17.04 -49.88 -34.64
C GLY L 323 -16.02 -50.35 -33.61
N LEU L 324 -16.47 -50.51 -32.37
CA LEU L 324 -15.60 -50.94 -31.26
C LEU L 324 -15.44 -52.46 -31.19
N GLY L 325 -14.21 -52.93 -31.07
CA GLY L 325 -13.93 -54.36 -30.96
C GLY L 325 -14.22 -55.13 -32.24
N ARG L 326 -15.00 -56.20 -32.12
CA ARG L 326 -15.34 -57.07 -33.26
C ARG L 326 -16.81 -57.52 -33.20
N MSE M 1 -4.91 48.87 -60.13
CA MSE M 1 -4.05 48.12 -61.04
C MSE M 1 -4.77 47.85 -62.35
O MSE M 1 -5.44 48.71 -62.92
CB MSE M 1 -3.71 46.74 -60.51
CG MSE M 1 -3.16 46.60 -59.11
SE MSE M 1 -4.18 45.38 -57.98
CE MSE M 1 -5.68 46.50 -57.61
N LYS M 2 -4.61 46.61 -62.80
CA LYS M 2 -5.28 46.14 -63.99
C LYS M 2 -6.52 45.37 -63.52
N THR M 3 -7.60 45.46 -64.27
CA THR M 3 -8.84 44.81 -63.88
C THR M 3 -9.13 43.55 -64.70
N ILE M 4 -9.48 42.47 -64.00
CA ILE M 4 -9.82 41.22 -64.66
C ILE M 4 -11.24 40.82 -64.29
N PHE M 5 -12.04 40.50 -65.30
CA PHE M 5 -13.39 40.04 -65.06
C PHE M 5 -13.57 38.62 -65.55
N SER M 6 -14.03 37.77 -64.65
CA SER M 6 -14.30 36.38 -64.98
C SER M 6 -15.75 36.10 -64.63
N GLY M 7 -16.52 35.66 -65.62
CA GLY M 7 -17.93 35.34 -65.42
C GLY M 7 -18.01 33.84 -65.27
N ILE M 8 -18.62 33.39 -64.18
CA ILE M 8 -18.69 31.96 -63.91
C ILE M 8 -20.10 31.40 -63.90
N GLN M 9 -20.29 30.34 -64.68
CA GLN M 9 -21.59 29.70 -64.78
C GLN M 9 -21.88 28.82 -63.57
N THR M 15 -14.34 20.65 -62.70
CA THR M 15 -13.27 19.66 -62.87
C THR M 15 -11.91 20.26 -62.55
N ILE M 16 -10.90 19.41 -62.47
CA ILE M 16 -9.56 19.85 -62.13
C ILE M 16 -8.89 20.38 -63.39
N GLY M 17 -9.48 20.08 -64.53
CA GLY M 17 -9.07 20.68 -65.79
C GLY M 17 -9.39 22.16 -65.85
N ASN M 18 -10.53 22.55 -65.29
CA ASN M 18 -10.79 23.94 -64.95
C ASN M 18 -9.79 24.48 -63.95
N TYR M 19 -9.57 23.73 -62.86
CA TYR M 19 -8.71 24.19 -61.78
C TYR M 19 -7.29 24.44 -62.26
N ILE M 20 -6.75 23.50 -63.02
CA ILE M 20 -5.43 23.65 -63.60
C ILE M 20 -5.38 24.79 -64.60
N GLY M 21 -6.47 24.96 -65.36
CA GLY M 21 -6.52 25.96 -66.40
C GLY M 21 -6.57 27.38 -65.86
N ALA M 22 -7.58 27.65 -65.05
CA ALA M 22 -7.93 29.02 -64.71
C ALA M 22 -7.67 29.31 -63.24
N LEU M 23 -8.00 28.34 -62.38
CA LEU M 23 -8.36 28.63 -61.00
C LEU M 23 -7.15 28.51 -60.08
N ARG M 24 -6.23 27.62 -60.43
CA ARG M 24 -5.06 27.35 -59.61
C ARG M 24 -4.08 28.54 -59.65
N GLN M 25 -4.33 29.46 -60.57
CA GLN M 25 -3.47 30.64 -60.71
C GLN M 25 -4.12 31.86 -60.06
N PHE M 26 -5.44 31.96 -60.18
CA PHE M 26 -6.16 33.12 -59.68
C PHE M 26 -6.07 33.24 -58.17
N VAL M 27 -5.79 32.12 -57.52
CA VAL M 27 -5.24 32.13 -56.17
C VAL M 27 -4.21 33.24 -56.02
N GLU M 28 -3.27 33.31 -56.96
CA GLU M 28 -2.18 34.27 -56.88
C GLU M 28 -2.34 35.39 -57.91
N LEU M 29 -3.31 35.21 -58.81
CA LEU M 29 -3.62 36.24 -59.81
C LEU M 29 -4.38 37.39 -59.17
N GLN M 30 -5.14 37.10 -58.13
CA GLN M 30 -5.77 38.14 -57.32
C GLN M 30 -4.75 39.12 -56.77
N HIS M 31 -3.52 38.65 -56.61
CA HIS M 31 -2.50 39.42 -55.91
C HIS M 31 -1.97 40.57 -56.78
N GLU M 32 -1.91 40.32 -58.09
CA GLU M 32 -1.29 41.28 -59.00
C GLU M 32 -2.34 42.04 -59.79
N TYR M 33 -3.60 41.61 -59.67
CA TYR M 33 -4.68 42.15 -60.49
C TYR M 33 -5.89 42.48 -59.64
N ASN M 34 -6.63 43.52 -60.04
CA ASN M 34 -7.97 43.74 -59.54
C ASN M 34 -8.97 42.74 -60.09
N CYS M 35 -9.36 41.77 -59.27
CA CYS M 35 -10.21 40.66 -59.72
C CYS M 35 -11.72 40.65 -59.44
N TYR M 36 -12.46 40.20 -60.45
CA TYR M 36 -13.91 40.05 -60.36
C TYR M 36 -14.34 38.62 -60.69
N PHE M 37 -15.13 38.05 -59.80
CA PHE M 37 -15.64 36.71 -59.99
C PHE M 37 -17.15 36.72 -59.85
N CYS M 38 -17.81 37.04 -60.97
CA CYS M 38 -19.24 37.11 -61.01
C CYS M 38 -19.81 35.73 -61.30
N ILE M 39 -20.73 35.30 -60.44
CA ILE M 39 -21.42 34.05 -60.63
C ILE M 39 -22.60 34.44 -61.49
N VAL M 40 -22.43 34.25 -62.80
CA VAL M 40 -23.41 34.67 -63.78
C VAL M 40 -24.70 33.83 -63.82
N ASP M 41 -25.56 34.05 -62.83
CA ASP M 41 -26.84 33.35 -62.67
C ASP M 41 -27.92 33.82 -63.65
N GLN M 42 -27.78 35.05 -64.15
CA GLN M 42 -28.75 35.58 -65.10
C GLN M 42 -28.57 34.99 -66.49
N HIS M 43 -27.37 34.47 -66.74
CA HIS M 43 -27.03 33.81 -68.00
C HIS M 43 -27.53 32.38 -67.92
N ALA M 44 -27.40 31.82 -66.71
CA ALA M 44 -27.81 30.45 -66.42
C ALA M 44 -29.25 30.16 -66.84
N ILE M 45 -30.13 31.14 -66.65
CA ILE M 45 -31.54 30.98 -66.97
C ILE M 45 -31.96 31.12 -68.43
N THR M 46 -31.00 31.30 -69.33
CA THR M 46 -31.29 31.38 -70.76
C THR M 46 -31.64 29.95 -71.19
N VAL M 47 -31.70 29.08 -70.19
CA VAL M 47 -32.04 27.67 -70.37
C VAL M 47 -32.81 27.20 -69.15
N TRP M 48 -33.54 26.12 -69.36
CA TRP M 48 -34.30 25.47 -68.30
C TRP M 48 -33.40 25.25 -67.10
N GLN M 49 -33.90 25.59 -65.92
CA GLN M 49 -33.27 25.19 -64.67
C GLN M 49 -34.30 24.91 -63.59
N ASP M 50 -34.13 23.79 -62.89
CA ASP M 50 -34.63 23.65 -61.53
C ASP M 50 -34.23 24.85 -60.68
N PRO M 51 -35.23 25.62 -60.24
CA PRO M 51 -35.00 26.72 -59.29
C PRO M 51 -34.25 26.25 -58.05
N HIS M 52 -34.45 24.99 -57.67
CA HIS M 52 -33.89 24.45 -56.44
C HIS M 52 -32.38 24.20 -56.59
N GLU M 53 -32.01 23.54 -57.69
CA GLU M 53 -30.61 23.22 -57.95
C GLU M 53 -29.87 24.49 -58.33
N LEU M 54 -30.51 25.37 -59.08
CA LEU M 54 -29.88 26.62 -59.47
C LEU M 54 -29.47 27.37 -58.21
N ARG M 55 -30.44 27.63 -57.33
CA ARG M 55 -30.20 28.31 -56.07
C ARG M 55 -29.04 27.69 -55.33
N GLN M 56 -28.97 26.37 -55.45
CA GLN M 56 -27.98 25.56 -54.78
C GLN M 56 -26.63 25.55 -55.49
N ASN M 57 -26.65 25.52 -56.82
CA ASN M 57 -25.41 25.50 -57.60
C ASN M 57 -24.70 26.85 -57.46
N ILE M 58 -25.49 27.93 -57.50
CA ILE M 58 -24.96 29.28 -57.33
C ILE M 58 -24.21 29.30 -56.01
N ARG M 59 -24.75 28.55 -55.05
CA ARG M 59 -24.17 28.49 -53.71
C ARG M 59 -22.89 27.67 -53.59
N ARG M 60 -22.90 26.47 -54.18
CA ARG M 60 -21.72 25.62 -54.18
C ARG M 60 -20.55 26.30 -54.89
N LEU M 61 -20.85 26.93 -56.02
CA LEU M 61 -19.84 27.68 -56.76
C LEU M 61 -19.22 28.77 -55.89
N ALA M 62 -20.03 29.38 -55.04
CA ALA M 62 -19.55 30.41 -54.13
C ALA M 62 -18.50 29.86 -53.18
N ALA M 63 -18.79 28.72 -52.58
CA ALA M 63 -17.93 28.15 -51.54
C ALA M 63 -16.68 27.51 -52.15
N LEU M 64 -16.81 27.01 -53.38
CA LEU M 64 -15.75 26.24 -54.01
C LEU M 64 -14.61 27.15 -54.47
N TYR M 65 -14.93 28.41 -54.74
CA TYR M 65 -13.93 29.38 -55.15
C TYR M 65 -13.19 29.95 -53.94
N LEU M 66 -13.84 29.93 -52.79
CA LEU M 66 -13.22 30.36 -51.55
C LEU M 66 -12.37 29.25 -50.95
N ALA M 67 -12.83 28.01 -51.12
CA ALA M 67 -12.07 26.85 -50.66
C ALA M 67 -10.81 26.65 -51.49
N VAL M 68 -10.93 26.89 -52.80
CA VAL M 68 -9.76 26.96 -53.66
C VAL M 68 -8.79 28.05 -53.21
N GLY M 69 -9.33 29.08 -52.56
CA GLY M 69 -8.51 30.06 -51.89
C GLY M 69 -8.67 31.46 -52.49
N ILE M 70 -9.85 31.71 -53.05
CA ILE M 70 -10.20 33.05 -53.53
C ILE M 70 -10.28 33.97 -52.31
N ASP M 71 -9.76 35.18 -52.46
CA ASP M 71 -9.72 36.14 -51.34
C ASP M 71 -10.69 37.32 -51.49
N PRO M 72 -11.69 37.34 -50.63
CA PRO M 72 -12.69 38.42 -50.61
C PRO M 72 -12.10 39.80 -50.37
N THR M 73 -11.31 39.91 -49.30
CA THR M 73 -10.59 41.11 -48.92
C THR M 73 -10.04 41.76 -50.17
N GLN M 74 -9.48 40.86 -50.98
CA GLN M 74 -8.74 41.16 -52.18
C GLN M 74 -9.46 41.06 -53.51
N ALA M 75 -10.38 40.13 -53.64
CA ALA M 75 -11.08 39.95 -54.91
C ALA M 75 -12.60 40.12 -54.72
N THR M 76 -13.30 40.46 -55.78
CA THR M 76 -14.76 40.65 -55.69
C THR M 76 -15.50 39.44 -56.24
N LEU M 77 -16.11 38.68 -55.34
CA LEU M 77 -16.87 37.49 -55.71
C LEU M 77 -18.34 37.75 -55.40
N PHE M 78 -19.14 37.96 -56.44
CA PHE M 78 -20.55 38.24 -56.26
C PHE M 78 -21.46 37.40 -57.13
N ILE M 79 -22.75 37.46 -56.83
CA ILE M 79 -23.76 36.80 -57.63
C ILE M 79 -24.30 37.89 -58.55
N GLN M 80 -24.37 37.57 -59.84
CA GLN M 80 -24.80 38.50 -60.89
C GLN M 80 -26.12 39.24 -60.66
N SER M 81 -27.13 38.53 -60.18
CA SER M 81 -28.47 39.08 -60.07
C SER M 81 -28.56 40.07 -58.90
N GLU M 82 -27.66 39.93 -57.95
CA GLU M 82 -27.64 40.81 -56.77
C GLU M 82 -27.15 42.21 -57.14
N VAL M 83 -26.86 42.41 -58.43
CA VAL M 83 -26.33 43.69 -58.90
C VAL M 83 -27.12 44.20 -60.09
N PRO M 84 -28.17 44.96 -59.81
CA PRO M 84 -29.15 45.33 -60.84
C PRO M 84 -28.50 46.07 -62.00
N ALA M 85 -27.37 46.71 -61.73
CA ALA M 85 -26.65 47.47 -62.76
C ALA M 85 -26.41 46.62 -64.00
N HIS M 86 -26.44 45.30 -63.83
CA HIS M 86 -26.11 44.37 -64.89
C HIS M 86 -27.21 44.34 -65.96
N ALA M 87 -28.43 44.08 -65.53
CA ALA M 87 -29.58 44.07 -66.43
C ALA M 87 -29.85 45.47 -66.99
N GLN M 88 -29.30 46.48 -66.32
CA GLN M 88 -29.49 47.86 -66.74
C GLN M 88 -28.63 48.20 -67.95
N ALA M 89 -27.32 47.99 -67.79
CA ALA M 89 -26.38 48.22 -68.89
C ALA M 89 -26.68 47.30 -70.07
N ALA M 90 -27.10 46.07 -69.76
CA ALA M 90 -27.36 45.07 -70.80
C ALA M 90 -28.43 45.57 -71.77
N TRP M 91 -29.45 46.22 -71.24
CA TRP M 91 -30.54 46.75 -72.06
C TRP M 91 -30.03 47.88 -72.95
N MSE M 92 -29.21 48.75 -72.38
CA MSE M 92 -28.64 49.88 -73.10
C MSE M 92 -27.78 49.43 -74.28
O MSE M 92 -27.76 50.06 -75.34
CB MSE M 92 -27.82 50.76 -72.16
CG MSE M 92 -28.62 51.56 -71.17
SE MSE M 92 -27.61 52.98 -70.30
CE MSE M 92 -27.27 52.09 -68.63
N LEU M 93 -27.07 48.31 -74.08
CA LEU M 93 -26.19 47.76 -75.11
C LEU M 93 -26.97 47.05 -76.21
N GLN M 94 -28.13 46.52 -75.86
CA GLN M 94 -28.98 45.81 -76.82
C GLN M 94 -29.70 46.82 -77.70
N CYS M 95 -29.56 48.09 -77.36
CA CYS M 95 -30.08 49.19 -78.15
C CYS M 95 -29.00 49.76 -79.03
N ILE M 96 -27.76 49.31 -78.82
CA ILE M 96 -26.68 49.80 -79.64
C ILE M 96 -26.11 48.67 -80.48
N VAL M 97 -26.37 47.44 -80.06
CA VAL M 97 -25.99 46.27 -80.83
C VAL M 97 -26.92 46.06 -82.01
N TYR M 98 -26.37 45.53 -83.11
CA TYR M 98 -27.19 45.10 -84.24
C TYR M 98 -27.62 43.64 -84.08
N ILE M 99 -28.50 43.19 -84.97
CA ILE M 99 -29.04 41.84 -84.88
C ILE M 99 -28.38 40.83 -85.81
N GLY M 100 -27.80 41.33 -86.89
CA GLY M 100 -26.78 40.60 -87.63
C GLY M 100 -25.56 40.33 -86.78
N GLU M 101 -25.35 41.15 -85.76
CA GLU M 101 -24.19 41.01 -84.88
C GLU M 101 -24.42 39.86 -83.92
N LEU M 102 -25.66 39.71 -83.47
CA LEU M 102 -26.06 38.56 -82.66
C LEU M 102 -26.16 37.28 -83.49
N GLU M 103 -26.88 37.37 -84.61
CA GLU M 103 -27.30 36.18 -85.34
C GLU M 103 -26.08 35.43 -85.86
N ARG M 104 -25.05 36.19 -86.23
CA ARG M 104 -23.83 35.60 -86.77
C ARG M 104 -23.03 34.89 -85.69
N MSE M 105 -23.31 35.21 -84.43
CA MSE M 105 -22.68 34.54 -83.31
C MSE M 105 -22.73 33.03 -83.48
O MSE M 105 -23.76 32.40 -83.27
CB MSE M 105 -23.36 34.94 -81.99
CG MSE M 105 -23.13 36.40 -81.60
SE MSE M 105 -21.28 36.77 -81.14
CE MSE M 105 -21.18 35.82 -79.44
N THR M 106 -21.58 32.45 -83.85
CA THR M 106 -21.53 31.03 -84.22
C THR M 106 -22.40 30.19 -83.30
N GLN M 107 -22.30 30.44 -82.00
CA GLN M 107 -22.94 29.60 -81.00
C GLN M 107 -24.46 29.76 -81.03
N VAL M 118 -37.84 28.66 -79.05
CA VAL M 118 -36.54 29.12 -78.55
C VAL M 118 -36.68 30.35 -77.68
N SER M 119 -35.78 30.48 -76.71
CA SER M 119 -35.83 31.60 -75.77
C SER M 119 -35.00 32.74 -76.33
N ALA M 120 -35.64 33.87 -76.59
CA ALA M 120 -34.93 35.07 -77.03
C ALA M 120 -33.66 35.25 -76.23
N GLY M 121 -33.70 34.77 -74.99
CA GLY M 121 -32.55 34.84 -74.10
C GLY M 121 -31.32 34.13 -74.67
N LEU M 122 -31.56 33.20 -75.60
CA LEU M 122 -30.47 32.46 -76.24
C LEU M 122 -29.78 33.28 -77.32
N LEU M 123 -30.44 34.36 -77.72
CA LEU M 123 -29.94 35.23 -78.77
C LEU M 123 -29.37 36.52 -78.20
N THR M 124 -30.00 36.99 -77.13
CA THR M 124 -29.69 38.27 -76.49
C THR M 124 -28.74 38.29 -75.29
N TYR M 125 -28.25 37.13 -74.88
CA TYR M 125 -27.32 37.08 -73.75
C TYR M 125 -25.96 37.76 -74.02
N PRO M 126 -25.55 37.88 -75.28
CA PRO M 126 -24.25 38.50 -75.56
C PRO M 126 -24.09 39.91 -74.99
N PRO M 127 -25.11 40.75 -75.13
CA PRO M 127 -25.05 42.11 -74.59
C PRO M 127 -25.07 42.12 -73.06
N LEU M 128 -25.57 41.05 -72.48
CA LEU M 128 -25.59 40.93 -71.02
C LEU M 128 -24.18 40.60 -70.54
N MSE M 129 -23.46 39.87 -71.38
CA MSE M 129 -22.08 39.46 -71.10
C MSE M 129 -21.07 40.56 -71.38
O MSE M 129 -19.95 40.55 -70.86
CB MSE M 129 -21.75 38.20 -71.86
CG MSE M 129 -20.27 37.95 -72.11
SE MSE M 129 -19.90 36.17 -72.81
CE MSE M 129 -18.01 36.38 -73.07
N ALA M 130 -21.44 41.52 -72.22
CA ALA M 130 -20.60 42.67 -72.48
C ALA M 130 -20.75 43.55 -71.27
N ALA M 131 -22.00 43.73 -70.85
CA ALA M 131 -22.32 44.55 -69.68
C ALA M 131 -21.47 44.08 -68.52
N ASP M 132 -21.55 42.78 -68.24
CA ASP M 132 -20.78 42.11 -67.20
C ASP M 132 -19.34 42.63 -67.18
N ILE M 133 -18.72 42.61 -68.36
CA ILE M 133 -17.35 43.04 -68.54
C ILE M 133 -17.21 44.57 -68.48
N LEU M 134 -17.88 45.27 -69.38
CA LEU M 134 -17.80 46.73 -69.46
C LEU M 134 -18.03 47.54 -68.19
N LEU M 135 -18.98 47.11 -67.38
CA LEU M 135 -19.33 47.78 -66.13
C LEU M 135 -18.14 48.17 -65.26
N TYR M 136 -17.21 47.24 -65.11
CA TYR M 136 -16.06 47.40 -64.23
C TYR M 136 -14.77 47.89 -64.89
N ASN M 137 -14.87 48.32 -66.14
CA ASN M 137 -13.69 48.80 -66.85
C ASN M 137 -12.61 47.72 -66.76
N THR M 138 -12.99 46.47 -67.02
CA THR M 138 -12.03 45.36 -66.96
C THR M 138 -11.06 45.47 -68.13
N ASP M 139 -9.81 45.14 -67.87
CA ASP M 139 -8.75 45.20 -68.86
C ASP M 139 -8.56 43.87 -69.59
N ILE M 140 -8.71 42.78 -68.85
CA ILE M 140 -8.51 41.44 -69.39
C ILE M 140 -9.69 40.54 -69.05
N VAL M 141 -10.00 39.61 -69.94
CA VAL M 141 -11.01 38.59 -69.67
C VAL M 141 -10.35 37.24 -69.89
N PRO M 142 -10.28 36.46 -68.82
CA PRO M 142 -9.63 35.14 -68.85
C PRO M 142 -10.51 34.09 -69.52
N VAL M 143 -10.72 34.23 -70.82
CA VAL M 143 -11.54 33.29 -71.58
C VAL M 143 -10.74 32.54 -72.65
N GLY M 144 -11.29 31.44 -73.14
CA GLY M 144 -10.63 30.66 -74.17
C GLY M 144 -11.01 31.19 -75.55
N GLU M 145 -10.87 30.35 -76.56
CA GLU M 145 -11.16 30.73 -77.94
C GLU M 145 -12.64 30.67 -78.29
N ASP M 146 -13.43 29.95 -77.50
CA ASP M 146 -14.86 29.83 -77.77
C ASP M 146 -15.53 31.19 -77.58
N GLN M 147 -14.96 31.99 -76.70
CA GLN M 147 -15.51 33.31 -76.39
C GLN M 147 -14.84 34.42 -77.20
N LYS M 148 -13.84 34.07 -77.99
CA LYS M 148 -13.13 35.05 -78.82
C LYS M 148 -14.15 35.89 -79.59
N GLN M 149 -15.05 35.19 -80.27
CA GLN M 149 -16.11 35.83 -81.02
C GLN M 149 -16.96 36.70 -80.09
N HIS M 150 -16.96 36.34 -78.81
CA HIS M 150 -17.74 37.05 -77.81
C HIS M 150 -17.12 38.34 -77.32
N ILE M 151 -15.80 38.45 -77.43
CA ILE M 151 -15.07 39.64 -76.96
C ILE M 151 -14.93 40.56 -78.16
N GLU M 152 -14.69 39.92 -79.29
CA GLU M 152 -14.57 40.54 -80.59
C GLU M 152 -15.73 41.52 -80.64
N LEU M 153 -16.88 41.01 -80.25
CA LEU M 153 -18.13 41.76 -80.20
C LEU M 153 -18.29 42.80 -79.07
N THR M 154 -17.99 42.43 -77.82
CA THR M 154 -18.11 43.41 -76.73
C THR M 154 -17.04 44.48 -76.89
N ARG M 155 -16.01 44.17 -77.66
CA ARG M 155 -14.95 45.12 -77.96
C ARG M 155 -15.45 46.21 -78.92
N ASP M 156 -16.14 45.79 -79.98
CA ASP M 156 -16.81 46.72 -80.87
C ASP M 156 -17.83 47.57 -80.12
N LEU M 157 -18.44 46.98 -79.09
CA LEU M 157 -19.52 47.63 -78.37
C LEU M 157 -19.00 48.79 -77.53
N ALA M 158 -17.82 48.60 -76.95
CA ALA M 158 -17.15 49.67 -76.22
C ALA M 158 -16.49 50.67 -77.16
N GLU M 159 -15.79 50.14 -78.17
CA GLU M 159 -15.39 50.93 -79.32
C GLU M 159 -16.53 51.83 -79.80
N ARG M 160 -17.74 51.30 -79.77
CA ARG M 160 -18.88 51.94 -80.42
C ARG M 160 -19.56 52.95 -79.50
N PHE M 161 -19.88 52.49 -78.29
CA PHE M 161 -20.47 53.37 -77.27
C PHE M 161 -19.51 54.51 -76.93
N ASN M 162 -18.23 54.28 -77.12
CA ASN M 162 -17.21 55.31 -76.91
C ASN M 162 -17.26 56.39 -77.98
N LYS M 163 -17.78 56.04 -79.15
CA LYS M 163 -17.68 56.89 -80.33
C LYS M 163 -18.96 57.68 -80.54
N ARG M 164 -20.07 57.17 -80.00
CA ARG M 164 -21.31 57.94 -79.92
C ARG M 164 -21.30 58.86 -78.71
N TYR M 165 -20.96 58.32 -77.55
CA TYR M 165 -21.38 58.91 -76.28
C TYR M 165 -20.18 59.46 -75.51
N GLY M 166 -19.00 59.39 -76.14
CA GLY M 166 -17.77 59.80 -75.48
C GLY M 166 -17.09 58.65 -74.78
N GLU M 167 -15.97 58.95 -74.11
CA GLU M 167 -14.95 57.94 -73.84
C GLU M 167 -15.12 57.36 -72.43
N LEU M 168 -15.70 56.18 -72.35
CA LEU M 168 -16.38 55.74 -71.13
C LEU M 168 -15.94 54.33 -70.74
N PHE M 169 -15.56 53.53 -71.74
CA PHE M 169 -15.26 52.12 -71.52
C PHE M 169 -13.78 51.83 -71.80
N THR M 170 -13.15 51.07 -70.90
CA THR M 170 -11.89 50.42 -71.19
C THR M 170 -12.08 49.27 -72.18
N ILE M 171 -11.54 49.43 -73.39
CA ILE M 171 -11.56 48.37 -74.39
C ILE M 171 -10.75 47.16 -73.93
N PRO M 172 -11.43 46.05 -73.70
CA PRO M 172 -10.84 44.92 -72.95
C PRO M 172 -10.19 43.90 -73.88
N GLU M 173 -9.85 42.74 -73.34
CA GLU M 173 -9.40 41.61 -74.15
C GLU M 173 -9.28 40.35 -73.32
N ALA M 174 -9.26 39.20 -74.01
CA ALA M 174 -9.20 37.91 -73.33
C ALA M 174 -7.75 37.48 -73.09
N ARG M 175 -7.28 37.70 -71.87
CA ARG M 175 -5.92 37.31 -71.50
C ARG M 175 -5.94 36.35 -70.31
N ILE M 176 -5.39 35.16 -70.50
CA ILE M 176 -4.88 34.36 -69.40
C ILE M 176 -3.41 34.65 -69.13
N PRO M 177 -3.15 35.48 -68.12
CA PRO M 177 -1.84 35.52 -67.48
C PRO M 177 -1.38 34.13 -67.03
N LYS M 178 -0.27 33.67 -67.57
CA LYS M 178 0.26 32.35 -67.21
C LYS M 178 -0.79 31.26 -67.43
N VAL M 179 -1.30 31.17 -68.65
CA VAL M 179 -2.13 30.03 -69.05
C VAL M 179 -1.55 28.72 -68.53
N GLY M 180 -2.39 27.92 -67.89
CA GLY M 180 -2.09 26.52 -67.65
C GLY M 180 -2.44 25.63 -68.82
N ALA M 181 -2.11 24.35 -68.71
CA ALA M 181 -2.16 23.45 -69.86
C ALA M 181 -3.58 22.98 -70.14
N ARG M 182 -3.87 22.75 -71.42
CA ARG M 182 -5.11 22.10 -71.81
C ARG M 182 -5.18 20.67 -71.27
N ILE M 183 -6.16 20.42 -70.40
CA ILE M 183 -6.26 19.14 -69.72
C ILE M 183 -7.32 18.25 -70.36
N MSE M 184 -6.93 17.04 -70.74
CA MSE M 184 -7.75 16.20 -71.60
C MSE M 184 -8.56 15.21 -70.78
O MSE M 184 -8.19 14.86 -69.66
CB MSE M 184 -6.90 15.47 -72.62
CG MSE M 184 -6.15 16.39 -73.59
SE MSE M 184 -7.37 17.51 -74.62
CE MSE M 184 -6.06 18.74 -75.39
N SER M 185 -9.67 14.75 -71.35
CA SER M 185 -10.46 13.68 -70.74
C SER M 185 -9.59 12.47 -70.43
N LEU M 186 -9.83 11.83 -69.29
CA LEU M 186 -9.11 10.63 -68.90
C LEU M 186 -9.43 9.48 -69.85
N VAL M 187 -10.55 9.58 -70.55
CA VAL M 187 -11.02 8.51 -71.42
C VAL M 187 -10.53 8.71 -72.84
N ASP M 188 -10.83 9.86 -73.42
CA ASP M 188 -10.19 10.31 -74.64
C ASP M 188 -9.13 11.36 -74.36
N PRO M 189 -7.90 11.09 -74.80
CA PRO M 189 -6.85 12.11 -74.83
C PRO M 189 -7.08 13.13 -75.94
N THR M 190 -8.09 12.89 -76.77
CA THR M 190 -8.30 13.69 -77.98
C THR M 190 -8.99 15.01 -77.64
N LYS M 191 -10.11 14.93 -76.95
CA LYS M 191 -10.84 16.12 -76.52
C LYS M 191 -10.34 16.62 -75.17
N LYS M 192 -10.81 17.79 -74.77
CA LYS M 192 -10.37 18.42 -73.53
C LYS M 192 -11.39 18.20 -72.41
N MSE M 193 -10.90 18.10 -71.18
CA MSE M 193 -11.71 17.56 -70.06
C MSE M 193 -12.87 18.46 -69.76
O MSE M 193 -12.68 19.62 -69.35
CB MSE M 193 -10.87 17.53 -68.80
CG MSE M 193 -11.57 16.88 -67.63
SE MSE M 193 -10.47 16.86 -66.02
CE MSE M 193 -9.34 15.32 -66.44
N SER M 194 -14.08 17.95 -69.93
CA SER M 194 -15.30 18.71 -69.56
C SER M 194 -16.20 17.99 -68.59
N LYS M 195 -16.83 18.77 -67.72
CA LYS M 195 -17.76 18.24 -66.73
C LYS M 195 -19.05 17.93 -67.49
N SER M 196 -19.23 18.62 -68.60
CA SER M 196 -20.38 18.42 -69.48
C SER M 196 -20.24 17.09 -70.21
N ASP M 197 -19.40 16.21 -69.68
CA ASP M 197 -19.17 14.90 -70.30
C ASP M 197 -20.12 13.84 -69.73
N PRO M 198 -20.72 13.08 -70.64
CA PRO M 198 -21.65 11.99 -70.32
C PRO M 198 -20.97 10.89 -69.51
N ASN M 199 -19.69 10.69 -69.73
CA ASN M 199 -18.94 9.72 -68.96
C ASN M 199 -18.29 10.51 -67.83
N PRO M 200 -18.74 10.24 -66.60
CA PRO M 200 -18.23 10.98 -65.46
C PRO M 200 -16.79 10.59 -65.14
N LYS M 201 -16.31 9.54 -65.77
CA LYS M 201 -14.95 9.08 -65.57
C LYS M 201 -13.97 9.75 -66.54
N ALA M 202 -14.49 10.68 -67.34
CA ALA M 202 -13.67 11.44 -68.29
C ALA M 202 -12.98 12.58 -67.55
N TYR M 203 -13.59 12.99 -66.44
CA TYR M 203 -13.10 14.10 -65.64
C TYR M 203 -13.01 13.75 -64.17
N ILE M 204 -12.37 14.64 -63.42
CA ILE M 204 -12.31 14.53 -61.98
C ILE M 204 -12.78 15.88 -61.47
N THR M 205 -13.64 15.83 -60.46
CA THR M 205 -14.24 17.01 -59.87
C THR M 205 -13.41 17.46 -58.68
N LEU M 206 -13.59 18.73 -58.30
CA LEU M 206 -12.90 19.32 -57.17
C LEU M 206 -13.48 18.78 -55.88
N LEU M 207 -14.65 18.19 -56.00
CA LEU M 207 -15.36 17.63 -54.84
C LEU M 207 -15.38 16.11 -54.89
N ASP M 208 -14.51 15.54 -55.73
CA ASP M 208 -14.39 14.09 -55.82
C ASP M 208 -13.58 13.53 -54.65
N ASP M 209 -14.02 12.38 -54.13
CA ASP M 209 -13.36 11.77 -52.98
C ASP M 209 -12.20 10.89 -53.42
N ALA M 210 -11.31 10.59 -52.49
CA ALA M 210 -10.09 9.83 -52.80
C ALA M 210 -10.42 8.41 -53.24
N LYS M 211 -11.56 7.90 -52.76
CA LYS M 211 -12.04 6.60 -53.19
C LYS M 211 -12.47 6.63 -54.65
N THR M 212 -13.10 7.73 -55.06
CA THR M 212 -13.61 7.86 -56.42
C THR M 212 -12.59 8.54 -57.34
N ILE M 213 -11.68 9.29 -56.73
CA ILE M 213 -10.51 9.79 -57.45
C ILE M 213 -9.61 8.65 -57.90
N GLU M 214 -9.47 7.64 -57.05
CA GLU M 214 -8.53 6.55 -57.30
C GLU M 214 -9.01 5.66 -58.44
N LYS M 215 -10.32 5.55 -58.58
CA LYS M 215 -10.91 4.72 -59.64
C LYS M 215 -10.69 5.36 -61.01
N LYS M 216 -10.99 6.65 -61.10
CA LYS M 216 -10.85 7.42 -62.32
C LYS M 216 -9.42 7.51 -62.84
N ILE M 217 -8.46 7.67 -61.93
CA ILE M 217 -7.04 7.77 -62.31
C ILE M 217 -6.52 6.44 -62.76
N LYS M 218 -6.92 5.40 -62.02
CA LYS M 218 -6.46 4.05 -62.28
C LYS M 218 -7.06 3.42 -63.53
N SER M 219 -8.00 4.13 -64.16
CA SER M 219 -8.60 3.66 -65.40
C SER M 219 -8.44 4.70 -66.50
N SER M 224 0.14 0.75 -74.83
CA SER M 224 0.75 -0.56 -74.64
C SER M 224 2.27 -0.45 -74.58
N GLU M 225 2.78 0.78 -74.59
CA GLU M 225 4.23 1.00 -74.55
C GLU M 225 4.84 0.84 -73.16
N GLY M 226 4.07 1.13 -72.12
CA GLY M 226 4.52 0.97 -70.74
C GLY M 226 5.71 1.83 -70.31
N THR M 227 5.99 2.89 -71.05
CA THR M 227 7.08 3.80 -70.69
C THR M 227 6.54 5.20 -70.43
N ILE M 228 7.03 5.84 -69.37
CA ILE M 228 6.55 7.17 -69.01
C ILE M 228 7.34 8.31 -69.65
N ARG M 229 7.02 8.60 -70.90
CA ARG M 229 7.65 9.71 -71.61
C ARG M 229 6.62 10.54 -72.37
N TYR M 230 6.86 11.84 -72.47
CA TYR M 230 5.83 12.78 -72.86
C TYR M 230 5.77 12.94 -74.38
N GLY M 237 -2.30 9.98 -73.95
CA GLY M 237 -2.92 9.60 -72.69
C GLY M 237 -1.97 9.79 -71.52
N ILE M 238 -0.82 9.13 -71.57
CA ILE M 238 0.21 9.30 -70.55
C ILE M 238 0.60 10.76 -70.40
N SER M 239 0.93 11.41 -71.51
CA SER M 239 1.30 12.81 -71.51
C SER M 239 0.32 13.63 -70.66
N ASN M 240 -0.96 13.29 -70.77
CA ASN M 240 -2.00 13.99 -70.01
C ASN M 240 -1.85 13.76 -68.51
N LEU M 241 -1.73 12.49 -68.12
CA LEU M 241 -1.40 12.16 -66.74
C LEU M 241 -0.16 12.91 -66.26
N LEU M 242 0.76 13.16 -67.18
CA LEU M 242 2.02 13.81 -66.85
C LEU M 242 1.84 15.31 -66.68
N ASN M 243 1.04 15.91 -67.55
CA ASN M 243 0.64 17.30 -67.38
C ASN M 243 -0.07 17.55 -66.06
N ILE M 244 -0.88 16.58 -65.64
CA ILE M 244 -1.60 16.67 -64.37
C ILE M 244 -0.65 16.50 -63.20
N TYR M 245 0.16 15.44 -63.26
CA TYR M 245 1.14 15.14 -62.22
C TYR M 245 2.07 16.32 -61.96
N SER M 246 2.59 16.90 -63.03
CA SER M 246 3.53 18.01 -62.96
C SER M 246 2.90 19.33 -62.52
N THR M 247 1.87 19.79 -63.24
CA THR M 247 1.20 21.04 -62.90
C THR M 247 0.79 21.03 -61.44
N LEU M 248 0.46 19.85 -60.94
CA LEU M 248 0.00 19.69 -59.56
C LEU M 248 1.12 19.56 -58.54
N SER M 249 2.08 18.69 -58.82
CA SER M 249 3.20 18.49 -57.90
C SER M 249 4.18 19.67 -57.85
N GLY M 250 4.51 20.19 -59.03
CA GLY M 250 5.43 21.31 -59.16
C GLY M 250 6.78 20.87 -59.75
N GLN M 251 6.89 19.58 -60.05
CA GLN M 251 8.11 19.06 -60.64
C GLN M 251 7.97 19.32 -62.14
N SER M 252 8.84 18.71 -62.94
CA SER M 252 8.77 18.86 -64.38
C SER M 252 8.72 17.55 -65.14
N ILE M 253 8.17 17.59 -66.34
CA ILE M 253 8.03 16.42 -67.20
C ILE M 253 9.33 15.63 -67.39
N GLU M 254 10.47 16.27 -67.13
CA GLU M 254 11.77 15.61 -67.24
C GLU M 254 12.26 15.12 -65.89
N GLU M 255 11.94 15.87 -64.84
CA GLU M 255 12.07 15.37 -63.47
C GLU M 255 11.19 14.14 -63.25
N LEU M 256 10.01 14.14 -63.83
CA LEU M 256 9.07 13.03 -63.69
C LEU M 256 9.37 11.92 -64.68
N GLU M 257 10.02 12.28 -65.79
CA GLU M 257 10.41 11.31 -66.79
C GLU M 257 11.57 10.44 -66.31
N ARG M 258 12.49 11.06 -65.58
CA ARG M 258 13.51 10.31 -64.84
C ARG M 258 12.87 9.42 -63.78
N GLN M 259 12.19 10.04 -62.83
CA GLN M 259 11.91 9.41 -61.54
C GLN M 259 11.14 8.10 -61.73
N TYR M 260 10.30 8.06 -62.76
CA TYR M 260 9.82 6.79 -63.30
C TYR M 260 10.58 6.40 -64.56
N GLU M 261 11.72 5.72 -64.36
CA GLU M 261 12.36 4.98 -65.44
C GLU M 261 12.23 3.47 -65.23
N GLY M 262 12.21 2.73 -66.34
CA GLY M 262 11.97 1.30 -66.29
C GLY M 262 10.81 0.94 -65.38
N LYS M 263 9.92 1.90 -65.14
CA LYS M 263 8.73 1.67 -64.33
C LYS M 263 7.50 1.50 -65.21
N GLY M 264 6.46 0.87 -64.65
CA GLY M 264 5.24 0.62 -65.39
C GLY M 264 4.25 1.71 -65.03
N TYR M 265 3.02 1.57 -65.52
CA TYR M 265 1.98 2.56 -65.30
C TYR M 265 1.26 2.48 -63.95
N GLY M 266 1.21 1.28 -63.39
CA GLY M 266 0.47 1.04 -62.17
C GLY M 266 1.01 1.84 -61.00
N VAL M 267 2.32 2.04 -60.99
CA VAL M 267 2.96 2.89 -59.98
C VAL M 267 2.73 4.37 -60.29
N PHE M 268 2.44 4.66 -61.56
CA PHE M 268 2.26 6.04 -62.00
C PHE M 268 0.83 6.51 -61.78
N LYS M 269 -0.13 5.63 -62.04
CA LYS M 269 -1.53 5.89 -61.72
C LYS M 269 -1.75 5.91 -60.22
N ALA M 270 -1.08 5.01 -59.50
CA ALA M 270 -1.12 4.99 -58.05
C ALA M 270 -0.48 6.23 -57.45
N ASP M 271 0.64 6.65 -58.03
CA ASP M 271 1.35 7.83 -57.57
C ASP M 271 0.57 9.10 -57.85
N LEU M 272 -0.07 9.15 -59.02
CA LEU M 272 -0.71 10.36 -59.50
C LEU M 272 -2.06 10.59 -58.80
N ALA M 273 -2.72 9.49 -58.45
CA ALA M 273 -3.99 9.57 -57.73
C ALA M 273 -3.78 10.09 -56.31
N GLN M 274 -2.53 10.15 -55.88
CA GLN M 274 -2.21 10.58 -54.52
C GLN M 274 -1.85 12.07 -54.49
N VAL M 275 -0.98 12.48 -55.41
CA VAL M 275 -0.65 13.90 -55.56
C VAL M 275 -1.89 14.72 -55.88
N VAL M 276 -2.94 14.05 -56.35
CA VAL M 276 -4.24 14.68 -56.51
C VAL M 276 -5.01 14.68 -55.19
N ILE M 277 -5.38 13.50 -54.73
CA ILE M 277 -6.13 13.37 -53.46
C ILE M 277 -5.56 14.28 -52.38
N GLU M 278 -4.31 14.68 -52.56
CA GLU M 278 -3.61 15.54 -51.60
C GLU M 278 -3.84 17.02 -51.87
N THR M 279 -4.07 17.34 -53.14
CA THR M 279 -4.33 18.72 -53.58
C THR M 279 -5.79 19.09 -53.33
N LEU M 280 -6.65 18.08 -53.34
CA LEU M 280 -8.10 18.24 -53.20
C LEU M 280 -8.68 18.11 -51.80
N ARG M 281 -7.87 17.65 -50.84
CA ARG M 281 -8.38 17.51 -49.49
C ARG M 281 -8.31 18.81 -48.71
N PRO M 282 -7.32 19.64 -49.01
CA PRO M 282 -7.20 20.92 -48.32
C PRO M 282 -8.38 21.78 -48.77
N ILE M 283 -8.83 21.47 -49.98
CA ILE M 283 -9.91 22.19 -50.66
C ILE M 283 -11.29 21.61 -50.36
N GLN M 284 -11.40 20.30 -50.48
CA GLN M 284 -12.64 19.58 -50.17
C GLN M 284 -12.96 19.86 -48.72
N GLU M 285 -11.92 20.24 -47.98
CA GLU M 285 -12.05 20.51 -46.56
C GLU M 285 -12.49 21.93 -46.21
N ARG M 286 -12.02 22.90 -46.96
CA ARG M 286 -12.53 24.26 -46.86
C ARG M 286 -13.94 24.37 -47.44
N TYR M 287 -14.25 23.51 -48.39
CA TYR M 287 -15.52 23.57 -49.10
C TYR M 287 -16.69 23.29 -48.15
N HIS M 288 -16.66 22.14 -47.50
CA HIS M 288 -17.74 21.71 -46.62
C HIS M 288 -17.89 22.69 -45.45
N HIS M 289 -16.81 23.38 -45.10
CA HIS M 289 -16.82 24.30 -43.98
C HIS M 289 -17.52 25.61 -44.34
N TRP M 290 -17.11 26.20 -45.46
CA TRP M 290 -17.86 27.30 -46.06
C TRP M 290 -19.34 26.95 -46.22
N MSE M 291 -19.61 25.93 -47.02
CA MSE M 291 -20.96 25.39 -47.14
C MSE M 291 -21.71 25.47 -45.82
O MSE M 291 -22.93 25.60 -45.79
CB MSE M 291 -20.91 23.94 -47.63
CG MSE M 291 -20.90 23.79 -49.14
SE MSE M 291 -21.99 25.14 -50.04
CE MSE M 291 -23.49 24.00 -50.58
N GLU M 292 -20.96 25.41 -44.72
CA GLU M 292 -21.55 25.18 -43.40
C GLU M 292 -21.50 26.44 -42.55
N SER M 293 -20.50 27.29 -42.81
CA SER M 293 -20.38 28.57 -42.09
C SER M 293 -21.61 29.38 -42.43
N GLU M 294 -21.71 30.58 -41.85
CA GLU M 294 -22.80 31.45 -42.23
C GLU M 294 -22.12 32.67 -42.79
N GLU M 295 -20.80 32.73 -42.58
CA GLU M 295 -19.97 33.79 -43.10
C GLU M 295 -19.99 33.64 -44.62
N LEU M 296 -20.52 32.52 -45.10
CA LEU M 296 -20.64 32.30 -46.54
C LEU M 296 -21.59 33.36 -47.11
N ASP M 297 -22.78 33.45 -46.51
CA ASP M 297 -23.80 34.42 -46.92
C ASP M 297 -23.30 35.86 -46.74
N ARG M 298 -22.36 36.03 -45.84
CA ARG M 298 -21.76 37.33 -45.53
C ARG M 298 -20.73 37.76 -46.57
N VAL M 299 -19.85 36.83 -46.95
CA VAL M 299 -18.80 37.13 -47.93
C VAL M 299 -19.41 37.62 -49.24
N LEU M 300 -20.57 37.06 -49.60
CA LEU M 300 -21.25 37.45 -50.82
C LEU M 300 -21.85 38.86 -50.68
N ASP M 301 -22.68 39.04 -49.66
CA ASP M 301 -23.32 40.33 -49.40
C ASP M 301 -22.32 41.47 -49.49
N GLU M 302 -21.11 41.23 -49.00
CA GLU M 302 -20.09 42.25 -49.12
C GLU M 302 -19.42 42.19 -50.48
N GLY M 303 -19.64 41.11 -51.23
CA GLY M 303 -19.08 41.00 -52.56
C GLY M 303 -19.98 41.76 -53.53
N ALA M 304 -21.30 41.61 -53.32
CA ALA M 304 -22.33 42.22 -54.14
C ALA M 304 -22.54 43.71 -53.91
N GLU M 305 -22.08 44.23 -52.78
CA GLU M 305 -22.22 45.66 -52.54
C GLU M 305 -20.98 46.42 -53.02
N LYS M 306 -19.84 45.74 -53.02
CA LYS M 306 -18.62 46.34 -53.55
C LYS M 306 -18.89 46.56 -55.04
N ALA M 307 -19.34 45.49 -55.68
CA ALA M 307 -19.68 45.47 -57.09
C ALA M 307 -20.80 46.46 -57.44
N ASN M 308 -21.88 46.43 -56.68
CA ASN M 308 -23.00 47.34 -56.91
C ASN M 308 -22.55 48.80 -56.94
N ARG M 309 -21.68 49.14 -56.00
CA ARG M 309 -21.15 50.49 -55.89
C ARG M 309 -20.38 50.93 -57.14
N VAL M 310 -19.61 49.99 -57.71
CA VAL M 310 -18.78 50.23 -58.90
C VAL M 310 -19.56 50.33 -60.20
N ALA M 311 -20.36 49.31 -60.48
CA ALA M 311 -21.20 49.27 -61.68
C ALA M 311 -22.14 50.48 -61.68
N SER M 312 -22.95 50.59 -60.61
CA SER M 312 -23.95 51.64 -60.39
C SER M 312 -23.48 52.97 -60.93
N GLU M 313 -22.21 53.25 -60.65
CA GLU M 313 -21.59 54.50 -61.03
C GLU M 313 -21.37 54.56 -62.54
N MSE M 314 -21.15 53.39 -63.14
CA MSE M 314 -20.97 53.29 -64.58
C MSE M 314 -22.29 53.51 -65.29
O MSE M 314 -22.41 54.32 -66.21
CB MSE M 314 -20.44 51.92 -64.97
CG MSE M 314 -20.29 51.67 -66.45
SE MSE M 314 -19.07 52.93 -67.32
CE MSE M 314 -17.67 51.71 -67.78
N VAL M 315 -23.30 52.76 -64.84
CA VAL M 315 -24.65 52.85 -65.38
C VAL M 315 -25.07 54.31 -65.39
N ARG M 316 -24.80 54.99 -64.27
CA ARG M 316 -25.12 56.39 -64.11
C ARG M 316 -24.34 57.26 -65.09
N LYS M 317 -23.11 56.85 -65.37
CA LYS M 317 -22.27 57.58 -66.31
C LYS M 317 -22.70 57.28 -67.75
N MSE M 318 -23.22 56.07 -67.94
CA MSE M 318 -23.69 55.61 -69.25
C MSE M 318 -25.01 56.28 -69.57
O MSE M 318 -25.27 56.67 -70.71
CB MSE M 318 -23.96 54.12 -69.16
CG MSE M 318 -22.84 53.17 -69.47
SE MSE M 318 -23.39 51.31 -69.32
CE MSE M 318 -24.28 51.17 -71.02
N GLU M 319 -25.86 56.40 -68.56
CA GLU M 319 -27.18 57.00 -68.69
C GLU M 319 -27.04 58.50 -68.97
N GLN M 320 -26.01 59.09 -68.38
CA GLN M 320 -25.74 60.51 -68.55
C GLN M 320 -25.33 60.75 -70.00
N ALA M 321 -24.62 59.77 -70.55
CA ALA M 321 -24.13 59.82 -71.92
C ALA M 321 -25.24 59.64 -72.97
N MSE M 322 -26.26 58.87 -72.60
CA MSE M 322 -27.37 58.58 -73.50
C MSE M 322 -28.59 59.50 -73.32
O MSE M 322 -29.40 59.66 -74.24
CB MSE M 322 -27.80 57.13 -73.37
CG MSE M 322 -26.82 56.12 -73.90
SE MSE M 322 -27.50 54.30 -73.93
CE MSE M 322 -28.05 54.22 -75.76
N GLY M 323 -28.73 60.09 -72.13
CA GLY M 323 -29.85 60.99 -71.85
C GLY M 323 -30.98 60.37 -71.02
N LEU M 324 -30.75 59.20 -70.43
CA LEU M 324 -31.76 58.54 -69.62
C LEU M 324 -31.97 59.22 -68.27
N GLY M 325 -33.22 59.51 -67.93
CA GLY M 325 -33.57 60.11 -66.65
C GLY M 325 -33.15 61.57 -66.46
N ARG M 326 -32.43 61.83 -65.38
CA ARG M 326 -31.99 63.18 -65.03
C ARG M 326 -30.62 63.15 -64.34
N MSE N 1 41.41 -10.52 -55.82
CA MSE N 1 42.22 -10.71 -54.63
C MSE N 1 41.38 -11.19 -53.45
O MSE N 1 40.18 -11.43 -53.59
CB MSE N 1 42.91 -9.41 -54.23
CG MSE N 1 43.34 -8.51 -55.37
SE MSE N 1 43.41 -6.63 -54.91
CE MSE N 1 41.90 -6.02 -55.91
N LYS N 2 42.00 -11.32 -52.29
CA LYS N 2 41.30 -11.74 -51.09
C LYS N 2 40.46 -10.58 -50.57
N THR N 3 39.24 -10.88 -50.13
CA THR N 3 38.35 -9.87 -49.61
C THR N 3 38.51 -9.74 -48.11
N ILE N 4 38.56 -8.50 -47.63
CA ILE N 4 38.60 -8.21 -46.21
C ILE N 4 37.35 -7.39 -45.92
N PHE N 5 36.60 -7.80 -44.91
CA PHE N 5 35.39 -7.07 -44.54
C PHE N 5 35.46 -6.58 -43.12
N SER N 6 35.20 -5.28 -42.95
CA SER N 6 35.22 -4.67 -41.64
C SER N 6 33.96 -3.86 -41.39
N GLY N 7 33.30 -4.16 -40.28
CA GLY N 7 32.09 -3.46 -39.86
C GLY N 7 32.43 -2.57 -38.67
N ILE N 8 32.14 -1.28 -38.80
CA ILE N 8 32.45 -0.32 -37.74
C ILE N 8 31.21 0.31 -37.14
N GLN N 9 31.12 0.23 -35.81
CA GLN N 9 30.08 0.95 -35.07
C GLN N 9 30.26 2.45 -35.20
N THR N 15 39.89 6.14 -31.16
CA THR N 15 41.10 6.41 -30.37
C THR N 15 42.35 6.07 -31.19
N ILE N 16 43.52 6.30 -30.61
CA ILE N 16 44.80 6.02 -31.26
C ILE N 16 45.10 4.54 -31.13
N GLY N 17 44.44 3.90 -30.17
CA GLY N 17 44.59 2.46 -29.98
C GLY N 17 44.04 1.76 -31.22
N ASN N 18 43.01 2.37 -31.81
CA ASN N 18 42.37 1.84 -33.01
C ASN N 18 43.31 2.07 -34.19
N TYR N 19 43.64 3.35 -34.42
CA TYR N 19 44.59 3.71 -35.47
C TYR N 19 45.73 2.71 -35.56
N ILE N 20 46.32 2.38 -34.41
CA ILE N 20 47.51 1.54 -34.37
C ILE N 20 47.17 0.08 -34.58
N GLY N 21 45.99 -0.32 -34.13
CA GLY N 21 45.66 -1.72 -33.97
C GLY N 21 45.25 -2.37 -35.29
N ALA N 22 44.21 -1.82 -35.91
CA ALA N 22 43.50 -2.52 -36.97
C ALA N 22 43.43 -1.69 -38.24
N LEU N 23 43.32 -0.38 -38.07
CA LEU N 23 42.75 0.48 -39.12
C LEU N 23 43.85 1.08 -39.98
N ARG N 24 45.00 1.34 -39.38
CA ARG N 24 46.03 2.15 -40.02
C ARG N 24 46.79 1.34 -41.07
N GLN N 25 46.62 0.02 -41.04
CA GLN N 25 47.33 -0.86 -41.95
C GLN N 25 46.57 -1.01 -43.27
N PHE N 26 45.24 -1.04 -43.18
CA PHE N 26 44.40 -1.10 -44.37
C PHE N 26 44.75 0.00 -45.36
N VAL N 27 45.32 1.09 -44.84
CA VAL N 27 45.80 2.18 -45.69
C VAL N 27 46.87 1.68 -46.67
N GLU N 28 47.58 0.63 -46.27
CA GLU N 28 48.49 -0.05 -47.17
C GLU N 28 47.95 -1.42 -47.58
N LEU N 29 47.09 -1.98 -46.73
CA LEU N 29 46.47 -3.27 -47.01
C LEU N 29 45.38 -3.15 -48.06
N GLN N 30 44.83 -1.94 -48.20
CA GLN N 30 43.76 -1.69 -49.16
C GLN N 30 44.27 -1.79 -50.59
N HIS N 31 45.59 -1.81 -50.75
CA HIS N 31 46.20 -1.85 -52.07
C HIS N 31 46.45 -3.28 -52.52
N GLU N 32 46.56 -4.19 -51.56
CA GLU N 32 46.81 -5.59 -51.85
C GLU N 32 45.58 -6.44 -51.62
N TYR N 33 44.53 -5.81 -51.12
CA TYR N 33 43.29 -6.50 -50.81
C TYR N 33 42.05 -5.78 -51.30
N ASN N 34 40.97 -6.53 -51.33
CA ASN N 34 39.66 -6.00 -51.64
C ASN N 34 39.05 -5.75 -50.26
N CYS N 35 39.08 -4.49 -49.83
CA CYS N 35 38.57 -4.16 -48.50
C CYS N 35 37.22 -3.50 -48.48
N TYR N 36 36.43 -3.88 -47.49
CA TYR N 36 35.11 -3.32 -47.27
C TYR N 36 35.10 -2.71 -45.88
N PHE N 37 34.62 -1.48 -45.81
CA PHE N 37 34.51 -0.78 -44.55
C PHE N 37 33.05 -0.39 -44.38
N CYS N 38 32.33 -1.22 -43.65
CA CYS N 38 30.92 -1.04 -43.43
C CYS N 38 30.63 -0.34 -42.12
N ILE N 39 29.89 0.77 -42.19
CA ILE N 39 29.44 1.51 -41.02
C ILE N 39 28.12 0.86 -40.63
N VAL N 40 28.18 0.02 -39.59
CA VAL N 40 27.03 -0.77 -39.16
C VAL N 40 26.03 0.00 -38.31
N ASP N 41 25.23 0.84 -38.95
CA ASP N 41 24.22 1.63 -38.25
C ASP N 41 22.99 0.80 -37.88
N GLN N 42 22.85 -0.37 -38.50
CA GLN N 42 21.71 -1.23 -38.19
C GLN N 42 21.99 -2.04 -36.92
N HIS N 43 23.27 -2.30 -36.66
CA HIS N 43 23.71 -3.00 -35.46
C HIS N 43 23.65 -2.02 -34.29
N ALA N 44 23.76 -0.74 -34.61
CA ALA N 44 23.77 0.34 -33.62
C ALA N 44 22.45 0.55 -32.88
N ILE N 45 21.35 0.21 -33.53
CA ILE N 45 20.02 0.39 -32.94
C ILE N 45 19.55 -0.81 -32.12
N THR N 46 20.50 -1.66 -31.72
CA THR N 46 20.19 -2.81 -30.88
C THR N 46 20.23 -2.28 -29.46
N VAL N 47 20.68 -1.04 -29.35
CA VAL N 47 20.78 -0.30 -28.11
C VAL N 47 20.23 1.09 -28.38
N TRP N 48 19.84 1.80 -27.33
CA TRP N 48 19.26 3.13 -27.47
C TRP N 48 20.21 4.09 -28.16
N GLN N 49 19.67 4.82 -29.12
CA GLN N 49 20.42 5.80 -29.88
C GLN N 49 19.62 7.08 -29.97
N ASP N 50 20.31 8.21 -30.00
CA ASP N 50 19.65 9.47 -30.25
C ASP N 50 19.76 9.56 -31.78
N PRO N 51 18.63 9.78 -32.45
CA PRO N 51 18.62 9.83 -33.90
C PRO N 51 19.54 10.88 -34.52
N HIS N 52 19.67 12.02 -33.85
CA HIS N 52 20.52 13.10 -34.35
C HIS N 52 22.00 12.80 -34.14
N GLU N 53 22.34 12.24 -33.00
CA GLU N 53 23.72 11.90 -32.71
C GLU N 53 24.15 10.64 -33.45
N LEU N 54 23.20 9.79 -33.79
CA LEU N 54 23.50 8.59 -34.57
C LEU N 54 23.86 9.06 -35.98
N ARG N 55 22.94 9.83 -36.57
CA ARG N 55 23.12 10.39 -37.91
C ARG N 55 24.46 11.14 -38.05
N GLN N 56 24.85 11.80 -36.96
CA GLN N 56 26.07 12.58 -36.90
C GLN N 56 27.33 11.71 -36.84
N ASN N 57 27.25 10.67 -36.02
CA ASN N 57 28.35 9.74 -35.81
C ASN N 57 28.67 8.86 -37.01
N ILE N 58 27.73 8.74 -37.93
CA ILE N 58 27.95 7.95 -39.14
C ILE N 58 28.81 8.78 -40.07
N ARG N 59 28.40 10.03 -40.25
CA ARG N 59 29.08 11.01 -41.09
C ARG N 59 30.53 11.15 -40.63
N ARG N 60 30.69 11.40 -39.34
CA ARG N 60 31.98 11.60 -38.70
C ARG N 60 32.92 10.42 -38.91
N LEU N 61 32.43 9.23 -38.61
CA LEU N 61 33.19 8.00 -38.75
C LEU N 61 33.71 7.86 -40.17
N ALA N 62 32.84 8.17 -41.13
CA ALA N 62 33.19 8.12 -42.55
C ALA N 62 34.29 9.11 -42.92
N ALA N 63 34.14 10.35 -42.49
CA ALA N 63 35.12 11.39 -42.77
C ALA N 63 36.47 11.12 -42.09
N LEU N 64 36.43 10.27 -41.07
CA LEU N 64 37.63 9.91 -40.32
C LEU N 64 38.41 8.79 -40.99
N TYR N 65 37.68 7.85 -41.56
CA TYR N 65 38.30 6.73 -42.25
C TYR N 65 39.00 7.23 -43.51
N LEU N 66 38.38 8.23 -44.12
CA LEU N 66 38.91 8.87 -45.33
C LEU N 66 40.08 9.76 -44.95
N ALA N 67 39.89 10.51 -43.87
CA ALA N 67 40.90 11.41 -43.36
C ALA N 67 42.15 10.64 -42.98
N VAL N 68 41.96 9.39 -42.56
CA VAL N 68 43.08 8.55 -42.16
C VAL N 68 43.89 7.99 -43.35
N GLY N 69 43.27 7.98 -44.52
CA GLY N 69 43.93 7.47 -45.71
C GLY N 69 43.18 6.32 -46.39
N ILE N 70 41.94 6.10 -46.00
CA ILE N 70 41.16 5.06 -46.67
C ILE N 70 40.81 5.66 -48.04
N ASP N 71 41.12 4.91 -49.09
CA ASP N 71 40.93 5.38 -50.46
C ASP N 71 39.68 4.80 -51.14
N PRO N 72 38.66 5.64 -51.28
CA PRO N 72 37.39 5.24 -51.91
C PRO N 72 37.55 4.61 -53.30
N THR N 73 38.64 4.96 -53.98
CA THR N 73 38.95 4.45 -55.31
C THR N 73 39.55 3.06 -55.15
N GLN N 74 40.08 2.79 -53.95
CA GLN N 74 40.75 1.55 -53.61
C GLN N 74 39.86 0.59 -52.85
N ALA N 75 39.11 1.13 -51.89
CA ALA N 75 38.24 0.32 -51.05
C ALA N 75 36.78 0.72 -51.16
N THR N 76 35.90 -0.13 -50.65
CA THR N 76 34.48 0.14 -50.63
C THR N 76 34.14 0.62 -49.23
N LEU N 77 33.64 1.85 -49.15
CA LEU N 77 33.27 2.42 -47.86
C LEU N 77 31.80 2.83 -47.96
N PHE N 78 30.97 2.23 -47.12
CA PHE N 78 29.54 2.50 -47.16
C PHE N 78 28.84 2.35 -45.82
N ILE N 79 27.57 2.70 -45.81
CA ILE N 79 26.67 2.62 -44.67
C ILE N 79 25.76 1.40 -44.82
N GLN N 80 25.87 0.48 -43.88
CA GLN N 80 25.08 -0.77 -43.87
C GLN N 80 23.62 -0.67 -44.34
N SER N 81 22.89 0.27 -43.78
CA SER N 81 21.47 0.47 -44.10
C SER N 81 21.17 0.82 -45.55
N GLU N 82 22.20 1.25 -46.27
CA GLU N 82 22.03 1.65 -47.66
C GLU N 82 22.09 0.51 -48.63
N VAL N 83 22.48 -0.66 -48.10
CA VAL N 83 22.52 -1.91 -48.84
C VAL N 83 21.47 -2.78 -48.14
N PRO N 84 20.31 -2.89 -48.76
CA PRO N 84 19.18 -3.63 -48.20
C PRO N 84 19.38 -5.14 -48.23
N ALA N 85 20.42 -5.58 -48.94
CA ALA N 85 20.76 -7.00 -49.04
C ALA N 85 21.20 -7.57 -47.70
N HIS N 86 21.70 -6.68 -46.84
CA HIS N 86 22.15 -7.05 -45.51
C HIS N 86 21.00 -7.55 -44.66
N ALA N 87 19.91 -6.78 -44.64
CA ALA N 87 18.71 -7.15 -43.90
C ALA N 87 18.04 -8.38 -44.53
N GLN N 88 17.99 -8.40 -45.86
CA GLN N 88 17.41 -9.52 -46.61
C GLN N 88 18.14 -10.84 -46.30
N ALA N 89 19.47 -10.78 -46.35
CA ALA N 89 20.31 -11.97 -46.11
C ALA N 89 20.31 -12.41 -44.65
N ALA N 90 20.18 -11.44 -43.74
CA ALA N 90 20.16 -11.72 -42.31
C ALA N 90 18.93 -12.52 -41.90
N TRP N 91 17.82 -12.29 -42.60
CA TRP N 91 16.59 -13.04 -42.34
C TRP N 91 16.75 -14.51 -42.74
N MSE N 92 17.23 -14.73 -43.97
CA MSE N 92 17.45 -16.09 -44.45
C MSE N 92 18.36 -16.88 -43.52
O MSE N 92 18.14 -18.06 -43.27
CB MSE N 92 18.05 -16.05 -45.86
CG MSE N 92 17.16 -15.39 -46.90
SE MSE N 92 17.73 -15.78 -48.73
CE MSE N 92 18.44 -14.03 -49.21
N LEU N 93 19.38 -16.20 -42.99
CA LEU N 93 20.37 -16.86 -42.14
C LEU N 93 19.80 -17.18 -40.76
N GLN N 94 19.00 -16.26 -40.23
CA GLN N 94 18.28 -16.50 -38.99
C GLN N 94 17.45 -17.76 -39.06
N CYS N 95 16.90 -18.04 -40.24
CA CYS N 95 15.99 -19.17 -40.42
C CYS N 95 16.73 -20.50 -40.41
N ILE N 96 18.05 -20.43 -40.57
CA ILE N 96 18.88 -21.63 -40.53
C ILE N 96 19.73 -21.68 -39.28
N VAL N 97 19.76 -20.57 -38.54
CA VAL N 97 20.47 -20.52 -37.27
C VAL N 97 19.55 -21.12 -36.23
N TYR N 98 20.13 -21.65 -35.15
CA TYR N 98 19.35 -22.22 -34.07
C TYR N 98 19.32 -21.25 -32.90
N ILE N 99 18.18 -21.23 -32.19
CA ILE N 99 18.01 -20.38 -31.02
C ILE N 99 19.11 -20.64 -29.99
N GLY N 100 19.39 -21.91 -29.75
CA GLY N 100 20.43 -22.30 -28.80
C GLY N 100 21.77 -21.69 -29.17
N GLU N 101 22.04 -21.64 -30.47
CA GLU N 101 23.28 -21.05 -30.96
C GLU N 101 23.35 -19.57 -30.58
N LEU N 102 22.23 -18.89 -30.78
CA LEU N 102 22.11 -17.47 -30.47
C LEU N 102 22.14 -17.23 -28.97
N GLU N 103 21.50 -18.13 -28.22
CA GLU N 103 21.43 -18.01 -26.77
C GLU N 103 22.78 -18.22 -26.09
N ARG N 104 23.58 -19.10 -26.66
CA ARG N 104 24.88 -19.45 -26.07
C ARG N 104 25.88 -18.32 -26.25
N MSE N 105 25.62 -17.45 -27.22
CA MSE N 105 26.46 -16.27 -27.44
C MSE N 105 26.82 -15.60 -26.12
O MSE N 105 25.97 -15.04 -25.43
CB MSE N 105 25.75 -15.27 -28.35
CG MSE N 105 26.65 -14.63 -29.39
SE MSE N 105 27.41 -15.93 -30.63
CE MSE N 105 25.80 -16.98 -31.01
N THR N 106 28.11 -15.67 -25.76
CA THR N 106 28.56 -15.22 -24.46
C THR N 106 27.97 -13.86 -24.10
N GLN N 107 27.88 -12.98 -25.09
CA GLN N 107 27.58 -11.57 -24.85
C GLN N 107 26.17 -11.39 -24.30
N VAL N 118 14.30 -6.98 -22.57
CA VAL N 118 15.46 -7.01 -23.45
C VAL N 118 15.05 -6.96 -24.92
N SER N 119 15.65 -6.02 -25.65
CA SER N 119 15.35 -5.87 -27.07
C SER N 119 15.76 -7.16 -27.76
N ALA N 120 14.91 -7.66 -28.64
CA ALA N 120 15.18 -8.89 -29.37
C ALA N 120 16.39 -8.76 -30.31
N GLY N 121 16.73 -7.53 -30.66
CA GLY N 121 17.86 -7.26 -31.54
C GLY N 121 19.19 -7.59 -30.87
N LEU N 122 19.18 -7.69 -29.54
CA LEU N 122 20.39 -8.02 -28.78
C LEU N 122 20.69 -9.51 -28.86
N LEU N 123 19.67 -10.26 -29.26
CA LEU N 123 19.76 -11.70 -29.36
C LEU N 123 19.96 -12.13 -30.81
N THR N 124 19.44 -11.32 -31.73
CA THR N 124 19.44 -11.64 -33.15
C THR N 124 20.39 -10.90 -34.07
N TYR N 125 21.21 -10.00 -33.52
CA TYR N 125 22.19 -9.28 -34.33
C TYR N 125 23.28 -10.19 -34.89
N PRO N 126 23.55 -11.32 -34.24
CA PRO N 126 24.61 -12.20 -34.76
C PRO N 126 24.42 -12.60 -36.22
N PRO N 127 23.22 -13.06 -36.58
CA PRO N 127 22.95 -13.44 -37.96
C PRO N 127 23.01 -12.28 -38.95
N LEU N 128 22.93 -11.06 -38.43
CA LEU N 128 23.02 -9.86 -39.27
C LEU N 128 24.52 -9.56 -39.52
N MSE N 129 25.31 -9.83 -38.50
CA MSE N 129 26.76 -9.65 -38.55
C MSE N 129 27.37 -10.72 -39.46
O MSE N 129 28.42 -10.53 -40.07
CB MSE N 129 27.33 -9.77 -37.15
CG MSE N 129 28.71 -10.36 -37.07
SE MSE N 129 29.68 -9.69 -35.51
CE MSE N 129 31.47 -9.93 -36.17
N ALA N 130 26.67 -11.85 -39.55
CA ALA N 130 27.12 -12.94 -40.41
C ALA N 130 26.81 -12.59 -41.87
N ALA N 131 25.63 -12.04 -42.10
CA ALA N 131 25.21 -11.62 -43.43
C ALA N 131 26.16 -10.54 -43.97
N ASP N 132 26.51 -9.59 -43.11
CA ASP N 132 27.47 -8.53 -43.41
C ASP N 132 28.69 -9.15 -44.10
N ILE N 133 29.30 -10.12 -43.43
CA ILE N 133 30.48 -10.82 -43.91
C ILE N 133 30.21 -11.67 -45.15
N LEU N 134 29.44 -12.74 -44.97
CA LEU N 134 29.13 -13.66 -46.06
C LEU N 134 28.71 -13.05 -47.40
N LEU N 135 28.04 -11.90 -47.36
CA LEU N 135 27.55 -11.25 -48.59
C LEU N 135 28.64 -10.95 -49.61
N TYR N 136 29.84 -10.63 -49.11
CA TYR N 136 30.95 -10.23 -49.96
C TYR N 136 31.98 -11.30 -50.23
N ASN N 137 31.65 -12.55 -49.92
CA ASN N 137 32.58 -13.65 -50.15
C ASN N 137 33.91 -13.31 -49.48
N THR N 138 33.84 -12.70 -48.30
CA THR N 138 35.04 -12.30 -47.60
C THR N 138 35.88 -13.46 -47.09
N ASP N 139 37.18 -13.26 -47.13
CA ASP N 139 38.16 -14.27 -46.73
C ASP N 139 38.69 -14.00 -45.33
N ILE N 140 38.84 -12.72 -45.00
CA ILE N 140 39.39 -12.32 -43.73
C ILE N 140 38.50 -11.33 -43.00
N VAL N 141 38.45 -11.45 -41.68
CA VAL N 141 37.69 -10.53 -40.84
C VAL N 141 38.63 -10.05 -39.74
N PRO N 142 39.08 -8.81 -39.86
CA PRO N 142 40.03 -8.23 -38.91
C PRO N 142 39.36 -7.87 -37.59
N VAL N 143 39.06 -8.88 -36.78
CA VAL N 143 38.45 -8.66 -35.47
C VAL N 143 39.27 -9.32 -34.36
N GLY N 144 39.07 -8.85 -33.13
CA GLY N 144 39.79 -9.39 -31.99
C GLY N 144 39.17 -10.70 -31.48
N GLU N 145 39.68 -11.16 -30.35
CA GLU N 145 39.24 -12.41 -29.74
C GLU N 145 37.83 -12.32 -29.14
N ASP N 146 37.36 -11.11 -28.86
CA ASP N 146 36.04 -10.94 -28.26
C ASP N 146 34.96 -11.20 -29.30
N GLN N 147 35.39 -11.60 -30.49
CA GLN N 147 34.49 -11.90 -31.60
C GLN N 147 34.70 -13.30 -32.20
N LYS N 148 35.53 -14.13 -31.56
CA LYS N 148 35.78 -15.46 -32.06
C LYS N 148 34.52 -16.29 -31.99
N GLN N 149 33.66 -15.94 -31.05
CA GLN N 149 32.37 -16.62 -30.90
C GLN N 149 31.45 -16.23 -32.07
N HIS N 150 31.58 -14.97 -32.47
CA HIS N 150 30.81 -14.45 -33.61
C HIS N 150 31.23 -15.06 -34.93
N ILE N 151 32.51 -15.31 -35.09
CA ILE N 151 33.06 -15.84 -36.34
C ILE N 151 32.88 -17.34 -36.50
N GLU N 152 33.08 -18.09 -35.43
CA GLU N 152 32.91 -19.53 -35.51
C GLU N 152 31.47 -19.82 -35.91
N LEU N 153 30.58 -18.91 -35.52
CA LEU N 153 29.17 -19.03 -35.86
C LEU N 153 28.90 -18.66 -37.33
N THR N 154 29.44 -17.53 -37.80
CA THR N 154 29.23 -17.18 -39.21
C THR N 154 29.91 -18.23 -40.09
N ARG N 155 30.83 -18.97 -39.49
CA ARG N 155 31.54 -20.04 -40.17
C ARG N 155 30.65 -21.29 -40.18
N ASP N 156 29.93 -21.49 -39.08
CA ASP N 156 29.03 -22.63 -38.91
C ASP N 156 27.81 -22.47 -39.82
N LEU N 157 27.36 -21.24 -39.96
CA LEU N 157 26.21 -20.92 -40.80
C LEU N 157 26.54 -21.05 -42.28
N ALA N 158 27.72 -20.56 -42.64
CA ALA N 158 28.18 -20.61 -44.02
C ALA N 158 28.30 -22.06 -44.49
N GLU N 159 28.95 -22.89 -43.68
CA GLU N 159 29.13 -24.29 -44.00
C GLU N 159 27.85 -25.11 -43.97
N ARG N 160 26.94 -24.80 -43.06
CA ARG N 160 25.68 -25.52 -42.97
C ARG N 160 24.86 -25.25 -44.23
N PHE N 161 24.93 -24.00 -44.68
CA PHE N 161 24.22 -23.56 -45.87
C PHE N 161 24.81 -24.17 -47.14
N ASN N 162 26.15 -24.18 -47.20
CA ASN N 162 26.87 -24.71 -48.36
C ASN N 162 26.60 -26.20 -48.54
N LYS N 163 26.36 -26.88 -47.42
CA LYS N 163 26.09 -28.32 -47.44
C LYS N 163 24.67 -28.63 -47.89
N ARG N 164 23.74 -27.84 -47.40
CA ARG N 164 22.34 -27.98 -47.75
C ARG N 164 22.09 -27.68 -49.23
N TYR N 165 22.40 -26.44 -49.62
CA TYR N 165 22.10 -25.90 -50.93
C TYR N 165 23.12 -25.99 -52.04
N GLY N 166 24.36 -26.30 -51.69
CA GLY N 166 25.42 -26.28 -52.69
C GLY N 166 26.28 -25.12 -52.23
N GLU N 167 27.55 -25.16 -52.58
CA GLU N 167 28.51 -24.20 -52.07
C GLU N 167 28.50 -22.81 -52.67
N LEU N 168 28.19 -21.83 -51.82
CA LEU N 168 28.02 -20.42 -52.20
C LEU N 168 28.95 -19.48 -51.45
N PHE N 169 29.08 -19.72 -50.14
CA PHE N 169 29.87 -18.85 -49.29
C PHE N 169 31.31 -19.26 -49.11
N THR N 170 32.14 -18.28 -48.81
CA THR N 170 33.53 -18.50 -48.50
C THR N 170 33.55 -18.62 -46.98
N ILE N 171 34.31 -19.57 -46.47
CA ILE N 171 34.41 -19.73 -45.02
C ILE N 171 35.47 -18.73 -44.60
N PRO N 172 35.05 -17.69 -43.89
CA PRO N 172 35.97 -16.65 -43.48
C PRO N 172 36.77 -17.08 -42.26
N GLU N 173 37.84 -16.35 -41.97
CA GLU N 173 38.55 -16.52 -40.71
C GLU N 173 38.73 -15.18 -40.01
N ALA N 174 39.10 -15.22 -38.74
CA ALA N 174 39.28 -14.00 -37.94
C ALA N 174 40.76 -13.73 -37.70
N ARG N 175 41.26 -12.64 -38.30
CA ARG N 175 42.64 -12.21 -38.09
C ARG N 175 42.81 -10.75 -38.48
N ILE N 176 43.79 -10.09 -37.85
CA ILE N 176 44.13 -8.71 -38.20
C ILE N 176 45.54 -8.61 -38.75
N PRO N 177 45.66 -8.55 -40.07
CA PRO N 177 46.96 -8.47 -40.74
C PRO N 177 47.78 -7.29 -40.23
N LYS N 178 49.02 -7.55 -39.83
CA LYS N 178 49.90 -6.51 -39.31
C LYS N 178 49.29 -5.86 -38.06
N VAL N 179 48.76 -6.69 -37.18
CA VAL N 179 48.24 -6.22 -35.89
C VAL N 179 49.29 -5.39 -35.15
N GLY N 180 48.88 -4.21 -34.70
CA GLY N 180 49.75 -3.35 -33.92
C GLY N 180 49.93 -3.85 -32.50
N ALA N 181 50.78 -3.15 -31.74
CA ALA N 181 50.80 -3.30 -30.29
C ALA N 181 49.43 -3.01 -29.69
N ARG N 182 49.04 -3.80 -28.69
CA ARG N 182 47.84 -3.52 -27.92
C ARG N 182 48.00 -2.29 -27.05
N ILE N 183 47.21 -1.27 -27.31
CA ILE N 183 47.34 0.01 -26.62
C ILE N 183 46.49 0.05 -25.36
N MSE N 184 47.10 0.38 -24.22
CA MSE N 184 46.41 0.41 -22.94
C MSE N 184 45.91 1.80 -22.56
O MSE N 184 46.25 2.79 -23.20
CB MSE N 184 47.22 -0.16 -21.80
CG MSE N 184 47.96 -1.44 -22.07
SE MSE N 184 46.78 -2.93 -22.50
CE MSE N 184 47.93 -3.87 -23.70
N SER N 185 45.12 1.85 -21.50
CA SER N 185 44.58 3.09 -20.98
C SER N 185 45.73 3.92 -20.44
N LEU N 186 45.55 5.23 -20.46
CA LEU N 186 46.57 6.14 -19.95
C LEU N 186 46.48 6.33 -18.44
N VAL N 187 45.34 5.97 -17.87
CA VAL N 187 45.11 6.11 -16.43
C VAL N 187 45.25 4.77 -15.70
N ASP N 188 45.06 3.67 -16.45
CA ASP N 188 45.23 2.31 -15.94
C ASP N 188 45.80 1.44 -17.07
N PRO N 189 47.11 1.23 -17.03
CA PRO N 189 47.85 0.47 -18.05
C PRO N 189 47.61 -1.05 -18.07
N THR N 190 46.67 -1.54 -17.27
CA THR N 190 46.33 -2.96 -17.27
C THR N 190 45.05 -3.11 -18.08
N LYS N 191 44.49 -1.96 -18.44
CA LYS N 191 43.23 -1.86 -19.16
C LYS N 191 43.44 -1.41 -20.60
N LYS N 192 42.71 -2.05 -21.50
CA LYS N 192 42.76 -1.71 -22.91
C LYS N 192 42.19 -0.31 -23.10
N MSE N 193 42.81 0.47 -23.97
CA MSE N 193 42.33 1.81 -24.26
C MSE N 193 40.98 1.68 -24.95
O MSE N 193 40.84 0.94 -25.92
CB MSE N 193 43.26 2.59 -25.16
CG MSE N 193 42.85 4.00 -25.49
SE MSE N 193 44.09 5.00 -26.61
CE MSE N 193 45.41 5.49 -25.31
N SER N 194 39.97 2.38 -24.44
CA SER N 194 38.64 2.32 -25.01
C SER N 194 38.01 3.70 -25.00
N LYS N 195 37.35 4.04 -26.10
CA LYS N 195 36.66 5.33 -26.23
C LYS N 195 35.47 5.35 -25.30
N SER N 196 35.15 4.18 -24.75
CA SER N 196 34.02 4.05 -23.83
C SER N 196 34.45 4.22 -22.39
N ASP N 197 35.74 4.46 -22.18
CA ASP N 197 36.21 4.68 -20.82
C ASP N 197 35.47 5.90 -20.28
N PRO N 198 35.18 5.87 -18.98
CA PRO N 198 34.45 6.95 -18.34
C PRO N 198 35.41 8.06 -17.96
N ASN N 199 36.70 7.77 -18.05
CA ASN N 199 37.74 8.75 -17.81
C ASN N 199 38.25 9.13 -19.19
N PRO N 200 37.89 10.33 -19.63
CA PRO N 200 38.29 10.80 -20.96
C PRO N 200 39.81 10.87 -21.06
N LYS N 201 40.46 10.80 -19.90
CA LYS N 201 41.91 10.85 -19.81
C LYS N 201 42.60 9.54 -20.15
N ALA N 202 41.83 8.45 -20.25
CA ALA N 202 42.39 7.13 -20.53
C ALA N 202 42.73 6.90 -22.01
N TYR N 203 42.09 7.65 -22.88
CA TYR N 203 42.28 7.51 -24.32
C TYR N 203 42.63 8.85 -24.95
N ILE N 204 43.24 8.81 -26.13
CA ILE N 204 43.46 10.02 -26.89
C ILE N 204 42.64 9.77 -28.15
N THR N 205 41.86 10.76 -28.55
CA THR N 205 41.01 10.63 -29.72
C THR N 205 41.72 11.21 -30.93
N LEU N 206 41.36 10.74 -32.11
CA LEU N 206 41.98 11.23 -33.34
C LEU N 206 41.62 12.70 -33.55
N LEU N 207 40.58 13.15 -32.87
CA LEU N 207 40.13 14.54 -32.99
C LEU N 207 40.49 15.38 -31.77
N ASP N 208 41.30 14.82 -30.88
CA ASP N 208 41.73 15.55 -29.70
C ASP N 208 42.68 16.66 -30.14
N ASP N 209 42.55 17.85 -29.55
CA ASP N 209 43.41 18.97 -29.93
C ASP N 209 44.80 18.86 -29.31
N ALA N 210 45.73 19.64 -29.84
CA ALA N 210 47.14 19.66 -29.41
C ALA N 210 47.33 19.85 -27.91
N LYS N 211 46.40 20.59 -27.31
CA LYS N 211 46.44 20.87 -25.88
C LYS N 211 46.00 19.64 -25.07
N THR N 212 44.93 19.00 -25.52
CA THR N 212 44.39 17.81 -24.88
C THR N 212 45.36 16.65 -24.99
N ILE N 213 45.83 16.41 -26.20
CA ILE N 213 46.79 15.33 -26.46
C ILE N 213 47.93 15.36 -25.46
N GLU N 214 48.46 16.55 -25.27
CA GLU N 214 49.62 16.75 -24.40
C GLU N 214 49.28 16.77 -22.91
N LYS N 215 48.11 17.28 -22.56
CA LYS N 215 47.69 17.28 -21.17
C LYS N 215 47.59 15.81 -20.79
N LYS N 216 46.82 15.08 -21.60
CA LYS N 216 46.60 13.65 -21.44
C LYS N 216 47.89 12.82 -21.37
N ILE N 217 48.92 13.27 -22.07
CA ILE N 217 50.20 12.56 -22.10
C ILE N 217 51.08 12.87 -20.88
N LYS N 218 50.99 14.10 -20.40
CA LYS N 218 51.75 14.55 -19.23
C LYS N 218 51.21 13.85 -17.99
N SER N 219 49.94 13.48 -18.08
CA SER N 219 49.24 12.85 -16.97
C SER N 219 49.23 11.33 -17.04
N SER N 224 57.64 4.44 -10.28
CA SER N 224 58.62 5.09 -9.41
C SER N 224 60.03 4.95 -9.96
N GLU N 225 60.29 3.84 -10.63
CA GLU N 225 61.62 3.55 -11.17
C GLU N 225 62.35 4.67 -11.93
N GLY N 226 61.71 5.22 -12.96
CA GLY N 226 62.32 6.31 -13.72
C GLY N 226 63.12 5.92 -14.97
N THR N 227 63.24 4.63 -15.25
CA THR N 227 63.97 4.18 -16.44
C THR N 227 63.02 3.92 -17.60
N ILE N 228 63.41 4.39 -18.79
CA ILE N 228 62.61 4.17 -20.00
C ILE N 228 63.00 2.81 -20.53
N ARG N 229 62.43 1.78 -19.92
CA ARG N 229 62.71 0.40 -20.28
C ARG N 229 61.41 -0.36 -20.45
N TYR N 230 61.37 -1.26 -21.44
CA TYR N 230 60.19 -2.06 -21.73
C TYR N 230 60.04 -3.30 -20.84
N GLY N 237 52.81 0.98 -17.57
CA GLY N 237 52.62 2.36 -17.96
C GLY N 237 53.64 2.81 -18.99
N ILE N 238 54.91 2.59 -18.68
CA ILE N 238 56.00 3.08 -19.52
C ILE N 238 56.16 2.24 -20.78
N SER N 239 55.89 0.94 -20.66
CA SER N 239 55.95 0.03 -21.79
C SER N 239 54.86 0.34 -22.81
N ASN N 240 53.75 0.89 -22.33
CA ASN N 240 52.66 1.30 -23.21
C ASN N 240 52.99 2.56 -23.99
N LEU N 241 53.52 3.57 -23.29
CA LEU N 241 53.97 4.80 -23.93
C LEU N 241 55.06 4.52 -24.95
N LEU N 242 55.87 3.49 -24.69
CA LEU N 242 56.88 3.05 -25.64
C LEU N 242 56.26 2.46 -26.89
N ASN N 243 55.14 1.76 -26.72
CA ASN N 243 54.39 1.21 -27.84
C ASN N 243 53.73 2.30 -28.68
N ILE N 244 53.13 3.28 -27.99
CA ILE N 244 52.48 4.40 -28.67
C ILE N 244 53.51 5.31 -29.35
N TYR N 245 54.60 5.60 -28.64
CA TYR N 245 55.76 6.23 -29.24
C TYR N 245 56.21 5.48 -30.48
N SER N 246 56.41 4.18 -30.35
CA SER N 246 57.27 3.44 -31.27
C SER N 246 56.56 3.20 -32.60
N THR N 247 55.32 2.73 -32.55
CA THR N 247 54.49 2.58 -33.73
C THR N 247 54.38 3.90 -34.50
N LEU N 248 54.10 4.97 -33.76
CA LEU N 248 53.78 6.26 -34.38
C LEU N 248 55.02 6.90 -35.00
N SER N 249 56.18 6.61 -34.42
CA SER N 249 57.41 7.33 -34.75
C SER N 249 58.19 6.61 -35.85
N GLY N 250 58.03 5.29 -35.91
CA GLY N 250 58.74 4.49 -36.89
C GLY N 250 59.98 3.89 -36.26
N GLN N 251 60.40 4.44 -35.13
CA GLN N 251 61.56 3.92 -34.43
C GLN N 251 61.17 2.60 -33.77
N SER N 252 62.12 1.97 -33.08
CA SER N 252 61.88 0.72 -32.42
C SER N 252 62.02 0.86 -30.90
N ILE N 253 61.39 -0.05 -30.16
CA ILE N 253 61.43 -0.02 -28.70
C ILE N 253 62.86 -0.09 -28.19
N GLU N 254 63.63 -1.03 -28.71
CA GLU N 254 65.06 -1.13 -28.40
C GLU N 254 65.79 0.15 -28.77
N GLU N 255 65.43 0.71 -29.92
CA GLU N 255 66.05 1.95 -30.39
C GLU N 255 65.75 3.11 -29.46
N LEU N 256 64.57 3.08 -28.84
CA LEU N 256 64.09 4.20 -28.05
C LEU N 256 64.51 4.06 -26.58
N GLU N 257 64.77 2.83 -26.16
CA GLU N 257 65.43 2.58 -24.89
C GLU N 257 66.84 3.16 -24.87
N ARG N 258 67.49 3.14 -26.03
CA ARG N 258 68.82 3.72 -26.18
C ARG N 258 68.75 5.24 -26.27
N GLN N 259 67.72 5.74 -26.94
CA GLN N 259 67.58 7.17 -27.19
C GLN N 259 67.41 7.94 -25.89
N TYR N 260 66.81 7.29 -24.90
CA TYR N 260 66.45 7.96 -23.65
C TYR N 260 67.20 7.36 -22.46
N GLU N 261 68.47 7.05 -22.67
CA GLU N 261 69.15 6.01 -21.90
C GLU N 261 69.39 6.46 -20.46
N GLY N 262 69.87 7.70 -20.30
CA GLY N 262 70.08 8.27 -18.99
C GLY N 262 68.90 9.10 -18.52
N LYS N 263 67.81 9.03 -19.27
CA LYS N 263 66.84 10.13 -19.31
C LYS N 263 65.57 9.77 -18.55
N GLY N 264 64.76 10.79 -18.25
CA GLY N 264 63.55 10.60 -17.46
C GLY N 264 62.26 10.66 -18.28
N TYR N 265 61.15 10.51 -17.58
CA TYR N 265 59.80 10.48 -18.17
C TYR N 265 59.35 11.83 -18.71
N GLY N 266 59.76 12.89 -18.04
CA GLY N 266 59.36 14.24 -18.43
C GLY N 266 59.67 14.58 -19.89
N VAL N 267 60.92 14.34 -20.29
CA VAL N 267 61.39 14.61 -21.66
C VAL N 267 60.80 13.61 -22.64
N PHE N 268 60.72 12.36 -22.19
CA PHE N 268 60.16 11.27 -22.99
C PHE N 268 58.69 11.56 -23.31
N LYS N 269 57.99 12.09 -22.32
CA LYS N 269 56.58 12.46 -22.45
C LYS N 269 56.39 13.69 -23.33
N ALA N 270 57.34 14.62 -23.27
CA ALA N 270 57.25 15.82 -24.09
C ALA N 270 57.55 15.49 -25.55
N ASP N 271 58.47 14.55 -25.76
CA ASP N 271 58.84 14.11 -27.10
C ASP N 271 57.67 13.31 -27.71
N LEU N 272 57.05 12.47 -26.89
CA LEU N 272 55.92 11.65 -27.31
C LEU N 272 54.69 12.51 -27.65
N ALA N 273 54.46 13.54 -26.85
CA ALA N 273 53.31 14.40 -27.10
C ALA N 273 53.40 15.00 -28.52
N GLN N 274 54.63 15.32 -28.93
CA GLN N 274 54.88 15.89 -30.25
C GLN N 274 54.68 14.94 -31.41
N VAL N 275 55.06 13.68 -31.24
CA VAL N 275 54.87 12.69 -32.31
C VAL N 275 53.38 12.38 -32.50
N VAL N 276 52.60 12.54 -31.43
CA VAL N 276 51.16 12.35 -31.48
C VAL N 276 50.48 13.52 -32.18
N ILE N 277 50.80 14.74 -31.73
CA ILE N 277 50.24 15.94 -32.35
C ILE N 277 50.60 15.96 -33.83
N GLU N 278 51.81 15.51 -34.12
CA GLU N 278 52.34 15.46 -35.48
C GLU N 278 51.64 14.42 -36.35
N THR N 279 51.10 13.39 -35.71
CA THR N 279 50.42 12.30 -36.41
C THR N 279 48.97 12.64 -36.68
N LEU N 280 48.37 13.40 -35.77
CA LEU N 280 46.96 13.78 -35.84
C LEU N 280 46.68 15.06 -36.59
N ARG N 281 47.65 15.96 -36.59
CA ARG N 281 47.48 17.25 -37.26
C ARG N 281 46.92 17.14 -38.67
N PRO N 282 47.55 16.31 -39.49
CA PRO N 282 47.13 16.14 -40.87
C PRO N 282 45.87 15.28 -41.07
N ILE N 283 45.53 14.46 -40.08
CA ILE N 283 44.33 13.64 -40.16
C ILE N 283 43.11 14.52 -39.86
N GLN N 284 43.33 15.50 -38.97
CA GLN N 284 42.29 16.44 -38.59
C GLN N 284 42.06 17.45 -39.69
N GLU N 285 43.15 17.83 -40.36
CA GLU N 285 43.07 18.78 -41.47
C GLU N 285 42.15 18.20 -42.53
N ARG N 286 42.45 16.96 -42.92
CA ARG N 286 41.67 16.24 -43.92
C ARG N 286 40.24 15.99 -43.45
N TYR N 287 40.12 15.53 -42.20
CA TYR N 287 38.82 15.23 -41.62
C TYR N 287 37.90 16.45 -41.73
N HIS N 288 38.44 17.62 -41.41
CA HIS N 288 37.65 18.83 -41.49
C HIS N 288 37.23 19.12 -42.93
N HIS N 289 38.16 18.95 -43.87
CA HIS N 289 37.85 19.18 -45.27
C HIS N 289 36.72 18.26 -45.78
N TRP N 290 36.75 17.00 -45.37
CA TRP N 290 35.74 16.00 -45.75
C TRP N 290 34.37 16.36 -45.18
N MSE N 291 34.37 16.93 -43.98
CA MSE N 291 33.15 17.30 -43.28
C MSE N 291 32.42 18.50 -43.88
O MSE N 291 31.20 18.64 -43.75
CB MSE N 291 33.41 17.51 -41.80
CG MSE N 291 33.66 16.27 -41.00
SE MSE N 291 32.13 15.07 -40.91
CE MSE N 291 31.19 15.87 -39.44
N GLU N 292 33.17 19.38 -44.54
CA GLU N 292 32.60 20.56 -45.18
C GLU N 292 32.64 20.42 -46.69
N SER N 293 32.69 19.18 -47.16
CA SER N 293 32.73 18.88 -48.58
C SER N 293 31.54 18.01 -48.96
N GLU N 294 31.20 18.02 -50.25
CA GLU N 294 30.10 17.19 -50.72
C GLU N 294 30.68 15.99 -51.46
N GLU N 295 32.00 15.95 -51.56
CA GLU N 295 32.69 14.81 -52.18
C GLU N 295 32.53 13.64 -51.22
N LEU N 296 32.13 13.99 -50.00
CA LEU N 296 31.92 13.01 -48.93
C LEU N 296 30.64 12.21 -49.14
N ASP N 297 29.54 12.91 -49.41
CA ASP N 297 28.25 12.25 -49.66
C ASP N 297 28.35 11.43 -50.93
N ARG N 298 29.25 11.86 -51.82
CA ARG N 298 29.46 11.19 -53.11
C ARG N 298 30.31 9.93 -53.03
N VAL N 299 31.24 9.91 -52.07
CA VAL N 299 32.11 8.76 -51.85
C VAL N 299 31.31 7.62 -51.21
N LEU N 300 30.27 7.99 -50.48
CA LEU N 300 29.39 7.04 -49.81
C LEU N 300 28.35 6.49 -50.77
N ASP N 301 28.03 7.27 -51.79
CA ASP N 301 27.06 6.83 -52.80
C ASP N 301 27.74 5.74 -53.66
N GLU N 302 28.98 6.03 -54.08
CA GLU N 302 29.78 5.09 -54.84
C GLU N 302 29.90 3.80 -54.02
N GLY N 303 30.24 3.96 -52.75
CA GLY N 303 30.39 2.85 -51.82
C GLY N 303 29.14 1.96 -51.72
N ALA N 304 28.00 2.59 -51.46
CA ALA N 304 26.73 1.85 -51.34
C ALA N 304 26.37 1.17 -52.66
N GLU N 305 26.75 1.81 -53.76
CA GLU N 305 26.50 1.33 -55.11
C GLU N 305 27.30 0.06 -55.42
N LYS N 306 28.58 0.11 -55.10
CA LYS N 306 29.47 -1.02 -55.33
C LYS N 306 29.11 -2.19 -54.42
N ALA N 307 28.75 -1.88 -53.19
CA ALA N 307 28.35 -2.89 -52.21
C ALA N 307 27.01 -3.50 -52.63
N ASN N 308 26.06 -2.64 -52.99
CA ASN N 308 24.74 -3.09 -53.44
C ASN N 308 24.82 -4.06 -54.60
N ARG N 309 25.86 -3.92 -55.42
CA ARG N 309 26.03 -4.77 -56.60
C ARG N 309 26.44 -6.20 -56.24
N VAL N 310 27.51 -6.31 -55.45
CA VAL N 310 28.04 -7.59 -54.99
C VAL N 310 26.99 -8.28 -54.10
N ALA N 311 26.49 -7.53 -53.12
CA ALA N 311 25.49 -8.05 -52.18
C ALA N 311 24.18 -8.45 -52.87
N SER N 312 23.61 -7.54 -53.65
CA SER N 312 22.38 -7.80 -54.39
C SER N 312 22.44 -9.11 -55.16
N GLU N 313 23.62 -9.40 -55.71
CA GLU N 313 23.81 -10.59 -56.52
C GLU N 313 23.86 -11.85 -55.66
N MSE N 314 24.52 -11.75 -54.50
CA MSE N 314 24.63 -12.87 -53.57
C MSE N 314 23.25 -13.26 -53.06
O MSE N 314 22.93 -14.45 -52.89
CB MSE N 314 25.51 -12.51 -52.39
CG MSE N 314 25.63 -13.59 -51.34
SE MSE N 314 26.22 -15.29 -52.08
CE MSE N 314 28.09 -15.08 -51.69
N VAL N 315 22.42 -12.26 -52.79
CA VAL N 315 21.08 -12.46 -52.29
C VAL N 315 20.25 -13.17 -53.34
N ARG N 316 20.43 -12.76 -54.60
CA ARG N 316 19.74 -13.37 -55.73
C ARG N 316 20.06 -14.86 -55.75
N LYS N 317 21.34 -15.14 -55.56
CA LYS N 317 21.87 -16.50 -55.57
C LYS N 317 21.38 -17.29 -54.35
N MSE N 318 21.26 -16.61 -53.22
CA MSE N 318 20.80 -17.24 -51.99
C MSE N 318 19.33 -17.62 -52.10
O MSE N 318 18.92 -18.70 -51.68
CB MSE N 318 20.97 -16.28 -50.83
CG MSE N 318 22.24 -16.40 -50.04
SE MSE N 318 22.46 -14.88 -48.86
CE MSE N 318 21.68 -15.65 -47.29
N GLU N 319 18.55 -16.70 -52.65
CA GLU N 319 17.12 -16.90 -52.83
C GLU N 319 16.87 -18.00 -53.85
N GLN N 320 17.80 -18.14 -54.78
CA GLN N 320 17.65 -19.16 -55.81
C GLN N 320 17.88 -20.54 -55.21
N ALA N 321 18.80 -20.60 -54.26
CA ALA N 321 19.11 -21.85 -53.58
C ALA N 321 17.95 -22.27 -52.68
N MSE N 322 17.32 -21.28 -52.05
CA MSE N 322 16.22 -21.54 -51.15
C MSE N 322 14.84 -21.72 -51.80
O MSE N 322 13.99 -22.45 -51.27
CB MSE N 322 16.21 -20.54 -50.02
CG MSE N 322 17.51 -20.60 -49.24
SE MSE N 322 17.61 -19.45 -47.69
CE MSE N 322 16.44 -20.39 -46.49
N GLY N 323 14.64 -21.09 -52.94
CA GLY N 323 13.36 -21.19 -53.67
C GLY N 323 12.50 -19.94 -53.54
N LEU N 324 13.12 -18.85 -53.08
CA LEU N 324 12.43 -17.56 -52.87
C LEU N 324 12.14 -16.78 -54.15
N GLY N 325 10.90 -16.36 -54.33
CA GLY N 325 10.50 -15.53 -55.46
C GLY N 325 10.54 -16.23 -56.81
N ARG N 326 11.30 -15.65 -57.74
CA ARG N 326 11.43 -16.16 -59.10
C ARG N 326 12.83 -15.82 -59.65
N MSE O 1 16.83 -18.42 61.76
CA MSE O 1 17.71 -17.27 61.52
C MSE O 1 17.00 -15.96 61.81
O MSE O 1 16.07 -15.89 62.62
CB MSE O 1 18.15 -17.23 60.07
CG MSE O 1 18.26 -18.53 59.33
SE MSE O 1 16.80 -18.93 58.09
CE MSE O 1 15.32 -18.87 59.30
N LYS O 2 17.42 -14.92 61.10
CA LYS O 2 16.80 -13.62 61.25
C LYS O 2 15.70 -13.42 60.20
N THR O 3 14.73 -12.57 60.51
CA THR O 3 13.59 -12.36 59.64
C THR O 3 13.60 -11.00 58.93
N ILE O 4 13.32 -11.03 57.62
CA ILE O 4 13.25 -9.80 56.83
C ILE O 4 11.89 -9.62 56.18
N PHE O 5 11.41 -8.39 56.19
CA PHE O 5 10.15 -8.05 55.55
C PHE O 5 10.34 -6.95 54.52
N SER O 6 9.91 -7.25 53.30
CA SER O 6 9.97 -6.30 52.22
C SER O 6 8.57 -6.14 51.65
N GLY O 7 8.04 -4.92 51.74
CA GLY O 7 6.71 -4.61 51.21
C GLY O 7 6.91 -3.96 49.85
N ILE O 8 6.24 -4.52 48.85
CA ILE O 8 6.40 -4.06 47.47
C ILE O 8 5.14 -3.50 46.83
N GLN O 9 5.15 -2.19 46.57
CA GLN O 9 4.08 -1.56 45.81
C GLN O 9 3.86 -2.24 44.47
N THR O 15 13.01 -1.46 37.59
CA THR O 15 14.19 -1.11 36.82
C THR O 15 15.37 -1.97 37.27
N ILE O 16 16.50 -1.80 36.61
CA ILE O 16 17.73 -2.53 36.92
C ILE O 16 18.42 -1.87 38.11
N GLY O 17 18.15 -0.59 38.32
CA GLY O 17 18.70 0.14 39.45
C GLY O 17 18.16 -0.53 40.72
N ASN O 18 16.87 -0.88 40.69
CA ASN O 18 16.25 -1.62 41.77
C ASN O 18 16.85 -3.02 41.93
N TYR O 19 16.89 -3.77 40.84
CA TYR O 19 17.50 -5.09 40.85
C TYR O 19 18.87 -5.07 41.53
N ILE O 20 19.73 -4.17 41.08
CA ILE O 20 21.08 -4.06 41.63
C ILE O 20 21.05 -3.66 43.10
N GLY O 21 20.18 -2.71 43.43
CA GLY O 21 20.07 -2.21 44.78
C GLY O 21 19.57 -3.26 45.74
N ALA O 22 18.38 -3.79 45.47
CA ALA O 22 17.56 -4.44 46.50
C ALA O 22 17.30 -5.89 46.16
N LEU O 23 16.84 -6.15 44.94
CA LEU O 23 16.29 -7.44 44.58
C LEU O 23 17.38 -8.50 44.44
N ARG O 24 18.47 -8.12 43.78
CA ARG O 24 19.52 -9.07 43.43
C ARG O 24 20.02 -9.87 44.62
N GLN O 25 20.49 -9.18 45.65
CA GLN O 25 21.00 -9.88 46.81
C GLN O 25 20.06 -10.91 47.41
N PHE O 26 18.79 -10.58 47.55
CA PHE O 26 17.81 -11.48 48.15
C PHE O 26 17.84 -12.85 47.48
N VAL O 27 18.19 -12.87 46.20
CA VAL O 27 18.22 -14.11 45.43
C VAL O 27 19.01 -15.15 46.23
N GLU O 28 20.01 -14.69 46.97
CA GLU O 28 20.83 -15.58 47.78
C GLU O 28 20.77 -15.40 49.29
N LEU O 29 20.32 -14.23 49.73
CA LEU O 29 19.92 -14.03 51.12
C LEU O 29 18.93 -15.11 51.53
N GLN O 30 18.08 -15.50 50.58
CA GLN O 30 16.91 -16.33 50.89
C GLN O 30 17.25 -17.36 51.97
N HIS O 31 18.43 -17.95 51.86
CA HIS O 31 18.78 -19.10 52.70
C HIS O 31 19.49 -18.66 53.97
N GLU O 32 19.51 -17.34 54.21
CA GLU O 32 20.31 -16.76 55.28
C GLU O 32 19.44 -16.11 56.34
N TYR O 33 18.42 -15.38 55.88
CA TYR O 33 17.34 -14.96 56.77
C TYR O 33 16.02 -15.61 56.37
N ASN O 34 14.96 -15.28 57.10
CA ASN O 34 13.63 -15.71 56.74
C ASN O 34 13.04 -14.49 56.03
N CYS O 35 12.71 -14.65 54.75
CA CYS O 35 12.24 -13.53 53.96
C CYS O 35 10.75 -13.48 53.65
N TYR O 36 10.24 -12.25 53.66
CA TYR O 36 8.85 -11.97 53.36
C TYR O 36 8.75 -10.89 52.29
N PHE O 37 8.13 -11.25 51.18
CA PHE O 37 7.94 -10.30 50.10
C PHE O 37 6.45 -10.03 49.97
N CYS O 38 6.03 -8.91 50.53
CA CYS O 38 4.64 -8.55 50.52
C CYS O 38 4.31 -7.55 49.43
N ILE O 39 3.46 -7.98 48.51
CA ILE O 39 2.97 -7.11 47.45
C ILE O 39 1.87 -6.31 48.13
N VAL O 40 2.24 -5.13 48.62
CA VAL O 40 1.33 -4.29 49.38
C VAL O 40 0.29 -3.60 48.49
N ASP O 41 -0.74 -4.35 48.10
CA ASP O 41 -1.81 -3.83 47.24
C ASP O 41 -2.83 -2.98 47.99
N GLN O 42 -2.86 -3.12 49.31
CA GLN O 42 -3.80 -2.32 50.11
C GLN O 42 -3.23 -0.92 50.28
N HIS O 43 -1.91 -0.81 50.19
CA HIS O 43 -1.22 0.47 50.27
C HIS O 43 -1.43 1.22 48.95
N ALA O 44 -1.46 0.44 47.87
CA ALA O 44 -1.62 0.97 46.52
C ALA O 44 -2.91 1.75 46.27
N ILE O 45 -3.95 1.45 47.05
CA ILE O 45 -5.25 2.10 46.88
C ILE O 45 -5.44 3.42 47.63
N THR O 46 -4.36 3.91 48.23
CA THR O 46 -4.42 5.18 48.96
C THR O 46 -4.45 6.29 47.91
N VAL O 47 -4.14 5.89 46.68
CA VAL O 47 -4.21 6.77 45.52
C VAL O 47 -5.04 6.09 44.46
N TRP O 48 -5.51 6.90 43.51
CA TRP O 48 -6.29 6.40 42.40
C TRP O 48 -5.61 5.23 41.73
N GLN O 49 -6.38 4.17 41.51
CA GLN O 49 -5.85 2.98 40.85
C GLN O 49 -6.90 2.51 39.85
N ASP O 50 -6.45 2.05 38.70
CA ASP O 50 -7.39 1.46 37.76
C ASP O 50 -7.47 0.00 38.23
N PRO O 51 -8.67 -0.47 38.49
CA PRO O 51 -8.86 -1.83 38.99
C PRO O 51 -8.17 -2.88 38.13
N HIS O 52 -8.35 -2.78 36.82
CA HIS O 52 -7.76 -3.73 35.87
C HIS O 52 -6.23 -3.69 35.88
N GLU O 53 -5.68 -2.48 35.86
CA GLU O 53 -4.24 -2.33 35.87
C GLU O 53 -3.65 -2.77 37.20
N LEU O 54 -4.39 -2.50 38.28
CA LEU O 54 -3.95 -2.90 39.62
C LEU O 54 -3.78 -4.43 39.65
N ARG O 55 -4.89 -5.12 39.44
CA ARG O 55 -4.91 -6.58 39.40
C ARG O 55 -3.80 -7.12 38.49
N GLN O 56 -3.59 -6.42 37.39
CA GLN O 56 -2.57 -6.78 36.40
C GLN O 56 -1.16 -6.69 36.98
N ASN O 57 -0.85 -5.55 37.60
CA ASN O 57 0.47 -5.30 38.20
C ASN O 57 0.75 -6.16 39.43
N ILE O 58 -0.26 -6.32 40.28
CA ILE O 58 -0.22 -7.11 41.50
C ILE O 58 0.41 -8.49 41.29
N ARG O 59 0.14 -9.07 40.12
CA ARG O 59 0.60 -10.42 39.79
C ARG O 59 1.76 -10.40 38.82
N ARG O 60 1.73 -9.41 37.93
CA ARG O 60 2.77 -9.19 36.94
C ARG O 60 4.08 -9.09 37.74
N LEU O 61 3.97 -8.44 38.89
CA LEU O 61 5.05 -8.22 39.82
C LEU O 61 5.45 -9.48 40.59
N ALA O 62 4.47 -10.34 40.91
CA ALA O 62 4.78 -11.58 41.62
C ALA O 62 5.65 -12.49 40.73
N ALA O 63 5.25 -12.59 39.48
CA ALA O 63 5.99 -13.39 38.49
C ALA O 63 7.41 -12.90 38.26
N LEU O 64 7.63 -11.60 38.45
CA LEU O 64 8.95 -11.00 38.27
C LEU O 64 9.87 -11.36 39.44
N TYR O 65 9.29 -11.44 40.63
CA TYR O 65 10.05 -11.78 41.83
C TYR O 65 10.52 -13.23 41.77
N LEU O 66 9.74 -14.06 41.09
CA LEU O 66 10.07 -15.46 40.91
C LEU O 66 11.08 -15.63 39.77
N ALA O 67 10.82 -14.92 38.68
CA ALA O 67 11.66 -14.96 37.49
C ALA O 67 13.06 -14.45 37.82
N VAL O 68 13.13 -13.52 38.75
CA VAL O 68 14.40 -12.94 39.18
C VAL O 68 15.20 -13.91 40.07
N GLY O 69 14.50 -14.79 40.79
CA GLY O 69 15.17 -15.75 41.66
C GLY O 69 14.50 -16.00 43.01
N ILE O 70 13.45 -15.26 43.32
CA ILE O 70 12.77 -15.50 44.58
C ILE O 70 12.29 -16.96 44.63
N ASP O 71 12.57 -17.62 45.74
CA ASP O 71 12.21 -19.02 45.98
C ASP O 71 11.05 -19.08 46.96
N PRO O 72 9.91 -19.53 46.45
CA PRO O 72 8.69 -19.65 47.25
C PRO O 72 8.83 -20.67 48.39
N THR O 73 9.81 -21.56 48.27
CA THR O 73 10.04 -22.59 49.29
C THR O 73 10.91 -22.13 50.46
N GLN O 74 11.79 -21.16 50.22
CA GLN O 74 12.66 -20.65 51.26
C GLN O 74 12.28 -19.22 51.61
N ALA O 75 11.35 -18.66 50.86
CA ALA O 75 10.86 -17.30 51.10
C ALA O 75 9.35 -17.24 50.93
N THR O 76 8.71 -16.23 51.52
CA THR O 76 7.26 -16.08 51.42
C THR O 76 6.86 -14.88 50.56
N LEU O 77 6.18 -15.18 49.47
CA LEU O 77 5.72 -14.18 48.53
C LEU O 77 4.20 -14.20 48.54
N PHE O 78 3.60 -13.19 49.15
CA PHE O 78 2.16 -13.11 49.22
C PHE O 78 1.64 -11.75 48.81
N ILE O 79 0.33 -11.69 48.61
CA ILE O 79 -0.36 -10.45 48.30
C ILE O 79 -0.95 -10.07 49.66
N GLN O 80 -0.65 -8.84 50.10
CA GLN O 80 -1.07 -8.37 51.42
C GLN O 80 -2.57 -8.41 51.70
N SER O 81 -3.38 -8.15 50.68
CA SER O 81 -4.83 -8.15 50.86
C SER O 81 -5.38 -9.54 51.18
N GLU O 82 -4.64 -10.56 50.76
CA GLU O 82 -5.04 -11.95 50.95
C GLU O 82 -4.76 -12.46 52.36
N VAL O 83 -4.25 -11.57 53.21
CA VAL O 83 -3.98 -11.87 54.61
C VAL O 83 -4.71 -10.79 55.41
N PRO O 84 -5.91 -11.10 55.89
CA PRO O 84 -6.71 -10.13 56.63
C PRO O 84 -6.07 -9.63 57.93
N ALA O 85 -5.15 -10.41 58.47
CA ALA O 85 -4.45 -10.01 59.71
C ALA O 85 -3.77 -8.64 59.62
N HIS O 86 -3.49 -8.22 58.38
CA HIS O 86 -2.86 -6.92 58.16
C HIS O 86 -3.83 -5.80 58.48
N ALA O 87 -5.04 -5.90 57.92
CA ALA O 87 -6.08 -4.90 58.15
C ALA O 87 -6.47 -4.84 59.63
N GLN O 88 -6.36 -5.97 60.31
CA GLN O 88 -6.68 -6.07 61.74
C GLN O 88 -5.58 -5.46 62.61
N ALA O 89 -4.38 -5.99 62.51
CA ALA O 89 -3.26 -5.48 63.29
C ALA O 89 -3.14 -3.98 63.08
N ALA O 90 -3.32 -3.56 61.83
CA ALA O 90 -3.28 -2.16 61.41
C ALA O 90 -4.29 -1.27 62.13
N TRP O 91 -5.44 -1.85 62.47
CA TRP O 91 -6.49 -1.11 63.17
C TRP O 91 -6.10 -0.82 64.61
N MSE O 92 -5.81 -1.87 65.37
CA MSE O 92 -5.38 -1.73 66.75
C MSE O 92 -4.23 -0.73 66.86
O MSE O 92 -4.13 0.01 67.85
CB MSE O 92 -4.93 -3.09 67.32
CG MSE O 92 -6.00 -4.17 67.22
SE MSE O 92 -5.49 -5.80 68.15
CE MSE O 92 -5.28 -6.98 66.62
N LEU O 93 -3.38 -0.69 65.85
CA LEU O 93 -2.18 0.15 65.88
C LEU O 93 -2.54 1.61 65.64
N GLN O 94 -3.54 1.84 64.80
CA GLN O 94 -4.10 3.17 64.62
C GLN O 94 -4.58 3.75 65.95
N CYS O 95 -4.83 2.88 66.92
CA CYS O 95 -5.52 3.27 68.14
C CYS O 95 -4.52 3.62 69.24
N ILE O 96 -3.28 3.18 69.06
CA ILE O 96 -2.19 3.55 69.97
C ILE O 96 -1.24 4.53 69.33
N VAL O 97 -1.48 4.86 68.07
CA VAL O 97 -0.72 5.87 67.37
C VAL O 97 -1.39 7.21 67.66
N TYR O 98 -0.63 8.29 67.54
CA TYR O 98 -1.19 9.61 67.75
C TYR O 98 -1.37 10.27 66.40
N ILE O 99 -2.30 11.23 66.34
CA ILE O 99 -2.55 11.97 65.12
C ILE O 99 -1.33 12.86 64.85
N GLY O 100 -0.65 13.26 65.91
CA GLY O 100 0.54 14.09 65.79
C GLY O 100 1.60 13.36 64.98
N GLU O 101 1.98 12.18 65.48
CA GLU O 101 2.98 11.35 64.82
C GLU O 101 2.61 11.12 63.35
N LEU O 102 1.34 10.85 63.09
CA LEU O 102 0.88 10.63 61.73
C LEU O 102 1.12 11.87 60.88
N GLU O 103 0.64 13.01 61.35
CA GLU O 103 0.80 14.27 60.61
C GLU O 103 2.27 14.60 60.37
N ARG O 104 3.02 14.66 61.47
CA ARG O 104 4.45 14.95 61.45
C ARG O 104 5.10 14.19 60.30
N MSE O 105 4.58 13.01 60.00
CA MSE O 105 5.07 12.22 58.88
C MSE O 105 5.28 13.08 57.63
O MSE O 105 4.32 13.65 57.09
CB MSE O 105 4.12 11.07 58.57
CG MSE O 105 4.80 9.80 58.08
SE MSE O 105 5.81 8.91 59.49
CE MSE O 105 5.52 10.20 60.93
N THR O 106 6.52 13.19 57.18
CA THR O 106 6.91 14.21 56.22
C THR O 106 6.17 14.04 54.90
N GLN O 107 5.94 12.79 54.51
CA GLN O 107 5.20 12.49 53.29
C GLN O 107 3.98 13.39 53.15
N VAL O 118 -8.66 15.26 50.37
CA VAL O 118 -7.56 14.29 50.46
C VAL O 118 -8.00 13.02 51.18
N SER O 119 -7.74 11.88 50.55
CA SER O 119 -8.20 10.60 51.08
C SER O 119 -7.44 10.33 52.37
N ALA O 120 -8.19 9.93 53.40
CA ALA O 120 -7.60 9.65 54.72
C ALA O 120 -6.57 8.53 54.68
N GLY O 121 -6.71 7.63 53.72
CA GLY O 121 -5.77 6.52 53.58
C GLY O 121 -4.36 7.03 53.29
N LEU O 122 -4.26 8.33 53.08
CA LEU O 122 -2.99 9.00 52.76
C LEU O 122 -2.29 9.43 54.06
N LEU O 123 -3.01 9.34 55.18
CA LEU O 123 -2.51 9.77 56.47
C LEU O 123 -2.40 8.62 57.46
N THR O 124 -3.21 7.59 57.21
CA THR O 124 -3.36 6.45 58.10
C THR O 124 -2.68 5.15 57.67
N TYR O 125 -1.90 5.21 56.59
CA TYR O 125 -1.20 4.03 56.10
C TYR O 125 0.09 3.66 56.87
N PRO O 126 0.74 4.62 57.51
CA PRO O 126 1.94 4.28 58.25
C PRO O 126 1.66 3.16 59.26
N PRO O 127 0.50 3.24 59.93
CA PRO O 127 0.11 2.22 60.88
C PRO O 127 -0.10 0.86 60.21
N LEU O 128 -0.45 0.88 58.93
CA LEU O 128 -0.66 -0.36 58.18
C LEU O 128 0.68 -0.94 57.74
N MSE O 129 1.64 -0.05 57.53
CA MSE O 129 2.99 -0.43 57.12
C MSE O 129 3.77 -0.95 58.34
O MSE O 129 4.69 -1.75 58.21
CB MSE O 129 3.73 0.75 56.53
CG MSE O 129 5.23 0.61 56.45
SE MSE O 129 6.10 2.04 55.47
CE MSE O 129 7.90 1.38 55.50
N ALA O 130 3.36 -0.49 59.51
CA ALA O 130 3.96 -0.96 60.76
C ALA O 130 3.40 -2.34 61.03
N ALA O 131 2.08 -2.48 60.83
CA ALA O 131 1.40 -3.75 61.01
C ALA O 131 2.04 -4.83 60.14
N ASP O 132 2.31 -4.47 58.88
CA ASP O 132 2.96 -5.37 57.93
C ASP O 132 4.25 -5.90 58.53
N ILE O 133 5.13 -4.97 58.93
CA ILE O 133 6.41 -5.32 59.52
C ILE O 133 6.25 -6.13 60.81
N LEU O 134 5.55 -5.55 61.78
CA LEU O 134 5.34 -6.18 63.08
C LEU O 134 4.71 -7.57 63.13
N LEU O 135 3.76 -7.83 62.23
CA LEU O 135 3.06 -9.11 62.22
C LEU O 135 3.98 -10.34 62.20
N TYR O 136 5.13 -10.20 61.56
CA TYR O 136 6.05 -11.31 61.42
C TYR O 136 7.29 -11.28 62.30
N ASN O 137 7.31 -10.36 63.25
CA ASN O 137 8.44 -10.24 64.16
C ASN O 137 9.76 -9.98 63.44
N THR O 138 9.71 -9.11 62.43
CA THR O 138 10.83 -8.94 61.52
C THR O 138 11.96 -8.15 62.17
N ASP O 139 13.19 -8.56 61.89
CA ASP O 139 14.35 -7.94 62.52
C ASP O 139 14.95 -6.84 61.64
N ILE O 140 14.97 -7.09 60.34
CA ILE O 140 15.47 -6.11 59.38
C ILE O 140 14.38 -5.70 58.39
N VAL O 141 14.32 -4.41 58.10
CA VAL O 141 13.53 -3.92 56.97
C VAL O 141 14.42 -3.27 55.91
N PRO O 142 14.48 -3.89 54.74
CA PRO O 142 15.38 -3.43 53.67
C PRO O 142 14.83 -2.19 52.97
N VAL O 143 14.85 -1.05 53.66
CA VAL O 143 14.34 0.21 53.11
C VAL O 143 15.37 1.32 53.04
N GLY O 144 15.11 2.34 52.23
CA GLY O 144 16.03 3.46 52.06
C GLY O 144 15.86 4.52 53.15
N GLU O 145 16.72 5.53 53.09
CA GLU O 145 16.74 6.65 54.04
C GLU O 145 15.44 7.44 53.98
N ASP O 146 14.61 7.10 53.00
CA ASP O 146 13.33 7.77 52.76
C ASP O 146 12.21 7.17 53.61
N GLN O 147 12.30 5.86 53.85
CA GLN O 147 11.32 5.15 54.67
C GLN O 147 11.82 5.15 56.12
N LYS O 148 12.89 5.89 56.35
CA LYS O 148 13.49 5.99 57.67
C LYS O 148 12.51 6.50 58.72
N GLN O 149 11.74 7.53 58.36
CA GLN O 149 10.76 8.08 59.28
C GLN O 149 9.65 7.10 59.58
N HIS O 150 9.38 6.21 58.64
CA HIS O 150 8.35 5.20 58.84
C HIS O 150 8.84 4.11 59.77
N ILE O 151 10.14 3.84 59.75
CA ILE O 151 10.73 2.82 60.62
C ILE O 151 10.81 3.35 62.05
N GLU O 152 11.30 4.58 62.15
CA GLU O 152 11.43 5.26 63.43
C GLU O 152 10.10 5.15 64.17
N LEU O 153 9.03 5.26 63.39
CA LEU O 153 7.67 5.20 63.91
C LEU O 153 7.11 3.82 64.26
N THR O 154 7.49 2.77 63.54
CA THR O 154 7.01 1.44 63.87
C THR O 154 7.80 0.88 65.05
N ARG O 155 8.99 1.43 65.23
CA ARG O 155 9.88 1.05 66.33
C ARG O 155 9.25 1.58 67.62
N ASP O 156 8.64 2.77 67.51
CA ASP O 156 7.99 3.43 68.63
C ASP O 156 6.66 2.77 68.98
N LEU O 157 5.86 2.49 67.95
CA LEU O 157 4.56 1.86 68.13
C LEU O 157 4.72 0.51 68.84
N ALA O 158 5.70 -0.27 68.39
CA ALA O 158 6.00 -1.55 68.99
C ALA O 158 6.56 -1.36 70.39
N GLU O 159 7.49 -0.42 70.52
CA GLU O 159 8.09 -0.08 71.80
C GLU O 159 6.96 0.18 72.80
N ARG O 160 6.10 1.11 72.42
CA ARG O 160 4.96 1.53 73.21
C ARG O 160 3.91 0.44 73.48
N PHE O 161 3.75 -0.48 72.53
CA PHE O 161 2.80 -1.59 72.72
C PHE O 161 3.41 -2.57 73.71
N ASN O 162 4.69 -2.86 73.49
CA ASN O 162 5.48 -3.77 74.31
C ASN O 162 5.61 -3.35 75.78
N LYS O 163 5.53 -2.04 76.03
CA LYS O 163 5.62 -1.51 77.38
C LYS O 163 4.29 -1.57 78.10
N ARG O 164 3.20 -1.43 77.35
CA ARG O 164 1.86 -1.42 77.91
C ARG O 164 1.37 -2.85 78.15
N TYR O 165 1.60 -3.72 77.18
CA TYR O 165 1.01 -5.05 77.19
C TYR O 165 2.07 -6.12 77.41
N GLY O 166 3.33 -5.73 77.31
CA GLY O 166 4.45 -6.65 77.49
C GLY O 166 5.22 -6.88 76.21
N GLU O 167 6.32 -7.62 76.32
CA GLU O 167 7.13 -7.95 75.15
C GLU O 167 6.36 -8.85 74.19
N LEU O 168 5.85 -8.24 73.11
CA LEU O 168 5.23 -9.00 72.03
C LEU O 168 6.01 -8.84 70.73
N PHE O 169 6.54 -7.64 70.50
CA PHE O 169 7.03 -7.25 69.18
C PHE O 169 8.55 -7.29 69.13
N THR O 170 9.10 -7.67 67.98
CA THR O 170 10.52 -7.60 67.74
C THR O 170 10.71 -6.18 67.23
N ILE O 171 11.70 -5.47 67.74
CA ILE O 171 11.96 -4.14 67.22
C ILE O 171 12.82 -4.37 65.98
N PRO O 172 12.42 -3.77 64.86
CA PRO O 172 13.15 -3.96 63.61
C PRO O 172 14.07 -2.80 63.30
N GLU O 173 15.16 -3.09 62.61
CA GLU O 173 16.09 -2.06 62.18
C GLU O 173 16.02 -1.99 60.66
N ALA O 174 16.31 -0.81 60.13
CA ALA O 174 16.32 -0.60 58.69
C ALA O 174 17.73 -0.84 58.19
N ARG O 175 17.85 -1.72 57.21
CA ARG O 175 19.15 -2.10 56.68
C ARG O 175 18.92 -2.90 55.40
N ILE O 176 19.88 -2.85 54.49
CA ILE O 176 19.81 -3.59 53.24
C ILE O 176 21.05 -4.48 53.19
N PRO O 177 20.88 -5.72 53.64
CA PRO O 177 21.98 -6.69 53.67
C PRO O 177 22.65 -6.72 52.31
N LYS O 178 23.95 -6.43 52.29
CA LYS O 178 24.68 -6.44 51.04
C LYS O 178 24.17 -5.35 50.10
N VAL O 179 24.19 -4.11 50.57
CA VAL O 179 23.69 -3.00 49.76
C VAL O 179 24.42 -2.79 48.43
N GLY O 180 23.66 -2.57 47.36
CA GLY O 180 24.22 -2.35 46.03
C GLY O 180 24.40 -0.86 45.74
N ALA O 181 25.06 -0.57 44.61
CA ALA O 181 25.36 0.79 44.22
C ALA O 181 24.12 1.60 43.89
N ARG O 182 24.18 2.91 44.10
CA ARG O 182 23.07 3.77 43.73
C ARG O 182 23.14 4.04 42.24
N ILE O 183 22.13 3.57 41.52
CA ILE O 183 22.08 3.68 40.08
C ILE O 183 21.37 4.96 39.65
N MSE O 184 22.02 5.73 38.79
CA MSE O 184 21.46 7.00 38.33
C MSE O 184 20.71 6.84 37.01
O MSE O 184 20.82 5.82 36.33
CB MSE O 184 22.52 8.09 38.20
CG MSE O 184 23.57 8.12 39.28
SE MSE O 184 22.81 8.40 41.05
CE MSE O 184 24.09 7.44 42.10
N SER O 185 19.92 7.86 36.67
CA SER O 185 19.17 7.88 35.43
C SER O 185 20.19 7.96 34.31
N LEU O 186 19.80 7.49 33.13
CA LEU O 186 20.69 7.52 31.97
C LEU O 186 20.64 8.88 31.26
N VAL O 187 19.73 9.73 31.68
CA VAL O 187 19.58 11.07 31.08
C VAL O 187 20.00 12.19 32.04
N ASP O 188 20.00 11.87 33.33
CA ASP O 188 20.50 12.78 34.36
C ASP O 188 21.31 11.94 35.34
N PRO O 189 22.60 11.86 35.05
CA PRO O 189 23.55 11.09 35.85
C PRO O 189 23.61 11.61 37.28
N THR O 190 22.97 12.75 37.50
CA THR O 190 22.91 13.39 38.81
C THR O 190 21.66 12.90 39.54
N LYS O 191 20.62 12.59 38.76
CA LYS O 191 19.38 12.08 39.30
C LYS O 191 19.50 10.57 39.44
N LYS O 192 18.75 10.01 40.37
CA LYS O 192 18.78 8.58 40.62
C LYS O 192 17.71 7.91 39.75
N MSE O 193 17.94 6.65 39.38
CA MSE O 193 17.03 5.91 38.51
C MSE O 193 15.69 5.57 39.13
O MSE O 193 15.62 4.90 40.17
CB MSE O 193 17.67 4.70 37.84
CG MSE O 193 17.03 4.13 36.58
SE MSE O 193 17.77 2.43 36.00
CE MSE O 193 19.34 3.07 35.10
N SER O 194 14.62 6.04 38.49
CA SER O 194 13.26 5.77 38.96
C SER O 194 12.33 5.43 37.81
N LYS O 195 11.53 4.38 38.03
CA LYS O 195 10.54 3.91 37.06
C LYS O 195 9.57 5.07 36.86
N SER O 196 9.36 5.80 37.95
CA SER O 196 8.43 6.92 38.01
C SER O 196 8.95 8.11 37.22
N ASP O 197 10.02 7.89 36.45
CA ASP O 197 10.61 8.94 35.64
C ASP O 197 9.81 9.18 34.37
N PRO O 198 9.73 10.45 33.95
CA PRO O 198 8.86 10.84 32.85
C PRO O 198 9.49 10.52 31.49
N ASN O 199 10.81 10.63 31.41
CA ASN O 199 11.57 10.06 30.29
C ASN O 199 11.83 8.57 30.48
N PRO O 200 11.20 7.75 29.64
CA PRO O 200 11.35 6.30 29.73
C PRO O 200 12.79 5.86 29.43
N LYS O 201 13.58 6.77 28.87
CA LYS O 201 14.94 6.44 28.46
C LYS O 201 15.92 6.55 29.63
N ALA O 202 15.44 7.09 30.74
CA ALA O 202 16.29 7.34 31.90
C ALA O 202 16.50 6.07 32.72
N TYR O 203 15.60 5.11 32.55
CA TYR O 203 15.69 3.84 33.27
C TYR O 203 15.68 2.67 32.30
N ILE O 204 16.06 1.49 32.80
CA ILE O 204 15.94 0.26 32.04
C ILE O 204 15.11 -0.70 32.88
N THR O 205 14.05 -1.20 32.27
CA THR O 205 13.11 -2.10 32.91
C THR O 205 13.64 -3.53 32.90
N LEU O 206 13.05 -4.39 33.70
CA LEU O 206 13.44 -5.79 33.74
C LEU O 206 12.76 -6.58 32.63
N LEU O 207 11.80 -5.95 31.95
CA LEU O 207 11.10 -6.57 30.84
C LEU O 207 11.41 -5.86 29.53
N ASP O 208 12.44 -5.02 29.54
CA ASP O 208 12.89 -4.33 28.34
C ASP O 208 13.50 -5.30 27.35
N ASP O 209 13.08 -5.22 26.10
CA ASP O 209 13.58 -6.10 25.05
C ASP O 209 15.01 -5.73 24.66
N ALA O 210 15.72 -6.69 24.08
CA ALA O 210 17.12 -6.49 23.71
C ALA O 210 17.30 -5.20 22.92
N LYS O 211 16.33 -4.89 22.08
CA LYS O 211 16.39 -3.68 21.25
C LYS O 211 16.32 -2.42 22.10
N THR O 212 15.47 -2.45 23.13
CA THR O 212 15.19 -1.26 23.93
C THR O 212 16.33 -0.98 24.90
N ILE O 213 16.81 -2.03 25.57
CA ILE O 213 18.06 -1.96 26.31
C ILE O 213 19.15 -1.28 25.49
N GLU O 214 19.19 -1.61 24.19
CA GLU O 214 20.30 -1.19 23.34
C GLU O 214 20.17 0.29 22.96
N LYS O 215 18.95 0.73 22.70
CA LYS O 215 18.69 2.13 22.34
C LYS O 215 18.98 3.05 23.50
N LYS O 216 18.63 2.60 24.69
CA LYS O 216 18.82 3.36 25.93
C LYS O 216 20.28 3.45 26.40
N ILE O 217 21.03 2.37 26.23
CA ILE O 217 22.45 2.34 26.62
C ILE O 217 23.28 3.17 25.66
N LYS O 218 22.77 3.23 24.43
CA LYS O 218 23.42 3.95 23.36
C LYS O 218 23.19 5.44 23.48
N SER O 219 22.00 5.82 23.93
CA SER O 219 21.69 7.24 24.14
C SER O 219 22.16 7.67 25.52
N SER O 224 32.50 14.44 26.77
CA SER O 224 33.35 14.83 25.64
C SER O 224 34.81 14.46 25.90
N GLU O 225 35.06 13.86 27.05
CA GLU O 225 36.42 13.49 27.43
C GLU O 225 36.89 12.25 26.68
N GLY O 226 35.96 11.35 26.39
CA GLY O 226 36.24 10.22 25.53
C GLY O 226 36.88 9.06 26.29
N THR O 227 37.10 9.26 27.58
CA THR O 227 37.98 8.40 28.36
C THR O 227 37.22 7.71 29.48
N ILE O 228 37.40 6.39 29.59
CA ILE O 228 36.57 5.57 30.48
C ILE O 228 37.26 5.35 31.81
N ARG O 229 37.23 6.38 32.66
CA ARG O 229 37.66 6.23 34.05
C ARG O 229 36.55 6.62 35.01
N TYR O 230 36.64 6.11 36.25
CA TYR O 230 35.68 6.47 37.28
C TYR O 230 36.07 7.79 37.96
N GLY O 237 27.99 10.55 34.31
CA GLY O 237 27.44 9.61 33.31
C GLY O 237 28.28 8.33 33.11
N ILE O 238 29.56 8.49 32.78
CA ILE O 238 30.42 7.33 32.54
C ILE O 238 30.54 6.47 33.80
N SER O 239 30.74 7.15 34.91
CA SER O 239 30.90 6.52 36.23
C SER O 239 29.69 5.65 36.60
N ASN O 240 28.51 6.04 36.13
CA ASN O 240 27.29 5.29 36.40
C ASN O 240 27.27 4.05 35.50
N LEU O 241 27.49 4.28 34.22
CA LEU O 241 27.55 3.21 33.23
C LEU O 241 28.57 2.17 33.69
N LEU O 242 29.61 2.67 34.35
CA LEU O 242 30.68 1.81 34.88
C LEU O 242 30.22 0.98 36.07
N ASN O 243 29.31 1.55 36.86
CA ASN O 243 28.75 0.87 38.03
C ASN O 243 27.83 -0.26 37.58
N ILE O 244 27.10 -0.01 36.50
CA ILE O 244 26.18 -0.98 35.94
C ILE O 244 26.96 -2.14 35.33
N TYR O 245 27.96 -1.78 34.52
CA TYR O 245 28.83 -2.76 33.86
C TYR O 245 29.44 -3.74 34.86
N SER O 246 29.99 -3.21 35.95
CA SER O 246 30.67 -4.00 36.98
C SER O 246 29.74 -4.90 37.81
N THR O 247 28.79 -4.30 38.50
CA THR O 247 27.84 -5.04 39.33
C THR O 247 27.18 -6.16 38.54
N LEU O 248 27.08 -5.94 37.22
CA LEU O 248 26.43 -6.88 36.33
C LEU O 248 27.32 -7.99 35.78
N SER O 249 28.55 -7.64 35.44
CA SER O 249 29.51 -8.61 34.92
C SER O 249 30.30 -9.22 36.07
N GLY O 250 30.52 -8.40 37.09
CA GLY O 250 31.26 -8.84 38.27
C GLY O 250 32.76 -8.67 38.09
N GLN O 251 33.16 -7.53 37.53
CA GLN O 251 34.57 -7.17 37.46
C GLN O 251 34.82 -5.82 38.14
N SER O 252 36.06 -5.63 38.61
CA SER O 252 36.43 -4.37 39.24
C SER O 252 36.52 -3.24 38.22
N ILE O 253 36.30 -2.01 38.68
CA ILE O 253 36.32 -0.85 37.81
C ILE O 253 37.74 -0.51 37.36
N GLU O 254 38.65 -0.48 38.32
CA GLU O 254 40.08 -0.49 38.01
C GLU O 254 40.39 -1.44 36.87
N GLU O 255 39.69 -2.58 36.84
CA GLU O 255 39.91 -3.58 35.81
C GLU O 255 39.19 -3.23 34.52
N LEU O 256 38.00 -2.64 34.66
CA LEU O 256 37.24 -2.18 33.51
C LEU O 256 37.75 -0.96 32.78
N GLU O 257 38.12 0.07 33.54
CA GLU O 257 38.99 1.13 33.04
C GLU O 257 40.28 0.56 32.45
N ARG O 258 40.84 -0.43 33.11
CA ARG O 258 42.07 -1.06 32.66
C ARG O 258 41.92 -1.63 31.25
N GLN O 259 40.75 -2.22 30.99
CA GLN O 259 40.55 -3.05 29.80
C GLN O 259 40.04 -2.21 28.62
N TYR O 260 39.23 -1.20 28.93
CA TYR O 260 38.93 -0.15 27.98
C TYR O 260 39.90 1.02 28.12
N GLU O 261 41.12 0.83 27.65
CA GLU O 261 42.20 1.77 27.92
C GLU O 261 42.33 2.80 26.81
N GLY O 262 42.16 2.35 25.57
CA GLY O 262 42.35 3.21 24.41
C GLY O 262 41.05 3.72 23.84
N LYS O 263 39.94 3.20 24.36
CA LYS O 263 38.69 3.16 23.61
C LYS O 263 37.83 4.39 23.89
N GLY O 264 36.91 4.68 22.97
CA GLY O 264 35.84 5.62 23.24
C GLY O 264 34.61 4.94 23.83
N TYR O 265 33.48 5.65 23.82
CA TYR O 265 32.30 5.21 24.53
C TYR O 265 31.49 4.22 23.69
N GLY O 266 31.61 4.34 22.38
CA GLY O 266 30.82 3.51 21.46
C GLY O 266 31.01 2.01 21.70
N VAL O 267 32.27 1.57 21.78
CA VAL O 267 32.60 0.17 22.01
C VAL O 267 32.15 -0.24 23.40
N PHE O 268 32.50 0.60 24.37
CA PHE O 268 32.17 0.39 25.77
C PHE O 268 30.66 0.21 25.92
N LYS O 269 29.91 1.11 25.30
CA LYS O 269 28.46 1.06 25.34
C LYS O 269 27.89 -0.20 24.69
N ALA O 270 28.54 -0.65 23.63
CA ALA O 270 28.10 -1.84 22.91
C ALA O 270 28.27 -3.09 23.77
N ASP O 271 29.43 -3.20 24.42
CA ASP O 271 29.67 -4.29 25.37
C ASP O 271 28.68 -4.23 26.53
N LEU O 272 28.58 -3.06 27.15
CA LEU O 272 27.66 -2.87 28.26
C LEU O 272 26.26 -3.36 27.92
N ALA O 273 25.76 -2.90 26.77
CA ALA O 273 24.43 -3.31 26.31
C ALA O 273 24.21 -4.82 26.20
N GLN O 274 25.27 -5.54 25.84
CA GLN O 274 25.19 -6.99 25.71
C GLN O 274 25.22 -7.68 27.08
N VAL O 275 25.92 -7.07 28.03
CA VAL O 275 25.99 -7.61 29.39
C VAL O 275 24.65 -7.39 30.10
N VAL O 276 23.95 -6.33 29.72
CA VAL O 276 22.63 -6.07 30.28
C VAL O 276 21.75 -7.17 29.73
N ILE O 277 21.68 -7.22 28.40
CA ILE O 277 20.88 -8.19 27.67
C ILE O 277 21.04 -9.65 28.10
N GLU O 278 22.28 -10.14 28.15
CA GLU O 278 22.51 -11.52 28.58
C GLU O 278 22.10 -11.75 30.03
N THR O 279 21.95 -10.65 30.77
CA THR O 279 21.55 -10.69 32.18
C THR O 279 20.03 -10.76 32.35
N LEU O 280 19.31 -10.06 31.48
CA LEU O 280 17.85 -9.95 31.56
C LEU O 280 17.08 -11.02 30.80
N ARG O 281 17.67 -11.51 29.72
CA ARG O 281 17.00 -12.48 28.88
C ARG O 281 16.62 -13.79 29.57
N PRO O 282 17.41 -14.21 30.55
CA PRO O 282 17.07 -15.40 31.32
C PRO O 282 15.93 -15.07 32.27
N ILE O 283 15.97 -13.86 32.82
CA ILE O 283 14.93 -13.37 33.71
C ILE O 283 13.67 -13.15 32.89
N GLN O 284 13.83 -12.41 31.80
CA GLN O 284 12.72 -12.08 30.91
C GLN O 284 12.03 -13.32 30.36
N GLU O 285 12.70 -14.46 30.47
CA GLU O 285 12.13 -15.71 29.98
C GLU O 285 11.46 -16.49 31.10
N ARG O 286 12.05 -16.45 32.28
CA ARG O 286 11.47 -17.15 33.43
C ARG O 286 10.15 -16.45 33.74
N TYR O 287 10.10 -15.16 33.41
CA TYR O 287 8.93 -14.33 33.62
C TYR O 287 7.72 -14.83 32.82
N HIS O 288 7.89 -14.93 31.51
CA HIS O 288 6.82 -15.38 30.61
C HIS O 288 6.30 -16.78 30.87
N HIS O 289 7.14 -17.64 31.45
CA HIS O 289 6.72 -18.98 31.81
C HIS O 289 5.70 -18.75 32.90
N TRP O 290 6.18 -18.20 34.01
CA TRP O 290 5.38 -17.89 35.19
C TRP O 290 4.04 -17.24 34.91
N MSE O 291 4.06 -16.21 34.08
CA MSE O 291 2.87 -15.43 33.73
C MSE O 291 1.76 -16.26 33.08
O MSE O 291 0.57 -16.02 33.31
CB MSE O 291 3.29 -14.30 32.82
CG MSE O 291 3.75 -13.05 33.52
SE MSE O 291 2.40 -12.26 34.68
CE MSE O 291 1.66 -11.01 33.43
N GLU O 292 2.15 -17.21 32.24
CA GLU O 292 1.18 -18.06 31.54
C GLU O 292 0.97 -19.38 32.27
N SER O 293 2.02 -19.86 32.93
CA SER O 293 1.91 -21.09 33.69
C SER O 293 1.01 -20.74 34.88
N GLU O 294 0.25 -21.71 35.38
CA GLU O 294 -0.64 -21.46 36.50
C GLU O 294 -0.04 -21.85 37.84
N GLU O 295 1.23 -22.29 37.84
CA GLU O 295 1.91 -22.64 39.07
C GLU O 295 2.14 -21.35 39.84
N LEU O 296 1.88 -20.25 39.14
CA LEU O 296 2.02 -18.92 39.70
C LEU O 296 0.91 -18.69 40.72
N ASP O 297 -0.34 -18.77 40.25
CA ASP O 297 -1.51 -18.59 41.11
C ASP O 297 -1.38 -19.58 42.25
N ARG O 298 -0.58 -20.61 42.01
CA ARG O 298 -0.35 -21.69 42.95
C ARG O 298 0.71 -21.36 44.01
N VAL O 299 1.76 -20.64 43.61
CA VAL O 299 2.83 -20.26 44.55
C VAL O 299 2.31 -19.14 45.44
N LEU O 300 1.38 -18.36 44.91
CA LEU O 300 0.78 -17.24 45.62
C LEU O 300 -0.17 -17.66 46.73
N ASP O 301 -0.79 -18.82 46.58
CA ASP O 301 -1.73 -19.34 47.58
C ASP O 301 -1.00 -19.99 48.73
N GLU O 302 0.18 -20.55 48.44
CA GLU O 302 1.00 -21.18 49.46
C GLU O 302 1.64 -20.12 50.35
N GLY O 303 1.97 -18.98 49.75
CA GLY O 303 2.59 -17.88 50.48
C GLY O 303 1.63 -17.14 51.41
N ALA O 304 0.37 -17.02 51.01
CA ALA O 304 -0.65 -16.36 51.83
C ALA O 304 -1.06 -17.30 52.97
N GLU O 305 -1.03 -18.59 52.68
CA GLU O 305 -1.34 -19.61 53.67
C GLU O 305 -0.29 -19.54 54.77
N LYS O 306 0.97 -19.67 54.38
CA LYS O 306 2.09 -19.59 55.31
C LYS O 306 2.03 -18.25 56.05
N ALA O 307 1.81 -17.18 55.31
CA ALA O 307 1.72 -15.84 55.88
C ALA O 307 0.53 -15.70 56.84
N ASN O 308 -0.64 -16.16 56.41
CA ASN O 308 -1.85 -16.10 57.24
C ASN O 308 -1.64 -16.90 58.52
N ARG O 309 -0.99 -18.05 58.38
CA ARG O 309 -0.68 -18.89 59.54
C ARG O 309 0.06 -18.06 60.60
N VAL O 310 1.22 -17.53 60.21
CA VAL O 310 2.08 -16.73 61.07
C VAL O 310 1.45 -15.44 61.62
N ALA O 311 0.79 -14.67 60.76
CA ALA O 311 0.21 -13.40 61.18
C ALA O 311 -1.04 -13.52 62.05
N SER O 312 -1.84 -14.54 61.80
CA SER O 312 -3.05 -14.78 62.56
C SER O 312 -2.75 -15.12 64.01
N GLU O 313 -1.63 -15.80 64.24
CA GLU O 313 -1.18 -16.16 65.58
C GLU O 313 -0.86 -14.88 66.35
N MSE O 314 -0.18 -13.96 65.66
CA MSE O 314 0.22 -12.68 66.23
C MSE O 314 -0.98 -11.78 66.53
O MSE O 314 -1.01 -11.08 67.55
CB MSE O 314 1.15 -11.94 65.29
CG MSE O 314 1.46 -10.53 65.71
SE MSE O 314 2.36 -10.43 67.43
CE MSE O 314 4.14 -10.04 66.82
N VAL O 315 -1.96 -11.77 65.61
CA VAL O 315 -3.16 -10.96 65.79
C VAL O 315 -3.86 -11.46 67.06
N ARG O 316 -3.80 -12.78 67.24
CA ARG O 316 -4.38 -13.47 68.39
C ARG O 316 -3.78 -12.95 69.69
N LYS O 317 -2.44 -12.99 69.75
CA LYS O 317 -1.71 -12.52 70.91
C LYS O 317 -1.93 -11.03 71.14
N MSE O 318 -2.19 -10.31 70.05
CA MSE O 318 -2.42 -8.87 70.13
C MSE O 318 -3.76 -8.59 70.80
O MSE O 318 -3.89 -7.64 71.57
CB MSE O 318 -2.39 -8.24 68.75
CG MSE O 318 -1.11 -7.56 68.34
SE MSE O 318 -1.08 -7.07 66.45
CE MSE O 318 -1.72 -5.27 66.61
N GLU O 319 -4.74 -9.44 70.51
CA GLU O 319 -6.07 -9.29 71.09
C GLU O 319 -6.13 -9.86 72.50
N GLN O 320 -5.26 -10.84 72.77
CA GLN O 320 -5.20 -11.43 74.10
C GLN O 320 -4.68 -10.33 75.01
N ALA O 321 -3.69 -9.61 74.48
CA ALA O 321 -3.05 -8.51 75.19
C ALA O 321 -3.98 -7.30 75.36
N MSE O 322 -4.72 -6.98 74.31
CA MSE O 322 -5.63 -5.84 74.33
C MSE O 322 -7.01 -6.17 74.90
O MSE O 322 -7.76 -5.29 75.32
CB MSE O 322 -5.75 -5.22 72.96
CG MSE O 322 -4.52 -4.51 72.44
SE MSE O 322 -4.85 -3.49 70.81
CE MSE O 322 -5.02 -1.75 71.59
N GLY O 323 -7.35 -7.46 74.90
CA GLY O 323 -8.63 -7.92 75.43
C GLY O 323 -9.78 -7.89 74.42
N LEU O 324 -9.49 -8.15 73.15
CA LEU O 324 -10.51 -8.16 72.11
C LEU O 324 -11.09 -9.56 71.88
N GLY O 325 -12.41 -9.64 71.73
CA GLY O 325 -13.08 -10.91 71.47
C GLY O 325 -13.02 -11.85 72.67
N ARG O 326 -12.45 -13.04 72.47
CA ARG O 326 -12.34 -14.05 73.52
C ARG O 326 -11.19 -15.01 73.24
N MSE P 1 -57.40 48.97 -54.72
CA MSE P 1 -58.21 49.09 -55.91
C MSE P 1 -57.51 48.47 -57.12
O MSE P 1 -56.45 47.87 -56.98
CB MSE P 1 -58.47 50.56 -56.20
CG MSE P 1 -58.18 51.46 -55.03
SE MSE P 1 -58.26 53.38 -55.39
CE MSE P 1 -56.61 53.89 -54.56
N LYS P 2 -58.09 48.63 -58.31
CA LYS P 2 -57.49 48.08 -59.50
C LYS P 2 -56.35 48.92 -60.01
N THR P 3 -55.28 48.26 -60.44
CA THR P 3 -54.08 48.95 -60.92
C THR P 3 -54.16 49.25 -62.41
N ILE P 4 -53.85 50.48 -62.77
CA ILE P 4 -53.79 50.90 -64.16
C ILE P 4 -52.36 51.31 -64.44
N PHE P 5 -51.78 50.77 -65.50
CA PHE P 5 -50.43 51.10 -65.86
C PHE P 5 -50.39 51.71 -67.24
N SER P 6 -49.79 52.89 -67.34
CA SER P 6 -49.67 53.59 -68.59
C SER P 6 -48.23 54.06 -68.81
N GLY P 7 -47.65 53.67 -69.93
CA GLY P 7 -46.30 54.07 -70.30
C GLY P 7 -46.41 55.08 -71.43
N ILE P 8 -45.81 56.26 -71.22
CA ILE P 8 -45.83 57.31 -72.22
C ILE P 8 -44.47 57.52 -72.86
N GLN P 9 -44.45 57.58 -74.18
CA GLN P 9 -43.23 57.85 -74.91
C GLN P 9 -42.93 59.34 -74.72
N THR P 15 -50.74 65.68 -78.76
CA THR P 15 -51.85 66.24 -79.52
C THR P 15 -53.11 66.32 -78.69
N ILE P 16 -53.96 67.30 -78.98
CA ILE P 16 -55.32 67.33 -78.47
C ILE P 16 -55.96 65.95 -78.53
N GLY P 17 -55.76 65.26 -79.64
CA GLY P 17 -56.31 63.93 -79.82
C GLY P 17 -56.07 62.98 -78.65
N ASN P 18 -55.01 63.19 -77.87
CA ASN P 18 -54.73 62.34 -76.71
C ASN P 18 -55.26 62.91 -75.40
N TYR P 19 -55.53 64.21 -75.39
CA TYR P 19 -56.18 64.85 -74.25
C TYR P 19 -57.69 64.58 -74.25
N ILE P 20 -58.21 64.23 -75.41
CA ILE P 20 -59.61 63.84 -75.53
C ILE P 20 -59.78 62.33 -75.42
N GLY P 21 -58.75 61.60 -75.83
CA GLY P 21 -58.77 60.15 -75.76
C GLY P 21 -58.67 59.63 -74.35
N ALA P 22 -57.50 59.79 -73.73
CA ALA P 22 -57.16 59.06 -72.53
C ALA P 22 -56.70 60.01 -71.42
N LEU P 23 -55.82 60.95 -71.78
CA LEU P 23 -55.21 61.84 -70.81
C LEU P 23 -56.28 62.54 -69.97
N ARG P 24 -57.48 62.64 -70.51
CA ARG P 24 -58.53 63.47 -69.91
C ARG P 24 -59.11 62.81 -68.68
N GLN P 25 -59.30 61.50 -68.74
CA GLN P 25 -60.13 60.80 -67.77
C GLN P 25 -59.30 60.33 -66.57
N PHE P 26 -58.00 60.17 -66.78
CA PHE P 26 -57.11 59.71 -65.73
C PHE P 26 -56.83 60.82 -64.72
N VAL P 27 -57.22 62.04 -65.06
CA VAL P 27 -57.26 63.13 -64.09
C VAL P 27 -58.41 62.97 -63.11
N GLU P 28 -59.22 61.94 -63.32
CA GLU P 28 -60.30 61.62 -62.39
C GLU P 28 -60.35 60.12 -62.10
N LEU P 29 -59.64 59.34 -62.90
CA LEU P 29 -59.55 57.90 -62.71
C LEU P 29 -58.47 57.54 -61.69
N GLN P 30 -57.50 58.43 -61.54
CA GLN P 30 -56.53 58.33 -60.44
C GLN P 30 -57.24 58.25 -59.10
N HIS P 31 -58.43 58.85 -59.02
CA HIS P 31 -59.14 58.98 -57.75
C HIS P 31 -59.77 57.66 -57.33
N GLU P 32 -60.16 56.85 -58.31
CA GLU P 32 -60.83 55.59 -58.04
C GLU P 32 -59.92 54.40 -58.38
N TYR P 33 -58.64 54.68 -58.58
CA TYR P 33 -57.76 53.76 -59.30
C TYR P 33 -56.32 53.92 -58.85
N ASN P 34 -55.59 52.81 -58.79
CA ASN P 34 -54.18 52.82 -58.46
C ASN P 34 -53.54 53.00 -59.83
N CYS P 35 -53.13 54.22 -60.15
CA CYS P 35 -52.58 54.52 -61.47
C CYS P 35 -51.07 54.77 -61.53
N TYR P 36 -50.46 54.23 -62.58
CA TYR P 36 -49.04 54.40 -62.84
C TYR P 36 -48.83 55.08 -64.19
N PHE P 37 -48.05 56.15 -64.16
CA PHE P 37 -47.71 56.87 -65.37
C PHE P 37 -46.21 56.77 -65.52
N CYS P 38 -45.80 55.90 -66.43
CA CYS P 38 -44.38 55.62 -66.64
C CYS P 38 -43.81 56.28 -67.89
N ILE P 39 -42.82 57.14 -67.68
CA ILE P 39 -42.10 57.77 -68.77
C ILE P 39 -41.07 56.74 -69.20
N VAL P 40 -41.39 56.01 -70.25
CA VAL P 40 -40.53 54.93 -70.74
C VAL P 40 -39.32 55.42 -71.53
N ASP P 41 -38.31 55.93 -70.83
CA ASP P 41 -37.09 56.44 -71.46
C ASP P 41 -36.18 55.33 -71.95
N GLN P 42 -36.42 54.10 -71.49
CA GLN P 42 -35.61 52.96 -71.92
C GLN P 42 -36.14 52.40 -73.23
N HIS P 43 -37.43 52.60 -73.45
CA HIS P 43 -38.10 52.18 -74.68
C HIS P 43 -37.77 53.17 -75.80
N ALA P 44 -37.44 54.39 -75.39
CA ALA P 44 -37.12 55.46 -76.33
C ALA P 44 -35.77 55.30 -77.02
N ILE P 45 -34.86 54.54 -76.39
CA ILE P 45 -33.54 54.32 -76.98
C ILE P 45 -33.47 53.15 -77.97
N THR P 46 -34.62 52.58 -78.30
CA THR P 46 -34.70 51.52 -79.30
C THR P 46 -34.54 52.22 -80.64
N VAL P 47 -34.69 53.54 -80.59
CA VAL P 47 -34.55 54.42 -81.73
C VAL P 47 -33.44 55.42 -81.41
N TRP P 48 -32.84 55.98 -82.46
CA TRP P 48 -31.79 56.95 -82.30
C TRP P 48 -32.34 58.17 -81.57
N GLN P 49 -31.59 58.64 -80.58
CA GLN P 49 -32.00 59.79 -79.78
C GLN P 49 -30.82 60.72 -79.56
N ASP P 50 -31.12 62.01 -79.43
CA ASP P 50 -30.10 62.98 -79.05
C ASP P 50 -30.35 63.09 -77.55
N PRO P 51 -29.31 62.83 -76.76
CA PRO P 51 -29.41 62.82 -75.30
C PRO P 51 -30.07 64.04 -74.65
N HIS P 52 -29.69 65.24 -75.10
CA HIS P 52 -30.25 66.47 -74.56
C HIS P 52 -31.75 66.54 -74.80
N GLU P 53 -32.12 66.43 -76.07
CA GLU P 53 -33.52 66.42 -76.52
C GLU P 53 -34.30 65.47 -75.63
N LEU P 54 -33.69 64.31 -75.41
CA LEU P 54 -34.26 63.25 -74.60
C LEU P 54 -34.39 63.67 -73.14
N ARG P 55 -33.24 64.00 -72.54
CA ARG P 55 -33.17 64.41 -71.14
C ARG P 55 -34.27 65.37 -70.76
N GLN P 56 -34.50 66.35 -71.62
CA GLN P 56 -35.49 67.39 -71.37
C GLN P 56 -36.86 67.16 -72.00
N ASN P 57 -37.00 66.10 -72.81
CA ASN P 57 -38.30 65.77 -73.40
C ASN P 57 -39.00 64.90 -72.36
N ILE P 58 -38.19 64.23 -71.55
CA ILE P 58 -38.67 63.43 -70.44
C ILE P 58 -39.36 64.39 -69.47
N ARG P 59 -38.68 65.50 -69.19
CA ARG P 59 -39.20 66.53 -68.28
C ARG P 59 -40.47 67.16 -68.83
N ARG P 60 -40.41 67.50 -70.11
CA ARG P 60 -41.52 68.08 -70.85
C ARG P 60 -42.81 67.37 -70.51
N LEU P 61 -42.78 66.08 -70.78
CA LEU P 61 -43.86 65.14 -70.59
C LEU P 61 -44.39 64.98 -69.16
N ALA P 62 -43.50 64.89 -68.18
CA ALA P 62 -43.95 64.73 -66.79
C ALA P 62 -44.75 65.96 -66.36
N ALA P 63 -44.18 67.13 -66.63
CA ALA P 63 -44.80 68.41 -66.30
C ALA P 63 -46.12 68.64 -67.02
N LEU P 64 -46.23 68.16 -68.26
CA LEU P 64 -47.47 68.31 -69.02
C LEU P 64 -48.54 67.42 -68.39
N TYR P 65 -48.08 66.33 -67.81
CA TYR P 65 -48.94 65.39 -67.14
C TYR P 65 -49.45 65.97 -65.82
N LEU P 66 -48.53 66.56 -65.06
CA LEU P 66 -48.90 67.20 -63.80
C LEU P 66 -49.74 68.42 -64.13
N ALA P 67 -49.27 69.17 -65.12
CA ALA P 67 -49.95 70.37 -65.58
C ALA P 67 -51.36 70.04 -66.06
N VAL P 68 -51.55 68.83 -66.57
CA VAL P 68 -52.89 68.42 -67.01
C VAL P 68 -53.79 68.09 -65.83
N GLY P 69 -53.19 67.75 -64.69
CA GLY P 69 -53.96 67.42 -63.50
C GLY P 69 -53.58 66.12 -62.80
N ILE P 70 -52.62 65.37 -63.34
CA ILE P 70 -52.24 64.13 -62.68
C ILE P 70 -51.83 64.47 -61.25
N ASP P 71 -52.24 63.62 -60.32
CA ASP P 71 -52.00 63.84 -58.90
C ASP P 71 -50.92 62.93 -58.33
N PRO P 72 -49.80 63.53 -57.95
CA PRO P 72 -48.67 62.80 -57.36
C PRO P 72 -49.06 62.05 -56.09
N THR P 73 -49.82 62.72 -55.24
CA THR P 73 -50.32 62.15 -54.00
C THR P 73 -51.17 60.95 -54.39
N GLN P 74 -52.02 61.20 -55.38
CA GLN P 74 -53.01 60.25 -55.89
C GLN P 74 -52.49 59.19 -56.85
N ALA P 75 -51.42 59.47 -57.58
CA ALA P 75 -50.90 58.49 -58.54
C ALA P 75 -49.38 58.38 -58.53
N THR P 76 -48.85 57.35 -59.18
CA THR P 76 -47.41 57.18 -59.28
C THR P 76 -46.95 57.63 -60.66
N LEU P 77 -46.23 58.74 -60.69
CA LEU P 77 -45.70 59.27 -61.95
C LEU P 77 -44.18 59.13 -61.83
N PHE P 78 -43.59 58.35 -62.73
CA PHE P 78 -42.15 58.14 -62.64
C PHE P 78 -41.46 57.89 -63.97
N ILE P 79 -40.13 57.99 -63.93
CA ILE P 79 -39.28 57.71 -65.07
C ILE P 79 -38.82 56.25 -64.96
N GLN P 80 -39.09 55.50 -66.02
CA GLN P 80 -38.75 54.08 -66.11
C GLN P 80 -37.32 53.71 -65.70
N SER P 81 -36.35 54.41 -66.26
CA SER P 81 -34.94 54.16 -65.97
C SER P 81 -34.59 54.20 -64.50
N GLU P 82 -35.41 54.90 -63.72
CA GLU P 82 -35.14 55.06 -62.30
C GLU P 82 -35.66 53.92 -61.44
N VAL P 83 -36.33 52.98 -62.09
CA VAL P 83 -36.80 51.77 -61.45
C VAL P 83 -36.04 50.67 -62.18
N PRO P 84 -34.97 50.20 -61.55
CA PRO P 84 -34.07 49.20 -62.13
C PRO P 84 -34.71 47.81 -62.26
N ALA P 85 -35.81 47.60 -61.56
CA ALA P 85 -36.52 46.32 -61.62
C ALA P 85 -37.16 46.07 -62.99
N HIS P 86 -37.28 47.14 -63.78
CA HIS P 86 -37.84 47.06 -65.13
C HIS P 86 -36.90 46.27 -66.02
N ALA P 87 -35.62 46.64 -65.99
CA ALA P 87 -34.59 45.98 -66.80
C ALA P 87 -34.28 44.57 -66.31
N GLN P 88 -34.35 44.37 -64.99
CA GLN P 88 -34.11 43.06 -64.39
C GLN P 88 -35.23 42.09 -64.75
N ALA P 89 -36.46 42.54 -64.58
CA ALA P 89 -37.63 41.73 -64.89
C ALA P 89 -37.70 41.45 -66.39
N ALA P 90 -37.32 42.44 -67.18
CA ALA P 90 -37.29 42.31 -68.63
C ALA P 90 -36.35 41.19 -69.09
N TRP P 91 -35.22 41.05 -68.42
CA TRP P 91 -34.25 40.00 -68.75
C TRP P 91 -34.84 38.61 -68.55
N MSE P 92 -35.48 38.45 -67.40
CA MSE P 92 -36.12 37.21 -66.99
C MSE P 92 -37.31 36.82 -67.88
O MSE P 92 -37.80 35.70 -67.80
CB MSE P 92 -36.67 37.39 -65.59
CG MSE P 92 -35.67 37.71 -64.52
SE MSE P 92 -36.35 37.28 -62.75
CE MSE P 92 -36.29 39.05 -62.02
N LEU P 93 -37.78 37.76 -68.68
CA LEU P 93 -38.91 37.50 -69.58
C LEU P 93 -38.48 37.19 -70.99
N GLN P 94 -37.31 37.70 -71.38
CA GLN P 94 -36.76 37.43 -72.70
C GLN P 94 -36.28 35.98 -72.63
N CYS P 95 -36.15 35.51 -71.40
CA CYS P 95 -35.66 34.17 -71.14
C CYS P 95 -36.77 33.14 -71.24
N ILE P 96 -38.00 33.61 -71.46
CA ILE P 96 -39.13 32.71 -71.61
C ILE P 96 -39.94 33.03 -72.86
N VAL P 97 -39.72 34.22 -73.40
CA VAL P 97 -40.36 34.61 -74.63
C VAL P 97 -39.62 33.82 -75.71
N TYR P 98 -40.31 33.53 -76.80
CA TYR P 98 -39.70 32.82 -77.90
C TYR P 98 -39.29 33.83 -78.95
N ILE P 99 -38.19 33.56 -79.64
CA ILE P 99 -37.79 34.37 -80.78
C ILE P 99 -38.88 34.41 -81.84
N GLY P 100 -39.70 33.36 -81.87
CA GLY P 100 -40.80 33.30 -82.82
C GLY P 100 -41.81 34.40 -82.61
N GLU P 101 -42.35 34.49 -81.39
CA GLU P 101 -43.30 35.53 -81.06
C GLU P 101 -42.68 36.92 -81.15
N LEU P 102 -41.35 36.95 -81.18
CA LEU P 102 -40.62 38.22 -81.18
C LEU P 102 -40.30 38.67 -82.60
N GLU P 103 -39.83 37.74 -83.42
CA GLU P 103 -39.79 37.95 -84.86
C GLU P 103 -41.18 38.30 -85.41
N ARG P 104 -42.22 37.79 -84.76
CA ARG P 104 -43.55 37.76 -85.34
C ARG P 104 -44.26 39.10 -85.16
N MSE P 105 -43.62 40.00 -84.41
CA MSE P 105 -44.33 41.14 -83.83
C MSE P 105 -44.33 42.33 -84.78
O MSE P 105 -43.28 42.79 -85.23
CB MSE P 105 -43.69 41.53 -82.49
CG MSE P 105 -43.83 40.48 -81.41
SE MSE P 105 -45.69 40.11 -80.95
CE MSE P 105 -46.13 41.80 -80.08
N THR P 106 -45.52 42.84 -85.09
CA THR P 106 -45.67 43.92 -86.04
C THR P 106 -45.21 45.25 -85.45
N VAL P 118 -30.20 47.18 -87.93
CA VAL P 118 -31.22 47.62 -86.99
C VAL P 118 -31.00 47.04 -85.60
N SER P 119 -31.09 47.89 -84.59
CA SER P 119 -30.65 47.54 -83.24
C SER P 119 -31.50 46.40 -82.67
N ALA P 120 -30.90 45.62 -81.77
CA ALA P 120 -31.64 44.62 -81.02
C ALA P 120 -32.95 45.20 -80.47
N GLY P 121 -32.97 46.51 -80.30
CA GLY P 121 -33.99 47.16 -79.47
C GLY P 121 -35.35 47.16 -80.15
N LEU P 122 -35.35 47.02 -81.47
CA LEU P 122 -36.59 46.97 -82.23
C LEU P 122 -37.32 45.65 -82.01
N LEU P 123 -36.55 44.58 -81.78
CA LEU P 123 -37.10 43.24 -81.76
C LEU P 123 -37.33 42.75 -80.33
N THR P 124 -36.56 43.31 -79.39
CA THR P 124 -36.68 42.93 -77.99
C THR P 124 -37.23 44.08 -77.15
N TYR P 125 -37.88 45.03 -77.82
CA TYR P 125 -38.53 46.14 -77.13
C TYR P 125 -39.88 45.73 -76.57
N PRO P 126 -40.44 44.65 -77.11
CA PRO P 126 -41.81 44.24 -76.78
C PRO P 126 -41.90 43.67 -75.37
N PRO P 127 -40.85 42.99 -74.94
CA PRO P 127 -40.90 42.20 -73.70
C PRO P 127 -40.77 43.09 -72.47
N LEU P 128 -39.84 44.04 -72.51
CA LEU P 128 -39.74 45.06 -71.47
C LEU P 128 -41.05 45.83 -71.33
N MSE P 129 -41.74 46.05 -72.44
CA MSE P 129 -43.12 46.51 -72.42
C MSE P 129 -43.97 45.66 -71.48
O MSE P 129 -45.02 46.10 -71.01
CB MSE P 129 -43.72 46.49 -73.83
CG MSE P 129 -45.24 46.47 -73.85
SE MSE P 129 -45.98 47.62 -75.23
CE MSE P 129 -47.71 48.02 -74.41
N ALA P 130 -43.51 44.44 -71.21
CA ALA P 130 -44.33 43.44 -70.53
C ALA P 130 -43.96 43.35 -69.05
N ALA P 131 -42.74 43.72 -68.72
CA ALA P 131 -42.32 43.87 -67.33
C ALA P 131 -42.84 45.17 -66.74
N ASP P 132 -42.96 46.19 -67.59
CA ASP P 132 -43.48 47.49 -67.16
C ASP P 132 -44.80 47.21 -66.44
N ILE P 133 -45.63 46.41 -67.10
CA ILE P 133 -46.96 46.04 -66.64
C ILE P 133 -47.00 44.98 -65.53
N LEU P 134 -46.52 43.78 -65.82
CA LEU P 134 -46.56 42.71 -64.83
C LEU P 134 -45.98 43.00 -63.46
N LEU P 135 -44.93 43.83 -63.43
CA LEU P 135 -44.26 44.20 -62.18
C LEU P 135 -45.20 44.84 -61.17
N TYR P 136 -46.34 45.32 -61.65
CA TYR P 136 -47.28 46.04 -60.81
C TYR P 136 -48.63 45.36 -60.59
N ASN P 137 -48.72 44.09 -60.96
CA ASN P 137 -49.96 43.35 -60.81
C ASN P 137 -51.08 44.23 -61.38
N THR P 138 -50.81 44.85 -62.53
CA THR P 138 -51.82 45.71 -63.12
C THR P 138 -52.93 44.90 -63.79
N ASP P 139 -54.14 45.43 -63.72
CA ASP P 139 -55.31 44.74 -64.25
C ASP P 139 -55.77 45.36 -65.56
N ILE P 140 -55.40 46.62 -65.78
CA ILE P 140 -55.91 47.40 -66.90
C ILE P 140 -54.80 48.17 -67.60
N VAL P 141 -54.78 48.08 -68.93
CA VAL P 141 -53.86 48.88 -69.73
C VAL P 141 -54.54 49.72 -70.81
N PRO P 142 -54.55 51.04 -70.61
CA PRO P 142 -55.41 51.93 -71.39
C PRO P 142 -54.76 52.36 -72.70
N VAL P 143 -54.48 51.39 -73.56
CA VAL P 143 -53.88 51.66 -74.85
C VAL P 143 -54.92 51.71 -75.96
N GLY P 144 -54.46 51.86 -77.20
CA GLY P 144 -55.34 51.77 -78.35
C GLY P 144 -55.04 50.56 -79.20
N GLU P 145 -55.46 50.61 -80.46
CA GLU P 145 -55.33 49.47 -81.37
C GLU P 145 -53.94 48.85 -81.47
N ASP P 146 -52.92 49.71 -81.57
CA ASP P 146 -51.62 49.29 -82.07
C ASP P 146 -50.92 48.36 -81.08
N GLN P 147 -51.12 48.61 -79.79
CA GLN P 147 -50.46 47.83 -78.75
C GLN P 147 -51.24 46.55 -78.44
N LYS P 148 -52.19 46.22 -79.31
CA LYS P 148 -53.02 45.05 -79.11
C LYS P 148 -52.22 43.75 -79.23
N GLN P 149 -51.33 43.70 -80.22
CA GLN P 149 -50.39 42.61 -80.35
C GLN P 149 -49.43 42.56 -79.14
N HIS P 150 -49.17 43.73 -78.57
CA HIS P 150 -48.23 43.82 -77.45
C HIS P 150 -48.85 43.30 -76.16
N ILE P 151 -50.17 43.44 -76.05
CA ILE P 151 -50.89 43.04 -74.84
C ILE P 151 -51.33 41.58 -74.92
N GLU P 152 -51.54 41.09 -76.14
CA GLU P 152 -51.66 39.66 -76.38
C GLU P 152 -50.47 38.90 -75.79
N LEU P 153 -49.27 39.42 -76.01
CA LEU P 153 -48.05 38.67 -75.71
C LEU P 153 -47.72 38.74 -74.23
N THR P 154 -47.88 39.91 -73.63
CA THR P 154 -47.63 40.10 -72.21
C THR P 154 -48.68 39.37 -71.37
N ARG P 155 -49.87 39.20 -71.93
CA ARG P 155 -50.84 38.26 -71.40
C ARG P 155 -50.37 36.83 -71.58
N ASP P 156 -49.70 36.56 -72.70
CA ASP P 156 -49.12 35.25 -72.97
C ASP P 156 -47.96 34.96 -72.03
N LEU P 157 -47.20 35.99 -71.70
CA LEU P 157 -45.98 35.82 -70.92
C LEU P 157 -46.31 35.53 -69.45
N ALA P 158 -47.30 36.25 -68.92
CA ALA P 158 -47.72 36.07 -67.54
C ALA P 158 -48.18 34.63 -67.35
N GLU P 159 -49.16 34.24 -68.17
CA GLU P 159 -49.74 32.90 -68.17
C GLU P 159 -48.68 31.79 -68.22
N ARG P 160 -47.77 31.90 -69.18
CA ARG P 160 -46.70 30.94 -69.35
C ARG P 160 -45.88 30.81 -68.07
N PHE P 161 -45.38 31.94 -67.60
CA PHE P 161 -44.59 31.98 -66.37
C PHE P 161 -45.36 31.47 -65.16
N ASN P 162 -46.65 31.79 -65.13
CA ASN P 162 -47.49 31.45 -63.98
C ASN P 162 -47.72 29.94 -63.88
N LYS P 163 -48.06 29.31 -65.00
CA LYS P 163 -48.20 27.87 -65.06
C LYS P 163 -46.87 27.17 -64.79
N ARG P 164 -45.80 27.74 -65.30
CA ARG P 164 -44.47 27.15 -65.15
C ARG P 164 -44.00 27.22 -63.70
N TYR P 165 -44.04 28.42 -63.13
CA TYR P 165 -43.44 28.66 -61.83
C TYR P 165 -44.51 28.79 -60.74
N GLY P 166 -45.77 28.84 -61.16
CA GLY P 166 -46.86 29.15 -60.26
C GLY P 166 -47.26 30.62 -60.32
N GLU P 167 -48.39 30.94 -59.70
CA GLU P 167 -49.16 32.13 -60.08
C GLU P 167 -48.64 33.37 -59.37
N LEU P 168 -47.85 34.18 -60.08
CA LEU P 168 -47.32 35.41 -59.54
C LEU P 168 -48.07 36.62 -60.09
N PHE P 169 -48.68 36.46 -61.24
CA PHE P 169 -49.05 37.60 -62.09
C PHE P 169 -50.57 37.69 -62.26
N THR P 170 -51.09 38.91 -62.19
CA THR P 170 -52.40 39.21 -62.76
C THR P 170 -52.33 39.35 -64.26
N ILE P 171 -53.19 38.62 -64.96
CA ILE P 171 -53.30 38.71 -66.40
C ILE P 171 -54.01 40.02 -66.69
N PRO P 172 -53.30 40.93 -67.32
CA PRO P 172 -53.83 42.25 -67.63
C PRO P 172 -54.76 42.18 -68.82
N GLU P 173 -55.36 43.32 -69.14
CA GLU P 173 -56.20 43.43 -70.33
C GLU P 173 -56.32 44.88 -70.80
N ALA P 174 -56.47 45.06 -72.10
CA ALA P 174 -56.17 46.33 -72.74
C ALA P 174 -57.45 47.11 -73.04
N ARG P 175 -57.79 48.06 -72.16
CA ARG P 175 -58.90 48.97 -72.41
C ARG P 175 -58.50 50.41 -72.11
N ILE P 176 -59.35 51.35 -72.51
CA ILE P 176 -59.26 52.72 -72.04
C ILE P 176 -60.57 53.18 -71.40
N PRO P 177 -60.63 53.12 -70.07
CA PRO P 177 -61.74 53.70 -69.33
C PRO P 177 -62.15 55.07 -69.90
N LYS P 178 -63.45 55.29 -70.01
CA LYS P 178 -63.96 56.57 -70.51
C LYS P 178 -63.20 57.02 -71.75
N VAL P 179 -63.06 56.13 -72.72
CA VAL P 179 -62.43 56.45 -73.99
C VAL P 179 -63.21 57.53 -74.74
N GLY P 180 -62.51 58.34 -75.51
CA GLY P 180 -63.09 59.51 -76.12
C GLY P 180 -63.52 59.28 -77.55
N ALA P 181 -64.08 60.31 -78.18
CA ALA P 181 -64.24 60.34 -79.63
C ALA P 181 -62.90 60.15 -80.32
N ARG P 182 -62.83 59.17 -81.22
CA ARG P 182 -61.61 58.90 -81.97
C ARG P 182 -61.29 60.05 -82.93
N ILE P 183 -60.07 60.59 -82.81
CA ILE P 183 -59.79 61.95 -83.24
C ILE P 183 -58.86 61.96 -84.44
N MSE P 184 -59.29 62.61 -85.52
CA MSE P 184 -58.59 62.55 -86.80
C MSE P 184 -57.65 63.70 -87.18
O MSE P 184 -57.80 64.83 -86.70
CB MSE P 184 -59.64 62.48 -87.88
CG MSE P 184 -60.83 61.65 -87.47
SE MSE P 184 -60.37 59.77 -87.32
CE MSE P 184 -61.80 59.16 -86.22
N SER P 185 -56.73 63.41 -88.10
CA SER P 185 -55.78 64.39 -88.61
C SER P 185 -56.62 65.54 -89.20
N LEU P 186 -56.02 66.72 -89.23
CA LEU P 186 -56.70 67.93 -89.68
C LEU P 186 -56.48 68.25 -91.14
N VAL P 187 -55.53 67.55 -91.75
CA VAL P 187 -55.23 67.73 -93.16
C VAL P 187 -55.91 66.55 -93.87
N ASP P 188 -56.15 65.50 -93.08
CA ASP P 188 -56.86 64.31 -93.53
C ASP P 188 -57.66 63.73 -92.36
N PRO P 189 -58.95 63.55 -92.62
CA PRO P 189 -59.87 63.02 -91.62
C PRO P 189 -60.06 61.52 -91.78
N THR P 190 -59.43 60.93 -92.81
CA THR P 190 -59.44 59.48 -93.00
C THR P 190 -58.19 59.01 -92.26
N LYS P 191 -57.78 59.81 -91.28
CA LYS P 191 -56.56 59.57 -90.54
C LYS P 191 -56.63 59.92 -89.07
N LYS P 192 -56.14 59.00 -88.27
CA LYS P 192 -56.07 59.21 -86.84
C LYS P 192 -55.05 60.31 -86.61
N MSE P 193 -55.31 61.18 -85.63
CA MSE P 193 -54.37 62.25 -85.34
C MSE P 193 -53.06 61.61 -84.85
O MSE P 193 -53.09 60.56 -84.20
CB MSE P 193 -54.89 63.21 -84.29
CG MSE P 193 -54.19 64.55 -84.20
SE MSE P 193 -55.00 65.78 -82.93
CE MSE P 193 -56.00 66.85 -84.17
N SER P 194 -51.94 62.22 -85.18
CA SER P 194 -50.63 61.71 -84.77
C SER P 194 -49.59 62.82 -84.69
N LYS P 195 -48.93 62.90 -83.54
CA LYS P 195 -47.85 63.85 -83.26
C LYS P 195 -46.76 63.58 -84.29
N SER P 196 -46.70 62.33 -84.73
CA SER P 196 -45.71 61.89 -85.69
C SER P 196 -46.09 62.27 -87.11
N ASP P 197 -47.16 63.06 -87.26
CA ASP P 197 -47.55 63.47 -88.60
C ASP P 197 -46.48 64.41 -89.16
N PRO P 198 -46.17 64.21 -90.44
CA PRO P 198 -45.17 65.01 -91.13
C PRO P 198 -45.77 66.36 -91.50
N ASN P 199 -47.09 66.45 -91.43
CA ASN P 199 -47.78 67.71 -91.70
C ASN P 199 -48.34 68.33 -90.42
N PRO P 200 -47.48 69.11 -89.77
CA PRO P 200 -47.79 69.78 -88.49
C PRO P 200 -49.19 70.40 -88.51
N LYS P 201 -49.69 70.62 -89.71
CA LYS P 201 -51.02 71.15 -89.95
C LYS P 201 -52.07 70.13 -89.48
N ALA P 202 -51.62 68.88 -89.30
CA ALA P 202 -52.51 67.78 -88.92
C ALA P 202 -52.95 67.71 -87.45
N TYR P 203 -52.06 68.05 -86.53
CA TYR P 203 -52.39 67.93 -85.12
C TYR P 203 -52.37 69.24 -84.36
N ILE P 204 -52.88 69.21 -83.14
CA ILE P 204 -52.80 70.34 -82.25
C ILE P 204 -52.09 69.80 -81.04
N THR P 205 -51.16 70.57 -80.50
CA THR P 205 -50.37 70.17 -79.35
C THR P 205 -50.84 71.01 -78.17
N LEU P 206 -50.76 70.44 -76.97
CA LEU P 206 -51.20 71.16 -75.77
C LEU P 206 -50.37 72.40 -75.50
N LEU P 207 -49.28 72.56 -76.25
CA LEU P 207 -48.39 73.71 -76.09
C LEU P 207 -48.41 74.60 -77.33
N ASP P 208 -49.35 74.31 -78.24
CA ASP P 208 -49.64 75.22 -79.34
C ASP P 208 -50.13 76.57 -78.81
N ASP P 209 -49.65 77.65 -79.42
CA ASP P 209 -50.04 79.00 -79.03
C ASP P 209 -51.32 79.43 -79.74
N ALA P 210 -51.75 80.67 -79.48
CA ALA P 210 -53.05 81.13 -79.91
C ALA P 210 -53.11 81.31 -81.42
N LYS P 211 -52.20 82.13 -81.95
CA LYS P 211 -51.97 82.20 -83.39
C LYS P 211 -52.09 80.81 -84.03
N THR P 212 -51.56 79.80 -83.36
CA THR P 212 -51.22 78.54 -84.01
C THR P 212 -52.41 77.61 -84.07
N ILE P 213 -53.03 77.37 -82.92
CA ILE P 213 -54.40 76.85 -82.87
C ILE P 213 -55.27 77.51 -83.93
N GLU P 214 -55.12 78.82 -84.08
CA GLU P 214 -56.06 79.60 -84.88
C GLU P 214 -55.72 79.52 -86.37
N LYS P 215 -54.46 79.81 -86.70
CA LYS P 215 -53.95 79.55 -88.04
C LYS P 215 -54.40 78.19 -88.55
N LYS P 216 -54.42 77.21 -87.67
CA LYS P 216 -54.40 75.80 -88.07
C LYS P 216 -55.79 75.19 -87.97
N ILE P 217 -56.72 75.92 -87.39
CA ILE P 217 -58.10 75.46 -87.27
C ILE P 217 -58.98 76.05 -88.36
N LYS P 218 -58.70 77.29 -88.74
CA LYS P 218 -59.19 77.85 -89.99
C LYS P 218 -58.92 76.90 -91.16
N SER P 219 -57.68 76.41 -91.23
CA SER P 219 -57.19 75.76 -92.44
C SER P 219 -57.39 74.26 -92.39
N SER P 224 -68.37 70.41 -98.40
CA SER P 224 -68.93 71.24 -99.45
C SER P 224 -70.41 71.53 -99.21
N GLU P 225 -70.75 71.77 -97.94
CA GLU P 225 -72.15 71.91 -97.54
C GLU P 225 -72.36 73.16 -96.69
N GLY P 226 -71.29 73.62 -96.05
CA GLY P 226 -71.28 74.93 -95.43
C GLY P 226 -72.22 75.02 -94.25
N THR P 227 -72.66 73.87 -93.76
CA THR P 227 -73.53 73.81 -92.58
C THR P 227 -73.05 72.75 -91.60
N ILE P 228 -72.87 73.16 -90.35
CA ILE P 228 -72.33 72.28 -89.32
C ILE P 228 -73.31 71.17 -88.95
N ARG P 229 -73.06 69.97 -89.46
CA ARG P 229 -73.98 68.86 -89.28
C ARG P 229 -73.25 67.51 -89.35
N TYR P 230 -73.46 66.68 -88.33
CA TYR P 230 -72.62 65.51 -88.12
C TYR P 230 -73.07 64.34 -89.01
N GLY P 237 -64.86 66.33 -92.63
CA GLY P 237 -64.27 67.59 -92.21
C GLY P 237 -64.95 68.18 -91.00
N ILE P 238 -66.22 68.55 -91.16
CA ILE P 238 -66.94 69.28 -90.12
C ILE P 238 -67.36 68.35 -88.99
N SER P 239 -66.94 67.09 -89.07
CA SER P 239 -67.32 66.09 -88.09
C SER P 239 -66.40 66.09 -86.89
N ASN P 240 -65.12 65.81 -87.14
CA ASN P 240 -64.12 65.79 -86.08
C ASN P 240 -64.14 67.05 -85.23
N LEU P 241 -63.96 68.20 -85.88
CA LEU P 241 -63.95 69.48 -85.18
C LEU P 241 -65.26 69.74 -84.47
N LEU P 242 -66.28 68.95 -84.81
CA LEU P 242 -67.43 68.76 -83.92
C LEU P 242 -67.02 68.06 -82.62
N ASN P 243 -66.57 66.82 -82.74
CA ASN P 243 -66.04 66.09 -81.59
C ASN P 243 -65.12 66.93 -80.73
N ILE P 244 -64.08 67.48 -81.35
CA ILE P 244 -63.14 68.35 -80.65
C ILE P 244 -63.87 69.42 -79.85
N TYR P 245 -64.87 70.04 -80.47
CA TYR P 245 -65.46 71.25 -79.93
C TYR P 245 -66.27 70.97 -78.67
N SER P 246 -66.85 69.77 -78.61
CA SER P 246 -67.95 69.50 -77.68
C SER P 246 -67.41 69.00 -76.34
N THR P 247 -66.37 68.18 -76.40
CA THR P 247 -65.77 67.62 -75.19
C THR P 247 -65.12 68.72 -74.35
N LEU P 248 -64.61 69.74 -75.03
CA LEU P 248 -63.95 70.84 -74.34
C LEU P 248 -64.93 71.97 -74.03
N SER P 249 -65.82 72.24 -74.97
CA SER P 249 -66.97 73.11 -74.72
C SER P 249 -67.86 72.54 -73.61
N GLY P 250 -67.78 71.23 -73.41
CA GLY P 250 -68.79 70.51 -72.65
C GLY P 250 -70.19 70.81 -73.13
N GLN P 251 -70.36 70.89 -74.45
CA GLN P 251 -71.68 70.80 -75.06
C GLN P 251 -72.01 69.36 -75.44
N SER P 252 -73.22 69.16 -75.96
CA SER P 252 -73.53 67.97 -76.74
C SER P 252 -73.61 68.28 -78.23
N ILE P 253 -73.60 67.25 -79.05
CA ILE P 253 -73.44 67.42 -80.50
C ILE P 253 -74.48 68.38 -81.06
N GLU P 254 -75.73 68.20 -80.65
CA GLU P 254 -76.86 68.85 -81.29
C GLU P 254 -76.99 70.30 -80.83
N GLU P 255 -77.10 70.50 -79.52
CA GLU P 255 -77.23 71.83 -78.94
C GLU P 255 -76.08 72.73 -79.41
N LEU P 256 -75.08 72.13 -80.02
CA LEU P 256 -74.21 72.84 -80.96
C LEU P 256 -74.66 72.63 -82.40
N GLU P 257 -74.96 71.38 -82.73
CA GLU P 257 -75.24 70.99 -84.11
C GLU P 257 -76.49 71.70 -84.64
N ARG P 258 -77.53 71.73 -83.82
CA ARG P 258 -78.73 72.49 -84.14
C ARG P 258 -78.43 73.97 -84.27
N GLN P 259 -77.68 74.51 -83.32
CA GLN P 259 -77.41 75.94 -83.27
C GLN P 259 -76.73 76.34 -84.57
N TYR P 260 -75.95 75.42 -85.12
CA TYR P 260 -75.22 75.69 -86.36
C TYR P 260 -76.01 75.20 -87.58
N GLY P 266 -66.85 80.46 -90.52
CA GLY P 266 -65.85 81.39 -90.04
C GLY P 266 -66.00 81.69 -88.56
N VAL P 267 -67.23 81.59 -88.07
CA VAL P 267 -67.49 81.64 -86.63
C VAL P 267 -67.24 80.29 -85.97
N PHE P 268 -67.84 79.25 -86.52
CA PHE P 268 -67.71 77.91 -85.97
C PHE P 268 -66.25 77.54 -85.73
N LYS P 269 -65.51 77.39 -86.82
CA LYS P 269 -64.05 77.23 -86.74
C LYS P 269 -63.43 78.28 -85.83
N ALA P 270 -63.97 79.50 -85.88
CA ALA P 270 -63.51 80.58 -85.02
C ALA P 270 -63.97 80.40 -83.59
N ASP P 271 -65.00 79.56 -83.40
CA ASP P 271 -65.56 79.32 -82.08
C ASP P 271 -64.96 78.06 -81.47
N LEU P 272 -64.53 77.14 -82.31
CA LEU P 272 -63.80 75.96 -81.86
C LEU P 272 -62.35 76.31 -81.52
N ALA P 273 -61.81 77.31 -82.20
CA ALA P 273 -60.42 77.70 -82.02
C ALA P 273 -60.21 78.40 -80.69
N GLN P 274 -61.21 79.15 -80.24
CA GLN P 274 -61.20 79.74 -78.91
C GLN P 274 -61.55 78.70 -77.84
N VAL P 275 -62.53 77.85 -78.15
CA VAL P 275 -62.82 76.68 -77.32
C VAL P 275 -61.57 75.85 -77.11
N VAL P 276 -60.86 75.55 -78.18
CA VAL P 276 -59.49 75.07 -78.10
C VAL P 276 -58.65 75.95 -77.18
N ILE P 277 -58.47 77.21 -77.57
CA ILE P 277 -57.67 78.15 -76.80
C ILE P 277 -58.00 78.07 -75.31
N GLU P 278 -59.26 77.78 -75.01
CA GLU P 278 -59.76 77.90 -73.64
C GLU P 278 -59.16 76.84 -72.73
N THR P 279 -59.44 75.57 -73.04
CA THR P 279 -58.76 74.45 -72.40
C THR P 279 -57.25 74.69 -72.35
N LEU P 280 -56.67 75.09 -73.48
CA LEU P 280 -55.22 75.11 -73.63
C LEU P 280 -54.57 75.98 -72.55
N ARG P 281 -55.16 77.15 -72.31
CA ARG P 281 -54.41 78.28 -71.80
C ARG P 281 -54.01 78.08 -70.34
N PRO P 282 -54.81 77.29 -69.62
CA PRO P 282 -54.62 77.10 -68.18
C PRO P 282 -53.63 75.97 -67.89
N ILE P 283 -53.52 75.02 -68.82
CA ILE P 283 -52.53 73.95 -68.71
C ILE P 283 -51.18 74.54 -69.10
N GLN P 284 -51.22 75.36 -70.15
CA GLN P 284 -50.06 76.07 -70.66
C GLN P 284 -49.30 76.70 -69.49
N GLU P 285 -50.07 77.12 -68.49
CA GLU P 285 -49.60 77.83 -67.30
C GLU P 285 -48.87 77.06 -66.22
N ARG P 286 -49.42 75.90 -65.84
CA ARG P 286 -48.83 75.11 -64.77
C ARG P 286 -47.61 74.37 -65.29
N TYR P 287 -47.67 74.06 -66.57
CA TYR P 287 -46.57 73.41 -67.26
C TYR P 287 -45.38 74.29 -66.99
N HIS P 288 -45.51 75.55 -67.40
CA HIS P 288 -44.48 76.53 -67.20
C HIS P 288 -44.07 76.59 -65.74
N HIS P 289 -45.05 76.64 -64.84
CA HIS P 289 -44.79 76.70 -63.41
C HIS P 289 -44.08 75.43 -62.93
N TRP P 290 -44.47 74.30 -63.50
CA TRP P 290 -43.79 73.04 -63.22
C TRP P 290 -42.37 73.03 -63.79
N MSE P 291 -42.21 73.62 -64.97
CA MSE P 291 -40.94 73.59 -65.67
C MSE P 291 -39.88 74.41 -64.93
O MSE P 291 -38.80 73.90 -64.61
CB MSE P 291 -41.10 74.14 -67.10
CG MSE P 291 -41.71 73.14 -68.07
SE MSE P 291 -40.74 71.45 -68.13
CE MSE P 291 -39.13 72.05 -69.05
N GLU P 292 -40.20 75.66 -64.64
CA GLU P 292 -39.31 76.52 -63.86
C GLU P 292 -39.21 76.05 -62.41
N SER P 293 -40.21 75.28 -61.98
CA SER P 293 -40.38 74.99 -60.56
C SER P 293 -39.71 73.67 -60.19
N GLU P 294 -39.45 73.49 -58.90
CA GLU P 294 -38.59 72.41 -58.44
C GLU P 294 -39.37 71.47 -57.51
N GLU P 295 -40.70 71.58 -57.56
CA GLU P 295 -41.56 70.71 -56.77
C GLU P 295 -41.58 69.41 -57.58
N LEU P 296 -41.09 69.48 -58.81
CA LEU P 296 -41.31 68.41 -59.78
C LEU P 296 -40.25 67.30 -59.84
N ASP P 297 -38.99 67.70 -59.76
CA ASP P 297 -37.92 66.76 -59.40
C ASP P 297 -38.29 65.96 -58.16
N ARG P 298 -38.85 66.64 -57.17
CA ARG P 298 -39.39 65.97 -55.99
C ARG P 298 -40.46 64.96 -56.36
N VAL P 299 -41.48 65.43 -57.08
CA VAL P 299 -42.62 64.59 -57.44
C VAL P 299 -42.15 63.29 -58.10
N LEU P 300 -40.97 63.33 -58.69
CA LEU P 300 -40.50 62.23 -59.54
C LEU P 300 -39.64 61.26 -58.74
N ASP P 301 -38.81 61.79 -57.85
CA ASP P 301 -38.21 60.99 -56.80
C ASP P 301 -39.25 60.19 -56.03
N GLU P 302 -40.29 60.88 -55.56
CA GLU P 302 -41.34 60.25 -54.78
C GLU P 302 -42.06 59.16 -55.59
N GLY P 303 -42.16 59.36 -56.91
CA GLY P 303 -42.81 58.39 -57.77
C GLY P 303 -41.89 57.19 -58.00
N ALA P 304 -40.62 57.47 -58.29
CA ALA P 304 -39.64 56.42 -58.53
C ALA P 304 -39.54 55.52 -57.30
N GLU P 305 -39.50 56.17 -56.13
CA GLU P 305 -39.43 55.50 -54.83
C GLU P 305 -40.61 54.57 -54.56
N LYS P 306 -41.80 55.01 -54.95
CA LYS P 306 -43.02 54.23 -54.73
C LYS P 306 -43.09 53.09 -55.71
N ALA P 307 -42.62 53.32 -56.93
CA ALA P 307 -42.61 52.28 -57.96
C ALA P 307 -41.58 51.23 -57.58
N ASN P 308 -40.37 51.69 -57.29
CA ASN P 308 -39.26 50.83 -56.87
C ASN P 308 -39.67 49.87 -55.77
N ARG P 309 -40.55 50.33 -54.89
CA ARG P 309 -41.02 49.53 -53.76
C ARG P 309 -41.88 48.33 -54.19
N VAL P 310 -42.90 48.59 -55.00
CA VAL P 310 -43.78 47.54 -55.53
C VAL P 310 -42.97 46.63 -56.44
N ALA P 311 -42.21 47.24 -57.35
CA ALA P 311 -41.40 46.56 -58.35
C ALA P 311 -40.25 45.72 -57.77
N SER P 312 -39.50 46.28 -56.82
CA SER P 312 -38.37 45.59 -56.19
C SER P 312 -38.85 44.25 -55.63
N GLU P 313 -40.01 44.34 -54.99
CA GLU P 313 -40.65 43.22 -54.32
C GLU P 313 -41.19 42.16 -55.28
N MSE P 314 -41.57 42.57 -56.48
CA MSE P 314 -42.08 41.63 -57.48
C MSE P 314 -40.90 40.89 -58.11
O MSE P 314 -40.95 39.68 -58.36
CB MSE P 314 -42.91 42.32 -58.55
CG MSE P 314 -43.39 41.46 -59.70
SE MSE P 314 -44.37 39.87 -59.13
CE MSE P 314 -46.06 40.30 -59.93
N VAL P 315 -39.84 41.64 -58.39
CA VAL P 315 -38.61 41.09 -58.96
C VAL P 315 -38.11 40.00 -58.02
N ARG P 316 -38.07 40.34 -56.73
CA ARG P 316 -37.64 39.44 -55.68
C ARG P 316 -38.41 38.13 -55.75
N LYS P 317 -39.74 38.26 -55.84
CA LYS P 317 -40.64 37.12 -55.93
C LYS P 317 -40.39 36.32 -57.20
N MSE P 318 -39.96 37.02 -58.26
CA MSE P 318 -39.68 36.40 -59.55
C MSE P 318 -38.40 35.59 -59.51
O MSE P 318 -38.36 34.42 -59.91
CB MSE P 318 -39.54 37.48 -60.59
CG MSE P 318 -40.82 38.05 -61.13
SE MSE P 318 -40.49 39.55 -62.31
CE MSE P 318 -40.07 38.57 -63.91
N GLU P 319 -37.34 36.24 -59.03
CA GLU P 319 -36.02 35.62 -58.90
C GLU P 319 -36.10 34.37 -58.03
N GLN P 320 -37.07 34.39 -57.11
CA GLN P 320 -37.29 33.31 -56.16
C GLN P 320 -37.95 32.10 -56.80
N ALA P 321 -38.83 32.35 -57.76
CA ALA P 321 -39.54 31.28 -58.46
C ALA P 321 -38.62 30.60 -59.48
N MSE P 322 -37.66 31.37 -59.97
CA MSE P 322 -36.71 30.88 -60.95
C MSE P 322 -35.45 30.27 -60.34
O MSE P 322 -34.85 29.36 -60.90
CB MSE P 322 -36.41 31.98 -61.96
CG MSE P 322 -37.62 32.55 -62.65
SE MSE P 322 -37.28 33.74 -64.14
CE MSE P 322 -35.82 32.78 -64.94
N GLY P 323 -35.05 30.76 -59.16
CA GLY P 323 -33.86 30.24 -58.50
C GLY P 323 -32.71 31.24 -58.57
N LEU P 324 -33.04 32.52 -58.64
CA LEU P 324 -32.04 33.57 -58.74
C LEU P 324 -31.64 34.09 -57.37
N GLY P 325 -30.34 34.10 -57.11
CA GLY P 325 -29.82 34.56 -55.83
C GLY P 325 -30.20 33.63 -54.68
N ARG P 326 -30.72 34.21 -53.60
CA ARG P 326 -31.07 33.44 -52.42
C ARG P 326 -32.29 34.00 -51.69
N MSE Q 1 -9.57 5.48 -49.39
CA MSE Q 1 -10.29 4.54 -48.53
C MSE Q 1 -9.35 3.90 -47.50
O MSE Q 1 -8.23 4.36 -47.29
CB MSE Q 1 -10.93 3.42 -49.32
CG MSE Q 1 -11.39 3.73 -50.71
SE MSE Q 1 -10.47 2.74 -52.11
CE MSE Q 1 -8.67 3.28 -51.77
N LYS Q 2 -9.82 2.82 -46.89
CA LYS Q 2 -9.02 2.08 -45.93
C LYS Q 2 -8.14 1.04 -46.62
N THR Q 3 -7.05 0.67 -45.96
CA THR Q 3 -6.10 -0.29 -46.52
C THR Q 3 -6.23 -1.65 -45.86
N ILE Q 4 -6.28 -2.69 -46.69
CA ILE Q 4 -6.33 -4.06 -46.21
C ILE Q 4 -5.06 -4.79 -46.63
N PHE Q 5 -4.45 -5.49 -45.68
CA PHE Q 5 -3.26 -6.27 -45.97
C PHE Q 5 -3.50 -7.74 -45.67
N SER Q 6 -3.21 -8.57 -46.67
CA SER Q 6 -3.36 -10.00 -46.53
C SER Q 6 -2.06 -10.71 -46.89
N GLY Q 7 -1.52 -11.44 -45.94
CA GLY Q 7 -0.30 -12.21 -46.14
C GLY Q 7 -0.72 -13.65 -46.41
N ILE Q 8 -0.33 -14.16 -47.57
CA ILE Q 8 -0.76 -15.48 -48.01
C ILE Q 8 0.42 -16.43 -48.14
N GLN Q 9 0.21 -17.68 -47.70
CA GLN Q 9 1.32 -18.62 -47.51
C GLN Q 9 1.39 -19.62 -48.65
N THR Q 15 -8.35 -24.49 -50.57
CA THR Q 15 -9.60 -25.26 -50.64
C THR Q 15 -10.81 -24.33 -50.74
N ILE Q 16 -11.96 -24.92 -51.05
CA ILE Q 16 -13.22 -24.15 -51.14
C ILE Q 16 -13.61 -23.55 -49.82
N GLY Q 17 -13.10 -24.15 -48.76
CA GLY Q 17 -13.39 -23.67 -47.42
C GLY Q 17 -12.73 -22.31 -47.29
N ASN Q 18 -11.53 -22.22 -47.86
CA ASN Q 18 -10.75 -21.00 -47.89
C ASN Q 18 -11.48 -19.98 -48.75
N TYR Q 19 -11.83 -20.38 -49.96
CA TYR Q 19 -12.49 -19.50 -50.91
C TYR Q 19 -13.83 -19.00 -50.38
N ILE Q 20 -14.53 -19.88 -49.67
CA ILE Q 20 -15.80 -19.51 -49.04
C ILE Q 20 -15.56 -18.68 -47.78
N GLY Q 21 -14.43 -18.93 -47.13
CA GLY Q 21 -14.05 -18.18 -45.94
C GLY Q 21 -13.68 -16.74 -46.27
N ALA Q 22 -12.57 -16.56 -46.96
CA ALA Q 22 -11.93 -15.25 -47.06
C ALA Q 22 -11.88 -14.76 -48.49
N LEU Q 23 -11.55 -15.67 -49.41
CA LEU Q 23 -10.97 -15.28 -50.70
C LEU Q 23 -12.04 -14.82 -51.68
N ARG Q 24 -13.26 -15.33 -51.49
CA ARG Q 24 -14.35 -15.05 -52.43
C ARG Q 24 -14.89 -13.64 -52.22
N GLN Q 25 -14.89 -13.18 -50.97
CA GLN Q 25 -15.42 -11.87 -50.63
C GLN Q 25 -14.51 -10.75 -51.13
N PHE Q 26 -13.21 -10.95 -50.98
CA PHE Q 26 -12.23 -9.96 -51.43
C PHE Q 26 -12.43 -9.55 -52.88
N VAL Q 27 -13.08 -10.43 -53.65
CA VAL Q 27 -13.30 -10.16 -55.06
C VAL Q 27 -14.15 -8.91 -55.25
N GLU Q 28 -14.89 -8.54 -54.20
CA GLU Q 28 -15.73 -7.34 -54.24
C GLU Q 28 -15.13 -6.25 -53.36
N LEU Q 29 -14.71 -6.66 -52.16
CA LEU Q 29 -14.07 -5.78 -51.19
C LEU Q 29 -12.94 -4.99 -51.85
N GLN Q 30 -12.28 -5.65 -52.79
CA GLN Q 30 -11.15 -5.06 -53.50
C GLN Q 30 -11.54 -3.81 -54.27
N HIS Q 31 -12.83 -3.49 -54.28
CA HIS Q 31 -13.29 -2.29 -54.97
C HIS Q 31 -13.54 -1.18 -53.95
N GLU Q 32 -13.85 -1.58 -52.73
CA GLU Q 32 -14.15 -0.64 -51.67
C GLU Q 32 -12.99 -0.34 -50.71
N TYR Q 33 -11.93 -1.14 -50.79
CA TYR Q 33 -10.75 -0.92 -49.97
C TYR Q 33 -9.51 -0.93 -50.86
N ASN Q 34 -8.41 -0.40 -50.34
CA ASN Q 34 -7.14 -0.46 -51.05
C ASN Q 34 -6.50 -1.76 -50.56
N CYS Q 35 -6.49 -2.78 -51.42
CA CYS Q 35 -6.02 -4.10 -51.02
C CYS Q 35 -4.61 -4.52 -51.41
N TYR Q 36 -3.99 -5.25 -50.50
CA TYR Q 36 -2.66 -5.81 -50.66
C TYR Q 36 -2.73 -7.30 -50.41
N PHE Q 37 -2.25 -8.06 -51.39
CA PHE Q 37 -2.21 -9.50 -51.28
C PHE Q 37 -0.75 -9.92 -51.40
N CYS Q 38 -0.13 -10.17 -50.25
CA CYS Q 38 1.28 -10.51 -50.21
C CYS Q 38 1.54 -12.01 -50.07
N ILE Q 39 2.30 -12.55 -51.02
CA ILE Q 39 2.70 -13.95 -50.97
C ILE Q 39 3.95 -13.97 -50.09
N VAL Q 40 3.75 -14.35 -48.84
CA VAL Q 40 4.82 -14.34 -47.84
C VAL Q 40 5.76 -15.54 -47.97
N ASP Q 41 6.66 -15.47 -48.94
CA ASP Q 41 7.64 -16.54 -49.21
C ASP Q 41 8.77 -16.51 -48.19
N GLN Q 42 8.99 -15.36 -47.57
CA GLN Q 42 10.05 -15.22 -46.57
C GLN Q 42 9.60 -15.83 -45.26
N HIS Q 43 8.29 -15.82 -45.04
CA HIS Q 43 7.70 -16.43 -43.85
C HIS Q 43 7.71 -17.95 -44.07
N ALA Q 44 7.76 -18.35 -45.34
CA ALA Q 44 7.79 -19.75 -45.71
C ALA Q 44 9.11 -20.51 -45.53
N ILE Q 45 10.20 -19.78 -45.33
CA ILE Q 45 11.51 -20.39 -45.16
C ILE Q 45 11.74 -20.67 -43.67
N THR Q 46 10.78 -20.27 -42.83
CA THR Q 46 10.89 -20.52 -41.39
C THR Q 46 10.84 -22.01 -41.09
N VAL Q 47 10.31 -22.77 -42.03
CA VAL Q 47 10.24 -24.22 -41.94
C VAL Q 47 10.94 -24.80 -43.15
N TRP Q 48 11.24 -26.09 -43.10
CA TRP Q 48 11.90 -26.78 -44.18
C TRP Q 48 11.13 -26.62 -45.48
N GLN Q 49 11.82 -26.17 -46.53
CA GLN Q 49 11.22 -26.06 -47.86
C GLN Q 49 12.11 -26.70 -48.91
N ASP Q 50 11.50 -27.53 -49.77
CA ASP Q 50 12.08 -27.83 -51.07
C ASP Q 50 11.97 -26.64 -52.01
N PRO Q 51 13.09 -26.27 -52.63
CA PRO Q 51 13.19 -25.00 -53.35
C PRO Q 51 12.35 -25.00 -54.62
N HIS Q 52 12.51 -26.03 -55.45
CA HIS Q 52 11.71 -26.18 -56.66
C HIS Q 52 10.22 -26.07 -56.34
N GLU Q 53 9.78 -26.76 -55.29
CA GLU Q 53 8.39 -26.77 -54.91
C GLU Q 53 7.90 -25.47 -54.28
N LEU Q 54 8.77 -24.78 -53.54
CA LEU Q 54 8.39 -23.48 -52.97
C LEU Q 54 8.19 -22.50 -54.13
N ARG Q 55 9.15 -22.52 -55.03
CA ARG Q 55 9.16 -21.65 -56.19
C ARG Q 55 7.89 -21.64 -57.03
N GLN Q 56 7.28 -22.80 -57.19
CA GLN Q 56 6.06 -22.90 -57.99
C GLN Q 56 4.78 -22.81 -57.17
N ASN Q 57 4.92 -22.90 -55.86
CA ASN Q 57 3.77 -22.75 -54.97
C ASN Q 57 3.49 -21.25 -54.93
N ILE Q 58 4.57 -20.46 -55.05
CA ILE Q 58 4.48 -19.00 -55.08
C ILE Q 58 3.74 -18.60 -56.35
N ARG Q 59 4.14 -19.22 -57.46
CA ARG Q 59 3.57 -18.94 -58.78
C ARG Q 59 2.11 -19.39 -58.91
N ARG Q 60 1.88 -20.65 -58.54
CA ARG Q 60 0.57 -21.29 -58.56
C ARG Q 60 -0.45 -20.42 -57.84
N LEU Q 61 -0.03 -19.96 -56.66
CA LEU Q 61 -0.85 -19.17 -55.76
C LEU Q 61 -1.23 -17.80 -56.32
N ALA Q 62 -0.27 -17.13 -56.93
CA ALA Q 62 -0.54 -15.82 -57.54
C ALA Q 62 -1.56 -16.01 -58.65
N ALA Q 63 -1.32 -17.01 -59.48
CA ALA Q 63 -2.21 -17.34 -60.60
C ALA Q 63 -3.63 -17.72 -60.15
N LEU Q 64 -3.72 -18.27 -58.94
CA LEU Q 64 -4.98 -18.70 -58.35
C LEU Q 64 -5.82 -17.55 -57.81
N TYR Q 65 -5.13 -16.47 -57.45
CA TYR Q 65 -5.77 -15.27 -56.91
C TYR Q 65 -6.32 -14.44 -58.06
N LEU Q 66 -5.56 -14.43 -59.15
CA LEU Q 66 -5.94 -13.71 -60.35
C LEU Q 66 -7.15 -14.39 -60.97
N ALA Q 67 -7.06 -15.72 -61.02
CA ALA Q 67 -8.11 -16.57 -61.57
C ALA Q 67 -9.42 -16.50 -60.79
N VAL Q 68 -9.32 -16.38 -59.48
CA VAL Q 68 -10.51 -16.30 -58.63
C VAL Q 68 -11.29 -14.99 -58.80
N GLY Q 69 -10.60 -13.94 -59.23
CA GLY Q 69 -11.21 -12.64 -59.42
C GLY Q 69 -10.40 -11.46 -58.90
N ILE Q 70 -9.26 -11.74 -58.27
CA ILE Q 70 -8.42 -10.65 -57.78
C ILE Q 70 -7.89 -9.83 -58.97
N ASP Q 71 -8.28 -8.57 -59.03
CA ASP Q 71 -7.89 -7.66 -60.11
C ASP Q 71 -6.61 -6.89 -59.76
N PRO Q 72 -5.55 -7.14 -60.52
CA PRO Q 72 -4.25 -6.50 -60.30
C PRO Q 72 -4.20 -4.99 -60.55
N THR Q 73 -5.18 -4.48 -61.32
CA THR Q 73 -5.26 -3.05 -61.60
C THR Q 73 -6.00 -2.38 -60.45
N GLN Q 74 -6.71 -3.20 -59.68
CA GLN Q 74 -7.48 -2.74 -58.54
C GLN Q 74 -6.66 -2.92 -57.26
N ALA Q 75 -6.06 -4.10 -57.11
CA ALA Q 75 -5.28 -4.41 -55.92
C ALA Q 75 -3.80 -4.60 -56.23
N THR Q 76 -3.03 -4.78 -55.16
CA THR Q 76 -1.61 -5.04 -55.28
C THR Q 76 -1.38 -6.49 -54.86
N LEU Q 77 -0.89 -7.28 -55.80
CA LEU Q 77 -0.59 -8.68 -55.57
C LEU Q 77 0.90 -8.81 -55.85
N PHE Q 78 1.67 -9.12 -54.82
CA PHE Q 78 3.12 -9.19 -54.98
C PHE Q 78 3.74 -10.28 -54.12
N ILE Q 79 4.98 -10.63 -54.45
CA ILE Q 79 5.74 -11.60 -53.69
C ILE Q 79 6.55 -10.83 -52.65
N GLN Q 80 6.32 -11.17 -51.38
CA GLN Q 80 6.98 -10.52 -50.26
C GLN Q 80 8.48 -10.28 -50.42
N SER Q 81 9.19 -11.29 -50.89
CA SER Q 81 10.65 -11.20 -51.05
C SER Q 81 11.14 -10.22 -52.10
N GLU Q 82 10.25 -9.81 -52.99
CA GLU Q 82 10.60 -8.90 -54.07
C GLU Q 82 10.51 -7.43 -53.64
N VAL Q 83 10.18 -7.25 -52.36
CA VAL Q 83 10.11 -5.95 -51.73
C VAL Q 83 11.01 -6.06 -50.51
N PRO Q 84 12.20 -5.48 -50.61
CA PRO Q 84 13.19 -5.54 -49.52
C PRO Q 84 12.80 -4.70 -48.31
N ALA Q 85 11.91 -3.74 -48.50
CA ALA Q 85 11.47 -2.89 -47.40
C ALA Q 85 10.94 -3.76 -46.26
N HIS Q 86 10.45 -4.94 -46.64
CA HIS Q 86 9.92 -5.91 -45.69
C HIS Q 86 10.97 -6.42 -44.70
N ALA Q 87 12.12 -6.85 -45.21
CA ALA Q 87 13.20 -7.35 -44.38
C ALA Q 87 13.91 -6.21 -43.64
N GLN Q 88 13.92 -5.03 -44.25
CA GLN Q 88 14.56 -3.86 -43.66
C GLN Q 88 13.76 -3.40 -42.43
N ALA Q 89 12.50 -3.08 -42.66
CA ALA Q 89 11.60 -2.64 -41.59
C ALA Q 89 11.48 -3.69 -40.48
N ALA Q 90 11.55 -4.96 -40.86
CA ALA Q 90 11.44 -6.06 -39.93
C ALA Q 90 12.59 -6.12 -38.92
N TRP Q 91 13.73 -5.56 -39.31
CA TRP Q 91 14.89 -5.50 -38.43
C TRP Q 91 14.72 -4.44 -37.36
N MSE Q 92 14.25 -3.27 -37.76
CA MSE Q 92 14.06 -2.16 -36.84
C MSE Q 92 13.04 -2.51 -35.76
O MSE Q 92 13.02 -1.90 -34.69
CB MSE Q 92 13.61 -0.90 -37.59
CG MSE Q 92 14.58 -0.43 -38.67
SE MSE Q 92 14.08 1.28 -39.44
CE MSE Q 92 13.52 0.67 -41.20
N LEU Q 93 12.21 -3.50 -36.05
CA LEU Q 93 11.07 -3.82 -35.19
C LEU Q 93 11.44 -4.88 -34.16
N GLN Q 94 12.36 -5.77 -34.54
CA GLN Q 94 12.98 -6.68 -33.57
C GLN Q 94 13.77 -5.91 -32.52
N CYS Q 95 14.32 -4.77 -32.90
CA CYS Q 95 15.19 -4.00 -32.03
C CYS Q 95 14.38 -3.17 -31.04
N ILE Q 96 13.13 -2.90 -31.39
CA ILE Q 96 12.15 -2.39 -30.42
C ILE Q 96 11.31 -3.52 -29.85
N VAL Q 97 11.39 -4.69 -30.47
CA VAL Q 97 10.71 -5.88 -29.97
C VAL Q 97 11.51 -6.53 -28.84
N TYR Q 98 10.82 -6.84 -27.74
CA TYR Q 98 11.43 -7.56 -26.63
C TYR Q 98 11.46 -9.06 -26.88
N ILE Q 99 12.37 -9.75 -26.21
CA ILE Q 99 12.47 -11.19 -26.32
C ILE Q 99 11.29 -11.85 -25.60
N GLY Q 100 10.91 -11.25 -24.47
CA GLY Q 100 9.81 -11.77 -23.67
C GLY Q 100 8.48 -11.81 -24.43
N GLU Q 101 8.26 -10.82 -25.27
CA GLU Q 101 7.03 -10.75 -26.07
C GLU Q 101 7.00 -11.86 -27.12
N LEU Q 102 8.15 -12.10 -27.74
CA LEU Q 102 8.28 -13.14 -28.76
C LEU Q 102 8.06 -14.54 -28.18
N GLU Q 103 8.67 -14.79 -27.02
CA GLU Q 103 8.53 -16.08 -26.35
C GLU Q 103 7.09 -16.32 -25.90
N ARG Q 104 6.46 -15.26 -25.43
CA ARG Q 104 5.07 -15.28 -24.98
C ARG Q 104 4.17 -15.79 -26.10
N MSE Q 105 4.67 -15.74 -27.32
CA MSE Q 105 3.88 -16.14 -28.48
C MSE Q 105 3.49 -17.62 -28.45
O MSE Q 105 4.36 -18.49 -28.44
CB MSE Q 105 4.48 -15.76 -29.81
CG MSE Q 105 3.49 -15.25 -30.83
SE MSE Q 105 3.01 -13.38 -30.66
CE MSE Q 105 3.75 -12.97 -28.95
N THR Q 106 2.18 -17.88 -28.47
CA THR Q 106 1.63 -19.24 -28.41
C THR Q 106 2.27 -20.29 -29.32
N GLN Q 107 2.18 -20.08 -30.64
CA GLN Q 107 2.84 -20.96 -31.60
C GLN Q 107 4.19 -21.45 -31.07
N VAL Q 118 15.99 -25.79 -32.98
CA VAL Q 118 14.87 -24.94 -33.34
C VAL Q 118 15.34 -23.66 -34.01
N SER Q 119 15.13 -23.57 -35.32
CA SER Q 119 15.54 -22.39 -36.07
C SER Q 119 14.96 -21.11 -35.48
N ALA Q 120 15.76 -20.05 -35.47
CA ALA Q 120 15.38 -18.82 -34.79
C ALA Q 120 14.27 -18.09 -35.54
N GLY Q 121 14.09 -18.43 -36.80
CA GLY Q 121 13.00 -17.90 -37.59
C GLY Q 121 11.65 -18.20 -36.99
N LEU Q 122 11.56 -19.31 -36.27
CA LEU Q 122 10.31 -19.71 -35.64
C LEU Q 122 9.96 -18.79 -34.47
N LEU Q 123 10.91 -17.94 -34.09
CA LEU Q 123 10.76 -17.10 -32.92
C LEU Q 123 10.76 -15.62 -33.28
N THR Q 124 11.49 -15.28 -34.33
CA THR Q 124 11.59 -13.89 -34.78
C THR Q 124 10.74 -13.48 -35.99
N TYR Q 125 9.91 -14.38 -36.47
CA TYR Q 125 9.05 -14.10 -37.61
C TYR Q 125 7.92 -13.10 -37.32
N PRO Q 126 7.60 -12.86 -36.05
CA PRO Q 126 6.51 -11.94 -35.76
C PRO Q 126 6.73 -10.46 -36.11
N PRO Q 127 7.97 -10.00 -36.05
CA PRO Q 127 8.28 -8.61 -36.38
C PRO Q 127 8.32 -8.44 -37.89
N LEU Q 128 8.43 -9.55 -38.60
CA LEU Q 128 8.42 -9.55 -40.06
C LEU Q 128 6.96 -9.40 -40.50
N MSE Q 129 6.08 -10.07 -39.78
CA MSE Q 129 4.66 -10.03 -40.04
C MSE Q 129 4.11 -8.64 -39.69
O MSE Q 129 3.15 -8.17 -40.30
CB MSE Q 129 3.95 -11.07 -39.20
CG MSE Q 129 2.45 -11.05 -39.29
SE MSE Q 129 1.63 -12.61 -38.48
CE MSE Q 129 -0.20 -12.01 -38.54
N ALA Q 130 4.74 -8.01 -38.72
CA ALA Q 130 4.37 -6.65 -38.31
C ALA Q 130 4.79 -5.68 -39.39
N ALA Q 131 6.04 -5.78 -39.83
CA ALA Q 131 6.55 -4.95 -40.90
C ALA Q 131 5.63 -5.06 -42.11
N ASP Q 132 5.33 -6.31 -42.47
CA ASP Q 132 4.41 -6.64 -43.56
C ASP Q 132 3.20 -5.69 -43.52
N ILE Q 133 2.54 -5.68 -42.36
CA ILE Q 133 1.37 -4.85 -42.13
C ILE Q 133 1.71 -3.36 -42.04
N LEU Q 134 2.52 -2.97 -41.06
CA LEU Q 134 2.86 -1.56 -40.91
C LEU Q 134 3.37 -0.80 -42.12
N LEU Q 135 4.08 -1.48 -43.01
CA LEU Q 135 4.63 -0.83 -44.20
C LEU Q 135 3.62 -0.06 -45.04
N TYR Q 136 2.38 -0.54 -45.05
CA TYR Q 136 1.34 0.04 -45.88
C TYR Q 136 0.26 0.86 -45.17
N ASN Q 137 0.50 1.21 -43.91
CA ASN Q 137 -0.47 2.01 -43.16
C ASN Q 137 -1.83 1.32 -43.25
N THR Q 138 -1.83 0.00 -43.07
CA THR Q 138 -3.04 -0.80 -43.25
C THR Q 138 -3.99 -0.65 -42.07
N ASP Q 139 -5.28 -0.54 -42.37
CA ASP Q 139 -6.28 -0.25 -41.36
C ASP Q 139 -6.85 -1.52 -40.75
N ILE Q 140 -7.04 -2.53 -41.58
CA ILE Q 140 -7.60 -3.80 -41.15
C ILE Q 140 -6.81 -4.99 -41.69
N VAL Q 141 -6.67 -6.03 -40.87
CA VAL Q 141 -6.04 -7.27 -41.32
C VAL Q 141 -6.99 -8.46 -41.16
N PRO Q 142 -7.34 -9.07 -42.29
CA PRO Q 142 -8.33 -10.14 -42.29
C PRO Q 142 -7.72 -11.44 -41.77
N VAL Q 143 -7.64 -11.58 -40.46
CA VAL Q 143 -7.08 -12.79 -39.85
C VAL Q 143 -8.03 -13.48 -38.88
N GLY Q 144 -7.74 -14.74 -38.57
CA GLY Q 144 -8.58 -15.52 -37.67
C GLY Q 144 -8.24 -15.23 -36.21
N GLU Q 145 -8.85 -16.02 -35.32
CA GLU Q 145 -8.67 -15.92 -33.89
C GLU Q 145 -7.23 -16.34 -33.55
N ASP Q 146 -6.72 -17.24 -34.38
CA ASP Q 146 -5.37 -17.78 -34.23
C ASP Q 146 -4.28 -16.72 -34.35
N GLN Q 147 -4.59 -15.62 -35.04
CA GLN Q 147 -3.63 -14.54 -35.25
C GLN Q 147 -3.85 -13.38 -34.27
N LYS Q 148 -4.96 -13.44 -33.54
CA LYS Q 148 -5.35 -12.41 -32.57
C LYS Q 148 -4.14 -11.89 -31.82
N GLN Q 149 -3.32 -12.82 -31.37
CA GLN Q 149 -2.11 -12.49 -30.62
C GLN Q 149 -1.02 -11.81 -31.44
N HIS Q 150 -0.90 -12.17 -32.72
CA HIS Q 150 0.11 -11.57 -33.58
C HIS Q 150 -0.25 -10.12 -33.85
N ILE Q 151 -1.55 -9.87 -33.93
CA ILE Q 151 -2.09 -8.54 -34.18
C ILE Q 151 -1.87 -7.62 -32.99
N GLU Q 152 -2.16 -8.12 -31.79
CA GLU Q 152 -2.00 -7.34 -30.58
C GLU Q 152 -0.57 -6.83 -30.53
N LEU Q 153 0.35 -7.71 -30.89
CA LEU Q 153 1.76 -7.39 -30.89
C LEU Q 153 2.13 -6.28 -31.89
N THR Q 154 1.67 -6.40 -33.14
CA THR Q 154 1.98 -5.39 -34.13
C THR Q 154 1.37 -4.02 -33.78
N ARG Q 155 0.29 -4.07 -33.02
CA ARG Q 155 -0.40 -2.85 -32.59
C ARG Q 155 0.32 -2.21 -31.42
N ASP Q 156 1.03 -3.03 -30.65
CA ASP Q 156 1.81 -2.54 -29.50
C ASP Q 156 3.10 -1.93 -30.03
N LEU Q 157 3.70 -2.64 -30.99
CA LEU Q 157 4.94 -2.20 -31.63
C LEU Q 157 4.74 -0.85 -32.30
N ALA Q 158 3.60 -0.69 -32.96
CA ALA Q 158 3.27 0.56 -33.64
C ALA Q 158 3.05 1.69 -32.63
N GLU Q 159 2.15 1.45 -31.68
CA GLU Q 159 1.95 2.37 -30.57
C GLU Q 159 3.28 2.70 -29.88
N ARG Q 160 4.17 1.71 -29.84
CA ARG Q 160 5.41 1.84 -29.08
C ARG Q 160 6.50 2.55 -29.90
N PHE Q 161 6.37 2.48 -31.21
CA PHE Q 161 7.24 3.23 -32.10
C PHE Q 161 6.73 4.66 -32.28
N ASN Q 162 5.40 4.82 -32.25
CA ASN Q 162 4.78 6.11 -32.50
C ASN Q 162 5.01 7.09 -31.36
N LYS Q 163 4.99 6.58 -30.13
CA LYS Q 163 5.18 7.41 -28.94
C LYS Q 163 6.61 7.93 -28.82
N ARG Q 164 7.56 7.09 -29.23
CA ARG Q 164 8.97 7.45 -29.18
C ARG Q 164 9.32 8.48 -30.26
N TYR Q 165 9.13 8.06 -31.50
CA TYR Q 165 9.52 8.81 -32.68
C TYR Q 165 8.51 9.79 -33.26
N GLY Q 166 7.24 9.53 -33.01
CA GLY Q 166 6.17 10.35 -33.56
C GLY Q 166 5.29 9.48 -34.45
N GLU Q 167 4.05 9.93 -34.64
CA GLU Q 167 3.04 9.17 -35.38
C GLU Q 167 3.35 8.90 -36.85
N LEU Q 168 3.79 7.67 -37.14
CA LEU Q 168 4.12 7.23 -38.48
C LEU Q 168 3.14 6.16 -38.91
N PHE Q 169 2.91 5.23 -37.97
CA PHE Q 169 2.08 4.06 -38.21
C PHE Q 169 0.60 4.22 -37.95
N THR Q 170 -0.18 3.49 -38.72
CA THR Q 170 -1.62 3.39 -38.54
C THR Q 170 -1.74 2.24 -37.56
N ILE Q 171 -2.67 2.30 -36.63
CA ILE Q 171 -2.85 1.16 -35.74
C ILE Q 171 -3.85 0.26 -36.44
N PRO Q 172 -3.37 -0.92 -36.82
CA PRO Q 172 -4.17 -1.88 -37.58
C PRO Q 172 -5.14 -2.63 -36.69
N GLU Q 173 -6.07 -3.33 -37.32
CA GLU Q 173 -7.07 -4.10 -36.58
C GLU Q 173 -7.47 -5.35 -37.36
N ALA Q 174 -7.87 -6.39 -36.63
CA ALA Q 174 -7.92 -7.75 -37.19
C ALA Q 174 -9.36 -8.22 -37.32
N ARG Q 175 -9.91 -8.08 -38.51
CA ARG Q 175 -11.30 -8.48 -38.78
C ARG Q 175 -11.55 -8.63 -40.27
N ILE Q 176 -12.07 -9.79 -40.66
CA ILE Q 176 -12.32 -10.10 -42.06
C ILE Q 176 -13.73 -9.71 -42.46
N PRO Q 177 -13.85 -8.85 -43.46
CA PRO Q 177 -15.15 -8.28 -43.85
C PRO Q 177 -16.01 -9.29 -44.59
N LYS Q 178 -17.32 -9.16 -44.45
CA LYS Q 178 -18.26 -10.11 -45.07
C LYS Q 178 -17.76 -11.54 -44.89
N VAL Q 179 -17.16 -11.78 -43.73
CA VAL Q 179 -16.61 -13.08 -43.38
C VAL Q 179 -17.66 -14.17 -43.67
N GLY Q 180 -17.21 -15.25 -44.31
CA GLY Q 180 -18.13 -16.32 -44.70
C GLY Q 180 -18.16 -17.47 -43.71
N ALA Q 181 -18.96 -18.49 -44.02
CA ALA Q 181 -19.14 -19.64 -43.15
C ALA Q 181 -17.88 -20.47 -42.91
N ARG Q 182 -17.88 -21.22 -41.81
CA ARG Q 182 -16.75 -22.08 -41.47
C ARG Q 182 -16.97 -23.44 -42.10
N ILE Q 183 -16.15 -23.77 -43.10
CA ILE Q 183 -16.28 -25.02 -43.83
C ILE Q 183 -15.55 -26.17 -43.14
N MSE Q 184 -16.28 -27.25 -42.90
CA MSE Q 184 -15.74 -28.42 -42.20
C MSE Q 184 -15.21 -29.51 -43.14
O MSE Q 184 -15.52 -29.51 -44.33
CB MSE Q 184 -16.82 -29.01 -41.31
CG MSE Q 184 -17.53 -28.04 -40.41
SE MSE Q 184 -16.33 -27.24 -39.11
CE MSE Q 184 -17.07 -25.47 -39.02
N SER Q 185 -14.43 -30.42 -42.59
CA SER Q 185 -13.85 -31.52 -43.34
C SER Q 185 -14.99 -32.43 -43.79
N LEU Q 186 -14.82 -33.05 -44.94
CA LEU Q 186 -15.82 -33.96 -45.50
C LEU Q 186 -15.77 -35.36 -44.88
N VAL Q 187 -14.70 -35.65 -44.16
CA VAL Q 187 -14.56 -36.94 -43.48
C VAL Q 187 -14.69 -36.77 -41.97
N ASP Q 188 -14.24 -35.62 -41.46
CA ASP Q 188 -14.79 -35.04 -40.24
C ASP Q 188 -15.72 -33.87 -40.57
N PRO Q 189 -17.01 -34.06 -40.33
CA PRO Q 189 -17.93 -32.94 -40.12
C PRO Q 189 -17.51 -32.08 -38.93
N THR Q 190 -16.66 -32.64 -38.07
CA THR Q 190 -16.42 -32.05 -36.75
C THR Q 190 -15.09 -31.30 -36.73
N LYS Q 191 -14.35 -31.38 -37.82
CA LYS Q 191 -13.05 -30.71 -37.92
C LYS Q 191 -13.02 -29.74 -39.09
N LYS Q 192 -12.28 -28.64 -38.92
CA LYS Q 192 -12.23 -27.59 -39.93
C LYS Q 192 -11.58 -28.14 -41.18
N MSE Q 193 -12.01 -27.64 -42.33
CA MSE Q 193 -11.44 -28.08 -43.60
C MSE Q 193 -10.03 -27.52 -43.74
O MSE Q 193 -9.84 -26.31 -43.74
CB MSE Q 193 -12.26 -27.63 -44.79
CG MSE Q 193 -12.08 -28.45 -46.04
SE MSE Q 193 -12.78 -27.65 -47.68
CE MSE Q 193 -14.15 -28.95 -48.06
N SER Q 194 -9.06 -28.42 -43.87
CA SER Q 194 -7.67 -28.01 -44.05
C SER Q 194 -7.05 -28.76 -45.22
N LYS Q 195 -6.21 -28.05 -45.97
CA LYS Q 195 -5.53 -28.60 -47.13
C LYS Q 195 -4.37 -29.45 -46.63
N SER Q 196 -4.06 -29.29 -45.37
CA SER Q 196 -2.97 -30.02 -44.74
C SER Q 196 -3.50 -31.30 -44.12
N ASP Q 197 -4.76 -31.62 -44.38
CA ASP Q 197 -5.34 -32.85 -43.87
C ASP Q 197 -4.62 -34.02 -44.52
N PRO Q 198 -4.29 -35.01 -43.72
CA PRO Q 198 -3.60 -36.21 -44.20
C PRO Q 198 -4.52 -36.98 -45.15
N ASN Q 199 -5.81 -36.72 -45.05
CA ASN Q 199 -6.82 -37.36 -45.90
C ASN Q 199 -7.35 -36.36 -46.93
N PRO Q 200 -6.88 -36.50 -48.16
CA PRO Q 200 -7.28 -35.62 -49.26
C PRO Q 200 -8.80 -35.62 -49.49
N LYS Q 201 -9.47 -36.64 -48.97
CA LYS Q 201 -10.92 -36.73 -49.10
C LYS Q 201 -11.64 -35.74 -48.18
N ALA Q 202 -10.87 -35.07 -47.32
CA ALA Q 202 -11.41 -34.12 -46.36
C ALA Q 202 -11.70 -32.72 -46.91
N TYR Q 203 -10.96 -32.33 -47.94
CA TYR Q 203 -11.12 -31.01 -48.53
C TYR Q 203 -11.39 -31.11 -50.02
N ILE Q 204 -11.76 -29.98 -50.61
CA ILE Q 204 -11.92 -29.85 -52.04
C ILE Q 204 -11.03 -28.69 -52.41
N THR Q 205 -10.14 -28.93 -53.34
CA THR Q 205 -9.18 -27.93 -53.78
C THR Q 205 -9.83 -27.12 -54.90
N LEU Q 206 -9.27 -25.95 -55.16
CA LEU Q 206 -9.79 -25.08 -56.22
C LEU Q 206 -9.36 -25.61 -57.57
N LEU Q 207 -8.44 -26.57 -57.57
CA LEU Q 207 -7.94 -27.18 -58.79
C LEU Q 207 -8.34 -28.65 -58.91
N ASP Q 208 -9.20 -29.10 -58.03
CA ASP Q 208 -9.67 -30.47 -58.11
C ASP Q 208 -10.55 -30.52 -59.37
N ASP Q 209 -10.37 -31.56 -60.20
CA ASP Q 209 -11.16 -31.69 -61.42
C ASP Q 209 -12.57 -32.11 -61.05
N ALA Q 210 -13.44 -32.20 -62.06
CA ALA Q 210 -14.83 -32.59 -61.86
C ALA Q 210 -15.03 -34.02 -61.35
N LYS Q 211 -14.09 -34.90 -61.63
CA LYS Q 211 -14.18 -36.30 -61.19
C LYS Q 211 -13.91 -36.36 -59.68
N THR Q 212 -12.84 -35.66 -59.27
CA THR Q 212 -12.43 -35.60 -57.88
C THR Q 212 -13.49 -34.91 -57.02
N ILE Q 213 -14.00 -33.78 -57.50
CA ILE Q 213 -15.05 -33.06 -56.77
C ILE Q 213 -16.24 -33.98 -56.55
N GLU Q 214 -16.77 -34.45 -57.67
CA GLU Q 214 -17.93 -35.32 -57.66
C GLU Q 214 -17.76 -36.53 -56.75
N LYS Q 215 -16.55 -37.07 -56.68
CA LYS Q 215 -16.30 -38.25 -55.86
C LYS Q 215 -16.12 -37.92 -54.38
N LYS Q 216 -15.44 -36.80 -54.10
CA LYS Q 216 -15.22 -36.36 -52.73
C LYS Q 216 -16.54 -35.95 -52.09
N ILE Q 217 -17.41 -35.37 -52.91
CA ILE Q 217 -18.72 -34.93 -52.47
C ILE Q 217 -19.61 -36.13 -52.20
N LYS Q 218 -19.41 -37.18 -52.98
CA LYS Q 218 -20.21 -38.39 -52.81
C LYS Q 218 -19.81 -39.13 -51.54
N SER Q 219 -18.53 -39.03 -51.19
CA SER Q 219 -18.01 -39.68 -49.99
C SER Q 219 -18.29 -38.86 -48.75
N SER Q 224 -27.27 -41.43 -40.41
CA SER Q 224 -28.29 -42.45 -40.59
C SER Q 224 -29.68 -41.84 -40.77
N GLU Q 225 -29.85 -40.58 -40.38
CA GLU Q 225 -31.16 -39.94 -40.45
C GLU Q 225 -31.87 -39.75 -41.80
N GLY Q 226 -31.14 -39.43 -42.85
CA GLY Q 226 -31.73 -39.28 -44.19
C GLY Q 226 -32.55 -38.02 -44.50
N THR Q 227 -32.46 -36.99 -43.68
CA THR Q 227 -33.22 -35.77 -43.92
C THR Q 227 -32.33 -34.54 -44.11
N ILE Q 228 -32.62 -33.74 -45.14
CA ILE Q 228 -31.85 -32.55 -45.44
C ILE Q 228 -32.28 -31.42 -44.53
N ARG Q 229 -31.77 -31.44 -43.31
CA ARG Q 229 -32.11 -30.44 -42.32
C ARG Q 229 -30.87 -29.89 -41.62
N TYR Q 230 -30.87 -28.60 -41.35
CA TYR Q 230 -29.72 -27.93 -40.75
C TYR Q 230 -29.73 -28.09 -39.23
N GLY Q 237 -22.50 -33.15 -40.71
CA GLY Q 237 -22.07 -33.36 -42.10
C GLY Q 237 -23.06 -32.70 -43.08
N ILE Q 238 -24.34 -32.98 -42.86
CA ILE Q 238 -25.41 -32.42 -43.69
C ILE Q 238 -25.47 -30.90 -43.56
N SER Q 239 -25.21 -30.40 -42.36
CA SER Q 239 -25.19 -28.96 -42.11
C SER Q 239 -24.04 -28.30 -42.86
N ASN Q 240 -22.91 -29.00 -42.91
CA ASN Q 240 -21.72 -28.52 -43.61
C ASN Q 240 -22.02 -28.50 -45.12
N LEU Q 241 -22.49 -29.62 -45.63
CA LEU Q 241 -22.86 -29.75 -47.04
C LEU Q 241 -23.82 -28.64 -47.45
N LEU Q 242 -24.74 -28.35 -46.55
CA LEU Q 242 -25.77 -27.32 -46.76
C LEU Q 242 -25.20 -25.92 -46.79
N ASN Q 243 -24.08 -25.73 -46.11
CA ASN Q 243 -23.43 -24.44 -46.04
C ASN Q 243 -22.66 -24.19 -47.34
N ILE Q 244 -21.99 -25.23 -47.81
CA ILE Q 244 -21.23 -25.15 -49.06
C ILE Q 244 -22.22 -24.89 -50.19
N TYR Q 245 -23.24 -25.73 -50.25
CA TYR Q 245 -24.31 -25.63 -51.24
C TYR Q 245 -24.86 -24.21 -51.28
N SER Q 246 -25.19 -23.69 -50.10
CA SER Q 246 -25.81 -22.39 -49.92
C SER Q 246 -25.01 -21.13 -50.28
N THR Q 247 -23.78 -21.04 -49.80
CA THR Q 247 -22.92 -19.87 -50.08
C THR Q 247 -22.52 -19.82 -51.55
N LEU Q 248 -22.34 -21.01 -52.13
CA LEU Q 248 -21.91 -21.17 -53.52
C LEU Q 248 -23.04 -20.95 -54.52
N SER Q 249 -24.25 -21.34 -54.15
CA SER Q 249 -25.41 -21.21 -55.03
C SER Q 249 -26.13 -19.89 -54.93
N GLY Q 250 -25.93 -19.20 -53.80
CA GLY Q 250 -26.58 -17.92 -53.57
C GLY Q 250 -27.93 -18.15 -52.89
N GLN Q 251 -28.38 -19.39 -52.90
CA GLN Q 251 -29.62 -19.76 -52.23
C GLN Q 251 -29.48 -19.71 -50.71
N SER Q 252 -30.60 -19.76 -50.01
CA SER Q 252 -30.59 -19.78 -48.56
C SER Q 252 -30.78 -21.20 -48.03
N ILE Q 253 -30.40 -21.41 -46.76
CA ILE Q 253 -30.45 -22.73 -46.17
C ILE Q 253 -31.89 -23.22 -46.02
N GLU Q 254 -32.81 -22.28 -45.81
CA GLU Q 254 -34.21 -22.62 -45.61
C GLU Q 254 -34.95 -22.72 -46.95
N GLU Q 255 -34.41 -22.04 -47.96
CA GLU Q 255 -34.72 -22.37 -49.35
C GLU Q 255 -34.42 -23.84 -49.65
N LEU Q 256 -33.24 -24.29 -49.25
CA LEU Q 256 -32.75 -25.60 -49.66
C LEU Q 256 -33.41 -26.72 -48.86
N GLU Q 257 -33.54 -26.51 -47.56
CA GLU Q 257 -34.33 -27.39 -46.71
C GLU Q 257 -35.71 -27.63 -47.31
N ARG Q 258 -36.35 -26.57 -47.76
CA ARG Q 258 -37.66 -26.67 -48.41
C ARG Q 258 -37.53 -27.54 -49.65
N GLN Q 259 -36.79 -27.00 -50.61
CA GLN Q 259 -36.54 -27.64 -51.90
C GLN Q 259 -36.19 -29.11 -51.79
N TYR Q 260 -35.36 -29.45 -50.80
CA TYR Q 260 -34.92 -30.83 -50.61
C TYR Q 260 -35.74 -31.64 -49.65
N GLU Q 261 -36.91 -31.13 -49.28
CA GLU Q 261 -37.77 -31.84 -48.36
C GLU Q 261 -38.34 -33.11 -49.03
N GLY Q 262 -38.37 -34.21 -48.28
CA GLY Q 262 -38.86 -35.47 -48.82
C GLY Q 262 -37.69 -36.13 -49.55
N LYS Q 263 -36.56 -35.44 -49.57
CA LYS Q 263 -35.38 -35.92 -50.31
C LYS Q 263 -34.29 -36.63 -49.54
N GLY Q 264 -33.60 -37.54 -50.23
CA GLY Q 264 -32.48 -38.29 -49.66
C GLY Q 264 -31.18 -37.57 -50.01
N TYR Q 265 -30.10 -38.05 -49.41
CA TYR Q 265 -28.78 -37.46 -49.57
C TYR Q 265 -28.14 -37.61 -50.95
N GLY Q 266 -28.51 -38.67 -51.65
CA GLY Q 266 -27.96 -38.95 -52.98
C GLY Q 266 -28.20 -37.86 -54.03
N VAL Q 267 -29.45 -37.40 -54.12
CA VAL Q 267 -29.83 -36.36 -55.08
C VAL Q 267 -29.28 -35.03 -54.62
N PHE Q 268 -29.23 -34.86 -53.31
CA PHE Q 268 -28.72 -33.64 -52.71
C PHE Q 268 -27.25 -33.51 -53.07
N LYS Q 269 -26.53 -34.62 -52.88
CA LYS Q 269 -25.10 -34.68 -53.19
C LYS Q 269 -24.83 -34.52 -54.68
N ALA Q 270 -25.71 -35.10 -55.50
CA ALA Q 270 -25.57 -35.02 -56.94
C ALA Q 270 -25.69 -33.57 -57.40
N ASP Q 271 -26.68 -32.87 -56.85
CA ASP Q 271 -26.95 -31.46 -57.15
C ASP Q 271 -25.80 -30.55 -56.75
N LEU Q 272 -25.20 -30.85 -55.61
CA LEU Q 272 -24.13 -30.06 -55.04
C LEU Q 272 -22.76 -30.20 -55.72
N ALA Q 273 -22.48 -31.39 -56.26
CA ALA Q 273 -21.23 -31.60 -56.97
C ALA Q 273 -21.30 -30.84 -58.29
N GLN Q 274 -22.54 -30.59 -58.72
CA GLN Q 274 -22.79 -29.84 -59.94
C GLN Q 274 -22.54 -28.35 -59.69
N VAL Q 275 -22.96 -27.87 -58.52
CA VAL Q 275 -22.75 -26.46 -58.17
C VAL Q 275 -21.30 -26.13 -57.80
N VAL Q 276 -20.56 -27.14 -57.35
CA VAL Q 276 -19.14 -26.95 -57.02
C VAL Q 276 -18.32 -27.00 -58.31
N ILE Q 277 -18.69 -27.90 -59.21
CA ILE Q 277 -18.02 -28.04 -60.50
C ILE Q 277 -18.29 -26.79 -61.34
N GLU Q 278 -19.53 -26.34 -61.30
CA GLU Q 278 -19.93 -25.14 -62.05
C GLU Q 278 -19.19 -23.90 -61.54
N THR Q 279 -18.97 -23.86 -60.23
CA THR Q 279 -18.28 -22.75 -59.57
C THR Q 279 -16.79 -22.67 -59.88
N LEU Q 280 -16.13 -23.83 -59.79
CA LEU Q 280 -14.69 -23.93 -59.98
C LEU Q 280 -14.24 -23.95 -61.43
N ARG Q 281 -15.12 -24.39 -62.31
CA ARG Q 281 -14.79 -24.51 -63.73
C ARG Q 281 -14.27 -23.24 -64.39
N PRO Q 282 -14.98 -22.14 -64.22
CA PRO Q 282 -14.56 -20.86 -64.78
C PRO Q 282 -13.23 -20.49 -64.17
N ILE Q 283 -13.10 -20.72 -62.86
CA ILE Q 283 -11.87 -20.44 -62.12
C ILE Q 283 -10.65 -21.18 -62.67
N GLN Q 284 -10.80 -22.49 -62.87
CA GLN Q 284 -9.69 -23.31 -63.39
C GLN Q 284 -9.36 -22.96 -64.83
N GLU Q 285 -10.35 -22.44 -65.55
CA GLU Q 285 -10.13 -22.07 -66.94
C GLU Q 285 -9.12 -20.91 -67.01
N ARG Q 286 -9.35 -19.90 -66.19
CA ARG Q 286 -8.50 -18.72 -66.12
C ARG Q 286 -7.13 -19.02 -65.53
N TYR Q 287 -7.10 -19.96 -64.59
CA TYR Q 287 -5.87 -20.34 -63.92
C TYR Q 287 -4.83 -20.87 -64.90
N HIS Q 288 -5.26 -21.81 -65.73
CA HIS Q 288 -4.38 -22.42 -66.73
C HIS Q 288 -3.95 -21.41 -67.77
N HIS Q 289 -4.81 -20.42 -68.02
CA HIS Q 289 -4.51 -19.36 -68.97
C HIS Q 289 -3.44 -18.44 -68.39
N TRP Q 290 -3.51 -18.24 -67.08
CA TRP Q 290 -2.56 -17.40 -66.35
C TRP Q 290 -1.22 -18.11 -66.21
N MSE Q 291 -1.29 -19.40 -65.89
CA MSE Q 291 -0.12 -20.24 -65.71
C MSE Q 291 0.68 -20.38 -67.01
O MSE Q 291 1.90 -20.57 -66.99
CB MSE Q 291 -0.52 -21.61 -65.20
CG MSE Q 291 -0.80 -21.73 -63.73
SE MSE Q 291 0.66 -21.10 -62.60
CE MSE Q 291 1.71 -22.71 -62.55
N GLU Q 292 -0.03 -20.31 -68.12
CA GLU Q 292 0.57 -20.43 -69.45
C GLU Q 292 0.95 -19.07 -70.03
N SER Q 293 0.39 -17.99 -69.49
CA SER Q 293 0.64 -16.67 -70.02
C SER Q 293 1.82 -15.93 -69.39
N GLU Q 294 2.32 -14.94 -70.14
CA GLU Q 294 3.45 -14.13 -69.72
C GLU Q 294 2.97 -12.90 -68.96
N GLU Q 295 1.66 -12.70 -68.95
CA GLU Q 295 1.12 -11.56 -68.23
C GLU Q 295 1.15 -11.83 -66.73
N LEU Q 296 1.40 -13.09 -66.38
CA LEU Q 296 1.50 -13.50 -64.98
C LEU Q 296 2.71 -12.83 -64.33
N ASP Q 297 3.89 -13.07 -64.91
CA ASP Q 297 5.14 -12.49 -64.43
C ASP Q 297 5.10 -10.95 -64.45
N ARG Q 298 4.30 -10.42 -65.36
CA ARG Q 298 4.19 -8.96 -65.53
C ARG Q 298 3.26 -8.30 -64.54
N VAL Q 299 2.24 -9.03 -64.10
CA VAL Q 299 1.28 -8.56 -63.12
C VAL Q 299 1.96 -8.54 -61.74
N LEU Q 300 2.89 -9.47 -61.57
CA LEU Q 300 3.65 -9.63 -60.33
C LEU Q 300 4.78 -8.62 -60.24
N ASP Q 301 5.24 -8.16 -61.40
CA ASP Q 301 6.31 -7.16 -61.47
C ASP Q 301 5.70 -5.81 -61.10
N GLU Q 302 4.50 -5.58 -61.64
CA GLU Q 302 3.76 -4.36 -61.40
C GLU Q 302 3.34 -4.26 -59.92
N GLY Q 303 2.99 -5.39 -59.34
CA GLY Q 303 2.55 -5.45 -57.95
C GLY Q 303 3.70 -5.12 -56.98
N ALA Q 304 4.89 -5.60 -57.30
CA ALA Q 304 6.08 -5.36 -56.47
C ALA Q 304 6.63 -3.94 -56.65
N GLU Q 305 6.37 -3.35 -57.81
CA GLU Q 305 6.82 -2.00 -58.10
C GLU Q 305 5.99 -1.01 -57.26
N LYS Q 306 4.68 -1.24 -57.27
CA LYS Q 306 3.72 -0.44 -56.52
C LYS Q 306 4.00 -0.57 -55.03
N ALA Q 307 4.24 -1.81 -54.60
CA ALA Q 307 4.54 -2.10 -53.21
C ALA Q 307 5.84 -1.44 -52.77
N ASN Q 308 6.89 -1.61 -53.56
CA ASN Q 308 8.19 -1.03 -53.25
C ASN Q 308 8.07 0.48 -53.06
N ARG Q 309 7.27 1.10 -53.93
CA ARG Q 309 7.06 2.54 -53.85
C ARG Q 309 6.58 2.90 -52.44
N VAL Q 310 5.43 2.34 -52.05
CA VAL Q 310 4.84 2.59 -50.73
C VAL Q 310 5.73 2.12 -49.57
N ALA Q 311 6.15 0.85 -49.62
CA ALA Q 311 6.98 0.27 -48.58
C ALA Q 311 8.35 0.94 -48.38
N SER Q 312 8.98 1.35 -49.48
CA SER Q 312 10.29 2.00 -49.44
C SER Q 312 10.23 3.41 -48.84
N GLU Q 313 9.07 4.06 -48.99
CA GLU Q 313 8.87 5.41 -48.47
C GLU Q 313 8.68 5.34 -46.96
N MSE Q 314 8.08 4.25 -46.50
CA MSE Q 314 7.85 4.04 -45.07
C MSE Q 314 9.20 3.77 -44.39
O MSE Q 314 9.51 4.35 -43.34
CB MSE Q 314 6.90 2.88 -44.83
CG MSE Q 314 6.59 2.57 -43.38
SE MSE Q 314 5.94 4.09 -42.35
CE MSE Q 314 4.05 3.72 -42.43
N VAL Q 315 9.98 2.90 -45.00
CA VAL Q 315 11.31 2.56 -44.49
C VAL Q 315 12.12 3.85 -44.38
N ARG Q 316 11.94 4.73 -45.35
CA ARG Q 316 12.65 6.00 -45.38
C ARG Q 316 12.24 6.89 -44.21
N LYS Q 317 10.99 6.77 -43.80
CA LYS Q 317 10.49 7.57 -42.70
C LYS Q 317 10.89 6.99 -41.34
N MSE Q 318 10.91 5.66 -41.25
CA MSE Q 318 11.30 4.98 -40.03
C MSE Q 318 12.79 5.20 -39.77
O MSE Q 318 13.23 5.46 -38.65
CB MSE Q 318 11.07 3.49 -40.18
CG MSE Q 318 9.64 3.02 -40.29
SE MSE Q 318 9.61 1.11 -40.70
CE MSE Q 318 10.34 0.41 -39.08
N GLU Q 319 13.57 5.06 -40.84
CA GLU Q 319 15.02 5.22 -40.78
C GLU Q 319 15.36 6.66 -40.40
N GLN Q 320 14.54 7.57 -40.89
CA GLN Q 320 14.70 8.99 -40.63
C GLN Q 320 14.38 9.28 -39.17
N ALA Q 321 13.41 8.56 -38.62
CA ALA Q 321 13.02 8.71 -37.23
C ALA Q 321 14.09 8.16 -36.29
N MSE Q 322 14.65 7.01 -36.66
CA MSE Q 322 15.67 6.37 -35.86
C MSE Q 322 17.07 6.93 -36.08
O MSE Q 322 17.96 6.77 -35.24
CB MSE Q 322 15.63 4.87 -36.08
CG MSE Q 322 14.24 4.28 -36.04
SE MSE Q 322 14.21 2.34 -36.04
CE MSE Q 322 15.21 1.99 -34.44
N GLY Q 323 17.27 7.61 -37.21
CA GLY Q 323 18.58 8.22 -37.52
C GLY Q 323 19.53 7.29 -38.28
N LEU Q 324 18.99 6.48 -39.19
CA LEU Q 324 19.78 5.56 -39.98
C LEU Q 324 20.19 6.17 -41.31
N GLY Q 325 21.46 6.02 -41.67
CA GLY Q 325 21.96 6.56 -42.93
C GLY Q 325 21.98 8.08 -42.97
N ARG Q 326 21.49 8.64 -44.07
CA ARG Q 326 21.48 10.09 -44.27
C ARG Q 326 20.14 10.58 -44.83
N MSE R 1 -35.98 -10.32 53.82
CA MSE R 1 -36.54 -9.11 54.45
C MSE R 1 -35.47 -8.03 54.60
O MSE R 1 -34.33 -8.19 54.17
CB MSE R 1 -37.08 -9.46 55.81
CG MSE R 1 -37.54 -10.89 55.98
SE MSE R 1 -37.37 -11.61 57.79
CE MSE R 1 -36.16 -13.06 57.43
N LYS R 2 -35.84 -6.92 55.22
CA LYS R 2 -34.91 -5.82 55.41
C LYS R 2 -33.93 -6.06 56.53
N THR R 3 -32.71 -5.59 56.35
CA THR R 3 -31.65 -5.77 57.33
C THR R 3 -31.51 -4.59 58.28
N ILE R 4 -31.43 -4.90 59.56
CA ILE R 4 -31.21 -3.91 60.60
C ILE R 4 -29.84 -4.22 61.17
N PHE R 5 -28.97 -3.22 61.22
CA PHE R 5 -27.66 -3.41 61.81
C PHE R 5 -27.53 -2.55 63.04
N SER R 6 -27.20 -3.19 64.16
CA SER R 6 -27.04 -2.48 65.42
C SER R 6 -25.69 -2.80 66.06
N GLY R 7 -24.91 -1.75 66.29
CA GLY R 7 -23.60 -1.88 66.92
C GLY R 7 -23.74 -1.47 68.38
N ILE R 8 -23.39 -2.38 69.28
CA ILE R 8 -23.49 -2.12 70.70
C ILE R 8 -22.13 -2.08 71.38
N GLN R 9 -21.90 -1.03 72.18
CA GLN R 9 -20.64 -0.90 72.87
C GLN R 9 -20.60 -1.67 74.18
N THR R 15 -28.90 0.44 81.50
CA THR R 15 -30.02 1.20 82.04
C THR R 15 -31.35 0.74 81.45
N ILE R 16 -32.39 0.75 82.27
CA ILE R 16 -33.73 0.41 81.81
C ILE R 16 -34.18 1.35 80.69
N GLY R 17 -33.47 2.46 80.53
CA GLY R 17 -33.64 3.32 79.38
C GLY R 17 -33.50 2.58 78.07
N ASN R 18 -32.59 1.61 78.05
CA ASN R 18 -32.19 0.95 76.80
C ASN R 18 -33.12 -0.21 76.46
N TYR R 19 -33.65 -0.88 77.49
CA TYR R 19 -34.77 -1.79 77.32
C TYR R 19 -35.95 -1.11 76.65
N ILE R 20 -36.20 0.14 77.05
CA ILE R 20 -37.43 0.83 76.67
C ILE R 20 -37.31 1.43 75.26
N GLY R 21 -36.15 1.98 74.96
CA GLY R 21 -35.93 2.63 73.68
C GLY R 21 -35.84 1.63 72.53
N ALA R 22 -34.91 0.69 72.64
CA ALA R 22 -34.43 -0.05 71.47
C ALA R 22 -34.67 -1.55 71.64
N LEU R 23 -34.33 -2.06 72.83
CA LEU R 23 -34.04 -3.47 72.99
C LEU R 23 -35.32 -4.30 73.02
N ARG R 24 -36.37 -3.74 73.60
CA ARG R 24 -37.62 -4.47 73.81
C ARG R 24 -38.26 -4.88 72.49
N GLN R 25 -38.57 -3.89 71.66
CA GLN R 25 -39.15 -4.16 70.35
C GLN R 25 -38.28 -5.11 69.54
N PHE R 26 -36.98 -5.11 69.84
CA PHE R 26 -36.03 -6.01 69.18
C PHE R 26 -36.48 -7.46 69.31
N VAL R 27 -37.10 -7.79 70.43
CA VAL R 27 -37.69 -9.10 70.63
C VAL R 27 -38.70 -9.43 69.52
N GLU R 28 -39.18 -8.39 68.85
CA GLU R 28 -40.30 -8.52 67.93
C GLU R 28 -39.89 -8.20 66.50
N LEU R 29 -38.77 -7.50 66.35
CA LEU R 29 -38.36 -6.97 65.06
C LEU R 29 -37.41 -8.00 64.45
N GLN R 30 -36.93 -8.91 65.29
CA GLN R 30 -36.11 -10.02 64.82
C GLN R 30 -36.94 -11.06 64.09
N HIS R 31 -38.25 -11.08 64.37
CA HIS R 31 -39.15 -12.04 63.76
C HIS R 31 -39.59 -11.59 62.38
N GLU R 32 -39.52 -10.28 62.13
CA GLU R 32 -39.98 -9.72 60.88
C GLU R 32 -38.85 -8.92 60.22
N TYR R 33 -37.64 -9.14 60.70
CA TYR R 33 -36.46 -8.46 60.16
C TYR R 33 -35.22 -9.33 60.24
N ASN R 34 -34.20 -8.91 59.50
CA ASN R 34 -32.90 -9.57 59.53
C ASN R 34 -32.01 -8.62 60.31
N CYS R 35 -31.90 -8.87 61.61
CA CYS R 35 -31.11 -8.02 62.49
C CYS R 35 -29.75 -8.60 62.81
N TYR R 36 -28.79 -7.71 62.97
CA TYR R 36 -27.44 -8.06 63.36
C TYR R 36 -27.19 -7.25 64.62
N PHE R 37 -26.59 -7.89 65.60
CA PHE R 37 -26.27 -7.21 66.83
C PHE R 37 -24.78 -7.38 67.03
N CYS R 38 -24.06 -6.30 66.74
CA CYS R 38 -22.61 -6.31 66.80
C CYS R 38 -22.06 -5.72 68.10
N ILE R 39 -21.28 -6.52 68.82
CA ILE R 39 -20.58 -6.05 70.00
C ILE R 39 -19.30 -5.51 69.39
N VAL R 40 -19.24 -4.18 69.27
CA VAL R 40 -18.13 -3.52 68.60
C VAL R 40 -16.90 -3.29 69.49
N ASP R 41 -16.21 -4.38 69.83
CA ASP R 41 -15.02 -4.32 70.68
C ASP R 41 -13.86 -3.58 70.03
N GLN R 42 -13.90 -3.44 68.71
CA GLN R 42 -12.84 -2.73 68.00
C GLN R 42 -13.03 -1.22 68.11
N HIS R 43 -14.29 -0.81 68.29
CA HIS R 43 -14.64 0.59 68.49
C HIS R 43 -14.32 0.98 69.92
N ALA R 44 -14.29 -0.03 70.78
CA ALA R 44 -14.02 0.16 72.21
C ALA R 44 -12.57 0.52 72.51
N ILE R 45 -11.65 0.13 71.63
CA ILE R 45 -10.22 0.41 71.84
C ILE R 45 -9.71 1.78 71.39
N THR R 46 -10.61 2.64 70.90
CA THR R 46 -10.21 3.99 70.52
C THR R 46 -10.12 4.78 71.82
N VAL R 47 -10.27 4.04 72.92
CA VAL R 47 -10.19 4.58 74.28
C VAL R 47 -9.45 3.58 75.16
N TRP R 48 -9.04 4.05 76.33
CA TRP R 48 -8.33 3.21 77.28
C TRP R 48 -9.23 2.12 77.83
N GLN R 49 -8.73 0.88 77.79
CA GLN R 49 -9.46 -0.25 78.35
C GLN R 49 -8.55 -1.13 79.19
N ASP R 50 -9.09 -1.62 80.31
CA ASP R 50 -8.59 -2.84 80.93
C ASP R 50 -8.97 -4.07 80.11
N PRO R 51 -7.96 -4.75 79.58
CA PRO R 51 -8.20 -5.93 78.73
C PRO R 51 -9.11 -6.94 79.41
N HIS R 52 -9.11 -6.95 80.74
CA HIS R 52 -9.96 -7.85 81.50
C HIS R 52 -11.39 -7.31 81.57
N GLU R 53 -11.53 -6.04 81.94
CA GLU R 53 -12.84 -5.40 82.02
C GLU R 53 -13.53 -5.44 80.66
N LEU R 54 -12.76 -5.22 79.61
CA LEU R 54 -13.29 -5.27 78.25
C LEU R 54 -13.68 -6.72 77.91
N ARG R 55 -12.72 -7.62 78.04
CA ARG R 55 -12.93 -9.04 77.76
C ARG R 55 -14.12 -9.57 78.54
N GLN R 56 -14.33 -8.96 79.70
CA GLN R 56 -15.39 -9.37 80.59
C GLN R 56 -16.74 -8.71 80.26
N ASN R 57 -16.68 -7.42 79.90
CA ASN R 57 -17.86 -6.64 79.53
C ASN R 57 -18.45 -7.08 78.19
N ILE R 58 -17.71 -7.88 77.44
CA ILE R 58 -18.14 -8.38 76.13
C ILE R 58 -19.04 -9.59 76.33
N ARG R 59 -18.58 -10.50 77.18
CA ARG R 59 -19.29 -11.71 77.55
C ARG R 59 -20.65 -11.35 78.11
N ARG R 60 -20.64 -10.31 78.94
CA ARG R 60 -21.78 -9.83 79.68
C ARG R 60 -22.86 -9.11 78.87
N LEU R 61 -22.46 -8.42 77.82
CA LEU R 61 -23.42 -7.70 76.98
C LEU R 61 -24.16 -8.73 76.14
N ALA R 62 -23.37 -9.65 75.59
CA ALA R 62 -23.89 -10.74 74.78
C ALA R 62 -24.99 -11.50 75.54
N ALA R 63 -24.70 -11.80 76.81
CA ALA R 63 -25.62 -12.56 77.67
C ALA R 63 -26.83 -11.77 78.19
N LEU R 64 -26.84 -10.46 77.99
CA LEU R 64 -27.98 -9.65 78.42
C LEU R 64 -28.95 -9.64 77.26
N TYR R 65 -28.41 -9.33 76.09
CA TYR R 65 -29.18 -9.30 74.86
C TYR R 65 -29.92 -10.63 74.67
N LEU R 66 -29.24 -11.74 74.93
CA LEU R 66 -29.89 -13.04 74.85
C LEU R 66 -30.91 -13.06 75.96
N ALA R 67 -30.41 -12.78 77.16
CA ALA R 67 -31.23 -12.74 78.37
C ALA R 67 -32.50 -11.99 77.99
N VAL R 68 -32.35 -10.75 77.55
CA VAL R 68 -33.52 -9.99 77.11
C VAL R 68 -34.48 -10.69 76.12
N GLY R 69 -34.00 -11.71 75.42
CA GLY R 69 -34.85 -12.44 74.46
C GLY R 69 -34.38 -12.38 73.01
N ILE R 70 -33.11 -12.04 72.80
CA ILE R 70 -32.58 -12.02 71.45
C ILE R 70 -32.40 -13.48 71.09
N ASP R 71 -33.08 -13.93 70.05
CA ASP R 71 -32.97 -15.32 69.65
C ASP R 71 -31.89 -15.49 68.58
N PRO R 72 -30.85 -16.25 68.92
CA PRO R 72 -29.72 -16.49 68.03
C PRO R 72 -30.06 -17.25 66.76
N THR R 73 -31.24 -17.87 66.72
CA THR R 73 -31.67 -18.60 65.53
C THR R 73 -32.39 -17.60 64.61
N GLN R 74 -33.08 -16.64 65.23
CA GLN R 74 -33.78 -15.61 64.49
C GLN R 74 -32.87 -14.44 64.13
N ALA R 75 -31.95 -14.10 65.03
CA ALA R 75 -31.02 -13.00 64.79
C ALA R 75 -29.56 -13.41 64.76
N THR R 76 -28.70 -12.44 64.48
CA THR R 76 -27.25 -12.65 64.40
C THR R 76 -26.56 -11.82 65.47
N LEU R 77 -26.05 -12.50 66.49
CA LEU R 77 -25.34 -11.84 67.59
C LEU R 77 -23.88 -12.25 67.57
N PHE R 78 -22.99 -11.27 67.48
CA PHE R 78 -21.57 -11.56 67.41
C PHE R 78 -20.68 -10.44 67.92
N ILE R 79 -19.37 -10.64 67.69
CA ILE R 79 -18.33 -9.73 68.12
C ILE R 79 -17.62 -9.26 66.86
N GLN R 80 -17.61 -7.95 66.65
CA GLN R 80 -16.96 -7.27 65.52
C GLN R 80 -15.58 -7.82 65.17
N SER R 81 -14.71 -7.88 66.18
CA SER R 81 -13.33 -8.32 65.98
C SER R 81 -13.28 -9.76 65.47
N GLU R 82 -14.29 -10.55 65.82
CA GLU R 82 -14.33 -11.96 65.46
C GLU R 82 -14.69 -12.15 63.99
N VAL R 83 -15.24 -11.09 63.39
CA VAL R 83 -15.24 -10.97 61.94
C VAL R 83 -14.13 -10.05 61.44
N PRO R 84 -13.21 -10.60 60.67
CA PRO R 84 -11.99 -9.87 60.28
C PRO R 84 -12.21 -9.04 59.03
N ALA R 85 -13.43 -9.04 58.51
CA ALA R 85 -13.76 -8.30 57.30
C ALA R 85 -14.27 -6.89 57.64
N HIS R 86 -14.27 -6.56 58.93
CA HIS R 86 -14.68 -5.24 59.38
C HIS R 86 -13.54 -4.23 59.24
N ALA R 87 -12.34 -4.70 59.54
CA ALA R 87 -11.14 -3.88 59.45
C ALA R 87 -10.73 -3.77 57.99
N GLN R 88 -10.97 -4.85 57.24
CA GLN R 88 -10.66 -4.90 55.82
C GLN R 88 -11.49 -3.90 55.02
N ALA R 89 -12.78 -3.84 55.32
CA ALA R 89 -13.69 -2.91 54.64
C ALA R 89 -13.56 -1.51 55.24
N ALA R 90 -13.04 -1.44 56.46
CA ALA R 90 -12.82 -0.16 57.13
C ALA R 90 -11.65 0.60 56.52
N TRP R 91 -10.59 -0.12 56.20
CA TRP R 91 -9.44 0.46 55.52
C TRP R 91 -9.81 0.94 54.13
N MSE R 92 -10.57 0.12 53.41
CA MSE R 92 -10.96 0.43 52.03
C MSE R 92 -11.76 1.72 51.96
O MSE R 92 -11.84 2.36 50.90
CB MSE R 92 -11.75 -0.72 51.43
CG MSE R 92 -10.91 -1.94 51.08
SE MSE R 92 -11.81 -3.14 49.82
CE MSE R 92 -12.28 -4.57 51.07
N LEU R 93 -12.36 2.11 53.08
CA LEU R 93 -13.24 3.27 53.12
C LEU R 93 -12.48 4.52 53.57
N GLN R 94 -11.45 4.32 54.40
CA GLN R 94 -10.50 5.38 54.70
C GLN R 94 -9.90 5.96 53.43
N CYS R 95 -9.79 5.12 52.39
CA CYS R 95 -9.08 5.51 51.18
C CYS R 95 -9.99 6.30 50.24
N ILE R 96 -11.24 6.49 50.66
CA ILE R 96 -12.22 7.18 49.83
C ILE R 96 -13.00 8.21 50.65
N VAL R 97 -13.07 7.99 51.96
CA VAL R 97 -13.33 9.07 52.90
C VAL R 97 -12.28 10.16 52.82
N TYR R 98 -12.67 11.38 53.15
CA TYR R 98 -11.76 12.51 53.11
C TYR R 98 -11.35 12.85 54.54
N ILE R 99 -10.10 13.26 54.71
CA ILE R 99 -9.64 13.82 55.98
C ILE R 99 -10.49 15.01 56.40
N GLY R 100 -10.87 15.83 55.43
CA GLY R 100 -11.83 16.89 55.66
C GLY R 100 -13.04 16.43 56.45
N GLU R 101 -13.76 15.46 55.90
CA GLU R 101 -15.00 14.99 56.51
C GLU R 101 -14.73 14.21 57.79
N LEU R 102 -13.54 13.62 57.87
CA LEU R 102 -13.07 13.01 59.12
C LEU R 102 -12.95 14.06 60.23
N GLU R 103 -12.46 15.23 59.87
CA GLU R 103 -12.13 16.26 60.86
C GLU R 103 -13.36 17.07 61.25
N ARG R 104 -14.49 16.75 60.63
CA ARG R 104 -15.63 17.66 60.58
C ARG R 104 -16.83 17.09 61.32
N MSE R 105 -16.78 15.80 61.60
CA MSE R 105 -17.71 15.18 62.55
C MSE R 105 -17.74 15.94 63.87
O MSE R 105 -16.68 16.22 64.45
CB MSE R 105 -17.34 13.71 62.78
CG MSE R 105 -17.21 12.90 61.51
SE MSE R 105 -18.90 12.73 60.55
CE MSE R 105 -19.64 11.19 61.50
N THR R 106 -18.93 16.27 64.33
CA THR R 106 -19.09 17.13 65.49
C THR R 106 -18.06 16.80 66.57
N GLN R 107 -17.92 15.51 66.86
CA GLN R 107 -17.26 15.07 68.08
C GLN R 107 -15.79 15.49 68.10
N VAL R 118 -3.60 12.62 71.00
CA VAL R 118 -4.90 12.08 70.58
C VAL R 118 -4.72 10.87 69.68
N SER R 119 -5.22 9.72 70.13
CA SER R 119 -5.11 8.48 69.36
C SER R 119 -5.86 8.59 68.04
N ALA R 120 -5.18 8.26 66.95
CA ALA R 120 -5.78 8.34 65.61
C ALA R 120 -7.11 7.59 65.52
N GLY R 121 -7.33 6.67 66.45
CA GLY R 121 -8.57 5.91 66.48
C GLY R 121 -9.78 6.82 66.69
N LEU R 122 -9.59 7.88 67.47
CA LEU R 122 -10.64 8.84 67.76
C LEU R 122 -11.11 9.52 66.48
N LEU R 123 -10.17 9.66 65.55
CA LEU R 123 -10.43 10.35 64.29
C LEU R 123 -10.86 9.45 63.13
N THR R 124 -10.44 8.19 63.15
CA THR R 124 -10.70 7.29 62.03
C THR R 124 -11.70 6.14 62.19
N TYR R 125 -12.39 6.10 63.32
CA TYR R 125 -13.39 5.05 63.54
C TYR R 125 -14.65 5.19 62.69
N PRO R 126 -15.03 6.42 62.31
CA PRO R 126 -16.25 6.59 61.51
C PRO R 126 -16.32 5.67 60.29
N PRO R 127 -15.16 5.43 59.67
CA PRO R 127 -15.08 4.55 58.51
C PRO R 127 -15.30 3.10 58.92
N LEU R 128 -14.91 2.76 60.14
CA LEU R 128 -15.11 1.40 60.66
C LEU R 128 -16.61 1.23 60.92
N MSE R 129 -17.18 2.23 61.59
CA MSE R 129 -18.60 2.25 61.90
C MSE R 129 -19.40 2.08 60.61
O MSE R 129 -20.31 1.24 60.52
CB MSE R 129 -18.96 3.59 62.51
CG MSE R 129 -20.43 3.93 62.46
SE MSE R 129 -21.03 5.07 63.92
CE MSE R 129 -22.92 4.77 63.81
N ALA R 130 -19.04 2.87 59.61
CA ALA R 130 -19.71 2.84 58.30
C ALA R 130 -19.62 1.47 57.64
N ALA R 131 -18.51 0.79 57.84
CA ALA R 131 -18.30 -0.53 57.23
C ALA R 131 -18.98 -1.63 58.03
N ASP R 132 -19.08 -1.43 59.34
CA ASP R 132 -20.06 -2.15 60.16
C ASP R 132 -21.38 -2.31 59.41
N ILE R 133 -21.82 -1.25 58.76
CA ILE R 133 -23.20 -1.14 58.31
C ILE R 133 -23.36 -1.58 56.87
N LEU R 134 -22.38 -1.23 56.04
CA LEU R 134 -22.47 -1.44 54.60
C LEU R 134 -21.99 -2.84 54.21
N LEU R 135 -21.42 -3.55 55.18
CA LEU R 135 -20.97 -4.92 54.96
C LEU R 135 -22.14 -5.86 54.77
N TYR R 136 -23.30 -5.46 55.26
CA TYR R 136 -24.45 -6.35 55.36
C TYR R 136 -25.64 -5.84 54.55
N ASN R 137 -25.38 -4.90 53.66
CA ASN R 137 -26.42 -4.29 52.85
C ASN R 137 -27.58 -3.79 53.69
N THR R 138 -27.28 -3.35 54.90
CA THR R 138 -28.31 -3.02 55.88
C THR R 138 -29.19 -1.86 55.42
N ASP R 139 -30.48 -2.04 55.66
CA ASP R 139 -31.52 -1.09 55.28
C ASP R 139 -31.75 -0.04 56.34
N ILE R 140 -31.84 -0.48 57.59
CA ILE R 140 -32.11 0.41 58.70
C ILE R 140 -31.02 0.40 59.76
N VAL R 141 -30.79 1.55 60.36
CA VAL R 141 -29.85 1.66 61.47
C VAL R 141 -30.60 2.28 62.65
N PRO R 142 -30.78 1.47 63.69
CA PRO R 142 -31.54 1.85 64.89
C PRO R 142 -30.75 2.75 65.84
N VAL R 143 -30.45 3.96 65.38
CA VAL R 143 -29.69 4.93 66.18
C VAL R 143 -30.40 6.28 66.30
N GLY R 144 -30.00 7.09 67.27
CA GLY R 144 -30.71 8.31 67.60
C GLY R 144 -30.18 9.51 66.85
N GLU R 145 -30.29 10.68 67.47
CA GLU R 145 -30.09 11.94 66.76
C GLU R 145 -28.62 12.35 66.76
N ASP R 146 -27.77 11.49 67.29
CA ASP R 146 -26.42 11.88 67.68
C ASP R 146 -25.37 10.97 67.06
N GLN R 147 -25.83 9.88 66.45
CA GLN R 147 -25.04 9.16 65.46
C GLN R 147 -25.36 9.61 64.04
N LYS R 148 -26.07 10.73 63.94
CA LYS R 148 -26.75 11.10 62.71
C LYS R 148 -25.79 11.74 61.70
N GLN R 149 -24.89 12.58 62.21
CA GLN R 149 -23.76 13.06 61.42
C GLN R 149 -23.00 11.84 60.87
N HIS R 150 -22.88 10.81 61.70
CA HIS R 150 -22.35 9.53 61.25
C HIS R 150 -23.08 8.91 60.07
N ILE R 151 -24.32 8.49 60.29
CA ILE R 151 -25.12 7.85 59.24
C ILE R 151 -24.96 8.58 57.91
N GLU R 152 -25.10 9.91 57.98
CA GLU R 152 -24.96 10.77 56.81
C GLU R 152 -23.68 10.41 56.05
N LEU R 153 -22.58 10.37 56.80
CA LEU R 153 -21.27 10.05 56.26
C LEU R 153 -21.20 8.65 55.64
N THR R 154 -21.82 7.68 56.31
CA THR R 154 -21.82 6.31 55.79
C THR R 154 -22.70 6.24 54.54
N ARG R 155 -23.65 7.16 54.44
CA ARG R 155 -24.52 7.25 53.28
C ARG R 155 -23.74 7.85 52.13
N ASP R 156 -22.85 8.79 52.46
CA ASP R 156 -22.02 9.46 51.49
C ASP R 156 -20.91 8.54 50.96
N LEU R 157 -20.45 7.63 51.83
CA LEU R 157 -19.41 6.68 51.47
C LEU R 157 -19.89 5.63 50.49
N ALA R 158 -21.05 5.06 50.78
CA ALA R 158 -21.65 4.05 49.92
C ALA R 158 -21.95 4.66 48.56
N GLU R 159 -22.61 5.81 48.61
CA GLU R 159 -22.98 6.61 47.44
C GLU R 159 -21.79 6.88 46.51
N ARG R 160 -20.72 7.40 47.09
CA ARG R 160 -19.51 7.76 46.36
C ARG R 160 -18.75 6.57 45.80
N PHE R 161 -18.94 5.42 46.44
CA PHE R 161 -18.30 4.16 46.04
C PHE R 161 -19.11 3.51 44.94
N ASN R 162 -20.43 3.53 45.08
CA ASN R 162 -21.32 2.89 44.12
C ASN R 162 -21.26 3.56 42.75
N LYS R 163 -20.80 4.81 42.72
CA LYS R 163 -20.68 5.56 41.47
C LYS R 163 -19.33 5.31 40.82
N ARG R 164 -18.42 4.69 41.56
CA ARG R 164 -17.06 4.47 41.08
C ARG R 164 -16.92 3.08 40.46
N TYR R 165 -17.61 2.11 41.04
CA TYR R 165 -17.36 0.70 40.73
C TYR R 165 -18.63 -0.01 40.29
N GLY R 166 -19.78 0.52 40.71
CA GLY R 166 -21.05 -0.13 40.46
C GLY R 166 -22.04 0.10 41.59
N GLU R 167 -23.22 -0.49 41.47
CA GLU R 167 -24.25 -0.38 42.48
C GLU R 167 -24.15 -1.51 43.49
N LEU R 168 -23.26 -1.36 44.48
CA LEU R 168 -22.81 -2.48 45.30
C LEU R 168 -23.34 -2.36 46.72
N PHE R 169 -23.67 -1.14 47.13
CA PHE R 169 -24.04 -0.88 48.51
C PHE R 169 -25.53 -0.55 48.62
N THR R 170 -26.08 -0.74 49.83
CA THR R 170 -27.42 -0.30 50.12
C THR R 170 -27.29 0.96 50.94
N ILE R 171 -27.69 2.08 50.37
CA ILE R 171 -27.67 3.32 51.12
C ILE R 171 -28.61 3.02 52.29
N PRO R 172 -28.11 3.19 53.51
CA PRO R 172 -28.93 2.89 54.67
C PRO R 172 -29.60 4.15 55.15
N GLU R 173 -30.37 4.03 56.22
CA GLU R 173 -31.06 5.16 56.80
C GLU R 173 -31.29 4.91 58.27
N ALA R 174 -31.10 5.97 59.06
CA ALA R 174 -31.31 5.88 60.48
C ALA R 174 -32.79 5.93 60.81
N ARG R 175 -33.30 4.81 61.30
CA ARG R 175 -34.67 4.74 61.77
C ARG R 175 -34.81 3.77 62.93
N ILE R 176 -35.45 4.23 64.01
CA ILE R 176 -35.69 3.39 65.17
C ILE R 176 -37.16 2.99 65.28
N PRO R 177 -37.50 1.85 64.68
CA PRO R 177 -38.91 1.46 64.52
C PRO R 177 -39.53 1.06 65.85
N ARG R 182 -37.99 7.80 75.51
CA ARG R 182 -37.49 9.11 75.89
C ARG R 182 -37.23 9.18 77.40
N ILE R 183 -37.11 8.01 78.02
CA ILE R 183 -36.90 7.94 79.46
C ILE R 183 -35.80 8.78 80.09
N MSE R 184 -36.13 9.42 81.21
CA MSE R 184 -35.22 10.35 81.84
C MSE R 184 -34.63 10.03 83.20
O MSE R 184 -35.03 9.09 83.89
CB MSE R 184 -35.87 11.71 81.80
CG MSE R 184 -36.86 11.72 80.67
SE MSE R 184 -36.56 13.24 79.51
CE MSE R 184 -34.87 13.71 80.22
N SER R 185 -33.63 10.84 83.55
CA SER R 185 -32.80 10.70 84.76
C SER R 185 -33.60 10.93 86.03
N LEU R 186 -33.38 10.07 87.02
CA LEU R 186 -34.07 10.15 88.29
C LEU R 186 -33.60 11.34 89.11
N VAL R 187 -32.29 11.39 89.36
CA VAL R 187 -31.66 12.50 90.08
C VAL R 187 -32.27 13.78 89.58
N ASP R 188 -32.53 13.82 88.27
CA ASP R 188 -32.98 15.04 87.61
C ASP R 188 -33.56 14.74 86.23
N PRO R 189 -34.80 15.15 86.02
CA PRO R 189 -35.47 14.94 84.73
C PRO R 189 -35.27 16.12 83.79
N THR R 190 -34.27 16.96 84.08
CA THR R 190 -33.74 17.90 83.10
C THR R 190 -32.83 17.19 82.10
N LYS R 191 -31.90 16.40 82.61
CA LYS R 191 -31.18 15.45 81.78
C LYS R 191 -32.01 14.21 81.51
N LYS R 192 -31.53 13.36 80.59
CA LYS R 192 -32.11 12.04 80.39
C LYS R 192 -31.19 10.94 80.90
N MSE R 193 -31.69 9.71 80.92
CA MSE R 193 -31.04 8.64 81.66
C MSE R 193 -29.90 8.03 80.85
O MSE R 193 -30.11 7.48 79.77
CB MSE R 193 -32.06 7.56 82.03
CG MSE R 193 -31.44 6.34 82.69
SE MSE R 193 -32.74 4.89 82.96
CE MSE R 193 -33.83 5.73 84.34
N SER R 194 -28.69 8.11 81.39
CA SER R 194 -27.54 7.40 80.82
C SER R 194 -26.89 6.50 81.86
N LYS R 195 -26.22 5.46 81.39
CA LYS R 195 -25.34 4.67 82.24
C LYS R 195 -24.15 5.50 82.71
N SER R 196 -23.87 6.59 82.00
CA SER R 196 -22.67 7.38 82.25
C SER R 196 -23.00 8.69 82.96
N ASP R 197 -24.12 8.69 83.69
CA ASP R 197 -24.32 9.64 84.78
C ASP R 197 -23.30 9.41 85.90
N PRO R 198 -22.48 10.42 86.17
CA PRO R 198 -21.58 10.39 87.32
C PRO R 198 -22.30 9.99 88.60
N ASN R 199 -23.55 10.43 88.75
CA ASN R 199 -24.43 9.91 89.78
C ASN R 199 -25.09 8.60 89.39
N PRO R 200 -24.84 7.56 90.18
CA PRO R 200 -25.38 6.22 89.88
C PRO R 200 -26.83 6.22 90.34
N LYS R 201 -27.32 7.36 90.81
CA LYS R 201 -28.71 7.50 91.22
C LYS R 201 -29.64 7.49 90.00
N ALA R 202 -29.26 8.21 88.96
CA ALA R 202 -30.21 8.77 88.02
C ALA R 202 -30.73 7.72 87.06
N TYR R 203 -30.41 6.46 87.34
CA TYR R 203 -30.65 5.41 86.37
C TYR R 203 -30.73 4.04 86.98
N ILE R 204 -31.56 3.20 86.41
CA ILE R 204 -31.63 1.80 86.78
C ILE R 204 -31.00 0.95 85.69
N THR R 205 -30.34 -0.11 86.14
CA THR R 205 -29.61 -1.03 85.31
C THR R 205 -30.37 -2.35 85.37
N LEU R 206 -30.54 -3.02 84.23
CA LEU R 206 -31.23 -4.31 84.18
C LEU R 206 -30.66 -5.27 85.23
N LEU R 207 -29.54 -4.87 85.82
CA LEU R 207 -28.88 -5.66 86.83
C LEU R 207 -28.93 -5.05 88.23
N ASP R 208 -29.68 -3.97 88.40
CA ASP R 208 -29.85 -3.39 89.73
C ASP R 208 -30.74 -4.41 90.42
N ASP R 209 -30.85 -4.30 91.74
CA ASP R 209 -31.39 -5.37 92.55
C ASP R 209 -32.41 -4.85 93.57
N ALA R 210 -33.20 -5.75 94.13
CA ALA R 210 -34.36 -5.36 94.92
C ALA R 210 -34.00 -4.29 95.93
N LYS R 211 -32.93 -4.51 96.68
CA LYS R 211 -32.35 -3.47 97.52
C LYS R 211 -32.09 -2.20 96.72
N THR R 212 -31.29 -2.32 95.67
CA THR R 212 -30.85 -1.15 94.90
C THR R 212 -32.02 -0.49 94.17
N ILE R 213 -32.91 -1.32 93.63
CA ILE R 213 -33.93 -0.83 92.71
C ILE R 213 -34.81 0.22 93.36
N GLU R 214 -35.50 -0.16 94.43
CA GLU R 214 -36.37 0.76 95.15
C GLU R 214 -35.56 1.75 95.98
N LYS R 215 -34.40 1.31 96.47
CA LYS R 215 -33.39 2.22 96.97
C LYS R 215 -33.17 3.39 96.01
N LYS R 216 -32.97 3.07 94.74
CA LYS R 216 -32.82 4.09 93.70
C LYS R 216 -34.13 4.84 93.48
N ILE R 217 -35.21 4.08 93.32
CA ILE R 217 -36.53 4.66 93.10
C ILE R 217 -36.95 5.55 94.27
N LYS R 218 -36.32 5.34 95.41
CA LYS R 218 -36.73 6.00 96.64
C LYS R 218 -36.71 7.52 96.49
N SER R 219 -35.54 8.07 96.15
CA SER R 219 -35.41 9.49 95.89
C SER R 219 -35.71 9.81 94.43
N SER R 224 -42.82 18.54 94.37
CA SER R 224 -43.42 18.34 95.69
C SER R 224 -44.94 18.46 95.61
N GLU R 225 -45.46 18.67 94.41
CA GLU R 225 -46.89 18.89 94.22
C GLU R 225 -47.70 17.68 94.67
N GLY R 226 -47.08 16.50 94.62
CA GLY R 226 -47.70 15.28 95.09
C GLY R 226 -49.02 14.99 94.39
N THR R 227 -49.03 15.15 93.07
CA THR R 227 -50.12 14.65 92.25
C THR R 227 -49.73 13.39 91.49
N ILE R 228 -50.71 12.59 91.14
CA ILE R 228 -50.54 11.54 90.13
C ILE R 228 -51.16 11.96 88.80
N GLY R 237 -40.93 14.81 86.17
CA GLY R 237 -40.45 13.93 87.23
C GLY R 237 -41.37 12.75 87.45
N ILE R 238 -42.57 13.02 87.96
CA ILE R 238 -43.60 11.99 88.10
C ILE R 238 -44.01 11.44 86.74
N SER R 239 -43.94 12.28 85.72
CA SER R 239 -44.31 11.89 84.37
C SER R 239 -43.44 10.75 83.86
N ASN R 240 -42.14 10.84 84.14
CA ASN R 240 -41.19 9.82 83.70
C ASN R 240 -41.58 8.43 84.17
N LEU R 241 -41.68 8.26 85.48
CA LEU R 241 -42.02 6.97 86.07
C LEU R 241 -43.33 6.43 85.49
N LEU R 242 -44.29 7.33 85.27
CA LEU R 242 -45.55 6.96 84.62
C LEU R 242 -45.30 6.25 83.30
N ASN R 243 -44.36 6.77 82.52
CA ASN R 243 -43.80 6.02 81.39
C ASN R 243 -43.19 4.69 81.82
N ILE R 244 -42.51 4.71 82.97
CA ILE R 244 -41.71 3.56 83.39
C ILE R 244 -42.60 2.44 83.92
N TYR R 245 -43.78 2.79 84.38
CA TYR R 245 -44.83 1.82 84.65
C TYR R 245 -45.36 1.19 83.36
N SER R 246 -45.92 2.03 82.49
CA SER R 246 -46.71 1.55 81.36
C SER R 246 -45.85 0.79 80.37
N THR R 247 -44.72 1.38 80.00
CA THR R 247 -43.79 0.75 79.06
C THR R 247 -43.29 -0.59 79.60
N LEU R 248 -43.34 -0.75 80.91
CA LEU R 248 -42.69 -1.88 81.57
C LEU R 248 -43.69 -3.00 81.87
N SER R 249 -44.91 -2.61 82.24
CA SER R 249 -45.75 -3.44 83.08
C SER R 249 -47.10 -3.70 82.42
N GLY R 250 -47.19 -3.44 81.12
CA GLY R 250 -48.39 -3.73 80.36
C GLY R 250 -49.54 -2.83 80.73
N GLN R 251 -49.21 -1.62 81.18
CA GLN R 251 -50.20 -0.76 81.84
C GLN R 251 -50.68 0.34 80.90
N SER R 252 -51.52 1.23 81.42
CA SER R 252 -51.78 2.51 80.76
C SER R 252 -51.53 3.67 81.72
N ILE R 253 -51.50 4.88 81.17
CA ILE R 253 -51.70 6.09 81.97
C ILE R 253 -53.17 6.45 82.07
N GLU R 254 -53.99 5.79 81.26
CA GLU R 254 -55.45 5.84 81.43
C GLU R 254 -55.89 4.94 82.59
N GLU R 255 -55.22 3.80 82.73
CA GLU R 255 -55.67 2.76 83.65
C GLU R 255 -55.20 3.04 85.08
N LEU R 256 -53.96 3.50 85.20
CA LEU R 256 -53.33 3.67 86.51
C LEU R 256 -53.46 5.10 87.00
N GLU R 257 -53.54 6.04 86.08
CA GLU R 257 -53.48 7.46 86.41
C GLU R 257 -54.58 7.83 87.41
N ARG R 258 -55.79 7.35 87.16
CA ARG R 258 -56.96 7.81 87.89
C ARG R 258 -57.13 7.02 89.20
N GLN R 259 -56.88 5.72 89.13
CA GLN R 259 -56.62 4.92 90.33
C GLN R 259 -55.39 5.45 91.08
N TYR R 260 -54.63 6.32 90.43
CA TYR R 260 -53.77 7.26 91.14
C TYR R 260 -54.22 8.70 90.92
N GLY R 266 -44.56 8.29 97.54
CA GLY R 266 -44.42 7.05 98.29
C GLY R 266 -45.44 6.00 97.89
N VAL R 267 -46.64 6.45 97.56
CA VAL R 267 -47.76 5.56 97.30
C VAL R 267 -47.68 4.97 95.89
N PHE R 268 -46.81 5.53 95.08
CA PHE R 268 -46.68 5.13 93.69
C PHE R 268 -45.39 4.36 93.44
N LYS R 269 -44.34 4.71 94.19
CA LYS R 269 -42.99 4.32 93.84
C LYS R 269 -42.59 3.02 94.53
N ALA R 270 -43.51 2.46 95.31
CA ALA R 270 -43.28 1.18 95.97
C ALA R 270 -43.55 0.03 95.02
N ASP R 271 -44.81 -0.13 94.62
CA ASP R 271 -45.20 -1.20 93.71
C ASP R 271 -44.45 -1.12 92.38
N LEU R 272 -44.21 0.11 91.93
CA LEU R 272 -43.35 0.34 90.77
C LEU R 272 -41.93 -0.16 91.03
N ALA R 273 -41.41 0.13 92.22
CA ALA R 273 -40.16 -0.45 92.68
C ALA R 273 -40.12 -1.95 92.41
N GLN R 274 -41.24 -2.62 92.64
CA GLN R 274 -41.29 -4.08 92.60
C GLN R 274 -41.45 -4.61 91.19
N VAL R 275 -42.12 -3.84 90.33
CA VAL R 275 -42.40 -4.28 88.97
C VAL R 275 -41.18 -4.34 88.06
N VAL R 276 -40.39 -3.27 88.08
CA VAL R 276 -39.09 -3.27 87.41
C VAL R 276 -38.20 -4.35 88.02
N ILE R 277 -38.40 -4.63 89.31
CA ILE R 277 -37.77 -5.77 89.96
C ILE R 277 -38.29 -7.06 89.35
N GLU R 278 -39.61 -7.12 89.14
CA GLU R 278 -40.25 -8.33 88.67
C GLU R 278 -39.87 -8.64 87.22
N THR R 279 -39.74 -7.58 86.43
CA THR R 279 -39.25 -7.72 85.06
C THR R 279 -37.80 -8.18 85.04
N LEU R 280 -36.94 -7.43 85.73
CA LEU R 280 -35.52 -7.79 85.83
C LEU R 280 -35.34 -9.17 86.44
N ARG R 281 -36.36 -9.64 87.15
CA ARG R 281 -36.28 -10.91 87.88
C ARG R 281 -35.89 -12.04 86.94
N PRO R 282 -36.66 -12.23 85.89
CA PRO R 282 -36.43 -13.31 84.93
C PRO R 282 -35.16 -13.09 84.12
N ILE R 283 -34.85 -11.82 83.83
CA ILE R 283 -33.66 -11.49 83.06
C ILE R 283 -32.40 -11.59 83.92
N GLN R 284 -32.55 -11.30 85.21
CA GLN R 284 -31.55 -11.68 86.20
C GLN R 284 -31.18 -13.15 86.07
N GLU R 285 -32.19 -14.00 85.88
CA GLU R 285 -32.05 -15.43 86.13
C GLU R 285 -31.52 -16.16 84.90
N ARG R 286 -31.87 -15.63 83.72
CA ARG R 286 -31.37 -16.18 82.46
C ARG R 286 -29.95 -15.71 82.18
N TYR R 287 -29.72 -14.41 82.32
CA TYR R 287 -28.36 -13.87 82.37
C TYR R 287 -27.40 -14.85 83.04
N HIS R 288 -27.63 -15.10 84.32
CA HIS R 288 -26.70 -15.89 85.12
C HIS R 288 -26.56 -17.31 84.60
N HIS R 289 -27.69 -17.90 84.21
CA HIS R 289 -27.69 -19.04 83.32
C HIS R 289 -26.67 -18.87 82.19
N TRP R 290 -26.93 -17.92 81.30
CA TRP R 290 -26.04 -17.66 80.17
C TRP R 290 -24.58 -17.45 80.54
N MSE R 291 -24.35 -16.49 81.43
CA MSE R 291 -23.01 -16.14 81.87
C MSE R 291 -22.12 -17.35 82.21
O MSE R 291 -20.91 -17.31 81.99
CB MSE R 291 -23.06 -15.25 83.10
CG MSE R 291 -23.03 -13.76 82.85
SE MSE R 291 -21.73 -13.20 81.52
CE MSE R 291 -20.41 -14.57 81.76
N GLU R 292 -22.73 -18.39 82.74
CA GLU R 292 -22.01 -19.58 83.14
C GLU R 292 -22.39 -20.78 82.28
N SER R 293 -23.48 -20.67 81.51
CA SER R 293 -23.83 -21.75 80.59
C SER R 293 -22.69 -21.76 79.58
N GLU R 294 -22.59 -22.82 78.80
CA GLU R 294 -21.52 -22.86 77.83
C GLU R 294 -22.04 -22.55 76.44
N GLU R 295 -23.34 -22.36 76.33
CA GLU R 295 -23.99 -22.04 75.07
C GLU R 295 -23.62 -20.65 74.59
N LEU R 296 -23.34 -19.81 75.59
CA LEU R 296 -22.96 -18.41 75.41
C LEU R 296 -21.86 -18.27 74.39
N ASP R 297 -20.79 -19.01 74.62
CA ASP R 297 -19.65 -19.04 73.72
C ASP R 297 -20.12 -19.57 72.39
N ARG R 298 -20.94 -20.61 72.41
CA ARG R 298 -21.43 -21.25 71.18
C ARG R 298 -22.37 -20.44 70.29
N VAL R 299 -23.22 -19.63 70.92
CA VAL R 299 -24.20 -18.79 70.21
C VAL R 299 -23.40 -17.70 69.49
N LEU R 300 -22.22 -17.43 70.03
CA LEU R 300 -21.32 -16.43 69.49
C LEU R 300 -20.46 -16.93 68.33
N ASP R 301 -20.09 -18.22 68.36
CA ASP R 301 -19.52 -18.88 67.20
C ASP R 301 -20.48 -18.87 66.02
N GLU R 302 -21.71 -19.30 66.26
CA GLU R 302 -22.72 -19.35 65.21
C GLU R 302 -23.05 -17.95 64.69
N GLY R 303 -22.87 -16.96 65.55
CA GLY R 303 -23.14 -15.57 65.17
C GLY R 303 -22.04 -15.03 64.26
N ALA R 304 -20.79 -15.24 64.66
CA ALA R 304 -19.64 -14.79 63.88
C ALA R 304 -19.57 -15.50 62.52
N GLU R 305 -19.93 -16.78 62.53
CA GLU R 305 -19.92 -17.62 61.34
C GLU R 305 -20.87 -17.14 60.24
N LYS R 306 -22.08 -16.76 60.64
CA LYS R 306 -23.10 -16.28 59.71
C LYS R 306 -22.79 -14.89 59.18
N ALA R 307 -22.08 -14.11 59.99
CA ALA R 307 -21.69 -12.76 59.61
C ALA R 307 -20.51 -12.83 58.66
N ASN R 308 -19.59 -13.73 58.96
CA ASN R 308 -18.42 -13.91 58.11
C ASN R 308 -18.92 -14.32 56.73
N ARG R 309 -19.91 -15.22 56.71
CA ARG R 309 -20.51 -15.66 55.46
C ARG R 309 -20.91 -14.45 54.61
N VAL R 310 -21.74 -13.58 55.19
CA VAL R 310 -22.22 -12.37 54.52
C VAL R 310 -21.14 -11.32 54.31
N ALA R 311 -20.49 -10.91 55.40
CA ALA R 311 -19.45 -9.89 55.31
C ALA R 311 -18.25 -10.28 54.44
N SER R 312 -17.92 -11.58 54.42
CA SER R 312 -16.80 -12.08 53.61
C SER R 312 -17.02 -11.87 52.12
N GLU R 313 -18.25 -12.11 51.69
CA GLU R 313 -18.61 -12.01 50.29
C GLU R 313 -18.69 -10.56 49.81
N MSE R 314 -19.06 -9.66 50.72
CA MSE R 314 -19.17 -8.25 50.42
C MSE R 314 -17.78 -7.66 50.17
O MSE R 314 -17.58 -6.81 49.30
CB MSE R 314 -19.84 -7.49 51.56
CG MSE R 314 -19.98 -6.01 51.36
SE MSE R 314 -20.71 -5.55 49.61
CE MSE R 314 -22.53 -5.33 50.15
N VAL R 315 -16.82 -8.11 50.98
CA VAL R 315 -15.44 -7.66 50.91
C VAL R 315 -14.81 -8.12 49.59
N ARG R 316 -15.08 -9.37 49.24
CA ARG R 316 -14.56 -9.95 48.00
C ARG R 316 -15.10 -9.14 46.83
N LYS R 317 -16.40 -8.86 46.89
CA LYS R 317 -17.08 -8.07 45.86
C LYS R 317 -16.51 -6.66 45.81
N MSE R 318 -16.02 -6.20 46.95
CA MSE R 318 -15.44 -4.87 47.10
C MSE R 318 -14.02 -4.81 46.55
O MSE R 318 -13.64 -3.86 45.84
CB MSE R 318 -15.36 -4.51 48.57
CG MSE R 318 -16.60 -3.94 49.19
SE MSE R 318 -16.37 -3.59 51.09
CE MSE R 318 -15.49 -1.89 50.94
N GLU R 319 -13.23 -5.83 46.88
CA GLU R 319 -11.83 -5.91 46.46
C GLU R 319 -11.74 -6.03 44.95
N GLN R 320 -12.78 -6.61 44.36
CA GLN R 320 -12.79 -6.84 42.94
C GLN R 320 -13.25 -5.65 42.12
N ALA R 321 -13.97 -4.73 42.78
CA ALA R 321 -14.40 -3.50 42.12
C ALA R 321 -13.23 -2.52 42.19
N MSE R 322 -12.39 -2.71 43.21
CA MSE R 322 -11.22 -1.87 43.41
C MSE R 322 -9.95 -2.40 42.75
O MSE R 322 -9.01 -1.65 42.49
CB MSE R 322 -11.01 -1.62 44.89
CG MSE R 322 -12.18 -0.99 45.60
SE MSE R 322 -11.79 -0.28 47.35
CE MSE R 322 -11.13 1.44 46.83
N GLY R 323 -9.91 -3.71 42.45
CA GLY R 323 -8.75 -4.30 41.80
C GLY R 323 -7.77 -4.98 42.77
N LEU R 324 -8.26 -5.30 43.97
CA LEU R 324 -7.42 -5.93 45.00
C LEU R 324 -7.25 -7.43 44.82
N GLY R 325 -6.02 -7.90 45.07
CA GLY R 325 -5.69 -9.31 44.98
C GLY R 325 -6.04 -9.95 43.63
N ARG R 326 -6.68 -11.12 43.68
CA ARG R 326 -7.05 -11.85 42.47
C ARG R 326 -8.50 -12.35 42.53
N TRP S . 55.53 -23.14 2.51
CA TRP S . 56.62 -23.67 3.34
C TRP S . 56.55 -25.18 3.42
O TRP S . 57.19 -25.75 4.33
CB TRP S . 56.56 -23.06 4.74
CG TRP S . 56.52 -21.56 4.75
CD1 TRP S . 55.41 -20.77 4.96
CD2 TRP S . 57.62 -20.67 4.57
NE1 TRP S . 55.77 -19.45 4.91
CE2 TRP S . 57.12 -19.36 4.69
CE3 TRP S . 59.00 -20.85 4.34
CZ2 TRP S . 57.94 -18.24 4.56
CZ3 TRP S . 59.80 -19.74 4.23
CH2 TRP S . 59.26 -18.45 4.33
OXT TRP S . 55.86 -25.79 2.58
P PO4 T . 60.44 -33.27 6.29
O1 PO4 T . 61.35 -33.26 5.00
O2 PO4 T . 60.38 -31.84 6.91
O3 PO4 T . 61.03 -34.29 7.35
O4 PO4 T . 58.99 -33.70 5.85
P AMP U . 61.08 -28.96 4.50
O1P AMP U . 60.07 -30.00 4.08
O2P AMP U . 61.31 -27.93 3.40
O3P AMP U . 60.61 -28.27 5.77
O5' AMP U . 62.48 -29.61 4.86
C5' AMP U . 62.84 -29.10 6.14
C4' AMP U . 64.09 -28.22 6.08
O4' AMP U . 65.29 -28.79 6.69
C3' AMP U . 64.48 -27.82 4.67
O3' AMP U . 65.01 -26.50 4.63
C2' AMP U . 65.53 -28.86 4.29
O2' AMP U . 66.45 -28.17 3.44
C1' AMP U . 66.14 -29.34 5.63
N9 AMP U . 65.94 -30.77 5.72
C8 AMP U . 64.78 -31.34 6.13
N7 AMP U . 64.82 -32.63 6.10
C5 AMP U . 66.08 -32.95 5.66
C6 AMP U . 66.66 -34.18 5.44
N6 AMP U . 66.00 -35.37 5.67
N1 AMP U . 67.92 -34.18 5.00
C2 AMP U . 68.55 -33.00 4.79
N3 AMP U . 68.09 -31.74 4.96
C4 AMP U . 66.83 -31.81 5.41
N TRP V . 38.28 37.37 46.27
CA TRP V . 39.50 38.18 46.34
C TRP V . 39.65 38.83 47.70
O TRP V . 40.43 39.79 47.81
CB TRP V . 39.48 39.25 45.25
CG TRP V . 39.21 38.71 43.88
CD1 TRP V . 38.03 38.72 43.20
CD2 TRP V . 40.17 38.06 43.04
NE1 TRP V . 38.20 38.12 41.97
CE2 TRP V . 39.49 37.71 41.84
CE3 TRP V . 41.52 37.73 43.15
CZ2 TRP V . 40.12 37.05 40.78
CZ3 TRP V . 42.15 37.09 42.10
CH2 TRP V . 41.45 36.75 40.93
OXT TRP V . 38.99 38.36 48.66
P PO4 W . 45.88 44.58 53.07
O1 PO4 W . 46.51 43.28 53.70
O2 PO4 W . 46.82 45.82 53.40
O3 PO4 W . 44.44 44.84 53.68
O4 PO4 W . 45.76 44.39 51.50
P AMP X . 45.04 41.63 49.82
O1P AMP X . 45.13 43.14 49.62
O2P AMP X . 44.15 41.34 51.02
O3P AMP X . 44.45 41.00 48.57
O5' AMP X . 46.50 41.06 50.07
C5' AMP X . 47.53 42.02 49.85
C4' AMP X . 48.28 41.72 48.56
O4' AMP X . 49.51 42.49 48.51
C3' AMP X . 48.72 40.26 48.47
O3' AMP X . 48.86 39.80 47.12
C2' AMP X . 50.04 40.26 49.26
O2' AMP X . 50.97 39.41 48.53
C1' AMP X . 50.51 41.73 49.26
N9 AMP X . 50.72 42.34 50.57
C8 AMP X . 49.87 43.13 51.29
N7 AMP X . 50.37 43.51 52.45
C5 AMP X . 51.62 42.94 52.50
C6 AMP X . 52.64 42.97 53.47
N6 AMP X . 52.53 43.66 54.65
N1 AMP X . 53.79 42.29 53.21
C2 AMP X . 53.90 41.62 52.04
N3 AMP X . 52.99 41.51 51.05
C4 AMP X . 51.87 42.20 51.34
N TRP Y . 10.30 48.94 -23.69
CA TRP Y . 11.28 48.20 -24.45
C TRP Y . 11.53 48.82 -25.83
O TRP Y . 12.14 48.15 -26.68
CB TRP Y . 10.85 46.74 -24.62
CG TRP Y . 10.49 46.08 -23.32
CD1 TRP Y . 9.24 45.86 -22.84
CD2 TRP Y . 11.40 45.57 -22.34
NE1 TRP Y . 9.30 45.22 -21.62
CE2 TRP Y . 10.62 45.04 -21.29
CE3 TRP Y . 12.80 45.50 -22.25
CZ2 TRP Y . 11.20 44.45 -20.16
CZ3 TRP Y . 13.36 44.92 -21.14
CH2 TRP Y . 12.56 44.40 -20.11
OXT TRP Y . 11.11 49.98 -26.03
P PO4 Z . 16.36 49.36 -33.71
O1 PO4 Z . 16.96 48.77 -35.06
O2 PO4 Z . 14.93 49.94 -34.02
O3 PO4 Z . 17.28 50.53 -33.16
O4 PO4 Z . 16.27 48.21 -32.63
P AMP AA . 15.35 48.41 -29.61
O1P AMP AA . 14.74 47.57 -30.71
O2P AMP AA . 15.93 49.69 -30.19
O3P AMP AA . 14.26 48.78 -28.60
O5' AMP AA . 16.49 47.57 -28.85
C5' AMP AA . 17.80 47.54 -29.43
C4' AMP AA . 18.65 46.47 -28.73
O4' AMP AA . 19.60 45.88 -29.65
C3' AMP AA . 19.54 47.05 -27.63
O3' AMP AA . 20.09 46.04 -26.80
C2' AMP AA . 20.60 47.74 -28.49
O2' AMP AA . 21.77 47.91 -27.67
C1' AMP AA . 20.79 46.71 -29.64
N9 AMP AA . 20.89 47.36 -30.94
C8 AMP AA . 19.88 47.73 -31.79
N7 AMP AA . 20.34 48.30 -32.89
C5 AMP AA . 21.72 48.31 -32.74
C6 AMP AA . 22.76 48.76 -33.57
N6 AMP AA . 22.56 49.37 -34.78
N1 AMP AA . 24.03 48.62 -33.12
C2 AMP AA . 24.25 48.02 -31.93
N3 AMP AA . 23.32 47.55 -31.06
C4 AMP AA . 22.08 47.72 -31.54
N TRP BA . 31.23 -6.54 -3.87
CA TRP BA . 30.29 -5.44 -3.74
C TRP BA . 30.29 -4.59 -5.00
O TRP BA . 29.77 -3.45 -4.93
CB TRP BA . 30.63 -4.58 -2.53
CG TRP BA . 30.79 -5.36 -1.26
CD1 TRP BA . 31.96 -5.74 -0.68
CD2 TRP BA . 29.73 -5.85 -0.43
NE1 TRP BA . 31.70 -6.45 0.48
CE2 TRP BA . 30.35 -6.51 0.66
CE3 TRP BA . 28.34 -5.79 -0.48
CZ2 TRP BA . 29.61 -7.12 1.67
CZ3 TRP BA . 27.60 -6.39 0.53
CH2 TRP BA . 28.24 -7.05 1.59
OXT TRP BA . 30.79 -5.05 -6.04
P PO4 CA . 26.38 2.57 -9.67
O1 PO4 CA . 27.33 2.10 -10.84
O2 PO4 CA . 26.07 4.10 -9.78
O3 PO4 CA . 27.07 2.27 -8.28
O4 PO4 CA . 25.04 1.75 -9.74
P AMP DA . 25.55 -0.61 -7.05
O1P AMP DA . 25.27 0.85 -7.36
O2P AMP DA . 24.61 -1.50 -7.85
O3P AMP DA . 27.00 -0.93 -7.40
O5' AMP DA . 25.30 -0.81 -5.48
C5' AMP DA . 24.82 0.35 -4.79
C4' AMP DA . 23.39 0.12 -4.33
O4' AMP DA . 22.49 1.14 -4.85
C3' AMP DA . 22.83 -1.23 -4.78
O3' AMP DA . 21.90 -1.79 -3.84
C2' AMP DA . 22.16 -0.89 -6.10
O2' AMP DA . 21.09 -1.84 -6.28
C1' AMP DA . 21.62 0.53 -5.84
N9 AMP DA . 21.62 1.35 -7.05
C8 AMP DA . 22.70 1.90 -7.68
N7 AMP DA . 22.35 2.60 -8.75
C5 AMP DA . 20.98 2.49 -8.81
C6 AMP DA . 20.02 3.00 -9.70
N6 AMP DA . 20.33 3.78 -10.80
N1 AMP DA . 18.72 2.71 -9.48
C2 AMP DA . 18.39 1.94 -8.41
N3 AMP DA . 19.22 1.41 -7.49
C4 AMP DA . 20.51 1.72 -7.76
N TRP EA . 10.64 29.50 38.58
CA TRP EA . 9.46 29.36 37.74
C TRP EA . 9.11 27.89 37.57
O TRP EA . 8.37 27.57 36.61
CB TRP EA . 9.71 29.99 36.37
CG TRP EA . 10.17 31.42 36.44
CD1 TRP EA . 11.45 31.87 36.30
CD2 TRP EA . 9.35 32.57 36.66
NE1 TRP EA . 11.48 33.24 36.43
CE2 TRP EA . 10.21 33.69 36.65
CE3 TRP EA . 7.99 32.77 36.89
CZ2 TRP EA . 9.73 34.98 36.85
CZ3 TRP EA . 7.52 34.05 37.07
CH2 TRP EA . 8.39 35.14 37.05
OXT TRP EA . 9.59 27.07 38.37
P PO4 FA . 2.80 21.56 33.70
O1 PO4 FA . 4.29 21.37 33.24
O2 PO4 FA . 2.51 23.09 34.01
O3 PO4 FA . 2.56 20.76 35.03
O4 PO4 FA . 1.80 21.09 32.55
P AMP GA . 4.03 25.69 35.26
O1P AMP GA . 5.04 24.77 34.59
O2P AMP GA . 4.48 25.97 36.68
O3P AMP GA . 3.95 26.99 34.48
O5' AMP GA . 2.58 24.98 35.29
C5' AMP GA . 1.55 25.64 36.01
C4' AMP GA . 1.31 27.00 35.35
O4' AMP GA . 0.74 26.93 34.03
C3' AMP GA . 0.41 27.91 36.17
O3' AMP GA . 0.87 29.25 36.16
C2' AMP GA . -0.96 27.76 35.50
O2' AMP GA . -1.42 29.11 35.27
C1' AMP GA . -0.70 26.99 34.19
N9 AMP GA . -1.17 25.61 34.17
C8 AMP GA . -0.37 24.50 34.05
N7 AMP GA . -1.06 23.38 34.07
C5 AMP GA . -2.38 23.78 34.19
C6 AMP GA . -3.57 23.05 34.26
N6 AMP GA . -3.60 21.68 34.21
N1 AMP GA . -4.73 23.73 34.38
C2 AMP GA . -4.70 25.09 34.43
N3 AMP GA . -3.61 25.89 34.38
C4 AMP GA . -2.47 25.17 34.25
N TRP HA . -15.32 52.54 -8.07
CA TRP HA . -16.39 52.07 -7.20
C TRP HA . -16.27 52.67 -5.81
O TRP HA . -16.92 52.15 -4.88
CB TRP HA . -16.39 50.54 -7.12
CG TRP HA . -16.36 49.88 -8.46
CD1 TRP HA . -15.27 49.36 -9.10
CD2 TRP HA . -17.48 49.66 -9.33
NE1 TRP HA . -15.64 48.83 -10.31
CE2 TRP HA . -16.98 48.99 -10.48
CE3 TRP HA . -18.84 49.95 -9.25
CZ2 TRP HA . -17.82 48.63 -11.54
CZ3 TRP HA . -19.66 49.59 -10.31
CH2 TRP HA . -19.15 48.93 -11.44
OXT TRP HA . -15.53 53.67 -5.65
P PO4 IA . -21.16 54.34 2.16
O1 PO4 IA . -22.10 54.00 0.95
O2 PO4 IA . -20.90 55.90 2.21
O3 PO4 IA . -19.78 53.60 1.97
O4 PO4 IA . -21.84 53.90 3.53
P AMP JA . -18.74 54.58 -2.14
O1P AMP JA . -17.62 53.96 -1.31
O2P AMP JA . -19.19 55.88 -1.48
O3P AMP JA . -18.21 54.89 -3.53
O5' AMP JA . -19.98 53.55 -2.24
C5' AMP JA . -21.28 54.05 -1.91
C4' AMP JA . -22.38 53.19 -2.57
O4' AMP JA . -23.26 52.61 -1.57
C3' AMP JA . -23.23 53.99 -3.55
O3' AMP JA . -22.86 53.79 -4.92
C2' AMP JA . -24.68 53.60 -3.26
O2' AMP JA . -25.16 52.80 -4.37
C1' AMP JA . -24.65 52.82 -1.94
N9 AMP JA . -25.33 53.51 -0.85
C8 AMP JA . -24.82 53.83 0.38
N7 AMP JA . -25.66 54.47 1.14
C5 AMP JA . -26.80 54.57 0.38
C6 AMP JA . -28.06 55.14 0.64
N6 AMP JA . -28.37 55.75 1.83
N1 AMP JA . -29.01 55.08 -0.33
C2 AMP JA . -28.69 54.48 -1.50
N3 AMP JA . -27.52 53.89 -1.86
C4 AMP JA . -26.62 53.98 -0.87
N TRP KA . -25.32 -12.14 6.17
CA TRP KA . -24.28 -12.78 6.97
C TRP KA . -24.39 -14.29 6.89
O TRP KA . -23.76 -14.97 7.73
CB TRP KA . -24.35 -12.31 8.42
CG TRP KA . -24.38 -10.82 8.56
CD1 TRP KA . -25.47 -10.04 8.80
CD2 TRP KA . -23.25 -9.93 8.48
NE1 TRP KA . -25.10 -8.72 8.86
CE2 TRP KA . -23.75 -8.63 8.67
CE3 TRP KA . -21.88 -10.11 8.27
CZ2 TRP KA . -22.93 -7.50 8.65
CZ3 TRP KA . -21.07 -8.99 8.24
CH2 TRP KA . -21.59 -7.70 8.43
OXT TRP KA . -25.10 -14.79 6.00
P PO4 LA . -20.75 -22.80 9.89
O1 PO4 LA . -19.89 -22.88 8.58
O2 PO4 LA . -20.78 -21.32 10.43
O3 PO4 LA . -20.15 -23.78 10.99
O4 PO4 LA . -22.22 -23.24 9.56
P AMP MA . -20.29 -18.63 8.86
O1P AMP MA . -21.58 -18.61 9.66
O2P AMP MA . -19.65 -20.00 8.93
O3P AMP MA . -20.58 -18.30 7.41
O5' AMP MA . -19.25 -17.58 9.50
C5' AMP MA . -18.28 -18.15 10.38
C4' AMP MA . -16.95 -17.40 10.26
O4' AMP MA . -15.85 -18.20 10.76
C3' AMP MA . -16.58 -17.01 8.83
O3' AMP MA . -15.88 -15.77 8.80
C2' AMP MA . -15.71 -18.16 8.34
O2' AMP MA . -14.67 -17.59 7.53
C1' AMP MA . -15.17 -18.82 9.63
N9 AMP MA . -15.42 -20.26 9.67
C8 AMP MA . -16.62 -20.85 9.94
N7 AMP MA . -16.55 -22.16 9.90
C5 AMP MA . -15.23 -22.44 9.58
C6 AMP MA . -14.54 -23.65 9.40
N6 AMP MA . -15.13 -24.90 9.51
N1 AMP MA . -13.22 -23.60 9.09
C2 AMP MA . -12.64 -22.39 8.97
N3 AMP MA . -13.21 -21.17 9.12
C4 AMP MA . -14.51 -21.26 9.43
N TRP NA . 24.99 -53.49 44.94
CA TRP NA . 26.26 -52.75 44.87
C TRP NA . 26.49 -51.95 46.14
O TRP NA . 27.34 -51.02 46.11
CB TRP NA . 26.27 -51.83 43.65
CG TRP NA . 25.92 -52.52 42.37
CD1 TRP NA . 24.72 -52.50 41.73
CD2 TRP NA . 26.80 -53.32 41.57
NE1 TRP NA . 24.79 -53.25 40.58
CE2 TRP NA . 26.05 -53.76 40.46
CE3 TRP NA . 28.13 -53.72 41.69
CZ2 TRP NA . 26.60 -54.58 39.47
CZ3 TRP NA . 28.68 -54.53 40.70
CH2 TRP NA . 27.91 -54.95 39.61
OXT TRP NA . 25.82 -52.22 47.16
P PO4 OA . 32.63 -46.59 51.56
O1 PO4 OA . 32.21 -46.54 50.04
O2 PO4 OA . 33.45 -45.30 51.93
O3 PO4 OA . 33.52 -47.88 51.81
O4 PO4 OA . 31.34 -46.69 52.47
P AMP PA . 36.86 -48.44 49.98
O1P AMP PA . 36.49 -49.79 50.56
O2P AMP PA . 35.64 -47.54 50.16
O3P AMP PA . 38.05 -47.93 50.77
O5' AMP PA . 37.20 -48.43 48.38
C5' AMP PA . 37.44 -49.63 47.66
C4' AMP PA . 36.21 -50.52 47.83
O4' AMP PA . 34.94 -49.83 48.02
C3' AMP PA . 35.94 -51.67 46.89
O3' AMP PA . 36.81 -52.77 47.21
C2' AMP PA . 34.44 -51.90 47.22
O2' AMP PA . 34.21 -53.31 47.50
C1' AMP PA . 34.13 -50.96 48.42
N9 AMP PA . 32.77 -50.44 48.45
C8 AMP PA . 32.10 -49.95 47.38
N7 AMP PA . 30.89 -49.55 47.66
C5 AMP PA . 30.76 -49.77 49.02
C6 AMP PA . 29.68 -49.53 49.89
N6 AMP PA . 28.47 -48.99 49.52
N1 AMP PA . 29.85 -49.87 51.20
C2 AMP PA . 31.03 -50.40 51.59
N3 AMP PA . 32.11 -50.67 50.84
C4 AMP PA . 31.90 -50.33 49.55
N TRP QA . -2.78 -41.95 -25.20
CA TRP QA . -1.75 -42.66 -25.95
C TRP QA . -1.47 -41.97 -27.28
O TRP QA . -0.85 -42.61 -28.16
CB TRP QA . -2.16 -44.11 -26.19
CG TRP QA . -2.57 -44.82 -24.94
CD1 TRP QA . -3.84 -45.08 -24.52
CD2 TRP QA . -1.70 -45.39 -23.95
NE1 TRP QA . -3.82 -45.76 -23.33
CE2 TRP QA . -2.51 -45.97 -22.95
CE3 TRP QA . -0.31 -45.47 -23.81
CZ2 TRP QA . -1.99 -46.61 -21.84
CZ3 TRP QA . 0.21 -46.11 -22.69
CH2 TRP QA . -0.62 -46.67 -21.73
OXT TRP QA . -1.87 -40.80 -27.43
P PO4 RA . 3.22 -41.84 -35.61
O1 PO4 RA . 3.31 -42.38 -37.10
O2 PO4 RA . 3.01 -40.28 -35.59
O3 PO4 RA . 4.52 -42.21 -34.80
O4 PO4 RA . 2.02 -42.54 -34.86
P AMP SA . 2.85 -42.61 -31.39
O1P AMP SA . 3.46 -42.86 -32.75
O2P AMP SA . 2.85 -41.11 -31.08
O3P AMP SA . 1.44 -43.17 -31.36
O5' AMP SA . 3.84 -43.41 -30.42
C5' AMP SA . 4.93 -43.94 -31.19
C4' AMP SA . 5.80 -44.84 -30.34
O4' AMP SA . 6.88 -45.36 -31.16
C3' AMP SA . 6.51 -44.01 -29.27
O3' AMP SA . 7.07 -44.82 -28.23
C2' AMP SA . 7.55 -43.29 -30.12
O2' AMP SA . 8.67 -42.93 -29.27
C1' AMP SA . 7.91 -44.33 -31.20
N9 AMP SA . 7.98 -43.76 -32.55
C8 AMP SA . 6.94 -43.49 -33.39
N7 AMP SA . 7.34 -42.98 -34.53
C5 AMP SA . 8.71 -42.90 -34.43
C6 AMP SA . 9.71 -42.43 -35.31
N6 AMP SA . 9.44 -41.92 -36.55
N1 AMP SA . 11.00 -42.49 -34.90
C2 AMP SA . 11.28 -42.99 -33.68
N3 AMP SA . 10.40 -43.45 -32.76
C4 AMP SA . 9.13 -43.38 -33.20
N TRP TA . -49.61 4.54 0.02
CA TRP TA . -50.58 5.61 0.21
C TRP TA . -50.62 6.55 -0.99
O TRP TA . -51.19 7.65 -0.86
CB TRP TA . -50.27 6.40 1.48
CG TRP TA . -50.07 5.54 2.68
CD1 TRP TA . -48.90 5.17 3.24
CD2 TRP TA . -51.10 4.93 3.47
NE1 TRP TA . -49.12 4.37 4.35
CE2 TRP TA . -50.47 4.21 4.50
CE3 TRP TA . -52.50 4.91 3.41
CZ2 TRP TA . -51.18 3.48 5.45
CZ3 TRP TA . -53.21 4.19 4.35
CH2 TRP TA . -52.55 3.49 5.36
OXT TRP TA . -50.08 6.17 -2.05
P PO4 UA . -54.49 13.48 -5.46
O1 PO4 UA . -53.54 13.09 -4.25
O2 PO4 UA . -54.80 15.04 -5.41
O3 PO4 UA . -55.83 12.64 -5.35
O4 PO4 UA . -53.74 13.09 -6.79
P AMP VA . -55.12 10.51 -2.23
O1P AMP VA . -55.24 11.78 -3.03
O2P AMP VA . -54.80 9.33 -3.13
O3P AMP VA . -54.02 10.69 -1.18
O5' AMP VA . -56.52 10.29 -1.50
C5' AMP VA . -56.72 10.96 -0.27
C4' AMP VA . -58.18 10.78 0.08
O4' AMP VA . -58.98 11.84 -0.50
C3' AMP VA . -58.70 9.46 -0.49
O3' AMP VA . -59.62 8.80 0.36
C2' AMP VA . -59.27 9.86 -1.85
O2' AMP VA . -60.36 8.97 -2.17
C1' AMP VA . -59.73 11.31 -1.64
N9 AMP VA . -59.45 12.15 -2.79
C8 AMP VA . -58.23 12.62 -3.21
N7 AMP VA . -58.34 13.38 -4.29
C5 AMP VA . -59.68 13.38 -4.59
C6 AMP VA . -60.42 14.00 -5.61
N6 AMP VA . -59.89 14.78 -6.59
N1 AMP VA . -61.76 13.81 -5.64
C2 AMP VA . -62.34 13.05 -4.69
N3 AMP VA . -61.73 12.43 -3.66
C4 AMP VA . -60.40 12.64 -3.67
N TRP WA . -2.88 -61.60 37.13
CA TRP WA . -4.01 -61.80 36.23
C TRP WA . -4.28 -63.29 36.02
O TRP WA . -5.02 -63.63 35.07
CB TRP WA . -3.74 -61.12 34.88
CG TRP WA . -3.36 -59.68 35.01
CD1 TRP WA . -2.11 -59.15 34.92
CD2 TRP WA . -4.25 -58.59 35.27
NE1 TRP WA . -2.16 -57.79 35.10
CE2 TRP WA . -3.45 -57.42 35.30
CE3 TRP WA . -5.63 -58.48 35.46
CZ2 TRP WA . -4.01 -56.16 35.53
CZ3 TRP WA . -6.17 -57.21 35.69
CH2 TRP WA . -5.36 -56.07 35.72
OXT TRP WA . -3.75 -64.10 36.81
P PO4 XA . -10.73 -69.70 32.39
O1 PO4 XA . -9.18 -69.93 32.25
O2 PO4 XA . -11.03 -68.16 32.51
O3 PO4 XA . -11.25 -70.41 33.70
O4 PO4 XA . -11.47 -70.31 31.13
P AMP YA . -10.04 -65.13 34.09
O1P AMP YA . -9.72 -66.54 33.61
O2P AMP YA . -9.48 -64.92 35.48
O3P AMP YA . -9.41 -64.13 33.14
O5' AMP YA . -11.64 -64.91 34.10
C5' AMP YA . -12.29 -64.69 32.84
C4' AMP YA . -13.23 -63.48 32.96
O4' AMP YA . -14.50 -63.75 32.33
C3' AMP YA . -13.51 -63.03 34.38
O3' AMP YA . -13.47 -61.62 34.55
C2' AMP YA . -14.88 -63.61 34.72
O2' AMP YA . -15.71 -62.53 35.22
C1' AMP YA . -15.42 -64.16 33.38
N9 AMP YA . -15.56 -65.61 33.35
C8 AMP YA . -14.58 -66.56 33.39
N7 AMP YA . -15.06 -67.79 33.34
C5 AMP YA . -16.43 -67.61 33.27
C6 AMP YA . -17.50 -68.52 33.21
N6 AMP YA . -17.34 -69.89 33.19
N1 AMP YA . -18.77 -68.02 33.15
C2 AMP YA . -18.94 -66.68 33.17
N3 AMP YA . -17.99 -65.72 33.23
C4 AMP YA . -16.76 -66.27 33.28
N TRP ZA . -28.58 -38.61 -10.07
CA TRP ZA . -29.64 -39.10 -9.19
C TRP ZA . -29.53 -38.48 -7.80
O TRP ZA . -30.19 -39.01 -6.87
CB TRP ZA . -29.59 -40.62 -9.09
CG TRP ZA . -29.54 -41.32 -10.41
CD1 TRP ZA . -28.45 -41.90 -10.98
CD2 TRP ZA . -30.63 -41.57 -11.29
NE1 TRP ZA . -28.78 -42.49 -12.17
CE2 TRP ZA . -30.12 -42.29 -12.40
CE3 TRP ZA . -31.99 -41.24 -11.28
CZ2 TRP ZA . -30.93 -42.68 -13.46
CZ3 TRP ZA . -32.79 -41.64 -12.33
CH2 TRP ZA . -32.25 -42.35 -13.41
OXT TRP ZA . -28.79 -37.49 -7.65
P PO4 AB . -34.06 -36.70 0.37
O1 PO4 AB . -35.06 -35.81 -0.48
O2 PO4 AB . -32.76 -35.87 0.69
O3 PO4 AB . -33.67 -37.96 -0.50
O4 PO4 AB . -34.77 -37.14 1.71
P AMP BB . -34.81 -37.78 -3.78
O1P AMP BB . -35.21 -37.29 -2.41
O2P AMP BB . -35.55 -36.94 -4.80
O3P AMP BB . -33.32 -37.61 -3.96
O5' AMP BB . -35.23 -39.33 -3.87
C5' AMP BB . -35.82 -39.80 -5.08
C4' AMP BB . -37.33 -39.50 -5.09
O4' AMP BB . -37.88 -39.27 -3.77
C3' AMP BB . -37.68 -38.31 -5.97
O3' AMP BB . -38.54 -38.67 -7.05
C2' AMP BB . -38.33 -37.30 -5.01
O2' AMP BB . -39.38 -36.64 -5.75
C1' AMP BB . -38.85 -38.19 -3.86
N9 AMP BB . -38.89 -37.50 -2.57
C8 AMP BB . -37.89 -37.43 -1.64
N7 AMP BB . -38.23 -36.74 -0.58
C5 AMP BB . -39.53 -36.33 -0.83
C6 AMP BB . -40.46 -35.57 -0.08
N6 AMP BB . -40.18 -35.03 1.15
N1 AMP BB . -41.68 -35.34 -0.61
C2 AMP BB . -41.96 -35.86 -1.83
N3 AMP BB . -41.16 -36.60 -2.63
C4 AMP BB . -39.95 -36.80 -2.06
N TRP CB . -20.85 33.24 -71.46
CA TRP CB . -19.84 32.53 -70.69
C TRP CB . -20.02 31.02 -70.81
O TRP CB . -19.42 30.27 -70.01
CB TRP CB . -19.90 32.94 -69.21
CG TRP CB . -19.87 34.42 -69.00
CD1 TRP CB . -20.93 35.23 -68.70
CD2 TRP CB . -18.73 35.28 -69.08
NE1 TRP CB . -20.51 36.53 -68.58
CE2 TRP CB . -19.16 36.59 -68.81
CE3 TRP CB . -17.37 35.05 -69.35
CZ2 TRP CB . -18.29 37.67 -68.79
CZ3 TRP CB . -16.51 36.13 -69.33
CH2 TRP CB . -16.97 37.43 -69.06
OXT TRP CB . -20.76 30.58 -71.73
P PO4 DB . -16.30 22.48 -68.54
O1 PO4 DB . -16.42 22.08 -69.95
O2 PO4 DB . -15.30 23.56 -68.42
O3 PO4 DB . -15.99 21.27 -67.72
O4 PO4 DB . -17.62 23.01 -68.10
P AMP EB . -17.77 26.07 -72.64
O1P AMP EB . -17.70 27.55 -72.54
O2P AMP EB . -18.98 25.59 -73.41
O3P AMP EB . -16.50 25.37 -73.05
O5' AMP EB . -18.00 25.62 -71.13
C5' AMP EB . -16.86 25.72 -70.30
C4' AMP EB . -16.53 27.17 -70.04
O4' AMP EB . -15.83 27.21 -68.82
C3' AMP EB . -15.70 27.83 -71.14
O3' AMP EB . -16.24 29.06 -71.60
C2' AMP EB . -14.39 28.23 -70.49
O2' AMP EB . -14.25 29.65 -70.63
C1' AMP EB . -14.54 27.73 -69.05
N9 AMP EB . -13.59 26.62 -68.97
C8 AMP EB . -13.85 25.31 -68.91
N7 AMP EB . -12.69 24.62 -68.88
C5 AMP EB . -11.70 25.51 -68.92
C6 AMP EB . -10.25 25.46 -68.90
N6 AMP EB . -9.67 24.26 -68.85
N1 AMP EB . -9.56 26.62 -68.96
C2 AMP EB . -10.18 27.81 -69.03
N3 AMP EB . -11.51 27.93 -69.05
C4 AMP EB . -12.29 26.83 -68.99
N TRP FB . 29.70 -6.75 -33.99
CA TRP FB . 30.85 -5.87 -34.13
C TRP FB . 31.05 -5.04 -32.87
O TRP FB . 31.82 -4.05 -32.92
CB TRP FB . 30.69 -4.95 -35.34
CG TRP FB . 30.35 -5.68 -36.60
CD1 TRP FB . 29.13 -5.76 -37.21
CD2 TRP FB . 31.26 -6.43 -37.42
NE1 TRP FB . 29.23 -6.51 -38.35
CE2 TRP FB . 30.52 -6.93 -38.50
CE3 TRP FB . 32.62 -6.71 -37.34
CZ2 TRP FB . 31.10 -7.72 -39.49
CZ3 TRP FB . 33.20 -7.50 -38.32
CH2 TRP FB . 32.43 -7.99 -39.39
OXT TRP FB . 30.44 -5.37 -31.84
P PO4 GB . 37.00 0.78 -28.39
O1 PO4 GB . 36.73 0.40 -29.89
O2 PO4 GB . 37.84 2.11 -28.30
O3 PO4 GB . 37.81 -0.42 -27.71
O4 PO4 GB . 35.65 0.94 -27.62
P AMP HB . 36.20 -2.26 -31.81
O1P AMP HB . 36.56 -0.79 -31.87
O2P AMP HB . 34.87 -2.45 -31.12
O3P AMP HB . 36.18 -2.83 -33.21
O5' AMP HB . 37.32 -3.08 -31.01
C5' AMP HB . 38.67 -2.78 -31.32
C4' AMP HB . 39.08 -2.99 -32.78
O4' AMP HB . 40.23 -2.14 -33.11
C3' AMP HB . 39.69 -4.37 -32.91
O3' AMP HB . 40.05 -4.73 -34.24
C2' AMP HB . 40.89 -4.13 -32.00
O2' AMP HB . 41.82 -5.21 -32.26
C1' AMP HB . 41.37 -2.70 -32.39
N9 AMP HB . 41.66 -1.86 -31.22
C8 AMP HB . 40.82 -0.94 -30.65
N7 AMP HB . 41.29 -0.35 -29.60
C5 AMP HB . 42.55 -0.89 -29.47
C6 AMP HB . 43.54 -0.62 -28.53
N6 AMP HB . 43.35 0.28 -27.51
N1 AMP HB . 44.70 -1.30 -28.64
C2 AMP HB . 44.84 -2.18 -29.65
N3 AMP HB . 43.94 -2.52 -30.61
C4 AMP HB . 42.81 -1.83 -30.47
N TRP IB . 5.31 2.31 52.12
CA TRP IB . 6.31 1.73 51.23
C TRP IB . 6.44 2.56 49.96
O TRP IB . 7.01 2.04 48.98
CB TRP IB . 5.92 0.30 50.87
CG TRP IB . 5.65 -0.57 52.06
CD1 TRP IB . 4.42 -0.92 52.55
CD2 TRP IB . 6.61 -1.20 52.91
NE1 TRP IB . 4.56 -1.74 53.64
CE2 TRP IB . 5.89 -1.92 53.88
CE3 TRP IB . 8.01 -1.22 52.93
CZ2 TRP IB . 6.54 -2.66 54.88
CZ3 TRP IB . 8.64 -1.96 53.92
CH2 TRP IB . 7.90 -2.67 54.88
OXT TRP IB . 5.98 3.71 49.95
P PO4 JB . 11.64 3.50 41.83
O1 PO4 JB . 12.09 2.84 40.47
O2 PO4 JB . 12.23 4.97 41.96
O3 PO4 JB . 12.16 2.63 43.04
O4 PO4 JB . 10.06 3.58 41.86
P AMP KB . 10.54 1.76 45.69
O1P AMP KB . 10.56 1.32 44.23
O2P AMP KB . 10.32 3.25 45.73
O3P AMP KB . 9.40 1.05 46.41
O5' AMP KB . 11.93 1.39 46.40
C5' AMP KB . 13.10 1.80 45.69
C4' AMP KB . 14.06 0.63 45.68
O4' AMP KB . 14.47 0.27 44.34
C3' AMP KB . 15.30 0.87 46.53
O3' AMP KB . 15.42 -0.03 47.64
C2' AMP KB . 16.49 0.77 45.58
O2' AMP KB . 17.34 -0.27 46.08
C1' AMP KB . 15.90 0.41 44.21
N9 AMP KB . 16.21 1.41 43.22
C8 AMP KB . 15.34 2.12 42.43
N7 AMP KB . 15.96 2.96 41.64
C5 AMP KB . 17.28 2.76 41.95
C6 AMP KB . 18.40 3.36 41.44
N6 AMP KB . 18.25 4.31 40.49
N1 AMP KB . 19.65 3.02 41.88
C2 AMP KB . 19.73 2.08 42.81
N3 AMP KB . 18.69 1.43 43.40
C4 AMP KB . 17.49 1.82 42.90
N TRP LB . -44.83 50.56 -76.36
CA TRP LB . -45.67 51.74 -76.12
C TRP LB . -45.64 52.68 -77.32
O TRP LB . -46.10 53.82 -77.17
CB TRP LB . -45.23 52.47 -74.85
CG TRP LB . -45.10 51.56 -73.66
CD1 TRP LB . -43.94 51.09 -73.14
CD2 TRP LB . -46.17 51.02 -72.88
NE1 TRP LB . -44.22 50.28 -72.05
CE2 TRP LB . -45.57 50.22 -71.88
CE3 TRP LB . -47.56 51.14 -72.92
CZ2 TRP LB . -46.34 49.54 -70.92
CZ3 TRP LB . -48.31 50.45 -71.97
CH2 TRP LB . -47.70 49.67 -70.99
OXT TRP LB . -45.15 52.26 -78.39
P PO4 MB . -49.83 60.88 -81.42
O1 PO4 MB . -48.82 60.48 -80.28
O2 PO4 MB . -49.95 62.46 -81.45
O3 PO4 MB . -51.26 60.27 -81.32
O4 PO4 MB . -49.20 60.36 -82.77
P AMP NB . -50.02 57.66 -80.21
O1P AMP NB . -49.87 58.78 -79.19
O2P AMP NB . -49.10 57.89 -81.41
O3P AMP NB . -49.62 56.38 -79.52
O5' AMP NB . -51.53 57.78 -80.78
C5' AMP NB . -52.55 56.84 -80.42
C4' AMP NB . -52.33 56.26 -79.03
O4' AMP NB . -52.06 57.22 -77.97
C3' AMP NB . -53.53 55.49 -78.55
O3' AMP NB . -53.09 54.33 -77.82
C2' AMP NB . -54.27 56.51 -77.66
O2' AMP NB . -54.33 55.91 -76.35
C1' AMP NB . -53.37 57.75 -77.65
N9 AMP NB . -53.59 58.75 -78.67
C8 AMP NB . -52.71 59.73 -79.03
N7 AMP NB . -53.15 60.49 -80.01
C5 AMP NB . -54.41 59.98 -80.30
C6 AMP NB . -55.39 60.34 -81.24
N6 AMP NB . -55.24 61.38 -82.12
N1 AMP NB . -56.53 59.63 -81.27
C2 AMP NB . -56.68 58.59 -80.40
N3 AMP NB . -55.81 58.15 -79.47
C4 AMP NB . -54.69 58.89 -79.48
N TRP OB . 1.70 -15.35 -40.53
CA TRP OB . 0.56 -15.71 -41.37
C TRP OB . 0.37 -17.23 -41.43
O TRP OB . -0.36 -17.69 -42.33
CB TRP OB . 0.73 -15.16 -42.78
CG TRP OB . 1.05 -13.70 -42.81
CD1 TRP OB . 2.27 -13.13 -43.03
CD2 TRP OB . 0.13 -12.61 -42.60
NE1 TRP OB . 2.17 -11.76 -42.99
CE2 TRP OB . 0.87 -11.42 -42.73
CE3 TRP OB . -1.24 -12.54 -42.33
CZ2 TRP OB . 0.27 -10.17 -42.58
CZ3 TRP OB . -1.83 -11.29 -42.21
CH2 TRP OB . -1.06 -10.12 -42.32
OXT TRP OB . 0.95 -17.94 -40.58
P PO4 PB . -5.95 -24.36 -44.57
O1 PO4 PB . -5.41 -25.24 -43.37
O2 PO4 PB . -4.75 -23.56 -45.22
O3 PO4 PB . -6.98 -23.30 -44.01
O4 PO4 PB . -6.66 -25.26 -45.66
P AMP QB . -5.60 -20.16 -43.42
O1P AMP QB . -5.31 -21.37 -44.29
O2P AMP QB . -5.25 -20.46 -41.97
O3P AMP QB . -4.78 -18.98 -43.94
O5' AMP QB . -7.16 -19.80 -43.57
C5' AMP QB . -7.50 -19.15 -44.81
C4' AMP QB . -8.43 -17.99 -44.52
O4' AMP QB . -9.80 -18.31 -44.88
C3' AMP QB . -8.45 -17.64 -43.03
O3' AMP QB . -8.58 -16.24 -42.79
C2' AMP QB . -9.61 -18.46 -42.46
O2' AMP QB . -10.33 -17.60 -41.58
C1' AMP QB . -10.44 -18.89 -43.70
N9 AMP QB . -10.54 -20.34 -43.84
C8 AMP QB . -9.55 -21.22 -44.18
N7 AMP QB . -9.96 -22.47 -44.22
C5 AMP QB . -11.30 -22.40 -43.90
C6 AMP QB . -12.30 -23.39 -43.78
N6 AMP QB . -12.08 -24.73 -43.97
N1 AMP QB . -13.55 -22.99 -43.44
C2 AMP QB . -13.79 -21.68 -43.24
N3 AMP QB . -12.92 -20.65 -43.33
C4 AMP QB . -11.69 -21.08 -43.67
N TRP RB . -20.53 4.41 67.10
CA TRP RB . -21.58 3.88 67.95
C TRP RB . -21.49 4.42 69.37
O TRP RB . -22.15 3.85 70.27
CB TRP RB . -21.53 2.35 67.97
CG TRP RB . -21.46 1.74 66.60
CD1 TRP RB . -20.36 1.23 65.99
CD2 TRP RB . -22.54 1.58 65.69
NE1 TRP RB . -20.69 0.76 64.74
CE2 TRP RB . -22.02 0.96 64.53
CE3 TRP RB . -23.90 1.90 65.72
CZ2 TRP RB . -22.81 0.65 63.42
CZ3 TRP RB . -24.69 1.58 64.63
CH2 TRP RB . -24.14 0.96 63.50
OXT TRP RB . -20.78 5.42 69.58
P PO4 SB . -26.58 5.30 77.74
O1 PO4 SB . -25.01 5.27 77.87
O2 PO4 SB . -27.03 4.31 76.60
O3 PO4 SB . -27.07 6.76 77.39
O4 PO4 SB . -27.22 4.85 79.10
P AMP TB . -27.55 6.05 73.49
O1P AMP TB . -26.21 5.44 73.12
O2P AMP TB . -27.68 6.11 75.00
O3P AMP TB . -27.68 7.46 72.92
O5' AMP TB . -28.74 5.13 72.91
C5' AMP TB . -28.62 3.71 73.04
C4' AMP TB . -29.77 3.13 72.24
O4' AMP TB . -30.89 2.82 73.11
C3' AMP TB . -30.29 4.12 71.21
O3' AMP TB . -30.60 3.54 69.94
C2' AMP TB . -31.47 4.82 71.87
O2' AMP TB . -32.55 4.83 70.91
C1' AMP TB . -31.81 3.95 73.09
N9 AMP TB . -31.73 4.66 74.37
C8 AMP TB . -30.59 5.02 75.04
N7 AMP TB . -30.85 5.64 76.17
C5 AMP TB . -32.23 5.68 76.24
C6 AMP TB . -33.10 6.21 77.21
N6 AMP TB . -32.67 6.84 78.35
N1 AMP TB . -34.44 6.11 76.99
C2 AMP TB . -34.86 5.48 75.87
N3 AMP TB . -34.11 4.94 74.88
C4 AMP TB . -32.80 5.08 75.13
#